data_8S09
#
_entry.id   8S09
#
_cell.length_a   1.00
_cell.length_b   1.00
_cell.length_c   1.00
_cell.angle_alpha   90.00
_cell.angle_beta   90.00
_cell.angle_gamma   90.00
#
_symmetry.space_group_name_H-M   'P 1'
#
loop_
_entity.id
_entity.type
_entity.pdbx_description
1 polymer 'DNA (45-mer)'
2 polymer 'DNA (45-mer)'
3 polymer 'DNA replication licensing factor MCM2'
4 polymer 'DNA replication licensing factor MCM3'
5 polymer 'DNA replication licensing factor MCM4'
6 polymer 'DNA replication licensing factor MCM5'
7 polymer 'DNA replication licensing factor MCM6'
8 polymer 'DNA replication licensing factor MCM7'
9 non-polymer "ADENOSINE-5'-TRIPHOSPHATE"
10 non-polymer 'MAGNESIUM ION'
11 non-polymer 'ZINC ION'
12 non-polymer "ADENOSINE-5'-DIPHOSPHATE"
#
loop_
_entity_poly.entity_id
_entity_poly.type
_entity_poly.pdbx_seq_one_letter_code
_entity_poly.pdbx_strand_id
1 'polydeoxyribonucleotide'
;(DG)(DC)(DA)(DT)(DG)(DC)(DA)(DT)(DG)(DC)(DG)(DC)(DA)(DT)(DG)(DC)(DA)(DT)(DG)(DC)
(DA)(DT)(DT)(DA)(DT)(DG)(DC)(DA)(DT)(DG)(DC)(DA)(DT)(DG)(DC)(DG)(DC)(DA)(DT)(DG)
(DC)(DA)(DT)(DG)(DC)
;
X
2 'polydeoxyribonucleotide'
;(DG)(DC)(DA)(DT)(DG)(DC)(DA)(DT)(DG)(DC)(DG)(DC)(DA)(DT)(DG)(DC)(DA)(DT)(DG)(DC)
(DA)(DT)(DA)(DA)(DT)(DG)(DC)(DA)(DT)(DG)(DC)(DA)(DT)(DG)(DC)(DG)(DC)(DA)(DT)(DG)
(DC)(DA)(DT)(DG)(DC)
;
Y
3 'polypeptide(L)'
;MAESSESFTMASSPAQRRRGNDPLTSSPGRSSRRTDALTSSPGRDLPPFEDESEGLLGTEGPLEEEEDGEELIGDGMERD
YRAIPELDAYEAEGLALDDEDVEELTASQREAAERAMRQRDREAGRGLGRMRRGLLYDSDEEDEERPARKRRQVERATED
GEEDEEMIESIENLEDLKGHSVREWVSMAGPRLEIHHRFKNFLRTHVDSHGHNVFKERISDMCKENRESLVVNYEDLAAR
EHVLAYFLPEAPAELLQIFDEAALEVVLAMYPKYDRITNHIHVRISHLPLVEELRSLRQLHLNQLIRTSGVVTSCTGVLP
QLSMVKYNCNKCNFVLGPFCQSQNQEVKPGSCPECQSAGPFEVNMEETIYQNYQRIRIQESPGKVAAGRLPRSKDAILLA
DLVDSCKPGDEIELTGIYHNNYDGSLNTANGFPVFATVILANHVAKKDNKVAVGELTDEDVKMITSLSKDQQIGEKIFAS
IAPSIYGHEDIKRGLALALFGGEPKNPGGKHKVRGDINVLLCGDPGTAKSQFLKYIEKVSSRAIFTTGQGASAVGLTAYV
QRHPVSREWTLEAGALVLADRGVCLIDEFDKMNDQDRTSIHEAMEQQSISISKAGIVTSLQARCTVIAAANPIGGRYDPS
LTFSENVDLTEPIISRFDILCVVRDTVDPVQDEMLARFVVGSHVRHHPSNKEEEGLANGSAAEPAMPNTYGVEPLPQEVL
KKYIIYAKERVHPKLNQMDQDKVAKMYSDLRKESMATGSIPITVRHIESMIRMAEAHARIHLRDYVIEDDVNMAIRVMLE
SFIDTQKFSVMRSMRKTFARYLSFRRDNNELLLFILKQLVAEQVTYQRNRFGAQQDTIEVPEKDLVDKARQINIHNLSAF
YDSELFRMNKFSHDLKRKMILQQF
;
2,A
4 'polypeptide(L)'
;GEMAGTVVLDDVELREAQRDYLDFLDDEEDQGIYQSKVRELISDNQYRLIVNVNDLRRKNEKRANRLLNNAFEELVAFQR
ALKDFVASIDATYAKQYEEFYVGLEGSFGSKHVSPRTLTSCFLSCVVCVEGIVTKCSLVRPKVVRSVHYCPATKKTIERR
YSDLTTLVAFPSSSVYPTKDEENNPLETEYGLSVYKDHQTITIQEMPEKAPAGQLPRSVDVILDDDLVDKAKPGDRVQVV
GTYRCLPGKKGGYTSGTFRTVLIACNVKQMSKDAQPSFSAEDIAKIKKFSKTRSKDIFDQLAKSLAPSIHGHDYVKKAIL
CLLLGGVERDLENGSHIRGDINILLIGDPSVAKSQLLRYVLCTAPRAIPTTGRGSSGVGLTAAVTTDQETGERRLEAGAM
VLADRGVVCIDEFDKMSDMDRTAIHEVMEQGRVTIAKAGIHARLNARCSVLAAANPVYGRYDQYKTPMENIGLQDSLLSR
FDLLFIMLDQMDPEQDREISDHVLRMHRYRAPGEQDGDAMPLGSAVDILATDDPNFSQEDQQDTQIYEKHDNLLHGTKKK
KEKMVSAAFMKKYIHVAKIIKPVLTQESATYIAEEYSRLRSQDSMSSDTARTSPVTARTLETLIRLATAHAKARMSKTVD
LQDAEEAVELVQYAYFKKVLEKEKKRKKRSEDESETEDEEEKSQEDQEQKRKRRKTRQPDAKDGDSYDPYDFSDTEEEMP
QVHTPKTADSQETKESQKVELSESRLKAFKVALLDVFREAHAQSIGMNRLTESINRDSEEPFSSVEIQAALSKMQDDNQV
MVSEGIIFLI
;
3,B
5 'polypeptide(L)'
;MSSPASTPSRRGSRRGRATPAQTPRSEDARSSPSQRRRGEDSTSTGELQPMPTSPGVDLQSPAAQDVLFSSPPQMHSSAI
PLDFDVSSPLTYGTPSSRVEGTPRSGVRGTPVRQRPDLGSAQKGLQVDLQSDGAAAEDIVASEQSLGQKLVIWGTDVNVA
ACKENFQRFLQRFIDPLAKEEENVGIDITEPLYMQRLGEINVIGEPFLNVNCEHIKSFDKNLYRQLISYPQEVIPTFDMA
VNEIFFDRYPDSILEHQIQVRPFNALKTKNMRNLNPEDIDQLITISGMVIRTSQLIPEMQEAFFQCQVCAHTTRVEMDRG
RIAEPSVCGRCHTTHSMALIHNRSLFSDKQMIKLQESPEDMPAGQTPHTVILFAHNDLVDKVQPGDRVNVTGIYRAVPIR
VNPRVSNVKSVYKTHIDVIHYRKTDAKRLHGLDEEAEQKLFSEKRVELLKELSRKPDIYERLASALAPSIYEHEDIKKGI
LLQLFGGTRKDFSHTGRGKFRAEINILLCGDPGTSKSQLLQYVYNLVPRGQYTSGKGSSAVGLTAYVMKDPETRQLVLQT
GALVLSDNGICCIDEFDKMNESTRSVLHEVMEQQTLSIAKAGIICQLNARTSVLAAANPIESQWNPKKTTIENIQLPHTL
LSRFDLIFLMLDPQDEAYDRRLAHHLVALYYQSEEQAEEELLDMAVLKDYIAYAHSTIMPRLSEEASQALIEAYVDMRKI
GSSRGMVSAYPRQLESLIRLAEAHAKVRLSNKVEAIDVEEAKRLHREALKQSATDPRTGIVDISILTTGMSATSRKRKEE
LAEALKKLILSKGKTPALKYQQLFEDIRGQSDIAITKDMFEEALRALADDDFLTVTGKTVRLL
;
4,C
6 'polypeptide(L)'
;MSGFDDPGIFYSDSFGGDAQADEGQARKSQLQRRFKEFLRQYRVGTDRTGFTFKYRDELKRHYNLGEYWIEVEMEDLASF
DEDLADYLYKQPAEHLQLLEEAAKEVADEVTRPRPSGEEVLQDIQVMLKSDASPSSIRSLKSDMMSHLVKIPGIIIAASA
VRAKATRISIQCRSCRNTLTNIAMRPGLEGYALPRKCNTDQAGRPKCPLDPYFIMPDKCKCVDFQTLKLQELPDAVPHGE
MPRHMQLYCDRYLCDKVVPGNRVTIMGIYSIKKFGLTTSRGRDRVGVGIRSSYIRVLGIQVDTDGSGRSFAGAVSPQEEE
EFRRLAALPNVYEVISKSIAPSIFGGTDMKKAIACLLFGGSRKRLPDGLTRRGDINLLMLGDPGTAKSQLLKFVEKCSPI
GVYTSGKGSSAAGLTASVMRDPSSRNFIMEGGAMVLADGGVVCIDEFDKMREDDRVAIHEAMEQQTISIAKAGITTTLNS
RCSVLAAANSVFGRWDETKGEDNIDFMPTILSRFDMIFIVKDEHNEERDVMLAKHVITLHVSALTQTQAVEGEIDLAKLK
KFIAYCRVKCGPRLSAEAAEKLKNRYIIMRSGARQHERDSDRRSSIPITVRQLEAIVRIAEALSKMKLQPFATEADVEEA
LRLFQVSTLDAALSGTLSGVEGFTSQEDQEMLSRIEKQLKRRFAIGSQVSEHSIIKDFTKQKYPEHAIHKVLQLMLRRGE
IQHRMQRKVLYRLK
;
5,D
7 'polypeptide(L)'
;MDLAAAAEPGAGSQHLEVRDEVAEKCQKLFLDFLEEFQSSDGEIKYLQLAEELIRPERNTLVVSFVDLEQFNQQLSTTIQ
EEFYRVYPYLCRALKTFVKDRKEIPLAKDFYVAFQDLPTRHKIRELTSSRIGLLTRISGQVVRTHPVHPELVSGTFLCLD
CQTVIRDVEQQFKYTQPNICRNPVCANRRRFLLDTNKSRFVDFQKVRIQETQAELPRGSIPRSLEVILRAEAVESAQAGD
KCDFTGTLIVVPDVSKLSTPGARAETNSRVSGVDGYETEGIRGLRALGVRDLSYRLVFLACCVAPTNPRFGGKELRDEEQ
TAESIKNQMTVKEWEKVFEMSQDKNLYHNLCTSLFPTIHGNDEVKRGVLLMLFGGVPKTTGEGTSLRGDINVCIVGDPST
AKSQFLKHVEEFSPRAVYTSGKASSAAGLTAAVVRDEESHEFVIEAGALMLADNGVCCIDEFDKMDVRDQVAIHEAMEQQ
TISITKAGVKATLNARTSILAAANPISGHYDRSKSLKQNINLSAPIMSRFDLFFILVDECNEVTDYAIARRIVDLHSRIE
ESIDRVYSLDDIRRYLLFARQFKPKISKESEDFIVEQYKHLRQRDGSGVTKSSWRITVRQLESMIRLSEAMARMHCCDEV
QPKHVKEAFRLLNKSIIRVETPDVNLDQEEEIQMEVDEGAGGINGHADSPAPVNGINGYNEDINQESAPKASLRLGFSEY
CRISNLIVLHLRKVEEEEDESALKRSELVNWYLKEIESEIDSEEELINKKRIIEKVIHRLTHYDHVLIELTQAGLKGSTE
GSESYEEDPYLVVNPNYLLED
;
6,E
8 'polypeptide(L)'
;MALKDYALEKEKVKKFLQEFYQDDELGKKQFKYGNQLVRLAHREQVALYVDLDDVAEDDPELVDSICENARRYAKLFADA
VQELLPQYKEREVVNKDVLDVYIEHRLMMEQRSRDPGMVRSPQNQYPAELMRRFELYFQGPSSNKPRVIREVRADSVGKL
VTVRGIVTRVSEVKPKMVVATYTCDQCGAETYQPIQSPTFMPLIMCPSQECQTNRSGGRLYLQTRGSRFIKFQEMKMQEH
SDQVPVGNIPRSITVLVEGENTRIAQPGDHVSVTGIFLPILRTGFRQVVQGLLSETYLEAHRIVKMNKSEDDESGAGELT
REELRQIAEEDFYEKLAASIAPEIYGHEDVKKALLLLLVGGVDQSPRGMKIRGNINICLMGDPGVAKSQLLSYIDRLAPR
SQYTTGRGSSGVGLTAAVLRDSVSGELTLEGGALVLADQGVCCIDEFDKMAEADRTAIHEVMEQQTISIAKAGILTTLNA
RCSILAAANPAYGRYNPRRSLEQNIQLPAALLSRFDLLWLIQDRPDRDNDLRLAQHITYVHQHSRQPPSQFEPLDMKLMR
RYIAMCREKQPMVPESLADYITAAYVEMRREAWASKDATYTSARTLLAILRLSTALARLRMVDVVEKEDVNEAIRLMEMS
KDSLLGDKGQTARTQRPADVIFATVRELVSGGRSVRFSEAEQRCVSRGFTPAQFQAALDEYEELNVWQVNASRTRITFV
;
7,F
#
# COMPACT_ATOMS: atom_id res chain seq x y z
N HIS C 180 44.45 1.93 23.29
CA HIS C 180 43.41 2.56 22.48
C HIS C 180 44.01 3.32 21.31
N SER C 181 43.19 3.56 20.29
CA SER C 181 43.64 4.34 19.14
C SER C 181 43.76 5.82 19.50
N VAL C 182 44.52 6.55 18.67
CA VAL C 182 44.68 7.98 18.90
C VAL C 182 43.35 8.70 18.79
N ARG C 183 42.56 8.36 17.76
CA ARG C 183 41.29 9.05 17.56
C ARG C 183 40.30 8.74 18.68
N GLU C 184 40.41 7.55 19.28
CA GLU C 184 39.55 7.22 20.41
C GLU C 184 39.81 8.15 21.59
N TRP C 185 41.09 8.38 21.90
CA TRP C 185 41.43 9.31 22.97
C TRP C 185 41.07 10.73 22.58
N VAL C 186 41.17 11.06 21.30
CA VAL C 186 40.81 12.40 20.83
C VAL C 186 39.31 12.66 21.01
N SER C 187 38.49 11.63 20.83
CA SER C 187 37.04 11.83 20.79
C SER C 187 36.50 12.35 22.12
N MET C 188 37.00 11.85 23.24
CA MET C 188 36.40 12.18 24.54
C MET C 188 36.64 13.65 24.89
N ALA C 189 35.77 14.17 25.76
CA ALA C 189 35.65 15.62 25.94
C ALA C 189 36.78 16.20 26.77
N GLY C 190 37.30 15.45 27.74
CA GLY C 190 38.32 15.94 28.63
C GLY C 190 39.57 16.41 27.92
N PRO C 191 40.27 15.48 27.27
CA PRO C 191 41.43 15.88 26.46
C PRO C 191 41.08 16.86 25.36
N ARG C 192 39.85 16.82 24.83
CA ARG C 192 39.44 17.81 23.84
C ARG C 192 39.55 19.22 24.40
N LEU C 193 38.94 19.45 25.57
CA LEU C 193 38.99 20.78 26.18
C LEU C 193 40.42 21.13 26.59
N GLU C 194 41.18 20.16 27.09
CA GLU C 194 42.56 20.44 27.50
C GLU C 194 43.41 20.84 26.30
N ILE C 195 43.26 20.14 25.17
CA ILE C 195 43.99 20.48 23.96
C ILE C 195 43.53 21.81 23.41
N HIS C 196 42.23 22.11 23.53
CA HIS C 196 41.72 23.41 23.09
C HIS C 196 42.39 24.54 23.87
N HIS C 197 42.47 24.39 25.19
CA HIS C 197 43.14 25.40 26.01
C HIS C 197 44.62 25.50 25.66
N ARG C 198 45.27 24.35 25.43
CA ARG C 198 46.68 24.35 25.07
C ARG C 198 46.91 25.09 23.76
N PHE C 199 46.04 24.86 22.77
CA PHE C 199 46.19 25.53 21.49
C PHE C 199 45.90 27.02 21.60
N LYS C 200 44.92 27.40 22.43
CA LYS C 200 44.68 28.82 22.65
C LYS C 200 45.90 29.49 23.26
N ASN C 201 46.52 28.84 24.25
CA ASN C 201 47.72 29.40 24.86
C ASN C 201 48.88 29.45 23.86
N PHE C 202 48.98 28.43 23.00
CA PHE C 202 50.01 28.44 21.96
C PHE C 202 49.81 29.61 21.00
N LEU C 203 48.56 29.86 20.61
CA LEU C 203 48.27 30.99 19.73
C LEU C 203 48.60 32.31 20.41
N ARG C 204 48.26 32.44 21.70
CA ARG C 204 48.44 33.73 22.37
C ARG C 204 49.90 33.99 22.68
N THR C 205 50.68 32.95 22.96
CA THR C 205 52.03 33.14 23.48
C THR C 205 53.13 32.88 22.45
N HIS C 206 52.79 32.44 21.24
CA HIS C 206 53.82 32.16 20.26
C HIS C 206 54.49 33.43 19.77
N VAL C 207 55.82 33.42 19.74
CA VAL C 207 56.61 34.55 19.27
C VAL C 207 57.68 34.04 18.32
N ASP C 208 58.22 34.95 17.51
CA ASP C 208 59.26 34.59 16.56
C ASP C 208 60.62 34.49 17.26
N SER C 209 61.66 34.27 16.46
CA SER C 209 63.01 34.22 17.01
C SER C 209 63.49 35.58 17.49
N HIS C 210 62.84 36.66 17.08
CA HIS C 210 63.22 38.01 17.47
C HIS C 210 62.32 38.59 18.55
N GLY C 211 61.40 37.79 19.08
CA GLY C 211 60.55 38.23 20.16
C GLY C 211 59.21 38.82 19.76
N HIS C 212 59.02 39.12 18.48
CA HIS C 212 57.75 39.66 18.01
C HIS C 212 56.68 38.59 18.03
N ASN C 213 55.45 39.00 18.34
CA ASN C 213 54.32 38.08 18.34
C ASN C 213 53.92 37.78 16.89
N VAL C 214 54.16 36.55 16.45
CA VAL C 214 53.91 36.19 15.05
C VAL C 214 52.42 36.27 14.75
N PHE C 215 51.60 35.68 15.61
CA PHE C 215 50.16 35.66 15.35
C PHE C 215 49.56 37.06 15.42
N LYS C 216 50.18 37.97 16.18
CA LYS C 216 49.72 39.36 16.19
C LYS C 216 49.72 39.93 14.78
N GLU C 217 50.91 40.00 14.15
CA GLU C 217 51.00 40.57 12.81
C GLU C 217 50.23 39.75 11.80
N ARG C 218 50.23 38.42 11.95
CA ARG C 218 49.52 37.56 11.01
C ARG C 218 48.03 37.88 11.01
N ILE C 219 47.42 37.89 12.20
CA ILE C 219 45.98 38.14 12.29
C ILE C 219 45.67 39.60 11.93
N SER C 220 46.61 40.52 12.18
CA SER C 220 46.37 41.90 11.79
C SER C 220 46.31 42.05 10.27
N ASP C 221 47.28 41.45 9.57
CA ASP C 221 47.26 41.55 8.11
C ASP C 221 46.10 40.75 7.52
N MET C 222 45.70 39.67 8.20
CA MET C 222 44.48 38.97 7.80
C MET C 222 43.25 39.85 7.96
N CYS C 223 43.22 40.64 9.05
CA CYS C 223 42.09 41.51 9.32
C CYS C 223 42.01 42.64 8.30
N LYS C 224 43.17 43.13 7.86
CA LYS C 224 43.17 44.26 6.93
C LYS C 224 42.52 43.93 5.60
N GLU C 225 42.34 42.64 5.27
CA GLU C 225 41.75 42.23 4.01
C GLU C 225 40.54 41.33 4.18
N ASN C 226 40.06 41.16 5.42
CA ASN C 226 38.87 40.34 5.70
C ASN C 226 39.03 38.92 5.18
N ARG C 227 40.14 38.27 5.54
CA ARG C 227 40.38 36.91 5.09
C ARG C 227 39.76 35.90 6.05
N GLU C 228 39.76 34.63 5.62
CA GLU C 228 39.06 33.57 6.32
C GLU C 228 39.97 32.40 6.71
N SER C 229 41.25 32.44 6.34
CA SER C 229 42.15 31.31 6.53
C SER C 229 43.36 31.73 7.35
N LEU C 230 43.92 30.78 8.10
CA LEU C 230 45.12 30.99 8.88
C LEU C 230 46.11 29.86 8.61
N VAL C 231 47.40 30.20 8.59
CA VAL C 231 48.46 29.28 8.21
C VAL C 231 49.32 29.00 9.44
N VAL C 232 49.58 27.72 9.70
CA VAL C 232 50.37 27.28 10.85
C VAL C 232 51.46 26.34 10.36
N ASN C 233 52.65 26.49 10.93
CA ASN C 233 53.81 25.68 10.59
C ASN C 233 53.91 24.51 11.55
N TYR C 234 54.18 23.32 11.00
CA TYR C 234 54.31 22.12 11.83
C TYR C 234 55.56 22.19 12.69
N GLU C 235 56.61 22.85 12.21
CA GLU C 235 57.85 22.94 12.97
C GLU C 235 57.64 23.69 14.29
N ASP C 236 57.01 24.86 14.22
CA ASP C 236 56.74 25.62 15.44
C ASP C 236 55.76 24.88 16.34
N LEU C 237 54.74 24.25 15.75
CA LEU C 237 53.77 23.50 16.55
C LEU C 237 54.44 22.37 17.31
N ALA C 238 55.35 21.64 16.65
CA ALA C 238 56.08 20.58 17.33
C ALA C 238 57.02 21.14 18.38
N ALA C 239 57.66 22.28 18.10
CA ALA C 239 58.58 22.87 19.06
C ALA C 239 57.86 23.29 20.33
N ARG C 240 56.67 23.88 20.20
CA ARG C 240 55.97 24.40 21.37
C ARG C 240 55.21 23.30 22.11
N GLU C 241 54.35 22.57 21.41
CA GLU C 241 53.52 21.53 22.02
C GLU C 241 53.69 20.25 21.23
N HIS C 242 54.41 19.29 21.81
CA HIS C 242 54.83 18.10 21.06
C HIS C 242 53.69 17.10 20.90
N VAL C 243 52.80 16.99 21.90
CA VAL C 243 51.76 15.97 21.85
C VAL C 243 50.80 16.22 20.70
N LEU C 244 50.45 17.50 20.46
CA LEU C 244 49.56 17.81 19.35
C LEU C 244 50.20 17.47 18.02
N ALA C 245 51.50 17.77 17.87
CA ALA C 245 52.20 17.43 16.65
C ALA C 245 52.25 15.93 16.44
N TYR C 246 52.48 15.17 17.52
CA TYR C 246 52.51 13.72 17.41
C TYR C 246 51.15 13.16 17.01
N PHE C 247 50.07 13.70 17.57
CA PHE C 247 48.75 13.18 17.26
C PHE C 247 48.24 13.67 15.90
N LEU C 248 48.82 14.74 15.36
CA LEU C 248 48.32 15.36 14.13
C LEU C 248 48.24 14.41 12.94
N PRO C 249 49.31 13.65 12.60
CA PRO C 249 49.22 12.81 11.41
C PRO C 249 48.15 11.74 11.46
N GLU C 250 47.90 11.13 12.62
CA GLU C 250 47.03 9.96 12.71
C GLU C 250 45.62 10.29 13.16
N ALA C 251 45.27 11.57 13.29
CA ALA C 251 43.90 11.96 13.60
C ALA C 251 43.64 13.36 13.07
N PRO C 252 43.63 13.56 11.76
CA PRO C 252 43.64 14.93 11.24
C PRO C 252 42.33 15.67 11.40
N ALA C 253 41.18 15.03 11.15
CA ALA C 253 39.91 15.75 11.06
C ALA C 253 39.53 16.40 12.39
N GLU C 254 39.50 15.61 13.46
CA GLU C 254 39.07 16.13 14.75
C GLU C 254 40.04 17.17 15.28
N LEU C 255 41.35 16.92 15.12
CA LEU C 255 42.33 17.88 15.59
C LEU C 255 42.23 19.19 14.82
N LEU C 256 41.98 19.12 13.51
CA LEU C 256 41.80 20.34 12.74
C LEU C 256 40.54 21.08 13.17
N GLN C 257 39.47 20.36 13.49
CA GLN C 257 38.26 21.02 13.98
C GLN C 257 38.52 21.73 15.30
N ILE C 258 39.24 21.07 16.21
CA ILE C 258 39.54 21.70 17.50
C ILE C 258 40.41 22.93 17.30
N PHE C 259 41.41 22.84 16.41
CA PHE C 259 42.28 23.98 16.16
C PHE C 259 41.51 25.12 15.53
N ASP C 260 40.55 24.80 14.65
CA ASP C 260 39.71 25.83 14.07
C ASP C 260 38.88 26.55 15.13
N GLU C 261 38.31 25.78 16.06
CA GLU C 261 37.55 26.39 17.14
C GLU C 261 38.43 27.31 17.98
N ALA C 262 39.63 26.85 18.32
CA ALA C 262 40.53 27.66 19.13
C ALA C 262 40.93 28.94 18.41
N ALA C 263 41.26 28.83 17.12
CA ALA C 263 41.63 30.02 16.35
C ALA C 263 40.46 30.99 16.24
N LEU C 264 39.25 30.47 16.04
CA LEU C 264 38.09 31.34 15.96
C LEU C 264 37.87 32.07 17.28
N GLU C 265 38.02 31.36 18.40
CA GLU C 265 37.86 31.99 19.70
C GLU C 265 38.89 33.10 19.90
N VAL C 266 40.15 32.81 19.57
CA VAL C 266 41.21 33.82 19.75
C VAL C 266 40.95 35.03 18.87
N VAL C 267 40.59 34.80 17.61
CA VAL C 267 40.37 35.90 16.68
C VAL C 267 39.18 36.75 17.11
N LEU C 268 38.09 36.10 17.50
CA LEU C 268 36.92 36.84 17.98
C LEU C 268 37.24 37.60 19.25
N ALA C 269 38.15 37.09 20.08
CA ALA C 269 38.64 37.87 21.21
C ALA C 269 39.39 39.10 20.73
N MET C 270 40.18 38.97 19.66
CA MET C 270 40.91 40.12 19.14
C MET C 270 39.96 41.13 18.51
N TYR C 271 39.03 40.67 17.67
CA TYR C 271 38.08 41.56 17.01
C TYR C 271 36.67 41.01 17.13
N PRO C 272 35.69 41.85 17.45
CA PRO C 272 34.32 41.37 17.65
C PRO C 272 33.41 41.45 16.42
N LYS C 273 33.85 42.04 15.31
CA LYS C 273 32.97 42.26 14.18
C LYS C 273 32.84 41.05 13.26
N TYR C 274 33.70 40.04 13.41
CA TYR C 274 33.67 38.92 12.47
C TYR C 274 32.41 38.08 12.63
N ASP C 275 31.73 38.15 13.77
CA ASP C 275 30.44 37.49 13.90
C ASP C 275 29.47 37.99 12.84
N ARG C 276 29.67 39.21 12.35
CA ARG C 276 28.88 39.74 11.24
C ARG C 276 29.47 39.35 9.88
N ILE C 277 30.78 39.18 9.81
CA ILE C 277 31.45 38.95 8.53
C ILE C 277 31.67 37.46 8.27
N THR C 278 32.47 36.81 9.11
CA THR C 278 32.83 35.41 8.92
C THR C 278 32.68 34.64 10.23
N ASN C 279 31.86 33.59 10.20
CA ASN C 279 31.57 32.80 11.39
C ASN C 279 32.54 31.64 11.61
N HIS C 280 33.45 31.39 10.67
CA HIS C 280 34.39 30.29 10.81
C HIS C 280 35.73 30.67 10.18
N ILE C 281 36.80 30.08 10.70
CA ILE C 281 38.15 30.32 10.22
C ILE C 281 38.85 28.96 10.11
N HIS C 282 39.48 28.71 8.96
CA HIS C 282 40.19 27.46 8.72
C HIS C 282 41.66 27.59 9.13
N VAL C 283 42.22 26.48 9.59
CA VAL C 283 43.64 26.40 9.92
C VAL C 283 44.30 25.44 8.95
N ARG C 284 45.41 25.87 8.35
CA ARG C 284 46.11 25.09 7.34
C ARG C 284 47.55 24.88 7.76
N ILE C 285 48.06 23.67 7.54
CA ILE C 285 49.44 23.33 7.86
C ILE C 285 50.30 23.62 6.63
N SER C 286 51.39 24.36 6.84
CA SER C 286 52.23 24.82 5.74
C SER C 286 53.39 23.87 5.45
N HIS C 287 54.27 23.67 6.43
CA HIS C 287 55.46 22.84 6.26
C HIS C 287 55.28 21.53 7.00
N LEU C 288 55.96 20.50 6.51
CA LEU C 288 55.91 19.16 7.08
C LEU C 288 57.16 18.42 6.67
N PRO C 289 57.49 17.32 7.34
CA PRO C 289 58.51 16.40 6.78
C PRO C 289 57.97 15.79 5.49
N LEU C 290 58.73 15.96 4.41
CA LEU C 290 58.25 15.57 3.09
C LEU C 290 57.87 14.09 3.05
N VAL C 291 56.71 13.81 2.49
CA VAL C 291 56.18 12.46 2.44
C VAL C 291 56.36 11.91 1.02
N GLU C 292 56.29 10.59 0.91
CA GLU C 292 56.61 9.90 -0.33
C GLU C 292 55.69 10.32 -1.46
N GLU C 293 56.07 9.93 -2.68
CA GLU C 293 55.35 10.31 -3.88
C GLU C 293 54.08 9.48 -4.03
N LEU C 294 53.45 9.60 -5.20
CA LEU C 294 52.18 8.94 -5.44
C LEU C 294 52.31 7.42 -5.52
N ARG C 295 53.51 6.91 -5.79
CA ARG C 295 53.67 5.46 -5.93
C ARG C 295 53.54 4.75 -4.60
N SER C 296 54.06 5.35 -3.53
CA SER C 296 54.20 4.63 -2.27
C SER C 296 52.92 4.59 -1.45
N LEU C 297 51.91 5.39 -1.80
CA LEU C 297 50.68 5.45 -1.02
C LEU C 297 49.98 4.10 -1.07
N ARG C 298 49.77 3.51 0.10
CA ARG C 298 49.23 2.16 0.21
C ARG C 298 48.26 2.11 1.39
N GLN C 299 47.94 0.90 1.83
CA GLN C 299 46.98 0.71 2.91
C GLN C 299 47.44 1.36 4.22
N LEU C 300 48.76 1.42 4.43
CA LEU C 300 49.27 1.97 5.68
C LEU C 300 48.97 3.45 5.84
N HIS C 301 48.74 4.16 4.73
CA HIS C 301 48.56 5.60 4.77
C HIS C 301 47.09 6.03 4.88
N LEU C 302 46.17 5.10 5.07
CA LEU C 302 44.75 5.45 5.08
C LEU C 302 44.39 6.24 6.34
N ASN C 303 43.56 7.26 6.17
CA ASN C 303 43.11 8.15 7.25
C ASN C 303 44.28 8.83 7.95
N GLN C 304 45.36 9.11 7.23
CA GLN C 304 46.51 9.80 7.79
C GLN C 304 46.69 11.16 7.13
N LEU C 305 47.70 11.89 7.60
CA LEU C 305 48.09 13.17 7.03
C LEU C 305 49.32 12.96 6.16
N ILE C 306 49.25 13.37 4.89
CA ILE C 306 50.35 13.18 3.95
C ILE C 306 50.61 14.47 3.19
N ARG C 307 51.78 14.52 2.56
CA ARG C 307 52.20 15.64 1.74
C ARG C 307 52.80 15.10 0.44
N THR C 308 52.28 15.59 -0.69
CA THR C 308 52.70 15.09 -1.99
C THR C 308 53.04 16.25 -2.92
N SER C 309 53.74 15.92 -3.99
CA SER C 309 54.06 16.86 -5.06
C SER C 309 53.67 16.26 -6.40
N GLY C 310 53.10 17.08 -7.29
CA GLY C 310 52.66 16.56 -8.57
C GLY C 310 52.37 17.67 -9.56
N VAL C 311 51.79 17.28 -10.69
CA VAL C 311 51.44 18.20 -11.77
C VAL C 311 49.94 18.13 -12.00
N VAL C 312 49.30 19.31 -12.05
CA VAL C 312 47.86 19.42 -12.25
C VAL C 312 47.55 19.14 -13.72
N THR C 313 46.47 18.40 -13.96
CA THR C 313 46.04 18.09 -15.31
C THR C 313 44.63 18.57 -15.65
N SER C 314 43.73 18.71 -14.68
CA SER C 314 42.38 19.16 -14.99
C SER C 314 41.78 19.82 -13.76
N CYS C 315 40.74 20.62 -13.99
CA CYS C 315 40.00 21.29 -12.93
C CYS C 315 38.51 21.30 -13.29
N THR C 316 37.66 21.17 -12.28
CA THR C 316 36.22 21.13 -12.51
C THR C 316 35.57 22.50 -12.41
N GLY C 317 36.31 23.54 -12.07
CA GLY C 317 35.71 24.84 -11.86
C GLY C 317 35.28 25.01 -10.41
N VAL C 318 34.36 25.96 -10.20
CA VAL C 318 33.86 26.27 -8.87
C VAL C 318 32.44 25.73 -8.75
N LEU C 319 32.16 25.01 -7.67
CA LEU C 319 30.85 24.42 -7.48
C LEU C 319 30.29 24.75 -6.11
N PRO C 320 29.00 25.05 -6.01
CA PRO C 320 28.37 25.32 -4.71
C PRO C 320 27.94 24.03 -4.03
N GLN C 321 28.64 23.68 -2.96
CA GLN C 321 28.29 22.55 -2.12
C GLN C 321 27.42 23.02 -0.96
N LEU C 322 26.64 22.10 -0.41
CA LEU C 322 25.72 22.43 0.67
C LEU C 322 26.44 22.57 2.00
N SER C 323 25.87 23.38 2.89
CA SER C 323 26.34 23.46 4.27
C SER C 323 25.26 24.15 5.08
N MET C 324 24.93 23.59 6.24
CA MET C 324 23.82 24.08 7.06
C MET C 324 22.53 24.10 6.25
N VAL C 325 22.06 22.90 5.90
CA VAL C 325 20.95 22.77 4.97
C VAL C 325 19.63 22.93 5.72
N LYS C 326 18.71 23.69 5.12
CA LYS C 326 17.34 23.81 5.62
C LYS C 326 16.40 23.10 4.66
N TYR C 327 15.49 22.31 5.20
CA TYR C 327 14.56 21.50 4.41
C TYR C 327 13.14 21.98 4.62
N ASN C 328 12.35 21.96 3.55
CA ASN C 328 10.93 22.21 3.63
C ASN C 328 10.15 20.90 3.58
N CYS C 329 9.25 20.74 4.55
CA CYS C 329 8.33 19.61 4.54
C CYS C 329 7.37 19.79 3.38
N ASN C 330 6.92 18.66 2.81
CA ASN C 330 6.07 18.71 1.64
C ASN C 330 4.60 18.48 1.95
N LYS C 331 4.26 18.07 3.18
CA LYS C 331 2.86 17.97 3.57
C LYS C 331 2.35 19.27 4.18
N CYS C 332 2.99 19.73 5.25
CA CYS C 332 2.85 21.09 5.72
C CYS C 332 3.94 21.93 5.03
N ASN C 333 4.20 23.13 5.55
CA ASN C 333 5.29 23.94 5.01
C ASN C 333 6.30 24.31 6.08
N PHE C 334 6.53 23.44 7.06
CA PHE C 334 7.49 23.74 8.10
C PHE C 334 8.91 23.71 7.54
N VAL C 335 9.78 24.51 8.16
CA VAL C 335 11.18 24.62 7.75
C VAL C 335 12.02 23.89 8.79
N LEU C 336 12.61 22.76 8.43
CA LEU C 336 13.46 22.03 9.35
C LEU C 336 14.77 22.76 9.56
N GLY C 337 15.31 22.66 10.77
CA GLY C 337 16.46 23.42 11.19
C GLY C 337 17.72 23.05 10.44
N PRO C 338 18.76 23.87 10.57
CA PRO C 338 20.00 23.61 9.84
C PRO C 338 20.66 22.31 10.27
N PHE C 339 21.17 21.58 9.27
CA PHE C 339 21.88 20.32 9.48
C PHE C 339 23.26 20.43 8.83
N CYS C 340 24.29 20.07 9.58
CA CYS C 340 25.65 20.16 9.08
C CYS C 340 25.90 19.04 8.07
N GLN C 341 26.42 19.40 6.90
CA GLN C 341 26.66 18.46 5.81
C GLN C 341 28.06 17.90 5.94
N SER C 342 28.16 16.63 6.36
CA SER C 342 29.45 15.96 6.41
C SER C 342 29.89 15.54 5.02
N GLN C 343 31.20 15.38 4.84
CA GLN C 343 31.75 15.02 3.54
C GLN C 343 31.56 13.55 3.20
N ASN C 344 31.14 12.72 4.16
CA ASN C 344 31.10 11.29 3.91
C ASN C 344 29.74 10.84 3.37
N GLN C 345 28.65 11.26 4.01
CA GLN C 345 27.33 10.78 3.64
C GLN C 345 26.40 11.96 3.43
N GLU C 346 25.35 11.74 2.65
CA GLU C 346 24.33 12.75 2.46
C GLU C 346 23.46 12.88 3.71
N VAL C 347 22.86 14.05 3.88
CA VAL C 347 22.00 14.30 5.03
C VAL C 347 20.58 13.85 4.69
N LYS C 348 20.05 12.93 5.49
CA LYS C 348 18.68 12.44 5.32
C LYS C 348 17.90 12.71 6.59
N PRO C 349 17.06 13.74 6.60
CA PRO C 349 16.28 14.05 7.81
C PRO C 349 15.32 12.92 8.14
N GLY C 350 15.16 12.66 9.43
CA GLY C 350 14.31 11.59 9.88
C GLY C 350 12.84 11.83 9.64
N SER C 351 12.25 12.79 10.34
CA SER C 351 10.84 13.06 10.22
C SER C 351 10.58 14.53 10.54
N CYS C 352 9.46 15.03 10.05
CA CYS C 352 9.07 16.41 10.29
C CYS C 352 8.64 16.58 11.74
N PRO C 353 9.22 17.51 12.49
CA PRO C 353 8.93 17.57 13.93
C PRO C 353 7.49 17.89 14.26
N GLU C 354 6.72 18.48 13.35
CA GLU C 354 5.36 18.87 13.66
C GLU C 354 4.34 17.82 13.21
N CYS C 355 4.26 17.55 11.91
CA CYS C 355 3.29 16.60 11.40
C CYS C 355 3.77 15.16 11.45
N GLN C 356 5.01 14.92 11.86
CA GLN C 356 5.58 13.59 12.06
C GLN C 356 5.60 12.77 10.78
N SER C 357 5.62 13.42 9.62
CA SER C 357 5.67 12.69 8.36
C SER C 357 7.09 12.18 8.10
N ALA C 358 7.18 11.08 7.36
CA ALA C 358 8.46 10.46 7.04
C ALA C 358 9.08 10.98 5.75
N GLY C 359 8.37 11.86 5.02
CA GLY C 359 8.90 12.42 3.80
C GLY C 359 7.82 12.64 2.76
N PRO C 360 8.21 13.11 1.58
CA PRO C 360 9.56 13.51 1.16
C PRO C 360 9.91 14.94 1.57
N PHE C 361 11.18 15.32 1.47
CA PHE C 361 11.66 16.64 1.81
C PHE C 361 12.45 17.22 0.65
N GLU C 362 12.45 18.54 0.53
CA GLU C 362 13.26 19.22 -0.46
C GLU C 362 14.05 20.32 0.23
N VAL C 363 15.04 20.85 -0.48
CA VAL C 363 15.99 21.80 0.07
C VAL C 363 15.43 23.21 -0.09
N ASN C 364 15.46 23.98 1.00
CA ASN C 364 15.09 25.40 0.95
C ASN C 364 16.24 26.16 0.30
N MET C 365 16.05 26.56 -0.96
CA MET C 365 17.14 27.19 -1.70
C MET C 365 17.51 28.54 -1.14
N GLU C 366 16.53 29.31 -0.66
CA GLU C 366 16.77 30.68 -0.21
C GLU C 366 17.54 30.76 1.11
N GLU C 367 17.27 29.86 2.05
CA GLU C 367 17.88 29.94 3.38
C GLU C 367 19.06 29.01 3.58
N THR C 368 19.47 28.26 2.56
CA THR C 368 20.62 27.38 2.70
C THR C 368 21.91 28.17 2.56
N ILE C 369 22.97 27.67 3.20
CA ILE C 369 24.30 28.24 3.08
C ILE C 369 25.14 27.32 2.19
N TYR C 370 26.04 27.91 1.40
CA TYR C 370 26.79 27.16 0.41
C TYR C 370 28.27 27.41 0.56
N GLN C 371 29.05 26.47 0.06
CA GLN C 371 30.50 26.44 0.18
C GLN C 371 31.12 26.24 -1.20
N ASN C 372 32.37 26.66 -1.35
CA ASN C 372 33.10 26.50 -2.61
C ASN C 372 33.74 25.12 -2.66
N TYR C 373 33.61 24.45 -3.80
CA TYR C 373 34.10 23.09 -3.99
C TYR C 373 34.76 22.96 -5.34
N GLN C 374 35.90 22.27 -5.39
CA GLN C 374 36.61 22.06 -6.64
C GLN C 374 37.34 20.73 -6.58
N ARG C 375 37.50 20.08 -7.75
CA ARG C 375 38.12 18.76 -7.85
C ARG C 375 39.28 18.82 -8.83
N ILE C 376 40.39 18.15 -8.48
CA ILE C 376 41.64 18.25 -9.22
C ILE C 376 42.22 16.86 -9.42
N ARG C 377 42.81 16.62 -10.59
CA ARG C 377 43.55 15.40 -10.88
C ARG C 377 45.03 15.73 -10.96
N ILE C 378 45.86 14.94 -10.29
CA ILE C 378 47.29 15.20 -10.17
C ILE C 378 48.06 14.01 -10.72
N GLN C 379 49.06 14.29 -11.53
CA GLN C 379 49.89 13.28 -12.16
C GLN C 379 51.34 13.49 -11.74
N GLU C 380 52.10 12.40 -11.68
CA GLU C 380 53.51 12.49 -11.36
C GLU C 380 54.24 13.35 -12.39
N SER C 381 55.25 14.07 -11.93
CA SER C 381 56.10 14.84 -12.84
C SER C 381 56.84 13.88 -13.77
N PRO C 382 56.81 14.09 -15.08
CA PRO C 382 57.44 13.13 -16.01
C PRO C 382 58.95 13.01 -15.84
N GLY C 383 59.61 14.00 -15.24
CA GLY C 383 61.05 13.93 -15.09
C GLY C 383 61.51 12.99 -13.99
N LYS C 384 60.66 12.78 -12.98
CA LYS C 384 61.02 11.95 -11.84
C LYS C 384 60.63 10.48 -12.01
N VAL C 385 59.96 10.13 -13.11
CA VAL C 385 59.55 8.75 -13.31
C VAL C 385 60.73 7.93 -13.80
N ALA C 386 60.99 6.82 -13.12
CA ALA C 386 62.07 5.92 -13.53
C ALA C 386 61.76 5.27 -14.87
N ALA C 387 62.82 4.99 -15.63
CA ALA C 387 62.64 4.37 -16.94
C ALA C 387 62.08 2.97 -16.78
N GLY C 388 61.09 2.64 -17.62
CA GLY C 388 60.48 1.33 -17.60
C GLY C 388 59.15 1.24 -16.87
N ARG C 389 58.64 2.36 -16.34
CA ARG C 389 57.35 2.37 -15.67
C ARG C 389 56.62 3.66 -16.02
N LEU C 390 55.33 3.69 -15.68
CA LEU C 390 54.52 4.81 -16.13
C LEU C 390 54.13 5.71 -14.96
N PRO C 391 53.89 7.00 -15.22
CA PRO C 391 53.40 7.88 -14.15
C PRO C 391 51.99 7.48 -13.71
N ARG C 392 51.71 7.71 -12.44
CA ARG C 392 50.42 7.39 -11.83
C ARG C 392 49.78 8.66 -11.28
N SER C 393 48.44 8.64 -11.21
CA SER C 393 47.68 9.84 -10.90
C SER C 393 46.75 9.58 -9.73
N LYS C 394 46.31 10.66 -9.09
CA LYS C 394 45.37 10.59 -7.99
C LYS C 394 44.51 11.85 -7.96
N ASP C 395 43.38 11.77 -7.28
CA ASP C 395 42.42 12.86 -7.22
C ASP C 395 42.49 13.58 -5.87
N ALA C 396 42.19 14.88 -5.89
CA ALA C 396 42.18 15.72 -4.71
C ALA C 396 41.00 16.67 -4.76
N ILE C 397 40.60 17.18 -3.60
CA ILE C 397 39.45 18.05 -3.46
C ILE C 397 39.85 19.29 -2.69
N LEU C 398 39.50 20.46 -3.23
CA LEU C 398 39.78 21.74 -2.60
C LEU C 398 38.47 22.40 -2.19
N LEU C 399 38.48 23.04 -1.03
CA LEU C 399 37.27 23.64 -0.46
C LEU C 399 37.56 25.06 0.04
N ALA C 400 36.52 25.89 -0.03
CA ALA C 400 36.53 27.25 0.53
C ALA C 400 37.61 28.08 -0.16
N ASP C 401 38.62 28.57 0.56
CA ASP C 401 39.55 29.53 -0.03
C ASP C 401 40.53 28.88 -1.00
N LEU C 402 40.59 27.54 -1.03
CA LEU C 402 41.56 26.87 -1.87
C LEU C 402 41.13 26.81 -3.33
N VAL C 403 39.88 27.18 -3.62
CA VAL C 403 39.35 27.03 -4.97
C VAL C 403 40.04 28.01 -5.92
N ASP C 404 40.32 27.54 -7.13
CA ASP C 404 40.96 28.33 -8.20
C ASP C 404 42.33 28.84 -7.81
N SER C 405 43.06 28.09 -6.99
CA SER C 405 44.42 28.46 -6.63
C SER C 405 45.47 27.81 -7.51
N CYS C 406 45.07 26.97 -8.47
CA CYS C 406 46.00 26.28 -9.35
C CYS C 406 45.47 26.29 -10.78
N LYS C 407 46.38 26.44 -11.73
CA LYS C 407 46.04 26.33 -13.15
C LYS C 407 46.46 24.97 -13.68
N PRO C 408 45.73 24.41 -14.64
CA PRO C 408 46.15 23.14 -15.23
C PRO C 408 47.50 23.27 -15.91
N GLY C 409 48.31 22.22 -15.79
CA GLY C 409 49.66 22.23 -16.30
C GLY C 409 50.70 22.76 -15.34
N ASP C 410 50.31 23.18 -14.14
CA ASP C 410 51.26 23.69 -13.16
C ASP C 410 51.72 22.58 -12.23
N GLU C 411 52.80 22.85 -11.50
CA GLU C 411 53.37 21.92 -10.55
C GLU C 411 53.07 22.40 -9.13
N ILE C 412 52.46 21.55 -8.31
CA ILE C 412 51.98 21.93 -7.00
C ILE C 412 52.43 20.92 -5.95
N GLU C 413 52.28 21.30 -4.69
CA GLU C 413 52.46 20.42 -3.55
C GLU C 413 51.28 20.59 -2.61
N LEU C 414 50.70 19.46 -2.18
CA LEU C 414 49.54 19.45 -1.32
C LEU C 414 49.84 18.78 0.01
N THR C 415 49.14 19.26 1.04
CA THR C 415 49.04 18.57 2.32
C THR C 415 47.58 18.15 2.49
N GLY C 416 47.34 16.86 2.70
CA GLY C 416 45.99 16.35 2.69
C GLY C 416 45.81 15.10 3.51
N ILE C 417 44.59 14.57 3.43
CA ILE C 417 44.16 13.39 4.19
C ILE C 417 43.80 12.28 3.21
N TYR C 418 44.42 11.12 3.39
CA TYR C 418 44.19 9.96 2.52
C TYR C 418 42.98 9.20 3.05
N HIS C 419 41.90 9.20 2.28
CA HIS C 419 40.57 8.87 2.80
C HIS C 419 39.97 7.67 2.08
N ASN C 420 39.15 6.90 2.80
CA ASN C 420 38.27 5.89 2.23
C ASN C 420 36.81 6.09 2.58
N ASN C 421 36.52 6.60 3.79
CA ASN C 421 35.17 6.56 4.34
C ASN C 421 34.28 7.60 3.67
N TYR C 422 33.98 7.35 2.40
CA TYR C 422 32.97 8.09 1.66
C TYR C 422 32.10 7.08 0.92
N ASP C 423 30.80 7.34 0.89
CA ASP C 423 29.87 6.38 0.33
C ASP C 423 30.15 6.14 -1.15
N GLY C 424 30.18 4.87 -1.55
CA GLY C 424 30.45 4.50 -2.92
C GLY C 424 31.88 4.10 -3.20
N SER C 425 32.75 4.06 -2.19
CA SER C 425 34.13 3.71 -2.43
C SER C 425 34.31 2.22 -2.67
N LEU C 426 33.40 1.39 -2.19
CA LEU C 426 33.53 -0.05 -2.30
C LEU C 426 32.91 -0.54 -3.61
N ASN C 427 33.65 -1.36 -4.35
CA ASN C 427 33.14 -1.98 -5.56
C ASN C 427 32.30 -3.19 -5.20
N THR C 428 31.03 -3.16 -5.55
CA THR C 428 30.07 -4.18 -5.11
C THR C 428 29.35 -4.87 -6.26
N ALA C 429 29.05 -4.15 -7.34
CA ALA C 429 28.23 -4.71 -8.40
C ALA C 429 28.87 -5.94 -9.03
N ASN C 430 30.17 -5.86 -9.31
CA ASN C 430 30.88 -7.00 -9.88
C ASN C 430 32.36 -6.84 -9.59
N GLY C 431 33.08 -7.96 -9.64
CA GLY C 431 34.51 -7.95 -9.43
C GLY C 431 34.88 -8.09 -7.96
N PHE C 432 36.17 -7.94 -7.71
CA PHE C 432 36.72 -8.10 -6.38
C PHE C 432 36.30 -6.93 -5.48
N PRO C 433 36.35 -7.12 -4.15
CA PRO C 433 36.05 -6.01 -3.23
C PRO C 433 37.18 -4.99 -3.16
N VAL C 434 37.19 -4.06 -4.10
CA VAL C 434 38.24 -3.08 -4.27
C VAL C 434 37.73 -1.71 -3.83
N PHE C 435 38.54 -0.99 -3.06
CA PHE C 435 38.22 0.35 -2.57
C PHE C 435 38.95 1.41 -3.41
N ALA C 436 38.31 2.57 -3.54
CA ALA C 436 38.90 3.70 -4.26
C ALA C 436 39.28 4.78 -3.25
N THR C 437 40.47 5.36 -3.43
CA THR C 437 41.00 6.32 -2.47
C THR C 437 40.94 7.74 -3.03
N VAL C 438 40.73 8.70 -2.13
CA VAL C 438 40.63 10.12 -2.46
C VAL C 438 41.41 10.91 -1.42
N ILE C 439 42.09 11.96 -1.89
CA ILE C 439 42.86 12.86 -1.03
C ILE C 439 42.06 14.13 -0.82
N LEU C 440 41.91 14.55 0.43
CA LEU C 440 41.27 15.83 0.76
C LEU C 440 42.34 16.81 1.20
N ALA C 441 42.55 17.84 0.39
CA ALA C 441 43.64 18.78 0.59
C ALA C 441 43.20 19.96 1.46
N ASN C 442 44.19 20.60 2.09
CA ASN C 442 43.92 21.79 2.90
C ASN C 442 44.98 22.86 2.73
N HIS C 443 45.93 22.71 1.81
CA HIS C 443 46.95 23.73 1.58
C HIS C 443 47.58 23.49 0.23
N VAL C 444 48.07 24.56 -0.38
CA VAL C 444 48.69 24.50 -1.71
C VAL C 444 50.01 25.26 -1.67
N ALA C 445 51.06 24.65 -2.21
CA ALA C 445 52.38 25.28 -2.31
C ALA C 445 52.89 25.13 -3.74
N LYS C 446 53.09 26.24 -4.43
CA LYS C 446 53.55 26.21 -5.82
C LYS C 446 55.02 25.81 -5.91
N ASP C 458 55.96 51.93 -8.46
CA ASP C 458 56.17 53.37 -8.36
C ASP C 458 57.59 53.74 -8.75
N GLU C 459 58.57 53.16 -8.03
CA GLU C 459 59.96 53.42 -8.37
C GLU C 459 60.34 52.83 -9.71
N ASP C 460 59.62 51.79 -10.15
CA ASP C 460 59.90 51.20 -11.45
C ASP C 460 59.62 52.20 -12.57
N VAL C 461 58.58 53.01 -12.43
CA VAL C 461 58.29 54.04 -13.42
C VAL C 461 59.43 55.05 -13.47
N LYS C 462 59.96 55.44 -12.31
CA LYS C 462 61.08 56.37 -12.27
C LYS C 462 62.32 55.76 -12.93
N MET C 463 62.56 54.47 -12.68
CA MET C 463 63.69 53.80 -13.34
C MET C 463 63.50 53.75 -14.84
N ILE C 464 62.26 53.52 -15.30
CA ILE C 464 61.98 53.51 -16.73
C ILE C 464 62.26 54.88 -17.35
N THR C 465 61.82 55.93 -16.66
CA THR C 465 62.08 57.28 -17.15
C THR C 465 63.58 57.57 -17.18
N SER C 466 64.30 57.13 -16.15
CA SER C 466 65.75 57.35 -16.11
C SER C 466 66.44 56.63 -17.25
N LEU C 467 66.04 55.40 -17.53
CA LEU C 467 66.61 54.67 -18.66
C LEU C 467 66.29 55.35 -19.97
N SER C 468 65.09 55.93 -20.08
CA SER C 468 64.74 56.71 -21.27
C SER C 468 65.64 57.94 -21.39
N LYS C 469 66.01 58.54 -20.27
CA LYS C 469 66.89 59.71 -20.30
C LYS C 469 68.24 59.38 -20.92
N ASP C 470 68.69 58.13 -20.81
CA ASP C 470 69.93 57.71 -21.44
C ASP C 470 69.81 57.83 -22.96
N GLN C 471 70.87 58.34 -23.59
CA GLN C 471 70.81 58.68 -25.00
C GLN C 471 70.87 57.45 -25.91
N GLN C 472 71.37 56.33 -25.42
CA GLN C 472 71.55 55.13 -26.23
C GLN C 472 70.66 53.98 -25.77
N ILE C 473 69.44 54.31 -25.35
CA ILE C 473 68.51 53.27 -24.91
C ILE C 473 68.08 52.38 -26.08
N GLY C 474 67.99 52.96 -27.28
CA GLY C 474 67.56 52.18 -28.43
C GLY C 474 68.51 51.05 -28.75
N GLU C 475 69.81 51.33 -28.75
CA GLU C 475 70.80 50.28 -29.02
C GLU C 475 70.81 49.25 -27.90
N LYS C 476 70.59 49.69 -26.66
CA LYS C 476 70.49 48.73 -25.55
C LYS C 476 69.33 47.77 -25.77
N ILE C 477 68.18 48.29 -26.17
CA ILE C 477 67.02 47.43 -26.42
C ILE C 477 67.29 46.50 -27.59
N PHE C 478 67.93 47.02 -28.65
CA PHE C 478 68.23 46.20 -29.81
C PHE C 478 69.15 45.04 -29.45
N ALA C 479 70.16 45.31 -28.63
CA ALA C 479 71.10 44.25 -28.24
C ALA C 479 70.53 43.37 -27.14
N SER C 480 69.43 43.79 -26.52
CA SER C 480 68.86 43.01 -25.42
C SER C 480 68.08 41.80 -25.92
N ILE C 481 67.73 41.76 -27.21
CA ILE C 481 66.88 40.70 -27.73
C ILE C 481 67.72 39.48 -28.08
N ALA C 482 67.26 38.30 -27.67
CA ALA C 482 67.83 37.00 -28.00
C ALA C 482 69.29 36.91 -27.55
N PRO C 483 69.55 36.83 -26.24
CA PRO C 483 70.94 36.70 -25.78
C PRO C 483 71.63 35.44 -26.27
N SER C 484 70.88 34.35 -26.44
CA SER C 484 71.47 33.05 -26.74
C SER C 484 71.74 32.82 -28.22
N ILE C 485 71.36 33.74 -29.11
CA ILE C 485 71.57 33.60 -30.53
C ILE C 485 72.69 34.55 -30.95
N TYR C 486 73.69 34.00 -31.63
CA TYR C 486 74.78 34.84 -32.14
C TYR C 486 74.45 35.40 -33.52
N GLY C 487 74.87 36.64 -33.75
CA GLY C 487 74.66 37.24 -35.04
C GLY C 487 73.22 37.63 -35.30
N HIS C 488 72.92 37.85 -36.59
CA HIS C 488 71.59 38.24 -37.04
C HIS C 488 71.12 39.51 -36.32
N GLU C 489 71.98 40.53 -36.28
CA GLU C 489 71.65 41.75 -35.57
C GLU C 489 70.48 42.48 -36.23
N ASP C 490 70.40 42.43 -37.55
CA ASP C 490 69.31 43.06 -38.28
C ASP C 490 67.97 42.44 -37.90
N ILE C 491 67.94 41.12 -37.75
CA ILE C 491 66.71 40.43 -37.36
C ILE C 491 66.27 40.89 -35.97
N LYS C 492 67.21 41.01 -35.04
CA LYS C 492 66.88 41.46 -33.70
C LYS C 492 66.37 42.90 -33.71
N ARG C 493 66.99 43.75 -34.53
CA ARG C 493 66.53 45.13 -34.65
C ARG C 493 65.09 45.19 -35.17
N GLY C 494 64.79 44.36 -36.18
CA GLY C 494 63.42 44.32 -36.69
C GLY C 494 62.44 43.78 -35.67
N LEU C 495 62.84 42.74 -34.93
CA LEU C 495 61.96 42.18 -33.91
C LEU C 495 61.71 43.19 -32.80
N ALA C 496 62.64 44.11 -32.57
CA ALA C 496 62.42 45.16 -31.60
C ALA C 496 61.20 46.01 -31.97
N LEU C 497 61.16 46.47 -33.23
CA LEU C 497 60.03 47.25 -33.69
C LEU C 497 58.76 46.41 -33.70
N ALA C 498 58.88 45.13 -34.07
CA ALA C 498 57.71 44.26 -34.09
C ALA C 498 57.11 44.11 -32.70
N LEU C 499 57.97 43.96 -31.69
CA LEU C 499 57.48 43.83 -30.31
C LEU C 499 56.87 45.14 -29.82
N PHE C 500 57.56 46.25 -30.03
CA PHE C 500 57.05 47.53 -29.53
C PHE C 500 55.81 47.97 -30.29
N GLY C 501 55.79 47.75 -31.60
CA GLY C 501 54.59 48.01 -32.37
C GLY C 501 54.38 49.49 -32.70
N GLY C 502 53.22 49.76 -33.28
CA GLY C 502 52.87 51.10 -33.70
C GLY C 502 51.56 51.62 -33.12
N GLU C 503 50.72 52.20 -33.97
CA GLU C 503 49.46 52.77 -33.52
C GLU C 503 48.40 52.70 -34.62
N PRO C 504 47.27 52.05 -34.38
CA PRO C 504 46.22 51.99 -35.39
C PRO C 504 45.57 53.35 -35.59
N LYS C 505 45.06 53.58 -36.79
CA LYS C 505 44.41 54.84 -37.12
C LYS C 505 43.15 54.57 -37.94
N ASN C 506 42.04 55.18 -37.53
CA ASN C 506 40.76 54.99 -38.21
C ASN C 506 39.99 56.29 -38.17
N PRO C 507 40.16 57.14 -39.19
CA PRO C 507 39.34 58.36 -39.27
C PRO C 507 37.87 58.04 -39.45
N GLY C 508 37.07 58.34 -38.43
CA GLY C 508 35.68 57.90 -38.46
C GLY C 508 35.61 56.39 -38.39
N GLY C 509 34.60 55.84 -39.06
CA GLY C 509 34.45 54.40 -39.15
C GLY C 509 34.60 53.91 -40.58
N LYS C 510 35.53 54.49 -41.32
CA LYS C 510 35.64 54.27 -42.75
C LYS C 510 36.97 53.66 -43.17
N HIS C 511 38.09 54.21 -42.72
CA HIS C 511 39.41 53.84 -43.21
C HIS C 511 40.25 53.30 -42.05
N LYS C 512 40.33 51.98 -41.93
CA LYS C 512 41.09 51.35 -40.87
C LYS C 512 42.51 51.05 -41.33
N VAL C 513 43.49 51.45 -40.53
CA VAL C 513 44.90 51.17 -40.80
C VAL C 513 45.51 50.58 -39.53
N ARG C 514 46.09 49.39 -39.65
CA ARG C 514 46.63 48.67 -38.51
C ARG C 514 47.97 49.24 -38.08
N GLY C 515 48.41 48.84 -36.90
CA GLY C 515 49.69 49.24 -36.37
C GLY C 515 50.58 48.06 -36.02
N ASP C 516 50.13 46.86 -36.37
CA ASP C 516 50.89 45.65 -36.09
C ASP C 516 51.87 45.38 -37.23
N ILE C 517 53.13 45.17 -36.88
CA ILE C 517 54.20 44.97 -37.85
C ILE C 517 54.49 43.48 -37.91
N ASN C 518 54.06 42.83 -38.99
CA ASN C 518 54.29 41.41 -39.18
C ASN C 518 55.73 41.15 -39.62
N VAL C 519 56.22 39.96 -39.31
CA VAL C 519 57.60 39.58 -39.63
C VAL C 519 57.60 38.21 -40.30
N LEU C 520 58.33 38.09 -41.40
CA LEU C 520 58.52 36.81 -42.07
C LEU C 520 60.01 36.52 -42.16
N LEU C 521 60.40 35.29 -41.85
CA LEU C 521 61.77 34.83 -41.94
C LEU C 521 61.84 33.66 -42.92
N CYS C 522 62.80 33.70 -43.82
CA CYS C 522 63.07 32.58 -44.72
C CYS C 522 64.54 32.22 -44.60
N GLY C 523 64.83 30.96 -44.28
CA GLY C 523 66.21 30.59 -43.99
C GLY C 523 66.52 29.18 -44.42
N ASP C 524 67.81 28.96 -44.72
CA ASP C 524 68.31 27.61 -44.95
C ASP C 524 68.37 26.84 -43.62
N PRO C 525 68.37 25.51 -43.69
CA PRO C 525 68.37 24.72 -42.46
C PRO C 525 69.59 25.01 -41.59
N GLY C 526 69.39 24.94 -40.28
CA GLY C 526 70.46 25.14 -39.33
C GLY C 526 70.75 26.58 -38.96
N THR C 527 69.90 27.52 -39.36
CA THR C 527 70.10 28.92 -39.05
C THR C 527 69.38 29.35 -37.78
N ALA C 528 68.72 28.42 -37.09
CA ALA C 528 68.03 28.68 -35.82
C ALA C 528 66.93 29.73 -35.98
N LYS C 529 65.97 29.42 -36.85
CA LYS C 529 64.81 30.28 -36.97
C LYS C 529 63.83 30.06 -35.83
N SER C 530 63.72 28.82 -35.34
CA SER C 530 62.74 28.50 -34.32
C SER C 530 63.12 29.07 -32.96
N GLN C 531 64.42 29.27 -32.72
CA GLN C 531 64.86 29.79 -31.43
C GLN C 531 64.38 31.22 -31.23
N PHE C 532 64.31 32.01 -32.31
CA PHE C 532 63.77 33.35 -32.21
C PHE C 532 62.31 33.32 -31.77
N LEU C 533 61.51 32.42 -32.37
CA LEU C 533 60.11 32.31 -31.97
C LEU C 533 59.98 31.85 -30.53
N LYS C 534 60.82 30.91 -30.11
CA LYS C 534 60.79 30.47 -28.72
C LYS C 534 61.09 31.62 -27.77
N TYR C 535 62.12 32.41 -28.08
CA TYR C 535 62.47 33.54 -27.22
C TYR C 535 61.34 34.55 -27.18
N ILE C 536 60.73 34.83 -28.34
CA ILE C 536 59.64 35.80 -28.38
C ILE C 536 58.46 35.33 -27.53
N GLU C 537 58.14 34.03 -27.62
CA GLU C 537 57.07 33.50 -26.79
C GLU C 537 57.41 33.62 -25.32
N LYS C 538 58.67 33.38 -24.95
CA LYS C 538 59.09 33.52 -23.56
C LYS C 538 58.92 34.96 -23.07
N VAL C 539 59.30 35.93 -23.90
CA VAL C 539 59.29 37.32 -23.46
C VAL C 539 57.87 37.89 -23.48
N SER C 540 57.12 37.61 -24.54
CA SER C 540 55.84 38.26 -24.74
C SER C 540 54.85 37.89 -23.62
N SER C 541 54.07 38.89 -23.20
CA SER C 541 53.08 38.65 -22.16
C SER C 541 51.97 37.72 -22.66
N ARG C 542 51.48 37.97 -23.88
CA ARG C 542 50.49 37.10 -24.52
C ARG C 542 51.04 36.70 -25.88
N ALA C 543 51.53 35.47 -25.98
CA ALA C 543 52.03 34.92 -27.23
C ALA C 543 51.55 33.49 -27.38
N ILE C 544 51.07 33.15 -28.56
CA ILE C 544 50.61 31.81 -28.89
C ILE C 544 51.57 31.23 -29.92
N PHE C 545 51.88 29.95 -29.76
CA PHE C 545 52.81 29.25 -30.65
C PHE C 545 52.09 28.09 -31.33
N THR C 546 52.33 27.91 -32.62
CA THR C 546 51.74 26.79 -33.34
C THR C 546 52.63 26.42 -34.51
N THR C 547 52.45 25.19 -35.00
CA THR C 547 53.22 24.67 -36.13
C THR C 547 52.27 24.19 -37.22
N GLY C 548 52.66 24.44 -38.47
CA GLY C 548 51.83 24.04 -39.59
C GLY C 548 52.04 22.62 -40.06
N GLN C 549 53.07 21.93 -39.57
CA GLN C 549 53.33 20.58 -40.00
C GLN C 549 52.21 19.63 -39.59
N GLY C 550 51.72 19.77 -38.37
CA GLY C 550 50.62 18.95 -37.91
C GLY C 550 50.75 18.60 -36.44
N ALA C 551 49.64 18.10 -35.89
CA ALA C 551 49.57 17.64 -34.49
C ALA C 551 49.96 18.76 -33.52
N SER C 552 49.57 19.99 -33.83
CA SER C 552 49.87 21.11 -32.95
C SER C 552 49.01 21.05 -31.70
N ALA C 553 49.57 21.55 -30.59
CA ALA C 553 48.82 21.61 -29.35
C ALA C 553 47.64 22.57 -29.46
N VAL C 554 47.81 23.66 -30.22
CA VAL C 554 46.75 24.62 -30.48
C VAL C 554 46.54 24.67 -31.99
N GLY C 555 45.28 24.53 -32.41
CA GLY C 555 44.96 24.56 -33.82
C GLY C 555 45.00 25.96 -34.40
N LEU C 556 44.85 26.03 -35.72
CA LEU C 556 44.86 27.29 -36.44
C LEU C 556 43.50 27.60 -37.05
N THR C 557 42.46 26.85 -36.67
CA THR C 557 41.13 27.04 -37.21
C THR C 557 40.11 26.81 -36.10
N ALA C 558 39.10 27.68 -36.05
CA ALA C 558 38.04 27.59 -35.06
C ALA C 558 37.10 26.45 -35.38
N TYR C 559 36.63 25.75 -34.34
CA TYR C 559 35.69 24.66 -34.52
C TYR C 559 34.92 24.44 -33.22
N VAL C 560 33.77 23.79 -33.34
CA VAL C 560 32.90 23.50 -32.20
C VAL C 560 32.95 22.01 -31.95
N GLN C 561 33.23 21.62 -30.70
CA GLN C 561 33.49 20.22 -30.40
C GLN C 561 33.22 19.95 -28.93
N ARG C 562 32.95 18.68 -28.61
CA ARG C 562 32.94 18.23 -27.23
C ARG C 562 34.37 17.98 -26.79
N HIS C 563 34.82 18.70 -25.77
CA HIS C 563 36.20 18.58 -25.33
C HIS C 563 36.46 17.18 -24.81
N PRO C 564 37.56 16.53 -25.19
CA PRO C 564 37.82 15.17 -24.72
C PRO C 564 37.95 15.06 -23.21
N VAL C 565 38.49 16.08 -22.54
CA VAL C 565 38.76 15.99 -21.12
C VAL C 565 37.53 16.40 -20.31
N SER C 566 37.10 17.65 -20.47
CA SER C 566 35.99 18.15 -19.68
C SER C 566 34.64 17.63 -20.14
N ARG C 567 34.59 17.00 -21.32
CA ARG C 567 33.36 16.46 -21.88
C ARG C 567 32.26 17.51 -22.03
N GLU C 568 32.62 18.73 -22.38
CA GLU C 568 31.66 19.81 -22.55
C GLU C 568 31.69 20.32 -23.98
N TRP C 569 30.54 20.84 -24.42
CA TRP C 569 30.36 21.37 -25.77
C TRP C 569 30.95 22.78 -25.80
N THR C 570 32.09 22.94 -26.49
CA THR C 570 32.84 24.19 -26.47
C THR C 570 33.05 24.69 -27.89
N LEU C 571 33.25 26.00 -28.00
CA LEU C 571 33.68 26.66 -29.22
C LEU C 571 35.15 27.02 -29.06
N GLU C 572 36.03 26.27 -29.72
CA GLU C 572 37.47 26.49 -29.62
C GLU C 572 37.89 27.32 -30.83
N ALA C 573 38.21 28.59 -30.58
CA ALA C 573 38.72 29.44 -31.64
C ALA C 573 40.20 29.13 -31.89
N GLY C 574 40.68 29.55 -33.06
CA GLY C 574 42.05 29.28 -33.45
C GLY C 574 43.05 30.08 -32.65
N ALA C 575 44.32 29.86 -32.95
CA ALA C 575 45.38 30.61 -32.28
C ALA C 575 45.30 32.10 -32.59
N LEU C 576 44.78 32.44 -33.78
CA LEU C 576 44.67 33.84 -34.16
C LEU C 576 43.71 34.60 -33.25
N VAL C 577 42.58 33.99 -32.91
CA VAL C 577 41.61 34.66 -32.06
C VAL C 577 42.12 34.77 -30.63
N LEU C 578 42.79 33.72 -30.14
CA LEU C 578 43.22 33.72 -28.75
C LEU C 578 44.25 34.81 -28.46
N ALA C 579 45.02 35.21 -29.46
CA ALA C 579 46.05 36.23 -29.28
C ALA C 579 45.54 37.64 -29.55
N ASP C 580 44.47 38.07 -28.88
CA ASP C 580 44.02 39.46 -29.01
C ASP C 580 45.03 40.41 -28.40
N ARG C 581 45.44 41.40 -29.17
CA ARG C 581 46.49 42.34 -28.77
C ARG C 581 47.73 41.59 -28.30
N GLY C 582 48.07 40.54 -29.03
CA GLY C 582 49.20 39.71 -28.68
C GLY C 582 49.94 39.28 -29.92
N VAL C 583 50.82 38.29 -29.76
CA VAL C 583 51.66 37.82 -30.85
C VAL C 583 51.30 36.37 -31.16
N CYS C 584 51.19 36.06 -32.45
CA CYS C 584 50.96 34.71 -32.94
C CYS C 584 52.18 34.24 -33.71
N LEU C 585 52.70 33.06 -33.36
CA LEU C 585 53.91 32.52 -33.96
C LEU C 585 53.56 31.23 -34.69
N ILE C 586 54.01 31.12 -35.93
CA ILE C 586 53.75 29.97 -36.77
C ILE C 586 55.08 29.41 -37.25
N ASP C 587 55.32 28.14 -36.99
CA ASP C 587 56.52 27.44 -37.45
C ASP C 587 56.18 26.53 -38.62
N GLU C 588 57.16 26.29 -39.49
CA GLU C 588 56.96 25.52 -40.71
C GLU C 588 55.83 26.12 -41.54
N PHE C 589 56.04 27.34 -42.02
CA PHE C 589 54.96 28.11 -42.65
C PHE C 589 54.53 27.49 -43.98
N ASP C 590 55.44 26.80 -44.67
CA ASP C 590 55.12 26.26 -45.98
C ASP C 590 54.28 24.99 -45.90
N LYS C 591 54.39 24.24 -44.79
CA LYS C 591 53.75 22.93 -44.73
C LYS C 591 52.24 23.02 -44.53
N MET C 592 51.71 24.22 -44.29
CA MET C 592 50.31 24.39 -43.96
C MET C 592 49.42 23.95 -45.12
N ASN C 593 48.28 23.36 -44.78
CA ASN C 593 47.33 22.92 -45.79
C ASN C 593 46.44 24.08 -46.23
N ASP C 594 45.39 23.75 -46.99
CA ASP C 594 44.55 24.78 -47.59
C ASP C 594 43.80 25.59 -46.52
N GLN C 595 43.22 24.91 -45.54
CA GLN C 595 42.39 25.59 -44.54
C GLN C 595 43.20 26.60 -43.74
N ASP C 596 44.41 26.20 -43.33
CA ASP C 596 45.25 27.10 -42.54
C ASP C 596 45.65 28.33 -43.35
N ARG C 597 46.00 28.15 -44.62
CA ARG C 597 46.34 29.29 -45.47
C ARG C 597 45.16 30.23 -45.63
N THR C 598 43.97 29.67 -45.85
CA THR C 598 42.78 30.51 -46.00
C THR C 598 42.49 31.30 -44.74
N SER C 599 42.56 30.64 -43.58
CA SER C 599 42.30 31.33 -42.32
C SER C 599 43.33 32.41 -42.05
N ILE C 600 44.60 32.13 -42.33
CA ILE C 600 45.65 33.13 -42.12
C ILE C 600 45.44 34.33 -43.04
N HIS C 601 45.11 34.08 -44.31
CA HIS C 601 44.87 35.18 -45.24
C HIS C 601 43.70 36.04 -44.76
N GLU C 602 42.61 35.40 -44.33
CA GLU C 602 41.46 36.16 -43.84
C GLU C 602 41.81 36.97 -42.59
N ALA C 603 42.59 36.38 -41.67
CA ALA C 603 42.90 37.07 -40.43
C ALA C 603 43.90 38.21 -40.65
N MET C 604 44.78 38.08 -41.64
CA MET C 604 45.75 39.12 -41.90
C MET C 604 45.14 40.27 -42.70
N GLU C 605 44.25 39.98 -43.63
CA GLU C 605 43.76 41.05 -44.49
C GLU C 605 42.53 41.75 -43.91
N GLN C 606 41.64 41.00 -43.26
CA GLN C 606 40.44 41.58 -42.68
C GLN C 606 40.55 41.81 -41.18
N GLN C 607 41.51 41.19 -40.50
CA GLN C 607 41.68 41.28 -39.06
C GLN C 607 40.42 40.85 -38.31
N SER C 608 39.74 39.82 -38.83
CA SER C 608 38.60 39.22 -38.15
C SER C 608 38.39 37.83 -38.74
N ILE C 609 37.84 36.93 -37.91
CA ILE C 609 37.61 35.55 -38.29
C ILE C 609 36.12 35.27 -38.24
N SER C 610 35.57 34.73 -39.32
CA SER C 610 34.15 34.43 -39.41
C SER C 610 33.93 32.93 -39.25
N ILE C 611 32.92 32.57 -38.48
CA ILE C 611 32.59 31.17 -38.19
C ILE C 611 31.13 30.93 -38.55
N SER C 612 30.88 29.86 -39.31
CA SER C 612 29.53 29.38 -39.59
C SER C 612 29.56 27.85 -39.48
N LYS C 613 29.31 27.35 -38.27
CA LYS C 613 29.40 25.93 -38.00
C LYS C 613 28.40 25.55 -36.92
N ALA C 614 27.68 24.44 -37.15
CA ALA C 614 26.80 23.83 -36.15
C ALA C 614 25.78 24.83 -35.61
N GLY C 615 25.18 25.61 -36.52
CA GLY C 615 24.18 26.57 -36.10
C GLY C 615 24.73 27.82 -35.45
N ILE C 616 26.05 28.01 -35.47
CA ILE C 616 26.69 29.16 -34.85
C ILE C 616 27.27 30.03 -35.96
N VAL C 617 26.88 31.31 -35.97
CA VAL C 617 27.40 32.29 -36.91
C VAL C 617 27.98 33.44 -36.10
N THR C 618 29.30 33.63 -36.19
CA THR C 618 29.99 34.63 -35.40
C THR C 618 31.06 35.32 -36.22
N SER C 619 31.44 36.51 -35.77
CA SER C 619 32.66 37.17 -36.20
C SER C 619 33.48 37.56 -34.97
N LEU C 620 34.75 37.19 -34.97
CA LEU C 620 35.63 37.39 -33.82
C LEU C 620 36.82 38.24 -34.24
N GLN C 621 37.32 39.03 -33.29
CA GLN C 621 38.41 39.97 -33.54
C GLN C 621 39.75 39.24 -33.54
N ALA C 622 40.61 39.60 -34.48
CA ALA C 622 41.93 38.97 -34.60
C ALA C 622 43.03 40.02 -34.67
N ARG C 623 43.00 41.01 -33.77
CA ARG C 623 44.02 42.05 -33.72
C ARG C 623 45.28 41.45 -33.09
N CYS C 624 46.10 40.85 -33.94
CA CYS C 624 47.31 40.18 -33.51
C CYS C 624 48.44 40.45 -34.48
N THR C 625 49.68 40.30 -34.00
CA THR C 625 50.87 40.45 -34.81
C THR C 625 51.39 39.07 -35.19
N VAL C 626 51.70 38.89 -36.47
CA VAL C 626 52.07 37.58 -37.01
C VAL C 626 53.57 37.55 -37.28
N ILE C 627 54.24 36.54 -36.75
CA ILE C 627 55.65 36.28 -37.01
C ILE C 627 55.77 34.84 -37.49
N ALA C 628 56.43 34.64 -38.63
CA ALA C 628 56.49 33.34 -39.26
C ALA C 628 57.90 33.00 -39.71
N ALA C 629 58.17 31.70 -39.82
CA ALA C 629 59.46 31.17 -40.28
C ALA C 629 59.22 30.13 -41.37
N ALA C 630 60.16 30.04 -42.32
CA ALA C 630 59.99 29.13 -43.44
C ALA C 630 61.34 28.80 -44.07
N ASN C 631 61.33 27.80 -44.96
CA ASN C 631 62.47 27.31 -45.69
C ASN C 631 62.23 27.44 -47.20
N PRO C 632 63.28 27.57 -48.00
CA PRO C 632 63.09 27.72 -49.45
C PRO C 632 62.60 26.44 -50.10
N ILE C 633 62.23 26.57 -51.37
CA ILE C 633 61.60 25.46 -52.09
C ILE C 633 62.57 24.30 -52.28
N GLY C 634 63.77 24.60 -52.77
CA GLY C 634 64.74 23.56 -53.05
C GLY C 634 65.59 23.13 -51.87
N GLY C 635 65.39 23.74 -50.71
CA GLY C 635 66.22 23.47 -49.56
C GLY C 635 67.41 24.38 -49.42
N ARG C 636 67.70 25.22 -50.42
CA ARG C 636 68.78 26.19 -50.35
C ARG C 636 68.37 27.44 -51.10
N TYR C 637 68.66 28.60 -50.53
CA TYR C 637 68.29 29.86 -51.15
C TYR C 637 69.08 30.10 -52.42
N ASP C 638 68.41 30.59 -53.46
CA ASP C 638 69.05 30.88 -54.73
C ASP C 638 69.15 32.39 -54.92
N PRO C 639 70.35 32.97 -54.86
CA PRO C 639 70.48 34.43 -55.02
C PRO C 639 70.06 34.94 -56.38
N SER C 640 70.00 34.09 -57.40
CA SER C 640 69.64 34.51 -58.75
C SER C 640 68.14 34.59 -58.98
N LEU C 641 67.33 34.24 -57.99
CA LEU C 641 65.88 34.27 -58.12
C LEU C 641 65.29 35.20 -57.07
N THR C 642 64.11 35.74 -57.37
CA THR C 642 63.44 36.63 -56.44
C THR C 642 62.97 35.87 -55.21
N PHE C 643 62.53 36.63 -54.20
CA PHE C 643 62.05 36.00 -52.97
C PHE C 643 60.81 35.16 -53.24
N SER C 644 59.90 35.65 -54.08
CA SER C 644 58.68 34.91 -54.36
C SER C 644 58.97 33.59 -55.08
N GLU C 645 59.97 33.57 -55.95
CA GLU C 645 60.31 32.33 -56.65
C GLU C 645 61.01 31.33 -55.74
N ASN C 646 61.59 31.80 -54.63
CA ASN C 646 62.33 30.90 -53.75
C ASN C 646 61.43 30.26 -52.70
N VAL C 647 60.23 30.81 -52.49
CA VAL C 647 59.37 30.38 -51.40
C VAL C 647 58.08 29.81 -51.95
N ASP C 648 57.59 28.75 -51.28
CA ASP C 648 56.35 28.09 -51.66
C ASP C 648 55.12 28.97 -51.50
N LEU C 649 55.22 30.06 -50.77
CA LEU C 649 54.08 30.93 -50.52
C LEU C 649 53.71 31.72 -51.77
N THR C 650 52.55 32.37 -51.71
CA THR C 650 52.06 33.18 -52.81
C THR C 650 52.36 34.65 -52.58
N GLU C 651 52.29 35.43 -53.66
CA GLU C 651 52.51 36.86 -53.57
C GLU C 651 51.53 37.58 -52.66
N PRO C 652 50.21 37.32 -52.69
CA PRO C 652 49.31 38.04 -51.77
C PRO C 652 49.66 37.84 -50.30
N ILE C 653 50.11 36.64 -49.93
CA ILE C 653 50.47 36.39 -48.54
C ILE C 653 51.75 37.14 -48.17
N ILE C 654 52.72 37.15 -49.08
CA ILE C 654 53.98 37.85 -48.82
C ILE C 654 53.75 39.34 -48.70
N SER C 655 52.82 39.88 -49.51
CA SER C 655 52.58 41.31 -49.52
C SER C 655 52.10 41.82 -48.17
N ARG C 656 51.48 40.95 -47.36
CA ARG C 656 50.97 41.39 -46.07
C ARG C 656 52.09 41.73 -45.10
N PHE C 657 53.20 41.02 -45.14
CA PHE C 657 54.25 41.18 -44.15
C PHE C 657 55.03 42.47 -44.39
N ASP C 658 55.25 43.23 -43.31
CA ASP C 658 56.02 44.47 -43.42
C ASP C 658 57.50 44.19 -43.58
N ILE C 659 58.03 43.24 -42.84
CA ILE C 659 59.46 42.94 -42.82
C ILE C 659 59.69 41.53 -43.29
N LEU C 660 60.57 41.37 -44.28
CA LEU C 660 61.02 40.07 -44.77
C LEU C 660 62.50 39.95 -44.49
N CYS C 661 62.91 38.84 -43.88
CA CYS C 661 64.30 38.60 -43.58
C CYS C 661 64.74 37.31 -44.26
N VAL C 662 65.94 37.33 -44.85
CA VAL C 662 66.51 36.18 -45.55
C VAL C 662 67.80 35.80 -44.82
N VAL C 663 67.88 34.54 -44.40
CA VAL C 663 69.04 34.02 -43.71
C VAL C 663 69.66 32.97 -44.61
N ARG C 664 70.76 33.32 -45.27
CA ARG C 664 71.44 32.43 -46.20
C ARG C 664 72.71 31.91 -45.55
N ASP C 665 72.91 30.59 -45.62
CA ASP C 665 74.10 29.97 -45.04
C ASP C 665 75.25 30.03 -46.03
N THR C 666 76.38 30.58 -45.59
CA THR C 666 77.56 30.72 -46.42
C THR C 666 78.79 30.44 -45.58
N VAL C 667 79.74 29.72 -46.17
CA VAL C 667 80.92 29.26 -45.44
C VAL C 667 81.87 30.41 -45.18
N ASP C 668 81.82 30.97 -43.96
CA ASP C 668 82.81 31.94 -43.52
C ASP C 668 83.60 31.32 -42.39
N PRO C 669 84.90 31.05 -42.55
CA PRO C 669 85.65 30.34 -41.50
C PRO C 669 85.62 31.01 -40.15
N VAL C 670 85.72 32.34 -40.09
CA VAL C 670 85.74 33.03 -38.81
C VAL C 670 84.37 32.96 -38.15
N GLN C 671 83.31 33.23 -38.92
CA GLN C 671 81.96 33.16 -38.36
C GLN C 671 81.60 31.75 -37.92
N ASP C 672 81.98 30.76 -38.74
CA ASP C 672 81.74 29.37 -38.36
C ASP C 672 82.50 29.02 -37.09
N GLU C 673 83.74 29.49 -36.97
CA GLU C 673 84.53 29.23 -35.77
C GLU C 673 83.86 29.83 -34.53
N MET C 674 83.38 31.07 -34.64
CA MET C 674 82.73 31.71 -33.50
C MET C 674 81.43 30.99 -33.13
N LEU C 675 80.63 30.62 -34.13
CA LEU C 675 79.39 29.90 -33.85
C LEU C 675 79.66 28.57 -33.19
N ALA C 676 80.65 27.83 -33.69
CA ALA C 676 81.02 26.56 -33.07
C ALA C 676 81.51 26.76 -31.64
N ARG C 677 82.28 27.81 -31.41
CA ARG C 677 82.76 28.10 -30.06
C ARG C 677 81.59 28.33 -29.12
N PHE C 678 80.62 29.14 -29.55
CA PHE C 678 79.45 29.40 -28.71
C PHE C 678 78.66 28.12 -28.43
N VAL C 679 78.48 27.28 -29.46
CA VAL C 679 77.70 26.06 -29.27
C VAL C 679 78.40 25.12 -28.29
N VAL C 680 79.71 24.92 -28.46
CA VAL C 680 80.44 24.02 -27.56
C VAL C 680 80.49 24.60 -26.15
N GLY C 681 80.60 25.92 -26.03
CA GLY C 681 80.56 26.53 -24.71
C GLY C 681 79.23 26.35 -24.02
N SER C 682 78.14 26.46 -24.78
CA SER C 682 76.81 26.22 -24.22
C SER C 682 76.68 24.77 -23.77
N HIS C 683 77.18 23.83 -24.57
CA HIS C 683 77.11 22.43 -24.19
C HIS C 683 77.94 22.12 -22.95
N VAL C 684 79.13 22.73 -22.84
CA VAL C 684 79.99 22.49 -21.69
C VAL C 684 79.39 23.10 -20.44
N ARG C 685 78.83 24.31 -20.56
CA ARG C 685 78.30 25.02 -19.40
C ARG C 685 77.14 24.28 -18.77
N HIS C 686 76.26 23.71 -19.58
CA HIS C 686 75.00 23.16 -19.10
C HIS C 686 75.10 21.69 -18.70
N HIS C 687 76.31 21.19 -18.47
CA HIS C 687 76.46 19.85 -17.90
C HIS C 687 75.93 19.85 -16.47
N PRO C 688 75.29 18.78 -16.02
CA PRO C 688 74.67 18.80 -14.68
C PRO C 688 75.63 19.13 -13.55
N SER C 689 76.88 18.65 -13.62
CA SER C 689 77.86 18.93 -12.58
C SER C 689 78.52 20.29 -12.81
N TYR C 710 79.18 46.42 -29.19
CA TYR C 710 78.46 47.54 -29.78
C TYR C 710 77.51 48.14 -28.74
N GLY C 711 76.71 47.28 -28.12
CA GLY C 711 75.84 47.70 -27.04
C GLY C 711 76.58 47.65 -25.72
N VAL C 712 76.48 48.74 -24.95
CA VAL C 712 77.24 48.84 -23.71
C VAL C 712 76.76 47.79 -22.71
N GLU C 713 75.46 47.71 -22.49
CA GLU C 713 74.91 46.74 -21.55
C GLU C 713 73.44 46.49 -21.82
N PRO C 714 73.04 45.24 -22.08
CA PRO C 714 71.62 44.95 -22.26
C PRO C 714 70.87 45.08 -20.95
N LEU C 715 69.61 45.48 -21.06
CA LEU C 715 68.76 45.64 -19.88
C LEU C 715 68.34 44.27 -19.35
N PRO C 716 67.97 44.18 -18.07
CA PRO C 716 67.42 42.94 -17.55
C PRO C 716 66.09 42.60 -18.22
N GLN C 717 65.79 41.30 -18.28
CA GLN C 717 64.59 40.84 -18.97
C GLN C 717 63.33 41.38 -18.31
N GLU C 718 63.27 41.38 -16.97
CA GLU C 718 62.12 41.93 -16.28
C GLU C 718 62.02 43.43 -16.49
N VAL C 719 63.15 44.12 -16.47
CA VAL C 719 63.16 45.55 -16.76
C VAL C 719 62.68 45.80 -18.19
N LEU C 720 63.09 44.95 -19.12
CA LEU C 720 62.65 45.08 -20.50
C LEU C 720 61.13 44.88 -20.61
N LYS C 721 60.60 43.89 -19.88
CA LYS C 721 59.16 43.67 -19.88
C LYS C 721 58.41 44.88 -19.33
N LYS C 722 58.90 45.43 -18.23
CA LYS C 722 58.25 46.59 -17.63
C LYS C 722 58.30 47.79 -18.58
N TYR C 723 59.44 47.99 -19.24
CA TYR C 723 59.57 49.09 -20.20
C TYR C 723 58.61 48.90 -21.36
N ILE C 724 58.48 47.67 -21.86
CA ILE C 724 57.57 47.40 -22.97
C ILE C 724 56.13 47.72 -22.56
N ILE C 725 55.74 47.25 -21.37
CA ILE C 725 54.37 47.49 -20.91
C ILE C 725 54.10 48.98 -20.74
N TYR C 726 55.04 49.69 -20.11
CA TYR C 726 54.85 51.12 -19.90
C TYR C 726 54.78 51.88 -21.21
N ALA C 727 55.66 51.55 -22.17
CA ALA C 727 55.65 52.22 -23.46
C ALA C 727 54.36 51.95 -24.21
N LYS C 728 53.88 50.71 -24.19
CA LYS C 728 52.63 50.40 -24.87
C LYS C 728 51.46 51.15 -24.24
N GLU C 729 51.45 51.24 -22.91
CA GLU C 729 50.31 51.84 -22.22
C GLU C 729 50.30 53.36 -22.35
N ARG C 730 51.45 54.01 -22.18
CA ARG C 730 51.48 55.45 -21.95
C ARG C 730 52.24 56.26 -22.99
N VAL C 731 52.66 55.68 -24.10
CA VAL C 731 53.39 56.40 -25.14
C VAL C 731 52.54 56.40 -26.40
N HIS C 732 52.22 57.60 -26.89
CA HIS C 732 51.47 57.76 -28.14
C HIS C 732 52.13 58.87 -28.95
N PRO C 733 53.14 58.53 -29.74
CA PRO C 733 53.83 59.54 -30.54
C PRO C 733 52.89 60.18 -31.55
N LYS C 734 53.15 61.44 -31.86
CA LYS C 734 52.33 62.23 -32.76
C LYS C 734 53.15 62.62 -33.99
N LEU C 735 52.51 62.56 -35.16
CA LEU C 735 53.17 62.84 -36.43
C LEU C 735 53.11 64.31 -36.83
N ASN C 736 52.96 65.21 -35.86
CA ASN C 736 52.80 66.63 -36.16
C ASN C 736 54.07 67.31 -36.63
N GLN C 737 55.16 66.60 -36.91
CA GLN C 737 56.40 67.23 -37.37
C GLN C 737 57.02 66.46 -38.53
N MET C 738 56.19 65.82 -39.36
CA MET C 738 56.70 65.07 -40.49
C MET C 738 57.16 66.00 -41.60
N ASP C 739 58.10 65.53 -42.41
CA ASP C 739 58.61 66.27 -43.56
C ASP C 739 58.14 65.55 -44.82
N GLN C 740 57.12 66.12 -45.48
CA GLN C 740 56.54 65.48 -46.65
C GLN C 740 57.40 65.65 -47.90
N ASP C 741 58.19 66.73 -47.98
CA ASP C 741 58.97 66.99 -49.18
C ASP C 741 60.01 65.90 -49.42
N LYS C 742 60.80 65.59 -48.39
CA LYS C 742 61.84 64.56 -48.54
C LYS C 742 61.23 63.21 -48.83
N VAL C 743 60.14 62.87 -48.15
CA VAL C 743 59.49 61.57 -48.36
C VAL C 743 58.98 61.46 -49.79
N ALA C 744 58.33 62.52 -50.28
CA ALA C 744 57.79 62.49 -51.64
C ALA C 744 58.91 62.37 -52.66
N LYS C 745 60.00 63.14 -52.48
CA LYS C 745 61.10 63.08 -53.42
C LYS C 745 61.74 61.69 -53.42
N MET C 746 61.97 61.11 -52.24
CA MET C 746 62.57 59.79 -52.17
C MET C 746 61.67 58.74 -52.78
N TYR C 747 60.35 58.83 -52.55
CA TYR C 747 59.43 57.88 -53.14
C TYR C 747 59.45 57.97 -54.66
N SER C 748 59.46 59.19 -55.18
CA SER C 748 59.50 59.37 -56.63
C SER C 748 60.78 58.80 -57.21
N ASP C 749 61.92 59.05 -56.56
CA ASP C 749 63.19 58.54 -57.05
C ASP C 749 63.24 57.02 -56.99
N LEU C 750 62.73 56.44 -55.91
CA LEU C 750 62.70 54.99 -55.77
C LEU C 750 61.86 54.35 -56.87
N ARG C 751 60.67 54.91 -57.12
CA ARG C 751 59.83 54.37 -58.19
C ARG C 751 60.51 54.53 -59.54
N LYS C 752 61.15 55.67 -59.76
CA LYS C 752 61.84 55.92 -61.02
C LYS C 752 62.91 54.88 -61.28
N GLU C 753 63.77 54.63 -60.30
CA GLU C 753 64.86 53.68 -60.54
C GLU C 753 64.36 52.23 -60.53
N SER C 754 63.27 51.94 -59.81
CA SER C 754 62.67 50.62 -59.90
C SER C 754 62.16 50.35 -61.31
N MET C 755 61.52 51.35 -61.92
CA MET C 755 61.08 51.18 -63.30
C MET C 755 62.26 51.15 -64.26
N ALA C 756 63.33 51.89 -63.94
CA ALA C 756 64.52 51.87 -64.79
C ALA C 756 65.16 50.48 -64.80
N THR C 757 65.27 49.84 -63.64
CA THR C 757 65.71 48.45 -63.61
C THR C 757 64.71 47.53 -64.29
N GLY C 758 63.42 47.76 -64.06
CA GLY C 758 62.38 47.03 -64.74
C GLY C 758 61.84 45.83 -64.02
N SER C 759 61.83 45.83 -62.68
CA SER C 759 61.33 44.67 -61.94
C SER C 759 60.94 45.10 -60.52
N ILE C 760 59.78 44.64 -60.09
CA ILE C 760 59.27 44.82 -58.72
C ILE C 760 59.29 46.30 -58.34
N PRO C 761 58.40 47.12 -58.88
CA PRO C 761 58.38 48.54 -58.48
C PRO C 761 57.81 48.71 -57.08
N ILE C 762 58.23 49.81 -56.44
CA ILE C 762 57.77 50.11 -55.10
C ILE C 762 56.34 50.62 -55.15
N THR C 763 55.66 50.57 -54.01
CA THR C 763 54.29 51.03 -53.92
C THR C 763 54.10 51.83 -52.64
N VAL C 764 52.91 52.42 -52.49
CA VAL C 764 52.63 53.30 -51.36
C VAL C 764 52.65 52.54 -50.05
N ARG C 765 52.29 51.24 -50.08
CA ARG C 765 52.23 50.45 -48.85
C ARG C 765 53.52 50.55 -48.06
N HIS C 766 54.67 50.46 -48.72
CA HIS C 766 55.94 50.53 -48.02
C HIS C 766 56.04 51.79 -47.16
N ILE C 767 55.62 52.94 -47.71
CA ILE C 767 55.66 54.18 -46.96
C ILE C 767 54.89 54.02 -45.65
N GLU C 768 53.69 53.44 -45.72
CA GLU C 768 52.93 53.20 -44.50
C GLU C 768 53.76 52.44 -43.48
N SER C 769 54.37 51.33 -43.92
CA SER C 769 55.22 50.57 -43.02
C SER C 769 56.28 51.47 -42.39
N MET C 770 56.93 52.28 -43.22
CA MET C 770 57.93 53.21 -42.71
C MET C 770 57.35 54.05 -41.57
N ILE C 771 56.19 54.66 -41.80
CA ILE C 771 55.57 55.49 -40.77
C ILE C 771 55.39 54.67 -39.49
N ARG C 772 54.83 53.47 -39.63
CA ARG C 772 54.64 52.62 -38.47
C ARG C 772 55.97 52.38 -37.76
N MET C 773 57.00 52.01 -38.53
CA MET C 773 58.30 51.80 -37.93
C MET C 773 58.79 53.08 -37.25
N ALA C 774 58.60 54.22 -37.91
CA ALA C 774 58.94 55.49 -37.27
C ALA C 774 58.25 55.62 -35.93
N GLU C 775 56.92 55.38 -35.90
CA GLU C 775 56.20 55.43 -34.64
C GLU C 775 56.84 54.49 -33.62
N ALA C 776 57.16 53.27 -34.05
CA ALA C 776 57.78 52.32 -33.13
C ALA C 776 59.06 52.91 -32.56
N HIS C 777 59.89 53.52 -33.40
CA HIS C 777 61.12 54.11 -32.90
C HIS C 777 60.82 55.24 -31.92
N ALA C 778 59.81 56.05 -32.21
CA ALA C 778 59.43 57.11 -31.29
C ALA C 778 58.89 56.53 -29.99
N ARG C 779 58.34 55.31 -30.05
CA ARG C 779 57.90 54.66 -28.84
C ARG C 779 59.08 54.14 -28.03
N ILE C 780 60.21 53.87 -28.67
CA ILE C 780 61.37 53.36 -27.97
C ILE C 780 61.97 54.42 -27.06
N HIS C 781 62.13 55.65 -27.57
CA HIS C 781 62.72 56.74 -26.80
C HIS C 781 61.72 57.46 -25.93
N LEU C 782 60.48 56.98 -25.85
CA LEU C 782 59.40 57.64 -25.12
C LEU C 782 59.15 59.05 -25.64
N ARG C 783 59.45 59.28 -26.91
CA ARG C 783 59.16 60.56 -27.55
C ARG C 783 57.66 60.68 -27.80
N ASP C 784 57.10 61.83 -27.46
CA ASP C 784 55.70 62.09 -27.78
C ASP C 784 55.51 62.65 -29.18
N TYR C 785 56.58 63.02 -29.87
CA TYR C 785 56.50 63.56 -31.22
C TYR C 785 57.55 62.90 -32.09
N VAL C 786 57.25 62.80 -33.38
CA VAL C 786 58.14 62.14 -34.33
C VAL C 786 59.14 63.16 -34.87
N ILE C 787 60.42 62.77 -34.89
CA ILE C 787 61.49 63.61 -35.40
C ILE C 787 62.17 62.89 -36.56
N GLU C 788 63.20 63.53 -37.12
CA GLU C 788 63.80 63.04 -38.35
C GLU C 788 64.60 61.77 -38.14
N ASP C 789 65.14 61.55 -36.94
CA ASP C 789 65.96 60.37 -36.69
C ASP C 789 65.15 59.08 -36.87
N ASP C 790 63.96 59.03 -36.29
CA ASP C 790 63.11 57.86 -36.43
C ASP C 790 62.72 57.65 -37.88
N VAL C 791 62.40 58.73 -38.59
CA VAL C 791 62.01 58.62 -39.99
C VAL C 791 63.17 58.05 -40.82
N ASN C 792 64.39 58.53 -40.57
CA ASN C 792 65.53 58.04 -41.34
C ASN C 792 65.82 56.58 -41.02
N MET C 793 65.71 56.19 -39.75
CA MET C 793 65.92 54.78 -39.40
C MET C 793 64.88 53.88 -40.07
N ALA C 794 63.62 54.30 -40.06
CA ALA C 794 62.59 53.52 -40.74
C ALA C 794 62.83 53.46 -42.24
N ILE C 795 63.33 54.57 -42.81
CA ILE C 795 63.69 54.57 -44.22
C ILE C 795 64.76 53.53 -44.50
N ARG C 796 65.79 53.47 -43.65
CA ARG C 796 66.87 52.51 -43.85
C ARG C 796 66.34 51.07 -43.76
N VAL C 797 65.48 50.80 -42.77
CA VAL C 797 64.96 49.45 -42.61
C VAL C 797 64.12 49.04 -43.81
N MET C 798 63.22 49.94 -44.25
CA MET C 798 62.35 49.62 -45.38
C MET C 798 63.16 49.43 -46.65
N LEU C 799 64.18 50.27 -46.86
CA LEU C 799 65.01 50.12 -48.06
C LEU C 799 65.78 48.81 -48.04
N GLU C 800 66.31 48.42 -46.88
CA GLU C 800 67.02 47.15 -46.80
C GLU C 800 66.07 45.99 -47.12
N SER C 801 64.87 46.02 -46.55
CA SER C 801 63.91 44.95 -46.79
C SER C 801 63.53 44.89 -48.26
N PHE C 802 63.33 46.04 -48.89
CA PHE C 802 62.92 46.06 -50.30
C PHE C 802 64.04 45.56 -51.21
N ILE C 803 65.27 46.01 -50.95
CA ILE C 803 66.39 45.66 -51.82
C ILE C 803 66.74 44.18 -51.67
N ASP C 804 66.69 43.65 -50.45
CA ASP C 804 67.12 42.27 -50.23
C ASP C 804 66.27 41.26 -50.98
N THR C 805 65.06 41.63 -51.38
CA THR C 805 64.19 40.70 -52.10
C THR C 805 64.45 40.67 -53.59
N GLN C 806 65.35 41.51 -54.10
CA GLN C 806 65.64 41.54 -55.52
C GLN C 806 66.73 40.53 -55.87
N LYS C 807 66.84 40.22 -57.16
CA LYS C 807 67.88 39.31 -57.62
C LYS C 807 69.21 40.05 -57.74
N PHE C 808 70.25 39.28 -58.11
CA PHE C 808 71.64 39.71 -58.02
C PHE C 808 71.91 41.08 -58.64
N SER C 809 71.70 41.22 -59.95
CA SER C 809 72.07 42.45 -60.64
C SER C 809 71.25 43.64 -60.15
N VAL C 810 69.94 43.46 -60.01
CA VAL C 810 69.08 44.54 -59.55
C VAL C 810 69.46 44.95 -58.12
N MET C 811 69.70 43.96 -57.26
CA MET C 811 70.10 44.24 -55.88
C MET C 811 71.40 45.02 -55.85
N ARG C 812 72.38 44.61 -56.65
CA ARG C 812 73.67 45.30 -56.67
C ARG C 812 73.51 46.74 -57.15
N SER C 813 72.76 46.94 -58.23
CA SER C 813 72.57 48.30 -58.76
C SER C 813 71.87 49.19 -57.75
N MET C 814 70.80 48.69 -57.13
CA MET C 814 70.08 49.49 -56.14
C MET C 814 70.94 49.79 -54.94
N ARG C 815 71.73 48.81 -54.48
CA ARG C 815 72.60 49.04 -53.33
C ARG C 815 73.65 50.09 -53.65
N LYS C 816 74.21 50.05 -54.85
CA LYS C 816 75.22 51.04 -55.23
C LYS C 816 74.61 52.43 -55.34
N THR C 817 73.41 52.52 -55.92
CA THR C 817 72.82 53.83 -56.17
C THR C 817 72.30 54.49 -54.89
N PHE C 818 71.67 53.71 -54.01
CA PHE C 818 71.06 54.25 -52.80
C PHE C 818 71.98 54.19 -51.59
N ALA C 819 73.29 54.27 -51.80
CA ALA C 819 74.23 54.20 -50.68
C ALA C 819 74.08 55.40 -49.74
N ARG C 820 73.46 56.47 -50.21
CA ARG C 820 73.28 57.66 -49.36
C ARG C 820 72.33 57.36 -48.20
N TYR C 821 71.17 56.79 -48.50
CA TYR C 821 70.18 56.56 -47.45
C TYR C 821 70.53 55.36 -46.59
N LEU C 822 71.08 54.31 -47.21
CA LEU C 822 71.39 53.10 -46.46
C LEU C 822 72.54 53.30 -45.47
N SER C 823 73.28 54.40 -45.58
CA SER C 823 74.41 54.67 -44.71
C SER C 823 74.03 55.50 -43.50
N PHE C 824 72.75 55.59 -43.16
CA PHE C 824 72.32 56.36 -42.00
C PHE C 824 72.70 55.64 -40.72
N ARG C 825 73.51 56.31 -39.89
CA ARG C 825 74.01 55.77 -38.62
C ARG C 825 74.79 54.48 -38.81
N ARG C 826 75.34 54.26 -40.00
CA ARG C 826 76.17 53.09 -40.27
C ARG C 826 77.59 53.32 -39.76
N ASP C 827 78.38 52.26 -39.81
CA ASP C 827 79.79 52.31 -39.42
C ASP C 827 80.65 52.13 -40.67
N ASN C 828 81.59 53.06 -40.86
CA ASN C 828 82.50 52.94 -41.99
C ASN C 828 83.40 51.72 -41.86
N ASN C 829 83.79 51.39 -40.62
CA ASN C 829 84.66 50.23 -40.40
C ASN C 829 84.00 48.95 -40.86
N GLU C 830 82.68 48.83 -40.64
CA GLU C 830 81.95 47.65 -41.11
C GLU C 830 81.97 47.55 -42.62
N LEU C 831 81.81 48.70 -43.30
CA LEU C 831 81.85 48.70 -44.75
C LEU C 831 83.22 48.29 -45.27
N LEU C 832 84.28 48.81 -44.63
CA LEU C 832 85.64 48.43 -45.01
C LEU C 832 85.88 46.95 -44.77
N LEU C 833 85.34 46.42 -43.67
CA LEU C 833 85.44 44.99 -43.40
C LEU C 833 84.72 44.18 -44.47
N PHE C 834 83.57 44.68 -44.93
CA PHE C 834 82.85 44.01 -46.01
C PHE C 834 83.67 43.99 -47.29
N ILE C 835 84.32 45.11 -47.62
CA ILE C 835 85.17 45.17 -48.81
C ILE C 835 86.31 44.18 -48.69
N LEU C 836 86.95 44.15 -47.52
CA LEU C 836 88.07 43.23 -47.30
C LEU C 836 87.61 41.78 -47.41
N LYS C 837 86.43 41.47 -46.88
CA LYS C 837 85.90 40.11 -46.96
C LYS C 837 85.60 39.73 -48.40
N GLN C 838 85.06 40.67 -49.19
CA GLN C 838 84.79 40.37 -50.60
C GLN C 838 86.09 40.08 -51.34
N LEU C 839 87.12 40.90 -51.11
CA LEU C 839 88.41 40.67 -51.78
C LEU C 839 89.01 39.34 -51.35
N VAL C 840 88.91 39.02 -50.05
CA VAL C 840 89.46 37.77 -49.54
C VAL C 840 88.73 36.59 -50.18
N ALA C 841 87.41 36.69 -50.28
CA ALA C 841 86.62 35.61 -50.88
C ALA C 841 86.99 35.42 -52.34
N GLU C 842 87.19 36.52 -53.08
CA GLU C 842 87.60 36.43 -54.47
C GLU C 842 88.94 35.72 -54.59
N GLN C 843 89.90 36.12 -53.75
CA GLN C 843 91.23 35.50 -53.81
C GLN C 843 91.17 34.02 -53.47
N VAL C 844 90.39 33.67 -52.43
CA VAL C 844 90.28 32.27 -52.02
C VAL C 844 89.63 31.44 -53.12
N THR C 845 88.60 31.98 -53.76
CA THR C 845 87.94 31.26 -54.85
C THR C 845 88.90 31.04 -56.00
N TYR C 846 89.68 32.06 -56.36
CA TYR C 846 90.67 31.89 -57.43
C TYR C 846 91.69 30.83 -57.06
N GLN C 847 92.19 30.86 -55.83
CA GLN C 847 93.18 29.88 -55.39
C GLN C 847 92.62 28.47 -55.44
N ARG C 848 91.38 28.29 -54.96
CA ARG C 848 90.77 26.96 -54.96
C ARG C 848 90.50 26.46 -56.36
N ASN C 849 90.11 27.35 -57.28
CA ASN C 849 89.80 26.91 -58.64
C ASN C 849 91.06 26.56 -59.41
N ARG C 850 92.10 27.38 -59.29
CA ARG C 850 93.31 27.13 -60.09
C ARG C 850 94.19 26.05 -59.45
N PHE C 851 94.64 26.29 -58.23
CA PHE C 851 95.53 25.33 -57.56
C PHE C 851 94.83 24.01 -57.31
N GLY C 852 93.53 24.04 -57.08
CA GLY C 852 92.80 22.87 -56.64
C GLY C 852 92.76 22.69 -55.14
N ALA C 853 93.49 23.51 -54.39
CA ALA C 853 93.49 23.44 -52.94
C ALA C 853 93.90 24.82 -52.40
N GLN C 854 93.51 25.08 -51.16
CA GLN C 854 93.83 26.35 -50.54
C GLN C 854 95.31 26.43 -50.17
N GLN C 855 95.81 27.65 -50.07
CA GLN C 855 97.17 27.88 -49.59
C GLN C 855 97.14 28.20 -48.10
N ASP C 856 98.33 28.21 -47.50
CA ASP C 856 98.46 28.38 -46.05
C ASP C 856 98.18 29.81 -45.59
N THR C 857 98.31 30.80 -46.46
CA THR C 857 98.13 32.19 -46.08
C THR C 857 97.26 32.90 -47.10
N ILE C 858 96.64 33.99 -46.65
CA ILE C 858 95.84 34.86 -47.52
C ILE C 858 96.43 36.27 -47.41
N GLU C 859 96.70 36.90 -48.54
CA GLU C 859 97.26 38.24 -48.57
C GLU C 859 96.51 39.08 -49.60
N VAL C 860 96.47 40.38 -49.35
CA VAL C 860 95.78 41.30 -50.25
C VAL C 860 96.48 42.66 -50.22
N PRO C 861 96.71 43.29 -51.37
CA PRO C 861 97.32 44.62 -51.37
C PRO C 861 96.41 45.67 -50.77
N GLU C 862 97.03 46.68 -50.15
CA GLU C 862 96.28 47.79 -49.59
C GLU C 862 95.72 48.70 -50.68
N LYS C 863 96.34 48.72 -51.85
CA LYS C 863 95.93 49.66 -52.90
C LYS C 863 94.50 49.40 -53.36
N ASP C 864 94.12 48.13 -53.49
CA ASP C 864 92.74 47.81 -53.90
C ASP C 864 91.73 48.29 -52.87
N LEU C 865 92.03 48.06 -51.59
CA LEU C 865 91.13 48.51 -50.53
C LEU C 865 91.01 50.03 -50.54
N VAL C 866 92.13 50.73 -50.73
CA VAL C 866 92.12 52.18 -50.78
C VAL C 866 91.30 52.67 -51.97
N ASP C 867 91.46 52.03 -53.12
CA ASP C 867 90.71 52.42 -54.32
C ASP C 867 89.21 52.24 -54.11
N LYS C 868 88.81 51.11 -53.53
CA LYS C 868 87.39 50.88 -53.29
C LYS C 868 86.83 51.85 -52.25
N ALA C 869 87.61 52.15 -51.23
CA ALA C 869 87.18 53.15 -50.25
C ALA C 869 87.02 54.51 -50.90
N ARG C 870 87.92 54.87 -51.81
CA ARG C 870 87.78 56.11 -52.55
C ARG C 870 86.51 56.10 -53.40
N GLN C 871 86.20 54.95 -54.00
CA GLN C 871 84.94 54.81 -54.73
C GLN C 871 83.75 55.04 -53.82
N ILE C 872 83.86 54.61 -52.56
CA ILE C 872 82.83 54.93 -51.56
C ILE C 872 83.15 56.22 -50.81
N ASN C 873 84.12 57.00 -51.29
CA ASN C 873 84.45 58.31 -50.76
C ASN C 873 85.01 58.23 -49.33
N ILE C 874 85.93 57.27 -49.11
CA ILE C 874 86.64 57.13 -47.86
C ILE C 874 88.14 57.18 -48.16
N HIS C 875 88.86 58.06 -47.47
CA HIS C 875 90.26 58.31 -47.80
C HIS C 875 91.24 57.96 -46.69
N ASN C 876 90.78 57.66 -45.47
CA ASN C 876 91.66 57.31 -44.38
C ASN C 876 91.25 55.95 -43.81
N LEU C 877 92.26 55.12 -43.50
CA LEU C 877 92.01 53.78 -43.01
C LEU C 877 92.81 53.42 -41.76
N SER C 878 93.52 54.38 -41.16
CA SER C 878 94.30 54.07 -39.96
C SER C 878 93.40 53.67 -38.80
N ALA C 879 92.27 54.35 -38.64
CA ALA C 879 91.32 53.98 -37.60
C ALA C 879 90.77 52.59 -37.83
N PHE C 880 90.55 52.22 -39.10
CA PHE C 880 90.12 50.87 -39.43
C PHE C 880 91.18 49.85 -39.03
N TYR C 881 92.45 50.17 -39.27
CA TYR C 881 93.54 49.30 -38.86
C TYR C 881 93.57 49.14 -37.34
N ASP C 882 93.31 50.23 -36.61
CA ASP C 882 93.29 50.19 -35.16
C ASP C 882 91.94 49.80 -34.59
N SER C 883 90.94 49.54 -35.44
CA SER C 883 89.62 49.19 -34.97
C SER C 883 89.59 47.76 -34.42
N GLU C 884 88.63 47.50 -33.54
CA GLU C 884 88.48 46.16 -32.97
C GLU C 884 87.98 45.16 -34.01
N LEU C 885 87.24 45.63 -35.01
CA LEU C 885 86.76 44.74 -36.06
C LEU C 885 87.93 44.14 -36.84
N PHE C 886 88.99 44.92 -37.03
CA PHE C 886 90.17 44.43 -37.74
C PHE C 886 90.82 43.29 -36.98
N ARG C 887 90.91 43.41 -35.65
CA ARG C 887 91.56 42.37 -34.86
C ARG C 887 90.65 41.16 -34.68
N MET C 888 89.34 41.37 -34.60
CA MET C 888 88.41 40.28 -34.35
C MET C 888 88.45 39.25 -35.47
N ASN C 889 88.54 39.71 -36.72
CA ASN C 889 88.67 38.81 -37.85
C ASN C 889 90.11 38.35 -38.07
N LYS C 890 91.00 38.62 -37.13
CA LYS C 890 92.40 38.18 -37.18
C LYS C 890 93.10 38.70 -38.44
N PHE C 891 92.80 39.94 -38.81
CA PHE C 891 93.54 40.60 -39.87
C PHE C 891 94.76 41.31 -39.30
N SER C 892 95.81 41.41 -40.13
CA SER C 892 96.99 42.16 -39.78
C SER C 892 97.39 43.03 -40.97
N HIS C 893 98.04 44.16 -40.69
CA HIS C 893 98.52 45.07 -41.72
C HIS C 893 100.02 45.21 -41.58
N ASP C 894 100.74 44.99 -42.69
CA ASP C 894 102.19 45.09 -42.72
C ASP C 894 102.58 46.27 -43.58
N LEU C 895 103.27 47.24 -42.98
CA LEU C 895 103.79 48.39 -43.72
C LEU C 895 105.08 48.06 -44.44
N LYS C 896 105.79 47.00 -44.02
CA LYS C 896 107.01 46.59 -44.71
C LYS C 896 106.74 46.15 -46.13
N ARG C 897 105.52 45.71 -46.43
CA ARG C 897 105.14 45.31 -47.77
C ARG C 897 103.87 46.01 -48.27
N LYS C 898 103.27 46.88 -47.46
CA LYS C 898 101.99 47.52 -47.79
C LYS C 898 100.93 46.47 -48.09
N MET C 899 100.77 45.50 -47.18
CA MET C 899 99.90 44.36 -47.42
C MET C 899 98.99 44.13 -46.23
N ILE C 900 97.94 43.34 -46.46
CA ILE C 900 97.03 42.91 -45.42
C ILE C 900 97.02 41.39 -45.42
N LEU C 901 97.23 40.80 -44.26
CA LEU C 901 97.41 39.36 -44.11
C LEU C 901 96.29 38.77 -43.26
N GLN C 902 95.79 37.61 -43.67
CA GLN C 902 94.79 36.85 -42.92
C GLN C 902 95.05 35.35 -43.08
N ALA D 4 -19.37 2.25 -15.13
CA ALA D 4 -19.80 3.52 -14.54
C ALA D 4 -21.24 3.84 -14.94
N GLY D 5 -22.10 4.00 -13.94
CA GLY D 5 -23.50 4.31 -14.16
C GLY D 5 -23.82 5.78 -14.28
N THR D 6 -22.82 6.66 -14.26
CA THR D 6 -23.08 8.09 -14.35
C THR D 6 -23.50 8.48 -15.76
N VAL D 7 -24.59 9.24 -15.87
CA VAL D 7 -25.08 9.73 -17.13
C VAL D 7 -25.42 11.22 -17.00
N VAL D 8 -25.50 11.89 -18.13
CA VAL D 8 -25.81 13.31 -18.21
C VAL D 8 -27.19 13.47 -18.84
N LEU D 9 -28.01 14.32 -18.23
CA LEU D 9 -29.35 14.55 -18.74
C LEU D 9 -29.47 15.78 -19.61
N ASP D 10 -28.89 16.91 -19.22
CA ASP D 10 -28.99 18.13 -20.01
C ASP D 10 -27.62 18.78 -20.13
N ASP D 11 -27.39 19.40 -21.29
CA ASP D 11 -26.19 20.18 -21.53
C ASP D 11 -26.52 21.17 -22.64
N VAL D 12 -26.65 22.45 -22.29
CA VAL D 12 -27.12 23.45 -23.25
C VAL D 12 -26.11 23.61 -24.37
N GLU D 13 -24.83 23.72 -24.03
CA GLU D 13 -23.81 24.05 -25.03
C GLU D 13 -23.69 22.94 -26.08
N LEU D 14 -23.58 21.69 -25.63
CA LEU D 14 -23.40 20.59 -26.58
C LEU D 14 -24.61 20.41 -27.47
N ARG D 15 -25.82 20.48 -26.90
CA ARG D 15 -27.02 20.34 -27.70
C ARG D 15 -27.16 21.48 -28.70
N GLU D 16 -26.87 22.71 -28.28
CA GLU D 16 -26.96 23.84 -29.20
C GLU D 16 -25.93 23.74 -30.31
N ALA D 17 -24.71 23.29 -29.99
CA ALA D 17 -23.69 23.14 -31.02
C ALA D 17 -24.09 22.06 -32.03
N GLN D 18 -24.65 20.95 -31.54
CA GLN D 18 -25.11 19.92 -32.45
C GLN D 18 -26.23 20.44 -33.35
N ARG D 19 -27.15 21.22 -32.79
CA ARG D 19 -28.21 21.82 -33.60
C ARG D 19 -27.62 22.76 -34.65
N ASP D 20 -26.62 23.53 -34.27
CA ASP D 20 -25.99 24.46 -35.20
C ASP D 20 -25.35 23.72 -36.37
N TYR D 21 -24.66 22.61 -36.07
CA TYR D 21 -24.07 21.83 -37.17
C TYR D 21 -25.14 21.15 -38.01
N LEU D 22 -26.25 20.75 -37.39
CA LEU D 22 -27.36 20.19 -38.15
C LEU D 22 -27.90 21.20 -39.15
N ASP D 23 -28.04 22.46 -38.72
CA ASP D 23 -28.48 23.50 -39.65
C ASP D 23 -27.40 23.84 -40.66
N PHE D 24 -26.13 23.70 -40.28
CA PHE D 24 -25.03 24.00 -41.19
C PHE D 24 -25.01 23.02 -42.36
N LEU D 25 -25.25 21.74 -42.08
CA LEU D 25 -25.12 20.73 -43.14
C LEU D 25 -26.44 20.34 -43.78
N ASP D 26 -27.46 21.21 -43.76
CA ASP D 26 -28.74 20.86 -44.37
C ASP D 26 -28.68 20.97 -45.90
N ASP D 27 -28.36 22.17 -46.40
CA ASP D 27 -28.27 22.43 -47.84
C ASP D 27 -29.56 22.09 -48.58
N GLU D 28 -30.66 22.66 -48.11
CA GLU D 28 -31.95 22.58 -48.80
C GLU D 28 -32.40 23.91 -49.38
N GLU D 29 -32.42 24.95 -48.54
CA GLU D 29 -32.79 26.30 -48.96
C GLU D 29 -31.58 27.11 -49.38
N ASP D 30 -30.43 26.46 -49.57
CA ASP D 30 -29.18 27.14 -49.88
C ASP D 30 -28.56 26.48 -51.11
N GLN D 31 -27.50 27.11 -51.60
CA GLN D 31 -26.74 26.57 -52.72
C GLN D 31 -25.63 25.63 -52.26
N GLY D 32 -25.76 25.05 -51.08
CA GLY D 32 -24.70 24.21 -50.55
C GLY D 32 -24.51 22.94 -51.37
N ILE D 33 -23.34 22.34 -51.22
CA ILE D 33 -22.95 21.18 -52.01
C ILE D 33 -22.76 19.93 -51.16
N TYR D 34 -22.78 20.07 -49.83
CA TYR D 34 -22.38 18.99 -48.93
C TYR D 34 -23.27 17.75 -49.09
N GLN D 35 -24.50 17.93 -49.57
CA GLN D 35 -25.35 16.76 -49.81
C GLN D 35 -24.76 15.87 -50.90
N SER D 36 -24.33 16.47 -52.00
CA SER D 36 -23.68 15.69 -53.05
C SER D 36 -22.34 15.13 -52.58
N LYS D 37 -21.67 15.84 -51.68
CA LYS D 37 -20.43 15.32 -51.09
C LYS D 37 -20.71 14.05 -50.29
N VAL D 38 -21.77 14.06 -49.50
CA VAL D 38 -22.14 12.87 -48.72
C VAL D 38 -22.53 11.73 -49.65
N ARG D 39 -23.26 12.05 -50.72
CA ARG D 39 -23.62 11.01 -51.69
C ARG D 39 -22.38 10.43 -52.37
N GLU D 40 -21.39 11.28 -52.67
CA GLU D 40 -20.13 10.81 -53.23
C GLU D 40 -19.39 9.92 -52.24
N LEU D 41 -19.40 10.29 -50.95
CA LEU D 41 -18.75 9.46 -49.94
C LEU D 41 -19.43 8.09 -49.84
N ILE D 42 -20.75 8.07 -49.88
CA ILE D 42 -21.47 6.79 -49.88
C ILE D 42 -21.12 5.97 -51.12
N SER D 43 -21.01 6.64 -52.27
CA SER D 43 -20.65 5.94 -53.50
C SER D 43 -19.24 5.36 -53.43
N ASP D 44 -18.31 6.08 -52.82
CA ASP D 44 -16.91 5.69 -52.80
C ASP D 44 -16.52 4.88 -51.57
N ASN D 45 -17.46 4.59 -50.68
CA ASN D 45 -17.24 3.80 -49.48
C ASN D 45 -16.26 4.44 -48.50
N GLN D 46 -15.97 5.73 -48.65
CA GLN D 46 -15.12 6.45 -47.73
C GLN D 46 -15.95 6.96 -46.54
N TYR D 47 -15.27 7.30 -45.45
CA TYR D 47 -15.99 7.60 -44.21
C TYR D 47 -15.47 8.85 -43.51
N ARG D 48 -15.14 9.90 -44.26
CA ARG D 48 -14.79 11.18 -43.65
C ARG D 48 -15.10 12.30 -44.63
N LEU D 49 -15.27 13.50 -44.08
CA LEU D 49 -15.63 14.68 -44.87
C LEU D 49 -14.64 15.82 -44.61
N ILE D 50 -14.47 16.67 -45.61
CA ILE D 50 -13.65 17.87 -45.51
C ILE D 50 -14.57 19.09 -45.68
N VAL D 51 -14.50 20.01 -44.73
CA VAL D 51 -15.37 21.18 -44.70
C VAL D 51 -14.51 22.43 -44.63
N ASN D 52 -14.84 23.42 -45.45
CA ASN D 52 -14.10 24.67 -45.51
C ASN D 52 -14.33 25.46 -44.23
N VAL D 53 -13.25 25.92 -43.59
CA VAL D 53 -13.38 26.73 -42.39
C VAL D 53 -13.93 28.11 -42.73
N ASN D 54 -13.48 28.69 -43.84
CA ASN D 54 -13.99 30.00 -44.24
C ASN D 54 -15.48 29.95 -44.53
N ASP D 55 -15.96 28.86 -45.12
CA ASP D 55 -17.40 28.69 -45.35
C ASP D 55 -18.17 28.69 -44.04
N LEU D 56 -17.66 27.96 -43.05
CA LEU D 56 -18.31 27.91 -41.75
C LEU D 56 -18.32 29.30 -41.09
N ARG D 57 -17.19 30.01 -41.19
CA ARG D 57 -17.12 31.34 -40.61
C ARG D 57 -18.10 32.29 -41.27
N ARG D 58 -18.24 32.20 -42.60
CA ARG D 58 -19.22 33.02 -43.31
C ARG D 58 -20.63 32.70 -42.87
N LYS D 59 -20.96 31.41 -42.77
CA LYS D 59 -22.32 31.04 -42.36
C LYS D 59 -22.54 31.27 -40.88
N ASN D 60 -21.58 30.89 -40.05
CA ASN D 60 -21.72 31.02 -38.59
C ASN D 60 -20.34 31.32 -38.02
N GLU D 61 -20.10 32.59 -37.68
CA GLU D 61 -18.78 32.99 -37.21
C GLU D 61 -18.51 32.49 -35.79
N LYS D 62 -19.54 32.45 -34.94
CA LYS D 62 -19.34 32.03 -33.56
C LYS D 62 -18.91 30.58 -33.48
N ARG D 63 -19.54 29.72 -34.28
CA ARG D 63 -19.15 28.31 -34.29
C ARG D 63 -17.71 28.13 -34.76
N ALA D 64 -17.32 28.89 -35.79
CA ALA D 64 -15.93 28.81 -36.26
C ALA D 64 -14.96 29.27 -35.19
N ASN D 65 -15.29 30.36 -34.50
CA ASN D 65 -14.43 30.84 -33.42
C ASN D 65 -14.28 29.79 -32.33
N ARG D 66 -15.40 29.19 -31.91
CA ARG D 66 -15.35 28.18 -30.87
C ARG D 66 -14.57 26.95 -31.31
N LEU D 67 -14.76 26.53 -32.57
CA LEU D 67 -14.06 25.35 -33.07
C LEU D 67 -12.56 25.58 -33.14
N LEU D 68 -12.14 26.75 -33.62
CA LEU D 68 -10.71 27.05 -33.66
C LEU D 68 -10.13 27.17 -32.26
N ASN D 69 -10.86 27.81 -31.34
CA ASN D 69 -10.36 27.96 -29.98
C ASN D 69 -10.49 26.67 -29.17
N ASN D 70 -11.56 25.91 -29.37
CA ASN D 70 -11.75 24.64 -28.67
C ASN D 70 -12.03 23.57 -29.72
N ALA D 71 -11.23 22.50 -29.71
CA ALA D 71 -11.25 21.54 -30.80
C ALA D 71 -12.06 20.28 -30.47
N PHE D 72 -11.73 19.61 -29.36
CA PHE D 72 -12.19 18.24 -29.15
C PHE D 72 -13.72 18.16 -29.07
N GLU D 73 -14.33 18.97 -28.21
CA GLU D 73 -15.78 18.90 -28.04
C GLU D 73 -16.51 19.25 -29.33
N GLU D 74 -16.05 20.30 -30.02
CA GLU D 74 -16.68 20.70 -31.28
C GLU D 74 -16.51 19.63 -32.34
N LEU D 75 -15.34 18.99 -32.39
CA LEU D 75 -15.14 17.90 -33.33
C LEU D 75 -16.06 16.72 -33.02
N VAL D 76 -16.28 16.45 -31.73
CA VAL D 76 -17.20 15.38 -31.34
C VAL D 76 -18.61 15.72 -31.83
N ALA D 77 -19.01 16.98 -31.68
CA ALA D 77 -20.32 17.40 -32.16
C ALA D 77 -20.43 17.26 -33.68
N PHE D 78 -19.37 17.64 -34.40
CA PHE D 78 -19.33 17.42 -35.85
C PHE D 78 -19.55 15.95 -36.20
N GLN D 79 -18.83 15.06 -35.52
CA GLN D 79 -18.93 13.65 -35.83
C GLN D 79 -20.33 13.12 -35.54
N ARG D 80 -20.94 13.58 -34.44
CA ARG D 80 -22.31 13.18 -34.14
C ARG D 80 -23.28 13.66 -35.22
N ALA D 81 -23.09 14.90 -35.68
CA ALA D 81 -23.97 15.42 -36.74
C ALA D 81 -23.79 14.65 -38.03
N LEU D 82 -22.55 14.28 -38.37
CA LEU D 82 -22.32 13.45 -39.55
C LEU D 82 -23.04 12.12 -39.42
N LYS D 83 -22.95 11.50 -38.25
CA LYS D 83 -23.63 10.23 -38.06
C LYS D 83 -25.14 10.40 -38.24
N ASP D 84 -25.70 11.49 -37.71
CA ASP D 84 -27.13 11.73 -37.83
C ASP D 84 -27.54 11.89 -39.30
N PHE D 85 -26.79 12.70 -40.07
CA PHE D 85 -27.19 12.94 -41.45
C PHE D 85 -26.92 11.74 -42.35
N VAL D 86 -25.86 10.98 -42.08
CA VAL D 86 -25.64 9.76 -42.85
C VAL D 86 -26.77 8.77 -42.59
N ALA D 87 -27.21 8.67 -41.33
CA ALA D 87 -28.37 7.83 -41.03
C ALA D 87 -29.61 8.35 -41.73
N SER D 88 -29.78 9.68 -41.78
CA SER D 88 -30.97 10.27 -42.39
C SER D 88 -31.02 9.96 -43.88
N ILE D 89 -29.93 10.23 -44.60
CA ILE D 89 -29.93 10.02 -46.05
C ILE D 89 -30.00 8.54 -46.37
N ASP D 90 -29.17 7.72 -45.71
CA ASP D 90 -29.15 6.28 -45.96
C ASP D 90 -28.70 5.60 -44.67
N ALA D 91 -29.67 5.12 -43.88
CA ALA D 91 -29.35 4.50 -42.61
C ALA D 91 -28.62 3.17 -42.80
N THR D 92 -28.78 2.53 -43.95
CA THR D 92 -28.14 1.24 -44.18
C THR D 92 -26.62 1.37 -44.20
N TYR D 93 -26.11 2.42 -44.85
CA TYR D 93 -24.66 2.58 -44.98
C TYR D 93 -24.02 2.93 -43.65
N ALA D 94 -24.74 3.61 -42.76
CA ALA D 94 -24.16 4.03 -41.49
C ALA D 94 -23.91 2.84 -40.57
N LYS D 95 -24.43 1.67 -40.91
CA LYS D 95 -24.24 0.49 -40.06
C LYS D 95 -22.81 -0.02 -40.14
N GLN D 96 -22.14 0.18 -41.27
CA GLN D 96 -20.83 -0.42 -41.49
C GLN D 96 -19.79 0.14 -40.52
N TYR D 97 -19.78 1.46 -40.33
CA TYR D 97 -18.73 2.12 -39.58
C TYR D 97 -19.26 2.62 -38.24
N GLU D 98 -18.39 2.58 -37.23
CA GLU D 98 -18.75 3.07 -35.91
C GLU D 98 -19.05 4.56 -35.93
N GLU D 99 -18.05 5.38 -36.22
CA GLU D 99 -18.22 6.82 -36.28
C GLU D 99 -17.39 7.39 -37.43
N PHE D 100 -17.91 8.44 -38.04
CA PHE D 100 -17.26 9.13 -39.14
C PHE D 100 -16.43 10.30 -38.61
N TYR D 101 -15.63 10.89 -39.50
CA TYR D 101 -14.68 11.92 -39.10
C TYR D 101 -14.81 13.15 -39.99
N VAL D 102 -14.20 14.25 -39.52
CA VAL D 102 -14.29 15.55 -40.19
C VAL D 102 -12.89 16.03 -40.51
N GLY D 103 -12.69 16.50 -41.74
CA GLY D 103 -11.49 17.21 -42.12
C GLY D 103 -11.72 18.71 -42.13
N LEU D 104 -10.64 19.49 -42.15
CA LEU D 104 -10.74 20.94 -42.17
C LEU D 104 -9.92 21.52 -43.32
N GLU D 105 -10.39 22.64 -43.85
CA GLU D 105 -9.78 23.25 -45.03
C GLU D 105 -10.13 24.72 -45.04
N GLY D 106 -9.33 25.49 -45.76
CA GLY D 106 -9.51 26.93 -45.86
C GLY D 106 -8.34 27.68 -45.23
N SER D 107 -8.43 29.01 -45.31
CA SER D 107 -7.38 29.88 -44.80
C SER D 107 -7.61 30.10 -43.31
N PHE D 108 -6.74 29.52 -42.49
CA PHE D 108 -6.86 29.66 -41.04
C PHE D 108 -6.40 31.02 -40.54
N GLY D 109 -5.61 31.74 -41.34
CA GLY D 109 -5.17 33.07 -40.96
C GLY D 109 -4.04 33.10 -39.94
N SER D 110 -4.35 33.58 -38.74
CA SER D 110 -3.32 33.71 -37.71
C SER D 110 -2.80 32.34 -37.27
N LYS D 111 -3.64 31.31 -37.34
CA LYS D 111 -3.23 29.99 -36.89
C LYS D 111 -2.35 29.26 -37.91
N HIS D 112 -2.16 29.83 -39.10
CA HIS D 112 -1.19 29.28 -40.04
C HIS D 112 0.21 29.43 -39.44
N VAL D 113 0.79 28.32 -38.98
CA VAL D 113 1.95 28.35 -38.10
C VAL D 113 3.01 27.39 -38.61
N SER D 114 4.25 27.88 -38.66
CA SER D 114 5.44 27.15 -39.01
C SER D 114 5.89 26.26 -37.86
N PRO D 115 6.61 25.17 -38.14
CA PRO D 115 7.09 24.30 -37.04
C PRO D 115 7.96 25.04 -36.04
N ARG D 116 8.62 26.12 -36.49
CA ARG D 116 9.40 26.94 -35.58
C ARG D 116 8.53 27.82 -34.68
N THR D 117 7.35 28.22 -35.15
CA THR D 117 6.51 29.14 -34.40
C THR D 117 5.36 28.46 -33.66
N LEU D 118 5.32 27.14 -33.62
CA LEU D 118 4.36 26.46 -32.76
C LEU D 118 4.74 26.66 -31.30
N THR D 119 3.78 27.10 -30.50
CA THR D 119 4.03 27.41 -29.10
C THR D 119 2.91 26.82 -28.26
N SER D 120 3.09 26.95 -26.94
CA SER D 120 2.06 26.46 -26.01
C SER D 120 0.79 27.30 -26.07
N CYS D 121 0.86 28.47 -26.71
CA CYS D 121 -0.33 29.31 -26.84
C CYS D 121 -1.38 28.67 -27.72
N PHE D 122 -0.98 27.78 -28.62
CA PHE D 122 -1.91 27.13 -29.54
C PHE D 122 -2.35 25.75 -29.06
N LEU D 123 -2.04 25.38 -27.81
CA LEU D 123 -2.41 24.06 -27.32
C LEU D 123 -3.93 23.91 -27.29
N SER D 124 -4.38 22.69 -27.58
CA SER D 124 -5.78 22.26 -27.61
C SER D 124 -6.56 22.92 -28.74
N CYS D 125 -5.91 23.63 -29.66
CA CYS D 125 -6.58 24.23 -30.81
C CYS D 125 -6.19 23.49 -32.08
N VAL D 126 -6.89 23.82 -33.16
CA VAL D 126 -6.59 23.26 -34.48
C VAL D 126 -5.62 24.18 -35.18
N VAL D 127 -4.51 23.62 -35.64
CA VAL D 127 -3.44 24.39 -36.26
C VAL D 127 -3.12 23.82 -37.63
N CYS D 128 -2.50 24.65 -38.47
CA CYS D 128 -2.03 24.27 -39.79
C CYS D 128 -0.52 24.47 -39.86
N VAL D 129 0.17 23.52 -40.48
CA VAL D 129 1.63 23.52 -40.50
C VAL D 129 2.10 23.04 -41.88
N GLU D 130 3.16 23.67 -42.38
CA GLU D 130 3.76 23.29 -43.65
C GLU D 130 5.18 22.80 -43.40
N GLY D 131 5.53 21.64 -43.93
CA GLY D 131 6.84 21.08 -43.66
C GLY D 131 7.21 19.98 -44.62
N ILE D 132 8.34 19.34 -44.34
CA ILE D 132 8.83 18.21 -45.11
C ILE D 132 8.89 17.00 -44.19
N VAL D 133 8.72 15.81 -44.76
CA VAL D 133 8.66 14.56 -44.00
C VAL D 133 10.05 13.94 -43.97
N THR D 134 10.49 13.54 -42.77
CA THR D 134 11.81 12.97 -42.60
C THR D 134 11.83 11.55 -42.07
N LYS D 135 10.94 11.19 -41.15
CA LYS D 135 10.91 9.85 -40.58
C LYS D 135 9.51 9.27 -40.69
N CYS D 136 9.45 7.99 -41.04
CA CYS D 136 8.20 7.24 -41.09
C CYS D 136 8.42 5.89 -40.45
N SER D 137 7.33 5.29 -39.98
CA SER D 137 7.38 4.01 -39.29
C SER D 137 6.46 3.01 -39.96
N LEU D 138 6.68 1.74 -39.65
CA LEU D 138 5.87 0.68 -40.23
C LEU D 138 4.44 0.75 -39.72
N VAL D 139 3.51 0.26 -40.54
CA VAL D 139 2.09 0.27 -40.19
C VAL D 139 1.83 -0.84 -39.18
N ARG D 140 1.16 -0.50 -38.08
CA ARG D 140 0.91 -1.54 -37.10
C ARG D 140 -0.56 -1.57 -36.71
N PRO D 141 -1.16 -2.76 -36.57
CA PRO D 141 -2.55 -2.84 -36.12
C PRO D 141 -2.68 -2.65 -34.62
N LYS D 142 -3.87 -2.20 -34.22
CA LYS D 142 -4.23 -1.94 -32.84
C LYS D 142 -5.62 -2.51 -32.58
N VAL D 143 -5.78 -3.14 -31.41
CA VAL D 143 -7.02 -3.84 -31.09
C VAL D 143 -8.07 -2.84 -30.61
N VAL D 144 -9.31 -3.05 -31.05
CA VAL D 144 -10.41 -2.18 -30.62
C VAL D 144 -11.48 -3.03 -29.94
N ARG D 145 -11.86 -4.14 -30.57
CA ARG D 145 -12.86 -5.05 -30.02
C ARG D 145 -12.32 -6.47 -30.09
N SER D 146 -12.35 -7.17 -28.96
CA SER D 146 -11.77 -8.51 -28.84
C SER D 146 -12.87 -9.53 -28.62
N VAL D 147 -12.70 -10.73 -29.20
CA VAL D 147 -13.69 -11.80 -29.11
C VAL D 147 -12.97 -13.09 -28.73
N HIS D 148 -13.53 -13.81 -27.74
CA HIS D 148 -12.93 -15.02 -27.23
C HIS D 148 -13.97 -16.13 -27.13
N TYR D 149 -13.51 -17.38 -27.18
CA TYR D 149 -14.36 -18.56 -27.15
C TYR D 149 -13.83 -19.56 -26.13
N CYS D 150 -14.74 -20.24 -25.45
CA CYS D 150 -14.38 -21.21 -24.40
C CYS D 150 -14.77 -22.62 -24.82
N PRO D 151 -13.83 -23.46 -25.25
CA PRO D 151 -14.21 -24.84 -25.62
C PRO D 151 -14.79 -25.64 -24.47
N ALA D 152 -14.44 -25.31 -23.23
CA ALA D 152 -14.94 -26.07 -22.09
C ALA D 152 -16.44 -25.86 -21.87
N THR D 153 -16.92 -24.63 -22.04
CA THR D 153 -18.31 -24.30 -21.78
C THR D 153 -19.07 -23.87 -23.02
N LYS D 154 -18.42 -23.81 -24.18
CA LYS D 154 -19.07 -23.46 -25.45
C LYS D 154 -19.77 -22.10 -25.36
N LYS D 155 -19.03 -21.11 -24.85
CA LYS D 155 -19.54 -19.75 -24.72
C LYS D 155 -18.52 -18.78 -25.29
N THR D 156 -19.03 -17.74 -25.96
CA THR D 156 -18.19 -16.72 -26.56
C THR D 156 -18.48 -15.38 -25.90
N ILE D 157 -17.41 -14.61 -25.66
CA ILE D 157 -17.53 -13.30 -25.03
C ILE D 157 -16.81 -12.27 -25.89
N GLU D 158 -17.14 -11.00 -25.65
CA GLU D 158 -16.56 -9.88 -26.37
C GLU D 158 -16.23 -8.76 -25.39
N ARG D 159 -15.06 -8.15 -25.58
CA ARG D 159 -14.61 -7.02 -24.78
C ARG D 159 -14.34 -5.82 -25.66
N ARG D 160 -14.72 -4.64 -25.19
CA ARG D 160 -14.55 -3.40 -25.93
C ARG D 160 -13.41 -2.59 -25.33
N TYR D 161 -12.61 -1.97 -26.19
CA TYR D 161 -11.48 -1.16 -25.78
C TYR D 161 -11.65 0.27 -26.27
N SER D 162 -11.29 1.23 -25.41
CA SER D 162 -11.34 2.65 -25.78
C SER D 162 -10.23 3.35 -24.99
N ASP D 163 -9.11 3.61 -25.66
CA ASP D 163 -7.93 4.16 -25.02
C ASP D 163 -7.76 5.67 -25.27
N LEU D 164 -7.65 6.06 -26.54
CA LEU D 164 -7.54 7.47 -26.88
C LEU D 164 -8.89 8.15 -27.07
N THR D 165 -9.99 7.38 -27.06
CA THR D 165 -11.31 7.99 -27.05
C THR D 165 -11.51 8.83 -25.80
N THR D 166 -11.06 8.33 -24.66
CA THR D 166 -11.08 9.06 -23.41
C THR D 166 -9.72 9.69 -23.17
N LEU D 167 -9.71 10.86 -22.52
CA LEU D 167 -8.46 11.60 -22.33
C LEU D 167 -7.48 10.83 -21.46
N VAL D 168 -7.96 10.23 -20.36
CA VAL D 168 -7.12 9.54 -19.40
C VAL D 168 -7.64 8.12 -19.24
N ALA D 169 -6.72 7.15 -19.26
CA ALA D 169 -7.05 5.74 -19.12
C ALA D 169 -6.54 5.23 -17.78
N PHE D 170 -7.13 4.13 -17.33
CA PHE D 170 -6.87 3.54 -16.02
C PHE D 170 -6.50 2.07 -16.15
N PRO D 171 -5.82 1.50 -15.15
CA PRO D 171 -5.41 0.09 -15.25
C PRO D 171 -6.55 -0.90 -15.36
N SER D 172 -7.78 -0.52 -14.98
CA SER D 172 -8.91 -1.45 -15.09
C SER D 172 -9.16 -1.81 -16.55
N SER D 173 -9.07 -0.82 -17.45
CA SER D 173 -9.21 -1.06 -18.87
C SER D 173 -7.88 -1.56 -19.44
N SER D 174 -7.89 -1.84 -20.75
CA SER D 174 -6.72 -2.31 -21.47
C SER D 174 -6.13 -3.58 -20.87
N VAL D 175 -7.00 -4.50 -20.44
CA VAL D 175 -6.60 -5.79 -19.90
C VAL D 175 -7.12 -6.88 -20.82
N TYR D 176 -6.21 -7.75 -21.27
CA TYR D 176 -6.57 -8.80 -22.21
C TYR D 176 -7.07 -10.02 -21.46
N PRO D 177 -8.30 -10.49 -21.71
CA PRO D 177 -8.80 -11.65 -20.98
C PRO D 177 -8.24 -12.96 -21.51
N THR D 178 -7.87 -13.85 -20.59
CA THR D 178 -7.30 -15.14 -20.94
C THR D 178 -7.97 -16.32 -20.25
N LYS D 179 -8.71 -16.13 -19.16
CA LYS D 179 -9.27 -17.22 -18.39
C LYS D 179 -10.74 -16.96 -18.12
N ASP D 180 -11.50 -18.05 -17.97
CA ASP D 180 -12.91 -17.96 -17.65
C ASP D 180 -13.11 -17.69 -16.17
N GLU D 181 -14.38 -17.52 -15.78
CA GLU D 181 -14.69 -17.32 -14.37
C GLU D 181 -14.35 -18.54 -13.53
N GLU D 182 -14.35 -19.73 -14.13
CA GLU D 182 -13.94 -20.95 -13.45
C GLU D 182 -12.58 -21.46 -13.93
N ASN D 183 -11.73 -20.56 -14.41
CA ASN D 183 -10.36 -20.83 -14.85
C ASN D 183 -10.29 -21.75 -16.06
N ASN D 184 -11.38 -21.92 -16.79
CA ASN D 184 -11.33 -22.63 -18.05
C ASN D 184 -10.60 -21.77 -19.09
N PRO D 185 -9.63 -22.33 -19.82
CA PRO D 185 -8.89 -21.52 -20.79
C PRO D 185 -9.80 -20.99 -21.89
N LEU D 186 -9.50 -19.78 -22.35
CA LEU D 186 -10.19 -19.17 -23.47
C LEU D 186 -9.29 -19.17 -24.69
N GLU D 187 -9.89 -19.35 -25.87
CA GLU D 187 -9.17 -19.36 -27.13
C GLU D 187 -9.49 -18.08 -27.89
N THR D 188 -8.47 -17.30 -28.19
CA THR D 188 -8.66 -16.09 -28.97
C THR D 188 -9.06 -16.43 -30.40
N GLU D 189 -9.99 -15.67 -30.95
CA GLU D 189 -10.49 -15.90 -32.31
C GLU D 189 -10.27 -14.62 -33.10
N TYR D 190 -9.16 -14.58 -33.85
CA TYR D 190 -8.69 -13.33 -34.45
C TYR D 190 -9.60 -12.85 -35.57
N GLY D 191 -10.38 -13.76 -36.16
CA GLY D 191 -11.27 -13.36 -37.23
C GLY D 191 -12.36 -12.41 -36.76
N LEU D 192 -12.90 -12.66 -35.57
CA LEU D 192 -14.03 -11.88 -35.08
C LEU D 192 -13.60 -10.56 -34.43
N SER D 193 -12.32 -10.39 -34.12
CA SER D 193 -11.87 -9.17 -33.48
C SER D 193 -11.84 -8.02 -34.48
N VAL D 194 -11.61 -6.82 -33.97
CA VAL D 194 -11.55 -5.60 -34.78
C VAL D 194 -10.22 -4.91 -34.53
N TYR D 195 -9.54 -4.54 -35.61
CA TYR D 195 -8.26 -3.85 -35.53
C TYR D 195 -8.30 -2.62 -36.42
N LYS D 196 -7.47 -1.63 -36.07
CA LYS D 196 -7.29 -0.44 -36.88
C LYS D 196 -5.80 -0.13 -37.00
N ASP D 197 -5.41 0.41 -38.14
CA ASP D 197 -4.00 0.65 -38.44
C ASP D 197 -3.50 1.90 -37.73
N HIS D 198 -2.18 1.97 -37.56
CA HIS D 198 -1.54 3.06 -36.83
C HIS D 198 -0.16 3.31 -37.41
N GLN D 199 0.21 4.59 -37.54
CA GLN D 199 1.51 4.98 -38.07
C GLN D 199 1.96 6.27 -37.38
N THR D 200 3.27 6.51 -37.37
CA THR D 200 3.85 7.72 -36.82
C THR D 200 4.85 8.32 -37.81
N ILE D 201 4.78 9.64 -38.01
CA ILE D 201 5.68 10.33 -38.91
C ILE D 201 6.27 11.55 -38.22
N THR D 202 7.34 12.09 -38.80
CA THR D 202 7.99 13.29 -38.30
C THR D 202 8.11 14.32 -39.42
N ILE D 203 7.84 15.58 -39.09
CA ILE D 203 7.84 16.67 -40.05
C ILE D 203 8.86 17.72 -39.63
N GLN D 204 9.65 18.20 -40.60
CA GLN D 204 10.65 19.23 -40.36
C GLN D 204 10.35 20.46 -41.19
N GLU D 205 10.69 21.62 -40.65
CA GLU D 205 10.58 22.88 -41.39
C GLU D 205 11.48 22.85 -42.61
N MET D 206 10.94 23.29 -43.75
CA MET D 206 11.66 23.18 -45.01
C MET D 206 12.93 24.03 -44.97
N PRO D 207 14.06 23.54 -45.48
CA PRO D 207 15.30 24.32 -45.44
C PRO D 207 15.21 25.64 -46.18
N GLU D 208 14.35 25.73 -47.19
CA GLU D 208 14.18 26.98 -47.93
C GLU D 208 13.55 28.07 -47.06
N LYS D 209 12.73 27.68 -46.08
CA LYS D 209 12.03 28.64 -45.25
C LYS D 209 12.78 28.96 -43.96
N ALA D 210 13.62 28.05 -43.49
CA ALA D 210 14.30 28.25 -42.22
C ALA D 210 15.32 29.39 -42.35
N PRO D 211 15.53 30.16 -41.29
CA PRO D 211 16.57 31.21 -41.34
C PRO D 211 17.94 30.60 -41.60
N ALA D 212 18.75 31.32 -42.39
CA ALA D 212 20.04 30.80 -42.80
C ALA D 212 20.95 30.60 -41.59
N GLY D 213 21.64 29.46 -41.57
CA GLY D 213 22.61 29.16 -40.54
C GLY D 213 22.05 28.66 -39.22
N GLN D 214 20.75 28.42 -39.14
CA GLN D 214 20.14 27.95 -37.90
C GLN D 214 19.67 26.51 -38.03
N LEU D 215 19.68 25.80 -36.90
CA LEU D 215 19.27 24.41 -36.87
C LEU D 215 17.76 24.30 -37.05
N PRO D 216 17.29 23.21 -37.64
CA PRO D 216 15.85 23.06 -37.88
C PRO D 216 15.10 22.56 -36.65
N ARG D 217 13.78 22.70 -36.71
CA ARG D 217 12.88 22.25 -35.66
C ARG D 217 11.77 21.40 -36.26
N SER D 218 11.32 20.41 -35.50
CA SER D 218 10.46 19.37 -36.05
C SER D 218 9.29 19.10 -35.12
N VAL D 219 8.26 18.46 -35.68
CA VAL D 219 7.04 18.07 -34.98
C VAL D 219 6.77 16.60 -35.27
N ASP D 220 6.09 15.94 -34.33
CA ASP D 220 5.76 14.53 -34.46
C ASP D 220 4.26 14.38 -34.67
N VAL D 221 3.87 13.53 -35.62
CA VAL D 221 2.48 13.39 -36.04
C VAL D 221 2.08 11.93 -35.95
N ILE D 222 0.85 11.67 -35.53
CA ILE D 222 0.28 10.33 -35.48
C ILE D 222 -0.78 10.22 -36.56
N LEU D 223 -0.67 9.19 -37.40
CA LEU D 223 -1.61 8.94 -38.47
C LEU D 223 -2.49 7.75 -38.11
N ASP D 224 -3.81 7.95 -38.17
CA ASP D 224 -4.81 6.96 -37.81
C ASP D 224 -5.08 6.03 -38.99
N ASP D 225 -6.19 5.28 -38.88
CA ASP D 225 -6.46 4.20 -39.82
C ASP D 225 -6.63 4.69 -41.25
N ASP D 226 -7.28 5.83 -41.45
CA ASP D 226 -7.55 6.27 -42.81
C ASP D 226 -6.31 6.86 -43.48
N LEU D 227 -5.53 7.64 -42.74
CA LEU D 227 -4.42 8.38 -43.32
C LEU D 227 -3.09 7.64 -43.24
N VAL D 228 -3.12 6.31 -43.24
CA VAL D 228 -1.89 5.54 -43.03
C VAL D 228 -0.89 5.76 -44.16
N ASP D 229 -1.33 5.60 -45.41
CA ASP D 229 -0.42 5.57 -46.54
C ASP D 229 -0.34 6.91 -47.27
N LYS D 230 -0.83 7.98 -46.66
CA LYS D 230 -0.90 9.28 -47.33
C LYS D 230 0.41 10.06 -47.29
N ALA D 231 1.43 9.57 -46.58
CA ALA D 231 2.68 10.31 -46.46
C ALA D 231 3.85 9.37 -46.68
N LYS D 232 4.96 9.94 -47.13
CA LYS D 232 6.19 9.20 -47.36
C LYS D 232 7.36 10.11 -47.03
N PRO D 233 8.52 9.54 -46.69
CA PRO D 233 9.67 10.39 -46.36
C PRO D 233 10.16 11.18 -47.55
N GLY D 234 10.75 12.35 -47.26
CA GLY D 234 11.24 13.22 -48.31
C GLY D 234 10.17 13.98 -49.06
N ASP D 235 8.99 14.15 -48.47
CA ASP D 235 7.85 14.76 -49.14
C ASP D 235 7.47 16.07 -48.46
N ARG D 236 7.02 17.03 -49.27
CA ARG D 236 6.54 18.31 -48.77
C ARG D 236 5.04 18.25 -48.59
N VAL D 237 4.58 18.45 -47.35
CA VAL D 237 3.16 18.30 -47.02
C VAL D 237 2.70 19.45 -46.14
N GLN D 238 1.37 19.58 -46.06
CA GLN D 238 0.70 20.52 -45.16
C GLN D 238 -0.27 19.72 -44.31
N VAL D 239 -0.15 19.86 -43.00
CA VAL D 239 -0.95 19.10 -42.05
C VAL D 239 -1.78 20.04 -41.20
N VAL D 240 -3.08 19.73 -41.11
CA VAL D 240 -4.00 20.45 -40.24
C VAL D 240 -4.49 19.48 -39.19
N GLY D 241 -4.41 19.87 -37.92
CA GLY D 241 -4.85 18.97 -36.88
C GLY D 241 -4.72 19.60 -35.51
N THR D 242 -5.08 18.82 -34.50
CA THR D 242 -5.04 19.28 -33.13
C THR D 242 -3.62 19.23 -32.58
N TYR D 243 -3.36 20.08 -31.60
CA TYR D 243 -2.07 20.14 -30.91
C TYR D 243 -2.32 19.88 -29.43
N ARG D 244 -1.88 18.74 -28.94
CA ARG D 244 -2.24 18.28 -27.61
C ARG D 244 -1.00 17.84 -26.84
N CYS D 245 -1.19 17.67 -25.53
CA CYS D 245 -0.17 17.13 -24.66
C CYS D 245 -0.29 15.61 -24.60
N LEU D 246 0.78 14.96 -24.18
CA LEU D 246 0.83 13.50 -24.13
C LEU D 246 0.86 13.03 -22.68
N PRO D 247 -0.09 12.21 -22.26
CA PRO D 247 -0.13 11.77 -20.85
C PRO D 247 0.97 10.75 -20.58
N GLY D 248 1.85 11.09 -19.64
CA GLY D 248 2.87 10.14 -19.23
C GLY D 248 2.27 9.04 -18.39
N LYS D 249 2.95 7.89 -18.37
CA LYS D 249 2.47 6.75 -17.60
C LYS D 249 2.64 7.00 -16.10
N LYS D 250 2.00 6.15 -15.31
CA LYS D 250 1.85 6.40 -13.87
C LYS D 250 3.21 6.46 -13.17
N GLY D 251 3.30 7.34 -12.19
CA GLY D 251 4.50 7.50 -11.39
C GLY D 251 4.20 8.38 -10.20
N GLY D 252 5.17 8.45 -9.30
CA GLY D 252 5.02 9.24 -8.09
C GLY D 252 5.50 10.68 -8.25
N TYR D 253 6.73 10.85 -8.72
CA TYR D 253 7.35 12.17 -8.87
C TYR D 253 7.42 12.53 -10.34
N THR D 254 6.98 13.73 -10.68
CA THR D 254 6.97 14.21 -12.06
C THR D 254 7.77 15.50 -12.15
N SER D 255 8.53 15.64 -13.23
CA SER D 255 9.32 16.84 -13.44
C SER D 255 8.48 18.02 -13.91
N GLY D 256 7.29 17.76 -14.43
CA GLY D 256 6.42 18.83 -14.89
C GLY D 256 6.55 19.20 -16.34
N THR D 257 7.20 18.37 -17.15
CA THR D 257 7.38 18.63 -18.58
C THR D 257 6.63 17.57 -19.38
N PHE D 258 5.62 17.99 -20.13
CA PHE D 258 4.87 17.08 -20.98
C PHE D 258 5.54 16.96 -22.35
N ARG D 259 5.05 16.00 -23.12
CA ARG D 259 5.43 15.85 -24.52
C ARG D 259 4.27 16.30 -25.39
N THR D 260 4.56 17.14 -26.38
CA THR D 260 3.53 17.68 -27.25
C THR D 260 3.53 16.97 -28.60
N VAL D 261 2.37 16.46 -28.99
CA VAL D 261 2.22 15.68 -30.22
C VAL D 261 1.03 16.21 -30.99
N LEU D 262 1.23 16.42 -32.29
CA LEU D 262 0.17 16.87 -33.18
C LEU D 262 -0.58 15.67 -33.75
N ILE D 263 -1.90 15.67 -33.56
CA ILE D 263 -2.76 14.58 -34.03
C ILE D 263 -3.42 15.07 -35.31
N ALA D 264 -3.07 14.46 -36.43
CA ALA D 264 -3.51 14.96 -37.72
C ALA D 264 -4.99 14.68 -37.96
N CYS D 265 -5.64 15.61 -38.65
CA CYS D 265 -6.98 15.40 -39.16
C CYS D 265 -7.05 15.56 -40.67
N ASN D 266 -6.16 16.38 -41.25
CA ASN D 266 -6.08 16.51 -42.70
C ASN D 266 -4.62 16.57 -43.11
N VAL D 267 -4.27 15.82 -44.16
CA VAL D 267 -2.92 15.82 -44.71
C VAL D 267 -3.03 16.11 -46.20
N LYS D 268 -2.31 17.12 -46.67
CA LYS D 268 -2.42 17.58 -48.05
C LYS D 268 -1.05 17.59 -48.70
N GLN D 269 -0.97 17.04 -49.91
CA GLN D 269 0.23 17.14 -50.74
C GLN D 269 0.11 18.42 -51.55
N MET D 270 0.90 19.43 -51.20
CA MET D 270 0.78 20.73 -51.83
C MET D 270 1.14 20.66 -53.31
N SER D 271 0.36 21.38 -54.12
CA SER D 271 0.57 21.42 -55.56
C SER D 271 0.23 22.80 -56.11
N ILE D 283 -14.32 21.35 -71.36
CA ILE D 283 -14.28 20.23 -72.29
C ILE D 283 -14.71 20.67 -73.69
N ALA D 284 -15.78 21.47 -73.74
CA ALA D 284 -16.27 21.96 -75.03
C ALA D 284 -15.23 22.86 -75.69
N LYS D 285 -14.59 23.73 -74.92
CA LYS D 285 -13.59 24.63 -75.47
C LYS D 285 -12.44 23.86 -76.10
N ILE D 286 -11.93 22.85 -75.40
CA ILE D 286 -10.80 22.06 -75.90
C ILE D 286 -11.19 21.35 -77.18
N LYS D 287 -12.35 20.71 -77.19
CA LYS D 287 -12.80 19.96 -78.37
C LYS D 287 -12.95 20.89 -79.57
N LYS D 288 -13.62 22.04 -79.37
CA LYS D 288 -13.82 22.97 -80.46
C LYS D 288 -12.50 23.50 -80.99
N PHE D 289 -11.61 23.91 -80.08
CA PHE D 289 -10.32 24.47 -80.49
C PHE D 289 -9.52 23.45 -81.28
N SER D 290 -9.44 22.22 -80.78
CA SER D 290 -8.67 21.19 -81.47
C SER D 290 -9.26 20.88 -82.84
N LYS D 291 -10.57 20.61 -82.89
CA LYS D 291 -11.18 20.21 -84.15
C LYS D 291 -11.10 21.32 -85.19
N THR D 292 -11.18 22.58 -84.76
CA THR D 292 -11.09 23.68 -85.71
C THR D 292 -9.66 23.94 -86.16
N ARG D 293 -8.68 23.75 -85.28
CA ARG D 293 -7.34 24.23 -85.61
C ARG D 293 -6.47 23.15 -86.25
N SER D 294 -6.48 21.92 -85.71
CA SER D 294 -5.64 20.84 -86.22
C SER D 294 -4.16 21.21 -86.21
N LYS D 295 -3.63 21.59 -87.37
CA LYS D 295 -2.22 21.99 -87.46
C LYS D 295 -1.95 23.26 -86.66
N ASP D 296 -2.88 24.20 -86.71
CA ASP D 296 -2.71 25.47 -85.99
C ASP D 296 -2.59 25.24 -84.50
N ILE D 297 -3.07 24.11 -83.98
CA ILE D 297 -2.88 23.78 -82.56
C ILE D 297 -1.39 23.83 -82.22
N PHE D 298 -0.61 22.96 -82.83
CA PHE D 298 0.82 22.93 -82.53
C PHE D 298 1.51 24.18 -83.04
N ASP D 299 0.99 24.78 -84.11
CA ASP D 299 1.58 26.01 -84.60
C ASP D 299 1.56 27.10 -83.53
N GLN D 300 0.37 27.38 -82.97
CA GLN D 300 0.25 28.39 -81.94
C GLN D 300 0.95 27.97 -80.65
N LEU D 301 0.86 26.69 -80.28
CA LEU D 301 1.51 26.23 -79.06
C LEU D 301 3.02 26.43 -79.13
N ALA D 302 3.62 26.13 -80.28
CA ALA D 302 5.03 26.40 -80.47
C ALA D 302 5.31 27.90 -80.46
N LYS D 303 4.44 28.68 -81.10
CA LYS D 303 4.67 30.13 -81.16
C LYS D 303 4.45 30.77 -79.79
N SER D 304 3.43 30.34 -79.06
CA SER D 304 3.08 30.94 -77.77
C SER D 304 3.69 30.20 -76.59
N LEU D 305 4.81 29.51 -76.78
CA LEU D 305 5.39 28.75 -75.69
C LEU D 305 5.87 29.67 -74.57
N ALA D 306 6.65 30.69 -74.91
CA ALA D 306 7.17 31.61 -73.90
C ALA D 306 7.46 32.97 -74.53
N PRO D 307 6.59 33.96 -74.35
CA PRO D 307 6.84 35.29 -74.90
C PRO D 307 8.12 35.93 -74.39
N SER D 308 8.56 35.54 -73.18
CA SER D 308 9.76 36.13 -72.59
C SER D 308 11.02 35.74 -73.33
N ILE D 309 10.97 34.77 -74.23
CA ILE D 309 12.13 34.28 -74.97
C ILE D 309 11.90 34.57 -76.44
N HIS D 310 12.92 35.10 -77.10
CA HIS D 310 12.82 35.59 -78.47
C HIS D 310 13.32 34.52 -79.45
N GLY D 311 12.49 34.18 -80.44
CA GLY D 311 12.91 33.30 -81.50
C GLY D 311 13.09 31.86 -81.08
N HIS D 312 13.98 31.16 -81.79
CA HIS D 312 14.32 29.75 -81.53
C HIS D 312 13.07 28.87 -81.63
N ASP D 313 12.50 28.80 -82.82
CA ASP D 313 11.29 28.02 -83.03
C ASP D 313 11.55 26.51 -82.90
N TYR D 314 12.72 26.06 -83.36
CA TYR D 314 13.03 24.63 -83.31
C TYR D 314 13.13 24.13 -81.87
N VAL D 315 13.77 24.91 -81.00
CA VAL D 315 13.90 24.49 -79.61
C VAL D 315 12.53 24.49 -78.93
N LYS D 316 11.68 25.46 -79.25
CA LYS D 316 10.33 25.46 -78.72
C LYS D 316 9.54 24.23 -79.18
N LYS D 317 9.70 23.86 -80.45
CA LYS D 317 9.04 22.67 -80.97
C LYS D 317 9.53 21.43 -80.22
N ALA D 318 10.84 21.34 -79.99
CA ALA D 318 11.40 20.18 -79.30
C ALA D 318 10.91 20.10 -77.85
N ILE D 319 10.85 21.25 -77.17
CA ILE D 319 10.36 21.27 -75.80
C ILE D 319 8.89 20.85 -75.76
N LEU D 320 8.11 21.31 -76.74
CA LEU D 320 6.72 20.89 -76.82
C LEU D 320 6.62 19.39 -77.04
N CYS D 321 7.51 18.84 -77.86
CA CYS D 321 7.54 17.39 -78.06
C CYS D 321 7.85 16.65 -76.77
N LEU D 322 8.75 17.19 -75.95
CA LEU D 322 8.96 16.60 -74.62
C LEU D 322 7.69 16.66 -73.79
N LEU D 323 7.01 17.81 -73.81
CA LEU D 323 5.80 17.96 -72.98
C LEU D 323 4.74 16.96 -73.38
N LEU D 324 4.56 16.75 -74.69
CA LEU D 324 3.58 15.77 -75.14
C LEU D 324 4.11 14.35 -75.06
N GLY D 325 5.30 14.11 -75.60
CA GLY D 325 5.96 12.82 -75.44
C GLY D 325 5.44 11.77 -76.40
N GLY D 326 6.08 10.60 -76.32
CA GLY D 326 5.72 9.47 -77.14
C GLY D 326 4.73 8.55 -76.46
N VAL D 327 4.72 7.30 -76.88
CA VAL D 327 3.80 6.29 -76.36
C VAL D 327 4.62 5.09 -75.86
N GLU D 328 4.38 4.70 -74.62
CA GLU D 328 5.01 3.49 -74.08
C GLU D 328 4.31 2.25 -74.60
N ARG D 329 5.11 1.26 -75.02
CA ARG D 329 4.56 0.05 -75.63
C ARG D 329 5.16 -1.18 -74.97
N ASP D 330 4.33 -2.23 -74.84
CA ASP D 330 4.75 -3.51 -74.29
C ASP D 330 4.22 -4.64 -75.17
N LEU D 331 4.91 -5.77 -75.13
CA LEU D 331 4.60 -6.89 -76.01
C LEU D 331 4.39 -8.15 -75.17
N GLU D 332 4.28 -9.29 -75.86
CA GLU D 332 3.99 -10.54 -75.17
C GLU D 332 5.18 -11.04 -74.36
N ASN D 333 6.38 -10.98 -74.94
CA ASN D 333 7.57 -11.55 -74.30
C ASN D 333 8.07 -10.73 -73.12
N GLY D 334 7.35 -9.70 -72.70
CA GLY D 334 7.83 -8.83 -71.65
C GLY D 334 8.80 -7.77 -72.12
N SER D 335 9.01 -7.65 -73.43
CA SER D 335 9.92 -6.63 -73.94
C SER D 335 9.37 -5.23 -73.71
N HIS D 336 10.26 -4.30 -73.42
CA HIS D 336 9.90 -2.91 -73.18
C HIS D 336 10.52 -2.03 -74.25
N ILE D 337 9.74 -1.06 -74.74
CA ILE D 337 10.18 -0.13 -75.76
C ILE D 337 10.03 1.28 -75.20
N ARG D 338 11.13 2.05 -75.25
CA ARG D 338 11.14 3.38 -74.66
C ARG D 338 10.22 4.32 -75.43
N GLY D 339 9.67 5.30 -74.71
CA GLY D 339 8.78 6.27 -75.31
C GLY D 339 9.13 7.70 -74.98
N ASP D 340 10.17 7.91 -74.19
CA ASP D 340 10.57 9.25 -73.79
C ASP D 340 11.54 9.86 -74.80
N ILE D 341 11.65 11.19 -74.75
CA ILE D 341 12.50 11.95 -75.64
C ILE D 341 13.57 12.64 -74.79
N ASN D 342 14.74 12.88 -75.39
CA ASN D 342 15.83 13.56 -74.70
C ASN D 342 16.52 14.54 -75.64
N ILE D 343 16.92 15.68 -75.08
CA ILE D 343 17.44 16.80 -75.85
C ILE D 343 18.70 17.34 -75.19
N LEU D 344 19.66 17.75 -76.01
CA LEU D 344 20.85 18.45 -75.53
C LEU D 344 21.06 19.72 -76.34
N LEU D 345 21.21 20.85 -75.65
CA LEU D 345 21.43 22.15 -76.26
C LEU D 345 22.85 22.61 -75.98
N ILE D 346 23.55 23.06 -77.02
CA ILE D 346 24.88 23.62 -76.89
C ILE D 346 24.88 24.97 -77.59
N GLY D 347 25.38 26.01 -76.91
CA GLY D 347 25.34 27.34 -77.49
C GLY D 347 26.31 28.27 -76.80
N ASP D 348 26.46 29.46 -77.39
CA ASP D 348 27.29 30.53 -76.85
C ASP D 348 26.63 31.11 -75.60
N PRO D 349 27.37 31.82 -74.75
CA PRO D 349 26.74 32.42 -73.57
C PRO D 349 25.69 33.46 -73.94
N SER D 350 24.71 33.59 -73.05
CA SER D 350 23.61 34.55 -73.20
C SER D 350 22.78 34.26 -74.45
N VAL D 351 22.24 33.04 -74.51
CA VAL D 351 21.33 32.64 -75.57
C VAL D 351 20.08 32.11 -74.87
N ALA D 352 20.01 32.33 -73.55
CA ALA D 352 18.85 32.04 -72.72
C ALA D 352 18.54 30.55 -72.63
N LYS D 353 19.55 29.70 -72.51
CA LYS D 353 19.29 28.28 -72.28
C LYS D 353 18.72 28.04 -70.89
N SER D 354 19.29 28.69 -69.88
CA SER D 354 18.82 28.52 -68.52
C SER D 354 17.42 29.09 -68.33
N GLN D 355 17.07 30.15 -69.07
CA GLN D 355 15.69 30.63 -69.05
C GLN D 355 14.72 29.57 -69.56
N LEU D 356 15.10 28.87 -70.64
CA LEU D 356 14.28 27.78 -71.15
C LEU D 356 14.14 26.68 -70.11
N LEU D 357 15.25 26.31 -69.45
CA LEU D 357 15.19 25.28 -68.43
C LEU D 357 14.26 25.68 -67.29
N ARG D 358 14.36 26.93 -66.84
CA ARG D 358 13.51 27.39 -65.75
C ARG D 358 12.04 27.40 -66.15
N TYR D 359 11.76 27.80 -67.40
CA TYR D 359 10.37 27.79 -67.85
C TYR D 359 9.81 26.37 -67.89
N VAL D 360 10.62 25.42 -68.37
CA VAL D 360 10.16 24.02 -68.37
C VAL D 360 9.95 23.52 -66.94
N LEU D 361 10.81 23.96 -66.01
CA LEU D 361 10.59 23.60 -64.61
C LEU D 361 9.26 24.14 -64.11
N CYS D 362 8.95 25.39 -64.45
CA CYS D 362 7.70 26.00 -63.97
C CYS D 362 6.47 25.33 -64.58
N THR D 363 6.52 25.00 -65.86
CA THR D 363 5.33 24.52 -66.56
C THR D 363 5.07 23.03 -66.35
N ALA D 364 6.12 22.22 -66.36
CA ALA D 364 5.94 20.77 -66.29
C ALA D 364 5.40 20.38 -64.91
N PRO D 365 4.55 19.33 -64.84
CA PRO D 365 4.00 18.96 -63.53
C PRO D 365 5.04 18.43 -62.56
N ARG D 366 5.81 17.43 -62.95
CA ARG D 366 6.86 16.85 -62.12
C ARG D 366 8.21 17.22 -62.73
N ALA D 367 8.81 18.29 -62.22
CA ALA D 367 10.07 18.80 -62.74
C ALA D 367 11.07 18.95 -61.60
N ILE D 368 12.28 18.44 -61.81
CA ILE D 368 13.34 18.51 -60.81
C ILE D 368 14.62 19.02 -61.45
N PRO D 369 15.20 20.12 -60.95
CA PRO D 369 16.48 20.60 -61.48
C PRO D 369 17.67 20.01 -60.75
N THR D 370 18.61 19.49 -61.53
CA THR D 370 19.82 18.87 -60.98
C THR D 370 20.99 19.27 -61.88
N THR D 371 21.81 20.21 -61.42
CA THR D 371 22.91 20.70 -62.22
C THR D 371 24.03 19.65 -62.28
N GLY D 372 25.13 20.04 -62.91
CA GLY D 372 26.25 19.14 -63.15
C GLY D 372 26.87 18.57 -61.89
N ARG D 373 27.52 19.42 -61.10
CA ARG D 373 28.17 18.97 -59.87
C ARG D 373 27.29 19.13 -58.64
N GLY D 374 26.06 19.59 -58.80
CA GLY D 374 25.17 19.72 -57.65
C GLY D 374 24.78 18.37 -57.08
N SER D 375 24.59 17.38 -57.93
CA SER D 375 24.23 16.02 -57.52
C SER D 375 25.19 15.02 -58.13
N SER D 376 25.60 14.05 -57.33
CA SER D 376 26.52 13.01 -57.77
C SER D 376 25.73 11.78 -58.23
N GLY D 377 26.47 10.74 -58.63
CA GLY D 377 25.84 9.53 -59.13
C GLY D 377 24.97 8.82 -58.11
N VAL D 378 25.34 8.86 -56.83
CA VAL D 378 24.52 8.26 -55.80
C VAL D 378 23.22 9.01 -55.57
N GLY D 379 23.25 10.34 -55.56
CA GLY D 379 22.06 11.13 -55.34
C GLY D 379 21.18 11.25 -56.55
N LEU D 380 21.65 10.76 -57.69
CA LEU D 380 20.82 10.79 -58.90
C LEU D 380 19.85 9.62 -58.93
N THR D 381 20.35 8.40 -58.81
CA THR D 381 19.48 7.24 -58.99
C THR D 381 18.89 6.73 -57.68
N ALA D 382 19.74 6.28 -56.75
CA ALA D 382 19.28 5.68 -55.50
C ALA D 382 20.49 5.23 -54.69
N ALA D 383 20.22 4.72 -53.49
CA ALA D 383 21.24 4.19 -52.61
C ALA D 383 20.63 3.17 -51.67
N VAL D 384 21.50 2.37 -51.04
CA VAL D 384 21.09 1.37 -50.06
C VAL D 384 21.75 1.70 -48.73
N THR D 385 20.96 1.74 -47.66
CA THR D 385 21.46 2.05 -46.33
C THR D 385 21.02 0.97 -45.35
N THR D 386 21.90 0.67 -44.40
CA THR D 386 21.61 -0.31 -43.36
C THR D 386 20.94 0.41 -42.19
N ASP D 387 19.70 0.03 -41.90
CA ASP D 387 18.95 0.66 -40.82
C ASP D 387 19.50 0.20 -39.47
N GLN D 388 20.00 1.14 -38.67
CA GLN D 388 20.58 0.78 -37.39
C GLN D 388 19.52 0.29 -36.40
N GLU D 389 18.27 0.75 -36.57
CA GLU D 389 17.23 0.40 -35.61
C GLU D 389 16.90 -1.09 -35.68
N THR D 390 16.88 -1.67 -36.88
CA THR D 390 16.51 -3.07 -37.06
C THR D 390 17.60 -3.94 -37.66
N GLY D 391 18.63 -3.35 -38.27
CA GLY D 391 19.66 -4.13 -38.94
C GLY D 391 19.34 -4.53 -40.36
N GLU D 392 18.18 -4.14 -40.88
CA GLU D 392 17.78 -4.49 -42.23
C GLU D 392 18.40 -3.52 -43.24
N ARG D 393 18.12 -3.77 -44.51
CA ARG D 393 18.58 -2.93 -45.60
C ARG D 393 17.40 -2.18 -46.21
N ARG D 394 17.55 -0.88 -46.42
CA ARG D 394 16.50 -0.04 -46.97
C ARG D 394 17.01 0.73 -48.18
N LEU D 395 16.08 1.08 -49.06
CA LEU D 395 16.39 1.76 -50.30
C LEU D 395 15.97 3.22 -50.19
N GLU D 396 16.86 4.12 -50.59
CA GLU D 396 16.58 5.56 -50.64
C GLU D 396 16.61 6.00 -52.09
N ALA D 397 15.52 6.59 -52.55
CA ALA D 397 15.37 6.97 -53.95
C ALA D 397 16.14 8.25 -54.25
N GLY D 398 16.72 8.31 -55.45
CA GLY D 398 17.42 9.47 -55.91
C GLY D 398 16.53 10.40 -56.73
N ALA D 399 17.17 11.35 -57.40
CA ALA D 399 16.44 12.35 -58.16
C ALA D 399 15.66 11.72 -59.31
N MET D 400 16.28 10.78 -60.03
CA MET D 400 15.63 10.24 -61.22
C MET D 400 14.51 9.27 -60.87
N VAL D 401 14.63 8.55 -59.75
CA VAL D 401 13.54 7.67 -59.34
C VAL D 401 12.34 8.47 -58.88
N LEU D 402 12.57 9.58 -58.17
CA LEU D 402 11.45 10.43 -57.76
C LEU D 402 10.73 11.00 -58.96
N ALA D 403 11.47 11.36 -60.01
CA ALA D 403 10.86 11.92 -61.21
C ALA D 403 10.37 10.84 -62.15
N ASP D 404 9.54 9.92 -61.67
CA ASP D 404 8.90 8.95 -62.53
C ASP D 404 7.88 9.63 -63.42
N ARG D 405 7.95 9.37 -64.72
CA ARG D 405 7.06 9.98 -65.71
C ARG D 405 7.08 11.50 -65.59
N GLY D 406 8.29 12.04 -65.40
CA GLY D 406 8.47 13.46 -65.19
C GLY D 406 9.63 14.03 -65.97
N VAL D 407 10.16 15.15 -65.50
CA VAL D 407 11.23 15.87 -66.19
C VAL D 407 12.37 16.15 -65.21
N VAL D 408 13.59 15.88 -65.66
CA VAL D 408 14.80 16.23 -64.93
C VAL D 408 15.58 17.20 -65.80
N CYS D 409 15.91 18.37 -65.25
CA CYS D 409 16.66 19.40 -65.96
C CYS D 409 18.08 19.44 -65.43
N ILE D 410 19.05 19.37 -66.33
CA ILE D 410 20.47 19.31 -65.97
C ILE D 410 21.15 20.51 -66.64
N ASP D 411 21.44 21.54 -65.87
CA ASP D 411 22.18 22.69 -66.33
C ASP D 411 23.68 22.44 -66.17
N GLU D 412 24.48 23.01 -67.07
CA GLU D 412 25.91 22.76 -67.12
C GLU D 412 26.19 21.26 -67.22
N PHE D 413 25.61 20.63 -68.24
CA PHE D 413 25.71 19.19 -68.41
C PHE D 413 27.15 18.75 -68.67
N ASP D 414 27.97 19.62 -69.24
CA ASP D 414 29.34 19.23 -69.58
C ASP D 414 30.19 18.99 -68.34
N LYS D 415 29.90 19.68 -67.23
CA LYS D 415 30.72 19.54 -66.03
C LYS D 415 30.48 18.22 -65.31
N MET D 416 29.46 17.46 -65.71
CA MET D 416 29.16 16.20 -65.04
C MET D 416 30.26 15.18 -65.33
N SER D 417 30.60 14.38 -64.32
CA SER D 417 31.66 13.39 -64.44
C SER D 417 31.21 12.22 -65.30
N ASP D 418 32.20 11.43 -65.74
CA ASP D 418 31.91 10.32 -66.64
C ASP D 418 31.07 9.25 -65.97
N MET D 419 31.39 8.91 -64.72
CA MET D 419 30.68 7.83 -64.03
C MET D 419 29.20 8.17 -63.87
N ASP D 420 28.89 9.43 -63.61
CA ASP D 420 27.48 9.82 -63.50
C ASP D 420 26.75 9.61 -64.82
N ARG D 421 27.41 9.90 -65.94
CA ARG D 421 26.76 9.70 -67.24
C ARG D 421 26.59 8.21 -67.54
N THR D 422 27.57 7.39 -67.17
CA THR D 422 27.41 5.94 -67.31
C THR D 422 26.24 5.44 -66.48
N ALA D 423 26.06 6.02 -65.27
CA ALA D 423 24.91 5.68 -64.46
C ALA D 423 23.60 6.12 -65.11
N ILE D 424 23.59 7.31 -65.73
CA ILE D 424 22.40 7.82 -66.39
C ILE D 424 22.04 6.98 -67.62
N HIS D 425 23.03 6.27 -68.18
CA HIS D 425 22.76 5.37 -69.29
C HIS D 425 21.60 4.41 -69.00
N GLU D 426 21.57 3.82 -67.82
CA GLU D 426 20.52 2.85 -67.50
C GLU D 426 19.14 3.48 -67.57
N VAL D 427 19.02 4.72 -67.07
CA VAL D 427 17.74 5.41 -67.13
C VAL D 427 17.39 5.81 -68.55
N MET D 428 18.39 6.22 -69.34
CA MET D 428 18.11 6.72 -70.68
C MET D 428 17.78 5.62 -71.67
N GLU D 429 18.34 4.43 -71.48
CA GLU D 429 18.11 3.34 -72.43
C GLU D 429 16.80 2.62 -72.16
N GLN D 430 16.64 2.07 -70.96
CA GLN D 430 15.50 1.22 -70.63
C GLN D 430 14.51 1.88 -69.70
N GLY D 431 14.95 2.85 -68.90
CA GLY D 431 14.06 3.50 -67.95
C GLY D 431 13.92 2.80 -66.62
N ARG D 432 14.90 1.97 -66.25
CA ARG D 432 14.85 1.23 -64.99
C ARG D 432 16.23 1.30 -64.32
N VAL D 433 16.23 1.10 -63.01
CA VAL D 433 17.45 1.12 -62.21
C VAL D 433 17.56 -0.20 -61.46
N THR D 434 18.66 -0.90 -61.64
CA THR D 434 18.91 -2.16 -60.94
C THR D 434 19.85 -1.90 -59.78
N ILE D 435 19.46 -2.35 -58.59
CA ILE D 435 20.20 -2.07 -57.37
C ILE D 435 20.42 -3.41 -56.66
N ALA D 436 21.61 -3.59 -56.10
CA ALA D 436 21.92 -4.86 -55.44
C ALA D 436 23.04 -4.67 -54.42
N LYS D 437 22.81 -5.17 -53.21
CA LYS D 437 23.86 -5.36 -52.22
C LYS D 437 23.49 -6.58 -51.41
N ALA D 438 24.49 -7.36 -50.98
CA ALA D 438 24.23 -8.63 -50.31
C ALA D 438 23.19 -8.48 -49.22
N GLY D 439 22.05 -9.14 -49.41
CA GLY D 439 20.91 -9.04 -48.52
C GLY D 439 19.67 -8.43 -49.14
N ILE D 440 19.79 -7.78 -50.30
CA ILE D 440 18.66 -7.14 -50.96
C ILE D 440 19.04 -6.82 -52.39
N HIS D 441 18.06 -6.89 -53.29
CA HIS D 441 18.23 -6.51 -54.68
C HIS D 441 16.86 -6.17 -55.26
N ALA D 442 16.83 -5.14 -56.10
CA ALA D 442 15.56 -4.65 -56.61
C ALA D 442 15.74 -4.02 -57.98
N ARG D 443 14.64 -3.91 -58.71
CA ARG D 443 14.56 -3.17 -59.96
C ARG D 443 13.52 -2.07 -59.81
N LEU D 444 13.98 -0.84 -59.72
CA LEU D 444 13.11 0.31 -59.52
C LEU D 444 12.79 0.96 -60.86
N ASN D 445 11.60 1.54 -60.95
CA ASN D 445 11.17 2.21 -62.17
C ASN D 445 11.65 3.65 -62.17
N ALA D 446 12.23 4.07 -63.31
CA ALA D 446 12.72 5.44 -63.42
C ALA D 446 12.43 6.06 -64.78
N ARG D 447 11.32 5.71 -65.42
CA ARG D 447 10.95 6.28 -66.71
C ARG D 447 10.88 7.80 -66.63
N CYS D 448 11.68 8.48 -67.43
CA CYS D 448 11.86 9.92 -67.27
C CYS D 448 12.36 10.53 -68.58
N SER D 449 12.31 11.86 -68.64
CA SER D 449 12.82 12.63 -69.75
C SER D 449 13.82 13.65 -69.22
N VAL D 450 14.82 13.98 -70.04
CA VAL D 450 15.95 14.78 -69.60
C VAL D 450 16.13 15.98 -70.51
N LEU D 451 16.32 17.15 -69.91
CA LEU D 451 16.87 18.32 -70.58
C LEU D 451 18.30 18.55 -70.10
N ALA D 452 19.15 18.99 -71.03
CA ALA D 452 20.55 19.24 -70.71
C ALA D 452 21.07 20.40 -71.54
N ALA D 453 21.86 21.27 -70.91
CA ALA D 453 22.51 22.38 -71.57
C ALA D 453 23.98 22.38 -71.20
N ALA D 454 24.85 22.40 -72.21
CA ALA D 454 26.29 22.32 -71.99
C ALA D 454 27.00 23.37 -72.80
N ASN D 455 27.99 24.01 -72.18
CA ASN D 455 28.78 25.01 -72.88
C ASN D 455 29.78 24.33 -73.82
N PRO D 456 30.19 25.01 -74.90
CA PRO D 456 31.25 24.47 -75.74
C PRO D 456 32.58 24.46 -75.02
N VAL D 457 33.48 23.57 -75.47
CA VAL D 457 34.75 23.38 -74.77
C VAL D 457 35.62 24.62 -74.87
N TYR D 458 35.55 25.32 -76.01
CA TYR D 458 36.37 26.50 -76.22
C TYR D 458 35.74 27.79 -75.71
N GLY D 459 34.74 27.69 -74.82
CA GLY D 459 34.08 28.87 -74.31
C GLY D 459 33.05 29.41 -75.28
N ARG D 460 33.46 29.66 -76.51
CA ARG D 460 32.57 30.11 -77.58
C ARG D 460 32.68 29.14 -78.74
N TYR D 461 31.56 28.88 -79.39
CA TYR D 461 31.51 27.90 -80.47
C TYR D 461 32.34 28.36 -81.65
N ASP D 462 33.29 27.53 -82.07
CA ASP D 462 34.11 27.84 -83.23
C ASP D 462 33.39 27.39 -84.50
N GLN D 463 33.28 28.31 -85.46
CA GLN D 463 32.52 28.02 -86.68
C GLN D 463 33.29 27.07 -87.60
N TYR D 464 34.59 27.28 -87.76
CA TYR D 464 35.35 26.54 -88.76
C TYR D 464 35.51 25.08 -88.37
N LYS D 465 35.77 24.80 -87.09
CA LYS D 465 35.95 23.43 -86.65
C LYS D 465 34.62 22.67 -86.71
N THR D 466 34.73 21.37 -86.96
CA THR D 466 33.56 20.52 -87.01
C THR D 466 32.92 20.40 -85.62
N PRO D 467 31.62 20.15 -85.55
CA PRO D 467 30.96 20.09 -84.24
C PRO D 467 31.49 19.00 -83.33
N MET D 468 32.11 17.96 -83.87
CA MET D 468 32.64 16.88 -83.03
C MET D 468 33.72 17.39 -82.10
N GLU D 469 34.62 18.24 -82.62
CA GLU D 469 35.67 18.80 -81.78
C GLU D 469 35.08 19.70 -80.70
N ASN D 470 34.06 20.49 -81.04
CA ASN D 470 33.49 21.43 -80.08
C ASN D 470 32.72 20.70 -78.98
N ILE D 471 31.92 19.70 -79.35
CA ILE D 471 31.10 19.01 -78.34
C ILE D 471 31.99 18.20 -77.40
N GLY D 472 32.92 17.43 -77.95
CA GLY D 472 33.80 16.63 -77.11
C GLY D 472 33.10 15.53 -76.33
N LEU D 473 32.14 14.85 -76.96
CA LEU D 473 31.41 13.76 -76.32
C LEU D 473 31.46 12.52 -77.20
N GLN D 474 31.45 11.35 -76.56
CA GLN D 474 31.55 10.09 -77.29
C GLN D 474 30.27 9.82 -78.07
N ASP D 475 30.38 8.89 -79.03
CA ASP D 475 29.25 8.60 -79.91
C ASP D 475 28.12 7.89 -79.16
N SER D 476 28.46 7.08 -78.15
CA SER D 476 27.43 6.37 -77.41
C SER D 476 26.50 7.34 -76.68
N LEU D 477 27.07 8.32 -75.99
CA LEU D 477 26.26 9.29 -75.26
C LEU D 477 25.42 10.12 -76.23
N LEU D 478 25.99 10.49 -77.38
CA LEU D 478 25.22 11.21 -78.38
C LEU D 478 24.07 10.38 -78.91
N SER D 479 24.29 9.09 -79.12
CA SER D 479 23.21 8.21 -79.56
C SER D 479 22.15 8.06 -78.48
N ARG D 480 22.54 8.19 -77.21
CA ARG D 480 21.57 8.13 -76.13
C ARG D 480 20.55 9.26 -76.21
N PHE D 481 20.96 10.42 -76.69
CA PHE D 481 20.07 11.57 -76.79
C PHE D 481 19.29 11.53 -78.10
N ASP D 482 18.02 11.93 -78.02
CA ASP D 482 17.19 11.99 -79.22
C ASP D 482 17.53 13.18 -80.11
N LEU D 483 17.82 14.34 -79.52
CA LEU D 483 18.02 15.54 -80.30
C LEU D 483 19.22 16.33 -79.80
N LEU D 484 19.97 16.89 -80.75
CA LEU D 484 21.05 17.83 -80.48
C LEU D 484 20.74 19.15 -81.17
N PHE D 485 20.94 20.25 -80.46
CA PHE D 485 20.71 21.57 -81.03
C PHE D 485 21.91 22.47 -80.73
N ILE D 486 22.24 23.32 -81.69
CA ILE D 486 23.35 24.26 -81.58
C ILE D 486 22.80 25.67 -81.77
N MET D 487 23.10 26.55 -80.84
CA MET D 487 22.60 27.91 -80.82
C MET D 487 23.77 28.89 -80.87
N LEU D 488 23.62 29.95 -81.67
CA LEU D 488 24.71 30.89 -81.89
C LEU D 488 24.19 32.31 -81.71
N ASP D 489 25.10 33.20 -81.29
CA ASP D 489 24.78 34.62 -81.11
C ASP D 489 25.36 35.40 -82.29
N GLN D 490 24.59 35.44 -83.38
CA GLN D 490 25.02 36.18 -84.57
C GLN D 490 24.72 37.66 -84.38
N MET D 491 25.72 38.50 -84.66
CA MET D 491 25.65 39.93 -84.37
C MET D 491 25.18 40.72 -85.58
N ASP D 492 24.01 40.34 -86.08
CA ASP D 492 23.38 41.09 -87.17
C ASP D 492 22.73 42.35 -86.62
N PRO D 493 22.98 43.51 -87.24
CA PRO D 493 22.42 44.77 -86.69
C PRO D 493 20.91 44.76 -86.56
N GLU D 494 20.19 44.19 -87.51
CA GLU D 494 18.73 44.17 -87.43
C GLU D 494 18.25 43.17 -86.38
N GLN D 495 18.92 42.02 -86.29
CA GLN D 495 18.59 41.06 -85.24
C GLN D 495 18.87 41.66 -83.87
N ASP D 496 19.99 42.38 -83.73
CA ASP D 496 20.28 43.06 -82.47
C ASP D 496 19.23 44.13 -82.17
N ARG D 497 18.77 44.85 -83.18
CA ARG D 497 17.71 45.83 -82.99
C ARG D 497 16.44 45.17 -82.48
N GLU D 498 16.06 44.03 -83.08
CA GLU D 498 14.87 43.31 -82.65
C GLU D 498 15.03 42.83 -81.20
N ILE D 499 16.21 42.30 -80.87
CA ILE D 499 16.45 41.80 -79.52
C ILE D 499 16.35 42.94 -78.51
N SER D 500 16.96 44.08 -78.83
CA SER D 500 16.90 45.23 -77.93
C SER D 500 15.47 45.72 -77.76
N ASP D 501 14.70 45.78 -78.85
CA ASP D 501 13.30 46.17 -78.77
C ASP D 501 12.54 45.26 -77.82
N HIS D 502 12.70 43.95 -78.01
CA HIS D 502 11.97 43.00 -77.18
C HIS D 502 12.38 43.11 -75.71
N VAL D 503 13.68 43.19 -75.45
CA VAL D 503 14.18 43.24 -74.08
C VAL D 503 13.69 44.51 -73.38
N LEU D 504 13.76 45.65 -74.05
CA LEU D 504 13.37 46.89 -73.39
C LEU D 504 11.85 47.00 -73.27
N ARG D 505 11.11 46.40 -74.20
CA ARG D 505 9.66 46.33 -74.05
C ARG D 505 9.29 45.53 -72.82
N MET D 506 9.97 44.39 -72.60
CA MET D 506 9.71 43.61 -71.39
C MET D 506 10.15 44.36 -70.14
N HIS D 507 11.26 45.10 -70.23
CA HIS D 507 11.76 45.83 -69.06
C HIS D 507 10.83 46.97 -68.65
N ARG D 508 10.30 47.72 -69.62
CA ARG D 508 9.45 48.87 -69.28
C ARG D 508 8.07 48.45 -68.80
N TYR D 509 7.67 47.20 -69.03
CA TYR D 509 6.34 46.76 -68.65
C TYR D 509 6.18 46.74 -67.13
N ARG D 510 4.99 47.10 -66.68
CA ARG D 510 4.63 47.04 -65.27
C ARG D 510 3.31 46.30 -65.11
N ALA D 511 3.17 45.61 -63.99
CA ALA D 511 1.97 44.84 -63.73
C ALA D 511 0.76 45.75 -63.58
N PRO D 512 -0.36 45.44 -64.22
CA PRO D 512 -1.56 46.27 -64.05
C PRO D 512 -2.08 46.17 -62.62
N GLY D 513 -2.63 47.27 -62.13
CA GLY D 513 -3.10 47.34 -60.76
C GLY D 513 -2.07 47.76 -59.74
N GLU D 514 -0.82 47.94 -60.16
CA GLU D 514 0.26 48.40 -59.28
C GLU D 514 0.62 49.81 -59.67
N GLN D 515 0.61 50.72 -58.70
CA GLN D 515 0.92 52.12 -58.97
C GLN D 515 2.37 52.27 -59.42
N ASP D 516 2.59 53.18 -60.36
CA ASP D 516 3.93 53.41 -60.88
C ASP D 516 4.83 53.98 -59.79
N GLY D 517 6.09 53.55 -59.81
CA GLY D 517 7.06 53.98 -58.82
C GLY D 517 7.02 53.23 -57.51
N ASP D 518 6.13 52.25 -57.37
CA ASP D 518 6.05 51.48 -56.14
C ASP D 518 7.22 50.52 -56.01
N ALA D 519 7.54 50.15 -54.78
CA ALA D 519 8.61 49.20 -54.50
C ALA D 519 8.06 47.78 -54.59
N MET D 520 8.84 46.80 -54.15
CA MET D 520 8.41 45.41 -54.20
C MET D 520 9.02 44.60 -53.05
N THR D 544 -11.79 31.49 -67.68
CA THR D 544 -10.54 31.86 -68.33
C THR D 544 -10.64 31.77 -69.84
N GLN D 545 -10.41 32.89 -70.52
CA GLN D 545 -10.47 32.90 -71.98
C GLN D 545 -9.36 32.04 -72.56
N ILE D 546 -9.66 31.39 -73.69
CA ILE D 546 -8.68 30.55 -74.35
C ILE D 546 -7.48 31.37 -74.80
N TYR D 547 -7.72 32.53 -75.39
CA TYR D 547 -6.66 33.37 -75.93
C TYR D 547 -6.43 34.57 -75.03
N GLU D 548 -5.16 34.85 -74.75
CA GLU D 548 -4.80 35.93 -73.84
C GLU D 548 -5.20 37.28 -74.42
N LYS D 549 -5.60 38.20 -73.54
CA LYS D 549 -5.94 39.55 -73.98
C LYS D 549 -4.72 40.24 -74.59
N HIS D 550 -4.94 40.99 -75.66
CA HIS D 550 -3.85 41.69 -76.33
C HIS D 550 -3.27 42.76 -75.41
N ASP D 551 -1.95 42.91 -75.47
CA ASP D 551 -1.24 43.91 -74.69
C ASP D 551 -0.45 44.82 -75.62
N ASN D 552 -0.43 46.11 -75.31
CA ASN D 552 0.26 47.07 -76.17
C ASN D 552 1.76 46.84 -76.21
N LEU D 553 2.37 46.49 -75.08
CA LEU D 553 3.81 46.34 -74.99
C LEU D 553 4.25 44.87 -75.08
N LEU D 554 3.57 43.98 -74.36
CA LEU D 554 3.96 42.58 -74.35
C LEU D 554 3.77 41.92 -75.71
N HIS D 555 2.85 42.45 -76.53
CA HIS D 555 2.59 41.89 -77.85
C HIS D 555 2.96 42.87 -78.96
N GLY D 556 2.42 44.09 -78.92
CA GLY D 556 2.74 45.09 -79.92
C GLY D 556 1.55 45.37 -80.84
N THR D 557 1.62 46.52 -81.50
CA THR D 557 0.53 46.95 -82.36
C THR D 557 0.37 46.04 -83.57
N LYS D 558 1.48 45.60 -84.15
CA LYS D 558 1.41 44.76 -85.35
C LYS D 558 0.75 43.42 -85.06
N LYS D 559 0.98 42.86 -83.87
CA LYS D 559 0.47 41.53 -83.53
C LYS D 559 -1.01 41.51 -83.20
N LYS D 560 -1.76 42.57 -83.52
CA LYS D 560 -3.19 42.57 -83.21
C LYS D 560 -3.94 41.53 -84.04
N LYS D 561 -3.39 41.11 -85.16
CA LYS D 561 -4.05 40.14 -86.02
C LYS D 561 -3.98 38.73 -85.47
N GLU D 562 -3.17 38.48 -84.45
CA GLU D 562 -3.04 37.16 -83.86
C GLU D 562 -3.08 37.28 -82.33
N LYS D 563 -3.20 36.14 -81.67
CA LYS D 563 -3.29 36.11 -80.22
C LYS D 563 -2.47 34.94 -79.69
N MET D 564 -2.17 34.99 -78.40
CA MET D 564 -1.45 33.93 -77.72
C MET D 564 -2.38 33.17 -76.79
N VAL D 565 -2.05 31.90 -76.56
CA VAL D 565 -2.90 31.02 -75.76
C VAL D 565 -2.58 31.22 -74.28
N SER D 566 -3.63 31.24 -73.45
CA SER D 566 -3.44 31.40 -72.02
C SER D 566 -2.73 30.19 -71.43
N ALA D 567 -2.01 30.41 -70.33
CA ALA D 567 -1.19 29.35 -69.74
C ALA D 567 -2.06 28.23 -69.19
N ALA D 568 -3.17 28.57 -68.52
CA ALA D 568 -4.00 27.56 -67.89
C ALA D 568 -4.63 26.63 -68.92
N PHE D 569 -5.20 27.20 -69.98
CA PHE D 569 -5.74 26.36 -71.05
C PHE D 569 -4.65 25.54 -71.69
N MET D 570 -3.45 26.11 -71.82
CA MET D 570 -2.34 25.37 -72.40
C MET D 570 -2.02 24.14 -71.57
N LYS D 571 -1.98 24.29 -70.25
CA LYS D 571 -1.70 23.15 -69.36
C LYS D 571 -2.82 22.11 -69.46
N LYS D 572 -4.08 22.56 -69.47
CA LYS D 572 -5.19 21.62 -69.58
C LYS D 572 -5.11 20.83 -70.88
N TYR D 573 -4.84 21.53 -71.99
CA TYR D 573 -4.74 20.87 -73.27
C TYR D 573 -3.55 19.91 -73.31
N ILE D 574 -2.44 20.30 -72.69
CA ILE D 574 -1.27 19.42 -72.65
C ILE D 574 -1.59 18.14 -71.90
N HIS D 575 -2.29 18.25 -70.77
CA HIS D 575 -2.68 17.07 -70.01
C HIS D 575 -3.61 16.18 -70.82
N VAL D 576 -4.61 16.79 -71.47
CA VAL D 576 -5.55 15.99 -72.27
C VAL D 576 -4.83 15.29 -73.41
N ALA D 577 -3.91 15.99 -74.08
CA ALA D 577 -3.16 15.39 -75.17
C ALA D 577 -2.27 14.26 -74.67
N LYS D 578 -1.67 14.43 -73.49
CA LYS D 578 -0.84 13.37 -72.91
C LYS D 578 -1.69 12.14 -72.59
N ILE D 579 -2.95 12.34 -72.22
CA ILE D 579 -3.83 11.21 -71.98
C ILE D 579 -4.09 10.43 -73.28
N ILE D 580 -4.29 11.15 -74.39
CA ILE D 580 -4.73 10.51 -75.62
C ILE D 580 -3.68 9.53 -76.15
N LYS D 581 -4.15 8.43 -76.72
CA LYS D 581 -3.29 7.34 -77.20
C LYS D 581 -3.47 7.16 -78.71
N PRO D 582 -2.60 7.78 -79.51
CA PRO D 582 -2.69 7.61 -80.97
C PRO D 582 -2.09 6.29 -81.43
N VAL D 583 -2.36 5.96 -82.70
CA VAL D 583 -1.90 4.73 -83.33
C VAL D 583 -1.26 5.07 -84.67
N LEU D 584 -0.23 4.30 -85.04
CA LEU D 584 0.50 4.50 -86.28
C LEU D 584 -0.22 3.87 -87.45
N THR D 585 -0.21 4.57 -88.59
CA THR D 585 -0.88 4.11 -89.80
C THR D 585 0.10 3.42 -90.74
N GLN D 586 -0.45 2.62 -91.65
CA GLN D 586 0.35 1.92 -92.64
C GLN D 586 0.93 2.86 -93.70
N GLU D 587 0.29 4.01 -93.92
CA GLU D 587 0.76 4.93 -94.93
C GLU D 587 2.15 5.47 -94.61
N SER D 588 2.40 5.76 -93.33
CA SER D 588 3.61 6.46 -92.93
C SER D 588 4.76 5.53 -92.57
N ALA D 589 4.50 4.26 -92.29
CA ALA D 589 5.58 3.36 -91.88
C ALA D 589 6.58 3.15 -93.01
N THR D 590 6.09 2.79 -94.20
CA THR D 590 6.99 2.62 -95.35
C THR D 590 7.68 3.92 -95.69
N TYR D 591 6.97 5.04 -95.58
CA TYR D 591 7.54 6.35 -95.88
C TYR D 591 8.72 6.65 -94.96
N ILE D 592 8.53 6.42 -93.65
CA ILE D 592 9.59 6.67 -92.68
C ILE D 592 10.75 5.72 -92.87
N ALA D 593 10.45 4.44 -93.15
CA ALA D 593 11.54 3.48 -93.38
C ALA D 593 12.37 3.85 -94.60
N GLU D 594 11.70 4.26 -95.67
CA GLU D 594 12.41 4.68 -96.88
C GLU D 594 13.25 5.92 -96.61
N GLU D 595 12.74 6.86 -95.82
CA GLU D 595 13.54 8.04 -95.50
C GLU D 595 14.71 7.72 -94.59
N TYR D 596 14.56 6.77 -93.67
CA TYR D 596 15.69 6.34 -92.86
C TYR D 596 16.78 5.72 -93.73
N SER D 597 16.38 4.86 -94.68
CA SER D 597 17.34 4.30 -95.61
C SER D 597 17.97 5.40 -96.46
N ARG D 598 17.18 6.40 -96.84
CA ARG D 598 17.70 7.52 -97.62
C ARG D 598 18.74 8.29 -96.84
N LEU D 599 18.51 8.52 -95.55
CA LEU D 599 19.50 9.21 -94.72
C LEU D 599 20.77 8.39 -94.59
N ARG D 600 20.63 7.09 -94.32
CA ARG D 600 21.81 6.25 -94.17
C ARG D 600 22.59 6.10 -95.47
N SER D 601 21.94 6.31 -96.62
CA SER D 601 22.68 6.35 -97.88
C SER D 601 23.27 7.72 -98.15
N GLN D 602 22.53 8.78 -97.79
CA GLN D 602 22.99 10.16 -97.93
C GLN D 602 24.21 10.42 -97.08
N ASP D 603 24.43 9.58 -96.06
CA ASP D 603 25.67 9.61 -95.28
C ASP D 603 26.88 9.78 -96.19
N SER D 604 26.85 9.17 -97.37
CA SER D 604 27.89 9.38 -98.37
C SER D 604 27.65 10.64 -99.21
N MET D 605 26.40 11.10 -99.31
CA MET D 605 26.08 12.24 -100.16
C MET D 605 26.35 13.58 -99.48
N SER D 606 26.28 13.63 -98.14
CA SER D 606 26.50 14.87 -97.41
C SER D 606 28.00 15.16 -97.37
N SER D 607 28.49 15.85 -98.40
CA SER D 607 29.91 16.17 -98.53
C SER D 607 30.24 17.60 -98.16
N ASP D 608 29.29 18.54 -98.31
CA ASP D 608 29.53 19.94 -98.02
C ASP D 608 29.40 20.28 -96.53
N THR D 609 28.78 19.40 -95.74
CA THR D 609 28.52 19.69 -94.34
C THR D 609 28.88 18.48 -93.50
N ALA D 610 29.16 18.72 -92.22
CA ALA D 610 29.47 17.66 -91.27
C ALA D 610 28.20 17.24 -90.53
N ARG D 611 28.32 16.13 -89.80
CA ARG D 611 27.20 15.55 -89.07
C ARG D 611 27.41 15.78 -87.57
N THR D 612 26.36 16.23 -86.89
CA THR D 612 26.44 16.46 -85.45
C THR D 612 26.40 15.15 -84.68
N SER D 613 25.50 14.25 -85.07
CA SER D 613 25.26 13.01 -84.34
C SER D 613 25.25 11.83 -85.30
N PRO D 614 25.74 10.67 -84.86
CA PRO D 614 25.71 9.48 -85.71
C PRO D 614 24.29 8.97 -85.89
N VAL D 615 24.08 8.25 -86.99
CA VAL D 615 22.78 7.67 -87.33
C VAL D 615 22.83 6.20 -86.99
N THR D 616 22.04 5.80 -85.99
CA THR D 616 21.98 4.40 -85.55
C THR D 616 20.54 3.90 -85.60
N ALA D 617 20.29 2.75 -84.98
CA ALA D 617 18.93 2.20 -84.96
C ALA D 617 17.99 3.07 -84.13
N ARG D 618 18.55 3.86 -83.21
CA ARG D 618 17.71 4.69 -82.36
C ARG D 618 17.05 5.82 -83.13
N THR D 619 17.60 6.17 -84.30
CA THR D 619 17.05 7.26 -85.09
C THR D 619 15.66 6.93 -85.60
N LEU D 620 15.42 5.67 -85.99
CA LEU D 620 14.10 5.27 -86.47
C LEU D 620 13.07 5.36 -85.35
N GLU D 621 13.42 4.87 -84.16
CA GLU D 621 12.53 5.00 -83.02
C GLU D 621 12.27 6.47 -82.70
N THR D 622 13.29 7.30 -82.86
CA THR D 622 13.11 8.74 -82.64
C THR D 622 12.13 9.32 -83.66
N LEU D 623 12.22 8.88 -84.91
CA LEU D 623 11.27 9.33 -85.92
C LEU D 623 9.85 8.97 -85.54
N ILE D 624 9.63 7.71 -85.15
CA ILE D 624 8.29 7.26 -84.78
C ILE D 624 7.81 8.03 -83.55
N ARG D 625 8.70 8.26 -82.60
CA ARG D 625 8.34 8.96 -81.37
C ARG D 625 7.92 10.40 -81.64
N LEU D 626 8.67 11.10 -82.49
CA LEU D 626 8.32 12.47 -82.84
C LEU D 626 7.02 12.52 -83.63
N ALA D 627 6.80 11.53 -84.50
CA ALA D 627 5.55 11.45 -85.23
C ALA D 627 4.37 11.29 -84.28
N THR D 628 4.53 10.42 -83.28
CA THR D 628 3.45 10.21 -82.31
C THR D 628 3.25 11.44 -81.44
N ALA D 629 4.33 12.15 -81.11
CA ALA D 629 4.19 13.39 -80.35
C ALA D 629 3.40 14.44 -81.11
N HIS D 630 3.71 14.59 -82.41
CA HIS D 630 2.94 15.51 -83.24
C HIS D 630 1.48 15.07 -83.35
N ALA D 631 1.25 13.77 -83.46
CA ALA D 631 -0.13 13.27 -83.48
C ALA D 631 -0.83 13.53 -82.15
N LYS D 632 -0.08 13.56 -81.05
CA LYS D 632 -0.65 13.96 -79.77
C LYS D 632 -1.00 15.44 -79.76
N ALA D 633 -0.21 16.25 -80.45
CA ALA D 633 -0.43 17.70 -80.44
C ALA D 633 -1.82 18.05 -80.94
N ARG D 634 -2.24 17.45 -82.04
CA ARG D 634 -3.58 17.62 -82.58
C ARG D 634 -4.40 16.38 -82.23
N MET D 635 -5.42 16.56 -81.41
CA MET D 635 -6.19 15.42 -80.91
C MET D 635 -6.84 14.67 -82.06
N SER D 636 -6.48 13.40 -82.21
CA SER D 636 -7.00 12.54 -83.27
C SER D 636 -6.85 11.10 -82.81
N LYS D 637 -6.98 10.16 -83.75
CA LYS D 637 -6.86 8.75 -83.42
C LYS D 637 -5.69 8.06 -84.10
N THR D 638 -5.18 8.60 -85.21
CA THR D 638 -4.13 7.92 -85.95
C THR D 638 -3.03 8.90 -86.32
N VAL D 639 -1.84 8.37 -86.55
CA VAL D 639 -0.68 9.15 -86.98
C VAL D 639 -0.72 9.30 -88.49
N ASP D 640 -0.55 10.53 -88.97
CA ASP D 640 -0.69 10.87 -90.38
C ASP D 640 0.67 11.21 -90.97
N LEU D 641 0.66 11.59 -92.25
CA LEU D 641 1.92 11.86 -92.95
C LEU D 641 2.53 13.18 -92.54
N GLN D 642 1.70 14.17 -92.20
CA GLN D 642 2.21 15.50 -91.86
C GLN D 642 3.08 15.45 -90.61
N ASP D 643 2.69 14.64 -89.62
CA ASP D 643 3.51 14.48 -88.43
C ASP D 643 4.86 13.87 -88.77
N ALA D 644 4.88 12.88 -89.66
CA ALA D 644 6.14 12.30 -90.10
C ALA D 644 7.01 13.34 -90.79
N GLU D 645 6.39 14.18 -91.63
CA GLU D 645 7.15 15.22 -92.33
C GLU D 645 7.74 16.23 -91.34
N GLU D 646 6.96 16.62 -90.32
CA GLU D 646 7.48 17.55 -89.32
C GLU D 646 8.64 16.92 -88.55
N ALA D 647 8.49 15.65 -88.16
CA ALA D 647 9.56 14.96 -87.47
C ALA D 647 10.82 14.91 -88.31
N VAL D 648 10.66 14.64 -89.61
CA VAL D 648 11.81 14.53 -90.50
C VAL D 648 12.46 15.89 -90.71
N GLU D 649 11.66 16.95 -90.79
CA GLU D 649 12.23 18.29 -90.86
C GLU D 649 13.07 18.59 -89.63
N LEU D 650 12.55 18.24 -88.45
CA LEU D 650 13.29 18.45 -87.22
C LEU D 650 14.61 17.67 -87.23
N VAL D 651 14.54 16.41 -87.67
CA VAL D 651 15.73 15.57 -87.70
C VAL D 651 16.77 16.13 -88.66
N GLN D 652 16.33 16.54 -89.85
CA GLN D 652 17.25 17.09 -90.84
C GLN D 652 17.90 18.36 -90.32
N TYR D 653 17.13 19.23 -89.67
CA TYR D 653 17.69 20.47 -89.15
C TYR D 653 18.71 20.18 -88.05
N ALA D 654 18.38 19.27 -87.13
CA ALA D 654 19.23 19.07 -85.95
C ALA D 654 20.48 18.27 -86.29
N TYR D 655 20.38 17.31 -87.21
CA TYR D 655 21.46 16.35 -87.41
C TYR D 655 22.60 16.87 -88.28
N PHE D 656 22.39 17.95 -89.03
CA PHE D 656 23.42 18.49 -89.90
C PHE D 656 23.52 20.00 -89.72
N LYS D 657 24.75 20.51 -89.87
CA LYS D 657 24.99 21.94 -89.78
C LYS D 657 26.04 22.33 -90.82
N LYS D 658 25.99 23.59 -91.23
CA LYS D 658 26.94 24.12 -92.21
C LYS D 658 28.32 24.32 -91.61
N LYS E 149 14.31 -54.68 -15.89
CA LYS E 149 13.20 -54.48 -16.80
C LYS E 149 13.51 -55.05 -18.18
N LEU E 150 12.47 -55.52 -18.87
CA LEU E 150 12.66 -56.09 -20.21
C LEU E 150 13.12 -55.04 -21.21
N VAL E 151 12.49 -53.87 -21.20
CA VAL E 151 12.85 -52.78 -22.08
C VAL E 151 12.86 -51.48 -21.29
N ILE E 152 13.54 -50.49 -21.82
CA ILE E 152 13.61 -49.16 -21.21
C ILE E 152 12.53 -48.28 -21.83
N TRP E 153 11.92 -47.43 -21.00
CA TRP E 153 10.87 -46.54 -21.46
C TRP E 153 11.35 -45.69 -22.63
N GLY E 154 10.55 -45.66 -23.69
CA GLY E 154 10.88 -44.91 -24.88
C GLY E 154 11.85 -45.61 -25.83
N THR E 155 12.33 -46.80 -25.47
CA THR E 155 13.29 -47.53 -26.28
C THR E 155 12.89 -49.00 -26.32
N ASP E 156 13.74 -49.80 -26.94
CA ASP E 156 13.62 -51.26 -26.93
C ASP E 156 14.89 -51.93 -26.42
N VAL E 157 15.71 -51.21 -25.66
CA VAL E 157 17.03 -51.68 -25.28
C VAL E 157 16.94 -52.51 -24.01
N ASN E 158 17.61 -53.67 -24.03
CA ASN E 158 17.80 -54.50 -22.84
C ASN E 158 19.26 -54.42 -22.42
N VAL E 159 19.48 -54.24 -21.12
CA VAL E 159 20.84 -54.00 -20.64
C VAL E 159 21.66 -55.29 -20.65
N ALA E 160 21.12 -56.35 -20.04
CA ALA E 160 21.87 -57.60 -19.93
C ALA E 160 22.12 -58.22 -21.28
N ALA E 161 21.12 -58.18 -22.18
CA ALA E 161 21.29 -58.76 -23.50
C ALA E 161 22.39 -58.04 -24.27
N CYS E 162 22.40 -56.71 -24.23
CA CYS E 162 23.45 -55.96 -24.91
C CYS E 162 24.82 -56.21 -24.28
N LYS E 163 24.86 -56.33 -22.96
CA LYS E 163 26.13 -56.62 -22.29
C LYS E 163 26.71 -57.95 -22.74
N GLU E 164 25.89 -58.99 -22.74
CA GLU E 164 26.35 -60.30 -23.21
C GLU E 164 26.73 -60.26 -24.67
N ASN E 165 25.94 -59.54 -25.48
CA ASN E 165 26.24 -59.43 -26.90
C ASN E 165 27.60 -58.80 -27.14
N PHE E 166 27.89 -57.70 -26.43
CA PHE E 166 29.17 -57.03 -26.61
C PHE E 166 30.32 -57.89 -26.11
N GLN E 167 30.13 -58.57 -24.96
CA GLN E 167 31.20 -59.41 -24.44
C GLN E 167 31.51 -60.54 -25.40
N ARG E 168 30.49 -61.15 -26.00
CA ARG E 168 30.71 -62.21 -26.97
C ARG E 168 31.40 -61.65 -28.22
N PHE E 169 30.95 -60.49 -28.69
CA PHE E 169 31.50 -59.91 -29.92
C PHE E 169 32.97 -59.54 -29.75
N LEU E 170 33.36 -59.12 -28.54
CA LEU E 170 34.76 -58.76 -28.31
C LEU E 170 35.67 -59.97 -28.45
N GLN E 171 35.11 -61.17 -28.44
CA GLN E 171 35.93 -62.38 -28.55
C GLN E 171 35.71 -63.08 -29.88
N ARG E 172 34.59 -62.80 -30.55
CA ARG E 172 34.22 -63.61 -31.70
C ARG E 172 34.62 -62.98 -33.04
N PHE E 173 34.69 -61.65 -33.11
CA PHE E 173 34.75 -60.98 -34.39
C PHE E 173 36.05 -61.27 -35.13
N ILE E 174 35.93 -61.64 -36.40
CA ILE E 174 37.06 -61.81 -37.31
C ILE E 174 36.63 -61.33 -38.69
N ASP E 175 37.50 -60.55 -39.34
CA ASP E 175 37.21 -60.03 -40.67
C ASP E 175 38.37 -60.36 -41.61
N PRO E 176 38.10 -61.00 -42.74
CA PRO E 176 39.18 -61.38 -43.66
C PRO E 176 39.57 -60.27 -44.63
N LEU E 177 38.64 -59.36 -44.92
CA LEU E 177 38.91 -58.31 -45.89
C LEU E 177 39.96 -57.34 -45.38
N ALA E 178 39.99 -57.09 -44.08
CA ALA E 178 40.96 -56.16 -43.48
C ALA E 178 42.31 -56.84 -43.47
N LYS E 179 43.13 -56.52 -44.47
CA LYS E 179 44.47 -57.07 -44.59
C LYS E 179 45.42 -56.31 -43.69
N GLU E 180 46.72 -56.50 -43.90
CA GLU E 180 47.73 -55.82 -43.09
C GLU E 180 47.76 -54.32 -43.36
N GLU E 181 47.06 -53.84 -44.37
CA GLU E 181 47.03 -52.41 -44.66
C GLU E 181 46.44 -51.61 -43.50
N GLU E 182 45.40 -52.15 -42.86
CA GLU E 182 44.80 -51.49 -41.71
C GLU E 182 44.78 -52.34 -40.46
N ASN E 183 44.75 -53.68 -40.56
CA ASN E 183 44.98 -54.54 -39.41
C ASN E 183 46.48 -54.54 -39.14
N VAL E 184 46.93 -53.45 -38.55
CA VAL E 184 48.36 -53.12 -38.47
C VAL E 184 48.88 -53.59 -37.12
N GLY E 185 49.92 -54.42 -37.14
CA GLY E 185 50.52 -54.89 -35.91
C GLY E 185 49.74 -55.95 -35.18
N ILE E 186 48.76 -56.56 -35.84
CA ILE E 186 47.87 -57.54 -35.22
C ILE E 186 47.89 -58.81 -36.05
N ASP E 187 47.87 -59.95 -35.36
CA ASP E 187 47.77 -61.25 -36.03
C ASP E 187 46.36 -61.41 -36.54
N ILE E 188 46.21 -61.40 -37.87
CA ILE E 188 44.89 -61.45 -38.50
C ILE E 188 44.16 -62.76 -38.24
N THR E 189 44.89 -63.88 -38.17
CA THR E 189 44.27 -65.18 -37.94
C THR E 189 43.57 -65.27 -36.59
N GLU E 190 43.88 -64.38 -35.66
CA GLU E 190 43.29 -64.32 -34.33
C GLU E 190 42.15 -63.30 -34.32
N PRO E 191 41.26 -63.38 -33.33
CA PRO E 191 40.24 -62.34 -33.18
C PRO E 191 40.90 -60.97 -32.97
N LEU E 192 40.26 -59.93 -33.51
CA LEU E 192 40.90 -58.62 -33.58
C LEU E 192 40.74 -57.85 -32.27
N TYR E 193 39.52 -57.75 -31.76
CA TYR E 193 39.28 -56.86 -30.62
C TYR E 193 39.88 -57.41 -29.34
N MET E 194 39.96 -58.74 -29.19
CA MET E 194 40.67 -59.30 -28.04
C MET E 194 42.16 -58.97 -28.12
N GLN E 195 42.72 -59.01 -29.32
CA GLN E 195 44.11 -58.58 -29.50
C GLN E 195 44.28 -57.10 -29.16
N ARG E 196 43.29 -56.28 -29.53
CA ARG E 196 43.34 -54.87 -29.16
C ARG E 196 43.32 -54.68 -27.65
N LEU E 197 42.48 -55.45 -26.95
CA LEU E 197 42.45 -55.38 -25.49
C LEU E 197 43.78 -55.83 -24.90
N GLY E 198 44.40 -56.86 -25.47
CA GLY E 198 45.71 -57.28 -25.02
C GLY E 198 46.76 -56.20 -25.21
N GLU E 199 46.71 -55.51 -26.35
CA GLU E 199 47.63 -54.40 -26.58
C GLU E 199 47.39 -53.27 -25.61
N ILE E 200 46.12 -53.00 -25.26
CA ILE E 200 45.81 -52.03 -24.23
C ILE E 200 46.43 -52.43 -22.90
N ASN E 201 46.29 -53.70 -22.53
CA ASN E 201 46.93 -54.17 -21.30
C ASN E 201 48.45 -54.00 -21.37
N VAL E 202 49.03 -54.21 -22.54
CA VAL E 202 50.47 -54.04 -22.70
C VAL E 202 50.86 -52.58 -22.48
N ILE E 203 50.11 -51.66 -23.07
CA ILE E 203 50.48 -50.24 -22.98
C ILE E 203 49.84 -49.58 -21.77
N GLY E 204 48.58 -49.91 -21.47
CA GLY E 204 47.92 -49.30 -20.33
C GLY E 204 47.07 -48.10 -20.66
N GLU E 205 46.82 -47.81 -21.93
CA GLU E 205 45.95 -46.70 -22.32
C GLU E 205 44.52 -47.00 -21.90
N PRO E 206 43.86 -46.11 -21.17
CA PRO E 206 42.53 -46.44 -20.63
C PRO E 206 41.40 -46.26 -21.63
N PHE E 207 41.72 -46.18 -22.93
CA PHE E 207 40.71 -45.90 -23.94
C PHE E 207 40.81 -46.89 -25.09
N LEU E 208 39.65 -47.31 -25.60
CA LEU E 208 39.56 -48.25 -26.70
C LEU E 208 38.68 -47.66 -27.81
N ASN E 209 39.11 -47.84 -29.06
CA ASN E 209 38.41 -47.29 -30.21
C ASN E 209 37.73 -48.42 -30.98
N VAL E 210 36.45 -48.23 -31.30
CA VAL E 210 35.64 -49.27 -31.92
C VAL E 210 35.00 -48.72 -33.20
N ASN E 211 35.20 -49.43 -34.30
CA ASN E 211 34.59 -49.07 -35.58
C ASN E 211 33.15 -49.57 -35.61
N CYS E 212 32.24 -48.71 -36.06
CA CYS E 212 30.83 -49.06 -36.08
C CYS E 212 30.54 -50.16 -37.10
N GLU E 213 31.23 -50.09 -38.25
CA GLU E 213 30.90 -51.00 -39.36
C GLU E 213 31.22 -52.45 -39.01
N HIS E 214 32.23 -52.67 -38.17
CA HIS E 214 32.51 -54.03 -37.69
C HIS E 214 31.32 -54.56 -36.88
N ILE E 215 30.78 -53.73 -36.00
CA ILE E 215 29.63 -54.14 -35.20
C ILE E 215 28.43 -54.40 -36.10
N LYS E 216 28.24 -53.55 -37.12
CA LYS E 216 27.14 -53.78 -38.06
C LYS E 216 27.33 -55.08 -38.82
N SER E 217 28.58 -55.40 -39.17
CA SER E 217 28.86 -56.66 -39.85
C SER E 217 28.52 -57.85 -38.96
N PHE E 218 28.84 -57.76 -37.67
CA PHE E 218 28.49 -58.84 -36.75
C PHE E 218 26.98 -59.01 -36.65
N ASP E 219 26.25 -57.90 -36.48
CA ASP E 219 24.80 -57.94 -36.41
C ASP E 219 24.25 -56.53 -36.68
N LYS E 220 22.99 -56.46 -37.08
CA LYS E 220 22.38 -55.17 -37.38
C LYS E 220 21.61 -54.60 -36.20
N ASN E 221 21.05 -55.45 -35.34
CA ASN E 221 20.29 -54.94 -34.20
C ASN E 221 21.18 -54.14 -33.26
N LEU E 222 22.38 -54.63 -32.98
CA LEU E 222 23.29 -53.90 -32.11
C LEU E 222 23.70 -52.57 -32.73
N TYR E 223 23.94 -52.55 -34.05
CA TYR E 223 24.30 -51.31 -34.73
C TYR E 223 23.18 -50.28 -34.62
N ARG E 224 21.94 -50.71 -34.90
CA ARG E 224 20.81 -49.79 -34.85
C ARG E 224 20.57 -49.29 -33.42
N GLN E 225 20.72 -50.18 -32.44
CA GLN E 225 20.51 -49.77 -31.05
C GLN E 225 21.62 -48.83 -30.57
N LEU E 226 22.84 -49.01 -31.06
CA LEU E 226 23.93 -48.11 -30.69
C LEU E 226 23.74 -46.74 -31.33
N ILE E 227 23.26 -46.71 -32.58
CA ILE E 227 23.04 -45.44 -33.26
C ILE E 227 21.86 -44.68 -32.64
N SER E 228 20.78 -45.40 -32.35
CA SER E 228 19.56 -44.74 -31.92
C SER E 228 19.68 -44.19 -30.50
N TYR E 229 20.19 -44.99 -29.57
CA TYR E 229 20.22 -44.63 -28.16
C TYR E 229 21.63 -44.79 -27.60
N PRO E 230 22.54 -43.88 -27.93
CA PRO E 230 23.92 -44.01 -27.43
C PRO E 230 24.00 -43.98 -25.91
N GLN E 231 23.11 -43.24 -25.26
CA GLN E 231 23.19 -43.06 -23.81
C GLN E 231 22.89 -44.36 -23.08
N GLU E 232 22.00 -45.19 -23.63
CA GLU E 232 21.64 -46.43 -22.96
C GLU E 232 22.56 -47.57 -23.37
N VAL E 233 23.44 -47.33 -24.33
CA VAL E 233 24.24 -48.42 -24.89
C VAL E 233 25.70 -48.31 -24.46
N ILE E 234 26.27 -47.10 -24.53
CA ILE E 234 27.71 -46.95 -24.25
C ILE E 234 28.08 -47.33 -22.82
N PRO E 235 27.36 -46.89 -21.78
CA PRO E 235 27.75 -47.31 -20.42
C PRO E 235 27.76 -48.80 -20.21
N THR E 236 26.85 -49.53 -20.88
CA THR E 236 26.90 -50.99 -20.84
C THR E 236 28.19 -51.50 -21.46
N PHE E 237 28.61 -50.88 -22.57
CA PHE E 237 29.84 -51.30 -23.25
C PHE E 237 31.05 -51.09 -22.35
N ASP E 238 31.07 -49.99 -21.59
CA ASP E 238 32.20 -49.74 -20.69
C ASP E 238 32.41 -50.87 -19.71
N MET E 239 31.34 -51.27 -19.01
CA MET E 239 31.49 -52.33 -18.01
C MET E 239 31.71 -53.68 -18.67
N ALA E 240 31.12 -53.91 -19.85
CA ALA E 240 31.35 -55.16 -20.57
C ALA E 240 32.83 -55.32 -20.90
N VAL E 241 33.48 -54.22 -21.32
CA VAL E 241 34.91 -54.28 -21.61
C VAL E 241 35.72 -54.42 -20.33
N ASN E 242 35.33 -53.69 -19.27
CA ASN E 242 36.12 -53.69 -18.04
C ASN E 242 36.16 -55.07 -17.39
N GLU E 243 35.02 -55.76 -17.39
CA GLU E 243 35.00 -57.10 -16.79
C GLU E 243 35.95 -58.04 -17.51
N ILE E 244 35.94 -58.01 -18.84
CA ILE E 244 36.84 -58.87 -19.61
C ILE E 244 38.29 -58.50 -19.35
N PHE E 245 38.60 -57.20 -19.31
CA PHE E 245 39.98 -56.78 -19.09
C PHE E 245 40.48 -57.24 -17.73
N PHE E 246 39.66 -57.07 -16.69
CA PHE E 246 40.10 -57.46 -15.35
C PHE E 246 40.16 -58.98 -15.19
N ASP E 247 39.29 -59.71 -15.89
CA ASP E 247 39.34 -61.17 -15.80
C ASP E 247 40.58 -61.73 -16.48
N ARG E 248 40.86 -61.26 -17.70
CA ARG E 248 41.98 -61.84 -18.44
C ARG E 248 43.33 -61.34 -17.92
N TYR E 249 43.41 -60.11 -17.43
CA TYR E 249 44.66 -59.53 -16.95
C TYR E 249 44.46 -58.97 -15.55
N PRO E 250 44.42 -59.83 -14.55
CA PRO E 250 44.15 -59.36 -13.18
C PRO E 250 45.26 -58.48 -12.64
N ASP E 251 44.90 -57.56 -11.75
CA ASP E 251 45.81 -56.70 -11.01
C ASP E 251 46.68 -55.83 -11.90
N SER E 252 46.22 -55.51 -13.11
CA SER E 252 46.92 -54.54 -13.95
C SER E 252 46.58 -53.14 -13.46
N ILE E 253 47.61 -52.31 -13.27
CA ILE E 253 47.43 -51.02 -12.62
C ILE E 253 46.88 -50.01 -13.63
N LEU E 254 45.75 -49.40 -13.30
CA LEU E 254 45.18 -48.30 -14.06
C LEU E 254 44.62 -47.26 -13.09
N GLU E 255 44.64 -46.00 -13.52
CA GLU E 255 44.08 -44.93 -12.68
C GLU E 255 42.56 -44.92 -12.72
N HIS E 256 41.95 -45.33 -13.82
CA HIS E 256 40.50 -45.42 -13.91
C HIS E 256 40.13 -46.48 -14.94
N GLN E 257 38.86 -46.88 -14.92
CA GLN E 257 38.40 -47.99 -15.74
C GLN E 257 38.28 -47.59 -17.20
N ILE E 258 37.99 -48.59 -18.04
CA ILE E 258 38.01 -48.42 -19.48
C ILE E 258 36.74 -47.73 -19.97
N GLN E 259 36.90 -46.81 -20.92
CA GLN E 259 35.79 -46.15 -21.59
C GLN E 259 35.88 -46.42 -23.08
N VAL E 260 34.75 -46.75 -23.70
CA VAL E 260 34.70 -47.15 -25.11
C VAL E 260 34.28 -45.95 -25.94
N ARG E 261 34.87 -45.84 -27.14
CA ARG E 261 34.65 -44.70 -28.04
C ARG E 261 34.36 -45.18 -29.45
N PRO E 262 33.11 -45.14 -29.89
CA PRO E 262 32.79 -45.53 -31.27
C PRO E 262 33.33 -44.52 -32.27
N PHE E 263 33.44 -44.96 -33.52
CA PHE E 263 33.88 -44.08 -34.59
C PHE E 263 33.43 -44.64 -35.93
N ASN E 264 33.53 -43.80 -36.96
CA ASN E 264 33.22 -44.19 -38.35
C ASN E 264 31.77 -44.65 -38.50
N ALA E 265 30.84 -43.73 -38.27
CA ALA E 265 29.44 -43.99 -38.60
C ALA E 265 29.18 -43.58 -40.05
N LEU E 266 28.63 -44.49 -40.84
CA LEU E 266 28.47 -44.26 -42.27
C LEU E 266 27.36 -43.24 -42.50
N LYS E 267 27.73 -41.99 -42.70
CA LYS E 267 26.78 -40.94 -43.10
C LYS E 267 27.52 -40.02 -44.06
N THR E 268 27.11 -40.03 -45.33
CA THR E 268 27.69 -39.17 -46.35
C THR E 268 26.75 -38.04 -46.75
N LYS E 269 25.96 -37.55 -45.79
CA LYS E 269 24.89 -36.60 -46.08
C LYS E 269 25.33 -35.18 -45.74
N ASN E 270 24.74 -34.22 -46.46
CA ASN E 270 24.95 -32.81 -46.14
C ASN E 270 24.32 -32.50 -44.78
N MET E 271 25.02 -31.68 -43.98
CA MET E 271 24.52 -31.39 -42.64
C MET E 271 23.21 -30.63 -42.66
N ARG E 272 22.97 -29.83 -43.70
CA ARG E 272 21.69 -29.14 -43.82
C ARG E 272 20.54 -30.11 -44.02
N ASN E 273 20.82 -31.37 -44.35
CA ASN E 273 19.78 -32.38 -44.52
C ASN E 273 19.33 -32.99 -43.21
N LEU E 274 19.92 -32.60 -42.08
CA LEU E 274 19.51 -33.15 -40.80
C LEU E 274 18.08 -32.72 -40.46
N ASN E 275 17.40 -33.56 -39.70
CA ASN E 275 16.00 -33.39 -39.36
C ASN E 275 15.80 -33.62 -37.87
N PRO E 276 14.69 -33.15 -37.31
CA PRO E 276 14.42 -33.40 -35.87
C PRO E 276 14.35 -34.88 -35.53
N GLU E 277 14.10 -35.75 -36.51
CA GLU E 277 14.13 -37.18 -36.25
C GLU E 277 15.50 -37.64 -35.77
N ASP E 278 16.54 -36.90 -36.10
CA ASP E 278 17.92 -37.28 -35.80
C ASP E 278 18.48 -36.59 -34.57
N ILE E 279 17.63 -35.96 -33.75
CA ILE E 279 18.11 -35.35 -32.51
C ILE E 279 18.54 -36.45 -31.56
N ASP E 280 19.72 -36.26 -30.93
CA ASP E 280 20.31 -37.24 -30.01
C ASP E 280 20.62 -38.57 -30.72
N GLN E 281 21.40 -38.46 -31.80
CA GLN E 281 21.85 -39.62 -32.57
C GLN E 281 23.31 -39.42 -32.96
N LEU E 282 23.97 -40.51 -33.32
CA LEU E 282 25.40 -40.49 -33.59
C LEU E 282 25.67 -40.18 -35.06
N ILE E 283 26.48 -39.15 -35.32
CA ILE E 283 26.73 -38.64 -36.66
C ILE E 283 28.22 -38.41 -36.84
N THR E 284 28.64 -38.33 -38.10
CA THR E 284 30.02 -38.07 -38.48
C THR E 284 30.13 -36.77 -39.27
N ILE E 285 31.31 -36.16 -39.16
CA ILE E 285 31.64 -34.84 -39.69
C ILE E 285 33.02 -34.91 -40.29
N SER E 286 33.21 -34.27 -41.44
CA SER E 286 34.54 -34.07 -41.99
C SER E 286 34.73 -32.58 -42.22
N GLY E 287 35.77 -32.01 -41.63
CA GLY E 287 35.88 -30.57 -41.70
C GLY E 287 37.26 -30.05 -41.34
N MET E 288 37.32 -28.74 -41.17
CA MET E 288 38.54 -28.01 -40.83
C MET E 288 38.25 -27.06 -39.68
N VAL E 289 39.16 -27.03 -38.71
CA VAL E 289 39.00 -26.22 -37.50
C VAL E 289 39.53 -24.82 -37.77
N ILE E 290 38.75 -23.81 -37.38
CA ILE E 290 39.17 -22.43 -37.55
C ILE E 290 39.24 -21.65 -36.24
N ARG E 291 38.48 -22.02 -35.21
CA ARG E 291 38.50 -21.28 -33.94
C ARG E 291 38.43 -22.26 -32.78
N THR E 292 39.30 -22.07 -31.79
CA THR E 292 39.27 -22.82 -30.55
C THR E 292 39.43 -21.87 -29.39
N SER E 293 38.48 -21.89 -28.45
CA SER E 293 38.52 -20.99 -27.31
C SER E 293 39.38 -21.56 -26.19
N GLN E 294 39.42 -20.83 -25.08
CA GLN E 294 40.16 -21.31 -23.92
C GLN E 294 39.35 -22.35 -23.15
N LEU E 295 40.03 -23.09 -22.29
CA LEU E 295 39.37 -24.10 -21.47
C LEU E 295 38.43 -23.44 -20.47
N ILE E 296 37.34 -24.12 -20.18
CA ILE E 296 36.35 -23.67 -19.19
C ILE E 296 36.26 -24.74 -18.12
N PRO E 297 36.36 -24.38 -16.83
CA PRO E 297 36.16 -25.36 -15.77
C PRO E 297 34.68 -25.46 -15.40
N GLU E 298 34.15 -26.68 -15.40
CA GLU E 298 32.76 -26.92 -15.03
C GLU E 298 32.71 -27.91 -13.87
N MET E 299 31.90 -27.59 -12.87
CA MET E 299 31.90 -28.29 -11.59
C MET E 299 31.23 -29.65 -11.73
N GLN E 300 31.73 -30.61 -10.94
CA GLN E 300 31.13 -31.93 -10.82
C GLN E 300 30.79 -32.33 -9.40
N GLU E 301 31.46 -31.78 -8.40
CA GLU E 301 31.19 -32.12 -7.00
C GLU E 301 31.53 -30.93 -6.13
N ALA E 302 30.56 -30.44 -5.38
CA ALA E 302 30.68 -29.22 -4.60
C ALA E 302 31.09 -29.55 -3.16
N PHE E 303 31.81 -28.61 -2.54
CA PHE E 303 32.31 -28.75 -1.18
C PHE E 303 31.70 -27.65 -0.32
N PHE E 304 31.07 -28.05 0.79
CA PHE E 304 30.41 -27.11 1.68
C PHE E 304 31.04 -27.18 3.07
N GLN E 305 31.09 -26.04 3.73
CA GLN E 305 31.65 -25.93 5.07
C GLN E 305 30.64 -25.24 5.99
N CYS E 306 30.51 -25.75 7.20
CA CYS E 306 29.63 -25.17 8.21
C CYS E 306 30.33 -23.97 8.82
N GLN E 307 29.68 -22.81 8.78
CA GLN E 307 30.29 -21.59 9.28
C GLN E 307 30.29 -21.54 10.80
N VAL E 308 29.53 -22.40 11.48
CA VAL E 308 29.44 -22.36 12.93
C VAL E 308 30.34 -23.40 13.61
N CYS E 309 30.42 -24.61 13.08
CA CYS E 309 31.20 -25.65 13.75
C CYS E 309 32.22 -26.33 12.84
N ALA E 310 32.57 -25.75 11.69
CA ALA E 310 33.60 -26.24 10.79
C ALA E 310 33.32 -27.64 10.25
N HIS E 311 32.05 -28.06 10.23
CA HIS E 311 31.70 -29.33 9.63
C HIS E 311 31.64 -29.21 8.11
N THR E 312 32.22 -30.19 7.42
CA THR E 312 32.38 -30.12 5.97
C THR E 312 31.71 -31.32 5.31
N THR E 313 31.06 -31.06 4.18
CA THR E 313 30.36 -32.08 3.41
C THR E 313 30.67 -31.92 1.93
N ARG E 314 30.42 -32.98 1.18
CA ARG E 314 30.56 -32.99 -0.28
C ARG E 314 29.25 -33.41 -0.91
N VAL E 315 28.85 -32.71 -1.97
CA VAL E 315 27.60 -33.01 -2.66
C VAL E 315 27.91 -33.23 -4.14
N GLU E 316 27.45 -34.35 -4.68
CA GLU E 316 27.70 -34.72 -6.06
C GLU E 316 26.60 -34.16 -6.96
N MET E 317 27.00 -33.60 -8.10
CA MET E 317 26.05 -33.06 -9.05
C MET E 317 25.16 -34.17 -9.60
N ASP E 318 23.86 -33.93 -9.61
CA ASP E 318 22.88 -34.86 -10.17
C ASP E 318 21.95 -34.10 -11.09
N ARG E 319 21.77 -34.61 -12.31
CA ARG E 319 20.91 -34.00 -13.32
C ARG E 319 21.34 -32.58 -13.66
N GLY E 320 22.61 -32.25 -13.45
CA GLY E 320 23.13 -30.94 -13.75
C GLY E 320 22.86 -29.87 -12.72
N ARG E 321 22.27 -30.22 -11.58
CA ARG E 321 21.94 -29.26 -10.54
C ARG E 321 22.49 -29.73 -9.21
N ILE E 322 22.94 -28.78 -8.40
CA ILE E 322 23.49 -29.06 -7.08
C ILE E 322 22.52 -28.54 -6.03
N ALA E 323 22.18 -29.39 -5.06
CA ALA E 323 21.28 -29.05 -3.97
C ALA E 323 22.09 -28.90 -2.69
N GLU E 324 22.29 -27.66 -2.25
CA GLU E 324 23.07 -27.47 -1.04
C GLU E 324 22.20 -27.68 0.20
N PRO E 325 22.73 -28.35 1.22
CA PRO E 325 21.95 -28.60 2.43
C PRO E 325 21.54 -27.30 3.11
N SER E 326 20.29 -27.26 3.57
CA SER E 326 19.79 -26.10 4.28
C SER E 326 19.94 -26.22 5.79
N VAL E 327 20.45 -27.35 6.29
CA VAL E 327 20.62 -27.56 7.72
C VAL E 327 21.91 -28.34 7.92
N CYS E 328 22.64 -28.01 8.99
CA CYS E 328 23.90 -28.68 9.25
C CYS E 328 23.65 -30.11 9.76
N GLY E 329 24.74 -30.85 9.94
CA GLY E 329 24.65 -32.23 10.36
C GLY E 329 25.18 -32.51 11.74
N ARG E 330 25.75 -31.49 12.39
CA ARG E 330 26.29 -31.67 13.74
C ARG E 330 25.82 -30.62 14.73
N CYS E 331 25.43 -29.43 14.30
CA CYS E 331 24.85 -28.43 15.17
C CYS E 331 23.41 -28.08 14.78
N HIS E 332 22.92 -28.60 13.66
CA HIS E 332 21.54 -28.44 13.22
C HIS E 332 21.16 -26.99 12.96
N THR E 333 22.15 -26.12 12.75
CA THR E 333 21.86 -24.75 12.38
C THR E 333 21.35 -24.68 10.95
N THR E 334 20.36 -23.82 10.72
CA THR E 334 19.81 -23.66 9.38
C THR E 334 20.61 -22.63 8.60
N HIS E 335 20.89 -22.95 7.33
CA HIS E 335 21.57 -22.07 6.39
C HIS E 335 22.97 -21.67 6.88
N SER E 336 23.64 -22.55 7.60
CA SER E 336 25.01 -22.27 8.04
C SER E 336 26.06 -22.85 7.11
N MET E 337 25.65 -23.48 6.02
CA MET E 337 26.57 -24.15 5.11
C MET E 337 26.91 -23.20 3.96
N ALA E 338 28.20 -22.98 3.75
CA ALA E 338 28.70 -22.11 2.70
C ALA E 338 29.48 -22.92 1.67
N LEU E 339 29.43 -22.47 0.42
CA LEU E 339 30.06 -23.16 -0.69
C LEU E 339 31.45 -22.58 -0.94
N ILE E 340 32.43 -23.47 -1.10
CA ILE E 340 33.81 -23.09 -1.37
C ILE E 340 34.18 -23.70 -2.72
N HIS E 341 34.51 -22.85 -3.69
CA HIS E 341 34.72 -23.32 -5.05
C HIS E 341 36.04 -24.08 -5.20
N ASN E 342 37.11 -23.55 -4.62
CA ASN E 342 38.44 -24.14 -4.84
C ASN E 342 38.56 -25.53 -4.25
N ARG E 343 37.75 -25.88 -3.26
CA ARG E 343 37.80 -27.23 -2.71
C ARG E 343 37.01 -28.23 -3.55
N SER E 344 36.27 -27.76 -4.54
CA SER E 344 35.41 -28.63 -5.33
C SER E 344 36.21 -29.33 -6.42
N LEU E 345 35.51 -30.13 -7.23
CA LEU E 345 36.10 -30.84 -8.35
C LEU E 345 35.54 -30.31 -9.66
N PHE E 346 36.43 -30.13 -10.63
CA PHE E 346 36.08 -29.51 -11.90
C PHE E 346 36.54 -30.37 -13.07
N SER E 347 35.98 -30.08 -14.24
CA SER E 347 36.33 -30.77 -15.47
C SER E 347 36.51 -29.76 -16.59
N ASP E 348 37.30 -30.13 -17.60
CA ASP E 348 37.66 -29.25 -18.69
C ASP E 348 36.58 -29.22 -19.76
N LYS E 349 36.40 -28.07 -20.39
CA LYS E 349 35.48 -27.92 -21.51
C LYS E 349 36.12 -27.01 -22.55
N GLN E 350 35.79 -27.25 -23.81
CA GLN E 350 36.31 -26.43 -24.90
C GLN E 350 35.26 -26.31 -26.00
N MET E 351 35.21 -25.14 -26.63
CA MET E 351 34.34 -24.90 -27.77
C MET E 351 35.17 -24.75 -29.02
N ILE E 352 34.73 -25.42 -30.09
CA ILE E 352 35.44 -25.45 -31.37
C ILE E 352 34.47 -25.05 -32.46
N LYS E 353 34.96 -24.28 -33.43
CA LYS E 353 34.19 -23.94 -34.61
C LYS E 353 34.83 -24.60 -35.82
N LEU E 354 34.01 -25.26 -36.63
CA LEU E 354 34.48 -26.07 -37.74
C LEU E 354 33.80 -25.62 -39.03
N GLN E 355 34.54 -25.69 -40.14
CA GLN E 355 34.02 -25.36 -41.45
C GLN E 355 33.73 -26.64 -42.23
N GLU E 356 32.51 -26.73 -42.75
CA GLU E 356 32.06 -27.95 -43.41
C GLU E 356 32.75 -28.16 -44.75
N SER E 357 32.94 -29.43 -45.10
CA SER E 357 33.42 -29.83 -46.42
C SER E 357 32.53 -30.95 -46.94
N PRO E 358 31.28 -30.66 -47.28
CA PRO E 358 30.34 -31.72 -47.65
C PRO E 358 30.71 -32.36 -48.98
N GLU E 359 30.39 -33.65 -49.09
CA GLU E 359 30.59 -34.35 -50.35
C GLU E 359 29.52 -33.96 -51.37
N ASP E 360 28.27 -33.85 -50.93
CA ASP E 360 27.16 -33.49 -51.78
C ASP E 360 26.78 -32.03 -51.50
N MET E 361 26.67 -31.24 -52.56
CA MET E 361 26.36 -29.82 -52.43
C MET E 361 25.17 -29.46 -53.31
N PRO E 362 24.11 -28.88 -52.76
CA PRO E 362 22.99 -28.43 -53.59
C PRO E 362 23.36 -27.19 -54.38
N ALA E 363 22.37 -26.59 -55.04
CA ALA E 363 22.62 -25.37 -55.81
C ALA E 363 22.55 -24.16 -54.89
N GLY E 364 23.57 -23.32 -54.93
CA GLY E 364 23.55 -22.06 -54.21
C GLY E 364 23.55 -22.16 -52.70
N GLN E 365 24.38 -23.02 -52.13
CA GLN E 365 24.50 -23.14 -50.68
C GLN E 365 25.76 -22.45 -50.20
N THR E 366 25.62 -21.56 -49.23
CA THR E 366 26.76 -20.89 -48.63
C THR E 366 27.47 -21.81 -47.65
N PRO E 367 28.75 -21.54 -47.36
CA PRO E 367 29.47 -22.36 -46.39
C PRO E 367 28.82 -22.33 -45.02
N HIS E 368 29.21 -23.30 -44.19
CA HIS E 368 28.57 -23.56 -42.92
C HIS E 368 29.60 -23.51 -41.80
N THR E 369 29.15 -23.16 -40.60
CA THR E 369 30.00 -23.18 -39.41
C THR E 369 29.30 -24.00 -38.34
N VAL E 370 30.02 -24.95 -37.76
CA VAL E 370 29.48 -25.90 -36.81
C VAL E 370 30.17 -25.71 -35.47
N ILE E 371 29.37 -25.76 -34.41
CA ILE E 371 29.83 -25.57 -33.04
C ILE E 371 29.96 -26.92 -32.37
N LEU E 372 31.13 -27.21 -31.81
CA LEU E 372 31.41 -28.48 -31.17
C LEU E 372 31.90 -28.24 -29.75
N PHE E 373 31.51 -29.13 -28.84
CA PHE E 373 31.93 -29.06 -27.44
C PHE E 373 32.75 -30.30 -27.10
N ALA E 374 33.99 -30.10 -26.69
CA ALA E 374 34.91 -31.19 -26.38
C ALA E 374 35.25 -31.17 -24.90
N HIS E 375 35.31 -32.35 -24.29
CA HIS E 375 35.50 -32.47 -22.86
C HIS E 375 36.63 -33.45 -22.55
N ASN E 376 37.24 -33.28 -21.38
CA ASN E 376 38.31 -34.14 -20.89
C ASN E 376 39.47 -34.24 -21.87
N ASP E 377 39.95 -35.47 -22.11
CA ASP E 377 41.18 -35.66 -22.86
C ASP E 377 41.08 -35.19 -24.31
N LEU E 378 39.87 -35.03 -24.84
CA LEU E 378 39.74 -34.58 -26.22
C LEU E 378 40.21 -33.14 -26.39
N VAL E 379 40.45 -32.43 -25.29
CA VAL E 379 40.91 -31.05 -25.36
C VAL E 379 42.29 -30.97 -25.98
N ASP E 380 42.49 -29.98 -26.85
CA ASP E 380 43.78 -29.67 -27.46
C ASP E 380 44.30 -30.78 -28.36
N LYS E 381 43.40 -31.57 -28.94
CA LYS E 381 43.82 -32.59 -29.89
C LYS E 381 43.77 -32.10 -31.34
N VAL E 382 43.24 -30.90 -31.58
CA VAL E 382 43.19 -30.32 -32.92
C VAL E 382 43.68 -28.89 -32.84
N GLN E 383 44.17 -28.38 -33.98
CA GLN E 383 44.65 -27.03 -34.11
C GLN E 383 44.05 -26.39 -35.34
N PRO E 384 43.93 -25.05 -35.37
CA PRO E 384 43.35 -24.40 -36.55
C PRO E 384 44.12 -24.72 -37.81
N GLY E 385 43.37 -24.90 -38.91
CA GLY E 385 43.94 -25.33 -40.18
C GLY E 385 43.96 -26.83 -40.39
N ASP E 386 43.76 -27.62 -39.34
CA ASP E 386 43.80 -29.06 -39.48
C ASP E 386 42.50 -29.57 -40.09
N ARG E 387 42.61 -30.57 -40.95
CA ARG E 387 41.46 -31.22 -41.57
C ARG E 387 41.25 -32.57 -40.91
N VAL E 388 40.12 -32.73 -40.21
CA VAL E 388 39.88 -33.87 -39.33
C VAL E 388 38.50 -34.46 -39.62
N ASN E 389 38.27 -35.62 -39.02
CA ASN E 389 36.96 -36.26 -38.96
C ASN E 389 36.52 -36.36 -37.51
N VAL E 390 35.23 -36.15 -37.27
CA VAL E 390 34.66 -36.06 -35.94
C VAL E 390 33.43 -36.96 -35.87
N THR E 391 33.31 -37.68 -34.75
CA THR E 391 32.12 -38.49 -34.49
C THR E 391 31.50 -38.02 -33.19
N GLY E 392 30.20 -37.73 -33.22
CA GLY E 392 29.55 -37.22 -32.03
C GLY E 392 28.04 -37.18 -32.14
N ILE E 393 27.40 -36.77 -31.04
CA ILE E 393 25.95 -36.72 -30.92
C ILE E 393 25.46 -35.33 -31.31
N TYR E 394 24.23 -35.27 -31.77
CA TYR E 394 23.59 -34.03 -32.23
C TYR E 394 22.61 -33.56 -31.16
N ARG E 395 22.74 -32.30 -30.73
CA ARG E 395 22.02 -31.77 -29.58
C ARG E 395 21.15 -30.59 -29.96
N ALA E 396 20.41 -30.10 -28.98
CA ALA E 396 19.58 -28.90 -29.11
C ALA E 396 19.44 -28.23 -27.75
N VAL E 397 19.64 -26.92 -27.71
CA VAL E 397 19.64 -26.15 -26.48
C VAL E 397 18.76 -24.91 -26.61
N PRO E 398 17.94 -24.59 -25.62
CA PRO E 398 17.19 -23.32 -25.66
C PRO E 398 18.07 -22.13 -25.36
N ILE E 399 17.62 -20.95 -25.78
CA ILE E 399 18.37 -19.70 -25.66
C ILE E 399 17.58 -18.74 -24.79
N ARG E 400 18.27 -18.09 -23.86
CA ARG E 400 17.64 -17.09 -23.01
C ARG E 400 17.23 -15.87 -23.82
N VAL E 401 16.20 -15.16 -23.33
CA VAL E 401 15.81 -13.90 -23.96
C VAL E 401 16.90 -12.86 -23.79
N ASN E 402 17.39 -12.68 -22.57
CA ASN E 402 18.51 -11.80 -22.28
C ASN E 402 19.20 -12.32 -21.04
N PRO E 403 20.49 -11.99 -20.84
CA PRO E 403 21.24 -12.63 -19.74
C PRO E 403 20.66 -12.40 -18.36
N ARG E 404 19.89 -11.34 -18.16
CA ARG E 404 19.39 -10.98 -16.84
C ARG E 404 18.05 -11.63 -16.51
N VAL E 405 17.47 -12.40 -17.43
CA VAL E 405 16.18 -13.04 -17.21
C VAL E 405 16.29 -14.53 -17.47
N SER E 406 15.35 -15.29 -16.93
CA SER E 406 15.34 -16.73 -17.10
C SER E 406 14.43 -17.22 -18.21
N ASN E 407 13.74 -16.31 -18.90
CA ASN E 407 12.88 -16.72 -20.01
C ASN E 407 13.71 -17.25 -21.16
N VAL E 408 13.15 -18.20 -21.90
CA VAL E 408 13.85 -18.86 -22.99
C VAL E 408 13.08 -18.65 -24.29
N LYS E 409 13.80 -18.72 -25.40
CA LYS E 409 13.17 -18.56 -26.71
C LYS E 409 12.63 -19.89 -27.20
N SER E 410 11.60 -19.81 -28.06
CA SER E 410 10.99 -21.01 -28.60
C SER E 410 11.84 -21.70 -29.66
N VAL E 411 12.55 -20.94 -30.48
CA VAL E 411 13.40 -21.49 -31.54
C VAL E 411 14.70 -21.93 -30.88
N TYR E 412 15.04 -23.20 -31.04
CA TYR E 412 16.18 -23.77 -30.34
C TYR E 412 17.47 -23.55 -31.11
N LYS E 413 18.57 -23.60 -30.38
CA LYS E 413 19.91 -23.61 -30.94
C LYS E 413 20.35 -25.04 -31.18
N THR E 414 21.54 -25.22 -31.76
CA THR E 414 22.02 -26.56 -32.05
C THR E 414 23.55 -26.61 -31.99
N HIS E 415 24.05 -27.79 -31.68
CA HIS E 415 25.49 -28.05 -31.62
C HIS E 415 25.71 -29.56 -31.65
N ILE E 416 26.97 -29.96 -31.57
CA ILE E 416 27.36 -31.36 -31.71
C ILE E 416 28.39 -31.70 -30.66
N ASP E 417 28.14 -32.79 -29.92
CA ASP E 417 28.99 -33.23 -28.81
C ASP E 417 29.98 -34.26 -29.31
N VAL E 418 31.25 -33.88 -29.39
CA VAL E 418 32.28 -34.70 -30.03
C VAL E 418 32.60 -35.90 -29.15
N ILE E 419 32.74 -37.07 -29.78
CA ILE E 419 33.09 -38.29 -29.05
C ILE E 419 34.41 -38.86 -29.57
N HIS E 420 34.70 -38.64 -30.85
CA HIS E 420 35.86 -39.28 -31.46
C HIS E 420 36.48 -38.38 -32.51
N TYR E 421 37.82 -38.44 -32.60
CA TYR E 421 38.61 -37.70 -33.59
C TYR E 421 39.38 -38.68 -34.46
N ARG E 422 39.49 -38.36 -35.76
CA ARG E 422 40.24 -39.17 -36.71
C ARG E 422 41.02 -38.27 -37.66
N LYS E 423 42.22 -38.70 -38.03
CA LYS E 423 43.09 -37.91 -38.88
C LYS E 423 43.35 -38.55 -40.25
N THR E 424 43.16 -39.86 -40.38
CA THR E 424 43.47 -40.54 -41.63
C THR E 424 42.51 -40.13 -42.74
N ASP E 425 43.04 -40.04 -43.96
CA ASP E 425 42.24 -39.73 -45.13
C ASP E 425 42.86 -40.45 -46.34
N ALA E 426 42.00 -40.93 -47.24
CA ALA E 426 42.44 -41.72 -48.37
C ALA E 426 42.73 -40.90 -49.62
N LYS E 427 42.59 -39.58 -49.56
CA LYS E 427 42.84 -38.71 -50.71
C LYS E 427 43.99 -37.74 -50.50
N ARG E 428 44.25 -37.32 -49.27
CA ARG E 428 45.26 -36.32 -48.98
C ARG E 428 46.43 -36.94 -48.23
N LEU E 429 47.56 -36.25 -48.24
CA LEU E 429 48.77 -36.78 -47.63
C LEU E 429 48.64 -36.82 -46.11
N HIS E 430 49.56 -37.55 -45.48
CA HIS E 430 49.55 -37.70 -44.04
C HIS E 430 49.95 -36.41 -43.34
N GLY E 431 49.34 -36.14 -42.20
CA GLY E 431 49.65 -34.96 -41.43
C GLY E 431 50.89 -35.13 -40.57
N LEU E 432 51.21 -34.06 -39.83
CA LEU E 432 52.39 -34.11 -38.97
C LEU E 432 52.13 -34.85 -37.67
N ASP E 433 50.86 -35.07 -37.33
CA ASP E 433 50.54 -35.77 -36.08
C ASP E 433 51.03 -37.21 -36.13
N GLU E 434 50.70 -37.94 -37.19
CA GLU E 434 51.06 -39.35 -37.27
C GLU E 434 52.54 -39.55 -37.55
N GLU E 435 53.19 -38.56 -38.18
CA GLU E 435 54.61 -38.68 -38.48
C GLU E 435 55.45 -38.69 -37.21
N ALA E 436 55.00 -37.99 -36.16
CA ALA E 436 55.73 -37.91 -34.91
C ALA E 436 55.52 -39.12 -34.00
N GLU E 437 55.00 -40.22 -34.54
CA GLU E 437 54.80 -41.44 -33.77
C GLU E 437 55.31 -42.63 -34.58
N GLN E 438 55.72 -43.67 -33.86
CA GLN E 438 56.27 -44.87 -34.47
C GLN E 438 55.17 -45.84 -34.91
N LYS E 439 54.45 -45.49 -35.96
CA LYS E 439 53.36 -46.31 -36.48
C LYS E 439 53.71 -47.00 -37.80
N LEU E 440 55.00 -47.13 -38.12
CA LEU E 440 55.42 -47.81 -39.35
C LEU E 440 55.62 -49.30 -39.09
N PHE E 441 54.54 -49.94 -38.63
CA PHE E 441 54.60 -51.39 -38.38
C PHE E 441 54.69 -52.17 -39.69
N SER E 442 54.31 -51.56 -40.81
CA SER E 442 54.29 -52.25 -42.09
C SER E 442 55.71 -52.43 -42.62
N GLU E 443 56.44 -53.40 -42.04
CA GLU E 443 57.82 -53.62 -42.46
C GLU E 443 57.90 -54.08 -43.91
N LYS E 444 56.85 -54.74 -44.40
CA LYS E 444 56.78 -55.11 -45.81
C LYS E 444 56.84 -53.87 -46.69
N ARG E 445 56.02 -52.87 -46.36
CA ARG E 445 56.01 -51.62 -47.13
C ARG E 445 57.34 -50.89 -47.00
N VAL E 446 57.95 -50.92 -45.81
CA VAL E 446 59.24 -50.28 -45.60
C VAL E 446 60.29 -50.90 -46.52
N GLU E 447 60.33 -52.24 -46.54
CA GLU E 447 61.29 -52.94 -47.40
C GLU E 447 61.02 -52.64 -48.87
N LEU E 448 59.75 -52.65 -49.27
CA LEU E 448 59.41 -52.39 -50.66
C LEU E 448 59.86 -51.00 -51.08
N LEU E 449 59.61 -50.00 -50.25
CA LEU E 449 59.99 -48.64 -50.60
C LEU E 449 61.50 -48.45 -50.59
N LYS E 450 62.19 -49.07 -49.63
CA LYS E 450 63.64 -48.95 -49.60
C LYS E 450 64.29 -49.66 -50.79
N GLU E 451 63.69 -50.74 -51.27
CA GLU E 451 64.18 -51.36 -52.49
C GLU E 451 63.86 -50.51 -53.72
N LEU E 452 62.69 -49.86 -53.72
CA LEU E 452 62.34 -48.99 -54.84
C LEU E 452 63.31 -47.81 -54.94
N SER E 453 63.71 -47.26 -53.80
CA SER E 453 64.57 -46.08 -53.80
C SER E 453 65.90 -46.35 -54.50
N ARG E 454 66.38 -47.59 -54.44
CA ARG E 454 67.67 -47.90 -55.04
C ARG E 454 67.58 -47.99 -56.56
N LYS E 455 66.38 -48.13 -57.11
CA LYS E 455 66.24 -48.16 -58.55
C LYS E 455 66.55 -46.77 -59.12
N PRO E 456 67.16 -46.69 -60.31
CA PRO E 456 67.65 -45.37 -60.77
C PRO E 456 66.54 -44.41 -61.18
N ASP E 457 65.52 -44.88 -61.89
CA ASP E 457 64.54 -44.02 -62.51
C ASP E 457 63.41 -43.59 -61.57
N ILE E 458 63.46 -44.00 -60.30
CA ILE E 458 62.35 -43.75 -59.38
C ILE E 458 62.01 -42.27 -59.34
N TYR E 459 63.03 -41.41 -59.31
CA TYR E 459 62.84 -39.97 -59.40
C TYR E 459 61.84 -39.62 -60.50
N GLU E 460 62.19 -39.97 -61.75
CA GLU E 460 61.28 -39.70 -62.86
C GLU E 460 59.92 -40.36 -62.62
N ARG E 461 59.93 -41.59 -62.11
CA ARG E 461 58.68 -42.28 -61.82
C ARG E 461 57.81 -41.46 -60.86
N LEU E 462 58.43 -40.90 -59.82
CA LEU E 462 57.68 -40.03 -58.92
C LEU E 462 57.12 -38.83 -59.68
N ALA E 463 57.93 -38.21 -60.53
CA ALA E 463 57.44 -37.12 -61.36
C ALA E 463 56.33 -37.59 -62.28
N SER E 464 56.35 -38.87 -62.66
CA SER E 464 55.26 -39.43 -63.46
C SER E 464 54.04 -39.70 -62.59
N ALA E 465 54.26 -40.09 -61.33
CA ALA E 465 53.14 -40.53 -60.50
C ALA E 465 52.51 -39.38 -59.73
N LEU E 466 53.11 -38.19 -59.79
CA LEU E 466 52.55 -37.05 -59.07
C LEU E 466 51.22 -36.61 -59.66
N ALA E 467 51.06 -36.72 -60.98
CA ALA E 467 49.82 -36.29 -61.61
C ALA E 467 49.58 -37.07 -62.91
N PRO E 468 48.65 -38.03 -62.90
CA PRO E 468 48.40 -38.81 -64.13
C PRO E 468 47.70 -38.01 -65.22
N SER E 469 46.80 -37.09 -64.85
CA SER E 469 45.99 -36.37 -65.82
C SER E 469 46.62 -35.04 -66.24
N ILE E 470 47.94 -34.90 -66.15
CA ILE E 470 48.62 -33.66 -66.49
C ILE E 470 49.69 -33.98 -67.53
N TYR E 471 50.03 -32.96 -68.32
CA TYR E 471 50.70 -33.12 -69.60
C TYR E 471 52.21 -33.29 -69.43
N GLU E 472 52.93 -33.14 -70.53
CA GLU E 472 54.33 -33.53 -70.67
C GLU E 472 55.30 -32.67 -69.84
N HIS E 473 54.78 -31.66 -69.14
CA HIS E 473 55.65 -30.73 -68.40
C HIS E 473 56.24 -31.41 -67.17
N GLU E 474 57.31 -32.17 -67.41
CA GLU E 474 57.92 -32.95 -66.33
C GLU E 474 58.74 -32.08 -65.39
N ASP E 475 59.33 -31.01 -65.89
CA ASP E 475 60.14 -30.14 -65.03
C ASP E 475 59.28 -29.49 -63.95
N ILE E 476 58.08 -29.05 -64.31
CA ILE E 476 57.19 -28.43 -63.34
C ILE E 476 56.82 -29.43 -62.25
N LYS E 477 56.50 -30.66 -62.65
CA LYS E 477 56.11 -31.67 -61.68
C LYS E 477 57.29 -32.05 -60.78
N LYS E 478 58.50 -32.08 -61.34
CA LYS E 478 59.68 -32.33 -60.51
C LYS E 478 59.88 -31.22 -59.50
N GLY E 479 59.69 -29.97 -59.91
CA GLY E 479 59.80 -28.86 -58.97
C GLY E 479 58.76 -28.94 -57.87
N ILE E 480 57.54 -29.33 -58.22
CA ILE E 480 56.49 -29.47 -57.20
C ILE E 480 56.82 -30.61 -56.25
N LEU E 481 57.39 -31.71 -56.75
CA LEU E 481 57.79 -32.80 -55.88
C LEU E 481 58.88 -32.36 -54.91
N LEU E 482 59.89 -31.65 -55.42
CA LEU E 482 60.94 -31.15 -54.54
C LEU E 482 60.37 -30.18 -53.51
N GLN E 483 59.35 -29.41 -53.90
CA GLN E 483 58.65 -28.57 -52.93
C GLN E 483 57.98 -29.43 -51.86
N LEU E 484 57.37 -30.54 -52.26
CA LEU E 484 56.70 -31.40 -51.28
C LEU E 484 57.69 -31.96 -50.27
N PHE E 485 58.88 -32.38 -50.74
CA PHE E 485 59.86 -32.94 -49.82
C PHE E 485 60.41 -31.87 -48.88
N GLY E 486 60.78 -30.70 -49.42
CA GLY E 486 61.22 -29.59 -48.58
C GLY E 486 62.62 -29.74 -48.03
N GLY E 487 63.25 -28.62 -47.69
CA GLY E 487 64.60 -28.66 -47.16
C GLY E 487 64.63 -28.98 -45.69
N THR E 488 65.85 -29.20 -45.20
CA THR E 488 66.04 -29.57 -43.79
C THR E 488 65.79 -28.37 -42.89
N ARG E 489 65.07 -28.59 -41.79
CA ARG E 489 64.74 -27.53 -40.85
C ARG E 489 65.83 -27.44 -39.78
N LYS E 490 66.90 -26.72 -40.14
CA LYS E 490 68.01 -26.52 -39.22
C LYS E 490 67.63 -25.54 -38.11
N ASP E 491 68.42 -25.57 -37.04
CA ASP E 491 68.22 -24.69 -35.90
C ASP E 491 69.41 -23.73 -35.81
N PHE E 492 69.13 -22.43 -35.88
CA PHE E 492 70.16 -21.40 -35.86
C PHE E 492 69.96 -20.40 -34.73
N SER E 493 69.21 -20.75 -33.69
CA SER E 493 68.96 -19.81 -32.61
C SER E 493 70.24 -19.46 -31.86
N HIS E 494 71.15 -20.41 -31.71
CA HIS E 494 72.42 -20.12 -31.04
C HIS E 494 73.26 -19.13 -31.81
N THR E 495 73.09 -19.07 -33.14
CA THR E 495 73.88 -18.14 -33.93
C THR E 495 73.43 -16.70 -33.74
N GLY E 496 72.15 -16.49 -33.43
CA GLY E 496 71.59 -15.15 -33.38
C GLY E 496 71.11 -14.62 -34.72
N ARG E 497 71.29 -15.37 -35.80
CA ARG E 497 70.80 -14.94 -37.11
C ARG E 497 69.28 -14.90 -37.15
N GLY E 498 68.62 -15.79 -36.41
CA GLY E 498 67.19 -15.93 -36.48
C GLY E 498 66.78 -17.18 -37.24
N LYS E 499 65.52 -17.21 -37.63
CA LYS E 499 65.00 -18.35 -38.38
C LYS E 499 65.54 -18.33 -39.81
N PHE E 500 65.75 -19.52 -40.35
CA PHE E 500 66.21 -19.69 -41.73
C PHE E 500 65.13 -20.44 -42.50
N ARG E 501 64.67 -19.83 -43.60
CA ARG E 501 63.60 -20.41 -44.40
C ARG E 501 64.04 -21.71 -45.05
N ALA E 502 63.43 -22.83 -44.65
CA ALA E 502 63.80 -24.13 -45.18
C ALA E 502 62.85 -24.64 -46.25
N GLU E 503 61.86 -23.84 -46.65
CA GLU E 503 60.86 -24.28 -47.61
C GLU E 503 61.11 -23.69 -48.99
N ILE E 504 60.26 -24.07 -49.93
CA ILE E 504 60.44 -23.74 -51.34
C ILE E 504 59.25 -22.93 -51.83
N ASN E 505 59.53 -21.78 -52.43
CA ASN E 505 58.54 -20.92 -53.04
C ASN E 505 58.76 -20.92 -54.55
N ILE E 506 57.69 -21.15 -55.31
CA ILE E 506 57.79 -21.31 -56.75
C ILE E 506 56.84 -20.33 -57.43
N LEU E 507 57.26 -19.85 -58.61
CA LEU E 507 56.46 -18.93 -59.41
C LEU E 507 56.30 -19.49 -60.81
N LEU E 508 55.09 -19.37 -61.36
CA LEU E 508 54.79 -19.79 -62.72
C LEU E 508 54.22 -18.60 -63.48
N CYS E 509 54.97 -18.10 -64.46
CA CYS E 509 54.57 -16.92 -65.23
C CYS E 509 54.25 -17.35 -66.65
N GLY E 510 53.03 -17.05 -67.10
CA GLY E 510 52.63 -17.48 -68.43
C GLY E 510 51.27 -16.93 -68.83
N ASP E 511 50.91 -17.22 -70.07
CA ASP E 511 49.65 -16.75 -70.60
C ASP E 511 48.48 -17.48 -69.92
N PRO E 512 47.28 -16.88 -69.89
CA PRO E 512 46.14 -17.55 -69.25
C PRO E 512 45.73 -18.85 -69.92
N GLY E 513 46.10 -19.04 -71.18
CA GLY E 513 45.72 -20.23 -71.92
C GLY E 513 46.61 -21.42 -71.66
N THR E 514 46.99 -21.63 -70.40
CA THR E 514 47.87 -22.73 -70.03
C THR E 514 47.24 -23.51 -68.88
N SER E 515 48.02 -24.41 -68.29
CA SER E 515 47.53 -25.31 -67.25
C SER E 515 48.13 -25.02 -65.88
N LYS E 516 48.58 -23.80 -65.60
CA LYS E 516 49.09 -23.48 -64.28
C LYS E 516 47.96 -23.51 -63.25
N SER E 517 46.77 -23.04 -63.61
CA SER E 517 45.64 -23.05 -62.70
C SER E 517 45.26 -24.48 -62.29
N GLN E 518 45.28 -25.42 -63.23
CA GLN E 518 45.01 -26.80 -62.90
C GLN E 518 46.07 -27.36 -61.95
N LEU E 519 47.33 -26.99 -62.14
CA LEU E 519 48.37 -27.42 -61.21
C LEU E 519 48.13 -26.88 -59.82
N LEU E 520 47.75 -25.60 -59.69
CA LEU E 520 47.43 -25.05 -58.38
C LEU E 520 46.25 -25.78 -57.74
N GLN E 521 45.21 -26.07 -58.54
CA GLN E 521 44.06 -26.80 -58.01
C GLN E 521 44.46 -28.18 -57.51
N TYR E 522 45.27 -28.89 -58.29
CA TYR E 522 45.70 -30.23 -57.87
C TYR E 522 46.53 -30.18 -56.60
N VAL E 523 47.45 -29.21 -56.50
CA VAL E 523 48.26 -29.12 -55.28
C VAL E 523 47.40 -28.75 -54.09
N TYR E 524 46.40 -27.89 -54.28
CA TYR E 524 45.49 -27.56 -53.19
C TYR E 524 44.73 -28.79 -52.72
N ASN E 525 44.26 -29.60 -53.67
CA ASN E 525 43.43 -30.75 -53.31
C ASN E 525 44.26 -31.93 -52.82
N LEU E 526 45.58 -31.91 -53.03
CA LEU E 526 46.38 -33.08 -52.70
C LEU E 526 46.99 -33.02 -51.30
N VAL E 527 47.37 -31.84 -50.84
CA VAL E 527 48.15 -31.67 -49.61
C VAL E 527 47.23 -31.15 -48.51
N PRO E 528 47.30 -31.70 -47.29
CA PRO E 528 46.54 -31.11 -46.18
C PRO E 528 47.13 -29.78 -45.76
N ARG E 529 46.31 -28.97 -45.10
CA ARG E 529 46.68 -27.62 -44.70
C ARG E 529 47.01 -26.76 -45.91
N GLY E 530 46.08 -26.70 -46.85
CA GLY E 530 46.24 -25.95 -48.08
C GLY E 530 45.25 -24.80 -48.15
N GLN E 531 45.72 -23.68 -48.69
CA GLN E 531 44.86 -22.51 -48.85
C GLN E 531 45.05 -21.93 -50.25
N TYR E 532 44.02 -21.25 -50.74
CA TYR E 532 44.00 -20.73 -52.10
C TYR E 532 43.44 -19.32 -52.11
N THR E 533 44.24 -18.38 -52.62
CA THR E 533 43.82 -16.98 -52.76
C THR E 533 43.99 -16.56 -54.21
N SER E 534 43.18 -15.58 -54.62
CA SER E 534 43.13 -15.19 -56.04
C SER E 534 42.99 -13.68 -56.16
N GLY E 535 44.09 -13.01 -56.47
CA GLY E 535 44.03 -11.62 -56.91
C GLY E 535 43.54 -10.66 -55.84
N LYS E 536 42.73 -9.69 -56.27
CA LYS E 536 42.28 -8.63 -55.38
C LYS E 536 41.22 -9.09 -54.39
N GLY E 537 40.78 -10.34 -54.48
CA GLY E 537 39.74 -10.81 -53.58
C GLY E 537 40.12 -10.76 -52.12
N SER E 538 41.41 -10.81 -51.82
CA SER E 538 41.90 -10.77 -50.45
C SER E 538 42.53 -9.42 -50.16
N SER E 539 42.52 -9.03 -48.88
CA SER E 539 43.07 -7.78 -48.42
C SER E 539 44.24 -8.02 -47.48
N ALA E 540 44.92 -6.94 -47.10
CA ALA E 540 46.06 -7.05 -46.21
C ALA E 540 45.67 -7.54 -44.83
N VAL E 541 44.55 -7.05 -44.31
CA VAL E 541 44.07 -7.50 -43.01
C VAL E 541 43.43 -8.89 -43.09
N GLY E 542 42.91 -9.27 -44.27
CA GLY E 542 42.38 -10.61 -44.43
C GLY E 542 43.43 -11.67 -44.19
N LEU E 543 44.66 -11.42 -44.61
CA LEU E 543 45.78 -12.26 -44.24
C LEU E 543 46.25 -11.91 -42.83
N THR E 544 47.22 -12.68 -42.33
CA THR E 544 47.80 -12.50 -41.00
C THR E 544 46.69 -12.69 -39.97
N ALA E 545 46.26 -11.65 -39.26
CA ALA E 545 45.21 -11.79 -38.26
C ALA E 545 44.48 -10.47 -38.12
N TYR E 546 43.25 -10.53 -37.62
CA TYR E 546 42.41 -9.36 -37.47
C TYR E 546 41.69 -9.35 -36.14
N VAL E 547 41.31 -8.15 -35.69
CA VAL E 547 40.68 -7.96 -34.38
C VAL E 547 39.20 -8.29 -34.48
N MET E 548 38.70 -9.03 -33.48
CA MET E 548 37.32 -9.45 -33.46
C MET E 548 36.76 -9.35 -32.05
N LYS E 549 35.45 -9.57 -31.95
CA LYS E 549 34.77 -9.77 -30.68
C LYS E 549 33.72 -10.85 -30.88
N ASP E 550 33.59 -11.74 -29.90
CA ASP E 550 32.73 -12.90 -30.05
C ASP E 550 31.27 -12.47 -30.18
N PRO E 551 30.51 -13.09 -31.09
CA PRO E 551 29.06 -12.89 -31.09
C PRO E 551 28.35 -13.70 -30.03
N GLU E 552 29.01 -14.71 -29.46
CA GLU E 552 28.44 -15.54 -28.40
C GLU E 552 28.95 -15.17 -27.02
N THR E 553 30.23 -14.83 -26.89
CA THR E 553 30.80 -14.42 -25.61
C THR E 553 31.26 -12.97 -25.71
N ARG E 554 31.97 -12.49 -24.67
CA ARG E 554 32.31 -11.07 -24.64
C ARG E 554 33.36 -10.71 -25.69
N GLN E 555 34.51 -11.39 -25.66
CA GLN E 555 35.61 -10.99 -26.54
C GLN E 555 36.34 -12.22 -27.07
N LEU E 556 36.89 -12.06 -28.28
CA LEU E 556 37.92 -12.94 -28.83
C LEU E 556 38.86 -11.99 -29.58
N VAL E 557 39.96 -11.63 -28.92
CA VAL E 557 40.70 -10.43 -29.29
C VAL E 557 41.21 -10.52 -30.72
N LEU E 558 41.80 -11.66 -31.09
CA LEU E 558 42.43 -11.81 -32.38
C LEU E 558 41.96 -13.09 -33.05
N GLN E 559 41.84 -13.05 -34.38
CA GLN E 559 41.47 -14.21 -35.17
C GLN E 559 42.40 -14.32 -36.37
N THR E 560 42.85 -15.55 -36.62
CA THR E 560 43.85 -15.82 -37.65
C THR E 560 43.28 -15.61 -39.05
N GLY E 561 44.19 -15.33 -39.99
CA GLY E 561 43.84 -15.15 -41.37
C GLY E 561 44.28 -16.31 -42.24
N ALA E 562 44.35 -16.05 -43.55
CA ALA E 562 44.64 -17.10 -44.50
C ALA E 562 46.05 -17.65 -44.33
N LEU E 563 47.03 -16.75 -44.12
CA LEU E 563 48.43 -17.19 -44.09
C LEU E 563 48.73 -18.03 -42.85
N VAL E 564 48.21 -17.63 -41.69
CA VAL E 564 48.51 -18.36 -40.46
C VAL E 564 47.86 -19.75 -40.48
N LEU E 565 46.65 -19.85 -41.03
CA LEU E 565 46.02 -21.17 -41.16
C LEU E 565 46.85 -22.08 -42.06
N SER E 566 47.67 -21.49 -42.92
CA SER E 566 48.54 -22.24 -43.82
C SER E 566 49.87 -22.59 -43.18
N ASP E 567 50.04 -22.36 -41.88
CA ASP E 567 51.29 -22.67 -41.20
C ASP E 567 51.62 -24.15 -41.36
N ASN E 568 52.87 -24.43 -41.73
CA ASN E 568 53.34 -25.77 -42.07
C ASN E 568 52.54 -26.37 -43.22
N GLY E 569 52.06 -25.53 -44.14
CA GLY E 569 51.27 -26.00 -45.25
C GLY E 569 51.65 -25.37 -46.57
N ILE E 570 50.67 -25.23 -47.47
CA ILE E 570 50.91 -24.67 -48.80
C ILE E 570 49.84 -23.61 -49.08
N CYS E 571 50.30 -22.45 -49.55
CA CYS E 571 49.41 -21.37 -49.96
C CYS E 571 49.60 -21.12 -51.45
N CYS E 572 48.51 -21.18 -52.20
CA CYS E 572 48.53 -21.00 -53.64
C CYS E 572 47.90 -19.65 -53.98
N ILE E 573 48.70 -18.76 -54.55
CA ILE E 573 48.29 -17.41 -54.89
C ILE E 573 48.15 -17.34 -56.41
N ASP E 574 46.98 -16.91 -56.87
CA ASP E 574 46.70 -16.76 -58.29
C ASP E 574 46.40 -15.30 -58.59
N GLU E 575 46.65 -14.90 -59.83
CA GLU E 575 46.54 -13.50 -60.24
C GLU E 575 47.42 -12.61 -59.36
N PHE E 576 48.68 -12.98 -59.23
CA PHE E 576 49.60 -12.27 -58.35
C PHE E 576 49.84 -10.84 -58.79
N ASP E 577 49.58 -10.54 -60.06
CA ASP E 577 49.82 -9.19 -60.56
C ASP E 577 48.84 -8.18 -59.98
N LYS E 578 47.58 -8.59 -59.83
CA LYS E 578 46.55 -7.64 -59.43
C LYS E 578 46.64 -7.24 -57.97
N MET E 579 47.41 -7.98 -57.17
CA MET E 579 47.52 -7.67 -55.75
C MET E 579 48.19 -6.32 -55.54
N ASN E 580 47.65 -5.54 -54.60
CA ASN E 580 48.15 -4.21 -54.35
C ASN E 580 49.47 -4.25 -53.60
N GLU E 581 50.09 -3.08 -53.44
CA GLU E 581 51.37 -3.00 -52.75
C GLU E 581 51.20 -3.23 -51.24
N SER E 582 50.00 -2.95 -50.71
CA SER E 582 49.78 -3.13 -49.28
C SER E 582 49.94 -4.59 -48.88
N THR E 583 49.39 -5.51 -49.68
CA THR E 583 49.52 -6.93 -49.37
C THR E 583 50.93 -7.44 -49.67
N ARG E 584 51.55 -6.91 -50.73
CA ARG E 584 52.92 -7.29 -51.03
C ARG E 584 53.87 -6.88 -49.91
N SER E 585 53.53 -5.81 -49.19
CA SER E 585 54.33 -5.42 -48.04
C SER E 585 54.33 -6.52 -46.97
N VAL E 586 53.16 -7.13 -46.74
CA VAL E 586 53.08 -8.26 -45.81
C VAL E 586 53.86 -9.44 -46.35
N LEU E 587 53.68 -9.74 -47.64
CA LEU E 587 54.35 -10.88 -48.24
C LEU E 587 55.86 -10.76 -48.14
N HIS E 588 56.39 -9.53 -48.17
CA HIS E 588 57.83 -9.34 -48.08
C HIS E 588 58.40 -9.94 -46.81
N GLU E 589 57.77 -9.69 -45.67
CA GLU E 589 58.26 -10.25 -44.41
C GLU E 589 57.88 -11.73 -44.28
N VAL E 590 56.69 -12.10 -44.75
CA VAL E 590 56.24 -13.49 -44.60
C VAL E 590 57.18 -14.43 -45.35
N MET E 591 57.58 -14.04 -46.56
CA MET E 591 58.31 -14.95 -47.43
C MET E 591 59.73 -15.21 -46.94
N GLU E 592 60.23 -14.40 -46.03
CA GLU E 592 61.62 -14.54 -45.57
C GLU E 592 61.76 -14.85 -44.09
N GLN E 593 61.11 -14.08 -43.22
CA GLN E 593 61.37 -14.23 -41.80
C GLN E 593 60.57 -15.38 -41.17
N GLN E 594 59.60 -15.92 -41.89
CA GLN E 594 58.69 -16.96 -41.43
C GLN E 594 57.86 -16.54 -40.21
N THR E 595 57.85 -15.25 -39.89
CA THR E 595 57.13 -14.75 -38.71
C THR E 595 56.38 -13.48 -39.08
N LEU E 596 55.36 -13.18 -38.29
CA LEU E 596 54.57 -11.97 -38.44
C LEU E 596 54.56 -11.21 -37.12
N SER E 597 54.64 -9.89 -37.20
CA SER E 597 54.59 -9.03 -36.03
C SER E 597 53.37 -8.13 -36.15
N ILE E 598 52.52 -8.14 -35.12
CA ILE E 598 51.31 -7.33 -35.10
C ILE E 598 51.34 -6.43 -33.88
N ALA E 599 51.15 -5.13 -34.12
CA ALA E 599 51.17 -4.13 -33.06
C ALA E 599 50.01 -3.17 -33.27
N LYS E 600 48.93 -3.38 -32.52
CA LYS E 600 47.77 -2.50 -32.55
C LYS E 600 47.34 -2.27 -31.12
N ALA E 601 46.20 -1.60 -30.95
CA ALA E 601 45.74 -1.17 -29.63
C ALA E 601 45.58 -2.35 -28.69
N GLY E 602 46.44 -2.43 -27.68
CA GLY E 602 46.38 -3.51 -26.72
C GLY E 602 46.71 -4.88 -27.26
N ILE E 603 47.35 -4.95 -28.44
CA ILE E 603 47.64 -6.22 -29.09
C ILE E 603 49.05 -6.16 -29.67
N ILE E 604 50.03 -6.71 -28.97
CA ILE E 604 51.38 -6.81 -29.52
C ILE E 604 51.81 -8.27 -29.47
N CYS E 605 52.05 -8.86 -30.64
CA CYS E 605 52.30 -10.30 -30.68
C CYS E 605 53.13 -10.64 -31.90
N GLN E 606 53.76 -11.81 -31.83
CA GLN E 606 54.49 -12.41 -32.95
C GLN E 606 53.93 -13.79 -33.21
N LEU E 607 53.68 -14.08 -34.49
CA LEU E 607 53.05 -15.32 -34.92
C LEU E 607 53.96 -16.05 -35.90
N ASN E 608 53.75 -17.37 -35.99
CA ASN E 608 54.50 -18.22 -36.91
C ASN E 608 53.69 -18.41 -38.18
N ALA E 609 54.33 -18.25 -39.33
CA ALA E 609 53.67 -18.37 -40.63
C ALA E 609 54.54 -19.20 -41.58
N ARG E 610 54.98 -20.37 -41.11
CA ARG E 610 55.94 -21.18 -41.86
C ARG E 610 55.28 -21.84 -43.07
N THR E 611 54.93 -21.04 -44.07
CA THR E 611 54.23 -21.58 -45.24
C THR E 611 55.15 -21.65 -46.46
N SER E 612 54.66 -22.35 -47.48
CA SER E 612 55.32 -22.43 -48.77
C SER E 612 54.37 -21.92 -49.85
N VAL E 613 54.90 -21.08 -50.74
CA VAL E 613 54.09 -20.28 -51.65
C VAL E 613 54.21 -20.82 -53.07
N LEU E 614 53.06 -21.01 -53.70
CA LEU E 614 52.99 -21.31 -55.13
C LEU E 614 52.24 -20.17 -55.81
N ALA E 615 52.97 -19.34 -56.56
CA ALA E 615 52.41 -18.14 -57.14
C ALA E 615 52.26 -18.28 -58.65
N ALA E 616 51.19 -17.70 -59.17
CA ALA E 616 50.93 -17.70 -60.60
C ALA E 616 50.82 -16.26 -61.09
N ALA E 617 51.38 -15.99 -62.26
CA ALA E 617 51.42 -14.63 -62.80
C ALA E 617 51.24 -14.65 -64.31
N ASN E 618 50.84 -13.51 -64.85
CA ASN E 618 50.57 -13.33 -66.27
C ASN E 618 51.43 -12.22 -66.85
N PRO E 619 51.73 -12.26 -68.15
CA PRO E 619 52.39 -11.13 -68.79
C PRO E 619 51.48 -9.91 -68.80
N ILE E 620 52.12 -8.73 -68.82
CA ILE E 620 51.38 -7.47 -68.71
C ILE E 620 50.41 -7.30 -69.86
N GLU E 621 50.79 -7.70 -71.07
CA GLU E 621 49.90 -7.62 -72.22
C GLU E 621 49.02 -8.86 -72.36
N SER E 622 49.09 -9.80 -71.42
CA SER E 622 48.49 -11.12 -71.51
C SER E 622 49.09 -11.96 -72.63
N GLN E 623 50.17 -11.47 -73.25
CA GLN E 623 50.94 -12.18 -74.25
C GLN E 623 52.41 -12.03 -73.91
N TRP E 624 53.21 -13.04 -74.22
CA TRP E 624 54.65 -12.91 -74.06
C TRP E 624 55.19 -12.26 -75.32
N ASN E 625 55.18 -10.94 -75.34
CA ASN E 625 55.67 -10.21 -76.49
C ASN E 625 57.18 -10.38 -76.59
N PRO E 626 57.71 -10.96 -77.67
CA PRO E 626 59.16 -11.24 -77.73
C PRO E 626 60.02 -10.01 -77.87
N LYS E 627 59.47 -8.88 -78.33
CA LYS E 627 60.27 -7.67 -78.44
C LYS E 627 60.67 -7.12 -77.08
N LYS E 628 59.76 -7.16 -76.11
CA LYS E 628 60.07 -6.73 -74.76
C LYS E 628 60.87 -7.81 -74.05
N THR E 629 61.67 -7.38 -73.07
CA THR E 629 62.52 -8.31 -72.35
C THR E 629 61.70 -9.05 -71.29
N THR E 630 62.36 -9.99 -70.60
CA THR E 630 61.68 -10.78 -69.57
C THR E 630 61.24 -9.90 -68.41
N ILE E 631 62.11 -9.00 -67.95
CA ILE E 631 61.78 -8.14 -66.82
C ILE E 631 60.63 -7.21 -67.19
N GLU E 632 60.68 -6.65 -68.40
CA GLU E 632 59.59 -5.78 -68.85
C GLU E 632 58.29 -6.55 -69.00
N ASN E 633 58.36 -7.82 -69.41
CA ASN E 633 57.14 -8.62 -69.52
C ASN E 633 56.55 -8.92 -68.15
N ILE E 634 57.39 -9.28 -67.18
CA ILE E 634 56.87 -9.68 -65.87
C ILE E 634 56.37 -8.46 -65.09
N GLN E 635 57.16 -7.39 -65.05
CA GLN E 635 56.84 -6.16 -64.33
C GLN E 635 56.57 -6.43 -62.84
N LEU E 636 57.62 -6.89 -62.17
CA LEU E 636 57.58 -7.02 -60.72
C LEU E 636 58.88 -6.49 -60.14
N PRO E 637 58.86 -5.96 -58.92
CA PRO E 637 60.10 -5.48 -58.30
C PRO E 637 61.07 -6.64 -58.08
N HIS E 638 62.36 -6.32 -58.17
CA HIS E 638 63.38 -7.35 -58.05
C HIS E 638 63.46 -7.92 -56.65
N THR E 639 63.10 -7.13 -55.64
CA THR E 639 63.10 -7.65 -54.26
C THR E 639 62.12 -8.79 -54.10
N LEU E 640 60.91 -8.64 -54.67
CA LEU E 640 59.92 -9.71 -54.60
C LEU E 640 60.36 -10.92 -55.41
N LEU E 641 60.93 -10.68 -56.60
CA LEU E 641 61.30 -11.78 -57.48
C LEU E 641 62.46 -12.59 -56.93
N SER E 642 63.40 -11.94 -56.23
CA SER E 642 64.59 -12.64 -55.77
C SER E 642 64.28 -13.76 -54.80
N ARG E 643 63.17 -13.65 -54.07
CA ARG E 643 62.86 -14.62 -53.02
C ARG E 643 62.26 -15.92 -53.58
N PHE E 644 61.81 -15.93 -54.83
CA PHE E 644 61.30 -17.15 -55.43
C PHE E 644 62.44 -18.11 -55.72
N ASP E 645 62.28 -19.37 -55.33
CA ASP E 645 63.33 -20.36 -55.58
C ASP E 645 63.39 -20.74 -57.05
N LEU E 646 62.24 -20.99 -57.67
CA LEU E 646 62.17 -21.39 -59.06
C LEU E 646 61.14 -20.53 -59.79
N ILE E 647 61.47 -20.13 -61.01
CA ILE E 647 60.58 -19.33 -61.85
C ILE E 647 60.41 -20.07 -63.18
N PHE E 648 59.17 -20.37 -63.54
CA PHE E 648 58.87 -21.13 -64.75
C PHE E 648 58.22 -20.20 -65.77
N LEU E 649 58.94 -19.92 -66.84
CA LEU E 649 58.45 -19.05 -67.91
C LEU E 649 57.75 -19.91 -68.97
N MET E 650 56.44 -20.09 -68.82
CA MET E 650 55.68 -20.90 -69.76
C MET E 650 55.63 -20.20 -71.12
N LEU E 651 56.08 -20.91 -72.15
CA LEU E 651 56.13 -20.37 -73.50
C LEU E 651 55.56 -21.37 -74.49
N ASP E 652 55.03 -20.87 -75.60
CA ASP E 652 54.38 -21.71 -76.59
C ASP E 652 55.29 -21.90 -77.79
N PRO E 653 55.87 -23.09 -77.98
CA PRO E 653 56.80 -23.28 -79.11
C PRO E 653 56.10 -23.62 -80.41
N GLN E 654 54.83 -24.02 -80.37
CA GLN E 654 54.06 -24.41 -81.55
C GLN E 654 54.73 -25.57 -82.31
N ASP E 655 55.18 -26.58 -81.58
CA ASP E 655 55.75 -27.77 -82.21
C ASP E 655 54.63 -28.73 -82.61
N GLU E 656 54.79 -29.36 -83.77
CA GLU E 656 53.76 -30.27 -84.26
C GLU E 656 53.62 -31.49 -83.36
N ALA E 657 54.74 -32.03 -82.88
CA ALA E 657 54.69 -33.19 -81.99
C ALA E 657 53.94 -32.85 -80.71
N TYR E 658 54.18 -31.65 -80.16
CA TYR E 658 53.45 -31.22 -78.98
C TYR E 658 51.95 -31.18 -79.26
N ASP E 659 51.55 -30.62 -80.40
CA ASP E 659 50.14 -30.52 -80.73
C ASP E 659 49.51 -31.90 -80.84
N ARG E 660 50.19 -32.81 -81.54
CA ARG E 660 49.64 -34.15 -81.71
C ARG E 660 49.50 -34.87 -80.37
N ARG E 661 50.55 -34.80 -79.54
CA ARG E 661 50.51 -35.50 -78.26
C ARG E 661 49.42 -34.93 -77.36
N LEU E 662 49.33 -33.60 -77.26
CA LEU E 662 48.33 -32.99 -76.41
C LEU E 662 46.92 -33.27 -76.90
N ALA E 663 46.68 -33.20 -78.21
CA ALA E 663 45.36 -33.49 -78.74
C ALA E 663 44.97 -34.94 -78.45
N HIS E 664 45.89 -35.87 -78.68
CA HIS E 664 45.60 -37.27 -78.44
C HIS E 664 45.30 -37.52 -76.97
N HIS E 665 46.12 -36.95 -76.08
CA HIS E 665 45.91 -37.13 -74.64
C HIS E 665 44.57 -36.56 -74.21
N LEU E 666 44.28 -35.32 -74.61
CA LEU E 666 43.05 -34.66 -74.17
C LEU E 666 41.81 -35.39 -74.67
N VAL E 667 41.84 -35.85 -75.92
CA VAL E 667 40.67 -36.59 -76.42
C VAL E 667 40.57 -37.95 -75.74
N ALA E 668 41.71 -38.63 -75.50
CA ALA E 668 41.67 -39.93 -74.84
C ALA E 668 41.21 -39.82 -73.40
N LEU E 669 41.27 -38.61 -72.82
CA LEU E 669 40.70 -38.43 -71.49
C LEU E 669 39.21 -38.77 -71.45
N TYR E 670 38.52 -38.64 -72.59
CA TYR E 670 37.11 -39.02 -72.68
C TYR E 670 36.94 -40.54 -72.65
N ASP E 683 50.79 -46.57 -57.64
CA ASP E 683 49.87 -46.68 -56.51
C ASP E 683 49.90 -45.39 -55.70
N MET E 684 48.71 -44.78 -55.53
CA MET E 684 48.61 -43.55 -54.76
C MET E 684 48.99 -43.78 -53.30
N ALA E 685 48.57 -44.91 -52.73
CA ALA E 685 48.91 -45.21 -51.34
C ALA E 685 50.40 -45.41 -51.17
N VAL E 686 51.04 -46.08 -52.13
CA VAL E 686 52.49 -46.29 -52.06
C VAL E 686 53.21 -44.95 -52.13
N LEU E 687 52.76 -44.06 -53.01
CA LEU E 687 53.35 -42.73 -53.10
C LEU E 687 53.19 -41.98 -51.79
N LYS E 688 51.99 -42.04 -51.19
CA LYS E 688 51.75 -41.37 -49.91
C LYS E 688 52.70 -41.88 -48.84
N ASP E 689 52.81 -43.20 -48.72
CA ASP E 689 53.64 -43.79 -47.69
C ASP E 689 55.11 -43.45 -47.91
N TYR E 690 55.57 -43.49 -49.16
CA TYR E 690 56.95 -43.15 -49.45
C TYR E 690 57.24 -41.69 -49.10
N ILE E 691 56.33 -40.79 -49.48
CA ILE E 691 56.54 -39.37 -49.20
C ILE E 691 56.59 -39.14 -47.70
N ALA E 692 55.66 -39.75 -46.95
CA ALA E 692 55.66 -39.58 -45.50
C ALA E 692 56.93 -40.14 -44.88
N TYR E 693 57.37 -41.32 -45.31
CA TYR E 693 58.57 -41.93 -44.75
C TYR E 693 59.79 -41.06 -45.00
N ALA E 694 59.97 -40.62 -46.25
CA ALA E 694 61.12 -39.78 -46.57
C ALA E 694 61.07 -38.46 -45.81
N HIS E 695 59.88 -37.85 -45.73
CA HIS E 695 59.71 -36.58 -45.05
C HIS E 695 59.91 -36.68 -43.55
N SER E 696 59.73 -37.86 -42.96
CA SER E 696 59.80 -37.98 -41.51
C SER E 696 60.94 -38.84 -40.98
N THR E 697 61.83 -39.36 -41.82
CA THR E 697 62.84 -40.28 -41.33
C THR E 697 64.30 -39.96 -41.68
N ILE E 698 64.58 -38.93 -42.46
CA ILE E 698 65.95 -38.69 -42.93
C ILE E 698 66.28 -37.20 -42.85
N MET E 699 67.50 -36.91 -42.38
CA MET E 699 68.03 -35.55 -42.32
C MET E 699 69.20 -35.39 -43.28
N PRO E 700 69.04 -34.70 -44.40
CA PRO E 700 70.15 -34.56 -45.35
C PRO E 700 71.30 -33.74 -44.79
N ARG E 701 72.52 -34.10 -45.20
CA ARG E 701 73.74 -33.35 -44.90
C ARG E 701 74.69 -33.48 -46.09
N LEU E 702 75.57 -32.50 -46.23
CA LEU E 702 76.42 -32.41 -47.41
C LEU E 702 77.88 -32.28 -46.99
N SER E 703 78.78 -32.72 -47.87
CA SER E 703 80.20 -32.70 -47.63
C SER E 703 80.87 -31.54 -48.36
N GLU E 704 82.21 -31.51 -48.33
CA GLU E 704 82.94 -30.41 -48.94
C GLU E 704 82.79 -30.39 -50.45
N GLU E 705 82.62 -31.54 -51.09
CA GLU E 705 82.44 -31.58 -52.53
C GLU E 705 81.19 -30.80 -52.94
N ALA E 706 80.08 -31.03 -52.23
CA ALA E 706 78.86 -30.28 -52.49
C ALA E 706 79.06 -28.80 -52.20
N SER E 707 79.85 -28.48 -51.17
CA SER E 707 80.11 -27.08 -50.85
C SER E 707 80.81 -26.36 -52.00
N GLN E 708 81.89 -26.95 -52.51
CA GLN E 708 82.62 -26.32 -53.61
C GLN E 708 81.80 -26.30 -54.88
N ALA E 709 81.00 -27.34 -55.14
CA ALA E 709 80.10 -27.30 -56.28
C ALA E 709 79.10 -26.16 -56.18
N LEU E 710 78.57 -25.93 -54.97
CA LEU E 710 77.62 -24.84 -54.76
C LEU E 710 78.29 -23.49 -54.99
N ILE E 711 79.52 -23.33 -54.49
CA ILE E 711 80.23 -22.06 -54.67
C ILE E 711 80.50 -21.80 -56.15
N GLU E 712 80.94 -22.83 -56.87
CA GLU E 712 81.16 -22.67 -58.30
C GLU E 712 79.88 -22.32 -59.03
N ALA E 713 78.77 -22.98 -58.66
CA ALA E 713 77.48 -22.66 -59.27
C ALA E 713 77.11 -21.22 -58.98
N TYR E 714 77.38 -20.74 -57.78
CA TYR E 714 77.02 -19.36 -57.42
C TYR E 714 77.79 -18.36 -58.26
N VAL E 715 79.10 -18.55 -58.39
CA VAL E 715 79.89 -17.58 -59.16
C VAL E 715 79.53 -17.63 -60.64
N ASP E 716 79.26 -18.84 -61.15
CA ASP E 716 78.81 -18.95 -62.54
C ASP E 716 77.49 -18.25 -62.75
N MET E 717 76.56 -18.41 -61.81
CA MET E 717 75.27 -17.72 -61.91
C MET E 717 75.44 -16.22 -61.89
N ARG E 718 76.33 -15.73 -61.02
CA ARG E 718 76.58 -14.29 -60.98
C ARG E 718 77.17 -13.79 -62.29
N LYS E 719 78.08 -14.57 -62.88
CA LYS E 719 78.65 -14.19 -64.17
C LYS E 719 77.56 -14.13 -65.25
N ILE E 720 76.67 -15.12 -65.27
CA ILE E 720 75.65 -15.18 -66.31
C ILE E 720 74.63 -14.06 -66.14
N GLY E 721 74.16 -13.84 -64.91
CA GLY E 721 73.11 -12.88 -64.66
C GLY E 721 73.54 -11.43 -64.57
N SER E 722 74.84 -11.17 -64.76
CA SER E 722 75.32 -9.79 -64.69
C SER E 722 74.74 -8.94 -65.81
N SER E 723 74.62 -9.51 -67.01
CA SER E 723 74.16 -8.75 -68.16
C SER E 723 72.73 -8.27 -67.97
N ARG E 724 72.49 -7.01 -68.34
CA ARG E 724 71.16 -6.43 -68.21
C ARG E 724 70.21 -7.03 -69.24
N GLY E 725 68.91 -6.96 -68.93
CA GLY E 725 67.88 -7.59 -69.73
C GLY E 725 67.36 -8.88 -69.14
N MET E 726 68.22 -9.65 -68.48
CA MET E 726 67.83 -10.88 -67.81
C MET E 726 67.73 -10.64 -66.30
N VAL E 727 67.07 -11.55 -65.61
CA VAL E 727 66.88 -11.45 -64.16
C VAL E 727 68.23 -11.63 -63.47
N SER E 728 68.65 -10.61 -62.73
CA SER E 728 69.95 -10.65 -62.07
C SER E 728 69.92 -11.63 -60.90
N ALA E 729 71.11 -12.04 -60.48
CA ALA E 729 71.27 -13.00 -59.40
C ALA E 729 71.65 -12.29 -58.09
N TYR E 730 71.32 -12.93 -56.99
CA TYR E 730 71.54 -12.39 -55.65
C TYR E 730 71.99 -13.53 -54.74
N PRO E 731 72.57 -13.21 -53.59
CA PRO E 731 73.06 -14.28 -52.69
C PRO E 731 71.99 -15.26 -52.23
N ARG E 732 70.70 -14.88 -52.24
CA ARG E 732 69.67 -15.82 -51.82
C ARG E 732 69.54 -17.00 -52.77
N GLN E 733 70.00 -16.85 -54.01
CA GLN E 733 69.95 -17.96 -54.95
C GLN E 733 70.86 -19.10 -54.50
N LEU E 734 71.93 -18.78 -53.79
CA LEU E 734 72.79 -19.82 -53.24
C LEU E 734 72.02 -20.67 -52.23
N GLU E 735 71.25 -20.02 -51.36
CA GLU E 735 70.45 -20.75 -50.39
C GLU E 735 69.35 -21.55 -51.09
N SER E 736 68.80 -21.00 -52.17
CA SER E 736 67.82 -21.75 -52.95
C SER E 736 68.43 -23.02 -53.53
N LEU E 737 69.66 -22.93 -54.03
CA LEU E 737 70.38 -24.10 -54.52
C LEU E 737 70.59 -25.11 -53.41
N ILE E 738 70.95 -24.64 -52.22
CA ILE E 738 71.14 -25.54 -51.08
C ILE E 738 69.85 -26.28 -50.77
N ARG E 739 68.73 -25.56 -50.75
CA ARG E 739 67.45 -26.18 -50.42
C ARG E 739 67.06 -27.22 -51.47
N LEU E 740 67.25 -26.90 -52.75
CA LEU E 740 66.91 -27.86 -53.80
C LEU E 740 67.81 -29.10 -53.71
N ALA E 741 69.09 -28.91 -53.43
CA ALA E 741 69.99 -30.06 -53.28
C ALA E 741 69.56 -30.95 -52.12
N GLU E 742 69.17 -30.34 -51.00
CA GLU E 742 68.71 -31.12 -49.86
C GLU E 742 67.42 -31.87 -50.18
N ALA E 743 66.50 -31.24 -50.91
CA ALA E 743 65.28 -31.93 -51.30
C ALA E 743 65.59 -33.12 -52.20
N HIS E 744 66.50 -32.95 -53.16
CA HIS E 744 66.87 -34.05 -54.04
C HIS E 744 67.53 -35.17 -53.27
N ALA E 745 68.34 -34.81 -52.26
CA ALA E 745 68.93 -35.83 -51.39
C ALA E 745 67.84 -36.59 -50.64
N LYS E 746 66.81 -35.90 -50.19
CA LYS E 746 65.68 -36.58 -49.56
C LYS E 746 65.00 -37.55 -50.52
N VAL E 747 64.91 -37.17 -51.80
CA VAL E 747 64.23 -38.05 -52.77
C VAL E 747 64.90 -39.41 -52.84
N ARG E 748 66.23 -39.43 -52.84
CA ARG E 748 66.99 -40.67 -52.95
C ARG E 748 67.10 -41.41 -51.62
N LEU E 749 66.42 -40.94 -50.58
CA LEU E 749 66.52 -41.52 -49.24
C LEU E 749 67.95 -41.57 -48.75
N SER E 750 68.69 -40.49 -48.99
CA SER E 750 70.10 -40.41 -48.65
C SER E 750 70.32 -39.36 -47.57
N ASN E 751 71.08 -39.72 -46.54
CA ASN E 751 71.47 -38.75 -45.53
C ASN E 751 72.65 -37.90 -45.98
N LYS E 752 73.30 -38.26 -47.08
CA LYS E 752 74.46 -37.56 -47.59
C LYS E 752 74.13 -36.97 -48.96
N VAL E 753 74.32 -35.66 -49.09
CA VAL E 753 74.11 -35.02 -50.39
C VAL E 753 75.34 -35.21 -51.25
N GLU E 754 75.14 -35.74 -52.45
CA GLU E 754 76.22 -35.97 -53.39
C GLU E 754 76.24 -34.88 -54.46
N ALA E 755 77.33 -34.86 -55.23
CA ALA E 755 77.45 -33.87 -56.28
C ALA E 755 76.37 -34.03 -57.34
N ILE E 756 75.78 -35.22 -57.44
CA ILE E 756 74.69 -35.45 -58.38
C ILE E 756 73.51 -34.55 -58.05
N ASP E 757 73.20 -34.44 -56.76
CA ASP E 757 72.08 -33.61 -56.33
C ASP E 757 72.33 -32.14 -56.67
N VAL E 758 73.55 -31.66 -56.42
CA VAL E 758 73.88 -30.27 -56.71
C VAL E 758 73.81 -30.00 -58.21
N GLU E 759 74.32 -30.94 -59.02
CA GLU E 759 74.26 -30.77 -60.46
C GLU E 759 72.83 -30.77 -60.96
N GLU E 760 71.98 -31.63 -60.39
CA GLU E 760 70.57 -31.65 -60.77
C GLU E 760 69.88 -30.36 -60.39
N ALA E 761 70.20 -29.82 -59.21
CA ALA E 761 69.63 -28.55 -58.78
C ALA E 761 70.04 -27.42 -59.72
N LYS E 762 71.31 -27.40 -60.09
CA LYS E 762 71.79 -26.40 -61.04
C LYS E 762 71.08 -26.54 -62.38
N ARG E 763 70.90 -27.78 -62.84
CA ARG E 763 70.21 -28.03 -64.10
C ARG E 763 68.78 -27.50 -64.06
N LEU E 764 68.06 -27.79 -62.96
CA LEU E 764 66.69 -27.30 -62.83
C LEU E 764 66.66 -25.78 -62.78
N HIS E 765 67.59 -25.17 -62.05
CA HIS E 765 67.62 -23.72 -61.96
C HIS E 765 67.88 -23.08 -63.32
N ARG E 766 68.79 -23.67 -64.10
CA ARG E 766 69.08 -23.14 -65.43
C ARG E 766 67.91 -23.32 -66.37
N GLU E 767 67.26 -24.49 -66.32
CA GLU E 767 66.20 -24.79 -67.28
C GLU E 767 64.92 -24.03 -66.98
N ALA E 768 64.65 -23.78 -65.69
CA ALA E 768 63.40 -23.10 -65.33
C ALA E 768 63.33 -21.70 -65.92
N LEU E 769 64.45 -20.97 -65.87
CA LEU E 769 64.49 -19.60 -66.39
C LEU E 769 64.74 -19.54 -67.88
N LYS E 770 64.99 -20.67 -68.54
CA LYS E 770 65.27 -20.71 -69.97
C LYS E 770 66.45 -19.82 -70.35
N GLN E 771 67.50 -19.80 -69.51
CA GLN E 771 68.63 -18.93 -69.76
C GLN E 771 69.49 -19.45 -70.92
N SER E 772 69.37 -20.73 -71.25
CA SER E 772 70.16 -21.28 -72.36
C SER E 772 69.70 -20.69 -73.69
N ALA E 773 68.39 -20.70 -73.94
CA ALA E 773 67.87 -20.20 -75.21
C ALA E 773 67.86 -18.68 -75.23
N THR E 774 67.79 -18.04 -74.06
CA THR E 774 67.71 -16.58 -74.00
C THR E 774 69.00 -15.94 -74.47
N ASP E 775 68.88 -14.85 -75.24
CA ASP E 775 70.02 -14.09 -75.73
C ASP E 775 70.63 -13.31 -74.58
N PRO E 776 71.89 -13.58 -74.23
CA PRO E 776 72.46 -12.97 -73.01
C PRO E 776 72.62 -11.47 -73.07
N ARG E 777 72.71 -10.87 -74.25
CA ARG E 777 73.00 -9.44 -74.37
C ARG E 777 71.80 -8.62 -74.85
N THR E 778 70.66 -9.26 -75.10
CA THR E 778 69.45 -8.54 -75.44
C THR E 778 68.25 -8.88 -74.57
N GLY E 779 68.32 -9.95 -73.77
CA GLY E 779 67.21 -10.31 -72.92
C GLY E 779 65.95 -10.72 -73.65
N ILE E 780 66.10 -11.42 -74.77
CA ILE E 780 64.97 -11.88 -75.58
C ILE E 780 65.08 -13.38 -75.76
N VAL E 781 64.01 -14.09 -75.41
CA VAL E 781 64.00 -15.54 -75.54
C VAL E 781 63.86 -15.91 -77.01
N ASP E 782 64.62 -16.91 -77.44
CA ASP E 782 64.57 -17.40 -78.81
C ASP E 782 64.31 -18.91 -78.79
N ILE E 783 64.01 -19.45 -79.96
CA ILE E 783 63.75 -20.87 -80.10
C ILE E 783 64.78 -21.51 -81.02
N SER F 2 -29.55 17.22 6.41
CA SER F 2 -30.14 16.01 5.81
C SER F 2 -29.05 15.02 5.44
N GLY F 3 -27.80 15.47 5.46
CA GLY F 3 -26.66 14.58 5.26
C GLY F 3 -26.30 14.29 3.82
N PHE F 4 -26.90 14.96 2.85
CA PHE F 4 -26.60 14.69 1.45
C PHE F 4 -25.77 15.81 0.82
N ASP F 5 -26.23 17.05 0.97
CA ASP F 5 -25.63 18.18 0.28
C ASP F 5 -24.36 18.65 0.98
N ASP F 6 -23.59 19.49 0.28
CA ASP F 6 -22.42 20.14 0.85
C ASP F 6 -22.28 21.50 0.18
N PRO F 7 -22.73 22.58 0.83
CA PRO F 7 -22.74 23.90 0.19
C PRO F 7 -21.37 24.55 0.09
N GLY F 8 -20.37 24.09 0.83
CA GLY F 8 -19.05 24.67 0.71
C GLY F 8 -18.78 25.74 1.77
N ILE F 9 -17.85 26.65 1.43
CA ILE F 9 -17.40 27.69 2.33
C ILE F 9 -17.37 29.02 1.57
N PHE F 10 -17.78 30.09 2.26
CA PHE F 10 -17.76 31.43 1.69
C PHE F 10 -17.05 32.37 2.66
N TYR F 11 -16.59 33.50 2.14
CA TYR F 11 -15.95 34.52 2.97
C TYR F 11 -16.25 35.88 2.40
N SER F 12 -15.93 36.92 3.17
CA SER F 12 -16.18 38.30 2.79
C SER F 12 -14.87 39.06 2.69
N ASP F 13 -14.87 40.15 1.94
CA ASP F 13 -13.67 40.98 1.80
C ASP F 13 -13.33 41.63 3.13
N SER F 14 -12.02 41.78 3.37
CA SER F 14 -11.55 42.28 4.66
C SER F 14 -12.03 43.71 4.91
N PHE F 15 -12.35 44.00 6.17
CA PHE F 15 -12.79 45.33 6.55
C PHE F 15 -11.63 46.13 7.12
N ARG F 27 2.71 41.83 5.87
CA ARG F 27 3.24 43.06 5.34
C ARG F 27 3.41 42.95 3.83
N LYS F 28 3.43 41.71 3.32
CA LYS F 28 3.62 41.51 1.89
C LYS F 28 2.45 42.03 1.08
N SER F 29 1.24 41.99 1.62
CA SER F 29 0.10 42.61 0.94
C SER F 29 0.30 44.12 0.82
N GLN F 30 0.83 44.75 1.86
CA GLN F 30 1.17 46.16 1.76
C GLN F 30 2.25 46.40 0.73
N LEU F 31 3.21 45.47 0.60
CA LEU F 31 4.22 45.60 -0.44
C LEU F 31 3.60 45.54 -1.82
N GLN F 32 2.64 44.63 -2.03
CA GLN F 32 1.94 44.58 -3.31
C GLN F 32 1.19 45.88 -3.57
N ARG F 33 0.56 46.43 -2.53
CA ARG F 33 -0.14 47.70 -2.70
C ARG F 33 0.84 48.83 -3.04
N ARG F 34 2.01 48.83 -2.43
CA ARG F 34 3.02 49.84 -2.73
C ARG F 34 3.47 49.74 -4.18
N PHE F 35 3.70 48.52 -4.66
CA PHE F 35 4.06 48.32 -6.06
C PHE F 35 2.94 48.80 -6.98
N LYS F 36 1.69 48.50 -6.63
CA LYS F 36 0.56 48.91 -7.46
C LYS F 36 0.46 50.43 -7.53
N GLU F 37 0.64 51.11 -6.39
CA GLU F 37 0.63 52.57 -6.39
C GLU F 37 1.79 53.12 -7.21
N PHE F 38 2.96 52.48 -7.13
CA PHE F 38 4.09 52.94 -7.94
C PHE F 38 3.76 52.85 -9.42
N LEU F 39 3.17 51.73 -9.84
CA LEU F 39 2.82 51.56 -11.25
C LEU F 39 1.79 52.59 -11.68
N ARG F 40 0.78 52.86 -10.84
CA ARG F 40 -0.27 53.79 -11.22
C ARG F 40 0.14 55.25 -11.12
N GLN F 41 1.21 55.56 -10.37
CA GLN F 41 1.55 56.94 -10.07
C GLN F 41 2.76 57.45 -10.84
N TYR F 42 3.67 56.56 -11.22
CA TYR F 42 4.94 56.98 -11.80
C TYR F 42 4.71 57.78 -13.08
N ARG F 43 5.44 58.88 -13.20
CA ARG F 43 5.36 59.76 -14.36
C ARG F 43 6.71 60.39 -14.62
N VAL F 44 6.96 60.73 -15.87
CA VAL F 44 8.21 61.35 -16.29
C VAL F 44 7.89 62.59 -17.13
N GLY F 45 8.64 63.66 -16.92
CA GLY F 45 8.44 64.87 -17.67
C GLY F 45 9.11 66.07 -17.02
N THR F 46 8.63 67.27 -17.35
CA THR F 46 9.20 68.50 -16.83
C THR F 46 8.09 69.32 -16.18
N ASP F 47 8.49 70.26 -15.32
CA ASP F 47 7.51 71.16 -14.74
C ASP F 47 6.87 72.06 -15.79
N ARG F 48 7.63 72.42 -16.83
CA ARG F 48 7.10 73.30 -17.87
C ARG F 48 6.04 72.59 -18.72
N THR F 49 6.36 71.38 -19.18
CA THR F 49 5.51 70.68 -20.13
C THR F 49 4.69 69.58 -19.48
N GLY F 50 4.61 69.54 -18.16
CA GLY F 50 3.86 68.51 -17.49
C GLY F 50 4.60 67.17 -17.50
N PHE F 51 3.87 66.14 -17.09
CA PHE F 51 4.41 64.80 -16.98
C PHE F 51 3.48 63.81 -17.67
N THR F 52 4.05 62.67 -18.07
CA THR F 52 3.30 61.59 -18.70
C THR F 52 3.43 60.34 -17.85
N PHE F 53 2.32 59.58 -17.75
CA PHE F 53 2.29 58.34 -16.99
C PHE F 53 2.93 57.24 -17.81
N LYS F 54 4.20 56.95 -17.53
CA LYS F 54 4.98 56.01 -18.32
C LYS F 54 4.40 54.59 -18.26
N TYR F 55 4.41 53.99 -17.08
CA TYR F 55 4.07 52.57 -16.96
C TYR F 55 2.58 52.34 -17.18
N ARG F 56 1.73 53.27 -16.73
CA ARG F 56 0.30 53.13 -16.96
C ARG F 56 -0.02 53.04 -18.45
N ASP F 57 0.46 54.01 -19.22
CA ASP F 57 0.20 54.03 -20.65
C ASP F 57 0.88 52.86 -21.35
N GLU F 58 2.10 52.51 -20.92
CA GLU F 58 2.81 51.38 -21.51
C GLU F 58 2.03 50.09 -21.34
N LEU F 59 1.56 49.82 -20.12
CA LEU F 59 0.79 48.62 -19.85
C LEU F 59 -0.52 48.62 -20.62
N LYS F 60 -1.20 49.78 -20.66
CA LYS F 60 -2.44 49.87 -21.43
C LYS F 60 -2.21 49.51 -22.90
N ARG F 61 -1.19 50.12 -23.51
CA ARG F 61 -0.92 49.89 -24.93
C ARG F 61 -0.53 48.44 -25.18
N HIS F 62 0.33 47.88 -24.33
CA HIS F 62 0.79 46.51 -24.54
C HIS F 62 -0.37 45.52 -24.40
N TYR F 63 -1.23 45.72 -23.39
CA TYR F 63 -2.37 44.83 -23.23
C TYR F 63 -3.34 44.96 -24.40
N ASN F 64 -3.57 46.20 -24.86
CA ASN F 64 -4.49 46.40 -25.98
C ASN F 64 -3.97 45.74 -27.26
N LEU F 65 -2.66 45.85 -27.50
CA LEU F 65 -2.09 45.25 -28.71
C LEU F 65 -1.99 43.74 -28.61
N GLY F 66 -2.04 43.20 -27.40
CA GLY F 66 -1.95 41.76 -27.19
C GLY F 66 -0.60 41.25 -26.74
N GLU F 67 0.34 42.13 -26.41
CA GLU F 67 1.67 41.73 -25.92
C GLU F 67 1.62 41.71 -24.40
N TYR F 68 1.60 40.50 -23.82
CA TYR F 68 1.46 40.35 -22.37
C TYR F 68 2.83 40.40 -21.67
N TRP F 69 3.47 41.56 -21.77
CA TRP F 69 4.77 41.74 -21.13
C TRP F 69 5.12 43.22 -21.10
N ILE F 70 5.76 43.64 -20.01
CA ILE F 70 6.29 44.99 -19.86
C ILE F 70 7.69 44.90 -19.28
N GLU F 71 8.46 45.97 -19.45
CA GLU F 71 9.83 46.05 -18.97
C GLU F 71 9.94 47.19 -17.97
N VAL F 72 10.59 46.91 -16.83
CA VAL F 72 10.73 47.88 -15.74
C VAL F 72 12.21 48.13 -15.50
N GLU F 73 12.57 49.40 -15.34
CA GLU F 73 13.94 49.81 -15.04
C GLU F 73 14.06 50.02 -13.54
N MET F 74 15.11 49.45 -12.95
CA MET F 74 15.24 49.49 -11.50
C MET F 74 15.56 50.89 -10.98
N GLU F 75 16.19 51.73 -11.81
CA GLU F 75 16.49 53.09 -11.39
C GLU F 75 15.21 53.88 -11.14
N ASP F 76 14.20 53.69 -12.00
CA ASP F 76 12.92 54.37 -11.81
C ASP F 76 12.29 53.98 -10.48
N LEU F 77 12.28 52.68 -10.18
CA LEU F 77 11.71 52.21 -8.93
C LEU F 77 12.48 52.75 -7.73
N ALA F 78 13.81 52.77 -7.83
CA ALA F 78 14.62 53.32 -6.73
C ALA F 78 14.33 54.80 -6.52
N SER F 79 14.10 55.53 -7.61
CA SER F 79 13.68 56.92 -7.49
C SER F 79 12.34 57.04 -6.81
N PHE F 80 11.40 56.16 -7.16
CA PHE F 80 10.07 56.21 -6.55
C PHE F 80 10.12 55.83 -5.08
N ASP F 81 10.77 54.71 -4.75
CA ASP F 81 10.92 54.28 -3.37
C ASP F 81 12.10 53.31 -3.29
N GLU F 82 13.10 53.65 -2.46
CA GLU F 82 14.33 52.87 -2.44
C GLU F 82 14.12 51.54 -1.72
N ASP F 83 13.15 51.46 -0.82
CA ASP F 83 12.96 50.25 -0.04
C ASP F 83 12.60 49.06 -0.90
N LEU F 84 11.64 49.23 -1.82
CA LEU F 84 11.23 48.13 -2.69
C LEU F 84 12.35 47.73 -3.65
N ALA F 85 13.07 48.73 -4.18
CA ALA F 85 14.17 48.42 -5.08
C ALA F 85 15.26 47.62 -4.37
N ASP F 86 15.55 48.00 -3.12
CA ASP F 86 16.52 47.24 -2.33
C ASP F 86 16.00 45.84 -2.04
N TYR F 87 14.69 45.72 -1.79
CA TYR F 87 14.11 44.40 -1.53
C TYR F 87 14.23 43.48 -2.73
N LEU F 88 13.99 44.00 -3.93
CA LEU F 88 14.03 43.16 -5.12
C LEU F 88 15.42 42.62 -5.39
N TYR F 89 16.47 43.33 -4.94
CA TYR F 89 17.84 42.88 -5.13
C TYR F 89 18.21 41.69 -4.27
N LYS F 90 17.40 41.35 -3.27
CA LYS F 90 17.75 40.31 -2.32
C LYS F 90 16.84 39.10 -2.36
N GLN F 91 15.53 39.29 -2.56
CA GLN F 91 14.58 38.19 -2.61
C GLN F 91 13.72 38.32 -3.86
N PRO F 92 14.32 38.10 -5.05
CA PRO F 92 13.55 38.28 -6.29
C PRO F 92 12.37 37.34 -6.42
N ALA F 93 12.42 36.16 -5.81
CA ALA F 93 11.40 35.15 -6.03
C ALA F 93 10.03 35.63 -5.57
N GLU F 94 9.94 36.26 -4.39
CA GLU F 94 8.66 36.66 -3.84
C GLU F 94 8.21 38.02 -4.39
N HIS F 95 9.13 38.97 -4.41
CA HIS F 95 8.79 40.30 -4.87
C HIS F 95 8.46 40.33 -6.36
N LEU F 96 9.03 39.40 -7.13
CA LEU F 96 8.62 39.30 -8.53
C LEU F 96 7.16 38.88 -8.64
N GLN F 97 6.74 37.92 -7.81
CA GLN F 97 5.34 37.52 -7.80
C GLN F 97 4.44 38.69 -7.41
N LEU F 98 4.85 39.43 -6.38
CA LEU F 98 4.05 40.57 -5.93
C LEU F 98 3.95 41.64 -7.01
N LEU F 99 5.05 41.92 -7.69
CA LEU F 99 5.04 42.93 -8.75
C LEU F 99 4.21 42.48 -9.94
N GLU F 100 4.26 41.18 -10.28
CA GLU F 100 3.42 40.67 -11.35
C GLU F 100 1.94 40.78 -11.00
N GLU F 101 1.58 40.48 -9.75
CA GLU F 101 0.19 40.66 -9.33
C GLU F 101 -0.24 42.12 -9.40
N ALA F 102 0.65 43.03 -8.97
CA ALA F 102 0.33 44.44 -9.05
C ALA F 102 0.13 44.88 -10.50
N ALA F 103 0.99 44.39 -11.40
CA ALA F 103 0.85 44.74 -12.82
C ALA F 103 -0.46 44.20 -13.38
N LYS F 104 -0.83 42.97 -13.00
CA LYS F 104 -2.11 42.42 -13.45
C LYS F 104 -3.28 43.26 -12.97
N GLU F 105 -3.23 43.69 -11.70
CA GLU F 105 -4.32 44.51 -11.16
C GLU F 105 -4.40 45.85 -11.85
N VAL F 106 -3.25 46.47 -12.14
CA VAL F 106 -3.27 47.75 -12.86
C VAL F 106 -3.82 47.57 -14.26
N ALA F 107 -3.40 46.51 -14.95
CA ALA F 107 -3.91 46.25 -16.30
C ALA F 107 -5.41 46.03 -16.28
N ASP F 108 -5.93 45.35 -15.24
CA ASP F 108 -7.37 45.22 -15.09
C ASP F 108 -8.03 46.58 -14.87
N GLU F 109 -7.38 47.44 -14.08
CA GLU F 109 -7.94 48.76 -13.81
C GLU F 109 -8.07 49.59 -15.09
N VAL F 110 -7.03 49.60 -15.92
CA VAL F 110 -7.00 50.49 -17.08
C VAL F 110 -7.86 50.02 -18.23
N THR F 111 -8.11 48.71 -18.35
CA THR F 111 -8.75 48.14 -19.53
C THR F 111 -9.99 47.32 -19.11
N ARG F 112 -10.81 47.90 -18.25
CA ARG F 112 -12.04 47.25 -17.80
C ARG F 112 -13.04 47.00 -18.94
N PRO F 113 -13.39 48.02 -19.79
CA PRO F 113 -14.40 47.80 -20.83
C PRO F 113 -13.89 47.00 -22.03
N ARG F 114 -13.50 45.75 -21.78
CA ARG F 114 -13.02 44.88 -22.83
C ARG F 114 -14.18 44.38 -23.69
N PRO F 115 -13.89 43.90 -24.90
CA PRO F 115 -14.94 43.28 -25.72
C PRO F 115 -15.54 42.08 -25.01
N SER F 116 -16.83 41.85 -25.27
CA SER F 116 -17.55 40.80 -24.58
C SER F 116 -17.00 39.42 -24.91
N GLY F 117 -17.13 38.50 -23.96
CA GLY F 117 -16.66 37.13 -24.09
C GLY F 117 -15.28 36.88 -23.53
N GLU F 118 -14.35 37.81 -23.77
CA GLU F 118 -12.97 37.66 -23.30
C GLU F 118 -12.82 38.27 -21.91
N GLU F 119 -13.57 37.74 -20.95
CA GLU F 119 -13.53 38.26 -19.57
C GLU F 119 -12.27 37.80 -18.84
N VAL F 120 -11.68 36.69 -19.27
CA VAL F 120 -10.58 36.08 -18.53
C VAL F 120 -9.38 37.02 -18.55
N LEU F 121 -8.85 37.32 -17.38
CA LEU F 121 -7.70 38.21 -17.23
C LEU F 121 -6.44 37.35 -17.13
N GLN F 122 -5.54 37.51 -18.09
CA GLN F 122 -4.38 36.64 -18.18
C GLN F 122 -3.20 37.23 -17.41
N ASP F 123 -2.21 36.39 -17.14
CA ASP F 123 -1.04 36.80 -16.38
C ASP F 123 -0.15 37.71 -17.22
N ILE F 124 0.75 38.41 -16.52
CA ILE F 124 1.63 39.39 -17.14
C ILE F 124 3.06 39.09 -16.71
N GLN F 125 3.97 39.00 -17.68
CA GLN F 125 5.38 38.79 -17.40
C GLN F 125 6.09 40.14 -17.27
N VAL F 126 6.84 40.30 -16.19
CA VAL F 126 7.58 41.54 -15.92
C VAL F 126 9.07 41.25 -16.07
N MET F 127 9.71 41.97 -16.98
CA MET F 127 11.15 41.83 -17.21
C MET F 127 11.89 42.97 -16.52
N LEU F 128 13.18 42.78 -16.33
CA LEU F 128 14.01 43.76 -15.62
C LEU F 128 15.10 44.29 -16.54
N LYS F 129 15.51 45.53 -16.28
CA LYS F 129 16.55 46.20 -17.04
C LYS F 129 17.20 47.25 -16.17
N SER F 130 18.52 47.37 -16.25
CA SER F 130 19.25 48.29 -15.39
C SER F 130 20.49 48.81 -16.11
N ASP F 131 21.03 49.92 -15.60
CA ASP F 131 22.24 50.51 -16.15
C ASP F 131 23.50 50.15 -15.36
N ALA F 132 23.41 49.23 -14.41
CA ALA F 132 24.59 48.85 -13.64
C ALA F 132 25.60 48.15 -14.53
N SER F 133 26.87 48.43 -14.31
CA SER F 133 27.92 47.79 -15.08
C SER F 133 27.98 46.30 -14.75
N PRO F 134 28.22 45.45 -15.75
CA PRO F 134 28.22 44.00 -15.48
C PRO F 134 29.39 43.54 -14.61
N SER F 135 29.42 42.25 -14.30
CA SER F 135 30.50 41.64 -13.54
C SER F 135 30.91 40.34 -14.22
N SER F 136 32.16 39.95 -14.01
CA SER F 136 32.69 38.76 -14.68
C SER F 136 31.94 37.50 -14.25
N ILE F 137 31.78 36.57 -15.18
CA ILE F 137 31.15 35.29 -14.86
C ILE F 137 32.00 34.51 -13.88
N ARG F 138 33.31 34.77 -13.87
CA ARG F 138 34.21 34.07 -12.96
C ARG F 138 33.96 34.49 -11.51
N SER F 139 33.32 35.64 -11.30
CA SER F 139 33.02 36.09 -9.95
C SER F 139 31.87 35.35 -9.30
N LEU F 140 31.12 34.55 -10.07
CA LEU F 140 30.03 33.76 -9.50
C LEU F 140 30.55 32.71 -8.52
N LYS F 141 30.21 32.86 -7.24
CA LYS F 141 30.61 31.91 -6.22
C LYS F 141 29.44 31.70 -5.27
N SER F 142 29.72 31.02 -4.15
CA SER F 142 28.65 30.59 -3.26
C SER F 142 27.87 31.76 -2.68
N ASP F 143 28.53 32.91 -2.53
CA ASP F 143 27.90 34.04 -1.85
C ASP F 143 26.74 34.63 -2.65
N MET F 144 26.72 34.40 -3.97
CA MET F 144 25.72 35.03 -4.82
C MET F 144 24.48 34.17 -5.03
N MET F 145 24.32 33.08 -4.27
CA MET F 145 23.17 32.21 -4.46
C MET F 145 21.88 32.95 -4.10
N SER F 146 20.83 32.73 -4.89
CA SER F 146 19.50 33.30 -4.71
C SER F 146 19.49 34.82 -4.74
N HIS F 147 20.50 35.45 -5.33
CA HIS F 147 20.53 36.90 -5.52
C HIS F 147 20.41 37.22 -7.00
N LEU F 148 20.45 38.51 -7.33
CA LEU F 148 20.30 38.99 -8.69
C LEU F 148 21.66 39.39 -9.24
N VAL F 149 22.03 38.83 -10.38
CA VAL F 149 23.35 39.02 -10.97
C VAL F 149 23.21 39.45 -12.42
N LYS F 150 24.25 40.15 -12.91
CA LYS F 150 24.32 40.64 -14.28
C LYS F 150 25.61 40.15 -14.90
N ILE F 151 25.51 39.49 -16.05
CA ILE F 151 26.66 38.78 -16.62
C ILE F 151 26.67 38.84 -18.15
N PRO F 152 27.83 39.13 -18.76
CA PRO F 152 27.93 39.07 -20.22
C PRO F 152 28.37 37.69 -20.69
N GLY F 153 28.10 37.42 -21.97
CA GLY F 153 28.53 36.15 -22.52
C GLY F 153 28.20 36.05 -24.00
N ILE F 154 28.55 34.90 -24.56
CA ILE F 154 28.26 34.55 -25.95
C ILE F 154 27.51 33.23 -25.97
N ILE F 155 26.42 33.17 -26.72
CA ILE F 155 25.54 32.01 -26.76
C ILE F 155 26.06 31.04 -27.83
N ILE F 156 26.21 29.77 -27.46
CA ILE F 156 26.71 28.76 -28.37
C ILE F 156 25.72 27.64 -28.64
N ALA F 157 24.68 27.47 -27.83
CA ALA F 157 23.72 26.39 -28.04
C ALA F 157 22.38 26.79 -27.47
N ALA F 158 21.32 26.42 -28.18
CA ALA F 158 19.95 26.74 -27.76
C ALA F 158 19.06 25.57 -28.11
N SER F 159 18.45 24.96 -27.09
CA SER F 159 17.59 23.81 -27.31
C SER F 159 16.24 24.23 -27.87
N ALA F 160 15.43 23.25 -28.23
CA ALA F 160 14.12 23.52 -28.79
C ALA F 160 13.18 24.03 -27.69
N VAL F 161 12.15 24.76 -28.12
CA VAL F 161 11.13 25.25 -27.19
C VAL F 161 10.20 24.10 -26.82
N ARG F 162 10.00 23.91 -25.52
CA ARG F 162 9.17 22.83 -25.00
C ARG F 162 8.08 23.40 -24.11
N ALA F 163 7.25 22.51 -23.56
CA ALA F 163 6.13 22.91 -22.74
C ALA F 163 6.34 22.49 -21.28
N LYS F 164 6.02 23.40 -20.37
CA LYS F 164 6.12 23.13 -18.94
C LYS F 164 4.84 23.59 -18.26
N ALA F 165 4.37 22.79 -17.31
CA ALA F 165 3.10 23.03 -16.65
C ALA F 165 3.26 23.96 -15.46
N THR F 166 2.29 24.85 -15.28
CA THR F 166 2.23 25.73 -14.12
C THR F 166 1.04 25.44 -13.21
N ARG F 167 -0.05 24.92 -13.75
CA ARG F 167 -1.21 24.50 -12.97
C ARG F 167 -1.62 23.11 -13.41
N ILE F 168 -1.81 22.20 -12.46
CA ILE F 168 -2.14 20.81 -12.78
C ILE F 168 -3.37 20.39 -12.00
N SER F 169 -4.00 19.32 -12.48
CA SER F 169 -5.16 18.71 -11.83
C SER F 169 -5.04 17.20 -11.93
N ILE F 170 -5.39 16.51 -10.84
CA ILE F 170 -5.23 15.06 -10.75
C ILE F 170 -6.56 14.43 -10.36
N GLN F 171 -6.71 13.15 -10.68
CA GLN F 171 -7.95 12.41 -10.46
C GLN F 171 -7.68 11.14 -9.67
N CYS F 172 -8.69 10.71 -8.91
CA CYS F 172 -8.60 9.49 -8.11
C CYS F 172 -9.10 8.29 -8.90
N ARG F 173 -8.53 7.12 -8.61
CA ARG F 173 -8.87 5.91 -9.36
C ARG F 173 -10.31 5.49 -9.10
N SER F 174 -10.70 5.38 -7.83
CA SER F 174 -11.94 4.70 -7.46
C SER F 174 -13.14 5.64 -7.47
N CYS F 175 -13.10 6.69 -6.65
CA CYS F 175 -14.25 7.58 -6.54
C CYS F 175 -14.23 8.71 -7.56
N ARG F 176 -13.18 8.80 -8.38
CA ARG F 176 -13.08 9.79 -9.46
C ARG F 176 -13.15 11.23 -8.96
N ASN F 177 -12.78 11.46 -7.70
CA ASN F 177 -12.69 12.83 -7.21
C ASN F 177 -11.45 13.52 -7.77
N THR F 178 -11.43 14.84 -7.68
CA THR F 178 -10.42 15.64 -8.35
C THR F 178 -9.85 16.69 -7.42
N LEU F 179 -8.54 16.93 -7.53
CA LEU F 179 -7.87 18.08 -6.93
C LEU F 179 -7.42 19.00 -8.05
N THR F 180 -7.84 20.26 -7.99
CA THR F 180 -7.67 21.17 -9.11
C THR F 180 -6.87 22.40 -8.71
N ASN F 181 -6.29 23.05 -9.71
CA ASN F 181 -5.64 24.35 -9.57
C ASN F 181 -4.46 24.31 -8.61
N ILE F 182 -3.67 23.24 -8.69
CA ILE F 182 -2.45 23.14 -7.90
C ILE F 182 -1.34 23.92 -8.59
N ALA F 183 -0.73 24.86 -7.88
CA ALA F 183 0.26 25.75 -8.45
C ALA F 183 1.63 25.08 -8.45
N MET F 184 2.27 25.07 -9.61
CA MET F 184 3.62 24.53 -9.73
C MET F 184 4.66 25.61 -9.46
N ARG F 185 5.88 25.17 -9.15
CA ARG F 185 6.89 26.17 -8.84
C ARG F 185 7.68 26.54 -10.10
N PRO F 186 8.12 27.80 -10.21
CA PRO F 186 8.92 28.18 -11.37
C PRO F 186 10.33 27.61 -11.28
N GLY F 187 11.00 27.58 -12.43
CA GLY F 187 12.34 27.03 -12.50
C GLY F 187 12.33 25.54 -12.71
N LEU F 188 13.50 24.93 -12.49
CA LEU F 188 13.67 23.49 -12.65
C LEU F 188 13.37 22.78 -11.33
N GLU F 189 12.08 22.69 -11.02
CA GLU F 189 11.61 22.05 -9.80
C GLU F 189 10.41 21.16 -10.12
N GLY F 190 10.35 20.00 -9.48
CA GLY F 190 9.30 19.03 -9.71
C GLY F 190 8.15 19.12 -8.73
N TYR F 191 7.36 18.05 -8.69
CA TYR F 191 6.20 17.97 -7.82
C TYR F 191 5.91 16.50 -7.51
N ALA F 192 5.53 16.22 -6.27
CA ALA F 192 5.27 14.86 -5.81
C ALA F 192 3.78 14.72 -5.53
N LEU F 193 3.16 13.70 -6.13
CA LEU F 193 1.72 13.51 -5.96
C LEU F 193 1.43 13.00 -4.56
N PRO F 194 0.27 13.35 -3.99
CA PRO F 194 -0.12 12.78 -2.70
C PRO F 194 -0.52 11.33 -2.82
N ARG F 195 -0.52 10.62 -1.69
CA ARG F 195 -0.79 9.20 -1.66
C ARG F 195 -2.13 8.83 -1.04
N LYS F 196 -2.79 9.75 -0.36
CA LYS F 196 -4.03 9.47 0.35
C LYS F 196 -5.18 10.25 -0.27
N CYS F 197 -6.31 9.58 -0.44
CA CYS F 197 -7.54 10.21 -0.95
C CYS F 197 -8.23 10.90 0.21
N ASN F 198 -8.38 12.22 0.12
CA ASN F 198 -8.92 13.02 1.21
C ASN F 198 -10.42 13.23 1.01
N THR F 199 -11.17 12.15 1.22
CA THR F 199 -12.63 12.22 1.18
C THR F 199 -13.18 11.53 2.41
N ASP F 200 -14.19 12.14 3.03
CA ASP F 200 -14.84 11.54 4.18
C ASP F 200 -15.82 10.47 3.70
N GLN F 201 -15.53 9.21 4.03
CA GLN F 201 -16.35 8.08 3.60
C GLN F 201 -16.56 7.17 4.80
N ALA F 202 -17.74 7.26 5.41
CA ALA F 202 -18.11 6.40 6.53
C ALA F 202 -19.21 5.45 6.06
N GLY F 203 -19.03 4.17 6.34
CA GLY F 203 -19.92 3.16 5.78
C GLY F 203 -19.47 2.69 4.42
N ARG F 204 -18.99 3.61 3.60
CA ARG F 204 -18.41 3.24 2.32
C ARG F 204 -17.05 2.60 2.52
N PRO F 205 -16.66 1.67 1.66
CA PRO F 205 -15.27 1.20 1.66
C PRO F 205 -14.34 2.27 1.11
N LYS F 206 -13.04 2.14 1.36
CA LYS F 206 -12.11 3.24 1.10
C LYS F 206 -11.24 2.96 -0.11
N CYS F 207 -10.64 4.04 -0.63
CA CYS F 207 -9.79 4.01 -1.81
C CYS F 207 -8.47 3.32 -1.50
N PRO F 208 -7.82 2.76 -2.52
CA PRO F 208 -6.54 2.08 -2.29
C PRO F 208 -5.40 3.07 -2.12
N LEU F 209 -4.18 2.54 -2.07
CA LEU F 209 -2.99 3.35 -1.90
C LEU F 209 -2.48 3.84 -3.25
N ASP F 210 -2.03 5.09 -3.28
CA ASP F 210 -1.54 5.74 -4.49
C ASP F 210 -2.59 5.71 -5.62
N PRO F 211 -3.71 6.41 -5.45
CA PRO F 211 -4.80 6.34 -6.44
C PRO F 211 -4.84 7.47 -7.46
N TYR F 212 -3.83 8.32 -7.55
CA TYR F 212 -3.93 9.56 -8.32
C TYR F 212 -3.26 9.45 -9.68
N PHE F 213 -3.90 10.06 -10.67
CA PHE F 213 -3.42 10.11 -12.05
C PHE F 213 -3.46 11.56 -12.53
N ILE F 214 -2.48 11.94 -13.32
CA ILE F 214 -2.39 13.31 -13.82
C ILE F 214 -3.27 13.46 -15.05
N MET F 215 -4.13 14.47 -15.04
CA MET F 215 -4.99 14.76 -16.19
C MET F 215 -4.28 15.75 -17.09
N PRO F 216 -3.95 15.38 -18.34
CA PRO F 216 -3.15 16.30 -19.17
C PRO F 216 -3.97 17.40 -19.81
N ASP F 217 -5.24 17.14 -20.12
CA ASP F 217 -6.06 18.10 -20.84
C ASP F 217 -6.58 19.23 -19.97
N LYS F 218 -6.32 19.19 -18.67
CA LYS F 218 -6.81 20.20 -17.74
C LYS F 218 -5.65 20.87 -17.01
N CYS F 219 -4.61 21.25 -17.76
CA CYS F 219 -3.43 21.89 -17.20
C CYS F 219 -3.09 23.15 -17.98
N LYS F 220 -2.41 24.08 -17.30
CA LYS F 220 -1.93 25.30 -17.91
C LYS F 220 -0.45 25.13 -18.26
N CYS F 221 -0.09 25.49 -19.48
CA CYS F 221 1.25 25.25 -20.00
C CYS F 221 1.88 26.55 -20.47
N VAL F 222 3.20 26.63 -20.35
CA VAL F 222 3.98 27.77 -20.82
C VAL F 222 5.22 27.26 -21.54
N ASP F 223 5.87 28.16 -22.28
CA ASP F 223 7.05 27.84 -23.06
C ASP F 223 8.27 27.69 -22.16
N PHE F 224 9.23 26.90 -22.62
CA PHE F 224 10.41 26.52 -21.86
C PHE F 224 11.60 26.36 -22.77
N GLN F 225 12.76 26.88 -22.38
CA GLN F 225 13.96 26.78 -23.19
C GLN F 225 15.19 26.77 -22.28
N THR F 226 16.23 26.08 -22.74
CA THR F 226 17.52 26.08 -22.06
C THR F 226 18.59 26.54 -23.04
N LEU F 227 19.54 27.32 -22.53
CA LEU F 227 20.59 27.91 -23.34
C LEU F 227 21.95 27.58 -22.73
N LYS F 228 22.98 27.58 -23.58
CA LYS F 228 24.35 27.38 -23.14
C LYS F 228 25.14 28.65 -23.42
N LEU F 229 25.79 29.18 -22.38
CA LEU F 229 26.53 30.43 -22.47
C LEU F 229 28.00 30.18 -22.18
N GLN F 230 28.86 30.84 -22.95
CA GLN F 230 30.30 30.72 -22.82
C GLN F 230 30.91 32.06 -22.45
N GLU F 231 32.04 32.00 -21.73
CA GLU F 231 32.75 33.21 -21.35
C GLU F 231 33.24 33.95 -22.58
N LEU F 232 33.25 35.28 -22.49
CA LEU F 232 33.68 36.08 -23.63
C LEU F 232 35.14 35.81 -23.96
N PRO F 233 35.50 35.63 -25.23
CA PRO F 233 36.92 35.48 -25.58
C PRO F 233 37.75 36.70 -25.25
N ASP F 234 37.12 37.87 -25.13
CA ASP F 234 37.85 39.09 -24.81
C ASP F 234 38.34 39.09 -23.37
N ALA F 235 37.72 38.31 -22.49
CA ALA F 235 38.05 38.33 -21.08
C ALA F 235 38.53 37.00 -20.53
N VAL F 236 38.69 35.97 -21.35
CA VAL F 236 39.19 34.68 -20.88
C VAL F 236 40.65 34.82 -20.50
N PRO F 237 41.06 34.36 -19.33
CA PRO F 237 42.47 34.49 -18.93
C PRO F 237 43.38 33.70 -19.86
N HIS F 238 44.61 34.19 -20.00
CA HIS F 238 45.59 33.55 -20.88
C HIS F 238 45.91 32.15 -20.40
N GLY F 239 45.89 31.19 -21.32
CA GLY F 239 46.23 29.82 -21.00
C GLY F 239 45.23 29.08 -20.15
N GLU F 240 43.96 29.49 -20.16
CA GLU F 240 42.93 28.86 -19.36
C GLU F 240 41.75 28.49 -20.23
N MET F 241 41.19 27.31 -20.02
CA MET F 241 40.03 26.87 -20.78
C MET F 241 38.81 27.71 -20.37
N PRO F 242 37.96 28.08 -21.33
CA PRO F 242 36.79 28.88 -21.00
C PRO F 242 35.78 28.09 -20.19
N ARG F 243 34.98 28.80 -19.41
CA ARG F 243 33.96 28.20 -18.58
C ARG F 243 32.57 28.43 -19.18
N HIS F 244 31.62 27.62 -18.74
CA HIS F 244 30.30 27.56 -19.35
C HIS F 244 29.23 27.72 -18.29
N MET F 245 28.01 28.00 -18.75
CA MET F 245 26.87 28.15 -17.84
C MET F 245 25.60 27.76 -18.59
N GLN F 246 24.60 27.30 -17.85
CA GLN F 246 23.30 26.93 -18.39
C GLN F 246 22.27 27.95 -17.96
N LEU F 247 21.40 28.35 -18.89
CA LEU F 247 20.42 29.39 -18.67
C LEU F 247 19.01 28.85 -18.91
N TYR F 248 18.08 29.34 -18.11
CA TYR F 248 16.67 28.95 -18.18
C TYR F 248 15.85 30.11 -18.72
N CYS F 249 15.04 29.85 -19.74
CA CYS F 249 14.21 30.88 -20.36
C CYS F 249 12.75 30.45 -20.36
N ASP F 250 11.87 31.36 -19.94
CA ASP F 250 10.46 31.07 -19.75
C ASP F 250 9.63 32.11 -20.48
N ARG F 251 8.47 31.67 -20.98
CA ARG F 251 7.48 32.53 -21.62
C ARG F 251 8.06 33.38 -22.74
N TYR F 252 8.03 34.69 -22.58
CA TYR F 252 8.35 35.60 -23.67
C TYR F 252 9.84 35.77 -23.91
N LEU F 253 10.69 35.24 -23.03
CA LEU F 253 12.12 35.35 -23.24
C LEU F 253 12.63 34.38 -24.30
N CYS F 254 11.79 33.42 -24.71
CA CYS F 254 12.20 32.44 -25.69
C CYS F 254 12.35 33.09 -27.07
N ASP F 255 13.29 32.56 -27.86
CA ASP F 255 13.56 32.97 -29.22
C ASP F 255 14.02 34.42 -29.35
N LYS F 256 14.38 35.05 -28.24
CA LYS F 256 14.93 36.40 -28.32
C LYS F 256 16.43 36.41 -28.61
N VAL F 257 17.08 35.25 -28.52
CA VAL F 257 18.53 35.16 -28.70
C VAL F 257 18.85 34.02 -29.67
N VAL F 258 19.71 34.32 -30.63
CA VAL F 258 20.18 33.33 -31.61
C VAL F 258 21.59 32.93 -31.22
N PRO F 259 21.97 31.65 -31.33
CA PRO F 259 23.35 31.27 -31.02
C PRO F 259 24.34 32.04 -31.86
N GLY F 260 25.43 32.47 -31.22
CA GLY F 260 26.39 33.36 -31.83
C GLY F 260 26.27 34.81 -31.42
N ASN F 261 25.16 35.19 -30.80
CA ASN F 261 25.00 36.56 -30.34
C ASN F 261 25.80 36.81 -29.07
N ARG F 262 26.20 38.06 -28.87
CA ARG F 262 26.82 38.49 -27.63
C ARG F 262 25.79 39.20 -26.77
N VAL F 263 25.51 38.64 -25.61
CA VAL F 263 24.35 39.01 -24.81
C VAL F 263 24.79 39.42 -23.41
N THR F 264 24.02 40.30 -22.79
CA THR F 264 24.12 40.58 -21.36
C THR F 264 22.83 40.16 -20.69
N ILE F 265 22.95 39.35 -19.64
CA ILE F 265 21.81 38.68 -19.04
C ILE F 265 21.75 38.98 -17.55
N MET F 266 20.57 39.37 -17.09
CA MET F 266 20.28 39.60 -15.67
C MET F 266 19.40 38.47 -15.17
N GLY F 267 19.80 37.84 -14.07
CA GLY F 267 19.07 36.67 -13.60
C GLY F 267 19.34 36.32 -12.16
N ILE F 268 18.82 35.15 -11.77
CA ILE F 268 18.93 34.61 -10.42
C ILE F 268 19.76 33.34 -10.47
N TYR F 269 20.73 33.23 -9.56
CA TYR F 269 21.62 32.08 -9.50
C TYR F 269 21.00 31.03 -8.58
N SER F 270 20.78 29.83 -9.12
CA SER F 270 19.95 28.84 -8.45
C SER F 270 20.55 27.44 -8.62
N ILE F 271 19.81 26.44 -8.13
CA ILE F 271 20.15 25.04 -8.29
C ILE F 271 18.90 24.27 -8.69
N LYS F 272 19.10 23.15 -9.39
CA LYS F 272 17.97 22.30 -9.75
C LYS F 272 17.45 21.56 -8.52
N LYS F 273 16.16 21.25 -8.52
CA LYS F 273 15.51 20.57 -7.39
C LYS F 273 14.60 19.47 -7.94
N PHE F 274 15.11 18.24 -7.95
CA PHE F 274 14.36 17.07 -8.40
C PHE F 274 14.38 15.97 -7.34
N GLY F 275 14.37 16.34 -6.07
CA GLY F 275 14.41 15.36 -5.00
C GLY F 275 15.82 14.95 -4.62
N LEU F 276 15.91 14.15 -3.57
CA LEU F 276 17.19 13.70 -3.03
C LEU F 276 17.62 12.39 -3.68
N THR F 277 17.89 12.47 -4.98
CA THR F 277 18.24 11.28 -5.74
C THR F 277 19.66 10.81 -5.43
N THR F 278 19.89 9.52 -5.58
CA THR F 278 21.19 8.93 -5.35
C THR F 278 22.13 9.23 -6.53
N SER F 279 23.42 9.35 -6.22
CA SER F 279 24.41 9.58 -7.26
C SER F 279 24.52 8.37 -8.18
N ARG F 280 24.85 8.63 -9.44
CA ARG F 280 24.89 7.60 -10.47
C ARG F 280 26.29 7.51 -11.06
N GLY F 281 26.49 6.49 -11.90
CA GLY F 281 27.76 6.28 -12.54
C GLY F 281 28.74 5.51 -11.69
N ARG F 282 29.91 5.25 -12.27
CA ARG F 282 30.98 4.57 -11.57
C ARG F 282 31.84 5.51 -10.74
N ASP F 283 31.58 6.81 -10.78
CA ASP F 283 32.28 7.80 -9.97
C ASP F 283 31.30 8.34 -8.94
N ARG F 284 31.66 8.21 -7.66
CA ARG F 284 30.81 8.66 -6.56
C ARG F 284 31.61 9.45 -5.52
N VAL F 285 32.62 10.19 -5.98
CA VAL F 285 33.44 10.97 -5.06
C VAL F 285 32.65 12.16 -4.51
N GLY F 286 31.94 12.88 -5.38
CA GLY F 286 31.25 14.09 -4.97
C GLY F 286 30.07 13.79 -4.07
N VAL F 287 29.97 14.54 -2.97
CA VAL F 287 28.92 14.35 -1.98
C VAL F 287 28.20 15.68 -1.79
N GLY F 288 26.87 15.67 -1.91
CA GLY F 288 26.08 16.86 -1.70
C GLY F 288 26.30 17.96 -2.72
N ILE F 289 26.32 17.62 -4.00
CA ILE F 289 26.52 18.59 -5.07
C ILE F 289 25.26 18.61 -5.93
N ARG F 290 24.64 19.78 -6.02
CA ARG F 290 23.47 20.00 -6.86
C ARG F 290 23.87 20.84 -8.06
N SER F 291 23.45 20.42 -9.25
CA SER F 291 23.77 21.16 -10.47
C SER F 291 23.18 22.56 -10.43
N SER F 292 24.00 23.54 -10.79
CA SER F 292 23.61 24.94 -10.72
C SER F 292 23.26 25.48 -12.10
N TYR F 293 22.51 26.59 -12.10
CA TYR F 293 22.09 27.26 -13.32
C TYR F 293 21.65 28.67 -12.97
N ILE F 294 21.28 29.43 -14.00
CA ILE F 294 20.85 30.81 -13.83
C ILE F 294 19.47 30.97 -14.44
N ARG F 295 18.54 31.52 -13.66
CA ARG F 295 17.18 31.77 -14.10
C ARG F 295 17.08 33.19 -14.65
N VAL F 296 16.91 33.30 -15.97
CA VAL F 296 17.05 34.56 -16.68
C VAL F 296 15.82 35.43 -16.44
N LEU F 297 16.04 36.68 -16.04
CA LEU F 297 14.98 37.65 -15.89
C LEU F 297 15.04 38.78 -16.92
N GLY F 298 16.21 39.01 -17.52
CA GLY F 298 16.34 40.07 -18.51
C GLY F 298 17.45 39.82 -19.51
N ILE F 299 17.22 40.22 -20.76
CA ILE F 299 18.13 39.95 -21.86
C ILE F 299 18.40 41.25 -22.62
N GLN F 300 19.66 41.49 -22.95
CA GLN F 300 20.01 42.58 -23.85
C GLN F 300 21.02 42.10 -24.88
N VAL F 301 20.77 42.41 -26.14
CA VAL F 301 21.61 42.00 -27.25
C VAL F 301 22.52 43.16 -27.63
N ASP F 302 23.82 42.87 -27.76
CA ASP F 302 24.80 43.88 -28.12
C ASP F 302 24.58 44.38 -29.54
N PRO F 316 9.91 60.37 -36.92
CA PRO F 316 10.16 60.34 -38.37
C PRO F 316 10.92 61.57 -38.85
N GLN F 317 11.63 62.23 -37.93
CA GLN F 317 12.39 63.42 -38.31
C GLN F 317 13.61 63.06 -39.13
N GLU F 318 14.21 61.88 -38.90
CA GLU F 318 15.28 61.41 -39.78
C GLU F 318 14.75 61.16 -41.18
N GLU F 319 13.53 60.63 -41.29
CA GLU F 319 12.90 60.50 -42.60
C GLU F 319 12.69 61.86 -43.24
N GLU F 320 12.29 62.86 -42.45
CA GLU F 320 12.16 64.21 -42.98
C GLU F 320 13.49 64.73 -43.51
N GLU F 321 14.57 64.49 -42.76
CA GLU F 321 15.89 64.92 -43.22
C GLU F 321 16.28 64.24 -44.52
N PHE F 322 16.02 62.93 -44.62
CA PHE F 322 16.36 62.21 -45.85
C PHE F 322 15.56 62.73 -47.03
N ARG F 323 14.27 62.98 -46.84
CA ARG F 323 13.44 63.51 -47.91
C ARG F 323 13.90 64.91 -48.34
N ARG F 324 14.28 65.73 -47.37
CA ARG F 324 14.81 67.05 -47.69
C ARG F 324 16.11 66.95 -48.48
N LEU F 325 16.97 66.01 -48.09
CA LEU F 325 18.25 65.85 -48.79
C LEU F 325 18.05 65.38 -50.23
N ALA F 326 17.26 64.32 -50.41
CA ALA F 326 17.20 63.65 -51.71
C ALA F 326 16.63 64.55 -52.80
N ALA F 327 15.86 65.58 -52.43
CA ALA F 327 15.26 66.45 -53.42
C ALA F 327 16.27 67.35 -54.15
N LEU F 328 17.48 67.50 -53.60
CA LEU F 328 18.45 68.39 -54.22
C LEU F 328 18.98 67.80 -55.52
N PRO F 329 19.39 68.65 -56.46
CA PRO F 329 20.05 68.14 -57.68
C PRO F 329 21.52 67.81 -57.48
N ASN F 330 22.12 68.25 -56.38
CA ASN F 330 23.54 68.05 -56.13
C ASN F 330 23.82 66.82 -55.28
N VAL F 331 22.81 65.98 -55.05
CA VAL F 331 22.98 64.82 -54.18
C VAL F 331 23.97 63.82 -54.78
N TYR F 332 24.01 63.73 -56.10
CA TYR F 332 24.93 62.83 -56.77
C TYR F 332 26.37 63.12 -56.37
N GLU F 333 26.78 64.38 -56.45
CA GLU F 333 28.14 64.76 -56.10
C GLU F 333 28.41 64.51 -54.62
N VAL F 334 27.45 64.81 -53.76
CA VAL F 334 27.63 64.62 -52.33
C VAL F 334 27.84 63.15 -52.01
N ILE F 335 27.02 62.29 -52.62
CA ILE F 335 27.16 60.85 -52.39
C ILE F 335 28.50 60.34 -52.91
N SER F 336 28.88 60.78 -54.12
CA SER F 336 30.14 60.34 -54.69
C SER F 336 31.32 60.76 -53.82
N LYS F 337 31.27 61.98 -53.28
CA LYS F 337 32.31 62.42 -52.35
C LYS F 337 32.29 61.59 -51.07
N SER F 338 31.10 61.24 -50.58
CA SER F 338 30.99 60.52 -49.32
C SER F 338 31.57 59.11 -49.43
N ILE F 339 31.59 58.53 -50.62
CA ILE F 339 32.09 57.17 -50.81
C ILE F 339 33.60 57.17 -50.74
N ALA F 340 34.15 56.79 -49.59
CA ALA F 340 35.59 56.73 -49.37
C ALA F 340 36.30 58.04 -49.75
N PRO F 341 36.01 59.14 -49.03
CA PRO F 341 36.72 60.39 -49.33
C PRO F 341 38.22 60.30 -49.04
N SER F 342 38.64 59.36 -48.19
CA SER F 342 40.05 59.23 -47.86
C SER F 342 40.87 58.67 -49.02
N ILE F 343 40.23 58.14 -50.04
CA ILE F 343 40.92 57.53 -51.18
C ILE F 343 41.07 58.57 -52.27
N PHE F 344 42.29 58.75 -52.76
CA PHE F 344 42.56 59.72 -53.82
C PHE F 344 42.16 59.17 -55.17
N GLY F 345 41.49 60.00 -55.98
CA GLY F 345 41.14 59.62 -57.34
C GLY F 345 39.99 58.62 -57.40
N GLY F 346 39.75 58.15 -58.62
CA GLY F 346 38.69 57.18 -58.84
C GLY F 346 37.30 57.70 -58.60
N THR F 347 37.01 58.91 -59.06
CA THR F 347 35.65 59.45 -58.93
C THR F 347 34.65 58.61 -59.69
N ASP F 348 35.01 58.18 -60.90
CA ASP F 348 34.15 57.28 -61.66
C ASP F 348 33.98 55.96 -60.94
N MET F 349 35.06 55.44 -60.36
CA MET F 349 34.96 54.20 -59.59
C MET F 349 34.06 54.38 -58.37
N LYS F 350 34.16 55.51 -57.69
CA LYS F 350 33.32 55.77 -56.53
C LYS F 350 31.86 55.87 -56.94
N LYS F 351 31.57 56.52 -58.07
CA LYS F 351 30.20 56.62 -58.53
C LYS F 351 29.65 55.24 -58.92
N ALA F 352 30.49 54.40 -59.53
CA ALA F 352 30.07 53.04 -59.83
C ALA F 352 29.76 52.27 -58.55
N ILE F 353 30.59 52.44 -57.52
CA ILE F 353 30.32 51.80 -56.23
C ILE F 353 29.03 52.32 -55.61
N ALA F 354 28.76 53.62 -55.73
CA ALA F 354 27.52 54.16 -55.17
C ALA F 354 26.30 53.57 -55.87
N CYS F 355 26.32 53.52 -57.20
CA CYS F 355 25.18 52.94 -57.91
C CYS F 355 25.09 51.44 -57.67
N LEU F 356 26.22 50.80 -57.37
CA LEU F 356 26.19 49.42 -56.88
C LEU F 356 25.43 49.31 -55.58
N LEU F 357 25.72 50.21 -54.65
CA LEU F 357 25.08 50.15 -53.33
C LEU F 357 23.59 50.38 -53.45
N PHE F 358 23.17 51.33 -54.30
CA PHE F 358 21.74 51.56 -54.48
C PHE F 358 21.08 50.39 -55.20
N GLY F 359 21.71 49.89 -56.26
CA GLY F 359 21.22 48.71 -56.95
C GLY F 359 20.04 48.97 -57.86
N GLY F 360 19.73 48.01 -58.73
CA GLY F 360 18.63 48.13 -59.65
C GLY F 360 17.35 47.56 -59.07
N SER F 361 16.38 47.33 -59.96
CA SER F 361 15.06 46.82 -59.58
C SER F 361 14.83 45.48 -60.24
N ARG F 362 14.39 44.50 -59.45
CA ARG F 362 14.09 43.16 -59.94
C ARG F 362 12.68 43.12 -60.52
N LYS F 363 12.49 42.26 -61.53
CA LYS F 363 11.23 42.20 -62.26
C LYS F 363 10.89 40.73 -62.55
N ARG F 364 9.86 40.23 -61.86
CA ARG F 364 9.26 38.97 -62.27
C ARG F 364 8.30 39.20 -63.43
N LEU F 365 8.01 38.16 -64.18
CA LEU F 365 7.24 38.24 -65.41
C LEU F 365 6.09 37.25 -65.38
N PRO F 366 5.04 37.51 -66.17
CA PRO F 366 3.87 36.62 -66.16
C PRO F 366 4.17 35.18 -66.52
N ASP F 367 5.20 34.93 -67.33
CA ASP F 367 5.58 33.57 -67.67
C ASP F 367 6.19 32.81 -66.50
N GLY F 368 6.48 33.49 -65.39
CA GLY F 368 7.21 32.89 -64.30
C GLY F 368 8.70 33.11 -64.36
N LEU F 369 9.23 33.55 -65.49
CA LEU F 369 10.65 33.84 -65.60
C LEU F 369 10.98 35.15 -64.87
N THR F 370 12.21 35.25 -64.39
CA THR F 370 12.66 36.43 -63.66
C THR F 370 13.86 37.02 -64.36
N ARG F 371 14.17 38.27 -64.02
CA ARG F 371 15.35 38.96 -64.53
C ARG F 371 16.06 39.65 -63.37
N ARG F 372 17.39 39.55 -63.38
CA ARG F 372 18.20 40.00 -62.26
C ARG F 372 18.10 41.51 -62.09
N GLY F 373 18.01 41.97 -60.85
CA GLY F 373 17.92 43.38 -60.55
C GLY F 373 19.13 43.93 -59.82
N ASP F 374 20.21 43.16 -59.74
CA ASP F 374 21.40 43.56 -59.01
C ASP F 374 22.59 43.71 -59.96
N ILE F 375 23.58 44.48 -59.51
CA ILE F 375 24.72 44.88 -60.35
C ILE F 375 25.96 44.09 -59.92
N ASN F 376 26.76 43.68 -60.90
CA ASN F 376 27.99 42.94 -60.68
C ASN F 376 29.16 43.71 -61.27
N LEU F 377 30.21 43.90 -60.50
CA LEU F 377 31.37 44.67 -60.93
C LEU F 377 32.65 43.85 -60.77
N LEU F 378 33.63 44.12 -61.63
CA LEU F 378 34.94 43.48 -61.56
C LEU F 378 36.02 44.54 -61.62
N MET F 379 37.09 44.33 -60.84
CA MET F 379 38.21 45.26 -60.77
C MET F 379 39.51 44.46 -60.91
N LEU F 380 40.17 44.60 -62.06
CA LEU F 380 41.48 44.00 -62.31
C LEU F 380 42.53 45.09 -62.25
N GLY F 381 43.63 44.84 -61.55
CA GLY F 381 44.65 45.85 -61.39
C GLY F 381 45.93 45.31 -60.82
N ASP F 382 46.96 46.14 -60.85
CA ASP F 382 48.26 45.85 -60.26
C ASP F 382 48.17 45.87 -58.75
N PRO F 383 49.10 45.22 -58.05
CA PRO F 383 49.10 45.31 -56.58
C PRO F 383 49.30 46.74 -56.10
N GLY F 384 48.68 47.06 -54.97
CA GLY F 384 48.84 48.38 -54.39
C GLY F 384 48.04 49.47 -55.04
N THR F 385 46.91 49.14 -55.66
CA THR F 385 46.06 50.12 -56.32
C THR F 385 44.83 50.48 -55.49
N ALA F 386 44.82 50.17 -54.20
CA ALA F 386 43.72 50.50 -53.30
C ALA F 386 42.40 49.87 -53.77
N LYS F 387 42.39 48.55 -53.85
CA LYS F 387 41.18 47.81 -54.22
C LYS F 387 40.52 47.19 -53.00
N SER F 388 41.31 46.59 -52.12
CA SER F 388 40.75 45.93 -50.94
C SER F 388 40.07 46.93 -50.01
N GLN F 389 40.62 48.14 -49.91
CA GLN F 389 40.05 49.14 -49.02
C GLN F 389 38.64 49.52 -49.47
N LEU F 390 38.43 49.65 -50.78
CA LEU F 390 37.10 49.94 -51.28
C LEU F 390 36.13 48.81 -50.95
N LEU F 391 36.59 47.56 -51.04
CA LEU F 391 35.71 46.44 -50.71
C LEU F 391 35.33 46.45 -49.23
N LYS F 392 36.30 46.74 -48.35
CA LYS F 392 35.97 46.83 -46.93
C LYS F 392 35.04 48.00 -46.64
N PHE F 393 35.24 49.14 -47.30
CA PHE F 393 34.33 50.27 -47.11
C PHE F 393 32.92 49.92 -47.58
N VAL F 394 32.82 49.18 -48.69
CA VAL F 394 31.50 48.75 -49.16
C VAL F 394 30.86 47.81 -48.17
N GLU F 395 31.64 46.88 -47.61
CA GLU F 395 31.12 45.95 -46.63
C GLU F 395 30.57 46.68 -45.41
N LYS F 396 31.28 47.71 -44.95
CA LYS F 396 30.79 48.49 -43.81
C LYS F 396 29.61 49.39 -44.17
N CYS F 397 29.59 49.93 -45.38
CA CYS F 397 28.59 50.94 -45.74
C CYS F 397 27.22 50.32 -45.97
N SER F 398 27.17 49.17 -46.65
CA SER F 398 25.90 48.56 -46.99
C SER F 398 25.21 48.05 -45.73
N PRO F 399 23.87 48.14 -45.66
CA PRO F 399 23.18 47.59 -44.49
C PRO F 399 23.45 46.11 -44.27
N ILE F 400 23.56 45.34 -45.35
CA ILE F 400 23.95 43.94 -45.28
C ILE F 400 25.16 43.76 -46.19
N GLY F 401 26.23 43.16 -45.66
CA GLY F 401 27.44 43.01 -46.44
C GLY F 401 28.29 41.88 -45.91
N VAL F 402 28.84 41.10 -46.82
CA VAL F 402 29.74 40.00 -46.47
C VAL F 402 31.02 40.15 -47.29
N TYR F 403 32.15 40.08 -46.60
CA TYR F 403 33.46 40.16 -47.23
C TYR F 403 34.13 38.79 -47.13
N THR F 404 34.51 38.23 -48.29
CA THR F 404 35.13 36.92 -48.35
C THR F 404 36.20 36.93 -49.42
N SER F 405 37.03 35.89 -49.40
CA SER F 405 37.99 35.66 -50.46
C SER F 405 37.58 34.43 -51.27
N GLY F 406 38.43 34.05 -52.21
CA GLY F 406 38.27 32.76 -52.85
C GLY F 406 38.45 31.65 -51.84
N LYS F 407 37.77 30.53 -52.08
CA LYS F 407 37.74 29.34 -51.23
C LYS F 407 36.98 29.60 -49.93
N GLY F 408 36.23 30.69 -49.82
CA GLY F 408 35.40 30.91 -48.65
C GLY F 408 36.03 31.76 -47.58
N SER F 409 36.08 31.25 -46.36
CA SER F 409 36.65 31.98 -45.23
C SER F 409 37.28 30.98 -44.28
N SER F 410 37.54 31.40 -43.05
CA SER F 410 38.25 30.54 -42.11
C SER F 410 37.45 29.29 -41.77
N ALA F 411 36.17 29.45 -41.45
CA ALA F 411 35.34 28.33 -41.05
C ALA F 411 33.96 28.40 -41.69
N ALA F 412 33.86 29.06 -42.85
CA ALA F 412 32.58 29.19 -43.54
C ALA F 412 32.82 29.07 -45.03
N GLY F 413 32.02 28.25 -45.70
CA GLY F 413 32.16 28.08 -47.12
C GLY F 413 31.57 29.22 -47.91
N LEU F 414 31.74 29.15 -49.23
CA LEU F 414 31.18 30.19 -50.09
C LEU F 414 29.78 29.83 -50.56
N THR F 415 29.47 28.54 -50.69
CA THR F 415 28.15 28.08 -51.09
C THR F 415 27.61 27.10 -50.07
N ALA F 416 26.30 26.94 -50.06
CA ALA F 416 25.63 26.10 -49.07
C ALA F 416 25.83 24.62 -49.37
N SER F 417 25.73 23.82 -48.32
CA SER F 417 25.83 22.37 -48.40
C SER F 417 24.75 21.73 -47.54
N VAL F 418 24.41 20.49 -47.86
CA VAL F 418 23.33 19.76 -47.20
C VAL F 418 23.85 18.42 -46.72
N MET F 419 23.48 18.06 -45.50
CA MET F 419 23.85 16.78 -44.90
C MET F 419 22.64 16.20 -44.18
N ARG F 420 22.76 14.92 -43.81
CA ARG F 420 21.71 14.22 -43.07
C ARG F 420 22.27 13.73 -41.75
N ASP F 421 21.57 14.03 -40.66
CA ASP F 421 21.99 13.59 -39.33
C ASP F 421 21.64 12.12 -39.16
N PRO F 422 22.62 11.24 -38.92
CA PRO F 422 22.30 9.80 -38.85
C PRO F 422 21.50 9.41 -37.62
N SER F 423 21.79 9.98 -36.46
CA SER F 423 21.07 9.62 -35.24
C SER F 423 19.60 9.97 -35.35
N SER F 424 19.29 11.26 -35.46
CA SER F 424 17.93 11.73 -35.70
C SER F 424 17.87 12.24 -37.13
N ARG F 425 16.99 11.64 -37.94
CA ARG F 425 17.00 11.90 -39.36
C ARG F 425 16.46 13.29 -39.67
N ASN F 426 17.34 14.28 -39.77
CA ASN F 426 16.99 15.64 -40.14
C ASN F 426 17.91 16.12 -41.24
N PHE F 427 17.36 16.87 -42.19
CA PHE F 427 18.12 17.41 -43.31
C PHE F 427 18.68 18.75 -42.87
N ILE F 428 19.97 18.78 -42.56
CA ILE F 428 20.64 20.00 -42.11
C ILE F 428 21.28 20.69 -43.30
N MET F 429 21.21 22.01 -43.33
CA MET F 429 21.90 22.80 -44.34
C MET F 429 22.82 23.78 -43.65
N GLU F 430 24.04 23.93 -44.17
CA GLU F 430 25.01 24.84 -43.60
C GLU F 430 25.02 26.13 -44.41
N GLY F 431 24.87 27.26 -43.73
CA GLY F 431 24.86 28.54 -44.40
C GLY F 431 26.20 28.86 -45.01
N GLY F 432 26.20 29.23 -46.28
CA GLY F 432 27.39 29.70 -46.96
C GLY F 432 27.45 31.21 -46.97
N ALA F 433 28.57 31.73 -47.47
CA ALA F 433 28.73 33.18 -47.57
C ALA F 433 27.72 33.81 -48.52
N MET F 434 27.23 33.06 -49.50
CA MET F 434 26.25 33.61 -50.43
C MET F 434 24.84 33.52 -49.89
N VAL F 435 24.51 32.42 -49.20
CA VAL F 435 23.17 32.25 -48.65
C VAL F 435 22.94 33.22 -47.48
N LEU F 436 23.97 33.43 -46.66
CA LEU F 436 23.84 34.31 -45.50
C LEU F 436 23.50 35.74 -45.89
N ALA F 437 23.72 36.14 -47.13
CA ALA F 437 23.39 37.48 -47.61
C ALA F 437 22.18 37.39 -48.52
N ASP F 438 21.20 38.25 -48.27
CA ASP F 438 20.02 38.39 -49.13
C ASP F 438 19.72 39.87 -49.26
N GLY F 439 19.89 40.41 -50.47
CA GLY F 439 19.79 41.84 -50.66
C GLY F 439 21.02 42.61 -50.27
N GLY F 440 22.08 41.94 -49.82
CA GLY F 440 23.31 42.59 -49.46
C GLY F 440 24.32 42.61 -50.59
N VAL F 441 25.57 42.90 -50.21
CA VAL F 441 26.68 42.99 -51.14
C VAL F 441 27.77 42.02 -50.69
N VAL F 442 28.27 41.22 -51.62
CA VAL F 442 29.33 40.26 -51.36
C VAL F 442 30.58 40.75 -52.06
N CYS F 443 31.60 41.08 -51.27
CA CYS F 443 32.91 41.45 -51.78
C CYS F 443 33.78 40.21 -51.81
N ILE F 444 34.43 39.94 -52.93
CA ILE F 444 35.15 38.70 -53.16
C ILE F 444 36.58 39.05 -53.59
N ASP F 445 37.55 38.79 -52.71
CA ASP F 445 38.95 38.87 -53.09
C ASP F 445 39.42 37.56 -53.70
N GLU F 446 40.54 37.63 -54.42
CA GLU F 446 41.19 36.46 -54.99
C GLU F 446 40.20 35.61 -55.80
N PHE F 447 39.70 36.19 -56.89
CA PHE F 447 38.71 35.51 -57.71
C PHE F 447 39.28 34.30 -58.44
N ASP F 448 40.61 34.15 -58.47
CA ASP F 448 41.22 33.11 -59.28
C ASP F 448 41.35 31.79 -58.53
N LYS F 449 41.25 31.82 -57.20
CA LYS F 449 41.62 30.64 -56.42
C LYS F 449 40.45 29.71 -56.17
N MET F 450 39.27 29.99 -56.73
CA MET F 450 38.09 29.22 -56.41
C MET F 450 38.22 27.76 -56.85
N ARG F 451 37.62 26.87 -56.07
CA ARG F 451 37.57 25.46 -56.39
C ARG F 451 36.51 25.18 -57.45
N GLU F 452 36.49 23.93 -57.92
CA GLU F 452 35.65 23.59 -59.07
C GLU F 452 34.17 23.64 -58.73
N ASP F 453 33.77 23.02 -57.62
CA ASP F 453 32.36 22.96 -57.27
C ASP F 453 31.79 24.35 -57.05
N ASP F 454 32.51 25.18 -56.29
CA ASP F 454 32.07 26.54 -56.07
C ASP F 454 32.04 27.33 -57.36
N ARG F 455 33.02 27.10 -58.24
CA ARG F 455 33.06 27.82 -59.51
C ARG F 455 31.84 27.49 -60.35
N VAL F 456 31.41 26.22 -60.35
CA VAL F 456 30.23 25.84 -61.11
C VAL F 456 28.97 26.42 -60.48
N ALA F 457 28.88 26.39 -59.15
CA ALA F 457 27.67 26.88 -58.47
C ALA F 457 27.51 28.38 -58.63
N ILE F 458 28.62 29.12 -58.63
CA ILE F 458 28.54 30.58 -58.70
C ILE F 458 27.96 31.03 -60.03
N HIS F 459 28.06 30.22 -61.08
CA HIS F 459 27.43 30.57 -62.33
C HIS F 459 25.93 30.76 -62.15
N GLU F 460 25.26 29.76 -61.58
CA GLU F 460 23.83 29.87 -61.30
C GLU F 460 23.56 30.95 -60.27
N ALA F 461 24.42 31.05 -59.26
CA ALA F 461 24.19 32.04 -58.20
C ALA F 461 24.19 33.47 -58.76
N MET F 462 25.09 33.74 -59.70
CA MET F 462 25.14 35.06 -60.32
C MET F 462 24.02 35.25 -61.33
N GLU F 463 23.68 34.20 -62.09
CA GLU F 463 22.71 34.38 -63.16
C GLU F 463 21.28 34.41 -62.64
N GLN F 464 20.83 33.33 -62.02
CA GLN F 464 19.44 33.18 -61.61
C GLN F 464 19.21 33.44 -60.13
N GLN F 465 20.26 33.77 -59.38
CA GLN F 465 20.16 34.14 -57.97
C GLN F 465 19.61 33.00 -57.11
N THR F 466 19.72 31.77 -57.59
CA THR F 466 19.28 30.60 -56.83
C THR F 466 20.33 29.50 -56.94
N ILE F 467 20.34 28.62 -55.94
CA ILE F 467 21.19 27.43 -55.93
C ILE F 467 20.30 26.21 -55.82
N SER F 468 20.63 25.16 -56.55
CA SER F 468 19.84 23.94 -56.54
C SER F 468 20.70 22.78 -56.06
N ILE F 469 20.25 22.09 -55.01
CA ILE F 469 20.99 20.99 -54.43
C ILE F 469 20.07 19.79 -54.29
N ALA F 470 20.49 18.64 -54.82
CA ALA F 470 19.73 17.40 -54.74
C ALA F 470 20.59 16.33 -54.10
N LYS F 471 20.05 15.64 -53.10
CA LYS F 471 20.68 14.49 -52.48
C LYS F 471 19.64 13.40 -52.29
N ALA F 472 20.07 12.28 -51.73
CA ALA F 472 19.19 11.12 -51.59
C ALA F 472 17.96 11.48 -50.78
N GLY F 473 16.80 11.48 -51.44
CA GLY F 473 15.55 11.76 -50.78
C GLY F 473 15.22 13.23 -50.58
N ILE F 474 15.98 14.14 -51.18
CA ILE F 474 15.73 15.56 -50.97
C ILE F 474 16.16 16.34 -52.22
N THR F 475 15.39 17.37 -52.56
CA THR F 475 15.74 18.30 -53.62
C THR F 475 15.30 19.69 -53.18
N THR F 476 16.24 20.62 -53.12
CA THR F 476 15.97 21.93 -52.56
C THR F 476 16.54 23.03 -53.46
N THR F 477 15.89 24.20 -53.42
CA THR F 477 16.33 25.37 -54.15
C THR F 477 16.38 26.55 -53.19
N LEU F 478 17.57 27.10 -53.01
CA LEU F 478 17.85 28.17 -52.07
C LEU F 478 17.98 29.50 -52.79
N ASN F 479 17.53 30.56 -52.13
CA ASN F 479 17.57 31.91 -52.66
C ASN F 479 18.88 32.58 -52.26
N SER F 480 19.49 33.31 -53.20
CA SER F 480 20.69 34.09 -52.93
C SER F 480 20.65 35.33 -53.83
N ARG F 481 20.06 36.40 -53.32
CA ARG F 481 19.93 37.65 -54.07
C ARG F 481 21.00 38.64 -53.65
N CYS F 482 22.21 38.41 -54.15
CA CYS F 482 23.38 39.19 -53.77
C CYS F 482 23.93 39.97 -54.96
N SER F 483 24.40 41.18 -54.67
CA SER F 483 25.25 41.91 -55.59
C SER F 483 26.69 41.47 -55.39
N VAL F 484 27.45 41.41 -56.49
CA VAL F 484 28.79 40.85 -56.48
C VAL F 484 29.78 41.97 -56.78
N LEU F 485 30.83 42.08 -55.95
CA LEU F 485 31.89 43.05 -56.16
C LEU F 485 33.20 42.31 -55.95
N ALA F 486 33.92 42.04 -57.04
CA ALA F 486 35.06 41.14 -57.02
C ALA F 486 36.33 41.88 -57.40
N ALA F 487 37.44 41.39 -56.84
CA ALA F 487 38.77 41.90 -57.17
C ALA F 487 39.66 40.73 -57.56
N ALA F 488 40.60 41.00 -58.46
CA ALA F 488 41.47 39.94 -58.96
C ALA F 488 42.82 40.54 -59.36
N ASN F 489 43.81 39.68 -59.49
CA ASN F 489 45.17 40.07 -59.84
C ASN F 489 45.48 39.69 -61.28
N SER F 490 46.57 40.24 -61.79
CA SER F 490 47.00 39.96 -63.15
C SER F 490 47.53 38.54 -63.28
N VAL F 491 47.50 38.01 -64.50
CA VAL F 491 47.96 36.64 -64.74
C VAL F 491 49.45 36.54 -64.47
N PHE F 492 50.23 37.49 -64.96
CA PHE F 492 51.68 37.48 -64.78
C PHE F 492 52.12 38.15 -63.48
N GLY F 493 51.18 38.65 -62.68
CA GLY F 493 51.49 39.41 -61.49
C GLY F 493 51.43 40.91 -61.66
N ARG F 494 51.76 41.41 -62.85
CA ARG F 494 51.59 42.82 -63.18
C ARG F 494 51.15 42.92 -64.62
N TRP F 495 50.42 44.00 -64.93
CA TRP F 495 49.84 44.14 -66.25
C TRP F 495 50.92 44.36 -67.30
N ASP F 496 50.71 43.80 -68.49
CA ASP F 496 51.58 43.98 -69.64
C ASP F 496 50.74 44.59 -70.75
N GLU F 497 50.94 45.88 -71.00
CA GLU F 497 50.06 46.63 -71.90
C GLU F 497 50.16 46.09 -73.33
N THR F 498 51.37 45.81 -73.79
CA THR F 498 51.56 45.41 -75.18
C THR F 498 50.95 44.06 -75.48
N LYS F 499 50.90 43.17 -74.49
CA LYS F 499 50.32 41.84 -74.72
C LYS F 499 48.82 41.93 -74.98
N GLY F 500 48.17 43.00 -74.51
CA GLY F 500 46.75 43.16 -74.74
C GLY F 500 45.92 42.07 -74.08
N GLU F 501 45.37 41.18 -74.90
CA GLU F 501 44.61 40.04 -74.38
C GLU F 501 45.57 39.04 -73.72
N ASP F 502 45.02 37.95 -73.20
CA ASP F 502 45.72 36.90 -72.47
C ASP F 502 46.26 37.39 -71.13
N ASN F 503 46.03 38.65 -70.75
CA ASN F 503 46.33 39.11 -69.41
C ASN F 503 45.26 38.71 -68.40
N ILE F 504 44.14 38.19 -68.87
CA ILE F 504 43.03 37.76 -68.01
C ILE F 504 42.81 36.27 -68.21
N ASP F 505 42.77 35.53 -67.11
CA ASP F 505 42.64 34.07 -67.17
C ASP F 505 41.20 33.60 -67.26
N PHE F 506 40.25 34.42 -66.85
CA PHE F 506 38.85 34.00 -66.83
C PHE F 506 38.36 33.71 -68.24
N MET F 507 37.55 32.66 -68.37
CA MET F 507 36.89 32.39 -69.64
C MET F 507 35.79 33.42 -69.88
N PRO F 508 35.41 33.65 -71.14
CA PRO F 508 34.41 34.68 -71.42
C PRO F 508 33.06 34.42 -70.77
N THR F 509 32.77 33.16 -70.43
CA THR F 509 31.47 32.84 -69.84
C THR F 509 31.28 33.54 -68.50
N ILE F 510 32.26 33.43 -67.61
CA ILE F 510 32.14 34.08 -66.31
C ILE F 510 32.27 35.60 -66.45
N LEU F 511 33.08 36.05 -67.41
CA LEU F 511 33.26 37.49 -67.61
C LEU F 511 31.99 38.13 -68.17
N SER F 512 31.13 37.34 -68.80
CA SER F 512 29.89 37.89 -69.35
C SER F 512 28.95 38.36 -68.25
N ARG F 513 28.96 37.69 -67.09
CA ARG F 513 27.99 38.01 -66.05
C ARG F 513 28.24 39.36 -65.39
N PHE F 514 29.46 39.88 -65.48
CA PHE F 514 29.77 41.18 -64.89
C PHE F 514 29.13 42.31 -65.68
N ASP F 515 28.74 43.37 -64.97
CA ASP F 515 28.17 44.53 -65.64
C ASP F 515 29.25 45.51 -66.08
N MET F 516 30.18 45.84 -65.20
CA MET F 516 31.26 46.77 -65.51
C MET F 516 32.59 46.18 -65.08
N ILE F 517 33.60 46.40 -65.90
CA ILE F 517 34.95 45.88 -65.69
C ILE F 517 35.91 47.06 -65.67
N PHE F 518 36.68 47.19 -64.61
CA PHE F 518 37.65 48.26 -64.46
C PHE F 518 39.05 47.69 -64.49
N ILE F 519 39.96 48.39 -65.16
CA ILE F 519 41.36 48.01 -65.23
C ILE F 519 42.19 49.15 -64.66
N VAL F 520 43.03 48.83 -63.69
CA VAL F 520 43.86 49.81 -63.00
C VAL F 520 45.32 49.45 -63.20
N LYS F 521 46.16 50.45 -63.44
CA LYS F 521 47.58 50.23 -63.67
C LYS F 521 48.39 51.23 -62.87
N ASP F 522 49.62 50.85 -62.53
CA ASP F 522 50.56 51.76 -61.90
C ASP F 522 51.16 52.65 -62.98
N GLU F 523 50.57 53.83 -63.17
CA GLU F 523 50.97 54.73 -64.24
C GLU F 523 52.05 55.68 -63.76
N HIS F 524 53.08 55.85 -64.57
CA HIS F 524 54.23 56.68 -64.20
C HIS F 524 53.86 58.15 -64.36
N ASN F 525 53.84 58.87 -63.23
CA ASN F 525 53.63 60.33 -63.23
C ASN F 525 54.49 60.89 -62.10
N GLU F 526 55.56 61.60 -62.47
CA GLU F 526 56.53 62.04 -61.47
C GLU F 526 55.90 63.01 -60.48
N GLU F 527 55.08 63.95 -60.97
CA GLU F 527 54.48 64.94 -60.09
C GLU F 527 53.25 64.43 -59.34
N ARG F 528 52.64 63.33 -59.78
CA ARG F 528 51.50 62.78 -59.06
C ARG F 528 51.93 62.05 -57.80
N ASP F 529 53.13 61.47 -57.82
CA ASP F 529 53.61 60.73 -56.65
C ASP F 529 53.79 61.66 -55.46
N VAL F 530 54.24 62.88 -55.71
CA VAL F 530 54.38 63.87 -54.63
C VAL F 530 53.03 64.14 -53.99
N MET F 531 52.00 64.33 -54.82
CA MET F 531 50.67 64.60 -54.29
C MET F 531 50.13 63.40 -53.51
N LEU F 532 50.37 62.18 -54.01
CA LEU F 532 49.92 61.00 -53.28
C LEU F 532 50.61 60.89 -51.92
N ALA F 533 51.93 61.09 -51.89
CA ALA F 533 52.65 61.01 -50.63
C ALA F 533 52.18 62.07 -49.64
N LYS F 534 51.97 63.30 -50.14
CA LYS F 534 51.50 64.36 -49.26
C LYS F 534 50.10 64.07 -48.76
N HIS F 535 49.23 63.54 -49.60
CA HIS F 535 47.88 63.18 -49.18
C HIS F 535 47.92 62.09 -48.11
N VAL F 536 48.78 61.09 -48.29
CA VAL F 536 48.87 60.00 -47.32
C VAL F 536 49.36 60.52 -45.97
N ILE F 537 50.42 61.34 -45.99
CA ILE F 537 50.97 61.83 -44.73
C ILE F 537 50.00 62.79 -44.06
N THR F 538 49.28 63.59 -44.84
CA THR F 538 48.26 64.47 -44.28
C THR F 538 47.15 63.65 -43.61
N LEU F 539 46.73 62.57 -44.25
CA LEU F 539 45.73 61.69 -43.64
C LEU F 539 46.24 61.11 -42.33
N HIS F 540 47.48 60.64 -42.32
CA HIS F 540 48.04 60.06 -41.09
C HIS F 540 48.09 61.10 -39.97
N VAL F 541 48.47 62.33 -40.31
CA VAL F 541 48.55 63.38 -39.29
C VAL F 541 47.15 63.73 -38.79
N SER F 542 46.19 63.89 -39.69
CA SER F 542 44.88 64.40 -39.31
C SER F 542 43.98 63.33 -38.70
N ALA F 543 44.33 62.05 -38.83
CA ALA F 543 43.52 61.00 -38.23
C ALA F 543 43.48 61.10 -36.71
N LEU F 544 44.49 61.71 -36.11
CA LEU F 544 44.58 61.76 -34.65
C LEU F 544 43.64 62.78 -34.03
N THR F 545 43.28 63.83 -34.77
CA THR F 545 42.57 64.96 -34.19
C THR F 545 41.12 65.08 -34.67
N GLN F 546 40.90 65.23 -35.97
CA GLN F 546 39.59 65.57 -36.50
C GLN F 546 39.23 64.67 -37.68
N THR F 547 38.05 64.08 -37.63
CA THR F 547 37.52 63.27 -38.73
C THR F 547 36.61 64.09 -39.62
N GLN F 548 37.18 65.16 -40.17
CA GLN F 548 36.44 66.17 -40.94
C GLN F 548 37.16 66.48 -42.25
N ALA F 549 37.53 65.43 -42.98
CA ALA F 549 38.39 65.60 -44.16
C ALA F 549 37.72 66.48 -45.21
N VAL F 550 36.44 66.25 -45.48
CA VAL F 550 35.71 67.01 -46.50
C VAL F 550 34.56 67.74 -45.82
N GLU F 551 34.22 68.91 -46.38
CA GLU F 551 33.22 69.77 -45.75
C GLU F 551 31.85 69.11 -45.71
N GLY F 552 31.45 68.47 -46.81
CA GLY F 552 30.09 67.97 -46.91
C GLY F 552 29.95 66.47 -46.94
N GLU F 553 30.75 65.76 -46.15
CA GLU F 553 30.60 64.31 -46.06
C GLU F 553 29.29 63.96 -45.37
N ILE F 554 28.63 62.94 -45.90
CA ILE F 554 27.48 62.35 -45.21
C ILE F 554 28.01 61.41 -44.14
N ASP F 555 27.48 61.53 -42.94
CA ASP F 555 27.90 60.66 -41.85
C ASP F 555 27.56 59.21 -42.19
N LEU F 556 28.39 58.29 -41.71
CA LEU F 556 28.26 56.89 -42.10
C LEU F 556 26.91 56.33 -41.69
N ALA F 557 26.46 56.64 -40.47
CA ALA F 557 25.13 56.21 -40.05
C ALA F 557 24.05 56.83 -40.92
N LYS F 558 24.17 58.14 -41.21
CA LYS F 558 23.19 58.79 -42.06
C LYS F 558 23.20 58.21 -43.47
N LEU F 559 24.39 57.97 -44.02
CA LEU F 559 24.48 57.41 -45.37
C LEU F 559 23.86 56.02 -45.41
N LYS F 560 24.14 55.20 -44.39
CA LYS F 560 23.59 53.85 -44.32
C LYS F 560 22.06 53.89 -44.27
N LYS F 561 21.51 54.71 -43.38
CA LYS F 561 20.06 54.79 -43.25
C LYS F 561 19.43 55.34 -44.52
N PHE F 562 20.07 56.33 -45.14
CA PHE F 562 19.54 56.92 -46.37
C PHE F 562 19.52 55.90 -47.51
N ILE F 563 20.59 55.11 -47.62
CA ILE F 563 20.64 54.08 -48.66
C ILE F 563 19.53 53.05 -48.43
N ALA F 564 19.36 52.61 -47.17
CA ALA F 564 18.30 51.66 -46.87
C ALA F 564 16.93 52.26 -47.19
N TYR F 565 16.73 53.53 -46.84
CA TYR F 565 15.46 54.21 -47.08
C TYR F 565 15.14 54.24 -48.57
N CYS F 566 16.12 54.67 -49.38
CA CYS F 566 15.88 54.75 -50.82
C CYS F 566 15.65 53.38 -51.43
N ARG F 567 16.38 52.37 -50.97
CA ARG F 567 16.19 51.02 -51.50
C ARG F 567 14.80 50.50 -51.17
N VAL F 568 14.30 50.78 -49.98
CA VAL F 568 13.01 50.22 -49.57
C VAL F 568 11.84 51.02 -50.13
N LYS F 569 12.02 52.32 -50.38
CA LYS F 569 10.87 53.19 -50.63
C LYS F 569 10.24 52.96 -52.00
N CYS F 570 11.00 53.19 -53.08
CA CYS F 570 10.43 53.22 -54.42
C CYS F 570 11.35 52.52 -55.41
N GLY F 571 10.81 52.27 -56.61
CA GLY F 571 11.57 51.64 -57.67
C GLY F 571 11.22 52.20 -59.04
N PRO F 572 12.22 52.68 -59.77
CA PRO F 572 11.96 53.37 -61.03
C PRO F 572 12.07 52.45 -62.24
N ARG F 573 11.57 52.96 -63.37
CA ARG F 573 11.66 52.25 -64.65
C ARG F 573 11.97 53.28 -65.74
N LEU F 574 12.43 52.78 -66.88
CA LEU F 574 12.96 53.64 -67.93
C LEU F 574 11.86 54.44 -68.62
N SER F 575 12.27 55.24 -69.60
CA SER F 575 11.38 55.99 -70.46
C SER F 575 11.66 55.65 -71.92
N ALA F 576 10.61 55.72 -72.73
CA ALA F 576 10.72 55.26 -74.13
C ALA F 576 11.70 56.12 -74.92
N GLU F 577 11.68 57.44 -74.71
CA GLU F 577 12.60 58.31 -75.44
C GLU F 577 14.05 57.97 -75.14
N ALA F 578 14.37 57.73 -73.86
CA ALA F 578 15.71 57.28 -73.51
C ALA F 578 15.95 55.86 -73.99
N ALA F 579 14.90 55.04 -74.02
CA ALA F 579 15.05 53.65 -74.42
C ALA F 579 15.51 53.54 -75.87
N GLU F 580 14.94 54.36 -76.76
CA GLU F 580 15.32 54.30 -78.16
C GLU F 580 16.78 54.73 -78.37
N LYS F 581 17.21 55.77 -77.65
CA LYS F 581 18.60 56.20 -77.74
C LYS F 581 19.54 55.11 -77.23
N LEU F 582 19.14 54.44 -76.14
CA LEU F 582 19.95 53.33 -75.62
C LEU F 582 20.04 52.21 -76.64
N LYS F 583 18.93 51.90 -77.31
CA LYS F 583 18.94 50.87 -78.35
C LYS F 583 19.90 51.23 -79.47
N ASN F 584 19.83 52.48 -79.94
CA ASN F 584 20.69 52.90 -81.03
C ASN F 584 22.16 52.81 -80.63
N ARG F 585 22.49 53.28 -79.43
CA ARG F 585 23.87 53.22 -78.98
C ARG F 585 24.34 51.78 -78.82
N TYR F 586 23.48 50.90 -78.32
CA TYR F 586 23.85 49.50 -78.15
C TYR F 586 24.11 48.82 -79.48
N ILE F 587 23.26 49.11 -80.48
CA ILE F 587 23.49 48.54 -81.81
C ILE F 587 24.81 49.04 -82.39
N ILE F 588 25.08 50.34 -82.23
CA ILE F 588 26.33 50.89 -82.74
C ILE F 588 27.53 50.24 -82.05
N MET F 589 27.44 50.04 -80.74
CA MET F 589 28.53 49.42 -80.00
C MET F 589 28.76 47.98 -80.43
N ARG F 590 27.68 47.22 -80.63
CA ARG F 590 27.83 45.86 -81.11
C ARG F 590 28.47 45.82 -82.50
N SER F 591 28.04 46.74 -83.38
CA SER F 591 28.63 46.80 -84.72
C SER F 591 30.12 47.11 -84.65
N GLY F 592 30.49 48.07 -83.81
CA GLY F 592 31.90 48.38 -83.64
C GLY F 592 32.69 47.21 -83.09
N ALA F 593 32.12 46.48 -82.13
CA ALA F 593 32.80 45.31 -81.58
C ALA F 593 33.01 44.25 -82.64
N ARG F 594 31.99 43.99 -83.46
CA ARG F 594 32.14 43.00 -84.53
C ARG F 594 33.18 43.43 -85.55
N GLN F 595 33.18 44.73 -85.88
CA GLN F 595 34.19 45.24 -86.83
C GLN F 595 35.59 45.09 -86.26
N HIS F 596 35.76 45.39 -84.97
CA HIS F 596 37.07 45.24 -84.35
C HIS F 596 37.52 43.78 -84.35
N GLU F 597 36.60 42.86 -84.04
CA GLU F 597 36.94 41.44 -84.05
C GLU F 597 37.35 41.00 -85.45
N ARG F 598 36.61 41.43 -86.47
CA ARG F 598 36.91 40.99 -87.84
C ARG F 598 38.22 41.58 -88.34
N ASP F 599 38.49 42.84 -88.00
CA ASP F 599 39.73 43.47 -88.46
C ASP F 599 40.94 42.92 -87.74
N SER F 600 40.85 42.78 -86.42
CA SER F 600 42.01 42.31 -85.65
C SER F 600 42.25 40.82 -85.84
N ASP F 601 41.25 40.09 -86.37
CA ASP F 601 41.36 38.65 -86.60
C ASP F 601 41.72 37.91 -85.32
N ARG F 602 40.94 38.17 -84.27
CA ARG F 602 41.13 37.47 -82.99
C ARG F 602 39.83 37.57 -82.20
N ARG F 603 39.48 36.49 -81.51
CA ARG F 603 38.26 36.47 -80.71
C ARG F 603 38.44 37.37 -79.49
N SER F 604 37.44 38.21 -79.23
CA SER F 604 37.50 39.12 -78.09
C SER F 604 37.25 38.35 -76.80
N SER F 605 38.12 38.56 -75.81
CA SER F 605 37.97 37.90 -74.52
C SER F 605 36.90 38.53 -73.65
N ILE F 606 36.49 39.76 -73.96
CA ILE F 606 35.45 40.46 -73.21
C ILE F 606 34.33 40.83 -74.17
N PRO F 607 33.36 39.96 -74.38
CA PRO F 607 32.33 40.22 -75.39
C PRO F 607 31.28 41.19 -74.92
N ILE F 608 30.53 41.71 -75.89
CA ILE F 608 29.38 42.57 -75.64
C ILE F 608 28.13 41.79 -76.03
N THR F 609 27.25 41.56 -75.06
CA THR F 609 26.08 40.71 -75.24
C THR F 609 24.83 41.46 -74.83
N VAL F 610 23.72 40.73 -74.78
CA VAL F 610 22.46 41.29 -74.28
C VAL F 610 22.59 41.63 -72.80
N ARG F 611 23.39 40.85 -72.07
CA ARG F 611 23.54 41.09 -70.64
C ARG F 611 24.13 42.46 -70.36
N GLN F 612 25.04 42.93 -71.22
CA GLN F 612 25.60 44.27 -71.04
C GLN F 612 24.55 45.35 -71.30
N LEU F 613 23.67 45.14 -72.27
CA LEU F 613 22.57 46.07 -72.49
C LEU F 613 21.68 46.15 -71.26
N GLU F 614 21.34 44.99 -70.69
CA GLU F 614 20.56 44.99 -69.46
C GLU F 614 21.34 45.61 -68.31
N ALA F 615 22.67 45.52 -68.34
CA ALA F 615 23.49 46.15 -67.31
C ALA F 615 23.40 47.67 -67.39
N ILE F 616 23.47 48.21 -68.60
CA ILE F 616 23.28 49.66 -68.77
C ILE F 616 21.89 50.06 -68.31
N VAL F 617 20.88 49.25 -68.64
CA VAL F 617 19.52 49.52 -68.20
C VAL F 617 19.46 49.58 -66.67
N ARG F 618 20.11 48.61 -66.02
CA ARG F 618 20.08 48.53 -64.56
C ARG F 618 20.81 49.72 -63.93
N ILE F 619 21.93 50.14 -64.53
CA ILE F 619 22.66 51.28 -63.98
C ILE F 619 21.83 52.55 -64.11
N ALA F 620 21.16 52.75 -65.24
CA ALA F 620 20.29 53.90 -65.40
C ALA F 620 19.16 53.86 -64.38
N GLU F 621 18.58 52.68 -64.16
CA GLU F 621 17.49 52.55 -63.19
C GLU F 621 17.99 52.86 -61.78
N ALA F 622 19.21 52.43 -61.45
CA ALA F 622 19.76 52.73 -60.13
C ALA F 622 19.99 54.24 -59.96
N LEU F 623 20.49 54.90 -61.01
CA LEU F 623 20.67 56.34 -60.93
C LEU F 623 19.33 57.05 -60.74
N SER F 624 18.30 56.57 -61.43
CA SER F 624 16.97 57.14 -61.24
C SER F 624 16.47 56.91 -59.82
N LYS F 625 16.71 55.70 -59.28
CA LYS F 625 16.27 55.38 -57.93
C LYS F 625 16.96 56.25 -56.89
N MET F 626 18.20 56.64 -57.16
CA MET F 626 18.93 57.46 -56.20
C MET F 626 18.25 58.80 -55.94
N LYS F 627 17.39 59.24 -56.85
CA LYS F 627 16.67 60.50 -56.71
C LYS F 627 15.19 60.32 -56.41
N LEU F 628 14.75 59.10 -56.10
CA LEU F 628 13.38 58.73 -55.73
C LEU F 628 12.40 58.85 -56.90
N GLN F 629 12.85 59.21 -58.09
CA GLN F 629 11.93 59.44 -59.19
C GLN F 629 11.33 58.13 -59.70
N PRO F 630 10.07 58.15 -60.16
CA PRO F 630 9.48 56.92 -60.72
C PRO F 630 9.90 56.64 -62.14
N PHE F 631 10.42 57.62 -62.87
CA PHE F 631 10.88 57.43 -64.23
C PHE F 631 12.20 58.16 -64.43
N ALA F 632 13.08 57.56 -65.23
CA ALA F 632 14.39 58.15 -65.49
C ALA F 632 14.28 59.19 -66.62
N THR F 633 15.38 59.90 -66.84
CA THR F 633 15.46 60.91 -67.89
C THR F 633 16.61 60.57 -68.84
N GLU F 634 16.79 61.41 -69.84
CA GLU F 634 17.87 61.20 -70.80
C GLU F 634 19.23 61.33 -70.14
N ALA F 635 19.36 62.25 -69.19
CA ALA F 635 20.65 62.51 -68.56
C ALA F 635 21.15 61.28 -67.80
N ASP F 636 20.24 60.58 -67.14
CA ASP F 636 20.62 59.37 -66.41
C ASP F 636 21.19 58.32 -67.37
N VAL F 637 20.52 58.12 -68.51
CA VAL F 637 21.00 57.14 -69.49
C VAL F 637 22.32 57.59 -70.10
N GLU F 638 22.49 58.90 -70.31
CA GLU F 638 23.75 59.40 -70.84
C GLU F 638 24.89 59.14 -69.88
N GLU F 639 24.67 59.41 -68.59
CA GLU F 639 25.71 59.13 -67.60
C GLU F 639 26.00 57.63 -67.51
N ALA F 640 24.94 56.81 -67.57
CA ALA F 640 25.13 55.37 -67.53
C ALA F 640 25.96 54.89 -68.71
N LEU F 641 25.68 55.41 -69.90
CA LEU F 641 26.44 55.03 -71.09
C LEU F 641 27.88 55.53 -71.00
N ARG F 642 28.08 56.71 -70.43
CA ARG F 642 29.44 57.21 -70.26
C ARG F 642 30.24 56.28 -69.34
N LEU F 643 29.66 55.89 -68.22
CA LEU F 643 30.34 54.98 -67.31
C LEU F 643 30.58 53.62 -67.98
N PHE F 644 29.57 53.12 -68.70
CA PHE F 644 29.71 51.83 -69.35
C PHE F 644 30.82 51.86 -70.39
N GLN F 645 30.87 52.92 -71.20
CA GLN F 645 31.97 53.05 -72.15
C GLN F 645 33.30 53.06 -71.42
N VAL F 646 33.45 53.96 -70.44
CA VAL F 646 34.73 54.17 -69.78
C VAL F 646 35.25 52.88 -69.19
N SER F 647 34.36 52.07 -68.60
CA SER F 647 34.83 50.83 -68.01
C SER F 647 34.95 49.72 -69.05
N THR F 648 33.82 49.28 -69.61
CA THR F 648 33.79 48.06 -70.39
C THR F 648 34.54 48.22 -71.72
N LEU F 649 34.30 49.32 -72.44
CA LEU F 649 34.92 49.45 -73.75
C LEU F 649 36.42 49.63 -73.64
N ASP F 650 36.88 50.38 -72.64
CA ASP F 650 38.31 50.51 -72.40
C ASP F 650 38.91 49.18 -72.00
N ALA F 651 38.16 48.34 -71.29
CA ALA F 651 38.65 47.00 -70.97
C ALA F 651 38.75 46.14 -72.23
N ALA F 652 37.72 46.18 -73.08
CA ALA F 652 37.66 45.27 -74.22
C ALA F 652 38.57 45.71 -75.36
N LEU F 653 38.73 47.00 -75.58
CA LEU F 653 39.56 47.50 -76.67
C LEU F 653 41.04 47.60 -76.30
N SER F 654 41.41 47.12 -75.12
CA SER F 654 42.82 47.13 -74.71
C SER F 654 43.62 46.12 -75.51
N GLU F 667 44.59 54.12 -79.91
CA GLU F 667 45.64 53.94 -80.91
C GLU F 667 47.00 53.75 -80.25
N ASP F 668 47.08 54.07 -78.96
CA ASP F 668 48.37 54.02 -78.25
C ASP F 668 48.90 52.60 -78.17
N GLN F 669 48.03 51.64 -77.79
CA GLN F 669 48.49 50.26 -77.65
C GLN F 669 48.87 49.65 -78.99
N GLU F 670 48.08 49.93 -80.04
CA GLU F 670 48.42 49.43 -81.36
C GLU F 670 49.73 50.04 -81.86
N MET F 671 49.96 51.32 -81.58
CA MET F 671 51.20 51.97 -81.98
C MET F 671 52.40 51.40 -81.21
N LEU F 672 52.20 51.09 -79.92
CA LEU F 672 53.25 50.40 -79.17
C LEU F 672 53.54 49.03 -79.76
N SER F 673 52.49 48.32 -80.18
CA SER F 673 52.68 47.03 -80.84
C SER F 673 53.48 47.19 -82.14
N ARG F 674 53.19 48.25 -82.89
CA ARG F 674 53.96 48.53 -84.10
C ARG F 674 55.43 48.75 -83.77
N ILE F 675 55.70 49.52 -82.71
CA ILE F 675 57.09 49.77 -82.31
C ILE F 675 57.77 48.47 -81.93
N GLU F 676 57.08 47.61 -81.18
CA GLU F 676 57.66 46.34 -80.78
C GLU F 676 57.97 45.46 -81.99
N LYS F 677 57.04 45.42 -82.95
CA LYS F 677 57.27 44.64 -84.16
C LYS F 677 58.46 45.17 -84.95
N GLN F 678 58.58 46.49 -85.05
CA GLN F 678 59.71 47.09 -85.74
C GLN F 678 61.01 46.75 -85.04
N LEU F 679 61.03 46.86 -83.71
CA LEU F 679 62.27 46.64 -82.96
C LEU F 679 62.70 45.18 -83.03
N LYS F 680 61.74 44.25 -83.00
CA LYS F 680 62.11 42.84 -83.06
C LYS F 680 62.85 42.51 -84.34
N ARG F 681 62.44 43.10 -85.46
CA ARG F 681 63.17 42.91 -86.72
C ARG F 681 64.48 43.68 -86.72
N ARG F 682 64.46 44.93 -86.22
CA ARG F 682 65.66 45.77 -86.27
C ARG F 682 66.74 45.24 -85.34
N PHE F 683 66.37 44.84 -84.12
CA PHE F 683 67.34 44.32 -83.17
C PHE F 683 68.00 43.06 -83.70
N ALA F 684 69.33 43.07 -83.73
CA ALA F 684 70.11 41.89 -84.14
C ALA F 684 70.50 41.12 -82.89
N ILE F 685 70.12 39.85 -82.84
CA ILE F 685 70.43 39.02 -81.68
C ILE F 685 71.93 38.83 -81.59
N GLY F 686 72.49 39.09 -80.41
CA GLY F 686 73.94 39.05 -80.26
C GLY F 686 74.65 40.27 -80.76
N SER F 687 73.98 41.43 -80.75
CA SER F 687 74.57 42.68 -81.21
C SER F 687 74.07 43.82 -80.35
N GLN F 688 74.81 44.93 -80.37
CA GLN F 688 74.51 46.09 -79.55
C GLN F 688 73.94 47.22 -80.38
N VAL F 689 73.02 47.96 -79.77
CA VAL F 689 72.43 49.15 -80.39
C VAL F 689 72.42 50.26 -79.34
N SER F 690 72.77 51.47 -79.75
CA SER F 690 72.71 52.63 -78.87
C SER F 690 71.27 53.14 -78.78
N GLU F 691 70.86 53.50 -77.56
CA GLU F 691 69.50 54.00 -77.36
C GLU F 691 69.27 55.29 -78.15
N HIS F 692 70.32 56.10 -78.28
CA HIS F 692 70.20 57.33 -79.06
C HIS F 692 69.87 57.03 -80.52
N SER F 693 70.47 55.97 -81.07
CA SER F 693 70.17 55.58 -82.45
C SER F 693 68.70 55.20 -82.61
N ILE F 694 68.17 54.43 -81.67
CA ILE F 694 66.77 54.02 -81.73
C ILE F 694 65.86 55.24 -81.59
N ILE F 695 66.19 56.15 -80.68
CA ILE F 695 65.39 57.34 -80.48
C ILE F 695 65.36 58.18 -81.75
N LYS F 696 66.53 58.37 -82.37
CA LYS F 696 66.60 59.14 -83.61
C LYS F 696 65.79 58.46 -84.71
N ASP F 697 65.95 57.14 -84.85
CA ASP F 697 65.26 56.41 -85.91
C ASP F 697 63.76 56.52 -85.79
N PHE F 698 63.24 56.41 -84.55
CA PHE F 698 61.80 56.42 -84.37
C PHE F 698 61.22 57.83 -84.34
N THR F 699 62.02 58.84 -83.93
CA THR F 699 61.53 60.21 -84.01
C THR F 699 61.55 60.73 -85.43
N LYS F 700 62.46 60.23 -86.27
CA LYS F 700 62.39 60.56 -87.69
C LYS F 700 61.15 59.94 -88.32
N GLN F 701 60.69 58.80 -87.78
CA GLN F 701 59.39 58.26 -88.13
C GLN F 701 58.26 58.99 -87.42
N LYS F 702 58.58 59.93 -86.52
CA LYS F 702 57.62 60.79 -85.84
C LYS F 702 56.74 60.01 -84.86
N TYR F 703 57.31 59.00 -84.21
CA TYR F 703 56.64 58.33 -83.11
C TYR F 703 57.05 58.97 -81.78
N PRO F 704 56.15 59.00 -80.80
CA PRO F 704 56.48 59.64 -79.52
C PRO F 704 57.57 58.91 -78.77
N GLU F 705 58.35 59.69 -78.01
CA GLU F 705 59.48 59.12 -77.26
C GLU F 705 59.00 58.31 -76.07
N HIS F 706 57.87 58.70 -75.47
CA HIS F 706 57.36 57.99 -74.30
C HIS F 706 57.00 56.55 -74.64
N ALA F 707 56.43 56.33 -75.82
CA ALA F 707 56.11 54.97 -76.25
C ALA F 707 57.38 54.13 -76.37
N ILE F 708 58.43 54.70 -76.95
CA ILE F 708 59.69 53.97 -77.08
C ILE F 708 60.25 53.64 -75.70
N HIS F 709 60.20 54.61 -74.79
CA HIS F 709 60.69 54.37 -73.43
C HIS F 709 59.92 53.25 -72.75
N LYS F 710 58.60 53.27 -72.89
CA LYS F 710 57.77 52.23 -72.27
C LYS F 710 58.05 50.86 -72.87
N VAL F 711 58.26 50.81 -74.19
CA VAL F 711 58.58 49.55 -74.85
C VAL F 711 59.90 49.01 -74.34
N LEU F 712 60.89 49.89 -74.22
CA LEU F 712 62.19 49.48 -73.69
C LEU F 712 62.08 48.98 -72.26
N GLN F 713 61.27 49.65 -71.44
CA GLN F 713 61.07 49.22 -70.06
C GLN F 713 60.40 47.85 -70.01
N LEU F 714 59.40 47.61 -70.86
CA LEU F 714 58.75 46.32 -70.89
C LEU F 714 59.70 45.22 -71.36
N MET F 715 60.55 45.52 -72.34
CA MET F 715 61.54 44.55 -72.79
C MET F 715 62.55 44.25 -71.68
N LEU F 716 62.92 45.28 -70.91
CA LEU F 716 63.79 45.07 -69.76
C LEU F 716 63.12 44.15 -68.74
N ARG F 717 61.83 44.37 -68.50
CA ARG F 717 61.09 43.51 -67.58
C ARG F 717 61.07 42.06 -68.08
N ARG F 718 60.84 41.88 -69.38
CA ARG F 718 60.84 40.53 -69.94
C ARG F 718 62.26 39.95 -69.97
N GLY F 719 63.27 40.81 -70.11
CA GLY F 719 64.66 40.39 -70.07
C GLY F 719 65.35 40.29 -71.40
N GLU F 720 64.69 40.66 -72.50
CA GLU F 720 65.34 40.57 -73.80
C GLU F 720 66.43 41.63 -73.96
N ILE F 721 66.27 42.79 -73.33
CA ILE F 721 67.22 43.89 -73.45
C ILE F 721 68.01 44.00 -72.16
N GLN F 722 69.32 44.21 -72.31
CA GLN F 722 70.20 44.39 -71.16
C GLN F 722 71.11 45.59 -71.41
N HIS F 723 71.53 46.23 -70.32
CA HIS F 723 72.42 47.37 -70.37
C HIS F 723 73.86 46.91 -70.35
N ARG F 724 74.72 47.65 -71.06
CA ARG F 724 76.16 47.41 -71.01
C ARG F 724 76.72 48.07 -69.76
N MET F 725 78.05 48.17 -69.68
CA MET F 725 78.67 48.83 -68.54
C MET F 725 78.24 50.29 -68.44
N GLN F 726 78.06 50.95 -69.58
CA GLN F 726 77.45 52.27 -69.65
C GLN F 726 76.06 52.13 -70.26
N ARG F 727 75.07 52.78 -69.64
CA ARG F 727 73.68 52.64 -70.04
C ARG F 727 73.39 53.28 -71.41
N LYS F 728 74.40 53.84 -72.08
CA LYS F 728 74.15 54.47 -73.37
C LYS F 728 73.81 53.46 -74.44
N VAL F 729 74.37 52.26 -74.38
CA VAL F 729 74.20 51.23 -75.39
C VAL F 729 73.60 49.99 -74.75
N LEU F 730 72.56 49.44 -75.38
CA LEU F 730 71.91 48.22 -74.93
C LEU F 730 72.30 47.07 -75.84
N TYR F 731 72.07 45.85 -75.38
CA TYR F 731 72.27 44.67 -76.19
C TYR F 731 71.10 43.71 -75.98
N ARG F 732 70.96 42.78 -76.92
CA ARG F 732 69.80 41.90 -76.97
C ARG F 732 70.15 40.51 -76.47
N LEU F 733 69.33 40.00 -75.56
CA LEU F 733 69.40 38.62 -75.09
C LEU F 733 68.05 37.95 -75.33
N LYS F 734 67.92 36.71 -74.87
CA LYS F 734 66.67 35.97 -75.01
C LYS F 734 66.26 35.34 -73.69
N GLU G 17 34.41 -28.34 18.46
CA GLU G 17 34.58 -27.98 17.06
C GLU G 17 35.28 -29.10 16.29
N VAL G 18 35.36 -28.94 14.97
CA VAL G 18 36.02 -29.93 14.13
C VAL G 18 37.37 -29.39 13.66
N ARG G 19 38.39 -30.23 13.75
CA ARG G 19 39.75 -29.86 13.39
C ARG G 19 40.20 -30.68 12.20
N ASP G 20 41.28 -30.23 11.56
CA ASP G 20 41.84 -30.88 10.38
C ASP G 20 43.18 -31.50 10.77
N GLU G 21 43.33 -32.79 10.52
CA GLU G 21 44.58 -33.48 10.87
C GLU G 21 45.73 -33.01 10.01
N VAL G 22 45.52 -32.95 8.69
CA VAL G 22 46.59 -32.61 7.77
C VAL G 22 47.08 -31.19 8.04
N ALA G 23 46.17 -30.27 8.32
CA ALA G 23 46.56 -28.90 8.62
C ALA G 23 47.42 -28.84 9.87
N GLU G 24 47.04 -29.58 10.91
CA GLU G 24 47.82 -29.59 12.15
C GLU G 24 49.20 -30.15 11.92
N LYS G 25 49.30 -31.28 11.20
CA LYS G 25 50.60 -31.88 10.93
C LYS G 25 51.47 -30.96 10.09
N CYS G 26 50.88 -30.30 9.10
CA CYS G 26 51.64 -29.36 8.27
C CYS G 26 52.12 -28.18 9.11
N GLN G 27 51.28 -27.67 10.01
CA GLN G 27 51.71 -26.60 10.90
C GLN G 27 52.90 -27.03 11.74
N LYS G 28 52.81 -28.23 12.34
CA LYS G 28 53.88 -28.70 13.20
C LYS G 28 55.18 -28.88 12.42
N LEU G 29 55.09 -29.51 11.25
CA LEU G 29 56.29 -29.78 10.47
C LEU G 29 56.88 -28.51 9.89
N PHE G 30 56.06 -27.53 9.51
CA PHE G 30 56.60 -26.27 9.00
C PHE G 30 57.23 -25.45 10.11
N LEU G 31 56.66 -25.50 11.32
CA LEU G 31 57.33 -24.86 12.45
C LEU G 31 58.66 -25.54 12.73
N ASP G 32 58.71 -26.87 12.64
CA ASP G 32 59.97 -27.59 12.79
C ASP G 32 60.97 -27.16 11.73
N PHE G 33 60.51 -27.01 10.48
CA PHE G 33 61.38 -26.59 9.39
C PHE G 33 61.92 -25.19 9.63
N LEU G 34 61.07 -24.27 10.06
CA LEU G 34 61.51 -22.91 10.32
C LEU G 34 62.45 -22.83 11.52
N GLU G 35 62.30 -23.74 12.47
CA GLU G 35 63.12 -23.70 13.68
C GLU G 35 64.41 -24.51 13.57
N GLU G 36 64.51 -25.43 12.61
CA GLU G 36 65.62 -26.36 12.60
C GLU G 36 66.56 -26.20 11.41
N PHE G 37 66.05 -26.10 10.19
CA PHE G 37 66.92 -26.04 9.02
C PHE G 37 67.56 -24.66 8.87
N ILE G 44 70.48 -20.45 10.66
CA ILE G 44 69.09 -20.39 10.23
C ILE G 44 68.83 -19.07 9.51
N LYS G 45 68.61 -19.15 8.20
CA LYS G 45 68.38 -17.94 7.41
C LYS G 45 67.04 -17.30 7.76
N TYR G 46 66.04 -18.14 8.05
CA TYR G 46 64.68 -17.65 8.20
C TYR G 46 64.51 -16.85 9.49
N LEU G 47 65.27 -17.16 10.53
CA LEU G 47 65.30 -16.29 11.70
C LEU G 47 65.86 -14.92 11.35
N GLN G 48 66.91 -14.88 10.53
CA GLN G 48 67.47 -13.60 10.10
C GLN G 48 66.48 -12.81 9.25
N LEU G 49 65.67 -13.50 8.44
CA LEU G 49 64.66 -12.79 7.65
C LEU G 49 63.50 -12.32 8.52
N ALA G 50 63.10 -13.12 9.51
CA ALA G 50 62.09 -12.66 10.46
C ALA G 50 62.58 -11.46 11.25
N GLU G 51 63.90 -11.36 11.45
CA GLU G 51 64.46 -10.16 12.06
C GLU G 51 64.22 -8.93 11.20
N GLU G 52 64.32 -9.07 9.87
CA GLU G 52 63.99 -7.96 8.97
C GLU G 52 62.48 -7.71 8.94
N LEU G 53 61.68 -8.74 9.20
CA LEU G 53 60.23 -8.63 9.09
C LEU G 53 59.63 -7.62 10.07
N ILE G 54 60.43 -7.00 10.94
CA ILE G 54 59.89 -6.05 11.90
C ILE G 54 59.39 -4.79 11.21
N ARG G 55 60.07 -4.36 10.14
CA ARG G 55 59.77 -3.09 9.51
C ARG G 55 58.35 -3.07 8.95
N PRO G 56 57.66 -1.92 9.01
CA PRO G 56 56.26 -1.87 8.57
C PRO G 56 56.07 -2.12 7.08
N GLU G 57 57.12 -2.00 6.27
CA GLU G 57 56.98 -2.20 4.83
C GLU G 57 57.18 -3.64 4.41
N ARG G 58 57.43 -4.55 5.35
CA ARG G 58 57.65 -5.96 5.04
C ARG G 58 56.56 -6.82 5.66
N ASN G 59 56.00 -7.72 4.85
CA ASN G 59 54.96 -8.63 5.29
C ASN G 59 55.22 -10.09 4.94
N THR G 60 56.06 -10.37 3.94
CA THR G 60 56.21 -11.69 3.37
C THR G 60 57.56 -12.29 3.75
N LEU G 61 57.55 -13.58 4.09
CA LEU G 61 58.76 -14.35 4.29
C LEU G 61 59.02 -15.19 3.06
N VAL G 62 60.25 -15.17 2.57
CA VAL G 62 60.65 -15.92 1.38
C VAL G 62 61.41 -17.15 1.83
N VAL G 63 60.92 -18.33 1.43
CA VAL G 63 61.49 -19.61 1.83
C VAL G 63 61.85 -20.39 0.58
N SER G 64 63.04 -20.97 0.55
CA SER G 64 63.50 -21.74 -0.59
C SER G 64 62.88 -23.14 -0.53
N PHE G 65 62.38 -23.61 -1.68
CA PHE G 65 61.70 -24.90 -1.71
C PHE G 65 62.67 -26.08 -1.65
N VAL G 66 63.91 -25.88 -2.11
CA VAL G 66 64.89 -26.96 -2.03
C VAL G 66 65.18 -27.29 -0.57
N ASP G 67 65.11 -26.29 0.32
CA ASP G 67 65.23 -26.58 1.74
C ASP G 67 64.08 -27.45 2.24
N LEU G 68 62.86 -27.21 1.75
CA LEU G 68 61.76 -28.10 2.09
C LEU G 68 62.00 -29.51 1.58
N GLU G 69 62.51 -29.63 0.35
CA GLU G 69 62.78 -30.96 -0.21
C GLU G 69 63.80 -31.71 0.62
N GLN G 70 64.87 -31.02 1.03
CA GLN G 70 65.91 -31.66 1.84
C GLN G 70 65.41 -31.98 3.24
N PHE G 71 64.63 -31.07 3.83
CA PHE G 71 64.19 -31.24 5.22
C PHE G 71 63.24 -32.43 5.36
N ASN G 72 62.22 -32.49 4.51
CA ASN G 72 61.23 -33.56 4.57
C ASN G 72 60.59 -33.67 3.19
N GLN G 73 60.83 -34.79 2.50
CA GLN G 73 60.16 -35.04 1.23
C GLN G 73 58.66 -35.21 1.45
N GLN G 74 58.27 -35.85 2.55
CA GLN G 74 56.86 -36.02 2.86
C GLN G 74 56.15 -34.69 3.00
N LEU G 75 56.74 -33.76 3.76
CA LEU G 75 56.14 -32.45 3.95
C LEU G 75 56.06 -31.68 2.63
N SER G 76 57.13 -31.76 1.83
CA SER G 76 57.13 -31.07 0.54
C SER G 76 56.03 -31.62 -0.37
N THR G 77 55.89 -32.94 -0.43
CA THR G 77 54.84 -33.54 -1.25
C THR G 77 53.46 -33.14 -0.74
N THR G 78 53.26 -33.13 0.57
CA THR G 78 51.97 -32.75 1.12
C THR G 78 51.63 -31.32 0.78
N ILE G 79 52.60 -30.40 0.91
CA ILE G 79 52.34 -29.00 0.61
C ILE G 79 52.06 -28.81 -0.88
N GLN G 80 52.82 -29.49 -1.74
CA GLN G 80 52.56 -29.38 -3.17
C GLN G 80 51.18 -29.91 -3.53
N GLU G 81 50.78 -31.02 -2.92
CA GLU G 81 49.48 -31.60 -3.26
C GLU G 81 48.34 -30.93 -2.50
N GLU G 82 48.65 -30.12 -1.48
CA GLU G 82 47.64 -29.45 -0.68
C GLU G 82 47.99 -27.98 -0.43
N PHE G 83 48.40 -27.25 -1.45
CA PHE G 83 48.88 -25.89 -1.25
C PHE G 83 47.77 -24.97 -0.75
N TYR G 84 46.63 -24.98 -1.44
CA TYR G 84 45.55 -24.05 -1.10
C TYR G 84 45.00 -24.33 0.30
N ARG G 85 44.90 -25.61 0.65
CA ARG G 85 44.30 -25.98 1.93
C ARG G 85 45.24 -25.68 3.09
N VAL G 86 46.55 -25.74 2.85
CA VAL G 86 47.51 -25.69 3.94
C VAL G 86 48.04 -24.27 4.15
N TYR G 87 48.16 -23.49 3.06
CA TYR G 87 48.86 -22.21 3.11
C TYR G 87 48.36 -21.27 4.21
N PRO G 88 47.06 -21.06 4.42
CA PRO G 88 46.64 -20.18 5.52
C PRO G 88 47.13 -20.63 6.88
N TYR G 89 47.30 -21.93 7.10
CA TYR G 89 47.80 -22.40 8.38
C TYR G 89 49.31 -22.17 8.51
N LEU G 90 50.06 -22.28 7.42
CA LEU G 90 51.46 -21.89 7.45
C LEU G 90 51.60 -20.41 7.77
N CYS G 91 50.66 -19.59 7.28
CA CYS G 91 50.67 -18.18 7.64
C CYS G 91 50.53 -17.99 9.15
N ARG G 92 49.62 -18.74 9.77
CA ARG G 92 49.46 -18.65 11.22
C ARG G 92 50.71 -19.12 11.96
N ALA G 93 51.34 -20.18 11.46
CA ALA G 93 52.57 -20.66 12.09
C ALA G 93 53.66 -19.60 12.02
N LEU G 94 53.80 -18.94 10.87
CA LEU G 94 54.77 -17.87 10.73
C LEU G 94 54.45 -16.72 11.67
N LYS G 95 53.15 -16.40 11.81
CA LYS G 95 52.74 -15.35 12.73
C LYS G 95 53.14 -15.68 14.16
N THR G 96 52.90 -16.93 14.57
CA THR G 96 53.29 -17.34 15.93
C THR G 96 54.80 -17.27 16.10
N PHE G 97 55.56 -17.67 15.08
CA PHE G 97 57.02 -17.62 15.17
C PHE G 97 57.52 -16.19 15.36
N VAL G 98 57.04 -15.26 14.53
CA VAL G 98 57.51 -13.88 14.63
C VAL G 98 57.02 -13.24 15.93
N LYS G 99 55.82 -13.61 16.38
CA LYS G 99 55.31 -13.10 17.65
C LYS G 99 56.18 -13.57 18.81
N ASP G 100 56.61 -14.84 18.78
CA ASP G 100 57.47 -15.34 19.84
C ASP G 100 58.84 -14.66 19.81
N ARG G 101 59.38 -14.45 18.60
CA ARG G 101 60.72 -13.87 18.51
C ARG G 101 60.74 -12.37 18.77
N LYS G 102 59.65 -11.67 18.46
CA LYS G 102 59.65 -10.22 18.59
C LYS G 102 58.24 -9.72 18.87
N GLU G 103 58.16 -8.50 19.38
CA GLU G 103 56.89 -7.87 19.75
C GLU G 103 56.36 -7.09 18.55
N ILE G 104 55.31 -7.63 17.92
CA ILE G 104 54.68 -7.01 16.77
C ILE G 104 53.17 -6.92 17.03
N PRO G 105 52.52 -5.80 16.70
CA PRO G 105 51.08 -5.71 16.95
C PRO G 105 50.30 -6.78 16.20
N LEU G 106 49.22 -7.25 16.83
CA LEU G 106 48.45 -8.35 16.26
C LEU G 106 47.71 -7.97 14.99
N ALA G 107 47.60 -6.67 14.70
CA ALA G 107 46.89 -6.23 13.51
C ALA G 107 47.59 -6.71 12.23
N LYS G 108 48.91 -6.65 12.21
CA LYS G 108 49.66 -7.00 11.01
C LYS G 108 49.53 -8.48 10.68
N ASP G 109 49.50 -8.79 9.39
CA ASP G 109 49.48 -10.15 8.90
C ASP G 109 50.84 -10.51 8.31
N PHE G 110 51.00 -11.79 7.95
CA PHE G 110 52.24 -12.26 7.37
C PHE G 110 51.95 -13.36 6.36
N TYR G 111 52.84 -13.51 5.39
CA TYR G 111 52.63 -14.43 4.28
C TYR G 111 53.92 -15.18 3.96
N VAL G 112 53.77 -16.33 3.30
CA VAL G 112 54.87 -17.21 2.97
C VAL G 112 55.04 -17.25 1.45
N ALA G 113 56.28 -17.42 1.00
CA ALA G 113 56.59 -17.47 -0.41
C ALA G 113 57.56 -18.61 -0.69
N PHE G 114 57.52 -19.12 -1.92
CA PHE G 114 58.39 -20.19 -2.36
C PHE G 114 58.96 -19.85 -3.73
N GLN G 115 60.24 -20.18 -3.94
CA GLN G 115 60.95 -19.80 -5.14
C GLN G 115 61.38 -20.98 -6.00
N ASP G 116 62.18 -21.88 -5.46
CA ASP G 116 62.96 -22.81 -6.28
C ASP G 116 62.22 -24.10 -6.57
N LEU G 117 61.16 -24.02 -7.37
CA LEU G 117 60.51 -25.22 -7.86
C LEU G 117 61.37 -25.86 -8.94
N PRO G 118 61.54 -27.18 -8.91
CA PRO G 118 62.38 -27.86 -9.91
C PRO G 118 61.68 -28.19 -11.21
N THR G 119 60.40 -27.85 -11.36
CA THR G 119 59.63 -28.22 -12.55
C THR G 119 58.93 -26.99 -13.11
N ARG G 120 58.60 -27.07 -14.40
CA ARG G 120 57.87 -26.02 -15.09
C ARG G 120 56.69 -26.64 -15.82
N HIS G 121 55.65 -25.83 -16.00
CA HIS G 121 54.47 -26.23 -16.74
C HIS G 121 54.09 -25.16 -17.74
N LYS G 122 53.78 -25.58 -18.95
CA LYS G 122 53.35 -24.63 -19.98
C LYS G 122 51.96 -24.11 -19.67
N ILE G 123 51.63 -22.96 -20.26
CA ILE G 123 50.34 -22.34 -20.00
C ILE G 123 49.20 -23.23 -20.43
N ARG G 124 49.31 -23.86 -21.61
CA ARG G 124 48.25 -24.73 -22.09
C ARG G 124 48.19 -26.04 -21.30
N GLU G 125 49.26 -26.39 -20.58
CA GLU G 125 49.24 -27.60 -19.78
C GLU G 125 48.42 -27.43 -18.50
N LEU G 126 48.11 -26.19 -18.14
CA LEU G 126 47.26 -25.93 -16.98
C LEU G 126 45.85 -26.46 -17.23
N THR G 127 45.40 -27.38 -16.39
CA THR G 127 44.08 -27.99 -16.56
C THR G 127 43.32 -27.92 -15.24
N SER G 128 42.08 -28.43 -15.27
CA SER G 128 41.23 -28.38 -14.09
C SER G 128 41.73 -29.29 -12.98
N SER G 129 42.57 -30.28 -13.31
CA SER G 129 43.11 -31.16 -12.28
C SER G 129 44.13 -30.46 -11.40
N ARG G 130 44.71 -29.37 -11.88
CA ARG G 130 45.74 -28.67 -11.11
C ARG G 130 45.19 -27.55 -10.25
N ILE G 131 43.86 -27.39 -10.20
CA ILE G 131 43.28 -26.30 -9.43
C ILE G 131 43.57 -26.51 -7.95
N GLY G 132 44.20 -25.51 -7.33
CA GLY G 132 44.49 -25.54 -5.92
C GLY G 132 45.89 -25.97 -5.55
N LEU G 133 46.66 -26.54 -6.47
CA LEU G 133 48.02 -26.95 -6.18
C LEU G 133 48.99 -25.84 -6.54
N LEU G 134 50.28 -26.08 -6.28
CA LEU G 134 51.33 -25.09 -6.52
C LEU G 134 51.96 -25.35 -7.88
N THR G 135 51.92 -24.33 -8.75
CA THR G 135 52.45 -24.45 -10.09
C THR G 135 53.41 -23.30 -10.36
N ARG G 136 54.20 -23.46 -11.43
CA ARG G 136 55.12 -22.43 -11.91
C ARG G 136 55.08 -22.39 -13.42
N ILE G 137 54.87 -21.21 -13.98
CA ILE G 137 54.75 -21.04 -15.43
C ILE G 137 55.63 -19.87 -15.87
N SER G 138 55.69 -19.66 -17.17
CA SER G 138 56.44 -18.57 -17.78
C SER G 138 55.51 -17.76 -18.68
N GLY G 139 55.78 -16.46 -18.79
CA GLY G 139 54.92 -15.61 -19.60
C GLY G 139 55.53 -14.25 -19.85
N GLN G 140 54.80 -13.42 -20.58
CA GLN G 140 55.21 -12.07 -20.92
C GLN G 140 54.13 -11.09 -20.50
N VAL G 141 54.53 -10.06 -19.74
CA VAL G 141 53.60 -9.07 -19.19
C VAL G 141 53.14 -8.14 -20.31
N VAL G 142 51.87 -7.76 -20.26
CA VAL G 142 51.30 -6.91 -21.31
C VAL G 142 50.67 -5.65 -20.72
N ARG G 143 50.19 -5.74 -19.48
CA ARG G 143 49.46 -4.63 -18.88
C ARG G 143 49.47 -4.77 -17.37
N THR G 144 49.51 -3.62 -16.68
CA THR G 144 49.49 -3.58 -15.22
C THR G 144 48.47 -2.52 -14.79
N HIS G 145 47.62 -2.88 -13.83
CA HIS G 145 46.61 -1.97 -13.32
C HIS G 145 47.11 -1.30 -12.04
N PRO G 146 46.46 -0.19 -11.62
CA PRO G 146 46.90 0.49 -10.41
C PRO G 146 46.60 -0.31 -9.15
N VAL G 147 47.18 0.15 -8.04
CA VAL G 147 47.11 -0.57 -6.78
C VAL G 147 45.90 -0.10 -5.98
N HIS G 148 45.23 -1.03 -5.31
CA HIS G 148 44.07 -0.68 -4.50
C HIS G 148 44.04 -1.50 -3.22
N PRO G 149 43.42 -0.99 -2.16
CA PRO G 149 43.12 -1.84 -1.01
C PRO G 149 41.95 -2.76 -1.29
N GLU G 150 41.89 -3.86 -0.53
CA GLU G 150 40.86 -4.88 -0.69
C GLU G 150 40.49 -5.44 0.67
N LEU G 151 39.27 -5.98 0.74
CA LEU G 151 38.75 -6.61 1.94
C LEU G 151 39.24 -8.05 2.02
N VAL G 152 39.50 -8.52 3.24
CA VAL G 152 39.76 -9.93 3.48
C VAL G 152 38.70 -10.54 4.37
N SER G 153 38.54 -10.03 5.58
CA SER G 153 37.49 -10.49 6.50
C SER G 153 36.71 -9.28 6.96
N GLY G 154 35.40 -9.29 6.74
CA GLY G 154 34.55 -8.16 7.04
C GLY G 154 33.83 -8.27 8.35
N THR G 155 33.25 -7.15 8.77
CA THR G 155 32.36 -7.09 9.93
C THR G 155 31.08 -6.38 9.52
N PHE G 156 29.95 -6.98 9.85
CA PHE G 156 28.65 -6.50 9.41
C PHE G 156 27.72 -6.29 10.60
N LEU G 157 26.80 -5.35 10.43
CA LEU G 157 25.76 -5.07 11.41
C LEU G 157 24.38 -5.31 10.79
N CYS G 158 23.56 -6.09 11.48
CA CYS G 158 22.22 -6.42 11.02
C CYS G 158 21.32 -5.21 11.20
N LEU G 159 20.54 -4.89 10.16
CA LEU G 159 19.72 -3.69 10.19
C LEU G 159 18.39 -3.89 10.92
N ASP G 160 18.01 -5.12 11.23
CA ASP G 160 16.76 -5.36 11.94
C ASP G 160 16.96 -5.48 13.43
N CYS G 161 17.79 -6.43 13.87
CA CYS G 161 17.97 -6.69 15.29
C CYS G 161 19.26 -6.10 15.86
N GLN G 162 20.00 -5.33 15.06
CA GLN G 162 21.20 -4.61 15.51
C GLN G 162 22.30 -5.55 16.02
N THR G 163 22.31 -6.80 15.60
CA THR G 163 23.36 -7.72 16.01
C THR G 163 24.63 -7.50 15.19
N VAL G 164 25.78 -7.68 15.82
CA VAL G 164 27.08 -7.52 15.17
C VAL G 164 27.60 -8.89 14.77
N ILE G 165 27.95 -9.05 13.50
CA ILE G 165 28.52 -10.28 12.98
C ILE G 165 29.94 -9.97 12.52
N ARG G 166 30.91 -10.67 13.08
CA ARG G 166 32.32 -10.40 12.80
C ARG G 166 32.97 -11.57 12.09
N ASP G 167 34.05 -11.25 11.37
CA ASP G 167 34.93 -12.25 10.76
C ASP G 167 34.20 -13.09 9.71
N VAL G 168 33.63 -12.42 8.72
CA VAL G 168 33.05 -13.09 7.56
C VAL G 168 34.09 -13.09 6.45
N GLU G 169 34.40 -14.28 5.93
CA GLU G 169 35.44 -14.41 4.92
C GLU G 169 34.90 -14.00 3.56
N GLN G 170 35.68 -13.20 2.82
CA GLN G 170 35.20 -12.67 1.56
C GLN G 170 35.57 -13.53 0.37
N GLN G 171 36.64 -14.33 0.48
CA GLN G 171 37.15 -15.10 -0.64
C GLN G 171 37.44 -14.20 -1.84
N PHE G 172 36.66 -14.35 -2.92
CA PHE G 172 36.92 -13.62 -4.15
C PHE G 172 35.69 -12.85 -4.63
N LYS G 173 34.78 -12.49 -3.73
CA LYS G 173 33.59 -11.74 -4.07
C LYS G 173 33.11 -11.02 -2.83
N TYR G 174 32.28 -9.98 -3.03
CA TYR G 174 31.70 -9.29 -1.89
C TYR G 174 30.61 -10.14 -1.28
N THR G 175 30.94 -10.90 -0.24
CA THR G 175 30.02 -11.86 0.37
C THR G 175 29.51 -11.31 1.69
N GLN G 176 28.19 -11.22 1.82
CA GLN G 176 27.54 -10.88 3.07
C GLN G 176 27.44 -12.10 3.97
N PRO G 177 27.14 -11.91 5.26
CA PRO G 177 26.89 -13.07 6.12
C PRO G 177 25.74 -13.92 5.59
N ASN G 178 25.89 -15.23 5.71
CA ASN G 178 24.89 -16.14 5.17
C ASN G 178 23.54 -15.95 5.84
N ILE G 179 23.52 -15.80 7.16
CA ILE G 179 22.29 -15.60 7.92
C ILE G 179 22.64 -14.91 9.23
N CYS G 180 21.71 -14.10 9.72
CA CYS G 180 21.89 -13.45 11.02
C CYS G 180 22.04 -14.50 12.10
N ARG G 181 23.03 -14.32 12.97
CA ARG G 181 23.33 -15.34 13.96
C ARG G 181 22.27 -15.42 15.06
N ASN G 182 21.34 -14.47 15.11
CA ASN G 182 20.22 -14.59 16.03
C ASN G 182 19.22 -15.61 15.49
N PRO G 183 18.91 -16.67 16.23
CA PRO G 183 17.99 -17.69 15.69
C PRO G 183 16.62 -17.15 15.32
N VAL G 184 16.10 -16.17 16.05
CA VAL G 184 14.76 -15.66 15.77
C VAL G 184 14.77 -14.65 14.63
N CYS G 185 15.86 -13.92 14.44
CA CYS G 185 15.88 -12.88 13.41
C CYS G 185 15.83 -13.48 12.01
N ALA G 186 16.84 -14.29 11.65
CA ALA G 186 16.92 -14.92 10.35
C ALA G 186 16.88 -13.89 9.22
N ASN G 187 17.82 -12.95 9.25
CA ASN G 187 17.94 -11.92 8.24
C ASN G 187 19.10 -12.24 7.31
N ARG G 188 18.85 -12.13 6.00
CA ARG G 188 19.86 -12.48 5.01
C ARG G 188 19.98 -11.46 3.89
N ARG G 189 19.40 -10.26 4.02
CA ARG G 189 19.35 -9.32 2.92
C ARG G 189 19.71 -7.88 3.28
N ARG G 190 19.72 -7.51 4.56
CA ARG G 190 19.95 -6.12 4.97
C ARG G 190 21.08 -6.09 5.98
N PHE G 191 22.22 -5.52 5.59
CA PHE G 191 23.36 -5.40 6.48
C PHE G 191 24.11 -4.11 6.18
N LEU G 192 24.81 -3.60 7.18
CA LEU G 192 25.73 -2.48 7.03
C LEU G 192 27.16 -2.95 7.26
N LEU G 193 28.10 -2.28 6.61
CA LEU G 193 29.51 -2.62 6.71
C LEU G 193 30.24 -1.55 7.50
N ASP G 194 30.91 -1.95 8.58
CA ASP G 194 31.71 -1.03 9.39
C ASP G 194 33.16 -1.16 8.93
N THR G 195 33.59 -0.23 8.09
CA THR G 195 34.92 -0.34 7.49
C THR G 195 36.03 -0.21 8.51
N ASN G 196 35.74 0.43 9.66
CA ASN G 196 36.79 0.65 10.66
C ASN G 196 37.28 -0.66 11.26
N LYS G 197 36.37 -1.62 11.49
CA LYS G 197 36.78 -2.87 12.12
C LYS G 197 37.32 -3.87 11.11
N SER G 198 37.25 -3.55 9.83
CA SER G 198 37.52 -4.53 8.79
C SER G 198 39.02 -4.81 8.66
N ARG G 199 39.34 -5.72 7.75
CA ARG G 199 40.71 -6.17 7.50
C ARG G 199 41.02 -6.01 6.02
N PHE G 200 42.16 -5.41 5.70
CA PHE G 200 42.51 -5.06 4.33
C PHE G 200 43.79 -5.75 3.88
N VAL G 201 44.01 -5.68 2.56
CA VAL G 201 45.24 -6.14 1.93
C VAL G 201 45.39 -5.42 0.59
N ASP G 202 46.64 -5.18 0.20
CA ASP G 202 46.90 -4.50 -1.07
C ASP G 202 46.59 -5.44 -2.24
N PHE G 203 46.37 -4.84 -3.41
CA PHE G 203 45.85 -5.58 -4.55
C PHE G 203 46.29 -4.92 -5.85
N GLN G 204 46.68 -5.74 -6.82
CA GLN G 204 47.02 -5.26 -8.16
C GLN G 204 46.75 -6.36 -9.17
N LYS G 205 46.34 -5.95 -10.37
CA LYS G 205 46.03 -6.87 -11.45
C LYS G 205 47.01 -6.69 -12.59
N VAL G 206 47.38 -7.80 -13.24
CA VAL G 206 48.35 -7.82 -14.32
C VAL G 206 47.85 -8.79 -15.39
N ARG G 207 48.20 -8.54 -16.64
CA ARG G 207 47.91 -9.44 -17.73
C ARG G 207 49.21 -10.04 -18.27
N ILE G 208 49.20 -11.35 -18.55
CA ILE G 208 50.36 -12.01 -19.12
C ILE G 208 49.93 -12.76 -20.37
N GLN G 209 50.93 -13.08 -21.20
CA GLN G 209 50.70 -13.71 -22.49
C GLN G 209 51.66 -14.87 -22.66
N GLU G 210 51.23 -15.89 -23.39
CA GLU G 210 52.08 -17.03 -23.70
C GLU G 210 53.16 -16.63 -24.71
N THR G 211 54.37 -17.13 -24.51
CA THR G 211 55.49 -16.75 -25.36
C THR G 211 55.41 -17.45 -26.71
N GLN G 212 56.22 -16.96 -27.66
CA GLN G 212 56.18 -17.49 -29.02
C GLN G 212 56.72 -18.92 -29.09
N ALA G 213 57.72 -19.24 -28.27
CA ALA G 213 58.33 -20.57 -28.35
C ALA G 213 57.36 -21.67 -27.93
N GLU G 214 56.30 -21.32 -27.21
CA GLU G 214 55.35 -22.34 -26.76
C GLU G 214 54.16 -22.45 -27.71
N LEU G 215 54.15 -21.70 -28.81
CA LEU G 215 53.01 -21.73 -29.71
C LEU G 215 52.99 -23.03 -30.51
N PRO G 216 51.85 -23.71 -30.59
CA PRO G 216 51.72 -24.82 -31.54
C PRO G 216 51.42 -24.32 -32.94
N ARG G 217 51.10 -25.23 -33.86
CA ARG G 217 50.86 -24.85 -35.25
C ARG G 217 49.59 -24.01 -35.37
N GLY G 218 49.73 -22.85 -36.03
CA GLY G 218 48.58 -22.03 -36.36
C GLY G 218 47.75 -21.58 -35.18
N SER G 219 48.37 -21.19 -34.08
CA SER G 219 47.65 -20.84 -32.87
C SER G 219 48.08 -19.48 -32.35
N ILE G 220 47.11 -18.69 -31.92
CA ILE G 220 47.31 -17.38 -31.31
C ILE G 220 47.74 -17.56 -29.86
N PRO G 221 48.66 -16.74 -29.35
CA PRO G 221 49.11 -16.92 -27.95
C PRO G 221 47.97 -16.76 -26.96
N ARG G 222 48.04 -17.56 -25.89
CA ARG G 222 47.03 -17.53 -24.85
C ARG G 222 47.30 -16.41 -23.85
N SER G 223 46.22 -15.78 -23.39
CA SER G 223 46.31 -14.66 -22.45
C SER G 223 45.73 -15.08 -21.11
N LEU G 224 46.36 -14.64 -20.03
CA LEU G 224 45.96 -15.02 -18.70
C LEU G 224 46.04 -13.81 -17.77
N GLU G 225 45.26 -13.85 -16.69
CA GLU G 225 45.24 -12.78 -15.70
C GLU G 225 45.94 -13.22 -14.43
N VAL G 226 46.85 -12.38 -13.94
CA VAL G 226 47.61 -12.67 -12.74
C VAL G 226 47.29 -11.60 -11.70
N ILE G 227 47.23 -11.99 -10.44
CA ILE G 227 46.83 -11.12 -9.35
C ILE G 227 47.96 -11.08 -8.32
N LEU G 228 48.35 -9.88 -7.92
CA LEU G 228 49.41 -9.69 -6.95
C LEU G 228 48.83 -9.08 -5.68
N ARG G 229 49.24 -9.61 -4.53
CA ARG G 229 48.77 -9.15 -3.23
C ARG G 229 49.96 -8.69 -2.38
N ALA G 230 49.80 -7.53 -1.77
CA ALA G 230 50.75 -6.99 -0.77
C ALA G 230 52.11 -6.81 -1.43
N GLU G 231 53.20 -7.33 -0.86
CA GLU G 231 54.54 -6.93 -1.26
C GLU G 231 54.86 -7.28 -2.71
N ALA G 232 54.29 -8.36 -3.24
CA ALA G 232 54.60 -8.77 -4.59
C ALA G 232 53.98 -7.83 -5.63
N VAL G 233 53.16 -6.90 -5.17
CA VAL G 233 52.44 -5.96 -6.04
C VAL G 233 53.42 -5.10 -6.81
N GLU G 234 54.55 -4.76 -6.18
CA GLU G 234 55.47 -3.78 -6.76
C GLU G 234 55.99 -4.21 -8.14
N SER G 235 56.41 -5.47 -8.25
CA SER G 235 57.21 -5.90 -9.39
C SER G 235 56.32 -6.17 -10.61
N ALA G 236 56.92 -6.79 -11.63
CA ALA G 236 56.22 -7.22 -12.85
C ALA G 236 55.66 -6.01 -13.62
N GLN G 237 56.56 -5.18 -14.11
CA GLN G 237 56.17 -4.06 -14.95
C GLN G 237 55.84 -4.53 -16.36
N ALA G 238 55.23 -3.63 -17.14
CA ALA G 238 54.78 -3.97 -18.48
C ALA G 238 55.97 -4.19 -19.42
N GLY G 239 55.81 -5.15 -20.33
CA GLY G 239 56.84 -5.48 -21.29
C GLY G 239 57.86 -6.50 -20.82
N ASP G 240 57.78 -6.95 -19.57
CA ASP G 240 58.76 -7.89 -19.06
C ASP G 240 58.48 -9.30 -19.58
N LYS G 241 59.42 -10.20 -19.30
CA LYS G 241 59.35 -11.61 -19.71
C LYS G 241 59.74 -12.43 -18.48
N CYS G 242 58.75 -12.87 -17.71
CA CYS G 242 59.00 -13.34 -16.35
C CYS G 242 58.36 -14.69 -16.07
N ASP G 243 58.88 -15.36 -15.06
CA ASP G 243 58.35 -16.60 -14.54
C ASP G 243 57.54 -16.33 -13.28
N PHE G 244 56.38 -16.97 -13.18
CA PHE G 244 55.49 -16.84 -12.04
C PHE G 244 55.39 -18.18 -11.33
N THR G 245 55.23 -18.12 -10.01
CA THR G 245 54.99 -19.30 -9.19
C THR G 245 53.87 -18.99 -8.21
N GLY G 246 52.82 -19.81 -8.23
CA GLY G 246 51.66 -19.56 -7.40
C GLY G 246 50.62 -20.65 -7.52
N THR G 247 49.37 -20.23 -7.55
CA THR G 247 48.23 -21.15 -7.61
C THR G 247 47.35 -20.83 -8.80
N LEU G 248 46.49 -21.80 -9.16
CA LEU G 248 45.48 -21.63 -10.18
C LEU G 248 44.12 -21.74 -9.52
N ILE G 249 43.31 -20.68 -9.62
CA ILE G 249 42.12 -20.53 -8.81
C ILE G 249 40.94 -20.15 -9.69
N VAL G 250 39.75 -20.59 -9.27
CA VAL G 250 38.52 -20.42 -10.02
C VAL G 250 37.74 -19.24 -9.44
N VAL G 251 37.32 -18.33 -10.31
CA VAL G 251 36.56 -17.14 -9.91
C VAL G 251 35.27 -17.09 -10.70
N PRO G 252 34.13 -16.74 -10.10
CA PRO G 252 32.87 -16.71 -10.84
C PRO G 252 32.82 -15.60 -11.88
N ASP G 253 31.97 -15.81 -12.88
CA ASP G 253 31.72 -14.86 -13.95
C ASP G 253 30.21 -14.68 -14.11
N VAL G 254 29.83 -13.63 -14.84
CA VAL G 254 28.42 -13.25 -14.91
C VAL G 254 27.80 -13.59 -16.26
N SER G 255 28.31 -12.99 -17.34
CA SER G 255 27.66 -13.06 -18.65
C SER G 255 28.21 -14.18 -19.52
N LYS G 256 28.70 -15.27 -18.93
CA LYS G 256 29.24 -16.36 -19.74
C LYS G 256 28.14 -17.17 -20.41
N LEU G 257 27.04 -17.42 -19.70
CA LEU G 257 26.01 -18.36 -20.14
C LEU G 257 24.86 -17.58 -20.78
N SER G 258 24.86 -17.56 -22.12
CA SER G 258 23.68 -17.13 -22.86
C SER G 258 22.61 -18.20 -22.90
N THR G 259 22.97 -19.45 -22.62
CA THR G 259 22.08 -20.60 -22.52
C THR G 259 22.08 -21.14 -21.09
N PRO G 260 20.96 -21.70 -20.63
CA PRO G 260 20.92 -22.22 -19.26
C PRO G 260 21.93 -23.34 -19.06
N GLY G 261 22.54 -23.36 -17.87
CA GLY G 261 23.52 -24.38 -17.55
C GLY G 261 23.38 -24.90 -16.14
N ALA G 262 24.50 -25.36 -15.56
CA ALA G 262 24.48 -25.87 -14.20
C ALA G 262 24.14 -24.75 -13.22
N ARG G 263 23.36 -25.08 -12.20
CA ARG G 263 22.90 -24.08 -11.25
C ARG G 263 22.67 -24.73 -9.90
N ALA G 264 22.56 -23.89 -8.87
CA ALA G 264 22.37 -24.33 -7.50
C ALA G 264 20.92 -24.16 -7.06
N GLU G 265 20.59 -24.81 -5.95
CA GLU G 265 19.25 -24.77 -5.39
C GLU G 265 19.33 -25.24 -3.94
N THR G 266 18.18 -25.23 -3.26
CA THR G 266 18.11 -25.67 -1.88
C THR G 266 17.52 -27.07 -1.79
N ASN G 267 17.95 -27.80 -0.76
CA ASN G 267 17.50 -29.16 -0.54
C ASN G 267 16.15 -29.24 0.16
N SER G 268 15.67 -28.13 0.72
CA SER G 268 14.40 -28.16 1.44
C SER G 268 13.25 -28.43 0.49
N ARG G 269 12.36 -29.34 0.91
CA ARG G 269 11.21 -29.74 0.09
C ARG G 269 10.02 -28.82 0.34
N VAL G 270 10.12 -27.63 -0.23
CA VAL G 270 9.16 -26.57 0.02
C VAL G 270 8.35 -26.30 -1.25
N SER G 271 7.03 -26.21 -1.10
CA SER G 271 6.13 -25.94 -2.20
C SER G 271 5.37 -24.65 -1.95
N GLY G 272 4.77 -24.11 -3.00
CA GLY G 272 4.03 -22.88 -2.88
C GLY G 272 2.61 -23.08 -2.38
N VAL G 273 1.95 -21.94 -2.13
CA VAL G 273 0.57 -21.91 -1.67
C VAL G 273 -0.20 -20.98 -2.59
N ASP G 274 -1.51 -21.20 -2.69
CA ASP G 274 -2.36 -20.42 -3.58
C ASP G 274 -2.21 -18.93 -3.31
N GLY G 275 -1.98 -18.17 -4.37
CA GLY G 275 -1.66 -16.76 -4.28
C GLY G 275 -0.18 -16.46 -4.15
N TYR G 276 0.62 -17.45 -3.76
CA TYR G 276 2.08 -17.34 -3.68
C TYR G 276 2.73 -18.50 -4.38
N GLU G 277 2.16 -18.95 -5.49
CA GLU G 277 2.68 -20.10 -6.21
C GLU G 277 4.08 -19.79 -6.74
N THR G 278 4.95 -20.81 -6.68
CA THR G 278 6.34 -20.64 -7.12
C THR G 278 6.39 -20.64 -8.64
N GLU G 279 6.05 -19.47 -9.21
CA GLU G 279 6.19 -19.24 -10.63
C GLU G 279 7.65 -18.95 -10.96
N GLY G 280 7.88 -18.35 -12.12
CA GLY G 280 9.24 -18.10 -12.57
C GLY G 280 10.10 -17.27 -11.63
N ILE G 281 9.84 -15.97 -11.56
CA ILE G 281 10.73 -15.07 -10.82
C ILE G 281 10.65 -15.34 -9.32
N ARG G 282 9.42 -15.40 -8.79
CA ARG G 282 9.24 -15.60 -7.36
C ARG G 282 9.73 -16.97 -6.93
N GLY G 283 9.46 -18.00 -7.74
CA GLY G 283 9.95 -19.32 -7.41
C GLY G 283 11.46 -19.42 -7.43
N LEU G 284 12.09 -18.78 -8.42
CA LEU G 284 13.54 -18.79 -8.48
C LEU G 284 14.15 -18.04 -7.31
N ARG G 285 13.53 -16.93 -6.90
CA ARG G 285 14.06 -16.17 -5.77
C ARG G 285 13.83 -16.90 -4.45
N ALA G 286 12.75 -17.68 -4.35
CA ALA G 286 12.45 -18.36 -3.09
C ALA G 286 13.40 -19.53 -2.86
N LEU G 287 13.76 -20.26 -3.91
CA LEU G 287 14.63 -21.40 -3.78
C LEU G 287 16.11 -21.03 -3.84
N GLY G 288 16.43 -19.75 -3.98
CA GLY G 288 17.80 -19.30 -3.98
C GLY G 288 18.64 -19.85 -5.12
N VAL G 289 18.08 -19.81 -6.34
CA VAL G 289 18.77 -20.39 -7.49
C VAL G 289 19.84 -19.43 -7.98
N ARG G 290 21.07 -19.93 -8.09
CA ARG G 290 22.19 -19.17 -8.62
C ARG G 290 22.82 -19.94 -9.77
N ASP G 291 23.25 -19.20 -10.79
CA ASP G 291 23.89 -19.80 -11.96
C ASP G 291 25.35 -20.08 -11.64
N LEU G 292 25.80 -21.30 -11.94
CA LEU G 292 27.19 -21.70 -11.70
C LEU G 292 28.02 -21.39 -12.94
N SER G 293 28.62 -20.20 -12.96
CA SER G 293 29.54 -19.80 -14.00
C SER G 293 30.89 -19.49 -13.36
N TYR G 294 31.97 -19.78 -14.08
CA TYR G 294 33.30 -19.69 -13.52
C TYR G 294 34.31 -19.29 -14.58
N ARG G 295 35.47 -18.81 -14.12
CA ARG G 295 36.61 -18.51 -14.98
C ARG G 295 37.90 -18.79 -14.22
N LEU G 296 38.97 -18.98 -14.97
CA LEU G 296 40.27 -19.37 -14.40
C LEU G 296 41.15 -18.14 -14.20
N VAL G 297 41.69 -18.00 -12.99
CA VAL G 297 42.52 -16.87 -12.61
C VAL G 297 43.72 -17.40 -11.86
N PHE G 298 44.89 -16.79 -12.12
CA PHE G 298 46.14 -17.19 -11.49
C PHE G 298 46.50 -16.18 -10.40
N LEU G 299 46.76 -16.67 -9.20
CA LEU G 299 47.30 -15.86 -8.12
C LEU G 299 48.78 -16.15 -7.99
N ALA G 300 49.59 -15.10 -8.00
CA ALA G 300 51.04 -15.23 -7.95
C ALA G 300 51.56 -14.89 -6.56
N CYS G 301 52.44 -15.75 -6.05
CA CYS G 301 53.18 -15.46 -4.82
C CYS G 301 54.66 -15.23 -5.05
N CYS G 302 55.22 -15.65 -6.19
CA CYS G 302 56.62 -15.37 -6.51
C CYS G 302 56.72 -14.97 -7.98
N VAL G 303 57.37 -13.85 -8.26
CA VAL G 303 57.62 -13.38 -9.61
C VAL G 303 59.11 -13.18 -9.79
N ALA G 304 59.68 -13.77 -10.83
CA ALA G 304 61.10 -13.66 -11.06
C ALA G 304 61.38 -13.36 -12.53
N PRO G 305 62.50 -12.71 -12.84
CA PRO G 305 62.90 -12.57 -14.24
C PRO G 305 63.33 -13.91 -14.81
N THR G 306 62.95 -14.16 -16.07
CA THR G 306 63.33 -15.41 -16.72
C THR G 306 64.84 -15.50 -16.88
N ASN G 307 65.49 -14.41 -17.24
CA ASN G 307 66.95 -14.38 -17.34
C ASN G 307 67.46 -13.04 -16.81
N PRO G 308 68.17 -13.04 -15.66
CA PRO G 308 68.67 -11.83 -15.02
C PRO G 308 69.99 -11.32 -15.61
N THR G 321 73.04 5.32 -10.44
CA THR G 321 72.86 4.11 -9.64
C THR G 321 73.87 3.03 -10.04
N ALA G 322 75.07 3.46 -10.42
CA ALA G 322 76.10 2.51 -10.82
C ALA G 322 76.55 1.66 -9.64
N GLU G 323 76.50 2.22 -8.44
CA GLU G 323 76.90 1.46 -7.25
C GLU G 323 75.99 0.25 -7.04
N SER G 324 74.69 0.42 -7.28
CA SER G 324 73.77 -0.70 -7.12
C SER G 324 74.09 -1.82 -8.11
N ILE G 325 74.38 -1.47 -9.36
CA ILE G 325 74.72 -2.47 -10.37
C ILE G 325 76.01 -3.17 -9.98
N LYS G 326 77.00 -2.41 -9.50
CA LYS G 326 78.26 -3.00 -9.07
C LYS G 326 78.04 -3.97 -7.92
N ASN G 327 77.18 -3.59 -6.97
CA ASN G 327 76.93 -4.45 -5.81
C ASN G 327 76.18 -5.71 -6.20
N GLN G 328 75.28 -5.61 -7.18
CA GLN G 328 74.51 -6.79 -7.60
C GLN G 328 75.42 -7.86 -8.18
N MET G 329 76.41 -7.46 -8.96
CA MET G 329 77.29 -8.43 -9.62
C MET G 329 78.17 -9.14 -8.60
N THR G 330 78.43 -10.42 -8.85
CA THR G 330 79.29 -11.20 -7.99
C THR G 330 80.75 -10.91 -8.29
N VAL G 331 81.64 -11.57 -7.55
CA VAL G 331 83.07 -11.34 -7.71
C VAL G 331 83.55 -11.83 -9.06
N LYS G 332 83.05 -12.98 -9.52
CA LYS G 332 83.45 -13.49 -10.82
C LYS G 332 82.89 -12.64 -11.95
N GLU G 333 81.65 -12.18 -11.82
CA GLU G 333 81.08 -11.29 -12.82
C GLU G 333 81.86 -9.97 -12.89
N TRP G 334 82.23 -9.44 -11.72
CA TRP G 334 83.02 -8.21 -11.71
C TRP G 334 84.41 -8.44 -12.30
N GLU G 335 84.98 -9.62 -12.07
CA GLU G 335 86.26 -9.96 -12.68
C GLU G 335 86.14 -9.96 -14.20
N LYS G 336 85.08 -10.58 -14.72
CA LYS G 336 84.86 -10.59 -16.16
C LYS G 336 84.66 -9.18 -16.70
N VAL G 337 83.90 -8.36 -15.98
CA VAL G 337 83.66 -6.99 -16.43
C VAL G 337 84.97 -6.20 -16.48
N PHE G 338 85.81 -6.36 -15.46
CA PHE G 338 87.08 -5.64 -15.44
C PHE G 338 88.00 -6.15 -16.55
N GLU G 339 87.98 -7.45 -16.82
CA GLU G 339 88.77 -7.99 -17.92
C GLU G 339 88.32 -7.40 -19.25
N MET G 340 87.01 -7.26 -19.44
CA MET G 340 86.51 -6.63 -20.65
C MET G 340 86.89 -5.15 -20.71
N SER G 341 86.93 -4.48 -19.56
CA SER G 341 87.05 -3.03 -19.54
C SER G 341 88.35 -2.55 -20.16
N GLN G 342 89.47 -3.22 -19.87
CA GLN G 342 90.79 -2.71 -20.23
C GLN G 342 91.34 -3.37 -21.50
N ASP G 343 90.48 -3.67 -22.47
CA ASP G 343 90.89 -4.27 -23.73
C ASP G 343 90.56 -3.30 -24.86
N LYS G 344 91.56 -2.97 -25.68
CA LYS G 344 91.29 -2.16 -26.86
C LYS G 344 90.50 -2.95 -27.89
N ASN G 345 90.78 -4.26 -27.99
CA ASN G 345 90.04 -5.13 -28.89
C ASN G 345 88.54 -5.16 -28.57
N LEU G 346 88.13 -4.57 -27.45
CA LEU G 346 86.70 -4.39 -27.18
C LEU G 346 86.02 -3.67 -28.33
N TYR G 347 86.71 -2.72 -28.95
CA TYR G 347 86.12 -2.06 -30.11
C TYR G 347 85.98 -3.03 -31.27
N HIS G 348 86.98 -3.90 -31.45
CA HIS G 348 86.93 -4.84 -32.57
C HIS G 348 86.08 -6.06 -32.23
N ASN G 349 86.33 -6.70 -31.09
CA ASN G 349 85.69 -7.98 -30.79
C ASN G 349 84.19 -7.84 -30.63
N LEU G 350 83.71 -6.71 -30.12
CA LEU G 350 82.27 -6.51 -30.02
C LEU G 350 81.63 -6.43 -31.40
N CYS G 351 82.37 -5.94 -32.39
CA CYS G 351 81.85 -5.93 -33.75
C CYS G 351 81.65 -7.35 -34.27
N THR G 352 82.61 -8.23 -34.03
CA THR G 352 82.50 -9.59 -34.53
C THR G 352 81.56 -10.45 -33.69
N SER G 353 81.48 -10.18 -32.39
CA SER G 353 80.65 -11.01 -31.51
C SER G 353 79.18 -10.89 -31.86
N LEU G 354 78.67 -9.67 -32.03
CA LEU G 354 77.25 -9.49 -32.27
C LEU G 354 76.86 -9.88 -33.68
N PHE G 355 77.79 -9.79 -34.63
CA PHE G 355 77.51 -10.09 -36.04
C PHE G 355 78.57 -11.05 -36.57
N PRO G 356 78.47 -12.33 -36.21
CA PRO G 356 79.49 -13.28 -36.69
C PRO G 356 79.32 -13.68 -38.14
N THR G 357 78.08 -13.79 -38.61
CA THR G 357 77.82 -14.35 -39.94
C THR G 357 77.89 -13.31 -41.04
N ILE G 358 77.52 -12.05 -40.76
CA ILE G 358 77.49 -11.03 -41.80
C ILE G 358 78.92 -10.70 -42.22
N HIS G 359 79.16 -10.69 -43.53
CA HIS G 359 80.50 -10.41 -44.05
C HIS G 359 80.64 -8.93 -44.38
N GLY G 360 81.76 -8.35 -43.95
CA GLY G 360 82.04 -6.96 -44.22
C GLY G 360 81.11 -6.03 -43.46
N ASN G 361 80.94 -4.83 -44.01
CA ASN G 361 80.07 -3.79 -43.45
C ASN G 361 80.43 -3.46 -42.00
N ASP G 362 81.72 -3.35 -41.71
CA ASP G 362 82.15 -3.06 -40.35
C ASP G 362 81.75 -1.66 -39.91
N GLU G 363 81.59 -0.74 -40.87
CA GLU G 363 81.15 0.61 -40.54
C GLU G 363 79.77 0.60 -39.90
N VAL G 364 78.86 -0.21 -40.46
CA VAL G 364 77.51 -0.32 -39.90
C VAL G 364 77.56 -0.93 -38.50
N LYS G 365 78.42 -1.94 -38.30
CA LYS G 365 78.54 -2.54 -36.97
C LYS G 365 79.03 -1.51 -35.95
N ARG G 366 80.03 -0.72 -36.31
CA ARG G 366 80.53 0.31 -35.40
C ARG G 366 79.46 1.34 -35.10
N GLY G 367 78.72 1.76 -36.13
CA GLY G 367 77.64 2.71 -35.91
C GLY G 367 76.56 2.18 -34.98
N VAL G 368 76.18 0.92 -35.17
CA VAL G 368 75.15 0.31 -34.33
C VAL G 368 75.63 0.20 -32.89
N LEU G 369 76.89 -0.18 -32.69
CA LEU G 369 77.42 -0.24 -31.32
C LEU G 369 77.42 1.14 -30.67
N LEU G 370 77.83 2.18 -31.42
CA LEU G 370 77.83 3.52 -30.87
C LEU G 370 76.42 3.97 -30.51
N MET G 371 75.44 3.64 -31.36
CA MET G 371 74.05 3.97 -31.06
C MET G 371 73.58 3.23 -29.82
N LEU G 372 74.00 1.97 -29.65
CA LEU G 372 73.60 1.20 -28.49
C LEU G 372 74.14 1.83 -27.21
N PHE G 373 75.41 2.25 -27.21
CA PHE G 373 75.98 2.83 -26.00
C PHE G 373 75.39 4.21 -25.72
N GLY G 374 75.22 5.03 -26.75
CA GLY G 374 74.51 6.29 -26.61
C GLY G 374 75.34 7.37 -25.93
N GLY G 375 74.78 8.58 -25.95
CA GLY G 375 75.41 9.75 -25.37
C GLY G 375 74.81 10.13 -24.02
N VAL G 376 75.04 11.38 -23.64
CA VAL G 376 74.63 11.90 -22.34
C VAL G 376 73.61 13.01 -22.59
N PRO G 377 72.43 12.95 -21.97
CA PRO G 377 71.46 14.05 -22.10
C PRO G 377 71.74 15.17 -21.11
N LYS G 378 71.44 16.39 -21.54
CA LYS G 378 71.68 17.58 -20.75
C LYS G 378 70.50 18.54 -20.88
N THR G 379 70.39 19.45 -19.92
CA THR G 379 69.38 20.50 -19.94
C THR G 379 70.05 21.84 -19.68
N THR G 380 69.48 22.89 -20.26
CA THR G 380 70.03 24.23 -20.17
C THR G 380 69.25 25.06 -19.16
N GLY G 381 69.76 26.27 -18.90
CA GLY G 381 69.15 27.14 -17.92
C GLY G 381 67.91 27.86 -18.40
N GLU G 382 67.68 27.90 -19.72
CA GLU G 382 66.52 28.59 -20.27
C GLU G 382 65.29 27.71 -20.31
N GLY G 383 65.37 26.46 -19.86
CA GLY G 383 64.27 25.53 -19.93
C GLY G 383 64.30 24.59 -21.13
N THR G 384 65.28 24.74 -22.01
CA THR G 384 65.41 23.86 -23.16
C THR G 384 66.11 22.57 -22.76
N SER G 385 65.97 21.56 -23.63
CA SER G 385 66.60 20.27 -23.43
C SER G 385 67.38 19.88 -24.69
N LEU G 386 68.43 19.09 -24.50
CA LEU G 386 69.31 18.67 -25.57
C LEU G 386 69.28 17.16 -25.68
N ARG G 387 69.25 16.65 -26.92
CA ARG G 387 69.16 15.22 -27.14
C ARG G 387 70.43 14.51 -26.68
N GLY G 388 70.25 13.29 -26.17
CA GLY G 388 71.37 12.47 -25.76
C GLY G 388 71.39 11.14 -26.49
N ASP G 389 70.39 10.89 -27.33
CA ASP G 389 70.27 9.64 -28.05
C ASP G 389 70.78 9.79 -29.48
N ILE G 390 70.99 8.65 -30.13
CA ILE G 390 71.51 8.58 -31.50
C ILE G 390 70.55 7.76 -32.35
N ASN G 391 70.31 8.23 -33.57
CA ASN G 391 69.43 7.55 -34.50
C ASN G 391 70.21 7.18 -35.76
N VAL G 392 69.94 6.00 -36.32
CA VAL G 392 70.71 5.45 -37.42
C VAL G 392 69.76 4.99 -38.52
N CYS G 393 70.12 5.27 -39.77
CA CYS G 393 69.36 4.82 -40.93
C CYS G 393 70.27 4.08 -41.89
N ILE G 394 69.74 3.02 -42.51
CA ILE G 394 70.48 2.22 -43.47
C ILE G 394 69.68 2.15 -44.77
N VAL G 395 70.31 2.53 -45.88
CA VAL G 395 69.72 2.45 -47.21
C VAL G 395 70.67 1.64 -48.08
N GLY G 396 70.14 0.66 -48.81
CA GLY G 396 71.00 -0.20 -49.58
C GLY G 396 70.25 -0.93 -50.67
N ASP G 397 71.03 -1.54 -51.56
CA ASP G 397 70.50 -2.36 -52.64
C ASP G 397 69.96 -3.68 -52.07
N PRO G 398 69.12 -4.38 -52.82
CA PRO G 398 68.53 -5.63 -52.31
C PRO G 398 69.59 -6.67 -51.97
N SER G 399 69.30 -7.47 -50.95
CA SER G 399 70.10 -8.59 -50.46
C SER G 399 71.42 -8.16 -49.83
N THR G 400 71.57 -6.91 -49.43
CA THR G 400 72.80 -6.51 -48.75
C THR G 400 72.65 -6.62 -47.24
N ALA G 401 72.17 -7.77 -46.76
CA ALA G 401 72.03 -8.09 -45.34
C ALA G 401 71.40 -6.95 -44.53
N LYS G 402 70.48 -6.20 -45.13
CA LYS G 402 70.01 -4.97 -44.49
C LYS G 402 69.11 -5.26 -43.29
N SER G 403 68.32 -6.33 -43.35
CA SER G 403 67.45 -6.67 -42.22
C SER G 403 68.16 -7.53 -41.18
N GLN G 404 69.32 -8.07 -41.51
CA GLN G 404 70.07 -8.88 -40.55
C GLN G 404 70.53 -8.05 -39.36
N PHE G 405 70.97 -6.80 -39.61
CA PHE G 405 71.34 -5.94 -38.49
C PHE G 405 70.16 -5.69 -37.56
N LEU G 406 68.98 -5.41 -38.15
CA LEU G 406 67.80 -5.18 -37.34
C LEU G 406 67.47 -6.41 -36.50
N LYS G 407 67.52 -7.59 -37.12
CA LYS G 407 67.20 -8.80 -36.38
C LYS G 407 68.23 -9.08 -35.28
N HIS G 408 69.51 -8.86 -35.55
CA HIS G 408 70.53 -9.09 -34.54
C HIS G 408 70.37 -8.13 -33.36
N VAL G 409 70.07 -6.86 -33.63
CA VAL G 409 69.85 -5.93 -32.53
C VAL G 409 68.61 -6.30 -31.75
N GLU G 410 67.54 -6.76 -32.43
CA GLU G 410 66.36 -7.21 -31.72
C GLU G 410 66.67 -8.39 -30.81
N GLU G 411 67.46 -9.35 -31.29
CA GLU G 411 67.82 -10.49 -30.46
C GLU G 411 68.67 -10.08 -29.27
N PHE G 412 69.67 -9.21 -29.49
CA PHE G 412 70.61 -8.89 -28.43
C PHE G 412 69.96 -8.05 -27.34
N SER G 413 69.24 -7.00 -27.74
CA SER G 413 68.74 -6.05 -26.76
C SER G 413 67.65 -6.70 -25.90
N PRO G 414 67.58 -6.37 -24.61
CA PRO G 414 66.52 -6.93 -23.76
C PRO G 414 65.19 -6.22 -23.97
N ARG G 415 65.24 -4.92 -24.25
CA ARG G 415 64.05 -4.10 -24.45
C ARG G 415 64.14 -3.48 -25.84
N ALA G 416 63.67 -4.21 -26.85
CA ALA G 416 63.66 -3.73 -28.22
C ALA G 416 62.41 -4.26 -28.92
N VAL G 417 61.85 -3.42 -29.79
CA VAL G 417 60.66 -3.76 -30.56
C VAL G 417 60.97 -3.60 -32.03
N TYR G 418 60.67 -4.63 -32.81
CA TYR G 418 60.88 -4.63 -34.26
C TYR G 418 59.53 -4.52 -34.95
N THR G 419 59.39 -3.54 -35.84
CA THR G 419 58.13 -3.30 -36.52
C THR G 419 58.36 -3.03 -38.01
N SER G 420 57.45 -3.51 -38.83
CA SER G 420 57.43 -3.23 -40.25
C SER G 420 56.60 -1.98 -40.51
N GLY G 421 56.76 -1.42 -41.72
CA GLY G 421 56.16 -0.13 -42.00
C GLY G 421 54.64 -0.14 -41.95
N LYS G 422 54.02 -1.14 -42.58
CA LYS G 422 52.57 -1.12 -42.72
C LYS G 422 51.87 -1.93 -41.64
N ALA G 423 52.61 -2.78 -40.93
CA ALA G 423 51.98 -3.66 -39.95
C ALA G 423 51.53 -2.91 -38.70
N SER G 424 52.27 -1.88 -38.29
CA SER G 424 52.01 -1.17 -37.04
C SER G 424 51.10 0.03 -37.31
N SER G 425 50.05 0.16 -36.50
CA SER G 425 49.12 1.26 -36.62
C SER G 425 49.54 2.43 -35.73
N ALA G 426 48.81 3.54 -35.87
CA ALA G 426 49.11 4.74 -35.07
C ALA G 426 48.89 4.46 -33.60
N ALA G 427 47.80 3.78 -33.25
CA ALA G 427 47.56 3.42 -31.87
C ALA G 427 48.49 2.30 -31.41
N GLY G 428 49.02 1.52 -32.35
CA GLY G 428 50.01 0.51 -31.99
C GLY G 428 51.26 1.15 -31.40
N LEU G 429 51.69 2.27 -31.97
CA LEU G 429 52.71 3.10 -31.37
C LEU G 429 52.05 4.03 -30.35
N THR G 430 52.83 4.96 -29.80
CA THR G 430 52.34 5.97 -28.86
C THR G 430 51.66 5.24 -27.70
N ALA G 431 50.38 5.48 -27.43
CA ALA G 431 49.71 4.84 -26.30
C ALA G 431 48.20 4.85 -26.53
N ALA G 432 47.51 4.08 -25.70
CA ALA G 432 46.06 4.06 -25.68
C ALA G 432 45.58 4.18 -24.24
N VAL G 433 44.33 4.60 -24.06
CA VAL G 433 43.75 4.80 -22.74
C VAL G 433 42.48 3.96 -22.63
N VAL G 434 42.38 3.16 -21.57
CA VAL G 434 41.18 2.38 -21.31
C VAL G 434 40.79 2.55 -19.85
N ARG G 435 39.58 2.10 -19.52
CA ARG G 435 38.99 2.32 -18.20
C ARG G 435 39.34 1.19 -17.26
N ASP G 436 39.49 1.53 -15.98
CA ASP G 436 39.76 0.52 -14.96
C ASP G 436 38.54 -0.37 -14.75
N GLU G 437 38.80 -1.63 -14.43
CA GLU G 437 37.70 -2.59 -14.26
C GLU G 437 36.93 -2.34 -12.97
N GLU G 438 37.65 -2.04 -11.88
CA GLU G 438 37.00 -1.88 -10.58
C GLU G 438 36.76 -0.42 -10.22
N SER G 439 37.83 0.37 -10.16
CA SER G 439 37.75 1.73 -9.65
C SER G 439 37.31 2.68 -10.76
N HIS G 440 37.32 3.98 -10.46
CA HIS G 440 36.92 5.00 -11.42
C HIS G 440 38.07 5.51 -12.26
N GLU G 441 39.30 5.10 -11.96
CA GLU G 441 40.48 5.65 -12.63
C GLU G 441 40.61 5.08 -14.03
N PHE G 442 41.71 5.42 -14.70
CA PHE G 442 42.01 4.97 -16.05
C PHE G 442 43.40 4.37 -16.09
N VAL G 443 43.63 3.49 -17.07
CA VAL G 443 44.93 2.84 -17.23
C VAL G 443 45.37 3.02 -18.68
N ILE G 444 46.69 2.93 -18.88
CA ILE G 444 47.32 3.25 -20.16
C ILE G 444 47.95 2.00 -20.73
N GLU G 445 47.61 1.70 -21.99
CA GLU G 445 48.23 0.63 -22.74
C GLU G 445 49.41 1.19 -23.53
N ALA G 446 50.59 0.66 -23.28
CA ALA G 446 51.84 1.18 -23.84
C ALA G 446 52.01 0.70 -25.27
N GLY G 447 52.52 1.57 -26.13
CA GLY G 447 52.81 1.23 -27.50
C GLY G 447 54.22 0.72 -27.67
N ALA G 448 54.65 0.64 -28.93
CA ALA G 448 55.99 0.16 -29.24
C ALA G 448 57.05 1.11 -28.70
N LEU G 449 56.83 2.42 -28.85
CA LEU G 449 57.83 3.38 -28.38
C LEU G 449 57.93 3.40 -26.86
N MET G 450 56.82 3.20 -26.16
CA MET G 450 56.86 3.22 -24.70
C MET G 450 57.51 1.95 -24.15
N LEU G 451 57.25 0.80 -24.77
CA LEU G 451 57.90 -0.42 -24.32
C LEU G 451 59.40 -0.38 -24.59
N ALA G 452 59.81 0.29 -25.66
CA ALA G 452 61.22 0.46 -25.98
C ALA G 452 61.84 1.70 -25.33
N ASP G 453 61.23 2.21 -24.27
CA ASP G 453 61.74 3.41 -23.62
C ASP G 453 63.14 3.18 -23.10
N ASN G 454 64.04 4.13 -23.38
CA ASN G 454 65.45 4.02 -23.05
C ASN G 454 66.07 2.77 -23.65
N GLY G 455 65.64 2.40 -24.85
CA GLY G 455 66.12 1.25 -25.57
C GLY G 455 66.33 1.56 -27.03
N VAL G 456 66.08 0.55 -27.87
CA VAL G 456 66.23 0.65 -29.32
C VAL G 456 64.96 0.16 -29.98
N CYS G 457 64.44 0.96 -30.92
CA CYS G 457 63.29 0.59 -31.72
C CYS G 457 63.73 0.39 -33.17
N CYS G 458 63.43 -0.79 -33.71
CA CYS G 458 63.84 -1.17 -35.06
C CYS G 458 62.63 -1.05 -35.99
N ILE G 459 62.79 -0.30 -37.07
CA ILE G 459 61.73 -0.12 -38.06
C ILE G 459 62.28 -0.55 -39.41
N ASP G 460 61.71 -1.62 -39.96
CA ASP G 460 62.06 -2.11 -41.28
C ASP G 460 61.03 -1.62 -42.29
N GLU G 461 61.49 -1.41 -43.53
CA GLU G 461 60.68 -0.80 -44.57
C GLU G 461 60.15 0.56 -44.10
N PHE G 462 61.08 1.46 -43.80
CA PHE G 462 60.72 2.75 -43.22
C PHE G 462 59.92 3.60 -44.19
N ASP G 463 60.05 3.35 -45.50
CA ASP G 463 59.34 4.16 -46.49
C ASP G 463 57.86 3.83 -46.54
N LYS G 464 57.48 2.62 -46.09
CA LYS G 464 56.09 2.20 -46.23
C LYS G 464 55.18 2.85 -45.19
N MET G 465 55.76 3.45 -44.15
CA MET G 465 54.96 4.07 -43.10
C MET G 465 54.16 5.25 -43.66
N ASP G 466 52.96 5.45 -43.11
CA ASP G 466 52.13 6.57 -43.53
C ASP G 466 52.79 7.89 -43.14
N VAL G 467 52.53 8.93 -43.93
CA VAL G 467 53.16 10.22 -43.69
C VAL G 467 52.75 10.78 -42.33
N ARG G 468 51.52 10.53 -41.91
CA ARG G 468 51.07 11.00 -40.60
C ARG G 468 51.68 10.17 -39.47
N ASP G 469 51.89 8.87 -39.70
CA ASP G 469 52.67 8.08 -38.75
C ASP G 469 54.11 8.57 -38.69
N GLN G 470 54.67 8.99 -39.82
CA GLN G 470 56.00 9.60 -39.81
C GLN G 470 55.99 10.91 -39.03
N VAL G 471 54.88 11.66 -39.11
CA VAL G 471 54.76 12.89 -38.33
C VAL G 471 54.76 12.58 -36.85
N ALA G 472 54.02 11.54 -36.44
CA ALA G 472 54.02 11.14 -35.04
C ALA G 472 55.41 10.68 -34.59
N ILE G 473 56.10 9.95 -35.46
CA ILE G 473 57.45 9.50 -35.14
C ILE G 473 58.39 10.68 -34.98
N HIS G 474 58.27 11.69 -35.85
CA HIS G 474 59.10 12.87 -35.73
C HIS G 474 58.79 13.64 -34.46
N GLU G 475 57.51 13.71 -34.08
CA GLU G 475 57.15 14.33 -32.82
C GLU G 475 57.81 13.63 -31.64
N ALA G 476 57.78 12.30 -31.65
CA ALA G 476 58.43 11.54 -30.59
C ALA G 476 59.95 11.70 -30.62
N MET G 477 60.52 11.87 -31.82
CA MET G 477 61.97 12.06 -31.93
C MET G 477 62.41 13.42 -31.42
N GLU G 478 61.61 14.46 -31.68
CA GLU G 478 61.99 15.82 -31.28
C GLU G 478 61.65 16.09 -29.82
N GLN G 479 60.37 16.03 -29.47
CA GLN G 479 59.97 16.37 -28.12
C GLN G 479 60.32 15.29 -27.10
N GLN G 480 60.50 14.04 -27.56
CA GLN G 480 60.74 12.90 -26.68
C GLN G 480 59.62 12.74 -25.65
N THR G 481 58.40 13.13 -26.02
CA THR G 481 57.26 13.10 -25.13
C THR G 481 56.01 12.80 -25.93
N ILE G 482 55.15 11.94 -25.39
CA ILE G 482 53.87 11.60 -26.00
C ILE G 482 52.77 12.23 -25.15
N SER G 483 51.91 13.03 -25.79
CA SER G 483 50.82 13.71 -25.11
C SER G 483 49.51 13.03 -25.50
N ILE G 484 48.69 12.71 -24.51
CA ILE G 484 47.42 12.04 -24.72
C ILE G 484 46.32 12.89 -24.09
N THR G 485 45.28 13.18 -24.88
CA THR G 485 44.09 13.87 -24.38
C THR G 485 42.88 13.10 -24.93
N LYS G 486 42.46 12.08 -24.20
CA LYS G 486 41.38 11.22 -24.67
C LYS G 486 40.64 10.62 -23.48
N ALA G 487 39.33 10.45 -23.67
CA ALA G 487 38.47 9.76 -22.70
C ALA G 487 38.58 10.38 -21.32
N GLY G 488 38.63 11.71 -21.27
CA GLY G 488 38.70 12.43 -20.01
C GLY G 488 40.05 12.38 -19.32
N VAL G 489 41.08 11.89 -20.00
CA VAL G 489 42.42 11.79 -19.43
C VAL G 489 43.38 12.64 -20.25
N LYS G 490 44.11 13.51 -19.56
CA LYS G 490 45.22 14.26 -20.14
C LYS G 490 46.50 13.80 -19.46
N ALA G 491 47.48 13.38 -20.26
CA ALA G 491 48.69 12.81 -19.70
C ALA G 491 49.87 13.07 -20.63
N THR G 492 51.06 13.07 -20.05
CA THR G 492 52.31 13.20 -20.80
C THR G 492 53.26 12.09 -20.36
N LEU G 493 53.82 11.38 -21.34
CA LEU G 493 54.66 10.21 -21.08
C LEU G 493 56.00 10.38 -21.78
N ASN G 494 57.03 9.79 -21.20
CA ASN G 494 58.39 9.93 -21.70
C ASN G 494 58.73 8.80 -22.66
N ALA G 495 59.27 9.18 -23.83
CA ALA G 495 59.71 8.23 -24.84
C ALA G 495 61.13 8.62 -25.25
N ARG G 496 62.11 8.10 -24.52
CA ARG G 496 63.52 8.37 -24.81
C ARG G 496 64.12 7.24 -25.63
N THR G 497 63.59 7.03 -26.83
CA THR G 497 64.01 5.89 -27.64
C THR G 497 65.12 6.28 -28.61
N SER G 498 65.90 5.29 -29.02
CA SER G 498 66.84 5.42 -30.12
C SER G 498 66.35 4.57 -31.29
N ILE G 499 66.30 5.17 -32.47
CA ILE G 499 65.63 4.60 -33.63
C ILE G 499 66.67 4.07 -34.61
N LEU G 500 66.53 2.80 -34.98
CA LEU G 500 67.27 2.19 -36.08
C LEU G 500 66.29 1.88 -37.19
N ALA G 501 66.53 2.43 -38.39
CA ALA G 501 65.57 2.31 -39.47
C ALA G 501 66.26 1.81 -40.73
N ALA G 502 65.51 1.04 -41.52
CA ALA G 502 65.97 0.54 -42.80
C ALA G 502 65.03 1.02 -43.90
N ALA G 503 65.60 1.54 -44.98
CA ALA G 503 64.82 2.07 -46.08
C ALA G 503 65.39 1.62 -47.41
N ASN G 504 64.55 1.58 -48.43
CA ASN G 504 64.94 1.18 -49.77
C ASN G 504 65.03 2.38 -50.69
N PRO G 505 65.88 2.34 -51.72
CA PRO G 505 65.89 3.40 -52.71
C PRO G 505 64.58 3.45 -53.47
N ILE G 506 64.28 4.61 -54.06
CA ILE G 506 63.01 4.81 -54.76
C ILE G 506 62.89 3.83 -55.92
N SER G 507 63.96 3.69 -56.71
CA SER G 507 63.95 2.81 -57.86
C SER G 507 64.32 1.38 -57.54
N GLY G 508 64.57 1.06 -56.27
CA GLY G 508 65.03 -0.26 -55.90
C GLY G 508 66.53 -0.43 -55.94
N HIS G 509 67.26 0.55 -56.47
CA HIS G 509 68.72 0.55 -56.48
C HIS G 509 69.20 1.98 -56.26
N TYR G 510 70.39 2.11 -55.68
CA TYR G 510 70.93 3.43 -55.40
C TYR G 510 71.50 4.03 -56.69
N ASP G 511 71.12 5.27 -56.97
CA ASP G 511 71.60 6.00 -58.13
C ASP G 511 72.85 6.77 -57.73
N ARG G 512 73.99 6.40 -58.33
CA ARG G 512 75.25 7.01 -57.94
C ARG G 512 75.38 8.45 -58.41
N SER G 513 74.56 8.88 -59.36
CA SER G 513 74.68 10.19 -59.96
C SER G 513 73.82 11.25 -59.28
N LYS G 514 73.11 10.91 -58.21
CA LYS G 514 72.21 11.84 -57.56
C LYS G 514 72.51 11.88 -56.06
N SER G 515 72.11 12.98 -55.44
CA SER G 515 72.31 13.15 -54.00
C SER G 515 71.35 12.28 -53.21
N LEU G 516 71.60 12.19 -51.91
CA LEU G 516 70.80 11.33 -51.05
C LEU G 516 69.36 11.82 -50.99
N LYS G 517 69.15 13.13 -51.00
CA LYS G 517 67.80 13.68 -50.89
C LYS G 517 66.94 13.32 -52.09
N GLN G 518 67.57 13.04 -53.24
CA GLN G 518 66.84 12.67 -54.45
C GLN G 518 66.68 11.17 -54.61
N ASN G 519 67.19 10.37 -53.66
CA ASN G 519 67.10 8.92 -53.74
C ASN G 519 66.11 8.32 -52.76
N ILE G 520 65.65 9.08 -51.77
CA ILE G 520 64.77 8.58 -50.73
C ILE G 520 63.54 9.46 -50.65
N ASN G 521 62.37 8.85 -50.44
CA ASN G 521 61.13 9.59 -50.24
C ASN G 521 60.86 9.73 -48.73
N LEU G 522 61.60 10.65 -48.12
CA LEU G 522 61.44 10.97 -46.72
C LEU G 522 61.34 12.48 -46.57
N SER G 523 60.55 12.94 -45.60
CA SER G 523 60.39 14.37 -45.38
C SER G 523 61.67 14.99 -44.83
N ALA G 524 61.87 16.27 -45.13
CA ALA G 524 63.09 16.97 -44.71
C ALA G 524 63.30 16.97 -43.20
N PRO G 525 62.30 17.23 -42.35
CA PRO G 525 62.59 17.26 -40.89
C PRO G 525 63.12 15.96 -40.35
N ILE G 526 62.46 14.84 -40.64
CA ILE G 526 62.92 13.56 -40.13
C ILE G 526 64.26 13.19 -40.75
N MET G 527 64.49 13.62 -42.00
CA MET G 527 65.79 13.40 -42.62
C MET G 527 66.89 14.12 -41.85
N SER G 528 66.62 15.35 -41.42
CA SER G 528 67.62 16.10 -40.66
C SER G 528 67.79 15.57 -39.25
N ARG G 529 66.75 14.93 -38.69
CA ARG G 529 66.84 14.44 -37.33
C ARG G 529 67.79 13.25 -37.19
N PHE G 530 67.97 12.48 -38.25
CA PHE G 530 68.80 11.28 -38.17
C PHE G 530 70.27 11.66 -38.02
N ASP G 531 70.96 11.02 -37.07
CA ASP G 531 72.37 11.31 -36.83
C ASP G 531 73.25 10.74 -37.94
N LEU G 532 73.01 9.49 -38.35
CA LEU G 532 73.87 8.82 -39.30
C LEU G 532 73.04 8.13 -40.38
N PHE G 533 73.49 8.29 -41.63
CA PHE G 533 72.96 7.57 -42.77
C PHE G 533 74.07 6.69 -43.34
N PHE G 534 73.75 5.42 -43.58
CA PHE G 534 74.68 4.49 -44.19
C PHE G 534 74.12 4.02 -45.52
N ILE G 535 74.98 3.91 -46.52
CA ILE G 535 74.59 3.55 -47.88
C ILE G 535 75.35 2.30 -48.28
N LEU G 536 74.63 1.29 -48.74
CA LEU G 536 75.22 0.02 -49.16
C LEU G 536 74.97 -0.19 -50.64
N VAL G 537 76.03 -0.49 -51.39
CA VAL G 537 75.94 -0.77 -52.81
C VAL G 537 76.65 -2.08 -53.09
N ASP G 538 76.02 -2.92 -53.91
CA ASP G 538 76.53 -4.25 -54.21
C ASP G 538 77.48 -4.20 -55.40
N GLU G 539 78.70 -4.68 -55.21
CA GLU G 539 79.64 -4.84 -56.31
C GLU G 539 79.26 -6.04 -57.16
N CYS G 540 79.54 -5.98 -58.46
CA CYS G 540 78.99 -6.96 -59.39
C CYS G 540 79.76 -8.28 -59.32
N ASN G 541 81.03 -8.27 -59.69
CA ASN G 541 81.79 -9.51 -59.85
C ASN G 541 83.13 -9.47 -59.15
N GLU G 542 83.23 -8.80 -58.00
CA GLU G 542 84.49 -8.78 -57.27
C GLU G 542 84.74 -10.14 -56.62
N VAL G 543 85.96 -10.33 -56.12
CA VAL G 543 86.33 -11.58 -55.47
C VAL G 543 85.51 -11.82 -54.21
N THR G 544 84.86 -10.77 -53.70
CA THR G 544 84.04 -10.92 -52.49
C THR G 544 82.93 -11.93 -52.69
N ASP G 545 82.48 -12.11 -53.94
CA ASP G 545 81.48 -13.13 -54.22
C ASP G 545 81.94 -14.51 -53.74
N TYR G 546 83.24 -14.80 -53.92
CA TYR G 546 83.81 -15.98 -53.30
C TYR G 546 83.78 -15.88 -51.78
N ALA G 547 84.29 -14.77 -51.24
CA ALA G 547 84.43 -14.63 -49.80
C ALA G 547 83.08 -14.69 -49.10
N ILE G 548 82.04 -14.17 -49.75
CA ILE G 548 80.68 -14.32 -49.21
C ILE G 548 80.28 -15.79 -49.19
N ALA G 549 80.45 -16.47 -50.33
CA ALA G 549 79.94 -17.83 -50.47
C ALA G 549 80.57 -18.75 -49.44
N ARG G 550 81.89 -18.63 -49.25
CA ARG G 550 82.60 -19.47 -48.28
C ARG G 550 81.94 -19.40 -46.91
N ARG G 551 81.44 -18.21 -46.54
CA ARG G 551 80.78 -18.09 -45.25
C ARG G 551 79.41 -18.75 -45.27
N ILE G 552 78.62 -18.52 -46.32
CA ILE G 552 77.22 -18.96 -46.31
C ILE G 552 77.14 -20.48 -46.19
N VAL G 553 77.90 -21.18 -47.03
CA VAL G 553 77.93 -22.63 -46.93
C VAL G 553 78.49 -23.07 -45.59
N ASP G 554 79.45 -22.32 -45.05
CA ASP G 554 79.98 -22.62 -43.73
C ASP G 554 78.88 -22.63 -42.69
N LEU G 555 77.85 -21.81 -42.88
CA LEU G 555 76.71 -21.83 -41.97
C LEU G 555 75.87 -23.09 -42.16
N HIS G 556 75.68 -23.51 -43.41
CA HIS G 556 74.85 -24.68 -43.67
C HIS G 556 75.60 -25.98 -43.37
N SER G 557 76.89 -26.02 -43.71
CA SER G 557 77.68 -27.22 -43.43
C SER G 557 77.97 -27.36 -41.94
N ARG G 558 78.21 -26.25 -41.25
CA ARG G 558 78.46 -26.22 -39.82
C ARG G 558 77.35 -25.40 -39.17
N ILE G 559 76.39 -26.11 -38.56
CA ILE G 559 75.22 -25.43 -38.00
C ILE G 559 75.61 -24.50 -36.86
N GLU G 560 76.47 -24.97 -35.95
CA GLU G 560 76.85 -24.18 -34.79
C GLU G 560 78.34 -24.10 -34.54
N GLU G 561 79.17 -24.86 -35.27
CA GLU G 561 80.61 -24.88 -35.00
C GLU G 561 81.38 -23.84 -35.79
N SER G 562 80.71 -23.04 -36.63
CA SER G 562 81.37 -22.03 -37.44
C SER G 562 81.33 -20.65 -36.82
N ILE G 563 81.30 -20.56 -35.48
CA ILE G 563 81.20 -19.28 -34.78
C ILE G 563 82.31 -19.21 -33.74
N ASP G 564 82.98 -18.06 -33.69
CA ASP G 564 84.13 -17.85 -32.81
C ASP G 564 83.92 -16.60 -31.96
N ARG G 565 82.75 -16.51 -31.33
CA ARG G 565 82.44 -15.35 -30.49
C ARG G 565 83.43 -15.21 -29.35
N VAL G 566 83.77 -13.97 -29.02
CA VAL G 566 84.71 -13.70 -27.93
C VAL G 566 83.98 -13.58 -26.60
N TYR G 567 82.85 -12.87 -26.57
CA TYR G 567 82.08 -12.67 -25.35
C TYR G 567 80.66 -13.18 -25.56
N SER G 568 80.11 -13.82 -24.53
CA SER G 568 78.72 -14.24 -24.59
C SER G 568 77.81 -13.02 -24.51
N LEU G 569 76.57 -13.18 -24.99
CA LEU G 569 75.66 -12.05 -25.04
C LEU G 569 75.30 -11.54 -23.65
N ASP G 570 75.22 -12.43 -22.66
CA ASP G 570 74.90 -12.00 -21.30
C ASP G 570 76.00 -11.12 -20.72
N ASP G 571 77.26 -11.48 -20.97
CA ASP G 571 78.38 -10.65 -20.52
C ASP G 571 78.32 -9.28 -21.17
N ILE G 572 78.00 -9.24 -22.47
CA ILE G 572 77.89 -7.97 -23.18
C ILE G 572 76.76 -7.14 -22.60
N ARG G 573 75.62 -7.76 -22.28
CA ARG G 573 74.51 -7.02 -21.70
C ARG G 573 74.89 -6.44 -20.34
N ARG G 574 75.58 -7.23 -19.51
CA ARG G 574 76.02 -6.73 -18.21
C ARG G 574 76.97 -5.55 -18.37
N TYR G 575 77.92 -5.67 -19.29
CA TYR G 575 78.87 -4.59 -19.50
C TYR G 575 78.16 -3.34 -20.03
N LEU G 576 77.17 -3.52 -20.91
CA LEU G 576 76.43 -2.38 -21.44
C LEU G 576 75.64 -1.68 -20.34
N LEU G 577 75.01 -2.47 -19.46
CA LEU G 577 74.27 -1.89 -18.35
C LEU G 577 75.20 -1.08 -17.45
N PHE G 578 76.39 -1.62 -17.17
CA PHE G 578 77.33 -0.86 -16.35
C PHE G 578 77.82 0.39 -17.08
N ALA G 579 78.01 0.30 -18.40
CA ALA G 579 78.62 1.41 -19.14
C ALA G 579 77.66 2.56 -19.33
N ARG G 580 76.36 2.27 -19.42
CA ARG G 580 75.40 3.34 -19.69
C ARG G 580 75.23 4.29 -18.52
N GLN G 581 75.74 3.96 -17.34
CA GLN G 581 75.58 4.83 -16.17
C GLN G 581 76.50 6.04 -16.22
N PHE G 582 77.63 5.94 -16.91
CA PHE G 582 78.63 6.99 -16.90
C PHE G 582 78.14 8.23 -17.65
N LYS G 583 78.56 9.39 -17.17
CA LYS G 583 78.27 10.68 -17.80
C LYS G 583 79.55 11.48 -17.93
N PRO G 584 80.38 11.16 -18.92
CA PRO G 584 81.67 11.86 -19.06
C PRO G 584 81.48 13.32 -19.44
N LYS G 585 82.43 14.15 -19.03
CA LYS G 585 82.42 15.56 -19.37
C LYS G 585 83.29 15.83 -20.59
N ILE G 586 83.32 17.10 -21.00
CA ILE G 586 84.07 17.53 -22.17
C ILE G 586 85.31 18.28 -21.70
N SER G 587 86.48 17.81 -22.08
CA SER G 587 87.73 18.41 -21.64
C SER G 587 88.00 19.72 -22.38
N LYS G 588 88.96 20.49 -21.86
CA LYS G 588 89.23 21.80 -22.41
C LYS G 588 89.86 21.73 -23.80
N GLU G 589 90.87 20.87 -23.97
CA GLU G 589 91.50 20.73 -25.28
C GLU G 589 90.51 20.19 -26.31
N SER G 590 89.55 19.38 -25.86
CA SER G 590 88.55 18.83 -26.76
C SER G 590 87.71 19.94 -27.38
N GLU G 591 87.48 21.03 -26.65
CA GLU G 591 86.73 22.15 -27.21
C GLU G 591 87.38 22.69 -28.47
N ASP G 592 88.67 23.02 -28.38
CA ASP G 592 89.38 23.57 -29.52
C ASP G 592 89.56 22.54 -30.62
N PHE G 593 89.80 21.28 -30.24
CA PHE G 593 89.94 20.23 -31.25
C PHE G 593 88.65 20.05 -32.04
N ILE G 594 87.51 20.03 -31.36
CA ILE G 594 86.23 19.91 -32.03
C ILE G 594 85.96 21.12 -32.90
N VAL G 595 86.30 22.31 -32.41
CA VAL G 595 86.08 23.53 -33.19
C VAL G 595 86.85 23.46 -34.49
N GLU G 596 88.14 23.10 -34.43
CA GLU G 596 88.95 23.06 -35.63
C GLU G 596 88.51 21.93 -36.57
N GLN G 597 88.11 20.78 -36.02
CA GLN G 597 87.65 19.69 -36.86
C GLN G 597 86.35 20.04 -37.57
N TYR G 598 85.43 20.71 -36.88
CA TYR G 598 84.20 21.17 -37.54
C TYR G 598 84.52 22.21 -38.60
N LYS G 599 85.49 23.08 -38.33
CA LYS G 599 85.93 24.05 -39.34
C LYS G 599 86.43 23.35 -40.59
N HIS G 600 87.26 22.32 -40.41
CA HIS G 600 87.78 21.56 -41.56
C HIS G 600 86.65 20.84 -42.29
N LEU G 601 85.71 20.27 -41.54
CA LEU G 601 84.59 19.58 -42.17
C LEU G 601 83.75 20.53 -43.01
N ARG G 602 83.48 21.72 -42.48
CA ARG G 602 82.72 22.70 -43.26
C ARG G 602 83.51 23.18 -44.47
N GLN G 603 84.83 23.35 -44.32
CA GLN G 603 85.64 23.76 -45.46
C GLN G 603 85.68 22.69 -46.54
N ARG G 604 85.46 21.42 -46.16
CA ARG G 604 85.36 20.37 -47.17
C ARG G 604 84.22 20.63 -48.15
N ASP G 605 83.21 21.40 -47.74
CA ASP G 605 82.06 21.64 -48.61
C ASP G 605 82.38 22.65 -49.71
N GLY G 606 83.61 23.15 -49.76
CA GLY G 606 83.99 24.16 -50.72
C GLY G 606 83.86 23.67 -52.16
N SER G 607 83.86 24.65 -53.07
CA SER G 607 83.62 24.37 -54.49
C SER G 607 84.81 23.72 -55.17
N GLY G 608 85.95 23.59 -54.49
CA GLY G 608 87.12 23.00 -55.11
C GLY G 608 87.03 21.50 -55.32
N VAL G 609 86.01 20.85 -54.78
CA VAL G 609 85.85 19.41 -54.90
C VAL G 609 84.42 19.12 -55.32
N THR G 610 84.19 17.89 -55.79
CA THR G 610 82.89 17.50 -56.32
C THR G 610 81.81 17.58 -55.24
N LYS G 611 80.57 17.52 -55.68
CA LYS G 611 79.43 17.61 -54.77
C LYS G 611 79.36 16.40 -53.87
N SER G 612 78.89 16.61 -52.64
CA SER G 612 78.70 15.52 -51.71
C SER G 612 77.20 15.25 -51.51
N SER G 613 76.90 14.06 -50.99
CA SER G 613 75.51 13.70 -50.75
C SER G 613 74.87 14.59 -49.70
N TRP G 614 75.61 14.90 -48.64
CA TRP G 614 75.11 15.75 -47.56
C TRP G 614 75.51 17.20 -47.79
N ARG G 615 75.01 18.07 -46.91
CA ARG G 615 75.53 19.41 -46.71
C ARG G 615 75.62 19.66 -45.22
N ILE G 616 76.74 20.20 -44.78
CA ILE G 616 77.11 20.19 -43.38
C ILE G 616 76.61 21.46 -42.69
N THR G 617 75.90 21.27 -41.57
CA THR G 617 75.37 22.35 -40.76
C THR G 617 75.79 22.13 -39.32
N VAL G 618 75.20 22.91 -38.40
CA VAL G 618 75.49 22.78 -36.98
C VAL G 618 75.01 21.43 -36.44
N ARG G 619 73.97 20.86 -37.06
CA ARG G 619 73.51 19.54 -36.67
C ARG G 619 74.62 18.51 -36.76
N GLN G 620 75.51 18.64 -37.74
CA GLN G 620 76.66 17.74 -37.81
C GLN G 620 77.59 17.94 -36.62
N LEU G 621 77.76 19.19 -36.17
CA LEU G 621 78.57 19.44 -34.98
C LEU G 621 77.98 18.77 -33.75
N GLU G 622 76.66 18.91 -33.56
CA GLU G 622 76.02 18.25 -32.43
C GLU G 622 76.10 16.74 -32.54
N SER G 623 75.98 16.20 -33.75
CA SER G 623 76.15 14.77 -33.95
C SER G 623 77.56 14.33 -33.59
N MET G 624 78.56 15.13 -33.94
CA MET G 624 79.94 14.80 -33.58
C MET G 624 80.11 14.77 -32.06
N ILE G 625 79.52 15.73 -31.36
CA ILE G 625 79.60 15.73 -29.90
C ILE G 625 78.93 14.49 -29.32
N ARG G 626 77.76 14.14 -29.86
CA ARG G 626 77.06 12.95 -29.37
C ARG G 626 77.87 11.68 -29.62
N LEU G 627 78.50 11.57 -30.79
CA LEU G 627 79.30 10.40 -31.08
C LEU G 627 80.54 10.34 -30.19
N SER G 628 81.13 11.49 -29.87
CA SER G 628 82.24 11.52 -28.92
C SER G 628 81.80 11.02 -27.55
N GLU G 629 80.63 11.48 -27.09
CA GLU G 629 80.12 11.00 -25.81
C GLU G 629 79.86 9.49 -25.85
N ALA G 630 79.34 9.00 -26.97
CA ALA G 630 79.10 7.56 -27.12
C ALA G 630 80.39 6.77 -27.06
N MET G 631 81.44 7.26 -27.72
CA MET G 631 82.73 6.58 -27.66
C MET G 631 83.29 6.57 -26.24
N ALA G 632 83.16 7.70 -25.53
CA ALA G 632 83.62 7.74 -24.14
C ALA G 632 82.84 6.75 -23.27
N ARG G 633 81.54 6.66 -23.49
CA ARG G 633 80.73 5.69 -22.75
C ARG G 633 81.15 4.26 -23.05
N MET G 634 81.43 3.98 -24.33
CA MET G 634 81.87 2.65 -24.72
C MET G 634 83.18 2.28 -24.03
N HIS G 635 84.13 3.22 -24.00
CA HIS G 635 85.44 2.90 -23.44
C HIS G 635 85.50 3.16 -21.94
N CYS G 636 84.40 3.61 -21.34
CA CYS G 636 84.26 3.82 -19.90
C CYS G 636 85.21 4.87 -19.33
N CYS G 637 85.84 5.68 -20.19
CA CYS G 637 86.66 6.78 -19.71
C CYS G 637 85.77 7.88 -19.12
N ASP G 638 86.36 8.67 -18.22
CA ASP G 638 85.60 9.68 -17.49
C ASP G 638 85.49 11.01 -18.23
N GLU G 639 86.23 11.21 -19.32
CA GLU G 639 86.16 12.45 -20.06
C GLU G 639 86.31 12.19 -21.55
N VAL G 640 85.77 13.11 -22.35
CA VAL G 640 85.96 13.02 -23.79
C VAL G 640 87.36 13.49 -24.14
N GLN G 641 88.10 12.64 -24.83
CA GLN G 641 89.49 12.88 -25.18
C GLN G 641 89.65 12.83 -26.69
N PRO G 642 90.74 13.39 -27.23
CA PRO G 642 90.84 13.55 -28.69
C PRO G 642 90.71 12.26 -29.50
N LYS G 643 91.01 11.10 -28.93
CA LYS G 643 90.86 9.85 -29.69
C LYS G 643 89.41 9.64 -30.12
N HIS G 644 88.47 9.85 -29.20
CA HIS G 644 87.06 9.69 -29.53
C HIS G 644 86.62 10.72 -30.56
N VAL G 645 87.12 11.95 -30.44
CA VAL G 645 86.79 12.99 -31.41
C VAL G 645 87.27 12.59 -32.79
N LYS G 646 88.49 12.08 -32.88
CA LYS G 646 89.05 11.64 -34.16
C LYS G 646 88.23 10.51 -34.74
N GLU G 647 87.83 9.55 -33.90
CA GLU G 647 87.03 8.42 -34.38
C GLU G 647 85.67 8.89 -34.91
N ALA G 648 85.00 9.78 -34.18
CA ALA G 648 83.71 10.29 -34.64
C ALA G 648 83.87 11.06 -35.95
N PHE G 649 84.93 11.86 -36.06
CA PHE G 649 85.21 12.60 -37.27
C PHE G 649 85.41 11.65 -38.46
N ARG G 650 86.19 10.59 -38.23
CA ARG G 650 86.44 9.59 -39.26
C ARG G 650 85.15 8.92 -39.72
N LEU G 651 84.33 8.48 -38.76
CA LEU G 651 83.09 7.79 -39.12
C LEU G 651 82.14 8.71 -39.86
N LEU G 652 81.97 9.94 -39.38
CA LEU G 652 81.07 10.86 -40.06
C LEU G 652 81.56 11.19 -41.47
N ASN G 653 82.87 11.28 -41.68
CA ASN G 653 83.37 11.51 -43.03
C ASN G 653 83.17 10.29 -43.92
N LYS G 654 83.39 9.09 -43.38
CA LYS G 654 83.23 7.88 -44.19
C LYS G 654 81.79 7.65 -44.56
N SER G 655 80.85 8.12 -43.73
CA SER G 655 79.44 7.97 -44.07
C SER G 655 79.07 8.83 -45.27
N ILE G 656 79.77 9.96 -45.47
CA ILE G 656 79.47 10.87 -46.56
C ILE G 656 80.05 10.32 -47.86
N ILE G 657 79.22 10.26 -48.90
CA ILE G 657 79.62 9.72 -50.18
C ILE G 657 79.48 10.81 -51.25
N ARG G 658 80.52 10.93 -52.07
CA ARG G 658 80.58 11.94 -53.11
C ARG G 658 79.84 11.47 -54.35
N VAL G 659 79.17 12.42 -55.02
CA VAL G 659 78.41 12.08 -56.22
C VAL G 659 79.36 11.87 -57.39
N GLU G 660 79.12 10.82 -58.17
CA GLU G 660 79.94 10.49 -59.32
C GLU G 660 79.11 10.63 -60.59
N THR G 661 79.66 11.33 -61.57
CA THR G 661 78.97 11.55 -62.84
C THR G 661 79.37 10.52 -63.89
N PHE G 717 85.10 15.81 -65.38
CA PHE G 717 84.03 16.76 -65.09
C PHE G 717 84.53 17.89 -64.20
N SER G 718 85.41 17.56 -63.26
CA SER G 718 85.95 18.57 -62.36
C SER G 718 86.78 19.60 -63.11
N GLU G 719 87.59 19.15 -64.08
CA GLU G 719 88.44 20.06 -64.82
C GLU G 719 87.61 21.06 -65.62
N TYR G 720 86.54 20.58 -66.25
CA TYR G 720 85.67 21.47 -67.02
C TYR G 720 85.06 22.55 -66.14
N CYS G 721 84.57 22.15 -64.95
CA CYS G 721 83.98 23.10 -64.03
C CYS G 721 85.01 24.11 -63.55
N ARG G 722 86.23 23.65 -63.26
CA ARG G 722 87.27 24.57 -62.79
C ARG G 722 87.64 25.58 -63.86
N ILE G 723 87.78 25.12 -65.11
CA ILE G 723 88.09 26.04 -66.20
C ILE G 723 86.98 27.06 -66.40
N SER G 724 85.72 26.59 -66.35
CA SER G 724 84.60 27.50 -66.52
C SER G 724 84.56 28.54 -65.40
N ASN G 725 84.80 28.11 -64.16
CA ASN G 725 84.80 29.03 -63.04
C ASN G 725 85.92 30.07 -63.16
N LEU G 726 87.10 29.63 -63.60
CA LEU G 726 88.20 30.57 -63.78
C LEU G 726 87.88 31.60 -64.85
N ILE G 727 87.29 31.14 -65.96
CA ILE G 727 86.91 32.05 -67.04
C ILE G 727 85.87 33.05 -66.56
N VAL G 728 84.87 32.57 -65.81
CA VAL G 728 83.83 33.46 -65.30
C VAL G 728 84.43 34.49 -64.35
N LEU G 729 85.34 34.04 -63.47
CA LEU G 729 85.99 34.96 -62.54
C LEU G 729 86.75 36.04 -63.30
N HIS G 730 87.51 35.65 -64.32
CA HIS G 730 88.28 36.63 -65.08
C HIS G 730 87.37 37.62 -65.79
N LEU G 731 86.33 37.12 -66.46
CA LEU G 731 85.45 38.01 -67.21
C LEU G 731 84.71 38.97 -66.29
N ARG G 732 84.23 38.48 -65.14
CA ARG G 732 83.51 39.35 -64.23
C ARG G 732 84.42 40.33 -63.54
N LYS G 733 85.68 39.95 -63.26
CA LYS G 733 86.64 40.92 -62.75
C LYS G 733 86.90 42.02 -63.76
N VAL G 734 87.01 41.64 -65.04
CA VAL G 734 87.20 42.63 -66.10
C VAL G 734 86.00 43.58 -66.15
N GLU G 735 84.79 43.02 -66.08
CA GLU G 735 83.59 43.85 -66.13
C GLU G 735 83.51 44.79 -64.95
N GLU G 736 83.78 44.30 -63.74
CA GLU G 736 83.60 45.11 -62.54
C GLU G 736 84.70 46.14 -62.36
N GLU G 737 85.94 45.81 -62.73
CA GLU G 737 87.05 46.70 -62.45
C GLU G 737 87.07 47.93 -63.35
N GLU G 738 86.47 47.83 -64.54
CA GLU G 738 86.58 48.90 -65.52
C GLU G 738 85.22 49.28 -66.07
N ASP G 739 85.00 50.59 -66.22
CA ASP G 739 83.92 51.10 -67.06
C ASP G 739 84.34 51.22 -68.51
N GLU G 740 85.59 50.88 -68.82
CA GLU G 740 86.12 50.97 -70.18
C GLU G 740 85.70 49.74 -70.98
N SER G 741 86.23 49.61 -72.19
CA SER G 741 85.90 48.48 -73.05
C SER G 741 86.47 47.19 -72.47
N ALA G 742 85.92 46.07 -72.94
CA ALA G 742 86.28 44.74 -72.46
C ALA G 742 87.05 43.99 -73.55
N LEU G 743 87.36 42.73 -73.26
CA LEU G 743 88.15 41.91 -74.14
C LEU G 743 87.25 41.00 -74.98
N LYS G 744 87.89 40.20 -75.85
CA LYS G 744 87.20 39.29 -76.74
C LYS G 744 87.61 37.85 -76.42
N ARG G 745 87.09 36.93 -77.24
CA ARG G 745 87.38 35.51 -77.04
C ARG G 745 88.86 35.21 -77.22
N SER G 746 89.45 35.75 -78.29
CA SER G 746 90.87 35.53 -78.53
C SER G 746 91.72 36.10 -77.41
N GLU G 747 91.33 37.28 -76.90
CA GLU G 747 92.04 37.86 -75.77
C GLU G 747 91.96 36.96 -74.53
N LEU G 748 90.78 36.38 -74.29
CA LEU G 748 90.62 35.47 -73.16
C LEU G 748 91.49 34.24 -73.31
N VAL G 749 91.51 33.66 -74.51
CA VAL G 749 92.34 32.48 -74.76
C VAL G 749 93.82 32.81 -74.57
N ASN G 750 94.25 33.95 -75.11
CA ASN G 750 95.65 34.35 -74.97
C ASN G 750 96.01 34.59 -73.51
N TRP G 751 95.10 35.20 -72.75
CA TRP G 751 95.35 35.44 -71.33
C TRP G 751 95.49 34.12 -70.57
N TYR G 752 94.60 33.17 -70.84
CA TYR G 752 94.68 31.89 -70.14
C TYR G 752 95.96 31.15 -70.49
N LEU G 753 96.35 31.17 -71.78
CA LEU G 753 97.60 30.53 -72.17
C LEU G 753 98.81 31.23 -71.56
N LYS G 754 98.79 32.56 -71.48
CA LYS G 754 99.89 33.29 -70.85
C LYS G 754 99.99 32.93 -69.38
N GLU G 755 98.86 32.78 -68.70
CA GLU G 755 98.88 32.35 -67.30
C GLU G 755 99.40 30.93 -67.16
N ILE G 756 99.05 30.04 -68.09
CA ILE G 756 99.55 28.66 -68.02
C ILE G 756 101.02 28.55 -68.38
N GLU G 757 101.57 29.52 -69.13
CA GLU G 757 102.92 29.47 -69.69
C GLU G 757 103.95 28.80 -68.78
N SER G 758 103.84 29.03 -67.47
CA SER G 758 104.75 28.41 -66.52
C SER G 758 104.38 26.98 -66.16
N GLU G 759 103.31 26.43 -66.74
CA GLU G 759 102.85 25.08 -66.40
C GLU G 759 102.96 24.08 -67.55
N ILE G 760 103.14 24.53 -68.78
CA ILE G 760 103.33 23.65 -69.93
C ILE G 760 104.76 23.79 -70.42
N ASP G 761 105.43 22.65 -70.64
CA ASP G 761 106.84 22.62 -70.96
C ASP G 761 107.13 22.44 -72.46
N SER G 762 106.16 21.96 -73.24
CA SER G 762 106.40 21.64 -74.65
C SER G 762 105.27 22.21 -75.50
N GLU G 763 105.51 22.25 -76.81
CA GLU G 763 104.53 22.81 -77.73
C GLU G 763 103.35 21.88 -77.94
N GLU G 764 103.57 20.56 -77.88
CA GLU G 764 102.48 19.61 -78.11
C GLU G 764 101.42 19.73 -77.03
N GLU G 765 101.82 19.75 -75.76
CA GLU G 765 100.87 19.92 -74.68
C GLU G 765 100.17 21.27 -74.78
N LEU G 766 100.92 22.31 -75.17
CA LEU G 766 100.33 23.65 -75.30
C LEU G 766 99.24 23.66 -76.36
N ILE G 767 99.50 23.08 -77.52
CA ILE G 767 98.51 23.11 -78.60
C ILE G 767 97.32 22.22 -78.24
N ASN G 768 97.56 21.10 -77.57
CA ASN G 768 96.44 20.24 -77.15
C ASN G 768 95.55 20.97 -76.15
N LYS G 769 96.16 21.65 -75.17
CA LYS G 769 95.38 22.40 -74.21
C LYS G 769 94.66 23.58 -74.86
N LYS G 770 95.28 24.20 -75.87
CA LYS G 770 94.61 25.28 -76.59
C LYS G 770 93.37 24.78 -77.30
N ARG G 771 93.48 23.63 -77.98
CA ARG G 771 92.30 23.05 -78.62
C ARG G 771 91.24 22.70 -77.60
N ILE G 772 91.65 22.14 -76.47
CA ILE G 772 90.68 21.74 -75.44
C ILE G 772 89.95 22.95 -74.89
N ILE G 773 90.69 24.03 -74.59
CA ILE G 773 90.05 25.22 -74.03
C ILE G 773 89.15 25.88 -75.07
N GLU G 774 89.55 25.87 -76.34
CA GLU G 774 88.68 26.45 -77.37
C GLU G 774 87.38 25.68 -77.48
N LYS G 775 87.44 24.34 -77.46
CA LYS G 775 86.22 23.55 -77.49
C LYS G 775 85.36 23.78 -76.24
N VAL G 776 86.01 23.90 -75.08
CA VAL G 776 85.27 24.15 -73.84
C VAL G 776 84.57 25.49 -73.89
N ILE G 777 85.26 26.52 -74.39
CA ILE G 777 84.67 27.85 -74.48
C ILE G 777 83.51 27.84 -75.47
N HIS G 778 83.66 27.13 -76.59
CA HIS G 778 82.55 27.01 -77.53
C HIS G 778 81.35 26.34 -76.88
N ARG G 779 81.59 25.28 -76.10
CA ARG G 779 80.49 24.62 -75.40
C ARG G 779 79.83 25.55 -74.40
N LEU G 780 80.62 26.32 -73.66
CA LEU G 780 80.07 27.24 -72.68
C LEU G 780 79.22 28.32 -73.33
N THR G 781 79.70 28.86 -74.45
CA THR G 781 79.00 29.97 -75.09
C THR G 781 77.74 29.49 -75.81
N HIS G 782 77.78 28.32 -76.43
CA HIS G 782 76.66 27.87 -77.25
C HIS G 782 75.74 26.91 -76.52
N TYR G 783 76.31 25.91 -75.84
CA TYR G 783 75.50 24.87 -75.21
C TYR G 783 75.00 25.30 -73.83
N ASP G 784 75.92 25.68 -72.94
CA ASP G 784 75.54 26.02 -71.58
C ASP G 784 74.90 27.40 -71.46
N HIS G 785 75.12 28.28 -72.44
CA HIS G 785 74.65 29.65 -72.46
C HIS G 785 75.17 30.47 -71.28
N VAL G 786 76.22 30.02 -70.61
CA VAL G 786 76.75 30.77 -69.48
C VAL G 786 77.39 32.06 -69.94
N LEU G 787 78.17 32.01 -71.01
CA LEU G 787 78.87 33.18 -71.54
C LEU G 787 78.18 33.66 -72.81
N ILE G 788 78.18 34.97 -73.01
CA ILE G 788 77.47 35.59 -74.13
C ILE G 788 78.49 35.97 -75.20
N GLU G 789 78.10 35.83 -76.46
CA GLU G 789 78.93 36.18 -77.60
C GLU G 789 78.27 37.30 -78.39
N LEU G 790 79.07 38.27 -78.81
CA LEU G 790 78.58 39.41 -79.58
C LEU G 790 79.46 39.61 -80.80
N THR G 791 78.86 40.17 -81.85
CA THR G 791 79.58 40.42 -83.09
C THR G 791 80.49 41.65 -82.93
N GLN G 792 81.19 41.99 -84.01
CA GLN G 792 82.09 43.13 -84.01
C GLN G 792 81.32 44.45 -83.90
N LEU H 3 -23.69 -17.37 -35.35
CA LEU H 3 -22.69 -18.37 -35.00
C LEU H 3 -23.30 -19.77 -35.03
N LYS H 4 -22.49 -20.75 -35.43
CA LYS H 4 -22.92 -22.13 -35.56
C LYS H 4 -22.11 -23.01 -34.63
N ASP H 5 -22.73 -24.09 -34.14
CA ASP H 5 -22.04 -25.01 -33.27
C ASP H 5 -20.95 -25.75 -34.03
N TYR H 6 -19.83 -26.01 -33.35
CA TYR H 6 -18.70 -26.64 -34.02
C TYR H 6 -18.91 -28.13 -34.25
N ALA H 7 -19.80 -28.76 -33.49
CA ALA H 7 -20.02 -30.20 -33.64
C ALA H 7 -20.61 -30.54 -35.00
N LEU H 8 -21.60 -29.77 -35.42
CA LEU H 8 -22.24 -30.03 -36.72
C LEU H 8 -21.25 -29.88 -37.86
N GLU H 9 -20.45 -28.82 -37.83
CA GLU H 9 -19.47 -28.60 -38.89
C GLU H 9 -18.36 -29.63 -38.83
N LYS H 10 -18.01 -30.12 -37.64
CA LYS H 10 -17.04 -31.20 -37.53
C LYS H 10 -17.57 -32.47 -38.18
N GLU H 11 -18.85 -32.78 -37.95
CA GLU H 11 -19.46 -33.93 -38.61
C GLU H 11 -19.48 -33.75 -40.13
N LYS H 12 -19.78 -32.53 -40.59
CA LYS H 12 -19.76 -32.26 -42.02
C LYS H 12 -18.36 -32.45 -42.60
N VAL H 13 -17.34 -32.02 -41.87
CA VAL H 13 -15.97 -32.22 -42.31
C VAL H 13 -15.65 -33.70 -42.42
N LYS H 14 -16.07 -34.47 -41.43
CA LYS H 14 -15.82 -35.91 -41.45
C LYS H 14 -16.49 -36.56 -42.65
N LYS H 15 -17.74 -36.21 -42.93
CA LYS H 15 -18.43 -36.81 -44.07
C LYS H 15 -17.82 -36.37 -45.39
N PHE H 16 -17.34 -35.12 -45.46
CA PHE H 16 -16.65 -34.67 -46.67
C PHE H 16 -15.39 -35.47 -46.91
N LEU H 17 -14.61 -35.73 -45.85
CA LEU H 17 -13.41 -36.55 -45.99
C LEU H 17 -13.77 -37.97 -46.38
N GLN H 18 -14.91 -38.48 -45.92
CA GLN H 18 -15.28 -39.85 -46.23
C GLN H 18 -15.97 -39.99 -47.59
N GLU H 19 -16.36 -38.88 -48.22
CA GLU H 19 -17.29 -38.95 -49.34
C GLU H 19 -16.59 -39.12 -50.69
N PHE H 20 -15.72 -38.19 -51.05
CA PHE H 20 -15.35 -37.97 -52.44
C PHE H 20 -14.71 -39.20 -53.08
N TYR H 21 -15.18 -39.54 -54.29
CA TYR H 21 -14.66 -40.62 -55.10
C TYR H 21 -14.19 -40.16 -56.47
N GLN H 22 -14.44 -38.90 -56.84
CA GLN H 22 -14.49 -38.46 -58.23
C GLN H 22 -13.20 -38.60 -59.02
N ASP H 23 -12.17 -37.86 -58.64
CA ASP H 23 -11.04 -37.61 -59.54
C ASP H 23 -10.02 -38.73 -59.51
N ASP H 24 -9.53 -39.10 -60.70
CA ASP H 24 -8.42 -40.02 -60.85
C ASP H 24 -7.60 -39.61 -62.06
N GLU H 25 -6.28 -39.74 -61.96
CA GLU H 25 -5.40 -39.31 -63.04
C GLU H 25 -5.42 -40.29 -64.22
N LEU H 26 -5.53 -41.58 -63.93
CA LEU H 26 -5.45 -42.61 -64.97
C LEU H 26 -6.77 -42.82 -65.70
N GLY H 27 -7.78 -41.98 -65.44
CA GLY H 27 -9.04 -42.07 -66.14
C GLY H 27 -10.02 -43.06 -65.54
N LYS H 28 -10.27 -42.94 -64.24
CA LYS H 28 -11.20 -43.82 -63.54
C LYS H 28 -11.86 -43.02 -62.42
N LYS H 29 -12.49 -43.75 -61.50
CA LYS H 29 -13.07 -43.18 -60.29
C LYS H 29 -12.37 -43.79 -59.09
N GLN H 30 -11.61 -42.98 -58.36
CA GLN H 30 -10.73 -43.48 -57.31
C GLN H 30 -11.01 -42.77 -56.00
N PHE H 31 -11.03 -43.55 -54.92
CA PHE H 31 -11.23 -43.04 -53.56
C PHE H 31 -9.93 -42.38 -53.10
N LYS H 32 -9.80 -41.08 -53.37
CA LYS H 32 -8.54 -40.39 -53.12
C LYS H 32 -8.32 -40.18 -51.62
N TYR H 33 -9.29 -39.60 -50.93
CA TYR H 33 -9.08 -39.26 -49.53
C TYR H 33 -8.99 -40.51 -48.66
N GLY H 34 -9.68 -41.59 -49.04
CA GLY H 34 -9.51 -42.84 -48.33
C GLY H 34 -8.08 -43.38 -48.43
N ASN H 35 -7.51 -43.34 -49.63
CA ASN H 35 -6.12 -43.78 -49.81
C ASN H 35 -5.17 -42.89 -49.04
N GLN H 36 -5.40 -41.57 -49.07
CA GLN H 36 -4.55 -40.66 -48.31
C GLN H 36 -4.61 -40.97 -46.83
N LEU H 37 -5.81 -41.25 -46.31
CA LEU H 37 -5.96 -41.56 -44.90
C LEU H 37 -5.29 -42.89 -44.55
N VAL H 38 -5.41 -43.89 -45.43
CA VAL H 38 -4.77 -45.18 -45.18
C VAL H 38 -3.26 -45.02 -45.12
N ARG H 39 -2.70 -44.24 -46.04
CA ARG H 39 -1.27 -43.94 -45.97
C ARG H 39 -0.93 -43.18 -44.70
N LEU H 40 -1.82 -42.28 -44.27
CA LEU H 40 -1.60 -41.52 -43.05
C LEU H 40 -1.62 -42.40 -41.82
N ALA H 41 -2.29 -43.55 -41.89
CA ALA H 41 -2.42 -44.42 -40.72
C ALA H 41 -1.05 -44.85 -40.22
N HIS H 42 -0.16 -45.24 -41.14
CA HIS H 42 1.22 -45.52 -40.79
C HIS H 42 2.10 -44.34 -41.19
N ARG H 43 3.41 -44.50 -41.05
CA ARG H 43 4.32 -43.41 -41.38
C ARG H 43 4.71 -43.45 -42.85
N GLU H 44 3.72 -43.48 -43.74
CA GLU H 44 3.96 -43.36 -45.17
C GLU H 44 3.55 -42.00 -45.72
N GLN H 45 3.10 -41.09 -44.86
CA GLN H 45 2.79 -39.72 -45.24
C GLN H 45 2.67 -38.91 -43.96
N VAL H 46 3.40 -37.79 -43.88
CA VAL H 46 3.50 -37.06 -42.63
C VAL H 46 2.90 -35.65 -42.75
N ALA H 47 2.13 -35.39 -43.80
CA ALA H 47 1.41 -34.14 -43.93
C ALA H 47 0.36 -34.28 -45.02
N LEU H 48 -0.75 -33.55 -44.88
CA LEU H 48 -1.88 -33.66 -45.77
C LEU H 48 -2.31 -32.27 -46.23
N TYR H 49 -2.57 -32.13 -47.52
CA TYR H 49 -2.99 -30.87 -48.13
C TYR H 49 -4.42 -31.03 -48.59
N VAL H 50 -5.27 -30.06 -48.24
CA VAL H 50 -6.69 -30.08 -48.56
C VAL H 50 -7.00 -28.94 -49.52
N ASP H 51 -7.63 -29.26 -50.64
CA ASP H 51 -8.00 -28.27 -51.65
C ASP H 51 -9.34 -27.67 -51.28
N LEU H 52 -9.44 -26.35 -51.32
CA LEU H 52 -10.70 -25.67 -51.09
C LEU H 52 -11.52 -25.50 -52.37
N ASP H 53 -11.02 -25.96 -53.52
CA ASP H 53 -11.84 -25.99 -54.72
C ASP H 53 -12.74 -27.21 -54.76
N ASP H 54 -12.25 -28.36 -54.27
CA ASP H 54 -13.07 -29.57 -54.25
C ASP H 54 -14.22 -29.46 -53.26
N VAL H 55 -13.99 -28.81 -52.12
CA VAL H 55 -15.05 -28.63 -51.14
C VAL H 55 -16.16 -27.75 -51.68
N ALA H 56 -15.82 -26.85 -52.62
CA ALA H 56 -16.79 -25.87 -53.08
C ALA H 56 -17.96 -26.49 -53.83
N GLU H 57 -17.84 -27.76 -54.23
CA GLU H 57 -18.91 -28.41 -54.98
C GLU H 57 -20.18 -28.52 -54.15
N ASP H 58 -20.05 -28.91 -52.88
CA ASP H 58 -21.22 -29.20 -52.06
C ASP H 58 -21.61 -28.07 -51.13
N ASP H 59 -20.65 -27.33 -50.59
CA ASP H 59 -21.00 -26.29 -49.63
C ASP H 59 -20.06 -25.10 -49.74
N PRO H 60 -20.53 -23.95 -50.22
CA PRO H 60 -19.66 -22.77 -50.28
C PRO H 60 -19.58 -22.01 -48.96
N GLU H 61 -20.61 -22.10 -48.11
CA GLU H 61 -20.56 -21.40 -46.83
C GLU H 61 -19.44 -21.95 -45.95
N LEU H 62 -19.19 -23.25 -46.00
CA LEU H 62 -18.03 -23.81 -45.32
C LEU H 62 -16.75 -23.15 -45.82
N VAL H 63 -16.65 -22.95 -47.14
CA VAL H 63 -15.46 -22.33 -47.70
C VAL H 63 -15.31 -20.89 -47.21
N ASP H 64 -16.41 -20.14 -47.17
CA ASP H 64 -16.33 -18.75 -46.69
C ASP H 64 -15.93 -18.70 -45.22
N SER H 65 -16.52 -19.56 -44.39
CA SER H 65 -16.17 -19.57 -42.97
C SER H 65 -14.72 -20.00 -42.77
N ILE H 66 -14.23 -20.91 -43.61
CA ILE H 66 -12.81 -21.28 -43.58
C ILE H 66 -11.95 -20.08 -43.95
N CYS H 67 -12.38 -19.32 -44.95
CA CYS H 67 -11.61 -18.16 -45.39
C CYS H 67 -11.49 -17.11 -44.30
N GLU H 68 -12.59 -16.84 -43.57
CA GLU H 68 -12.57 -15.75 -42.60
C GLU H 68 -12.02 -16.18 -41.25
N ASN H 69 -12.05 -17.47 -40.93
CA ASN H 69 -11.71 -17.96 -39.59
C ASN H 69 -10.79 -19.17 -39.71
N ALA H 70 -9.70 -18.99 -40.47
CA ALA H 70 -8.94 -20.13 -40.99
C ALA H 70 -8.35 -21.00 -39.90
N ARG H 71 -7.82 -20.38 -38.83
CA ARG H 71 -7.09 -21.16 -37.82
C ARG H 71 -7.99 -22.14 -37.08
N ARG H 72 -9.18 -21.69 -36.68
CA ARG H 72 -10.12 -22.57 -35.99
C ARG H 72 -10.49 -23.75 -36.86
N TYR H 73 -10.73 -23.50 -38.15
CA TYR H 73 -11.08 -24.59 -39.05
C TYR H 73 -9.90 -25.52 -39.28
N ALA H 74 -8.68 -25.00 -39.28
CA ALA H 74 -7.52 -25.88 -39.38
C ALA H 74 -7.47 -26.83 -38.19
N LYS H 75 -7.69 -26.31 -36.98
CA LYS H 75 -7.69 -27.16 -35.80
C LYS H 75 -8.81 -28.19 -35.85
N LEU H 76 -10.00 -27.77 -36.29
CA LEU H 76 -11.12 -28.70 -36.40
C LEU H 76 -10.81 -29.82 -37.39
N PHE H 77 -10.22 -29.46 -38.53
CA PHE H 77 -9.84 -30.45 -39.53
C PHE H 77 -8.84 -31.44 -38.95
N ALA H 78 -7.86 -30.94 -38.21
CA ALA H 78 -6.86 -31.82 -37.60
C ALA H 78 -7.52 -32.82 -36.66
N ASP H 79 -8.43 -32.34 -35.80
CA ASP H 79 -9.10 -33.23 -34.86
C ASP H 79 -9.96 -34.26 -35.59
N ALA H 80 -10.67 -33.82 -36.64
CA ALA H 80 -11.52 -34.75 -37.38
C ALA H 80 -10.69 -35.85 -38.02
N VAL H 81 -9.56 -35.49 -38.62
CA VAL H 81 -8.72 -36.50 -39.26
C VAL H 81 -8.13 -37.44 -38.21
N GLN H 82 -7.75 -36.91 -37.06
CA GLN H 82 -7.20 -37.75 -35.99
C GLN H 82 -8.24 -38.75 -35.50
N GLU H 83 -9.50 -38.31 -35.39
CA GLU H 83 -10.56 -39.23 -35.01
C GLU H 83 -10.80 -40.28 -36.10
N LEU H 84 -10.64 -39.89 -37.37
CA LEU H 84 -10.89 -40.83 -38.46
C LEU H 84 -9.78 -41.88 -38.57
N LEU H 85 -8.56 -41.53 -38.17
CA LEU H 85 -7.41 -42.40 -38.38
C LEU H 85 -7.57 -43.82 -37.85
N PRO H 86 -8.08 -44.05 -36.63
CA PRO H 86 -8.21 -45.46 -36.17
C PRO H 86 -9.10 -46.32 -37.05
N GLN H 87 -10.14 -45.74 -37.65
CA GLN H 87 -11.04 -46.53 -38.48
C GLN H 87 -10.32 -47.11 -39.68
N TYR H 88 -9.48 -46.31 -40.34
CA TYR H 88 -8.85 -46.74 -41.58
C TYR H 88 -7.62 -47.59 -41.33
N LYS H 89 -7.13 -47.67 -40.09
CA LYS H 89 -5.94 -48.44 -39.80
C LYS H 89 -6.20 -49.93 -40.00
N GLU H 90 -5.24 -50.61 -40.63
CA GLU H 90 -5.37 -52.01 -40.97
C GLU H 90 -4.23 -52.90 -40.47
N ARG H 91 -3.07 -52.32 -40.19
CA ARG H 91 -1.93 -53.11 -39.72
C ARG H 91 -1.05 -52.23 -38.83
N GLU H 92 -0.17 -52.88 -38.07
CA GLU H 92 0.78 -52.17 -37.24
C GLU H 92 1.97 -51.73 -38.08
N VAL H 93 2.78 -50.84 -37.50
CA VAL H 93 3.89 -50.23 -38.22
C VAL H 93 4.95 -51.28 -38.51
N VAL H 94 5.39 -51.35 -39.77
CA VAL H 94 6.44 -52.29 -40.14
C VAL H 94 7.77 -51.85 -39.53
N ASN H 95 8.09 -50.57 -39.66
CA ASN H 95 9.29 -49.99 -39.07
C ASN H 95 8.95 -48.64 -38.48
N LYS H 96 9.40 -48.40 -37.25
CA LYS H 96 9.05 -47.19 -36.53
C LYS H 96 10.30 -46.62 -35.86
N ASP H 97 10.25 -45.33 -35.60
CA ASP H 97 11.37 -44.59 -35.04
C ASP H 97 11.06 -44.22 -33.60
N VAL H 98 11.95 -43.41 -33.01
CA VAL H 98 11.90 -43.10 -31.59
C VAL H 98 10.55 -42.51 -31.19
N LEU H 99 10.07 -41.52 -31.95
CA LEU H 99 8.85 -40.82 -31.57
C LEU H 99 7.66 -41.78 -31.54
N ASP H 100 7.58 -42.67 -32.53
CA ASP H 100 6.53 -43.68 -32.54
C ASP H 100 6.65 -44.59 -31.33
N VAL H 101 7.88 -44.84 -30.87
CA VAL H 101 8.08 -45.72 -29.71
C VAL H 101 7.48 -45.08 -28.47
N TYR H 102 7.76 -43.80 -28.24
CA TYR H 102 7.05 -43.08 -27.17
C TYR H 102 5.54 -43.11 -27.33
N ILE H 103 5.02 -42.85 -28.53
CA ILE H 103 3.56 -42.80 -28.67
C ILE H 103 2.93 -44.16 -28.35
N GLU H 104 3.52 -45.24 -28.88
CA GLU H 104 3.00 -46.58 -28.61
C GLU H 104 3.08 -46.91 -27.13
N HIS H 105 4.21 -46.60 -26.49
CA HIS H 105 4.37 -46.92 -25.08
C HIS H 105 3.35 -46.16 -24.23
N ARG H 106 3.15 -44.88 -24.54
CA ARG H 106 2.21 -44.09 -23.76
C ARG H 106 0.78 -44.60 -23.93
N LEU H 107 0.39 -44.94 -25.16
CA LEU H 107 -0.95 -45.49 -25.37
C LEU H 107 -1.12 -46.83 -24.65
N MET H 108 -0.07 -47.66 -24.68
CA MET H 108 -0.15 -48.96 -24.02
C MET H 108 -0.34 -48.82 -22.51
N MET H 109 0.42 -47.91 -21.88
CA MET H 109 0.25 -47.76 -20.44
C MET H 109 -1.05 -47.02 -20.10
N GLU H 110 -1.53 -46.16 -21.00
CA GLU H 110 -2.86 -45.58 -20.79
C GLU H 110 -3.93 -46.65 -20.77
N GLN H 111 -3.85 -47.61 -21.69
CA GLN H 111 -4.78 -48.73 -21.64
C GLN H 111 -4.58 -49.58 -20.39
N ARG H 112 -3.32 -49.76 -19.97
CA ARG H 112 -3.05 -50.57 -18.79
C ARG H 112 -3.68 -49.99 -17.53
N SER H 113 -3.58 -48.66 -17.36
CA SER H 113 -3.90 -48.08 -16.06
C SER H 113 -5.36 -47.64 -15.97
N ARG H 114 -5.84 -46.89 -16.96
CA ARG H 114 -7.10 -46.16 -16.83
C ARG H 114 -8.27 -47.11 -17.01
N ASP H 115 -9.07 -47.26 -15.95
CA ASP H 115 -10.33 -47.96 -16.04
C ASP H 115 -11.38 -47.05 -16.69
N PRO H 116 -12.37 -47.62 -17.38
CA PRO H 116 -13.34 -46.78 -18.10
C PRO H 116 -14.22 -45.94 -17.18
N GLY H 117 -14.37 -46.31 -15.90
CA GLY H 117 -15.32 -45.64 -15.04
C GLY H 117 -14.73 -44.59 -14.12
N MET H 118 -13.42 -44.64 -13.88
CA MET H 118 -12.80 -43.73 -12.94
C MET H 118 -12.83 -42.30 -13.47
N VAL H 119 -12.94 -41.34 -12.55
CA VAL H 119 -12.99 -39.93 -12.92
C VAL H 119 -11.59 -39.45 -13.28
N ARG H 120 -11.50 -38.75 -14.42
CA ARG H 120 -10.23 -38.23 -14.92
C ARG H 120 -10.32 -36.72 -14.98
N SER H 121 -9.35 -36.04 -14.37
CA SER H 121 -9.32 -34.59 -14.37
C SER H 121 -9.05 -34.08 -15.79
N PRO H 122 -9.57 -32.90 -16.14
CA PRO H 122 -9.27 -32.34 -17.47
C PRO H 122 -7.80 -32.12 -17.73
N GLN H 123 -7.00 -31.92 -16.68
CA GLN H 123 -5.56 -31.81 -16.85
C GLN H 123 -4.87 -33.15 -16.99
N ASN H 124 -5.58 -34.26 -16.76
CA ASN H 124 -4.93 -35.57 -16.76
C ASN H 124 -4.81 -36.17 -18.15
N GLN H 125 -5.38 -35.53 -19.17
CA GLN H 125 -5.34 -36.08 -20.51
C GLN H 125 -4.03 -35.72 -21.21
N TYR H 126 -3.73 -36.46 -22.28
CA TYR H 126 -2.60 -36.12 -23.12
C TYR H 126 -2.94 -34.93 -24.01
N PRO H 127 -1.98 -34.03 -24.25
CA PRO H 127 -2.22 -32.98 -25.25
C PRO H 127 -2.48 -33.58 -26.63
N ALA H 128 -3.38 -32.94 -27.37
CA ALA H 128 -3.80 -33.50 -28.65
C ALA H 128 -2.66 -33.58 -29.64
N GLU H 129 -1.83 -32.53 -29.70
CA GLU H 129 -0.80 -32.45 -30.73
C GLU H 129 0.41 -33.30 -30.40
N LEU H 130 0.58 -33.71 -29.14
CA LEU H 130 1.70 -34.55 -28.78
C LEU H 130 1.60 -35.92 -29.43
N MET H 131 0.43 -36.55 -29.34
CA MET H 131 0.25 -37.87 -29.94
C MET H 131 0.09 -37.78 -31.45
N ARG H 132 -0.42 -36.67 -31.95
CA ARG H 132 -0.59 -36.47 -33.39
C ARG H 132 0.76 -36.33 -34.07
N ARG H 133 0.85 -36.84 -35.29
CA ARG H 133 2.08 -36.76 -36.08
C ARG H 133 1.84 -36.35 -37.53
N PHE H 134 0.64 -35.88 -37.87
CA PHE H 134 0.31 -35.43 -39.21
C PHE H 134 -0.08 -33.97 -39.19
N GLU H 135 0.27 -33.25 -40.25
CA GLU H 135 -0.04 -31.83 -40.38
C GLU H 135 -1.04 -31.62 -41.51
N LEU H 136 -1.92 -30.64 -41.33
CA LEU H 136 -2.93 -30.29 -42.33
C LEU H 136 -2.68 -28.88 -42.85
N TYR H 137 -2.74 -28.73 -44.16
CA TYR H 137 -2.56 -27.43 -44.79
C TYR H 137 -3.66 -27.24 -45.81
N PHE H 138 -3.91 -25.98 -46.18
CA PHE H 138 -4.97 -25.65 -47.12
C PHE H 138 -4.40 -25.09 -48.41
N GLN H 139 -5.13 -25.34 -49.50
CA GLN H 139 -4.83 -24.79 -50.81
C GLN H 139 -5.82 -23.68 -51.11
N GLY H 140 -5.31 -22.54 -51.55
CA GLY H 140 -6.14 -21.38 -51.82
C GLY H 140 -7.18 -21.65 -52.88
N PRO H 141 -8.36 -21.06 -52.71
CA PRO H 141 -9.40 -21.20 -53.73
C PRO H 141 -8.95 -20.63 -55.06
N SER H 142 -9.35 -21.30 -56.14
CA SER H 142 -9.05 -20.79 -57.48
C SER H 142 -9.85 -19.54 -57.79
N SER H 143 -11.07 -19.43 -57.26
CA SER H 143 -11.86 -18.22 -57.46
C SER H 143 -11.24 -17.03 -56.76
N ASN H 144 -10.58 -17.26 -55.62
CA ASN H 144 -9.98 -16.18 -54.86
C ASN H 144 -8.80 -15.58 -55.63
N LYS H 145 -8.78 -14.26 -55.72
CA LYS H 145 -7.75 -13.54 -56.47
C LYS H 145 -6.56 -13.23 -55.57
N PRO H 146 -5.34 -13.48 -56.01
CA PRO H 146 -4.17 -13.13 -55.20
C PRO H 146 -4.11 -11.63 -54.93
N ARG H 147 -3.66 -11.29 -53.74
CA ARG H 147 -3.61 -9.90 -53.31
C ARG H 147 -2.21 -9.32 -53.46
N VAL H 148 -2.08 -8.04 -53.12
CA VAL H 148 -0.84 -7.29 -53.22
C VAL H 148 -0.32 -7.01 -51.81
N ILE H 149 1.00 -7.05 -51.65
CA ILE H 149 1.61 -6.85 -50.34
C ILE H 149 1.24 -5.49 -49.76
N ARG H 150 1.09 -4.49 -50.63
CA ARG H 150 0.83 -3.14 -50.14
C ARG H 150 -0.56 -2.99 -49.53
N GLU H 151 -1.54 -3.76 -50.00
CA GLU H 151 -2.92 -3.54 -49.63
C GLU H 151 -3.44 -4.48 -48.54
N VAL H 152 -2.62 -5.39 -48.02
CA VAL H 152 -3.06 -6.21 -46.89
C VAL H 152 -2.93 -5.38 -45.62
N ARG H 153 -4.02 -5.22 -44.88
CA ARG H 153 -4.07 -4.33 -43.73
C ARG H 153 -4.90 -4.98 -42.64
N ALA H 154 -5.30 -4.18 -41.65
CA ALA H 154 -5.98 -4.71 -40.47
C ALA H 154 -7.26 -5.45 -40.84
N ASP H 155 -7.89 -5.08 -41.95
CA ASP H 155 -9.07 -5.80 -42.41
C ASP H 155 -8.75 -7.23 -42.79
N SER H 156 -7.48 -7.51 -43.12
CA SER H 156 -7.08 -8.84 -43.55
C SER H 156 -6.46 -9.68 -42.43
N VAL H 157 -6.40 -9.16 -41.21
CA VAL H 157 -5.85 -9.95 -40.10
C VAL H 157 -6.80 -11.09 -39.78
N GLY H 158 -6.27 -12.30 -39.75
CA GLY H 158 -7.06 -13.48 -39.48
C GLY H 158 -7.68 -14.15 -40.68
N LYS H 159 -7.57 -13.55 -41.87
CA LYS H 159 -8.15 -14.12 -43.06
C LYS H 159 -7.20 -15.12 -43.72
N LEU H 160 -7.68 -15.75 -44.78
CA LEU H 160 -6.88 -16.62 -45.63
C LEU H 160 -6.57 -15.88 -46.92
N VAL H 161 -5.29 -15.74 -47.25
CA VAL H 161 -4.88 -14.93 -48.39
C VAL H 161 -3.93 -15.73 -49.27
N THR H 162 -3.79 -15.27 -50.52
CA THR H 162 -2.81 -15.79 -51.46
C THR H 162 -2.02 -14.64 -52.03
N VAL H 163 -0.70 -14.77 -52.03
CA VAL H 163 0.20 -13.68 -52.40
C VAL H 163 1.18 -14.19 -53.44
N ARG H 164 1.69 -13.28 -54.26
CA ARG H 164 2.78 -13.56 -55.20
C ARG H 164 3.87 -12.53 -55.00
N GLY H 165 5.12 -12.98 -54.92
CA GLY H 165 6.20 -12.07 -54.61
C GLY H 165 7.55 -12.62 -55.00
N ILE H 166 8.60 -11.87 -54.66
CA ILE H 166 9.99 -12.25 -54.92
C ILE H 166 10.68 -12.50 -53.59
N VAL H 167 11.47 -13.57 -53.52
CA VAL H 167 12.18 -13.98 -52.31
C VAL H 167 13.52 -13.26 -52.24
N THR H 168 13.84 -12.73 -51.06
CA THR H 168 15.10 -12.05 -50.83
C THR H 168 15.92 -12.60 -49.66
N ARG H 169 15.27 -13.17 -48.64
CA ARG H 169 15.96 -13.67 -47.47
C ARG H 169 15.32 -14.98 -47.02
N VAL H 170 16.16 -15.96 -46.72
CA VAL H 170 15.73 -17.27 -46.25
C VAL H 170 16.56 -17.63 -45.01
N SER H 171 15.90 -18.22 -44.02
CA SER H 171 16.60 -18.61 -42.80
C SER H 171 16.94 -20.10 -42.83
N GLU H 172 18.07 -20.43 -42.20
CA GLU H 172 18.50 -21.82 -42.11
C GLU H 172 17.55 -22.61 -41.22
N VAL H 173 17.43 -23.92 -41.49
CA VAL H 173 16.48 -24.74 -40.77
C VAL H 173 16.93 -24.94 -39.34
N LYS H 174 16.02 -24.69 -38.39
CA LYS H 174 16.27 -24.94 -36.98
C LYS H 174 15.01 -25.50 -36.34
N PRO H 175 15.15 -26.35 -35.33
CA PRO H 175 13.97 -26.96 -34.72
C PRO H 175 13.22 -25.98 -33.85
N LYS H 176 11.89 -26.09 -33.86
CA LYS H 176 11.01 -25.24 -33.06
C LYS H 176 10.20 -26.11 -32.11
N MET H 177 10.10 -25.66 -30.87
CA MET H 177 9.40 -26.40 -29.82
C MET H 177 7.89 -26.35 -30.03
N VAL H 178 7.22 -27.46 -29.76
CA VAL H 178 5.77 -27.55 -29.87
C VAL H 178 5.17 -27.83 -28.49
N VAL H 179 5.61 -28.91 -27.87
CA VAL H 179 5.21 -29.27 -26.51
C VAL H 179 6.43 -29.73 -25.76
N ALA H 180 6.63 -29.18 -24.55
CA ALA H 180 7.76 -29.54 -23.71
C ALA H 180 7.35 -30.62 -22.72
N THR H 181 8.27 -31.54 -22.45
CA THR H 181 8.01 -32.66 -21.54
C THR H 181 8.88 -32.53 -20.30
N TYR H 182 8.27 -32.76 -19.14
CA TYR H 182 8.90 -32.62 -17.84
C TYR H 182 8.78 -33.95 -17.10
N THR H 183 9.82 -34.29 -16.34
CA THR H 183 9.79 -35.43 -15.43
C THR H 183 10.03 -34.94 -14.01
N CYS H 184 9.22 -35.44 -13.07
CA CYS H 184 9.35 -35.06 -11.68
C CYS H 184 10.59 -35.69 -11.07
N ASP H 185 11.06 -35.08 -9.98
CA ASP H 185 12.23 -35.57 -9.28
C ASP H 185 11.95 -36.81 -8.45
N GLN H 186 10.70 -37.02 -8.02
CA GLN H 186 10.39 -38.12 -7.11
C GLN H 186 9.18 -38.94 -7.54
N CYS H 187 8.89 -39.01 -8.84
CA CYS H 187 7.74 -39.77 -9.31
C CYS H 187 7.96 -40.19 -10.76
N GLY H 188 7.17 -41.15 -11.20
CA GLY H 188 7.21 -41.62 -12.56
C GLY H 188 6.27 -40.93 -13.53
N ALA H 189 5.57 -39.90 -13.09
CA ALA H 189 4.62 -39.20 -13.95
C ALA H 189 5.33 -38.27 -14.91
N GLU H 190 4.62 -37.89 -15.97
CA GLU H 190 5.14 -37.02 -17.01
C GLU H 190 4.24 -35.81 -17.14
N THR H 191 4.84 -34.62 -17.28
CA THR H 191 4.11 -33.37 -17.39
C THR H 191 4.32 -32.76 -18.76
N TYR H 192 3.26 -32.22 -19.34
CA TYR H 192 3.31 -31.67 -20.69
C TYR H 192 2.95 -30.19 -20.66
N GLN H 193 3.74 -29.38 -21.34
CA GLN H 193 3.52 -27.93 -21.41
C GLN H 193 3.40 -27.51 -22.87
N PRO H 194 2.22 -27.15 -23.35
CA PRO H 194 2.09 -26.64 -24.72
C PRO H 194 2.69 -25.25 -24.84
N ILE H 195 3.12 -24.91 -26.05
CA ILE H 195 3.76 -23.64 -26.35
C ILE H 195 3.01 -22.97 -27.48
N GLN H 196 2.58 -21.72 -27.25
CA GLN H 196 1.94 -20.90 -28.27
C GLN H 196 2.41 -19.45 -28.22
N SER H 197 3.64 -19.22 -27.76
CA SER H 197 4.20 -17.88 -27.57
C SER H 197 5.62 -17.87 -28.12
N PRO H 198 6.12 -16.71 -28.54
CA PRO H 198 7.53 -16.63 -28.95
C PRO H 198 8.49 -17.01 -27.84
N THR H 199 8.16 -16.70 -26.58
CA THR H 199 8.99 -17.10 -25.44
C THR H 199 8.09 -17.70 -24.37
N PHE H 200 8.68 -18.55 -23.54
CA PHE H 200 7.94 -19.21 -22.46
C PHE H 200 8.84 -19.38 -21.24
N MET H 201 8.21 -19.59 -20.09
CA MET H 201 8.90 -19.72 -18.81
C MET H 201 8.81 -21.16 -18.34
N PRO H 202 9.92 -21.88 -18.23
CA PRO H 202 9.86 -23.29 -17.78
C PRO H 202 9.35 -23.42 -16.36
N LEU H 203 8.65 -24.53 -16.11
CA LEU H 203 8.00 -24.79 -14.84
C LEU H 203 9.01 -25.27 -13.80
N ILE H 204 8.54 -25.41 -12.56
CA ILE H 204 9.38 -25.86 -11.45
C ILE H 204 8.78 -27.06 -10.73
N MET H 205 7.60 -26.88 -10.14
CA MET H 205 7.01 -27.90 -9.28
C MET H 205 6.15 -28.88 -10.09
N CYS H 206 5.90 -30.04 -9.49
CA CYS H 206 5.22 -31.13 -10.19
C CYS H 206 3.72 -31.11 -9.90
N PRO H 207 2.86 -30.99 -10.92
CA PRO H 207 1.41 -31.07 -10.70
C PRO H 207 0.88 -32.49 -10.58
N SER H 208 1.73 -33.51 -10.52
CA SER H 208 1.26 -34.88 -10.50
C SER H 208 0.52 -35.18 -9.19
N GLN H 209 -0.44 -36.12 -9.28
CA GLN H 209 -1.31 -36.39 -8.15
C GLN H 209 -0.55 -36.98 -6.97
N GLU H 210 0.42 -37.86 -7.23
CA GLU H 210 1.17 -38.48 -6.15
C GLU H 210 1.99 -37.44 -5.38
N CYS H 211 2.66 -36.55 -6.11
CA CYS H 211 3.42 -35.49 -5.46
C CYS H 211 2.51 -34.57 -4.65
N GLN H 212 1.28 -34.34 -5.15
CA GLN H 212 0.33 -33.51 -4.42
C GLN H 212 -0.12 -34.20 -3.14
N THR H 213 -0.45 -35.49 -3.22
CA THR H 213 -0.93 -36.21 -2.05
C THR H 213 0.16 -36.33 -0.98
N ASN H 214 1.38 -36.66 -1.40
CA ASN H 214 2.48 -36.73 -0.44
C ASN H 214 3.01 -35.36 -0.05
N ARG H 215 2.71 -34.33 -0.83
CA ARG H 215 3.28 -32.99 -0.64
C ARG H 215 4.80 -33.07 -0.57
N SER H 216 5.37 -33.85 -1.48
CA SER H 216 6.82 -34.09 -1.47
C SER H 216 7.59 -32.88 -1.95
N GLY H 217 7.00 -32.07 -2.82
CA GLY H 217 7.73 -30.94 -3.37
C GLY H 217 8.73 -31.29 -4.44
N GLY H 218 8.45 -32.33 -5.23
CA GLY H 218 9.37 -32.69 -6.30
C GLY H 218 9.45 -31.60 -7.35
N ARG H 219 10.59 -31.53 -8.02
CA ARG H 219 10.88 -30.50 -8.99
C ARG H 219 11.03 -31.09 -10.38
N LEU H 220 10.51 -30.38 -11.38
CA LEU H 220 10.49 -30.87 -12.75
C LEU H 220 11.82 -30.65 -13.45
N TYR H 221 12.11 -31.51 -14.42
CA TYR H 221 13.23 -31.36 -15.33
C TYR H 221 12.73 -31.52 -16.76
N LEU H 222 13.23 -30.68 -17.66
CA LEU H 222 12.97 -30.80 -19.09
C LEU H 222 13.60 -32.08 -19.64
N GLN H 223 13.01 -32.61 -20.71
CA GLN H 223 13.64 -33.64 -21.54
C GLN H 223 13.51 -33.23 -23.00
N THR H 224 14.51 -33.59 -23.81
CA THR H 224 14.50 -33.28 -25.24
C THR H 224 13.97 -34.44 -26.08
N ARG H 225 14.19 -35.68 -25.64
CA ARG H 225 13.69 -36.82 -26.41
C ARG H 225 12.16 -36.85 -26.43
N GLY H 226 11.53 -36.60 -25.29
CA GLY H 226 10.08 -36.65 -25.23
C GLY H 226 9.41 -35.45 -25.86
N SER H 227 10.16 -34.36 -26.04
CA SER H 227 9.59 -33.14 -26.58
C SER H 227 9.20 -33.35 -28.04
N ARG H 228 8.31 -32.48 -28.52
CA ARG H 228 7.96 -32.46 -29.94
C ARG H 228 8.57 -31.22 -30.60
N PHE H 229 9.23 -31.44 -31.72
CA PHE H 229 9.88 -30.38 -32.48
C PHE H 229 9.36 -30.39 -33.90
N ILE H 230 9.38 -29.20 -34.52
CA ILE H 230 8.90 -29.01 -35.88
C ILE H 230 9.95 -28.24 -36.64
N LYS H 231 9.89 -28.34 -37.97
CA LYS H 231 10.80 -27.61 -38.85
C LYS H 231 10.25 -26.21 -39.10
N PHE H 232 11.11 -25.21 -38.96
CA PHE H 232 10.70 -23.81 -38.98
C PHE H 232 11.64 -23.00 -39.85
N GLN H 233 11.08 -22.16 -40.72
CA GLN H 233 11.89 -21.27 -41.55
C GLN H 233 11.24 -19.90 -41.65
N GLU H 234 12.06 -18.89 -41.91
CA GLU H 234 11.62 -17.50 -42.01
C GLU H 234 11.98 -16.95 -43.38
N MET H 235 11.02 -16.31 -44.03
CA MET H 235 11.11 -15.88 -45.42
C MET H 235 10.82 -14.40 -45.52
N LYS H 236 11.51 -13.72 -46.43
CA LYS H 236 11.25 -12.31 -46.72
C LYS H 236 10.84 -12.17 -48.18
N MET H 237 9.73 -11.47 -48.43
CA MET H 237 9.21 -11.30 -49.77
C MET H 237 9.02 -9.82 -50.08
N GLN H 238 9.08 -9.48 -51.37
CA GLN H 238 8.93 -8.12 -51.85
C GLN H 238 7.99 -8.10 -53.04
N GLU H 239 7.49 -6.90 -53.35
CA GLU H 239 6.59 -6.74 -54.48
C GLU H 239 7.34 -6.87 -55.81
N HIS H 240 6.60 -7.26 -56.84
CA HIS H 240 7.11 -7.14 -58.20
C HIS H 240 7.25 -5.67 -58.57
N SER H 241 8.18 -5.37 -59.47
CA SER H 241 8.35 -4.01 -59.93
C SER H 241 7.14 -3.50 -60.69
N ASP H 242 6.31 -4.40 -61.18
CA ASP H 242 5.13 -4.00 -61.96
C ASP H 242 4.08 -3.32 -61.09
N GLN H 243 3.88 -3.78 -59.86
CA GLN H 243 2.78 -3.32 -59.04
C GLN H 243 3.12 -2.08 -58.21
N VAL H 244 4.37 -1.64 -58.21
CA VAL H 244 4.74 -0.46 -57.43
C VAL H 244 4.09 0.78 -58.03
N PRO H 245 3.50 1.67 -57.23
CA PRO H 245 2.94 2.92 -57.78
C PRO H 245 4.03 3.85 -58.28
N VAL H 246 3.63 5.05 -58.71
CA VAL H 246 4.58 5.99 -59.31
C VAL H 246 5.43 6.63 -58.22
N GLY H 247 6.74 6.48 -58.33
CA GLY H 247 7.68 7.16 -57.46
C GLY H 247 7.92 6.53 -56.12
N ASN H 248 7.33 5.36 -55.84
CA ASN H 248 7.47 4.72 -54.55
C ASN H 248 8.51 3.60 -54.61
N ILE H 249 8.58 2.82 -53.55
CA ILE H 249 9.57 1.76 -53.38
C ILE H 249 8.85 0.47 -53.01
N PRO H 250 9.28 -0.69 -53.50
CA PRO H 250 8.59 -1.94 -53.16
C PRO H 250 8.55 -2.20 -51.66
N ARG H 251 7.42 -2.74 -51.20
CA ARG H 251 7.22 -3.09 -49.82
C ARG H 251 7.54 -4.57 -49.58
N SER H 252 7.79 -4.91 -48.32
CA SER H 252 8.23 -6.24 -47.94
C SER H 252 7.26 -6.86 -46.93
N ILE H 253 7.23 -8.18 -46.91
CA ILE H 253 6.44 -8.94 -45.94
C ILE H 253 7.27 -10.13 -45.44
N THR H 254 6.87 -10.65 -44.28
CA THR H 254 7.56 -11.74 -43.62
C THR H 254 6.67 -12.97 -43.57
N VAL H 255 7.24 -14.13 -43.88
CA VAL H 255 6.49 -15.39 -43.95
C VAL H 255 7.18 -16.40 -43.03
N LEU H 256 6.37 -17.25 -42.40
CA LEU H 256 6.88 -18.37 -41.61
C LEU H 256 6.48 -19.68 -42.26
N VAL H 257 7.40 -20.64 -42.24
CA VAL H 257 7.26 -21.87 -43.00
C VAL H 257 7.43 -23.07 -42.07
N GLU H 258 6.56 -24.06 -42.27
CA GLU H 258 6.41 -25.22 -41.41
C GLU H 258 7.10 -26.45 -41.99
N GLY H 259 6.80 -27.61 -41.39
CA GLY H 259 7.63 -28.79 -41.57
C GLY H 259 7.93 -29.15 -43.01
N GLU H 260 6.92 -29.63 -43.74
CA GLU H 260 7.20 -30.09 -45.10
C GLU H 260 7.38 -28.93 -46.07
N ASN H 261 6.77 -27.78 -45.80
CA ASN H 261 6.98 -26.62 -46.66
C ASN H 261 8.40 -26.08 -46.54
N THR H 262 9.14 -26.48 -45.52
CA THR H 262 10.53 -26.06 -45.37
C THR H 262 11.37 -26.64 -46.51
N ARG H 263 12.43 -25.91 -46.88
CA ARG H 263 13.38 -26.26 -47.94
C ARG H 263 12.76 -26.23 -49.32
N ILE H 264 11.73 -25.42 -49.55
CA ILE H 264 11.13 -25.34 -50.89
C ILE H 264 11.69 -24.16 -51.67
N ALA H 265 11.76 -22.99 -51.05
CA ALA H 265 12.13 -21.76 -51.74
C ALA H 265 13.57 -21.39 -51.46
N GLN H 266 14.20 -20.71 -52.43
CA GLN H 266 15.57 -20.24 -52.38
C GLN H 266 15.59 -18.74 -52.68
N PRO H 267 16.60 -18.02 -52.20
CA PRO H 267 16.64 -16.56 -52.45
C PRO H 267 16.64 -16.24 -53.93
N GLY H 268 15.91 -15.19 -54.30
CA GLY H 268 15.80 -14.77 -55.68
C GLY H 268 14.68 -15.40 -56.46
N ASP H 269 13.94 -16.36 -55.88
CA ASP H 269 12.87 -17.01 -56.60
C ASP H 269 11.58 -16.21 -56.53
N HIS H 270 10.72 -16.40 -57.54
CA HIS H 270 9.39 -15.82 -57.57
C HIS H 270 8.41 -16.88 -57.10
N VAL H 271 7.65 -16.58 -56.05
CA VAL H 271 6.84 -17.59 -55.38
C VAL H 271 5.41 -17.11 -55.24
N SER H 272 4.50 -18.09 -55.13
CA SER H 272 3.11 -17.87 -54.76
C SER H 272 2.83 -18.64 -53.48
N VAL H 273 2.29 -17.93 -52.50
CA VAL H 273 2.17 -18.42 -51.13
C VAL H 273 0.71 -18.34 -50.69
N THR H 274 0.20 -19.46 -50.19
CA THR H 274 -1.12 -19.50 -49.56
C THR H 274 -0.94 -19.46 -48.05
N GLY H 275 -1.46 -18.42 -47.41
CA GLY H 275 -1.12 -18.18 -46.02
C GLY H 275 -2.25 -17.61 -45.21
N ILE H 276 -2.03 -17.52 -43.91
CA ILE H 276 -2.95 -16.90 -42.96
C ILE H 276 -2.27 -15.68 -42.38
N PHE H 277 -3.00 -14.57 -42.32
CA PHE H 277 -2.47 -13.29 -41.89
C PHE H 277 -2.77 -13.09 -40.40
N LEU H 278 -1.74 -13.18 -39.56
CA LEU H 278 -1.91 -13.18 -38.12
C LEU H 278 -0.97 -12.19 -37.47
N PRO H 279 -1.34 -11.63 -36.33
CA PRO H 279 -0.48 -10.67 -35.64
C PRO H 279 0.36 -11.33 -34.55
N ILE H 280 1.29 -10.54 -34.01
CA ILE H 280 2.09 -10.94 -32.86
C ILE H 280 2.04 -9.81 -31.85
N LEU H 281 1.62 -10.13 -30.62
CA LEU H 281 1.56 -9.12 -29.58
C LEU H 281 2.98 -8.71 -29.19
N ARG H 282 3.24 -7.41 -29.21
CA ARG H 282 4.59 -6.89 -29.00
C ARG H 282 4.69 -6.26 -27.62
N THR H 283 5.68 -6.69 -26.85
CA THR H 283 6.01 -6.09 -25.56
C THR H 283 7.47 -5.66 -25.62
N GLY H 284 7.72 -4.39 -25.34
CA GLY H 284 9.07 -3.86 -25.44
C GLY H 284 9.18 -2.40 -25.08
N PHE H 285 9.88 -1.63 -25.91
CA PHE H 285 10.09 -0.22 -25.62
C PHE H 285 8.77 0.54 -25.63
N ARG H 286 8.65 1.52 -24.74
CA ARG H 286 7.43 2.29 -24.62
C ARG H 286 7.19 3.12 -25.89
N GLN H 287 5.91 3.40 -26.15
CA GLN H 287 5.54 4.11 -27.37
C GLN H 287 4.65 5.30 -27.02
N VAL H 288 4.37 6.10 -28.06
CA VAL H 288 3.60 7.32 -27.88
C VAL H 288 2.16 7.01 -27.51
N VAL H 289 1.54 6.06 -28.23
CA VAL H 289 0.11 5.83 -28.15
C VAL H 289 -0.15 4.62 -27.27
N GLN H 290 -1.07 4.77 -26.31
CA GLN H 290 -1.46 3.68 -25.45
C GLN H 290 -2.31 2.67 -26.22
N GLY H 291 -2.51 1.51 -25.61
CA GLY H 291 -3.30 0.46 -26.21
C GLY H 291 -2.48 -0.76 -26.56
N LEU H 292 -3.11 -1.68 -27.28
CA LEU H 292 -2.50 -2.94 -27.68
C LEU H 292 -2.12 -2.86 -29.14
N LEU H 293 -0.83 -2.69 -29.41
CA LEU H 293 -0.32 -2.75 -30.77
C LEU H 293 0.23 -4.15 -31.07
N SER H 294 0.47 -4.41 -32.36
CA SER H 294 0.95 -5.72 -32.75
C SER H 294 1.71 -5.62 -34.07
N GLU H 295 2.47 -6.67 -34.37
CA GLU H 295 3.18 -6.81 -35.64
C GLU H 295 2.59 -7.95 -36.43
N THR H 296 2.44 -7.74 -37.73
CA THR H 296 1.81 -8.71 -38.61
C THR H 296 2.85 -9.61 -39.25
N TYR H 297 2.44 -10.85 -39.54
CA TYR H 297 3.28 -11.80 -40.23
C TYR H 297 2.37 -12.83 -40.89
N LEU H 298 2.94 -13.59 -41.82
CA LEU H 298 2.18 -14.53 -42.63
C LEU H 298 2.61 -15.96 -42.34
N GLU H 299 1.65 -16.84 -42.10
CA GLU H 299 1.88 -18.26 -41.88
C GLU H 299 1.52 -19.02 -43.15
N ALA H 300 2.52 -19.63 -43.78
CA ALA H 300 2.33 -20.31 -45.05
C ALA H 300 1.80 -21.71 -44.86
N HIS H 301 1.07 -22.20 -45.86
CA HIS H 301 0.62 -23.58 -45.90
C HIS H 301 0.91 -24.23 -47.25
N ARG H 302 1.23 -23.42 -48.27
CA ARG H 302 1.69 -23.98 -49.53
C ARG H 302 2.43 -22.93 -50.32
N ILE H 303 3.56 -23.34 -50.89
CA ILE H 303 4.44 -22.50 -51.69
C ILE H 303 4.61 -23.15 -53.05
N VAL H 304 4.33 -22.41 -54.11
CA VAL H 304 4.55 -22.90 -55.47
C VAL H 304 5.46 -21.91 -56.20
N LYS H 305 6.48 -22.44 -56.84
CA LYS H 305 7.50 -21.60 -57.45
C LYS H 305 7.10 -21.16 -58.86
N ALA H 337 16.12 -25.38 -85.59
CA ALA H 337 16.33 -24.91 -84.22
C ALA H 337 15.20 -24.01 -83.77
N ALA H 338 15.01 -23.90 -82.46
CA ALA H 338 13.96 -23.06 -81.91
C ALA H 338 14.34 -21.58 -82.04
N SER H 339 13.34 -20.72 -81.88
CA SER H 339 13.53 -19.29 -82.03
C SER H 339 13.91 -18.66 -80.69
N ILE H 340 15.03 -17.94 -80.69
CA ILE H 340 15.53 -17.25 -79.51
C ILE H 340 15.46 -15.76 -79.78
N ALA H 341 14.70 -15.04 -78.96
CA ALA H 341 14.46 -13.61 -79.14
C ALA H 341 13.99 -13.33 -80.58
N PRO H 342 12.81 -13.80 -80.97
CA PRO H 342 12.37 -13.59 -82.36
C PRO H 342 12.12 -12.14 -82.71
N GLU H 343 11.99 -11.26 -81.71
CA GLU H 343 11.79 -9.84 -81.98
C GLU H 343 13.01 -9.20 -82.62
N ILE H 344 14.22 -9.66 -82.29
CA ILE H 344 15.46 -9.09 -82.82
C ILE H 344 15.76 -9.73 -84.17
N TYR H 345 15.97 -8.89 -85.19
CA TYR H 345 16.24 -9.38 -86.54
C TYR H 345 17.73 -9.65 -86.71
N GLY H 346 18.04 -10.75 -87.39
CA GLY H 346 19.42 -11.11 -87.67
C GLY H 346 20.09 -11.85 -86.54
N HIS H 347 21.42 -11.94 -86.64
CA HIS H 347 22.27 -12.60 -85.65
C HIS H 347 21.92 -14.07 -85.46
N GLU H 348 21.64 -14.78 -86.55
CA GLU H 348 21.19 -16.16 -86.44
C GLU H 348 22.26 -17.05 -85.82
N ASP H 349 23.52 -16.89 -86.26
CA ASP H 349 24.59 -17.71 -85.72
C ASP H 349 24.82 -17.42 -84.24
N VAL H 350 24.72 -16.14 -83.85
CA VAL H 350 24.83 -15.80 -82.44
C VAL H 350 23.71 -16.46 -81.65
N LYS H 351 22.52 -16.54 -82.24
CA LYS H 351 21.41 -17.21 -81.57
C LYS H 351 21.66 -18.70 -81.42
N LYS H 352 22.28 -19.33 -82.42
CA LYS H 352 22.65 -20.73 -82.29
C LYS H 352 23.68 -20.93 -81.18
N ALA H 353 24.67 -20.03 -81.10
CA ALA H 353 25.66 -20.11 -80.03
C ALA H 353 25.01 -19.93 -78.67
N LEU H 354 24.04 -19.02 -78.58
CA LEU H 354 23.31 -18.82 -77.34
C LEU H 354 22.53 -20.07 -76.95
N LEU H 355 21.92 -20.73 -77.93
CA LEU H 355 21.22 -21.98 -77.66
C LEU H 355 22.18 -23.02 -77.11
N LEU H 356 23.35 -23.14 -77.72
CA LEU H 356 24.33 -24.12 -77.23
C LEU H 356 24.78 -23.78 -75.82
N LEU H 357 24.98 -22.49 -75.52
CA LEU H 357 25.38 -22.09 -74.18
C LEU H 357 24.29 -22.42 -73.17
N LEU H 358 23.02 -22.22 -73.53
CA LEU H 358 21.93 -22.59 -72.64
C LEU H 358 21.89 -24.09 -72.40
N VAL H 359 22.07 -24.88 -73.46
CA VAL H 359 22.03 -26.34 -73.32
C VAL H 359 23.22 -26.82 -72.51
N GLY H 360 24.41 -26.33 -72.83
CA GLY H 360 25.61 -26.67 -72.11
C GLY H 360 26.24 -27.96 -72.62
N GLY H 361 27.46 -28.19 -72.17
CA GLY H 361 28.22 -29.36 -72.60
C GLY H 361 28.08 -30.55 -71.68
N ASN H 376 30.74 -19.69 -71.63
CA ASN H 376 31.20 -18.32 -71.49
C ASN H 376 31.27 -17.64 -72.85
N ILE H 377 30.39 -16.68 -73.10
CA ILE H 377 30.31 -16.00 -74.38
C ILE H 377 30.35 -14.49 -74.16
N CYS H 378 31.16 -13.80 -74.97
CA CYS H 378 31.28 -12.35 -74.90
C CYS H 378 30.89 -11.74 -76.23
N LEU H 379 30.15 -10.64 -76.17
CA LEU H 379 29.74 -9.90 -77.35
C LEU H 379 30.31 -8.48 -77.25
N MET H 380 30.96 -8.03 -78.31
CA MET H 380 31.43 -6.66 -78.41
C MET H 380 30.77 -6.02 -79.63
N GLY H 381 30.13 -4.87 -79.42
CA GLY H 381 29.36 -4.28 -80.49
C GLY H 381 29.34 -2.77 -80.44
N ASP H 382 29.10 -2.18 -81.61
CA ASP H 382 28.93 -0.74 -81.70
C ASP H 382 27.60 -0.33 -81.06
N PRO H 383 27.50 0.89 -80.53
CA PRO H 383 26.25 1.33 -79.91
C PRO H 383 25.15 1.42 -80.95
N GLY H 384 23.93 1.13 -80.51
CA GLY H 384 22.77 1.09 -81.38
C GLY H 384 22.35 -0.31 -81.81
N VAL H 385 23.22 -1.29 -81.64
CA VAL H 385 22.86 -2.69 -81.91
C VAL H 385 22.38 -3.29 -80.59
N ALA H 386 21.24 -3.95 -80.62
CA ALA H 386 20.60 -4.40 -79.40
C ALA H 386 21.34 -5.57 -78.79
N LYS H 387 22.35 -5.29 -77.97
CA LYS H 387 23.03 -6.35 -77.24
C LYS H 387 22.39 -6.55 -75.87
N SER H 388 21.88 -5.48 -75.27
CA SER H 388 21.25 -5.59 -73.96
C SER H 388 19.98 -6.42 -74.01
N GLN H 389 19.20 -6.32 -75.09
CA GLN H 389 17.94 -7.04 -75.16
C GLN H 389 18.17 -8.55 -75.28
N LEU H 390 19.24 -8.96 -75.95
CA LEU H 390 19.57 -10.39 -75.96
C LEU H 390 19.88 -10.90 -74.56
N LEU H 391 20.64 -10.13 -73.78
CA LEU H 391 20.93 -10.52 -72.41
C LEU H 391 19.66 -10.54 -71.56
N SER H 392 18.75 -9.60 -71.79
CA SER H 392 17.48 -9.61 -71.07
C SER H 392 16.67 -10.85 -71.41
N TYR H 393 16.63 -11.23 -72.69
CA TYR H 393 15.91 -12.44 -73.08
C TYR H 393 16.55 -13.66 -72.44
N ILE H 394 17.88 -13.71 -72.40
CA ILE H 394 18.57 -14.84 -71.79
C ILE H 394 18.23 -14.92 -70.31
N ASP H 395 18.19 -13.78 -69.62
CA ASP H 395 17.83 -13.78 -68.20
C ASP H 395 16.41 -14.28 -68.00
N ARG H 396 15.47 -13.85 -68.85
CA ARG H 396 14.09 -14.27 -68.69
C ARG H 396 13.91 -15.76 -68.99
N LEU H 397 14.66 -16.28 -69.96
CA LEU H 397 14.47 -17.67 -70.37
C LEU H 397 15.03 -18.65 -69.35
N ALA H 398 16.20 -18.35 -68.80
CA ALA H 398 16.89 -19.32 -67.95
C ALA H 398 16.11 -19.55 -66.66
N PRO H 399 16.09 -20.78 -66.14
CA PRO H 399 15.46 -21.01 -64.82
C PRO H 399 16.18 -20.27 -63.70
N ARG H 400 17.48 -20.51 -63.55
CA ARG H 400 18.32 -19.75 -62.66
C ARG H 400 19.14 -18.76 -63.48
N SER H 401 18.96 -17.47 -63.19
CA SER H 401 19.62 -16.43 -63.97
C SER H 401 19.77 -15.19 -63.12
N GLN H 402 20.74 -14.36 -63.47
CA GLN H 402 20.90 -13.03 -62.90
C GLN H 402 21.32 -12.07 -64.00
N TYR H 403 20.95 -10.81 -63.85
CA TYR H 403 21.27 -9.77 -64.83
C TYR H 403 21.80 -8.55 -64.11
N THR H 404 23.01 -8.12 -64.47
CA THR H 404 23.64 -6.96 -63.85
C THR H 404 23.90 -5.88 -64.89
N THR H 405 23.77 -4.62 -64.49
CA THR H 405 23.83 -3.49 -65.41
C THR H 405 25.11 -2.66 -65.28
N GLY H 406 25.88 -2.82 -64.20
CA GLY H 406 27.10 -2.08 -64.03
C GLY H 406 27.37 -1.75 -62.56
N ARG H 407 27.72 -0.48 -62.31
CA ARG H 407 28.19 -0.10 -61.00
C ARG H 407 27.08 -0.14 -59.95
N GLY H 408 25.82 -0.26 -60.39
CA GLY H 408 24.74 -0.43 -59.43
C GLY H 408 24.85 -1.69 -58.62
N SER H 409 25.36 -2.77 -59.23
CA SER H 409 25.54 -4.02 -58.49
C SER H 409 27.01 -4.30 -58.20
N SER H 410 27.87 -3.29 -58.30
CA SER H 410 29.30 -3.50 -58.11
C SER H 410 29.63 -3.77 -56.65
N GLY H 411 30.74 -4.45 -56.43
CA GLY H 411 31.24 -4.71 -55.10
C GLY H 411 30.47 -5.76 -54.34
N VAL H 412 29.86 -5.35 -53.23
CA VAL H 412 29.13 -6.28 -52.36
C VAL H 412 27.96 -6.92 -53.10
N GLY H 413 27.44 -6.26 -54.14
CA GLY H 413 26.45 -6.90 -54.99
C GLY H 413 26.95 -8.17 -55.62
N LEU H 414 28.25 -8.27 -55.86
CA LEU H 414 28.89 -9.53 -56.21
C LEU H 414 29.53 -10.12 -54.95
N THR H 415 30.05 -11.32 -55.08
CA THR H 415 30.69 -12.05 -53.96
C THR H 415 29.63 -12.19 -52.84
N ALA H 416 30.00 -11.96 -51.58
CA ALA H 416 29.08 -12.17 -50.48
C ALA H 416 29.50 -11.32 -49.30
N ALA H 417 28.57 -11.15 -48.35
CA ALA H 417 28.82 -10.32 -47.17
C ALA H 417 28.10 -10.91 -45.97
N VAL H 418 28.55 -10.50 -44.79
CA VAL H 418 28.06 -11.03 -43.52
C VAL H 418 27.04 -10.04 -42.95
N LEU H 419 25.88 -10.54 -42.56
CA LEU H 419 24.83 -9.71 -42.00
C LEU H 419 24.24 -10.40 -40.78
N ARG H 420 23.69 -9.62 -39.86
CA ARG H 420 23.11 -10.17 -38.65
C ARG H 420 21.83 -10.94 -38.96
N LEU H 427 25.11 -14.42 -36.87
CA LEU H 427 25.55 -13.88 -38.15
C LEU H 427 25.37 -14.90 -39.26
N THR H 428 24.95 -14.42 -40.43
CA THR H 428 24.74 -15.26 -41.60
C THR H 428 25.38 -14.60 -42.81
N LEU H 429 25.89 -15.43 -43.71
CA LEU H 429 26.57 -14.99 -44.92
C LEU H 429 25.58 -15.02 -46.08
N GLU H 430 25.39 -13.88 -46.73
CA GLU H 430 24.47 -13.74 -47.85
C GLU H 430 25.27 -13.45 -49.12
N GLY H 431 24.92 -14.15 -50.20
CA GLY H 431 25.66 -14.06 -51.45
C GLY H 431 25.11 -13.01 -52.40
N GLY H 432 25.91 -12.72 -53.43
CA GLY H 432 25.53 -11.79 -54.47
C GLY H 432 24.96 -12.47 -55.70
N ALA H 433 25.02 -11.75 -56.82
CA ALA H 433 24.43 -12.26 -58.05
C ALA H 433 25.13 -13.52 -58.53
N LEU H 434 26.47 -13.56 -58.44
CA LEU H 434 27.20 -14.75 -58.85
C LEU H 434 26.82 -15.96 -58.01
N VAL H 435 26.61 -15.77 -56.71
CA VAL H 435 26.21 -16.87 -55.83
C VAL H 435 24.80 -17.34 -56.16
N LEU H 436 23.88 -16.40 -56.41
CA LEU H 436 22.50 -16.77 -56.70
C LEU H 436 22.40 -17.56 -58.00
N ALA H 437 23.18 -17.21 -59.00
CA ALA H 437 23.12 -17.85 -60.31
C ALA H 437 23.88 -19.17 -60.36
N ASP H 438 24.18 -19.78 -59.22
CA ASP H 438 24.87 -21.06 -59.21
C ASP H 438 24.08 -22.10 -60.00
N GLN H 439 24.79 -22.84 -60.85
CA GLN H 439 24.22 -23.84 -61.74
C GLN H 439 23.21 -23.25 -62.72
N GLY H 440 23.26 -21.95 -62.95
CA GLY H 440 22.45 -21.26 -63.94
C GLY H 440 23.30 -20.53 -64.95
N VAL H 441 22.78 -19.41 -65.45
CA VAL H 441 23.48 -18.56 -66.40
C VAL H 441 23.44 -17.13 -65.90
N CYS H 442 24.58 -16.45 -65.95
CA CYS H 442 24.69 -15.07 -65.50
C CYS H 442 24.86 -14.15 -66.70
N CYS H 443 24.33 -12.93 -66.59
CA CYS H 443 24.37 -11.96 -67.68
C CYS H 443 24.89 -10.63 -67.16
N ILE H 444 25.88 -10.08 -67.85
CA ILE H 444 26.53 -8.84 -67.44
C ILE H 444 26.57 -7.88 -68.62
N ASP H 445 26.11 -6.66 -68.38
CA ASP H 445 26.03 -5.61 -69.39
C ASP H 445 27.05 -4.52 -69.12
N GLU H 446 27.57 -3.94 -70.20
CA GLU H 446 28.63 -2.93 -70.13
C GLU H 446 29.82 -3.44 -69.33
N PHE H 447 30.43 -4.50 -69.84
CA PHE H 447 31.47 -5.21 -69.10
C PHE H 447 32.71 -4.34 -68.92
N ASP H 448 33.08 -3.56 -69.94
CA ASP H 448 34.31 -2.80 -69.88
C ASP H 448 34.26 -1.69 -68.84
N LYS H 449 33.06 -1.24 -68.46
CA LYS H 449 32.95 -0.13 -67.51
C LYS H 449 33.07 -0.61 -66.07
N MET H 450 33.14 -1.92 -65.84
CA MET H 450 33.20 -2.44 -64.49
C MET H 450 34.55 -2.11 -63.84
N ALA H 451 34.56 -2.07 -62.51
CA ALA H 451 35.81 -1.86 -61.79
C ALA H 451 36.71 -3.08 -61.95
N GLU H 452 38.00 -2.88 -61.69
CA GLU H 452 38.98 -3.94 -61.91
C GLU H 452 38.72 -5.13 -60.99
N ALA H 453 38.33 -4.88 -59.74
CA ALA H 453 38.10 -5.97 -58.81
C ALA H 453 36.97 -6.87 -59.29
N ASP H 454 35.89 -6.27 -59.80
CA ASP H 454 34.78 -7.07 -60.34
C ASP H 454 35.24 -7.91 -61.52
N ARG H 455 36.07 -7.34 -62.40
CA ARG H 455 36.55 -8.08 -63.55
C ARG H 455 37.44 -9.24 -63.11
N THR H 456 38.29 -9.03 -62.09
CA THR H 456 39.12 -10.12 -61.59
C THR H 456 38.26 -11.24 -61.01
N ALA H 457 37.21 -10.86 -60.26
CA ALA H 457 36.30 -11.87 -59.72
C ALA H 457 35.60 -12.64 -60.83
N ILE H 458 35.20 -11.94 -61.90
CA ILE H 458 34.53 -12.60 -63.02
C ILE H 458 35.48 -13.57 -63.71
N HIS H 459 36.74 -13.16 -63.90
CA HIS H 459 37.73 -14.05 -64.49
C HIS H 459 37.92 -15.30 -63.63
N GLU H 460 37.98 -15.11 -62.31
CA GLU H 460 38.12 -16.26 -61.41
C GLU H 460 36.93 -17.19 -61.54
N VAL H 461 35.71 -16.64 -61.63
CA VAL H 461 34.53 -17.48 -61.77
C VAL H 461 34.57 -18.25 -63.08
N MET H 462 34.97 -17.58 -64.17
CA MET H 462 34.98 -18.24 -65.47
C MET H 462 36.00 -19.38 -65.51
N GLU H 463 37.20 -19.14 -64.98
CA GLU H 463 38.26 -20.12 -65.14
C GLU H 463 38.23 -21.17 -64.04
N GLN H 464 38.22 -20.74 -62.77
CA GLN H 464 38.35 -21.65 -61.64
C GLN H 464 36.99 -22.15 -61.14
N GLN H 465 35.93 -21.39 -61.36
CA GLN H 465 34.54 -21.76 -61.01
C GLN H 465 34.30 -21.72 -59.50
N THR H 466 35.20 -21.12 -58.74
CA THR H 466 34.95 -20.86 -57.33
C THR H 466 35.47 -19.47 -57.00
N ILE H 467 34.88 -18.85 -55.98
CA ILE H 467 35.30 -17.54 -55.49
C ILE H 467 35.99 -17.73 -54.14
N SER H 468 37.04 -16.96 -53.90
CA SER H 468 37.74 -16.97 -52.62
C SER H 468 37.72 -15.57 -52.04
N ILE H 469 37.25 -15.44 -50.80
CA ILE H 469 37.22 -14.16 -50.11
C ILE H 469 37.99 -14.29 -48.81
N ALA H 470 38.94 -13.39 -48.60
CA ALA H 470 39.74 -13.35 -47.37
C ALA H 470 39.90 -11.89 -46.97
N LYS H 471 38.96 -11.39 -46.17
CA LYS H 471 38.99 -10.04 -45.66
C LYS H 471 38.63 -10.07 -44.18
N ALA H 472 38.72 -8.91 -43.54
CA ALA H 472 38.41 -8.82 -42.12
C ALA H 472 36.97 -9.25 -41.86
N GLY H 473 36.81 -10.39 -41.19
CA GLY H 473 35.50 -10.92 -40.88
C GLY H 473 34.99 -11.98 -41.83
N ILE H 474 35.59 -12.13 -43.01
CA ILE H 474 35.15 -13.11 -43.99
C ILE H 474 36.35 -13.94 -44.43
N LEU H 475 36.21 -15.26 -44.37
CA LEU H 475 37.26 -16.15 -44.88
C LEU H 475 36.54 -17.39 -45.42
N THR H 476 36.24 -17.37 -46.71
CA THR H 476 35.37 -18.38 -47.29
C THR H 476 35.76 -18.67 -48.73
N THR H 477 35.29 -19.83 -49.20
CA THR H 477 35.30 -20.18 -50.62
C THR H 477 33.86 -20.50 -51.03
N LEU H 478 33.39 -19.84 -52.08
CA LEU H 478 32.03 -19.95 -52.56
C LEU H 478 32.01 -20.72 -53.87
N ASN H 479 31.00 -21.58 -54.03
CA ASN H 479 30.84 -22.39 -55.23
C ASN H 479 29.95 -21.66 -56.23
N ALA H 480 30.49 -21.41 -57.42
CA ALA H 480 29.77 -20.74 -58.49
C ALA H 480 29.98 -21.54 -59.79
N ARG H 481 29.10 -22.50 -60.04
CA ARG H 481 29.16 -23.28 -61.27
C ARG H 481 28.22 -22.69 -62.30
N CYS H 482 28.48 -21.46 -62.73
CA CYS H 482 27.62 -20.74 -63.65
C CYS H 482 28.40 -20.30 -64.88
N SER H 483 27.71 -20.25 -66.01
CA SER H 483 28.28 -19.78 -67.27
C SER H 483 27.89 -18.33 -67.51
N ILE H 484 28.82 -17.56 -68.06
CA ILE H 484 28.74 -16.11 -68.10
C ILE H 484 28.54 -15.63 -69.53
N LEU H 485 27.57 -14.74 -69.72
CA LEU H 485 27.37 -14.01 -70.97
C LEU H 485 27.62 -12.54 -70.70
N ALA H 486 28.49 -11.92 -71.50
CA ALA H 486 28.92 -10.55 -71.27
C ALA H 486 28.71 -9.70 -72.51
N ALA H 487 28.41 -8.42 -72.30
CA ALA H 487 28.23 -7.46 -73.37
C ALA H 487 29.17 -6.28 -73.16
N ALA H 488 29.71 -5.75 -74.26
CA ALA H 488 30.66 -4.65 -74.16
C ALA H 488 30.74 -3.90 -75.49
N ASN H 489 31.38 -2.70 -75.44
CA ASN H 489 31.69 -1.76 -76.50
C ASN H 489 33.19 -1.75 -76.79
N PRO H 490 33.60 -1.50 -78.04
CA PRO H 490 35.01 -1.56 -78.41
C PRO H 490 35.84 -0.44 -77.80
N PRO H 508 41.53 -6.03 -76.95
CA PRO H 508 42.18 -6.46 -75.71
C PRO H 508 42.47 -7.95 -75.73
N ALA H 509 43.56 -8.35 -75.08
CA ALA H 509 43.98 -9.75 -75.12
C ALA H 509 43.29 -10.59 -74.07
N ALA H 510 42.82 -9.96 -72.98
CA ALA H 510 42.20 -10.71 -71.90
C ALA H 510 40.94 -11.43 -72.36
N LEU H 511 40.09 -10.75 -73.13
CA LEU H 511 38.86 -11.37 -73.61
C LEU H 511 39.15 -12.55 -74.52
N LEU H 512 40.12 -12.39 -75.42
CA LEU H 512 40.47 -13.47 -76.34
C LEU H 512 41.05 -14.66 -75.59
N SER H 513 41.92 -14.40 -74.61
CA SER H 513 42.62 -15.48 -73.94
C SER H 513 41.69 -16.23 -72.98
N ARG H 514 40.81 -15.51 -72.27
CA ARG H 514 40.05 -16.13 -71.20
C ARG H 514 38.73 -16.70 -71.71
N PHE H 515 38.00 -15.93 -72.50
CA PHE H 515 36.68 -16.36 -72.96
C PHE H 515 36.81 -17.48 -73.99
N ASP H 516 35.69 -18.17 -74.21
CA ASP H 516 35.66 -19.23 -75.21
C ASP H 516 35.24 -18.71 -76.57
N LEU H 517 34.14 -17.95 -76.63
CA LEU H 517 33.62 -17.43 -77.88
C LEU H 517 33.40 -15.93 -77.77
N LEU H 518 33.89 -15.19 -78.76
CA LEU H 518 33.69 -13.76 -78.88
C LEU H 518 32.94 -13.47 -80.17
N TRP H 519 31.93 -12.62 -80.09
CA TRP H 519 31.16 -12.21 -81.25
C TRP H 519 31.30 -10.70 -81.40
N LEU H 520 31.89 -10.27 -82.51
CA LEU H 520 32.05 -8.87 -82.83
C LEU H 520 30.93 -8.45 -83.79
N ILE H 521 30.13 -7.49 -83.36
CA ILE H 521 29.00 -7.01 -84.15
C ILE H 521 29.36 -5.62 -84.65
N GLN H 522 29.65 -5.51 -85.94
CA GLN H 522 30.01 -4.25 -86.57
C GLN H 522 28.84 -3.77 -87.43
N ASP H 523 28.48 -2.50 -87.27
CA ASP H 523 27.33 -1.93 -87.97
C ASP H 523 27.80 -1.38 -89.32
N ARG H 524 27.82 -2.25 -90.33
CA ARG H 524 28.12 -1.81 -91.69
C ARG H 524 26.84 -1.29 -92.34
N PRO H 525 26.81 -0.04 -92.79
CA PRO H 525 25.56 0.55 -93.32
C PRO H 525 25.21 0.08 -94.73
N ASP H 526 24.84 -1.19 -94.83
CA ASP H 526 24.32 -1.73 -96.09
C ASP H 526 22.86 -1.32 -96.23
N ARG H 527 22.49 -0.88 -97.44
CA ARG H 527 21.14 -0.33 -97.64
C ARG H 527 20.07 -1.40 -97.46
N ASP H 528 20.30 -2.60 -98.00
CA ASP H 528 19.27 -3.64 -97.94
C ASP H 528 19.05 -4.10 -96.50
N ASN H 529 20.14 -4.37 -95.78
CA ASN H 529 20.01 -4.81 -94.39
C ASN H 529 19.34 -3.74 -93.54
N ASP H 530 19.73 -2.49 -93.72
CA ASP H 530 19.12 -1.40 -92.96
C ASP H 530 17.64 -1.25 -93.28
N LEU H 531 17.28 -1.38 -94.55
CA LEU H 531 15.87 -1.27 -94.93
C LEU H 531 15.05 -2.41 -94.33
N ARG H 532 15.60 -3.64 -94.35
CA ARG H 532 14.88 -4.75 -93.76
C ARG H 532 14.75 -4.58 -92.24
N LEU H 533 15.80 -4.07 -91.59
CA LEU H 533 15.71 -3.80 -90.16
C LEU H 533 14.65 -2.74 -89.87
N ALA H 534 14.58 -1.70 -90.70
CA ALA H 534 13.56 -0.68 -90.52
C ALA H 534 12.16 -1.26 -90.69
N GLN H 535 11.98 -2.12 -91.70
CA GLN H 535 10.68 -2.76 -91.90
C GLN H 535 10.30 -3.61 -90.70
N HIS H 536 11.25 -4.39 -90.18
CA HIS H 536 10.98 -5.23 -89.01
C HIS H 536 10.62 -4.39 -87.80
N ILE H 537 11.34 -3.29 -87.58
CA ILE H 537 11.06 -2.45 -86.42
C ILE H 537 9.69 -1.79 -86.55
N THR H 538 9.34 -1.33 -87.76
CA THR H 538 8.01 -0.76 -87.96
C THR H 538 6.93 -1.79 -87.72
N TYR H 539 7.14 -3.02 -88.19
CA TYR H 539 6.19 -4.10 -87.92
C TYR H 539 6.04 -4.33 -86.42
N VAL H 540 7.17 -4.36 -85.70
CA VAL H 540 7.12 -4.61 -84.26
C VAL H 540 6.37 -3.49 -83.55
N HIS H 541 6.66 -2.25 -83.91
CA HIS H 541 6.03 -1.11 -83.24
C HIS H 541 4.56 -1.00 -83.57
N GLN H 542 4.15 -1.41 -84.77
CA GLN H 542 2.77 -1.24 -85.18
C GLN H 542 1.88 -2.42 -84.76
N HIS H 543 2.22 -3.63 -85.18
CA HIS H 543 1.38 -4.78 -84.90
C HIS H 543 1.69 -5.45 -83.56
N SER H 544 2.73 -4.99 -82.86
CA SER H 544 3.10 -5.50 -81.55
C SER H 544 3.33 -7.01 -81.55
N ARG H 545 3.90 -7.54 -82.63
CA ARG H 545 4.21 -8.96 -82.74
C ARG H 545 5.17 -9.15 -83.90
N GLN H 546 6.07 -10.13 -83.77
CA GLN H 546 7.07 -10.36 -84.80
C GLN H 546 6.41 -10.92 -86.06
N PRO H 547 6.99 -10.64 -87.23
CA PRO H 547 6.41 -11.11 -88.48
C PRO H 547 6.39 -12.63 -88.54
N PRO H 548 5.35 -13.21 -89.16
CA PRO H 548 5.20 -14.66 -89.32
C PRO H 548 5.86 -15.17 -90.60
N MET H 556 7.97 -20.21 -74.41
CA MET H 556 9.14 -20.43 -73.58
C MET H 556 9.03 -21.75 -72.81
N LYS H 557 7.80 -22.12 -72.43
CA LYS H 557 7.60 -23.33 -71.64
C LYS H 557 8.07 -24.56 -72.41
N LEU H 558 7.72 -24.63 -73.70
CA LEU H 558 8.22 -25.74 -74.52
C LEU H 558 9.72 -25.72 -74.61
N MET H 559 10.31 -24.53 -74.75
CA MET H 559 11.77 -24.42 -74.81
C MET H 559 12.41 -24.88 -73.51
N ARG H 560 11.84 -24.48 -72.36
CA ARG H 560 12.37 -24.90 -71.07
C ARG H 560 12.30 -26.41 -70.92
N ARG H 561 11.15 -26.99 -71.29
CA ARG H 561 11.00 -28.45 -71.18
C ARG H 561 11.96 -29.18 -72.10
N TYR H 562 12.16 -28.65 -73.32
CA TYR H 562 13.09 -29.28 -74.25
C TYR H 562 14.52 -29.23 -73.71
N ILE H 563 14.93 -28.09 -73.14
CA ILE H 563 16.28 -27.99 -72.58
C ILE H 563 16.43 -28.93 -71.39
N ALA H 564 15.40 -29.01 -70.55
CA ALA H 564 15.46 -29.89 -69.39
C ALA H 564 15.58 -31.35 -69.81
N MET H 565 14.82 -31.76 -70.81
CA MET H 565 14.93 -33.13 -71.31
C MET H 565 16.29 -33.36 -71.96
N CYS H 566 16.81 -32.37 -72.68
CA CYS H 566 18.09 -32.53 -73.36
C CYS H 566 19.23 -32.72 -72.37
N ARG H 567 19.24 -31.93 -71.29
CA ARG H 567 20.37 -31.98 -70.36
C ARG H 567 20.46 -33.29 -69.60
N GLU H 568 19.42 -34.13 -69.67
CA GLU H 568 19.43 -35.40 -68.93
C GLU H 568 20.48 -36.36 -69.46
N LYS H 569 20.81 -36.29 -70.75
CA LYS H 569 21.71 -37.25 -71.38
C LYS H 569 23.14 -36.73 -71.41
N GLN H 570 24.07 -37.65 -71.63
CA GLN H 570 25.51 -37.35 -71.70
C GLN H 570 26.16 -38.21 -72.76
N PRO H 571 26.37 -37.66 -73.96
CA PRO H 571 27.07 -38.42 -75.01
C PRO H 571 28.53 -38.63 -74.66
N MET H 572 29.17 -39.51 -75.44
CA MET H 572 30.57 -39.85 -75.22
C MET H 572 31.33 -39.86 -76.54
N VAL H 573 32.63 -39.62 -76.46
CA VAL H 573 33.49 -39.50 -77.63
C VAL H 573 34.12 -40.86 -77.91
N PRO H 574 33.95 -41.42 -79.12
CA PRO H 574 34.60 -42.69 -79.45
C PRO H 574 36.08 -42.49 -79.74
N GLU H 575 36.78 -43.62 -79.85
CA GLU H 575 38.24 -43.59 -79.98
C GLU H 575 38.67 -43.21 -81.39
N SER H 576 37.93 -43.68 -82.40
CA SER H 576 38.37 -43.46 -83.78
C SER H 576 38.35 -41.98 -84.15
N LEU H 577 37.23 -41.31 -83.89
CA LEU H 577 37.05 -39.92 -84.29
C LEU H 577 38.16 -39.03 -83.78
N ALA H 578 38.76 -39.37 -82.63
CA ALA H 578 39.92 -38.64 -82.11
C ALA H 578 40.90 -38.31 -83.22
N ASP H 579 41.32 -39.32 -83.98
CA ASP H 579 42.30 -39.09 -85.04
C ASP H 579 41.83 -37.97 -85.95
N TYR H 580 40.61 -38.07 -86.47
CA TYR H 580 40.06 -37.01 -87.30
C TYR H 580 40.14 -35.68 -86.59
N ILE H 581 39.62 -35.61 -85.35
CA ILE H 581 39.67 -34.37 -84.60
C ILE H 581 41.09 -33.89 -84.50
N THR H 582 42.00 -34.79 -84.12
CA THR H 582 43.40 -34.41 -83.99
C THR H 582 43.88 -33.76 -85.27
N ALA H 583 43.65 -34.42 -86.40
CA ALA H 583 44.09 -33.88 -87.68
C ALA H 583 43.58 -32.46 -87.85
N ALA H 584 42.26 -32.28 -87.68
CA ALA H 584 41.68 -30.96 -87.85
C ALA H 584 42.42 -29.94 -86.99
N TYR H 585 42.55 -30.24 -85.70
CA TYR H 585 43.21 -29.30 -84.80
C TYR H 585 44.58 -28.91 -85.34
N VAL H 586 45.38 -29.92 -85.70
CA VAL H 586 46.73 -29.64 -86.17
C VAL H 586 46.66 -28.71 -87.37
N GLU H 587 45.83 -29.06 -88.34
CA GLU H 587 45.74 -28.25 -89.55
C GLU H 587 45.32 -26.84 -89.19
N MET H 588 44.32 -26.70 -88.32
CA MET H 588 43.89 -25.37 -87.92
C MET H 588 45.06 -24.57 -87.37
N ARG H 589 45.81 -25.16 -86.44
CA ARG H 589 46.94 -24.44 -85.86
C ARG H 589 47.95 -24.10 -86.94
N ARG H 590 48.19 -25.02 -87.88
CA ARG H 590 49.12 -24.74 -88.96
C ARG H 590 48.67 -23.52 -89.75
N GLU H 591 47.38 -23.44 -90.06
CA GLU H 591 46.88 -22.26 -90.74
C GLU H 591 47.09 -21.02 -89.89
N ALA H 592 46.84 -21.13 -88.58
CA ALA H 592 47.06 -20.01 -87.70
C ALA H 592 48.54 -19.63 -87.65
N TRP H 593 49.42 -20.60 -87.85
CA TRP H 593 50.84 -20.29 -87.91
C TRP H 593 51.20 -19.70 -89.26
N ALA H 594 50.44 -20.04 -90.30
CA ALA H 594 50.68 -19.44 -91.62
C ALA H 594 50.25 -17.98 -91.63
N SER H 595 49.10 -17.68 -91.06
CA SER H 595 48.59 -16.32 -90.98
C SER H 595 49.19 -15.65 -89.75
N LYS H 596 50.25 -14.86 -89.98
CA LYS H 596 50.93 -14.20 -88.88
C LYS H 596 50.06 -13.15 -88.21
N ASP H 597 48.98 -12.71 -88.86
CA ASP H 597 48.07 -11.76 -88.25
C ASP H 597 47.13 -12.42 -87.26
N ALA H 598 47.09 -13.76 -87.21
CA ALA H 598 46.27 -14.45 -86.22
C ALA H 598 46.81 -14.20 -84.82
N THR H 599 45.93 -14.36 -83.83
CA THR H 599 46.26 -13.95 -82.47
C THR H 599 46.35 -15.12 -81.50
N TYR H 600 45.32 -15.95 -81.38
CA TYR H 600 45.32 -17.02 -80.39
C TYR H 600 44.83 -18.34 -80.97
N THR H 601 45.64 -19.38 -80.77
CA THR H 601 45.19 -20.77 -80.85
C THR H 601 45.88 -21.52 -79.74
N SER H 602 45.12 -22.34 -79.00
CA SER H 602 45.68 -23.15 -77.93
C SER H 602 44.74 -24.30 -77.66
N ALA H 603 45.12 -25.15 -76.70
CA ALA H 603 44.31 -26.31 -76.37
C ALA H 603 42.94 -25.91 -75.84
N ARG H 604 42.81 -24.67 -75.36
CA ARG H 604 41.50 -24.20 -74.92
C ARG H 604 40.51 -24.15 -76.07
N THR H 605 40.97 -23.79 -77.27
CA THR H 605 40.08 -23.81 -78.43
C THR H 605 39.62 -25.23 -78.74
N LEU H 606 40.53 -26.20 -78.64
CA LEU H 606 40.15 -27.60 -78.85
C LEU H 606 39.13 -28.05 -77.81
N LEU H 607 39.33 -27.64 -76.55
CA LEU H 607 38.38 -27.97 -75.50
C LEU H 607 37.02 -27.36 -75.79
N ALA H 608 36.99 -26.11 -76.25
CA ALA H 608 35.73 -25.46 -76.59
C ALA H 608 35.03 -26.20 -77.72
N ILE H 609 35.80 -26.63 -78.73
CA ILE H 609 35.22 -27.37 -79.85
C ILE H 609 34.64 -28.70 -79.37
N LEU H 610 35.37 -29.40 -78.51
CA LEU H 610 34.86 -30.67 -77.97
C LEU H 610 33.58 -30.44 -77.17
N ARG H 611 33.55 -29.38 -76.36
CA ARG H 611 32.36 -29.10 -75.57
C ARG H 611 31.16 -28.75 -76.45
N LEU H 612 31.39 -27.97 -77.51
CA LEU H 612 30.30 -27.64 -78.42
C LEU H 612 29.79 -28.87 -79.15
N SER H 613 30.70 -29.75 -79.58
CA SER H 613 30.28 -30.97 -80.26
C SER H 613 29.49 -31.87 -79.31
N THR H 614 29.92 -31.96 -78.05
CA THR H 614 29.17 -32.75 -77.08
C THR H 614 27.78 -32.14 -76.84
N ALA H 615 27.69 -30.81 -76.79
CA ALA H 615 26.40 -30.16 -76.62
C ALA H 615 25.48 -30.46 -77.79
N LEU H 616 26.01 -30.40 -79.01
CA LEU H 616 25.19 -30.70 -80.18
C LEU H 616 24.75 -32.16 -80.20
N ALA H 617 25.64 -33.07 -79.83
CA ALA H 617 25.27 -34.47 -79.73
C ALA H 617 24.18 -34.67 -78.68
N ARG H 618 24.27 -33.96 -77.56
CA ARG H 618 23.22 -33.99 -76.56
C ARG H 618 21.90 -33.49 -77.13
N LEU H 619 21.97 -32.45 -77.98
CA LEU H 619 20.77 -31.97 -78.65
C LEU H 619 20.16 -33.05 -79.54
N ARG H 620 21.00 -33.85 -80.20
CA ARG H 620 20.49 -34.95 -81.00
C ARG H 620 20.15 -36.17 -80.17
N MET H 621 20.43 -36.15 -78.87
CA MET H 621 20.16 -37.26 -77.95
C MET H 621 20.92 -38.52 -78.33
N VAL H 622 22.03 -38.38 -79.04
CA VAL H 622 22.81 -39.53 -79.47
C VAL H 622 23.82 -39.90 -78.39
N ASP H 623 24.05 -41.20 -78.23
CA ASP H 623 25.01 -41.68 -77.23
C ASP H 623 26.45 -41.47 -77.67
N VAL H 624 26.71 -41.43 -78.98
CA VAL H 624 28.06 -41.34 -79.52
C VAL H 624 28.17 -40.08 -80.35
N VAL H 625 29.25 -39.32 -80.13
CA VAL H 625 29.47 -38.09 -80.87
C VAL H 625 29.63 -38.40 -82.36
N GLU H 626 29.05 -37.54 -83.20
CA GLU H 626 29.00 -37.74 -84.63
C GLU H 626 29.78 -36.66 -85.35
N LYS H 627 29.86 -36.79 -86.68
CA LYS H 627 30.69 -35.90 -87.48
C LYS H 627 30.03 -34.52 -87.67
N GLU H 628 28.71 -34.50 -87.83
CA GLU H 628 28.02 -33.24 -88.11
C GLU H 628 28.20 -32.25 -86.97
N ASP H 629 28.18 -32.74 -85.73
CA ASP H 629 28.37 -31.86 -84.58
C ASP H 629 29.75 -31.20 -84.62
N VAL H 630 30.78 -31.98 -84.92
CA VAL H 630 32.13 -31.43 -85.01
C VAL H 630 32.22 -30.40 -86.13
N ASN H 631 31.62 -30.71 -87.28
CA ASN H 631 31.65 -29.75 -88.38
C ASN H 631 30.93 -28.45 -88.01
N GLU H 632 29.79 -28.55 -87.34
CA GLU H 632 29.05 -27.35 -86.98
C GLU H 632 29.82 -26.53 -85.93
N ALA H 633 30.47 -27.19 -84.98
CA ALA H 633 31.29 -26.47 -84.02
C ALA H 633 32.46 -25.75 -84.70
N ILE H 634 33.10 -26.43 -85.65
CA ILE H 634 34.21 -25.81 -86.38
C ILE H 634 33.71 -24.61 -87.16
N ARG H 635 32.57 -24.74 -87.82
CA ARG H 635 32.01 -23.63 -88.58
C ARG H 635 31.65 -22.46 -87.68
N LEU H 636 31.08 -22.75 -86.50
CA LEU H 636 30.73 -21.67 -85.58
C LEU H 636 31.97 -20.93 -85.09
N MET H 637 33.02 -21.67 -84.73
CA MET H 637 34.24 -21.02 -84.28
C MET H 637 34.86 -20.19 -85.40
N GLU H 638 34.84 -20.71 -86.63
CA GLU H 638 35.36 -19.97 -87.77
C GLU H 638 34.57 -18.68 -88.00
N MET H 639 33.25 -18.76 -87.90
CA MET H 639 32.42 -17.58 -88.10
C MET H 639 32.68 -16.55 -87.01
N SER H 640 32.84 -17.00 -85.77
CA SER H 640 33.12 -16.07 -84.68
C SER H 640 34.47 -15.39 -84.87
N LYS H 641 35.49 -16.15 -85.27
CA LYS H 641 36.83 -15.59 -85.42
C LYS H 641 36.87 -14.61 -86.59
N ASP H 642 36.17 -14.91 -87.68
CA ASP H 642 36.14 -14.02 -88.83
C ASP H 642 35.31 -12.78 -88.52
N HIS I 180 28.67 -3.70 41.06
CA HIS I 180 27.72 -4.27 40.12
C HIS I 180 26.61 -5.02 40.85
N SER I 181 25.49 -5.23 40.16
CA SER I 181 24.38 -5.98 40.73
C SER I 181 24.72 -7.47 40.77
N VAL I 182 23.97 -8.20 41.60
CA VAL I 182 24.18 -9.64 41.70
C VAL I 182 23.88 -10.32 40.38
N ARG I 183 22.77 -9.94 39.74
CA ARG I 183 22.39 -10.59 38.49
C ARG I 183 23.38 -10.28 37.37
N GLU I 184 24.03 -9.11 37.43
CA GLU I 184 25.05 -8.78 36.44
C GLU I 184 26.23 -9.74 36.53
N TRP I 185 26.69 -10.01 37.75
CA TRP I 185 27.77 -10.98 37.93
C TRP I 185 27.31 -12.39 37.59
N VAL I 186 26.03 -12.68 37.84
CA VAL I 186 25.50 -14.00 37.52
C VAL I 186 25.47 -14.22 36.02
N SER I 187 25.21 -13.17 35.23
CA SER I 187 24.99 -13.33 33.80
C SER I 187 26.21 -13.86 33.07
N MET I 188 27.41 -13.40 33.44
CA MET I 188 28.60 -13.75 32.68
C MET I 188 28.95 -15.24 32.84
N ALA I 189 29.68 -15.75 31.85
CA ALA I 189 29.81 -17.20 31.67
C ALA I 189 30.75 -17.84 32.68
N GLY I 190 31.81 -17.12 33.08
CA GLY I 190 32.81 -17.66 33.97
C GLY I 190 32.25 -18.15 35.30
N PRO I 191 31.71 -17.22 36.09
CA PRO I 191 31.05 -17.63 37.34
C PRO I 191 29.88 -18.56 37.11
N ARG I 192 29.22 -18.49 35.95
CA ARG I 192 28.16 -19.44 35.65
C ARG I 192 28.69 -20.87 35.65
N LEU I 193 29.76 -21.11 34.89
CA LEU I 193 30.34 -22.45 34.85
C LEU I 193 30.91 -22.86 36.20
N GLU I 194 31.54 -21.92 36.90
CA GLU I 194 32.10 -22.24 38.21
C GLU I 194 31.01 -22.65 39.20
N ILE I 195 29.90 -21.90 39.22
CA ILE I 195 28.77 -22.23 40.09
C ILE I 195 28.12 -23.54 39.66
N HIS I 196 28.08 -23.81 38.36
CA HIS I 196 27.54 -25.09 37.89
C HIS I 196 28.38 -26.25 38.41
N HIS I 197 29.70 -26.13 38.33
CA HIS I 197 30.57 -27.18 38.87
C HIS I 197 30.40 -27.31 40.38
N ARG I 198 30.29 -26.17 41.08
CA ARG I 198 30.11 -26.20 42.53
C ARG I 198 28.81 -26.91 42.91
N PHE I 199 27.73 -26.64 42.17
CA PHE I 199 26.45 -27.29 42.46
C PHE I 199 26.49 -28.77 42.12
N LYS I 200 27.18 -29.14 41.04
CA LYS I 200 27.34 -30.56 40.74
C LYS I 200 28.07 -31.27 41.86
N ASN I 201 29.15 -30.66 42.36
CA ASN I 201 29.90 -31.27 43.47
C ASN I 201 29.05 -31.33 44.73
N PHE I 202 28.24 -30.29 44.98
CA PHE I 202 27.34 -30.30 46.13
C PHE I 202 26.32 -31.43 46.02
N LEU I 203 25.77 -31.65 44.83
CA LEU I 203 24.84 -32.75 44.63
C LEU I 203 25.51 -34.10 44.84
N ARG I 204 26.73 -34.24 44.33
CA ARG I 204 27.40 -35.54 44.39
C ARG I 204 27.88 -35.87 45.79
N THR I 205 28.29 -34.85 46.56
CA THR I 205 28.97 -35.08 47.82
C THR I 205 28.10 -34.84 49.05
N HIS I 206 26.86 -34.36 48.89
CA HIS I 206 26.03 -34.07 50.04
C HIS I 206 25.61 -35.36 50.73
N VAL I 207 25.74 -35.39 52.06
CA VAL I 207 25.34 -36.52 52.88
C VAL I 207 24.55 -36.01 54.06
N ASP I 208 23.79 -36.92 54.69
CA ASP I 208 22.98 -36.57 55.84
C ASP I 208 23.86 -36.51 57.10
N SER I 209 23.21 -36.30 58.24
CA SER I 209 23.91 -36.30 59.51
C SER I 209 24.42 -37.68 59.91
N HIS I 210 23.89 -38.74 59.28
CA HIS I 210 24.29 -40.11 59.57
C HIS I 210 25.24 -40.68 58.54
N GLY I 211 25.67 -39.89 57.57
CA GLY I 211 26.63 -40.32 56.58
C GLY I 211 26.03 -40.86 55.29
N HIS I 212 24.73 -41.13 55.26
CA HIS I 212 24.10 -41.62 54.04
C HIS I 212 24.01 -40.52 53.00
N ASN I 213 24.15 -40.91 51.73
CA ASN I 213 24.02 -39.96 50.63
C ASN I 213 22.55 -39.62 50.44
N VAL I 214 22.18 -38.38 50.76
CA VAL I 214 20.77 -37.98 50.69
C VAL I 214 20.27 -38.02 49.25
N PHE I 215 21.04 -37.42 48.34
CA PHE I 215 20.60 -37.37 46.96
C PHE I 215 20.56 -38.75 46.32
N LYS I 216 21.37 -39.69 46.81
CA LYS I 216 21.28 -41.07 46.33
C LYS I 216 19.86 -41.61 46.49
N GLU I 217 19.39 -41.69 47.74
CA GLU I 217 18.06 -42.23 47.99
C GLU I 217 16.98 -41.37 47.38
N ARG I 218 17.17 -40.04 47.40
CA ARG I 218 16.16 -39.15 46.83
C ARG I 218 15.97 -39.41 45.34
N ILE I 219 17.07 -39.44 44.58
CA ILE I 219 16.97 -39.66 43.14
C ILE I 219 16.54 -41.09 42.84
N SER I 220 16.88 -42.04 43.72
CA SER I 220 16.43 -43.41 43.50
C SER I 220 14.91 -43.52 43.63
N ASP I 221 14.34 -42.93 44.69
CA ASP I 221 12.90 -42.99 44.86
C ASP I 221 12.18 -42.15 43.80
N MET I 222 12.84 -41.08 43.33
CA MET I 222 12.31 -40.33 42.20
C MET I 222 12.29 -41.19 40.95
N CYS I 223 13.34 -41.99 40.75
CA CYS I 223 13.43 -42.84 39.57
C CYS I 223 12.39 -43.95 39.60
N LYS I 224 12.10 -44.47 40.79
CA LYS I 224 11.14 -45.56 40.89
C LYS I 224 9.74 -45.19 40.42
N GLU I 225 9.43 -43.90 40.32
CA GLU I 225 8.11 -43.44 39.90
C GLU I 225 8.16 -42.52 38.69
N ASN I 226 9.33 -42.35 38.06
CA ASN I 226 9.48 -41.51 36.88
C ASN I 226 9.02 -40.07 37.14
N ARG I 227 9.54 -39.47 38.20
CA ARG I 227 9.16 -38.10 38.52
C ARG I 227 10.05 -37.10 37.80
N GLU I 228 9.67 -35.82 37.89
CA GLU I 228 10.29 -34.75 37.14
C GLU I 228 10.83 -33.63 38.03
N SER I 229 10.64 -33.69 39.34
CA SER I 229 10.96 -32.60 40.24
C SER I 229 11.92 -33.07 41.32
N LEU I 230 12.74 -32.15 41.80
CA LEU I 230 13.68 -32.41 42.88
C LEU I 230 13.57 -31.30 43.92
N VAL I 231 13.70 -31.68 45.19
CA VAL I 231 13.49 -30.77 46.32
C VAL I 231 14.82 -30.54 47.03
N VAL I 232 15.14 -29.28 47.27
CA VAL I 232 16.39 -28.89 47.92
C VAL I 232 16.07 -27.97 49.09
N ASN I 233 16.79 -28.16 50.19
CA ASN I 233 16.61 -27.37 51.40
C ASN I 233 17.61 -26.22 51.42
N TYR I 234 17.13 -25.03 51.78
CA TYR I 234 18.01 -23.86 51.83
C TYR I 234 19.02 -23.98 52.95
N GLU I 235 18.66 -24.66 54.04
CA GLU I 235 19.56 -24.80 55.17
C GLU I 235 20.82 -25.57 54.78
N ASP I 236 20.66 -26.72 54.14
CA ASP I 236 21.80 -27.50 53.69
C ASP I 236 22.59 -26.76 52.63
N LEU I 237 21.89 -26.09 51.72
CA LEU I 237 22.58 -25.33 50.66
C LEU I 237 23.45 -24.24 51.25
N ALA I 238 22.93 -23.52 52.26
CA ALA I 238 23.72 -22.49 52.92
C ALA I 238 24.88 -23.10 53.70
N ALA I 239 24.64 -24.26 54.35
CA ALA I 239 25.71 -24.90 55.12
C ALA I 239 26.86 -25.32 54.23
N ARG I 240 26.56 -25.88 53.05
CA ARG I 240 27.61 -26.41 52.20
C ARG I 240 28.28 -25.31 51.38
N GLU I 241 27.50 -24.54 50.63
CA GLU I 241 28.03 -23.49 49.76
C GLU I 241 27.30 -22.19 50.06
N HIS I 242 27.99 -21.26 50.73
CA HIS I 242 27.34 -20.07 51.26
C HIS I 242 27.06 -19.03 50.17
N VAL I 243 27.94 -18.93 49.17
CA VAL I 243 27.78 -17.88 48.17
C VAL I 243 26.52 -18.08 47.36
N LEU I 244 26.21 -19.34 47.01
CA LEU I 244 24.98 -19.61 46.26
C LEU I 244 23.76 -19.25 47.08
N ALA I 245 23.76 -19.59 48.36
CA ALA I 245 22.64 -19.23 49.22
C ALA I 245 22.48 -17.72 49.34
N TYR I 246 23.60 -17.00 49.45
CA TYR I 246 23.54 -15.54 49.53
C TYR I 246 22.99 -14.94 48.25
N PHE I 247 23.39 -15.48 47.10
CA PHE I 247 22.92 -14.91 45.83
C PHE I 247 21.51 -15.35 45.48
N LEU I 248 21.01 -16.42 46.11
CA LEU I 248 19.72 -17.00 45.76
C LEU I 248 18.55 -16.01 45.85
N PRO I 249 18.37 -15.28 46.96
CA PRO I 249 17.19 -14.41 47.05
C PRO I 249 17.14 -13.31 46.01
N GLU I 250 18.28 -12.72 45.64
CA GLU I 250 18.30 -11.54 44.78
C GLU I 250 18.56 -11.84 43.31
N ALA I 251 18.59 -13.10 42.92
CA ALA I 251 18.72 -13.47 41.51
C ALA I 251 18.13 -14.85 41.28
N PRO I 252 16.82 -15.01 41.44
CA PRO I 252 16.26 -16.37 41.49
C PRO I 252 16.24 -17.08 40.15
N ALA I 253 15.86 -16.40 39.06
CA ALA I 253 15.59 -17.09 37.81
C ALA I 253 16.83 -17.76 37.24
N GLU I 254 17.92 -17.00 37.09
CA GLU I 254 19.13 -17.54 36.48
C GLU I 254 19.76 -18.61 37.36
N LEU I 255 19.77 -18.39 38.67
CA LEU I 255 20.33 -19.39 39.57
C LEU I 255 19.52 -20.68 39.52
N LEU I 256 18.20 -20.57 39.46
CA LEU I 256 17.37 -21.76 39.34
C LEU I 256 17.62 -22.49 38.04
N GLN I 257 17.81 -21.74 36.94
CA GLN I 257 18.13 -22.37 35.67
C GLN I 257 19.46 -23.14 35.73
N ILE I 258 20.48 -22.52 36.35
CA ILE I 258 21.77 -23.18 36.48
C ILE I 258 21.64 -24.43 37.33
N PHE I 259 20.90 -24.34 38.43
CA PHE I 259 20.73 -25.50 39.31
C PHE I 259 19.97 -26.61 38.59
N ASP I 260 18.98 -26.25 37.76
CA ASP I 260 18.27 -27.24 36.97
C ASP I 260 19.21 -27.94 36.00
N GLU I 261 20.08 -27.18 35.34
CA GLU I 261 21.04 -27.81 34.43
C GLU I 261 21.95 -28.77 35.17
N ALA I 262 22.45 -28.35 36.34
CA ALA I 262 23.35 -29.20 37.11
C ALA I 262 22.65 -30.48 37.56
N ALA I 263 21.42 -30.35 38.06
CA ALA I 263 20.67 -31.52 38.49
C ALA I 263 20.38 -32.46 37.33
N LEU I 264 20.04 -31.90 36.17
CA LEU I 264 19.79 -32.74 35.00
C LEU I 264 21.06 -33.50 34.60
N GLU I 265 22.21 -32.81 34.61
CA GLU I 265 23.46 -33.48 34.29
C GLU I 265 23.76 -34.61 35.26
N VAL I 266 23.60 -34.36 36.55
CA VAL I 266 23.88 -35.39 37.56
C VAL I 266 22.94 -36.58 37.38
N VAL I 267 21.66 -36.30 37.19
CA VAL I 267 20.67 -37.37 37.07
C VAL I 267 20.93 -38.20 35.82
N LEU I 268 21.19 -37.53 34.69
CA LEU I 268 21.50 -38.25 33.46
C LEU I 268 22.78 -39.06 33.59
N ALA I 269 23.73 -38.58 34.40
CA ALA I 269 24.89 -39.40 34.73
C ALA I 269 24.48 -40.64 35.51
N MET I 270 23.53 -40.51 36.43
CA MET I 270 23.07 -41.66 37.18
C MET I 270 22.30 -42.64 36.30
N TYR I 271 21.36 -42.14 35.50
CA TYR I 271 20.56 -42.97 34.62
C TYR I 271 20.51 -42.39 33.22
N PRO I 272 20.68 -43.21 32.19
CA PRO I 272 20.71 -42.71 30.81
C PRO I 272 19.39 -42.73 30.07
N LYS I 273 18.33 -43.31 30.63
CA LYS I 273 17.08 -43.48 29.90
C LYS I 273 16.19 -42.24 29.91
N TYR I 274 16.48 -41.26 30.77
CA TYR I 274 15.58 -40.11 30.88
C TYR I 274 15.58 -39.24 29.63
N ASP I 275 16.64 -39.33 28.82
CA ASP I 275 16.61 -38.64 27.53
C ASP I 275 15.43 -39.08 26.69
N ARG I 276 14.93 -40.29 26.93
CA ARG I 276 13.72 -40.79 26.28
C ARG I 276 12.47 -40.37 27.04
N ILE I 277 12.55 -40.23 28.37
CA ILE I 277 11.38 -39.99 29.19
C ILE I 277 11.19 -38.51 29.48
N THR I 278 12.15 -37.90 30.17
CA THR I 278 12.04 -36.50 30.58
C THR I 278 13.34 -35.76 30.29
N ASN I 279 13.24 -34.69 29.51
CA ASN I 279 14.40 -33.92 29.09
C ASN I 279 14.77 -32.79 30.04
N HIS I 280 13.96 -32.54 31.08
CA HIS I 280 14.25 -31.47 32.02
C HIS I 280 13.78 -31.87 33.41
N ILE I 281 14.46 -31.32 34.42
CA ILE I 281 14.14 -31.57 35.82
C ILE I 281 14.15 -30.24 36.56
N HIS I 282 13.11 -29.99 37.34
CA HIS I 282 12.99 -28.75 38.10
C HIS I 282 13.57 -28.93 39.49
N VAL I 283 14.13 -27.84 40.03
CA VAL I 283 14.65 -27.80 41.39
C VAL I 283 13.79 -26.84 42.19
N ARG I 284 13.33 -27.29 43.35
CA ARG I 284 12.43 -26.50 44.20
C ARG I 284 13.04 -26.34 45.58
N ILE I 285 12.92 -25.14 46.14
CA ILE I 285 13.42 -24.84 47.48
C ILE I 285 12.31 -25.13 48.48
N SER I 286 12.63 -25.90 49.51
CA SER I 286 11.63 -26.35 50.48
C SER I 286 11.52 -25.43 51.69
N HIS I 287 12.61 -25.28 52.43
CA HIS I 287 12.61 -24.47 53.65
C HIS I 287 13.36 -23.17 53.41
N LEU I 288 12.99 -22.15 54.18
CA LEU I 288 13.58 -20.83 54.08
C LEU I 288 13.35 -20.11 55.40
N PRO I 289 14.09 -19.03 55.68
CA PRO I 289 13.69 -18.13 56.76
C PRO I 289 12.36 -17.48 56.41
N LEU I 290 11.38 -17.64 57.30
CA LEU I 290 10.02 -17.20 56.99
C LEU I 290 9.97 -15.72 56.67
N VAL I 291 9.27 -15.39 55.59
CA VAL I 291 9.19 -14.02 55.10
C VAL I 291 7.83 -13.46 55.47
N GLU I 292 7.74 -12.13 55.45
CA GLU I 292 6.58 -11.41 55.94
C GLU I 292 5.33 -11.78 55.16
N GLU I 293 4.17 -11.38 55.70
CA GLU I 293 2.88 -11.70 55.14
C GLU I 293 2.59 -10.83 53.92
N LEU I 294 1.35 -10.92 53.43
CA LEU I 294 0.97 -10.22 52.22
C LEU I 294 0.96 -8.70 52.39
N ARG I 295 0.85 -8.21 53.63
CA ARG I 295 0.77 -6.77 53.84
C ARG I 295 2.10 -6.08 53.56
N SER I 296 3.20 -6.73 53.92
CA SER I 296 4.49 -6.04 53.92
C SER I 296 5.14 -5.98 52.54
N LEU I 297 4.64 -6.75 51.58
CA LEU I 297 5.25 -6.78 50.26
C LEU I 297 5.15 -5.42 49.59
N ARG I 298 6.31 -4.85 49.25
CA ARG I 298 6.39 -3.49 48.73
C ARG I 298 7.43 -3.46 47.63
N GLN I 299 7.87 -2.24 47.28
CA GLN I 299 8.82 -2.05 46.19
C GLN I 299 10.15 -2.74 46.47
N LEU I 300 10.53 -2.86 47.75
CA LEU I 300 11.82 -3.44 48.08
C LEU I 300 11.89 -4.92 47.73
N HIS I 301 10.75 -5.58 47.62
CA HIS I 301 10.73 -7.02 47.40
C HIS I 301 10.64 -7.42 45.93
N LEU I 302 10.74 -6.47 45.00
CA LEU I 302 10.55 -6.79 43.60
C LEU I 302 11.73 -7.59 43.07
N ASN I 303 11.43 -8.59 42.23
CA ASN I 303 12.42 -9.48 41.63
C ASN I 303 13.26 -10.21 42.69
N GLN I 304 12.66 -10.50 43.84
CA GLN I 304 13.35 -11.23 44.89
C GLN I 304 12.68 -12.59 45.13
N LEU I 305 13.25 -13.36 46.05
CA LEU I 305 12.69 -14.63 46.48
C LEU I 305 12.00 -14.43 47.82
N ILE I 306 10.73 -14.82 47.90
CA ILE I 306 9.94 -14.62 49.10
C ILE I 306 9.19 -15.90 49.44
N ARG I 307 8.70 -15.97 50.68
CA ARG I 307 7.91 -17.08 51.17
C ARG I 307 6.71 -16.53 51.94
N THR I 308 5.51 -16.98 51.56
CA THR I 308 4.29 -16.45 52.15
C THR I 308 3.39 -17.60 52.58
N SER I 309 2.41 -17.28 53.42
CA SER I 309 1.37 -18.20 53.86
C SER I 309 0.01 -17.54 53.65
N GLY I 310 -0.96 -18.33 53.18
CA GLY I 310 -2.28 -17.77 52.92
C GLY I 310 -3.32 -18.84 52.73
N VAL I 311 -4.52 -18.41 52.31
CA VAL I 311 -5.65 -19.29 52.08
C VAL I 311 -6.07 -19.18 50.62
N VAL I 312 -6.23 -20.34 49.97
CA VAL I 312 -6.61 -20.41 48.56
C VAL I 312 -8.10 -20.09 48.45
N THR I 313 -8.45 -19.31 47.41
CA THR I 313 -9.84 -18.97 47.18
C THR I 313 -10.37 -19.39 45.81
N SER I 314 -9.53 -19.52 44.79
CA SER I 314 -10.02 -19.94 43.48
C SER I 314 -8.89 -20.61 42.71
N CYS I 315 -9.28 -21.38 41.69
CA CYS I 315 -8.34 -22.05 40.81
C CYS I 315 -8.88 -22.01 39.38
N THR I 316 -7.98 -21.88 38.41
CA THR I 316 -8.39 -21.81 37.01
C THR I 316 -8.41 -23.17 36.31
N GLY I 317 -8.01 -24.23 37.00
CA GLY I 317 -7.91 -25.52 36.33
C GLY I 317 -6.53 -25.71 35.72
N VAL I 318 -6.46 -26.63 34.77
CA VAL I 318 -5.22 -26.96 34.09
C VAL I 318 -5.27 -26.39 32.68
N LEU I 319 -4.21 -25.69 32.28
CA LEU I 319 -4.18 -25.07 30.97
C LEU I 319 -2.88 -25.42 30.23
N PRO I 320 -2.97 -25.68 28.93
CA PRO I 320 -1.77 -25.97 28.14
C PRO I 320 -1.10 -24.69 27.65
N GLN I 321 0.04 -24.37 28.22
CA GLN I 321 0.87 -23.25 27.80
C GLN I 321 1.88 -23.74 26.77
N LEU I 322 2.37 -22.81 25.94
CA LEU I 322 3.30 -23.14 24.89
C LEU I 322 4.72 -23.32 25.44
N SER I 323 5.51 -24.14 24.74
CA SER I 323 6.93 -24.28 25.02
C SER I 323 7.58 -24.95 23.82
N MET I 324 8.71 -24.42 23.37
CA MET I 324 9.36 -24.89 22.16
C MET I 324 8.39 -24.85 20.98
N VAL I 325 8.02 -23.64 20.58
CA VAL I 325 6.96 -23.45 19.59
C VAL I 325 7.54 -23.61 18.20
N LYS I 326 6.81 -24.32 17.34
CA LYS I 326 7.12 -24.41 15.92
C LYS I 326 6.06 -23.66 15.12
N TYR I 327 6.51 -22.86 14.16
CA TYR I 327 5.64 -22.01 13.38
C TYR I 327 5.64 -22.45 11.92
N ASN I 328 4.49 -22.38 11.28
CA ASN I 328 4.37 -22.61 9.85
C ASN I 328 4.27 -21.28 9.11
N CYS I 329 5.12 -21.11 8.11
CA CYS I 329 5.02 -19.95 7.23
C CYS I 329 3.75 -20.08 6.40
N ASN I 330 3.16 -18.93 6.06
CA ASN I 330 1.88 -18.92 5.37
C ASN I 330 2.02 -18.67 3.88
N LYS I 331 3.20 -18.27 3.40
CA LYS I 331 3.41 -18.15 1.97
C LYS I 331 3.91 -19.45 1.36
N CYS I 332 5.04 -19.95 1.83
CA CYS I 332 5.45 -21.32 1.61
C CYS I 332 4.90 -22.17 2.75
N ASN I 333 5.40 -23.39 2.92
CA ASN I 333 4.99 -24.21 4.04
C ASN I 333 6.16 -24.63 4.91
N PHE I 334 7.19 -23.80 5.02
CA PHE I 334 8.34 -24.14 5.84
C PHE I 334 7.96 -24.15 7.32
N VAL I 335 8.65 -24.98 8.08
CA VAL I 335 8.42 -25.10 9.52
C VAL I 335 9.59 -24.44 10.24
N LEU I 336 9.33 -23.31 10.89
CA LEU I 336 10.37 -22.62 11.63
C LEU I 336 10.73 -23.40 12.89
N GLY I 337 12.00 -23.33 13.27
CA GLY I 337 12.54 -24.14 14.34
C GLY I 337 11.96 -23.78 15.69
N PRO I 338 12.21 -24.63 16.69
CA PRO I 338 11.64 -24.39 18.02
C PRO I 338 12.18 -23.11 18.66
N PHE I 339 11.28 -22.38 19.30
CA PHE I 339 11.61 -21.15 20.01
C PHE I 339 11.15 -21.27 21.45
N CYS I 340 12.04 -20.95 22.39
CA CYS I 340 11.70 -21.06 23.81
C CYS I 340 10.76 -19.94 24.21
N GLN I 341 9.66 -20.29 24.86
CA GLN I 341 8.64 -19.32 25.25
C GLN I 341 8.97 -18.80 26.65
N SER I 342 9.41 -17.55 26.72
CA SER I 342 9.65 -16.91 28.01
C SER I 342 8.33 -16.46 28.63
N GLN I 343 8.33 -16.35 29.95
CA GLN I 343 7.12 -15.97 30.67
C GLN I 343 6.81 -14.49 30.57
N ASN I 344 7.72 -13.66 30.04
CA ASN I 344 7.50 -12.23 30.07
C ASN I 344 6.82 -11.72 28.80
N GLN I 345 7.30 -12.13 27.64
CA GLN I 345 6.78 -11.61 26.38
C GLN I 345 6.42 -12.77 25.46
N GLU I 346 5.51 -12.50 24.52
CA GLU I 346 5.17 -13.47 23.51
C GLU I 346 6.30 -13.61 22.48
N VAL I 347 6.36 -14.76 21.84
CA VAL I 347 7.38 -15.02 20.83
C VAL I 347 6.88 -14.53 19.49
N LYS I 348 7.63 -13.61 18.88
CA LYS I 348 7.30 -13.08 17.56
C LYS I 348 8.45 -13.36 16.60
N PRO I 349 8.33 -14.37 15.75
CA PRO I 349 9.42 -14.68 14.82
C PRO I 349 9.66 -13.54 13.85
N GLY I 350 10.93 -13.31 13.53
CA GLY I 350 11.30 -12.22 12.66
C GLY I 350 10.86 -12.41 11.22
N SER I 351 11.46 -13.38 10.54
CA SER I 351 11.15 -13.62 9.13
C SER I 351 11.39 -15.07 8.81
N CYS I 352 10.75 -15.54 7.74
CA CYS I 352 10.90 -16.91 7.30
C CYS I 352 12.28 -17.10 6.69
N PRO I 353 13.08 -18.07 7.13
CA PRO I 353 14.47 -18.17 6.67
C PRO I 353 14.61 -18.44 5.19
N GLU I 354 13.58 -19.00 4.54
CA GLU I 354 13.69 -19.36 3.13
C GLU I 354 13.16 -18.28 2.20
N CYS I 355 11.87 -17.97 2.30
CA CYS I 355 11.26 -16.97 1.41
C CYS I 355 11.42 -15.55 1.92
N GLN I 356 11.99 -15.36 3.11
CA GLN I 356 12.29 -14.04 3.67
C GLN I 356 11.05 -13.19 3.88
N SER I 357 9.88 -13.82 4.02
CA SER I 357 8.66 -13.05 4.27
C SER I 357 8.59 -12.59 5.71
N ALA I 358 7.90 -11.47 5.92
CA ALA I 358 7.77 -10.88 7.24
C ALA I 358 6.55 -11.38 8.00
N GLY I 359 5.72 -12.22 7.39
CA GLY I 359 4.56 -12.77 8.05
C GLY I 359 3.39 -12.93 7.11
N PRO I 360 2.25 -13.38 7.64
CA PRO I 360 1.99 -13.81 9.01
C PRO I 360 2.40 -15.25 9.27
N PHE I 361 2.46 -15.65 10.54
CA PHE I 361 2.83 -17.01 10.94
C PHE I 361 1.76 -17.58 11.87
N GLU I 362 1.60 -18.90 11.83
CA GLU I 362 0.70 -19.58 12.75
C GLU I 362 1.45 -20.72 13.43
N VAL I 363 0.86 -21.25 14.50
CA VAL I 363 1.51 -22.24 15.34
C VAL I 363 1.23 -23.64 14.76
N ASN I 364 2.30 -24.43 14.64
CA ASN I 364 2.16 -25.83 14.24
C ASN I 364 1.64 -26.60 15.45
N MET I 365 0.35 -26.97 15.42
CA MET I 365 -0.26 -27.61 16.58
C MET I 365 0.32 -28.99 16.84
N GLU I 366 0.65 -29.74 15.79
CA GLU I 366 1.07 -31.12 15.94
C GLU I 366 2.47 -31.26 16.52
N GLU I 367 3.40 -30.37 16.17
CA GLU I 367 4.79 -30.50 16.59
C GLU I 367 5.17 -29.61 17.77
N THR I 368 4.23 -28.85 18.31
CA THR I 368 4.54 -27.99 19.46
C THR I 368 4.54 -28.82 20.74
N ILE I 369 5.32 -28.37 21.72
CA ILE I 369 5.36 -28.97 23.05
C ILE I 369 4.62 -28.05 24.01
N TYR I 370 3.94 -28.65 24.98
CA TYR I 370 3.06 -27.89 25.86
C TYR I 370 3.40 -28.19 27.32
N GLN I 371 3.02 -27.24 28.18
CA GLN I 371 3.32 -27.27 29.61
C GLN I 371 2.04 -27.05 30.39
N ASN I 372 2.04 -27.50 31.64
CA ASN I 372 0.90 -27.33 32.53
C ASN I 372 0.96 -25.96 33.21
N TYR I 373 -0.19 -25.27 33.24
CA TYR I 373 -0.25 -23.91 33.78
C TYR I 373 -1.53 -23.76 34.61
N GLN I 374 -1.41 -23.10 35.76
CA GLN I 374 -2.55 -22.88 36.63
C GLN I 374 -2.36 -21.56 37.38
N ARG I 375 -3.47 -20.91 37.70
CA ARG I 375 -3.47 -19.61 38.35
C ARG I 375 -4.29 -19.67 39.64
N ILE I 376 -3.79 -19.04 40.70
CA ILE I 376 -4.37 -19.15 42.04
C ILE I 376 -4.44 -17.76 42.66
N ARG I 377 -5.53 -17.52 43.41
CA ARG I 377 -5.69 -16.32 44.20
C ARG I 377 -5.59 -16.69 45.67
N ILE I 378 -4.80 -15.92 46.43
CA ILE I 378 -4.51 -16.22 47.83
C ILE I 378 -4.92 -15.04 48.68
N GLN I 379 -5.61 -15.33 49.78
CA GLN I 379 -6.10 -14.33 50.71
C GLN I 379 -5.50 -14.59 52.08
N GLU I 380 -5.32 -13.52 52.85
CA GLU I 380 -4.83 -13.66 54.21
C GLU I 380 -5.78 -14.51 55.05
N SER I 381 -5.21 -15.27 55.97
CA SER I 381 -6.03 -16.04 56.91
C SER I 381 -6.83 -15.07 57.79
N PRO I 382 -8.14 -15.25 57.92
CA PRO I 382 -8.95 -14.29 58.69
C PRO I 382 -8.59 -14.22 60.16
N GLY I 383 -7.94 -15.24 60.72
CA GLY I 383 -7.61 -15.19 62.14
C GLY I 383 -6.44 -14.30 62.46
N LYS I 384 -5.53 -14.09 61.50
CA LYS I 384 -4.34 -13.30 61.74
C LYS I 384 -4.52 -11.83 61.40
N VAL I 385 -5.67 -11.42 60.89
CA VAL I 385 -5.89 -10.03 60.53
C VAL I 385 -6.20 -9.22 61.79
N ALA I 386 -5.47 -8.13 61.98
CA ALA I 386 -5.71 -7.27 63.13
C ALA I 386 -7.06 -6.58 63.00
N ALA I 387 -7.68 -6.31 64.15
CA ALA I 387 -8.98 -5.65 64.16
C ALA I 387 -8.86 -4.24 63.62
N GLY I 388 -9.81 -3.86 62.76
CA GLY I 388 -9.82 -2.54 62.17
C GLY I 388 -9.27 -2.44 60.77
N ARG I 389 -8.84 -3.54 60.17
CA ARG I 389 -8.33 -3.55 58.80
C ARG I 389 -8.81 -4.80 58.09
N LEU I 390 -8.65 -4.80 56.77
CA LEU I 390 -9.22 -5.89 55.99
C LEU I 390 -8.13 -6.81 55.44
N PRO I 391 -8.46 -8.07 55.21
CA PRO I 391 -7.48 -8.98 54.56
C PRO I 391 -7.21 -8.55 53.13
N ARG I 392 -5.99 -8.81 52.67
CA ARG I 392 -5.55 -8.47 51.33
C ARG I 392 -5.12 -9.73 50.59
N SER I 393 -5.22 -9.68 49.25
CA SER I 393 -5.04 -10.86 48.43
C SER I 393 -3.98 -10.60 47.36
N LYS I 394 -3.44 -11.69 46.83
CA LYS I 394 -2.46 -11.63 45.75
C LYS I 394 -2.58 -12.86 44.87
N ASP I 395 -2.04 -12.76 43.66
CA ASP I 395 -2.14 -13.83 42.68
C ASP I 395 -0.82 -14.58 42.56
N ALA I 396 -0.91 -15.87 42.24
CA ALA I 396 0.24 -16.73 42.06
C ALA I 396 0.01 -17.66 40.87
N ILE I 397 1.10 -18.18 40.31
CA ILE I 397 1.07 -19.02 39.13
C ILE I 397 1.85 -20.30 39.40
N LEU I 398 1.24 -21.44 39.10
CA LEU I 398 1.86 -22.74 39.26
C LEU I 398 2.09 -23.38 37.90
N LEU I 399 3.22 -24.05 37.74
CA LEU I 399 3.63 -24.63 36.47
C LEU I 399 4.11 -26.06 36.65
N ALA I 400 3.89 -26.86 35.62
CA ALA I 400 4.41 -28.24 35.51
C ALA I 400 3.84 -29.08 36.65
N ASP I 401 4.67 -29.61 37.55
CA ASP I 401 4.18 -30.59 38.53
C ASP I 401 3.35 -29.94 39.63
N LEU I 402 3.37 -28.60 39.73
CA LEU I 402 2.67 -27.93 40.83
C LEU I 402 1.17 -27.83 40.58
N VAL I 403 0.72 -28.16 39.37
CA VAL I 403 -0.69 -27.97 39.02
C VAL I 403 -1.55 -28.94 39.80
N ASP I 404 -2.72 -28.45 40.24
CA ASP I 404 -3.71 -29.22 40.98
C ASP I 404 -3.17 -29.78 42.30
N SER I 405 -2.24 -29.07 42.93
CA SER I 405 -1.73 -29.49 44.22
C SER I 405 -2.45 -28.84 45.39
N CYS I 406 -3.43 -27.97 45.14
CA CYS I 406 -4.17 -27.28 46.19
C CYS I 406 -5.64 -27.24 45.85
N LYS I 407 -6.48 -27.40 46.86
CA LYS I 407 -7.92 -27.25 46.72
C LYS I 407 -8.36 -25.88 47.22
N PRO I 408 -9.38 -25.28 46.63
CA PRO I 408 -9.89 -24.01 47.15
C PRO I 408 -10.39 -24.15 48.58
N GLY I 409 -10.14 -23.13 49.39
CA GLY I 409 -10.48 -23.17 50.79
C GLY I 409 -9.41 -23.75 51.69
N ASP I 410 -8.28 -24.18 51.14
CA ASP I 410 -7.20 -24.74 51.95
C ASP I 410 -6.18 -23.67 52.31
N GLU I 411 -5.34 -23.98 53.29
CA GLU I 411 -4.29 -23.09 53.74
C GLU I 411 -2.95 -23.61 53.26
N ILE I 412 -2.18 -22.75 52.57
CA ILE I 412 -0.95 -23.15 51.91
C ILE I 412 0.16 -22.17 52.26
N GLU I 413 1.39 -22.58 51.93
CA GLU I 413 2.58 -21.74 52.00
C GLU I 413 3.35 -21.89 50.69
N LEU I 414 3.72 -20.76 50.10
CA LEU I 414 4.43 -20.75 48.83
C LEU I 414 5.81 -20.12 48.98
N THR I 415 6.73 -20.60 48.14
CA THR I 415 8.01 -19.93 47.89
C THR I 415 8.00 -19.49 46.44
N GLY I 416 8.22 -18.19 46.20
CA GLY I 416 8.04 -17.66 44.87
C GLY I 416 8.88 -16.41 44.61
N ILE I 417 8.66 -15.84 43.43
CA ILE I 417 9.38 -14.68 42.94
C ILE I 417 8.40 -13.54 42.74
N TYR I 418 8.69 -12.39 43.34
CA TYR I 418 7.84 -11.22 43.27
C TYR I 418 8.23 -10.44 42.01
N HIS I 419 7.32 -10.38 41.03
CA HIS I 419 7.67 -10.04 39.66
C HIS I 419 6.91 -8.80 39.19
N ASN I 420 7.54 -8.03 38.30
CA ASN I 420 6.89 -6.97 37.52
C ASN I 420 7.06 -7.15 36.02
N ASN I 421 8.21 -7.67 35.57
CA ASN I 421 8.58 -7.62 34.17
C ASN I 421 7.77 -8.62 33.34
N TYR I 422 6.49 -8.33 33.22
CA TYR I 422 5.60 -9.02 32.29
C TYR I 422 4.78 -7.98 31.55
N ASP I 423 4.58 -8.20 30.25
CA ASP I 423 3.93 -7.20 29.42
C ASP I 423 2.51 -6.94 29.90
N GLY I 424 2.16 -5.66 29.99
CA GLY I 424 0.84 -5.26 30.45
C GLY I 424 0.75 -4.89 31.92
N SER I 425 1.87 -4.90 32.64
CA SER I 425 1.82 -4.58 34.07
C SER I 425 1.64 -3.09 34.32
N LEU I 426 2.03 -2.26 33.35
CA LEU I 426 1.97 -0.80 33.53
C LEU I 426 0.61 -0.28 33.10
N ASN I 427 0.00 0.54 33.95
CA ASN I 427 -1.27 1.20 33.62
C ASN I 427 -0.97 2.43 32.76
N THR I 428 -1.49 2.45 31.54
CA THR I 428 -1.15 3.47 30.56
C THR I 428 -2.35 4.22 30.01
N ALA I 429 -3.49 3.54 29.83
CA ALA I 429 -4.63 4.14 29.16
C ALA I 429 -5.14 5.37 29.91
N ASN I 430 -5.26 5.26 31.23
CA ASN I 430 -5.70 6.38 32.04
C ASN I 430 -5.22 6.18 33.46
N GLY I 431 -5.16 7.28 34.20
CA GLY I 431 -4.76 7.23 35.60
C GLY I 431 -3.25 7.32 35.78
N PHE I 432 -2.85 7.14 37.03
CA PHE I 432 -1.45 7.25 37.40
C PHE I 432 -0.65 6.07 36.84
N PRO I 433 0.68 6.23 36.73
CA PRO I 433 1.52 5.10 36.29
C PRO I 433 1.71 4.06 37.38
N VAL I 434 0.75 3.14 37.49
CA VAL I 434 0.69 2.13 38.53
C VAL I 434 1.02 0.77 37.94
N PHE I 435 1.87 0.01 38.63
CA PHE I 435 2.27 -1.33 38.21
C PHE I 435 1.52 -2.38 39.01
N ALA I 436 1.27 -3.52 38.37
CA ALA I 436 0.61 -4.65 39.02
C ALA I 436 1.62 -5.77 39.25
N THR I 437 1.58 -6.37 40.44
CA THR I 437 2.57 -7.37 40.82
C THR I 437 1.97 -8.78 40.80
N VAL I 438 2.81 -9.75 40.44
CA VAL I 438 2.43 -11.15 40.36
C VAL I 438 3.54 -11.99 40.99
N ILE I 439 3.14 -13.05 41.68
CA ILE I 439 4.06 -13.99 42.32
C ILE I 439 4.12 -15.25 41.48
N LEU I 440 5.34 -15.69 41.16
CA LEU I 440 5.55 -16.95 40.45
C LEU I 440 6.09 -17.98 41.43
N ALA I 441 5.29 -18.99 41.73
CA ALA I 441 5.61 -19.97 42.76
C ALA I 441 6.38 -21.15 42.18
N ASN I 442 7.10 -21.84 43.07
CA ASN I 442 7.84 -23.04 42.67
C ASN I 442 7.79 -24.13 43.72
N HIS I 443 7.00 -23.99 44.78
CA HIS I 443 6.87 -25.03 45.79
C HIS I 443 5.60 -24.77 46.60
N VAL I 444 5.04 -25.84 47.14
CA VAL I 444 3.81 -25.77 47.92
C VAL I 444 3.99 -26.56 49.21
N ALA I 445 3.60 -25.96 50.34
CA ALA I 445 3.66 -26.62 51.64
C ALA I 445 2.31 -26.45 52.32
N LYS I 446 1.62 -27.56 52.58
CA LYS I 446 0.31 -27.50 53.22
C LYS I 446 0.41 -27.14 54.70
N ASP I 458 -2.71 -53.20 55.36
CA ASP I 458 -2.63 -54.65 55.52
C ASP I 458 -2.84 -55.05 56.97
N GLU I 459 -2.00 -54.51 57.86
CA GLU I 459 -2.15 -54.81 59.28
C GLU I 459 -3.42 -54.18 59.84
N ASP I 460 -3.92 -53.12 59.20
CA ASP I 460 -5.17 -52.51 59.66
C ASP I 460 -6.34 -53.47 59.50
N VAL I 461 -6.35 -54.25 58.43
CA VAL I 461 -7.39 -55.26 58.25
C VAL I 461 -7.33 -56.29 59.36
N LYS I 462 -6.12 -56.73 59.72
CA LYS I 462 -5.97 -57.68 60.82
C LYS I 462 -6.44 -57.10 62.14
N MET I 463 -6.13 -55.82 62.38
CA MET I 463 -6.61 -55.15 63.60
C MET I 463 -8.14 -55.07 63.60
N ILE I 464 -8.74 -54.80 62.44
CA ILE I 464 -10.19 -54.74 62.34
C ILE I 464 -10.80 -56.10 62.66
N THR I 465 -10.22 -57.16 62.11
CA THR I 465 -10.71 -58.50 62.40
C THR I 465 -10.55 -58.83 63.89
N SER I 466 -9.42 -58.44 64.49
CA SER I 466 -9.21 -58.70 65.90
C SER I 466 -10.23 -57.97 66.76
N LEU I 467 -10.53 -56.71 66.43
CA LEU I 467 -11.55 -55.97 67.15
C LEU I 467 -12.92 -56.62 66.98
N SER I 468 -13.19 -57.16 65.79
CA SER I 468 -14.43 -57.90 65.59
C SER I 468 -14.48 -59.15 66.46
N LYS I 469 -13.33 -59.79 66.67
CA LYS I 469 -13.28 -60.98 67.52
C LYS I 469 -13.72 -60.68 68.95
N ASP I 470 -13.51 -59.44 69.40
CA ASP I 470 -13.97 -59.04 70.73
C ASP I 470 -15.48 -59.12 70.80
N GLN I 471 -16.00 -59.65 71.91
CA GLN I 471 -17.42 -59.94 72.02
C GLN I 471 -18.28 -58.70 72.23
N GLN I 472 -17.70 -57.59 72.69
CA GLN I 472 -18.44 -56.38 73.01
C GLN I 472 -18.07 -55.23 72.09
N ILE I 473 -17.82 -55.53 70.81
CA ILE I 473 -17.47 -54.49 69.86
C ILE I 473 -18.65 -53.56 69.61
N GLY I 474 -19.88 -54.10 69.65
CA GLY I 474 -21.05 -53.28 69.39
C GLY I 474 -21.22 -52.16 70.40
N GLU I 475 -21.07 -52.48 71.69
CA GLU I 475 -21.18 -51.46 72.72
C GLU I 475 -20.03 -50.45 72.62
N LYS I 476 -18.84 -50.91 72.23
CA LYS I 476 -17.74 -49.98 72.02
C LYS I 476 -18.07 -48.99 70.92
N ILE I 477 -18.63 -49.47 69.81
CA ILE I 477 -19.00 -48.57 68.72
C ILE I 477 -20.10 -47.62 69.15
N PHE I 478 -21.08 -48.13 69.90
CA PHE I 478 -22.18 -47.28 70.37
C PHE I 478 -21.67 -46.17 71.26
N ALA I 479 -20.74 -46.48 72.16
CA ALA I 479 -20.20 -45.46 73.07
C ALA I 479 -19.16 -44.59 72.38
N SER I 480 -18.69 -44.99 71.19
CA SER I 480 -17.66 -44.22 70.51
C SER I 480 -18.22 -42.98 69.83
N ILE I 481 -19.54 -42.91 69.66
CA ILE I 481 -20.13 -41.81 68.90
C ILE I 481 -20.34 -40.60 69.81
N ALA I 482 -19.96 -39.42 69.31
CA ALA I 482 -20.18 -38.13 69.96
C ALA I 482 -19.54 -38.08 71.35
N PRO I 483 -18.21 -38.05 71.44
CA PRO I 483 -17.58 -37.97 72.77
C PRO I 483 -17.94 -36.71 73.54
N SER I 484 -18.18 -35.60 72.85
CA SER I 484 -18.36 -34.31 73.50
C SER I 484 -19.79 -34.05 73.97
N ILE I 485 -20.74 -34.94 73.67
CA ILE I 485 -22.13 -34.76 74.07
C ILE I 485 -22.42 -35.73 75.21
N TYR I 486 -22.97 -35.21 76.30
CA TYR I 486 -23.34 -36.05 77.43
C TYR I 486 -24.76 -36.57 77.26
N GLY I 487 -24.98 -37.82 77.67
CA GLY I 487 -26.30 -38.38 77.63
C GLY I 487 -26.76 -38.73 76.21
N HIS I 488 -28.07 -38.91 76.08
CA HIS I 488 -28.70 -39.25 74.80
C HIS I 488 -28.09 -40.52 74.22
N GLU I 489 -27.96 -41.56 75.05
CA GLU I 489 -27.33 -42.80 74.61
C GLU I 489 -28.15 -43.47 73.51
N ASP I 490 -29.47 -43.39 73.60
CA ASP I 490 -30.34 -43.97 72.59
C ASP I 490 -30.12 -43.33 71.22
N ILE I 491 -29.95 -42.01 71.21
CA ILE I 491 -29.70 -41.31 69.96
C ILE I 491 -28.39 -41.78 69.33
N LYS I 492 -27.35 -41.94 70.15
CA LYS I 492 -26.07 -42.42 69.64
C LYS I 492 -26.19 -43.84 69.10
N ARG I 493 -26.94 -44.70 69.80
CA ARG I 493 -27.15 -46.06 69.32
C ARG I 493 -27.86 -46.06 67.97
N GLY I 494 -28.87 -45.21 67.81
CA GLY I 494 -29.55 -45.11 66.53
C GLY I 494 -28.65 -44.58 65.43
N LEU I 495 -27.84 -43.57 65.76
CA LEU I 495 -26.93 -43.01 64.77
C LEU I 495 -25.88 -44.04 64.36
N ALA I 496 -25.57 -44.98 65.23
CA ALA I 496 -24.65 -46.05 64.85
C ALA I 496 -25.21 -46.86 63.68
N LEU I 497 -26.46 -47.28 63.79
CA LEU I 497 -27.08 -48.03 62.70
C LEU I 497 -27.24 -47.15 61.47
N ALA I 498 -27.56 -45.87 61.67
CA ALA I 498 -27.70 -44.97 60.54
C ALA I 498 -26.39 -44.84 59.76
N LEU I 499 -25.27 -44.73 60.48
CA LEU I 499 -23.97 -44.63 59.84
C LEU I 499 -23.59 -45.93 59.13
N PHE I 500 -23.75 -47.06 59.82
CA PHE I 500 -23.35 -48.33 59.22
C PHE I 500 -24.27 -48.72 58.08
N GLY I 501 -25.57 -48.46 58.23
CA GLY I 501 -26.50 -48.68 57.13
C GLY I 501 -26.89 -50.13 56.93
N GLY I 502 -27.62 -50.36 55.84
CA GLY I 502 -28.11 -51.69 55.53
C GLY I 502 -27.72 -52.18 54.14
N GLU I 503 -28.68 -52.72 53.40
CA GLU I 503 -28.41 -53.28 52.08
C GLU I 503 -29.63 -53.15 51.17
N PRO I 504 -29.51 -52.47 50.04
CA PRO I 504 -30.66 -52.36 49.12
C PRO I 504 -30.96 -53.70 48.48
N LYS I 505 -32.23 -53.89 48.11
CA LYS I 505 -32.68 -55.11 47.48
C LYS I 505 -33.65 -54.79 46.35
N ASN I 506 -33.39 -55.39 45.18
CA ASN I 506 -34.22 -55.14 44.01
C ASN I 506 -34.32 -56.43 43.20
N PRO I 507 -35.34 -57.26 43.48
CA PRO I 507 -35.55 -58.45 42.65
C PRO I 507 -35.89 -58.08 41.22
N GLY I 508 -35.00 -58.39 40.28
CA GLY I 508 -35.19 -57.92 38.93
C GLY I 508 -35.09 -56.40 38.87
N GLY I 509 -35.87 -55.81 37.97
CA GLY I 509 -35.94 -54.37 37.88
C GLY I 509 -37.32 -53.84 38.22
N LYS I 510 -37.95 -54.44 39.23
CA LYS I 510 -39.35 -54.18 39.51
C LYS I 510 -39.59 -53.59 40.90
N HIS I 511 -39.00 -54.18 41.94
CA HIS I 511 -39.32 -53.83 43.33
C HIS I 511 -38.05 -53.34 44.02
N LYS I 512 -37.89 -52.03 44.12
CA LYS I 512 -36.72 -51.45 44.75
C LYS I 512 -36.99 -51.18 46.22
N VAL I 513 -36.08 -51.62 47.09
CA VAL I 513 -36.16 -51.37 48.53
C VAL I 513 -34.81 -50.83 48.98
N ARG I 514 -34.82 -49.65 49.60
CA ARG I 514 -33.61 -48.97 50.00
C ARG I 514 -33.02 -49.59 51.26
N GLY I 515 -31.79 -49.23 51.56
CA GLY I 515 -31.11 -49.68 52.76
C GLY I 515 -30.61 -48.53 53.61
N ASP I 516 -31.00 -47.31 53.24
CA ASP I 516 -30.58 -46.13 53.99
C ASP I 516 -31.58 -45.86 55.11
N ILE I 517 -31.06 -45.69 56.32
CA ILE I 517 -31.89 -45.50 57.51
C ILE I 517 -31.87 -44.01 57.84
N ASN I 518 -32.98 -43.33 57.57
CA ASN I 518 -33.10 -41.91 57.86
C ASN I 518 -33.35 -41.68 59.35
N VAL I 519 -32.94 -40.51 59.82
CA VAL I 519 -33.08 -40.15 61.24
C VAL I 519 -33.70 -38.78 61.35
N LEU I 520 -34.70 -38.64 62.22
CA LEU I 520 -35.31 -37.35 62.53
C LEU I 520 -35.20 -37.10 64.02
N LEU I 521 -34.81 -35.88 64.38
CA LEU I 521 -34.71 -35.46 65.78
C LEU I 521 -35.63 -34.28 66.00
N CYS I 522 -36.42 -34.31 67.07
CA CYS I 522 -37.24 -33.19 67.47
C CYS I 522 -36.93 -32.87 68.93
N GLY I 523 -36.54 -31.62 69.20
CA GLY I 523 -36.06 -31.29 70.53
C GLY I 523 -36.42 -29.88 70.94
N ASP I 524 -36.54 -29.69 72.25
CA ASP I 524 -36.67 -28.35 72.81
C ASP I 524 -35.34 -27.62 72.72
N PRO I 525 -35.36 -26.29 72.76
CA PRO I 525 -34.11 -25.53 72.62
C PRO I 525 -33.11 -25.87 73.71
N GLY I 526 -31.83 -25.82 73.35
CA GLY I 526 -30.76 -26.08 74.29
C GLY I 526 -30.40 -27.53 74.49
N THR I 527 -30.93 -28.43 73.68
CA THR I 527 -30.63 -29.85 73.80
C THR I 527 -29.47 -30.29 72.91
N ALA I 528 -28.85 -29.36 72.20
CA ALA I 528 -27.68 -29.64 71.35
C ALA I 528 -28.01 -30.64 70.25
N LYS I 529 -28.99 -30.29 69.42
CA LYS I 529 -29.28 -31.12 68.26
C LYS I 529 -28.25 -30.90 67.15
N SER I 530 -27.76 -29.66 67.01
CA SER I 530 -26.86 -29.35 65.91
C SER I 530 -25.48 -29.95 66.11
N GLN I 531 -25.07 -30.19 67.36
CA GLN I 531 -23.76 -30.76 67.62
C GLN I 531 -23.66 -32.18 67.08
N PHE I 532 -24.76 -32.94 67.14
CA PHE I 532 -24.77 -34.27 66.55
C PHE I 532 -24.51 -34.21 65.05
N LEU I 533 -25.19 -33.28 64.36
CA LEU I 533 -24.97 -33.15 62.92
C LEU I 533 -23.55 -32.72 62.61
N LYS I 534 -22.99 -31.81 63.42
CA LYS I 534 -21.61 -31.39 63.22
C LYS I 534 -20.65 -32.57 63.37
N TYR I 535 -20.86 -33.39 64.42
CA TYR I 535 -20.00 -34.55 64.62
C TYR I 535 -20.12 -35.53 63.48
N ILE I 536 -21.35 -35.76 63.01
CA ILE I 536 -21.56 -36.71 61.91
C ILE I 536 -20.86 -36.22 60.64
N GLU I 537 -20.96 -34.91 60.37
CA GLU I 537 -20.24 -34.37 59.21
C GLU I 537 -18.74 -34.54 59.36
N LYS I 538 -18.22 -34.34 60.57
CA LYS I 538 -16.79 -34.52 60.80
C LYS I 538 -16.37 -35.97 60.54
N VAL I 539 -17.16 -36.93 61.00
CA VAL I 539 -16.77 -38.33 60.91
C VAL I 539 -16.99 -38.86 59.49
N SER I 540 -18.12 -38.54 58.88
CA SER I 540 -18.49 -39.15 57.62
C SER I 540 -17.51 -38.79 56.52
N SER I 541 -17.21 -39.76 55.66
CA SER I 541 -16.30 -39.53 54.55
C SER I 541 -16.92 -38.57 53.53
N ARG I 542 -18.20 -38.76 53.21
CA ARG I 542 -18.93 -37.85 52.32
C ARG I 542 -20.20 -37.43 53.05
N ALA I 543 -20.20 -36.21 53.57
CA ALA I 543 -21.36 -35.65 54.24
C ALA I 543 -21.53 -34.20 53.81
N ILE I 544 -22.76 -33.83 53.50
CA ILE I 544 -23.11 -32.46 53.11
C ILE I 544 -23.97 -31.88 54.21
N PHE I 545 -23.75 -30.61 54.53
CA PHE I 545 -24.50 -29.92 55.58
C PHE I 545 -25.23 -28.73 54.97
N THR I 546 -26.47 -28.53 55.38
CA THR I 546 -27.24 -27.37 54.92
C THR I 546 -28.27 -26.99 55.97
N THR I 547 -28.75 -25.74 55.88
CA THR I 547 -29.76 -25.23 56.79
C THR I 547 -30.95 -24.70 56.00
N GLY I 548 -32.14 -24.92 56.54
CA GLY I 548 -33.35 -24.47 55.87
C GLY I 548 -33.75 -23.05 56.17
N GLN I 549 -33.11 -22.41 57.14
CA GLN I 549 -33.47 -21.04 57.49
C GLN I 549 -33.18 -20.07 56.34
N GLY I 550 -32.03 -20.23 55.70
CA GLY I 550 -31.69 -19.39 54.57
C GLY I 550 -30.21 -19.08 54.52
N ALA I 551 -29.79 -18.56 53.36
CA ALA I 551 -28.41 -18.15 53.14
C ALA I 551 -27.42 -19.29 53.36
N SER I 552 -27.81 -20.50 52.99
CA SER I 552 -26.93 -21.65 53.15
C SER I 552 -25.80 -21.61 52.14
N ALA I 553 -24.64 -22.15 52.54
CA ALA I 553 -23.50 -22.21 51.63
C ALA I 553 -23.80 -23.14 50.46
N VAL I 554 -24.55 -24.21 50.69
CA VAL I 554 -24.98 -25.14 49.66
C VAL I 554 -26.49 -25.15 49.64
N GLY I 555 -27.07 -24.97 48.45
CA GLY I 555 -28.52 -24.95 48.32
C GLY I 555 -29.12 -26.34 48.38
N LEU I 556 -30.45 -26.37 48.41
CA LEU I 556 -31.20 -27.62 48.48
C LEU I 556 -31.99 -27.87 47.19
N THR I 557 -31.72 -27.10 46.15
CA THR I 557 -32.43 -27.24 44.88
C THR I 557 -31.44 -27.02 43.74
N ALA I 558 -31.55 -27.86 42.71
CA ALA I 558 -30.69 -27.77 41.53
C ALA I 558 -31.11 -26.59 40.67
N TYR I 559 -30.11 -25.91 40.09
CA TYR I 559 -30.38 -24.79 39.21
C TYR I 559 -29.19 -24.58 38.28
N VAL I 560 -29.43 -23.89 37.17
CA VAL I 560 -28.40 -23.61 36.17
C VAL I 560 -28.10 -22.13 36.22
N GLN I 561 -26.82 -21.78 36.36
CA GLN I 561 -26.46 -20.39 36.60
C GLN I 561 -25.03 -20.15 36.16
N ARG I 562 -24.71 -18.88 35.88
CA ARG I 562 -23.33 -18.46 35.70
C ARG I 562 -22.71 -18.27 37.07
N HIS I 563 -21.65 -19.02 37.37
CA HIS I 563 -21.03 -18.94 38.68
C HIS I 563 -20.45 -17.56 38.90
N PRO I 564 -20.67 -16.94 40.07
CA PRO I 564 -20.13 -15.59 40.29
C PRO I 564 -18.62 -15.52 40.23
N VAL I 565 -17.92 -16.57 40.66
CA VAL I 565 -16.46 -16.52 40.74
C VAL I 565 -15.84 -16.92 39.42
N SER I 566 -16.08 -18.16 38.98
CA SER I 566 -15.44 -18.66 37.77
C SER I 566 -16.07 -18.08 36.50
N ARG I 567 -17.22 -17.42 36.61
CA ARG I 567 -17.92 -16.83 35.48
C ARG I 567 -18.23 -17.84 34.38
N GLU I 568 -18.57 -19.07 34.76
CA GLU I 568 -18.90 -20.12 33.80
C GLU I 568 -20.33 -20.60 34.00
N TRP I 569 -20.91 -21.08 32.91
CA TRP I 569 -22.29 -21.57 32.89
C TRP I 569 -22.29 -22.99 33.44
N THR I 570 -22.82 -23.17 34.64
CA THR I 570 -22.75 -24.43 35.36
C THR I 570 -24.14 -24.91 35.74
N LEU I 571 -24.26 -26.22 35.92
CA LEU I 571 -25.44 -26.86 36.49
C LEU I 571 -25.10 -27.27 37.92
N GLU I 572 -25.63 -26.53 38.89
CA GLU I 572 -25.35 -26.79 40.30
C GLU I 572 -26.51 -27.59 40.86
N ALA I 573 -26.27 -28.87 41.12
CA ALA I 573 -27.27 -29.71 41.74
C ALA I 573 -27.32 -29.44 43.24
N GLY I 574 -28.43 -29.84 43.86
CA GLY I 574 -28.64 -29.60 45.26
C GLY I 574 -27.74 -30.45 46.14
N ALA I 575 -27.87 -30.25 47.45
CA ALA I 575 -27.10 -31.05 48.40
C ALA I 575 -27.46 -32.52 48.32
N LEU I 576 -28.70 -32.83 47.94
CA LEU I 576 -29.13 -34.21 47.85
C LEU I 576 -28.37 -34.97 46.77
N VAL I 577 -28.17 -34.33 45.62
CA VAL I 577 -27.46 -35.00 44.52
C VAL I 577 -25.98 -35.15 44.85
N LEU I 578 -25.38 -34.14 45.47
CA LEU I 578 -23.95 -34.17 45.73
C LEU I 578 -23.56 -35.30 46.68
N ALA I 579 -24.47 -35.71 47.57
CA ALA I 579 -24.19 -36.76 48.55
C ALA I 579 -24.56 -38.14 48.04
N ASP I 580 -24.05 -38.57 46.89
CA ASP I 580 -24.27 -39.92 46.42
C ASP I 580 -23.55 -40.92 47.32
N ARG I 581 -24.30 -41.91 47.81
CA ARG I 581 -23.78 -42.88 48.77
C ARG I 581 -23.15 -42.18 49.96
N GLY I 582 -23.80 -41.12 50.41
CA GLY I 582 -23.28 -40.32 51.51
C GLY I 582 -24.41 -39.89 52.41
N VAL I 583 -24.11 -38.93 53.28
CA VAL I 583 -25.08 -38.45 54.27
C VAL I 583 -25.39 -36.98 53.98
N CYS I 584 -26.68 -36.64 54.05
CA CYS I 584 -27.15 -35.26 53.91
C CYS I 584 -27.75 -34.83 55.23
N LEU I 585 -27.30 -33.67 55.73
CA LEU I 585 -27.73 -33.13 57.02
C LEU I 585 -28.46 -31.82 56.80
N ILE I 586 -29.64 -31.70 57.41
CA ILE I 586 -30.48 -30.51 57.27
C ILE I 586 -30.77 -29.98 58.66
N ASP I 587 -30.43 -28.72 58.91
CA ASP I 587 -30.73 -28.05 60.17
C ASP I 587 -31.90 -27.11 59.99
N GLU I 588 -32.63 -26.88 61.09
CA GLU I 588 -33.85 -26.06 61.06
C GLU I 588 -34.83 -26.61 60.03
N PHE I 589 -35.30 -27.83 60.27
CA PHE I 589 -36.09 -28.54 59.27
C PHE I 589 -37.45 -27.88 59.03
N ASP I 590 -38.00 -27.20 60.04
CA ASP I 590 -39.33 -26.62 59.90
C ASP I 590 -39.32 -25.33 59.09
N LYS I 591 -38.19 -24.62 59.05
CA LYS I 591 -38.18 -23.30 58.45
C LYS I 591 -38.16 -23.35 56.93
N MET I 592 -38.02 -24.53 56.35
CA MET I 592 -37.89 -24.67 54.91
C MET I 592 -39.14 -24.18 54.19
N ASN I 593 -38.92 -23.58 53.02
CA ASN I 593 -40.03 -23.08 52.23
C ASN I 593 -40.61 -24.21 51.37
N ASP I 594 -41.49 -23.84 50.43
CA ASP I 594 -42.22 -24.84 49.65
C ASP I 594 -41.28 -25.65 48.76
N GLN I 595 -40.35 -24.97 48.07
CA GLN I 595 -39.49 -25.66 47.11
C GLN I 595 -38.63 -26.69 47.79
N ASP I 596 -38.04 -26.34 48.94
CA ASP I 596 -37.19 -27.28 49.66
C ASP I 596 -37.97 -28.50 50.12
N ARG I 597 -39.18 -28.30 50.63
CA ARG I 597 -40.01 -29.43 51.06
C ARG I 597 -40.34 -30.33 49.88
N THR I 598 -40.71 -29.74 48.74
CA THR I 598 -41.03 -30.54 47.57
C THR I 598 -39.84 -31.36 47.10
N SER I 599 -38.65 -30.73 47.03
CA SER I 599 -37.46 -31.43 46.60
C SER I 599 -37.09 -32.55 47.56
N ILE I 600 -37.21 -32.30 48.87
CA ILE I 600 -36.89 -33.33 49.85
C ILE I 600 -37.86 -34.50 49.73
N HIS I 601 -39.15 -34.22 49.57
CA HIS I 601 -40.12 -35.29 49.42
C HIS I 601 -39.83 -36.13 48.19
N GLU I 602 -39.53 -35.47 47.07
CA GLU I 602 -39.20 -36.21 45.85
C GLU I 602 -37.95 -37.06 46.02
N ALA I 603 -36.92 -36.51 46.69
CA ALA I 603 -35.67 -37.23 46.82
C ALA I 603 -35.79 -38.40 47.81
N MET I 604 -36.66 -38.27 48.81
CA MET I 604 -36.82 -39.33 49.78
C MET I 604 -37.72 -40.45 49.26
N GLU I 605 -38.74 -40.10 48.49
CA GLU I 605 -39.69 -41.14 48.10
C GLU I 605 -39.29 -41.82 46.79
N GLN I 606 -38.74 -41.07 45.84
CA GLN I 606 -38.33 -41.63 44.56
C GLN I 606 -36.83 -41.90 44.47
N GLN I 607 -36.02 -41.31 45.36
CA GLN I 607 -34.57 -41.44 45.34
C GLN I 607 -33.98 -41.00 44.00
N SER I 608 -34.55 -39.94 43.42
CA SER I 608 -34.01 -39.32 42.22
C SER I 608 -34.57 -37.92 42.11
N ILE I 609 -33.81 -37.03 41.49
CA ILE I 609 -34.18 -35.63 41.34
C ILE I 609 -34.30 -35.31 39.85
N SER I 610 -35.43 -34.73 39.46
CA SER I 610 -35.70 -34.39 38.07
C SER I 610 -35.52 -32.89 37.87
N ILE I 611 -34.87 -32.52 36.78
CA ILE I 611 -34.58 -31.13 36.44
C ILE I 611 -35.12 -30.83 35.06
N SER I 612 -35.88 -29.73 34.94
CA SER I 612 -36.32 -29.22 33.64
C SER I 612 -36.16 -27.70 33.68
N LYS I 613 -34.98 -27.23 33.29
CA LYS I 613 -34.65 -25.81 33.38
C LYS I 613 -33.71 -25.42 32.26
N ALA I 614 -34.00 -24.29 31.60
CA ALA I 614 -33.11 -23.69 30.62
C ALA I 614 -32.73 -24.67 29.51
N GLY I 615 -33.72 -25.41 29.02
CA GLY I 615 -33.46 -26.35 27.95
C GLY I 615 -32.77 -27.62 28.39
N ILE I 616 -32.64 -27.86 29.69
CA ILE I 616 -31.97 -29.04 30.22
C ILE I 616 -33.02 -29.89 30.92
N VAL I 617 -33.12 -31.16 30.51
CA VAL I 617 -34.01 -32.14 31.11
C VAL I 617 -33.16 -33.32 31.56
N THR I 618 -33.09 -33.54 32.87
CA THR I 618 -32.24 -34.59 33.43
C THR I 618 -32.94 -35.28 34.59
N SER I 619 -32.48 -36.48 34.89
CA SER I 619 -32.77 -37.18 36.13
C SER I 619 -31.46 -37.61 36.77
N LEU I 620 -31.29 -37.27 38.05
CA LEU I 620 -30.05 -37.53 38.76
C LEU I 620 -30.33 -38.40 39.98
N GLN I 621 -29.34 -39.22 40.34
CA GLN I 621 -29.48 -40.18 41.42
C GLN I 621 -29.29 -39.49 42.76
N ALA I 622 -30.12 -39.85 43.74
CA ALA I 622 -30.06 -39.25 45.07
C ALA I 622 -30.02 -40.33 46.15
N ARG I 623 -29.16 -41.33 45.98
CA ARG I 623 -29.00 -42.40 46.96
C ARG I 623 -28.21 -41.85 48.15
N CYS I 624 -28.93 -41.26 49.09
CA CYS I 624 -28.33 -40.63 50.24
C CYS I 624 -29.16 -40.91 51.48
N THR I 625 -28.52 -40.79 52.65
CA THR I 625 -29.18 -40.96 53.94
C THR I 625 -29.45 -39.59 54.53
N VAL I 626 -30.68 -39.39 55.00
CA VAL I 626 -31.13 -38.08 55.46
C VAL I 626 -31.22 -38.08 56.99
N ILE I 627 -30.57 -37.09 57.61
CA ILE I 627 -30.64 -36.87 59.04
C ILE I 627 -31.06 -35.42 59.25
N ALA I 628 -32.10 -35.22 60.06
CA ALA I 628 -32.69 -33.89 60.22
C ALA I 628 -32.94 -33.58 61.70
N ALA I 629 -32.98 -32.29 62.01
CA ALA I 629 -33.26 -31.79 63.36
C ALA I 629 -34.34 -30.71 63.29
N ALA I 630 -35.16 -30.62 64.34
CA ALA I 630 -36.27 -29.68 64.33
C ALA I 630 -36.71 -29.38 65.76
N ASN I 631 -37.56 -28.35 65.89
CA ASN I 631 -38.14 -27.88 67.13
C ASN I 631 -39.67 -27.97 67.08
N PRO I 632 -40.33 -28.11 68.22
CA PRO I 632 -41.80 -28.22 68.20
C PRO I 632 -42.47 -26.90 67.83
N ILE I 633 -43.78 -26.99 67.62
CA ILE I 633 -44.54 -25.85 67.12
C ILE I 633 -44.57 -24.72 68.14
N GLY I 634 -44.92 -25.03 69.38
CA GLY I 634 -45.05 -24.01 70.39
C GLY I 634 -43.76 -23.63 71.09
N GLY I 635 -42.65 -24.26 70.73
CA GLY I 635 -41.40 -24.05 71.42
C GLY I 635 -41.13 -25.00 72.57
N ARG I 636 -42.10 -25.80 72.96
CA ARG I 636 -41.92 -26.81 74.00
C ARG I 636 -42.76 -28.03 73.65
N TYR I 637 -42.19 -29.22 73.86
CA TYR I 637 -42.88 -30.45 73.52
C TYR I 637 -44.05 -30.68 74.47
N ASP I 638 -45.17 -31.13 73.91
CA ASP I 638 -46.37 -31.40 74.70
C ASP I 638 -46.58 -32.91 74.81
N PRO I 639 -46.39 -33.52 75.98
CA PRO I 639 -46.56 -34.98 76.08
C PRO I 639 -47.98 -35.45 75.83
N SER I 640 -48.98 -34.56 75.92
CA SER I 640 -50.37 -34.95 75.73
C SER I 640 -50.80 -34.98 74.26
N LEU I 641 -49.91 -34.63 73.34
CA LEU I 641 -50.22 -34.63 71.92
C LEU I 641 -49.27 -35.57 71.18
N THR I 642 -49.74 -36.06 70.03
CA THR I 642 -48.93 -36.96 69.24
C THR I 642 -47.75 -36.22 68.63
N PHE I 643 -46.82 -36.99 68.05
CA PHE I 643 -45.64 -36.38 67.43
C PHE I 643 -46.04 -35.50 66.25
N SER I 644 -47.01 -35.94 65.45
CA SER I 644 -47.42 -35.16 64.29
C SER I 644 -48.05 -33.84 64.70
N GLU I 645 -48.79 -33.81 65.81
CA GLU I 645 -49.41 -32.58 66.26
C GLU I 645 -48.39 -31.62 66.86
N ASN I 646 -47.24 -32.13 67.28
CA ASN I 646 -46.24 -31.27 67.93
C ASN I 646 -45.30 -30.63 66.92
N VAL I 647 -45.26 -31.14 65.69
CA VAL I 647 -44.27 -30.73 64.70
C VAL I 647 -44.97 -30.11 63.50
N ASP I 648 -44.34 -29.05 62.96
CA ASP I 648 -44.86 -28.34 61.79
C ASP I 648 -44.88 -29.19 60.53
N LEU I 649 -44.16 -30.31 60.52
CA LEU I 649 -44.08 -31.16 59.34
C LEU I 649 -45.39 -31.90 59.10
N THR I 650 -45.50 -32.53 57.94
CA THR I 650 -46.67 -33.29 57.57
C THR I 650 -46.45 -34.78 57.80
N GLU I 651 -47.56 -35.53 57.85
CA GLU I 651 -47.47 -36.98 58.03
C GLU I 651 -46.71 -37.68 56.92
N PRO I 652 -46.90 -37.38 55.62
CA PRO I 652 -46.12 -38.10 54.60
C PRO I 652 -44.62 -37.95 54.76
N ILE I 653 -44.15 -36.77 55.19
CA ILE I 653 -42.73 -36.57 55.37
C ILE I 653 -42.22 -37.35 56.58
N ILE I 654 -43.00 -37.36 57.66
CA ILE I 654 -42.60 -38.11 58.85
C ILE I 654 -42.55 -39.60 58.58
N SER I 655 -43.49 -40.08 57.75
CA SER I 655 -43.56 -41.52 57.48
C SER I 655 -42.30 -42.05 56.82
N ARG I 656 -41.56 -41.18 56.13
CA ARG I 656 -40.35 -41.63 55.43
C ARG I 656 -39.25 -42.03 56.41
N PHE I 657 -39.13 -41.34 57.54
CA PHE I 657 -38.03 -41.56 58.46
C PHE I 657 -38.20 -42.87 59.22
N ASP I 658 -37.12 -43.65 59.29
CA ASP I 658 -37.16 -44.91 60.03
C ASP I 658 -37.14 -44.67 61.54
N ILE I 659 -36.30 -43.74 61.99
CA ILE I 659 -36.09 -43.50 63.41
C ILE I 659 -36.50 -42.07 63.73
N LEU I 660 -37.36 -41.92 64.73
CA LEU I 660 -37.75 -40.62 65.26
C LEU I 660 -37.29 -40.55 66.71
N CYS I 661 -36.60 -39.46 67.06
CA CYS I 661 -36.12 -39.25 68.41
C CYS I 661 -36.71 -37.96 68.95
N VAL I 662 -37.13 -38.00 70.22
CA VAL I 662 -37.72 -36.86 70.90
C VAL I 662 -36.84 -36.52 72.10
N VAL I 663 -36.38 -35.27 72.15
CA VAL I 663 -35.52 -34.80 73.23
C VAL I 663 -36.32 -33.75 73.99
N ARG I 664 -36.82 -34.12 75.15
CA ARG I 664 -37.64 -33.23 75.97
C ARG I 664 -36.83 -32.75 77.16
N ASP I 665 -36.82 -31.44 77.39
CA ASP I 665 -36.09 -30.85 78.50
C ASP I 665 -36.92 -30.93 79.77
N THR I 666 -36.35 -31.51 80.82
CA THR I 666 -37.04 -31.67 82.09
C THR I 666 -36.04 -31.44 83.21
N VAL I 667 -36.48 -30.74 84.26
CA VAL I 667 -35.60 -30.32 85.34
C VAL I 667 -35.25 -31.50 86.23
N ASP I 668 -34.08 -32.09 86.00
CA ASP I 668 -33.53 -33.10 86.90
C ASP I 668 -32.29 -32.52 87.56
N PRO I 669 -32.29 -32.28 88.87
CA PRO I 669 -31.14 -31.62 89.50
C PRO I 669 -29.81 -32.33 89.29
N VAL I 670 -29.78 -33.66 89.35
CA VAL I 670 -28.51 -34.37 89.18
C VAL I 670 -28.03 -34.29 87.74
N GLN I 671 -28.93 -34.50 86.78
CA GLN I 671 -28.56 -34.43 85.37
C GLN I 671 -28.14 -33.01 85.00
N ASP I 672 -28.86 -32.01 85.50
CA ASP I 672 -28.47 -30.63 85.25
C ASP I 672 -27.11 -30.33 85.85
N GLU I 673 -26.85 -30.84 87.06
CA GLU I 673 -25.56 -30.62 87.68
C GLU I 673 -24.44 -31.23 86.85
N MET I 674 -24.64 -32.45 86.37
CA MET I 674 -23.61 -33.10 85.55
C MET I 674 -23.38 -32.37 84.24
N LEU I 675 -24.46 -31.94 83.58
CA LEU I 675 -24.32 -31.21 82.33
C LEU I 675 -23.59 -29.88 82.54
N ALA I 676 -23.94 -29.17 83.61
CA ALA I 676 -23.25 -27.92 83.91
C ALA I 676 -21.78 -28.17 84.22
N ARG I 677 -21.48 -29.25 84.94
CA ARG I 677 -20.10 -29.58 85.23
C ARG I 677 -19.31 -29.81 83.95
N PHE I 678 -19.89 -30.57 83.02
CA PHE I 678 -19.20 -30.82 81.76
C PHE I 678 -19.00 -29.53 80.97
N VAL I 679 -20.01 -28.66 80.93
CA VAL I 679 -19.90 -27.42 80.17
C VAL I 679 -18.80 -26.53 80.75
N VAL I 680 -18.80 -26.37 82.08
CA VAL I 680 -17.80 -25.51 82.70
C VAL I 680 -16.41 -26.11 82.56
N GLY I 681 -16.31 -27.44 82.63
CA GLY I 681 -15.02 -28.08 82.41
C GLY I 681 -14.49 -27.87 81.00
N SER I 682 -15.39 -27.95 80.01
CA SER I 682 -14.99 -27.68 78.64
C SER I 682 -14.53 -26.24 78.48
N HIS I 683 -15.24 -25.29 79.10
CA HIS I 683 -14.83 -23.90 79.01
C HIS I 683 -13.49 -23.65 79.69
N VAL I 684 -13.25 -24.28 80.83
CA VAL I 684 -11.99 -24.09 81.54
C VAL I 684 -10.84 -24.73 80.79
N ARG I 685 -11.07 -25.91 80.21
CA ARG I 685 -10.00 -26.64 79.53
C ARG I 685 -9.50 -25.88 78.31
N HIS I 686 -10.40 -25.28 77.55
CA HIS I 686 -10.07 -24.70 76.26
C HIS I 686 -9.62 -23.24 76.35
N HIS I 687 -9.22 -22.78 77.52
CA HIS I 687 -8.61 -21.46 77.63
C HIS I 687 -7.26 -21.48 76.93
N PRO I 688 -6.86 -20.40 76.25
CA PRO I 688 -5.61 -20.45 75.46
C PRO I 688 -4.37 -20.82 76.27
N SER I 689 -4.28 -20.38 77.53
CA SER I 689 -3.12 -20.72 78.35
C SER I 689 -3.31 -22.08 79.01
N TYR I 710 -20.18 -47.81 81.16
CA TYR I 710 -20.88 -48.90 80.48
C TYR I 710 -20.00 -49.49 79.40
N GLY I 711 -19.45 -48.62 78.55
CA GLY I 711 -18.50 -49.05 77.53
C GLY I 711 -17.10 -49.05 78.10
N VAL I 712 -16.39 -50.16 77.88
CA VAL I 712 -15.05 -50.31 78.46
C VAL I 712 -14.10 -49.28 77.89
N GLU I 713 -14.03 -49.16 76.57
CA GLU I 713 -13.14 -48.20 75.93
C GLU I 713 -13.60 -47.91 74.52
N PRO I 714 -13.88 -46.65 74.18
CA PRO I 714 -14.22 -46.30 72.80
C PRO I 714 -13.02 -46.45 71.88
N LEU I 715 -13.30 -46.82 70.63
CA LEU I 715 -12.24 -46.98 69.65
C LEU I 715 -11.74 -45.62 69.19
N PRO I 716 -10.52 -45.55 68.67
CA PRO I 716 -10.04 -44.30 68.08
C PRO I 716 -10.86 -43.91 66.86
N GLN I 717 -10.91 -42.60 66.59
CA GLN I 717 -11.73 -42.10 65.51
C GLN I 717 -11.26 -42.62 64.15
N GLU I 718 -9.94 -42.64 63.94
CA GLU I 718 -9.41 -43.18 62.68
C GLU I 718 -9.67 -44.68 62.57
N VAL I 719 -9.54 -45.41 63.69
CA VAL I 719 -9.86 -46.83 63.70
C VAL I 719 -11.34 -47.02 63.39
N LEU I 720 -12.20 -46.16 63.95
CA LEU I 720 -13.63 -46.24 63.68
C LEU I 720 -13.91 -46.01 62.20
N LYS I 721 -13.23 -45.02 61.60
CA LYS I 721 -13.41 -44.75 60.17
C LYS I 721 -13.00 -45.96 59.34
N LYS I 722 -11.84 -46.55 59.66
CA LYS I 722 -11.37 -47.72 58.91
C LYS I 722 -12.34 -48.88 59.05
N TYR I 723 -12.85 -49.10 60.27
CA TYR I 723 -13.82 -50.17 60.49
C TYR I 723 -15.09 -49.94 59.70
N ILE I 724 -15.57 -48.69 59.66
CA ILE I 724 -16.77 -48.37 58.90
C ILE I 724 -16.56 -48.65 57.42
N ILE I 725 -15.41 -48.22 56.89
CA ILE I 725 -15.13 -48.42 55.47
C ILE I 725 -15.05 -49.91 55.14
N TYR I 726 -14.32 -50.67 55.98
CA TYR I 726 -14.18 -52.10 55.73
C TYR I 726 -15.51 -52.82 55.81
N ALA I 727 -16.33 -52.48 56.81
CA ALA I 727 -17.63 -53.12 56.95
C ALA I 727 -18.54 -52.80 55.78
N LYS I 728 -18.54 -51.55 55.32
CA LYS I 728 -19.37 -51.19 54.17
C LYS I 728 -18.91 -51.92 52.92
N GLU I 729 -17.59 -52.05 52.73
CA GLU I 729 -17.07 -52.63 51.51
C GLU I 729 -17.24 -54.16 51.47
N ARG I 730 -16.95 -54.84 52.58
CA ARG I 730 -16.76 -56.28 52.55
C ARG I 730 -17.70 -57.09 53.42
N VAL I 731 -18.74 -56.49 53.99
CA VAL I 731 -19.70 -57.21 54.83
C VAL I 731 -21.06 -57.15 54.14
N HIS I 732 -21.62 -58.32 53.86
CA HIS I 732 -22.96 -58.44 53.27
C HIS I 732 -23.70 -59.54 54.00
N PRO I 733 -24.34 -59.21 55.12
CA PRO I 733 -25.09 -60.22 55.88
C PRO I 733 -26.23 -60.81 55.06
N LYS I 734 -26.53 -62.07 55.32
CA LYS I 734 -27.56 -62.82 54.61
C LYS I 734 -28.67 -63.20 55.56
N LEU I 735 -29.91 -63.10 55.08
CA LEU I 735 -31.10 -63.35 55.90
C LEU I 735 -31.53 -64.82 55.86
N ASN I 736 -30.63 -65.74 55.56
CA ASN I 736 -30.99 -67.15 55.41
C ASN I 736 -31.30 -67.85 56.72
N GLN I 737 -31.43 -67.16 57.85
CA GLN I 737 -31.74 -67.80 59.12
C GLN I 737 -32.80 -67.03 59.90
N MET I 738 -33.70 -66.35 59.19
CA MET I 738 -34.74 -65.58 59.86
C MET I 738 -35.81 -66.51 60.43
N ASP I 739 -36.48 -66.04 61.48
CA ASP I 739 -37.57 -66.77 62.11
C ASP I 739 -38.87 -66.00 61.83
N GLN I 740 -39.66 -66.52 60.90
CA GLN I 740 -40.88 -65.84 60.48
C GLN I 740 -42.01 -66.01 61.49
N ASP I 741 -42.01 -67.10 62.24
CA ASP I 741 -43.12 -67.35 63.17
C ASP I 741 -43.19 -66.28 64.25
N LYS I 742 -42.07 -66.02 64.92
CA LYS I 742 -42.05 -65.03 65.99
C LYS I 742 -42.39 -63.64 65.46
N VAL I 743 -41.84 -63.28 64.30
CA VAL I 743 -42.09 -61.98 63.71
C VAL I 743 -43.58 -61.82 63.39
N ALA I 744 -44.17 -62.83 62.78
CA ALA I 744 -45.58 -62.76 62.42
C ALA I 744 -46.45 -62.65 63.67
N LYS I 745 -46.15 -63.45 64.70
CA LYS I 745 -46.95 -63.40 65.92
C LYS I 745 -46.84 -62.04 66.59
N MET I 746 -45.61 -61.50 66.67
CA MET I 746 -45.42 -60.19 67.29
C MET I 746 -46.13 -59.09 66.50
N TYR I 747 -46.06 -59.16 65.16
CA TYR I 747 -46.73 -58.16 64.34
C TYR I 747 -48.24 -58.22 64.55
N SER I 748 -48.80 -59.44 64.60
CA SER I 748 -50.24 -59.58 64.83
C SER I 748 -50.63 -59.02 66.18
N ASP I 749 -49.84 -59.32 67.22
CA ASP I 749 -50.17 -58.83 68.56
C ASP I 749 -50.06 -57.31 68.64
N LEU I 750 -49.03 -56.75 68.00
CA LEU I 750 -48.86 -55.30 68.00
C LEU I 750 -50.03 -54.62 67.31
N ARG I 751 -50.45 -55.13 66.16
CA ARG I 751 -51.60 -54.55 65.47
C ARG I 751 -52.86 -54.69 66.31
N LYS I 752 -53.03 -55.86 66.95
CA LYS I 752 -54.20 -56.08 67.78
C LYS I 752 -54.29 -55.06 68.91
N GLU I 753 -53.20 -54.86 69.64
CA GLU I 753 -53.27 -53.94 70.77
C GLU I 753 -53.30 -52.48 70.30
N SER I 754 -52.71 -52.18 69.14
CA SER I 754 -52.83 -50.83 68.59
C SER I 754 -54.28 -50.52 68.27
N MET I 755 -55.01 -51.48 67.70
CA MET I 755 -56.43 -51.27 67.43
C MET I 755 -57.22 -51.26 68.73
N ALA I 756 -56.79 -52.03 69.73
CA ALA I 756 -57.47 -52.01 71.02
C ALA I 756 -57.38 -50.65 71.68
N THR I 757 -56.19 -50.03 71.66
CA THR I 757 -56.07 -48.65 72.14
C THR I 757 -56.84 -47.70 71.24
N GLY I 758 -56.80 -47.90 69.94
CA GLY I 758 -57.58 -47.13 69.00
C GLY I 758 -56.88 -45.92 68.39
N SER I 759 -55.57 -45.95 68.22
CA SER I 759 -54.87 -44.81 67.66
C SER I 759 -53.53 -45.26 67.08
N ILE I 760 -53.23 -44.78 65.88
CA ILE I 760 -51.95 -44.98 65.20
C ILE I 760 -51.59 -46.46 65.14
N PRO I 761 -52.27 -47.25 64.31
CA PRO I 761 -51.92 -48.67 64.20
C PRO I 761 -50.60 -48.86 63.46
N ILE I 762 -49.95 -49.99 63.76
CA ILE I 762 -48.69 -50.31 63.13
C ILE I 762 -48.93 -50.79 61.69
N THR I 763 -47.88 -50.73 60.89
CA THR I 763 -47.97 -51.17 59.50
C THR I 763 -46.75 -51.99 59.13
N VAL I 764 -46.77 -52.55 57.92
CA VAL I 764 -45.71 -53.45 57.48
C VAL I 764 -44.39 -52.72 57.36
N ARG I 765 -44.43 -51.42 57.03
CA ARG I 765 -43.20 -50.66 56.83
C ARG I 765 -42.24 -50.80 58.00
N HIS I 766 -42.76 -50.73 59.24
CA HIS I 766 -41.90 -50.86 60.41
C HIS I 766 -41.08 -52.14 60.36
N ILE I 767 -41.71 -53.26 59.99
CA ILE I 767 -40.99 -54.52 59.90
C ILE I 767 -39.79 -54.38 58.98
N GLU I 768 -39.99 -53.75 57.81
CA GLU I 768 -38.87 -53.53 56.91
C GLU I 768 -37.74 -52.81 57.62
N SER I 769 -38.06 -51.71 58.31
CA SER I 769 -37.04 -50.99 59.06
C SER I 769 -36.31 -51.94 60.00
N MET I 770 -37.06 -52.75 60.73
CA MET I 770 -36.46 -53.72 61.64
C MET I 770 -35.43 -54.56 60.90
N ILE I 771 -35.82 -55.14 59.77
CA ILE I 771 -34.90 -55.97 59.00
C ILE I 771 -33.63 -55.18 58.68
N ARG I 772 -33.81 -53.96 58.16
CA ARG I 772 -32.66 -53.14 57.85
C ARG I 772 -31.78 -52.95 59.08
N MET I 773 -32.40 -52.59 60.20
CA MET I 773 -31.63 -52.43 61.43
C MET I 773 -30.93 -53.73 61.79
N ALA I 774 -31.65 -54.85 61.66
CA ALA I 774 -31.00 -56.15 61.90
C ALA I 774 -29.77 -56.29 61.03
N GLU I 775 -29.89 -56.01 59.73
CA GLU I 775 -28.74 -56.08 58.84
C GLU I 775 -27.62 -55.18 59.37
N ALA I 776 -27.96 -53.96 59.77
CA ALA I 776 -26.95 -53.05 60.30
C ALA I 776 -26.24 -53.68 61.48
N HIS I 777 -26.99 -54.30 62.39
CA HIS I 777 -26.36 -54.93 63.54
C HIS I 777 -25.45 -56.07 63.08
N ALA I 778 -25.90 -56.85 62.10
CA ALA I 778 -25.05 -57.92 61.59
C ALA I 778 -23.82 -57.36 60.90
N ARG I 779 -23.91 -56.13 60.39
CA ARG I 779 -22.75 -55.49 59.80
C ARG I 779 -21.78 -55.02 60.88
N ILE I 780 -22.27 -54.77 62.10
CA ILE I 780 -21.41 -54.30 63.17
C ILE I 780 -20.46 -55.41 63.63
N HIS I 781 -20.98 -56.62 63.82
CA HIS I 781 -20.18 -57.74 64.29
C HIS I 781 -19.46 -58.47 63.16
N LEU I 782 -19.53 -57.94 61.94
CA LEU I 782 -18.95 -58.59 60.75
C LEU I 782 -19.54 -59.99 60.53
N ARG I 783 -20.77 -60.20 60.99
CA ARG I 783 -21.47 -61.45 60.76
C ARG I 783 -21.93 -61.53 59.31
N ASP I 784 -21.68 -62.68 58.67
CA ASP I 784 -22.18 -62.88 57.32
C ASP I 784 -23.60 -63.41 57.29
N TYR I 785 -24.17 -63.79 58.44
CA TYR I 785 -25.53 -64.30 58.51
C TYR I 785 -26.24 -63.64 59.69
N VAL I 786 -27.55 -63.50 59.55
CA VAL I 786 -28.37 -62.84 60.57
C VAL I 786 -28.80 -63.87 61.61
N ILE I 787 -28.65 -63.52 62.89
CA ILE I 787 -29.04 -64.38 64.01
C ILE I 787 -30.09 -63.64 64.84
N GLU I 788 -30.53 -64.30 65.91
CA GLU I 788 -31.66 -63.80 66.68
C GLU I 788 -31.31 -62.54 67.48
N ASP I 789 -30.05 -62.38 67.85
CA ASP I 789 -29.67 -61.22 68.67
C ASP I 789 -29.91 -59.92 67.92
N ASP I 790 -29.49 -59.84 66.66
CA ASP I 790 -29.71 -58.64 65.87
C ASP I 790 -31.19 -58.39 65.67
N VAL I 791 -31.96 -59.45 65.43
CA VAL I 791 -33.40 -59.29 65.22
C VAL I 791 -34.05 -58.74 66.47
N ASN I 792 -33.67 -59.25 67.64
CA ASN I 792 -34.27 -58.77 68.88
C ASN I 792 -33.88 -57.33 69.18
N MET I 793 -32.61 -56.96 68.90
CA MET I 793 -32.21 -55.57 69.10
C MET I 793 -32.98 -54.63 68.18
N ALA I 794 -33.14 -55.02 66.92
CA ALA I 794 -33.92 -54.20 66.00
C ALA I 794 -35.38 -54.11 66.43
N ILE I 795 -35.92 -55.20 66.97
CA ILE I 795 -37.26 -55.18 67.51
C ILE I 795 -37.37 -54.16 68.63
N ARG I 796 -36.41 -54.17 69.55
CA ARG I 796 -36.43 -53.22 70.66
C ARG I 796 -36.39 -51.78 70.15
N VAL I 797 -35.50 -51.50 69.20
CA VAL I 797 -35.36 -50.14 68.68
C VAL I 797 -36.65 -49.69 68.01
N MET I 798 -37.23 -50.54 67.16
CA MET I 798 -38.45 -50.18 66.45
C MET I 798 -39.61 -49.97 67.41
N LEU I 799 -39.72 -50.83 68.43
CA LEU I 799 -40.79 -50.69 69.41
C LEU I 799 -40.64 -49.40 70.20
N GLU I 800 -39.41 -49.06 70.60
CA GLU I 800 -39.19 -47.80 71.31
C GLU I 800 -39.60 -46.61 70.45
N SER I 801 -39.19 -46.62 69.18
CA SER I 801 -39.52 -45.51 68.28
C SER I 801 -41.03 -45.41 68.09
N PHE I 802 -41.71 -46.54 67.95
CA PHE I 802 -43.15 -46.51 67.72
C PHE I 802 -43.90 -46.03 68.95
N ILE I 803 -43.50 -46.51 70.14
CA ILE I 803 -44.21 -46.17 71.37
C ILE I 803 -43.98 -44.70 71.72
N ASP I 804 -42.77 -44.20 71.52
CA ASP I 804 -42.45 -42.84 71.97
C ASP I 804 -43.28 -41.79 71.24
N THR I 805 -43.85 -42.12 70.08
CA THR I 805 -44.63 -41.15 69.33
C THR I 805 -46.09 -41.09 69.79
N GLN I 806 -46.50 -41.95 70.71
CA GLN I 806 -47.87 -41.95 71.19
C GLN I 806 -48.05 -40.96 72.33
N LYS I 807 -49.30 -40.62 72.61
CA LYS I 807 -49.60 -39.73 73.71
C LYS I 807 -49.58 -40.49 75.04
N PHE I 808 -49.78 -39.75 76.13
CA PHE I 808 -49.54 -40.22 77.50
C PHE I 808 -50.15 -41.58 77.82
N SER I 809 -51.49 -41.67 77.76
CA SER I 809 -52.16 -42.90 78.18
C SER I 809 -51.80 -44.07 77.29
N VAL I 810 -51.82 -43.86 75.98
CA VAL I 810 -51.50 -44.93 75.04
C VAL I 810 -50.06 -45.38 75.22
N MET I 811 -49.14 -44.43 75.38
CA MET I 811 -47.74 -44.76 75.58
C MET I 811 -47.56 -45.57 76.86
N ARG I 812 -48.23 -45.17 77.94
CA ARG I 812 -48.10 -45.89 79.20
C ARG I 812 -48.63 -47.31 79.09
N SER I 813 -49.80 -47.47 78.46
CA SER I 813 -50.39 -48.80 78.32
C SER I 813 -49.49 -49.70 77.47
N MET I 814 -49.00 -49.18 76.34
CA MET I 814 -48.14 -49.99 75.47
C MET I 814 -46.84 -50.35 76.18
N ARG I 815 -46.26 -49.39 76.92
CA ARG I 815 -45.02 -49.67 77.64
C ARG I 815 -45.22 -50.75 78.69
N LYS I 816 -46.34 -50.70 79.41
CA LYS I 816 -46.62 -51.70 80.43
C LYS I 816 -46.85 -53.07 79.80
N THR I 817 -47.58 -53.12 78.68
CA THR I 817 -47.94 -54.41 78.10
C THR I 817 -46.76 -55.07 77.41
N PHE I 818 -45.94 -54.31 76.70
CA PHE I 818 -44.84 -54.85 75.92
C PHE I 818 -43.52 -54.85 76.68
N ALA I 819 -43.55 -54.96 78.01
CA ALA I 819 -42.32 -54.95 78.79
C ALA I 819 -41.45 -56.16 78.51
N ARG I 820 -42.01 -57.21 77.91
CA ARG I 820 -41.24 -58.40 77.60
C ARG I 820 -40.19 -58.11 76.53
N TYR I 821 -40.61 -57.51 75.42
CA TYR I 821 -39.71 -57.27 74.30
C TYR I 821 -38.77 -56.10 74.58
N LEU I 822 -39.28 -55.05 75.22
CA LEU I 822 -38.46 -53.87 75.46
C LEU I 822 -37.36 -54.12 76.47
N SER I 823 -37.40 -55.24 77.19
CA SER I 823 -36.40 -55.56 78.19
C SER I 823 -35.26 -56.42 77.65
N PHE I 824 -35.09 -56.47 76.33
CA PHE I 824 -34.02 -57.26 75.75
C PHE I 824 -32.68 -56.58 75.98
N ARG I 825 -31.77 -57.29 76.66
CA ARG I 825 -30.44 -56.79 77.00
C ARG I 825 -30.49 -55.52 77.84
N ARG I 826 -31.59 -55.29 78.53
CA ARG I 826 -31.73 -54.14 79.40
C ARG I 826 -31.06 -54.41 80.75
N ASP I 827 -30.97 -53.37 81.57
CA ASP I 827 -30.41 -53.47 82.92
C ASP I 827 -31.53 -53.29 83.93
N ASN I 828 -31.63 -54.23 84.87
CA ASN I 828 -32.63 -54.12 85.92
C ASN I 828 -32.35 -52.92 86.82
N ASN I 829 -31.07 -52.63 87.06
CA ASN I 829 -30.70 -51.50 87.92
C ASN I 829 -31.21 -50.19 87.34
N GLU I 830 -31.15 -50.04 86.02
CA GLU I 830 -31.67 -48.83 85.38
C GLU I 830 -33.18 -48.70 85.58
N LEU I 831 -33.90 -49.81 85.48
CA LEU I 831 -35.34 -49.79 85.72
C LEU I 831 -35.66 -49.41 87.16
N LEU I 832 -34.91 -49.97 88.11
CA LEU I 832 -35.11 -49.62 89.51
C LEU I 832 -34.80 -48.14 89.76
N LEU I 833 -33.76 -47.63 89.10
CA LEU I 833 -33.44 -46.20 89.20
C LEU I 833 -34.57 -45.35 88.64
N PHE I 834 -35.18 -45.81 87.54
CA PHE I 834 -36.32 -45.09 86.98
C PHE I 834 -37.49 -45.07 87.96
N ILE I 835 -37.76 -46.20 88.62
CA ILE I 835 -38.84 -46.26 89.60
C ILE I 835 -38.55 -45.29 90.75
N LEU I 836 -37.31 -45.31 91.24
CA LEU I 836 -36.92 -44.43 92.34
C LEU I 836 -37.06 -42.97 91.94
N LYS I 837 -36.66 -42.64 90.70
CA LYS I 837 -36.78 -41.27 90.23
C LYS I 837 -38.23 -40.85 90.12
N GLN I 838 -39.11 -41.74 89.65
CA GLN I 838 -40.52 -41.41 89.58
C GLN I 838 -41.10 -41.13 90.96
N LEU I 839 -40.76 -41.98 91.94
CA LEU I 839 -41.25 -41.77 93.30
C LEU I 839 -40.71 -40.47 93.88
N VAL I 840 -39.43 -40.18 93.64
CA VAL I 840 -38.82 -38.95 94.13
C VAL I 840 -39.51 -37.74 93.52
N ALA I 841 -39.79 -37.80 92.21
CA ALA I 841 -40.45 -36.69 91.54
C ALA I 841 -41.85 -36.47 92.10
N GLU I 842 -42.58 -37.56 92.36
CA GLU I 842 -43.90 -37.45 92.95
C GLU I 842 -43.83 -36.76 94.31
N GLN I 843 -42.89 -37.21 95.15
CA GLN I 843 -42.77 -36.63 96.48
C GLN I 843 -42.39 -35.15 96.41
N VAL I 844 -41.46 -34.80 95.51
CA VAL I 844 -41.02 -33.42 95.39
C VAL I 844 -42.17 -32.54 94.90
N THR I 845 -42.96 -33.05 93.94
CA THR I 845 -44.10 -32.28 93.45
C THR I 845 -45.12 -32.06 94.55
N TYR I 846 -45.40 -33.09 95.36
CA TYR I 846 -46.32 -32.92 96.47
C TYR I 846 -45.81 -31.89 97.46
N GLN I 847 -44.52 -31.96 97.79
CA GLN I 847 -43.94 -31.02 98.75
C GLN I 847 -44.02 -29.60 98.23
N ARG I 848 -43.70 -29.40 96.95
CA ARG I 848 -43.74 -28.06 96.38
C ARG I 848 -45.15 -27.51 96.30
N ASN I 849 -46.13 -28.37 96.00
CA ASN I 849 -47.50 -27.89 95.88
C ASN I 849 -48.11 -27.56 97.24
N ARG I 850 -47.88 -28.41 98.24
CA ARG I 850 -48.51 -28.16 99.54
C ARG I 850 -47.73 -27.13 100.35
N PHE I 851 -46.46 -27.41 100.64
CA PHE I 851 -45.67 -26.50 101.46
C PHE I 851 -45.47 -25.15 100.77
N GLY I 852 -45.41 -25.16 99.44
CA GLY I 852 -45.03 -23.98 98.70
C GLY I 852 -43.54 -23.84 98.48
N ALA I 853 -42.73 -24.69 99.08
CA ALA I 853 -41.29 -24.67 98.89
C ALA I 853 -40.74 -26.05 99.20
N GLN I 854 -39.56 -26.34 98.65
CA GLN I 854 -38.95 -27.64 98.86
C GLN I 854 -38.40 -27.75 100.28
N GLN I 855 -38.26 -28.99 100.74
CA GLN I 855 -37.63 -29.28 102.01
C GLN I 855 -36.16 -29.64 101.80
N ASP I 856 -35.40 -29.68 102.89
CA ASP I 856 -33.97 -29.90 102.83
C ASP I 856 -33.59 -31.32 102.47
N THR I 857 -34.46 -32.30 102.68
CA THR I 857 -34.14 -33.69 102.43
C THR I 857 -35.28 -34.35 101.67
N ILE I 858 -34.95 -35.43 100.96
CA ILE I 858 -35.93 -36.27 100.28
C ILE I 858 -35.78 -37.69 100.80
N GLU I 859 -36.89 -38.29 101.21
CA GLU I 859 -36.88 -39.65 101.73
C GLU I 859 -38.01 -40.45 101.10
N VAL I 860 -37.81 -41.76 100.99
CA VAL I 860 -38.81 -42.64 100.41
C VAL I 860 -38.74 -44.02 101.06
N PRO I 861 -39.87 -44.62 101.43
CA PRO I 861 -39.82 -45.97 102.01
C PRO I 861 -39.37 -47.00 101.00
N GLU I 862 -38.71 -48.04 101.50
CA GLU I 862 -38.28 -49.15 100.67
C GLU I 862 -39.45 -50.02 100.23
N LYS I 863 -40.54 -50.03 100.99
CA LYS I 863 -41.65 -50.93 100.70
C LYS I 863 -42.28 -50.62 99.34
N ASP I 864 -42.43 -49.34 99.01
CA ASP I 864 -43.00 -48.97 97.71
C ASP I 864 -42.12 -49.44 96.56
N LEU I 865 -40.80 -49.25 96.69
CA LEU I 865 -39.88 -49.71 95.66
C LEU I 865 -39.94 -51.22 95.51
N VAL I 866 -40.00 -51.94 96.63
CA VAL I 866 -40.10 -53.40 96.60
C VAL I 866 -41.39 -53.83 95.92
N ASP I 867 -42.51 -53.17 96.24
CA ASP I 867 -43.79 -53.52 95.64
C ASP I 867 -43.78 -53.30 94.13
N LYS I 868 -43.21 -52.17 93.69
CA LYS I 868 -43.17 -51.91 92.25
C LYS I 868 -42.23 -52.88 91.54
N ALA I 869 -41.11 -53.23 92.18
CA ALA I 869 -40.23 -54.24 91.60
C ALA I 869 -40.92 -55.59 91.49
N ARG I 870 -41.73 -55.95 92.50
CA ARG I 870 -42.52 -57.17 92.42
C ARG I 870 -43.51 -57.10 91.27
N GLN I 871 -44.13 -55.94 91.07
CA GLN I 871 -45.00 -55.75 89.92
C GLN I 871 -44.26 -55.95 88.61
N ILE I 872 -42.98 -55.56 88.56
CA ILE I 872 -42.13 -55.87 87.41
C ILE I 872 -41.38 -57.19 87.61
N ASN I 873 -41.76 -57.99 88.61
CA ASN I 873 -41.22 -59.33 88.85
C ASN I 873 -39.73 -59.28 89.22
N ILE I 874 -39.38 -58.36 90.12
CA ILE I 874 -38.03 -58.27 90.68
C ILE I 874 -38.15 -58.34 92.19
N HIS I 875 -37.39 -59.27 92.80
CA HIS I 875 -37.55 -59.55 94.22
C HIS I 875 -36.31 -59.24 95.07
N ASN I 876 -35.16 -58.97 94.45
CA ASN I 876 -33.95 -58.66 95.20
C ASN I 876 -33.41 -57.31 94.76
N LEU I 877 -32.95 -56.52 95.73
CA LEU I 877 -32.46 -55.18 95.46
C LEU I 877 -31.11 -54.87 96.10
N SER I 878 -30.45 -55.86 96.70
CA SER I 878 -29.15 -55.59 97.34
C SER I 878 -28.09 -55.20 96.30
N ALA I 879 -28.11 -55.86 95.15
CA ALA I 879 -27.19 -55.49 94.08
C ALA I 879 -27.45 -54.08 93.60
N PHE I 880 -28.72 -53.67 93.54
CA PHE I 880 -29.06 -52.30 93.19
C PHE I 880 -28.51 -51.32 94.21
N TYR I 881 -28.60 -51.68 95.50
CA TYR I 881 -28.02 -50.84 96.54
C TYR I 881 -26.50 -50.73 96.39
N ASP I 882 -25.85 -51.81 96.01
CA ASP I 882 -24.41 -51.82 95.81
C ASP I 882 -24.01 -51.40 94.40
N SER I 883 -24.97 -51.10 93.53
CA SER I 883 -24.66 -50.71 92.17
C SER I 883 -24.09 -49.31 92.10
N GLU I 884 -23.32 -49.05 91.04
CA GLU I 884 -22.74 -47.71 90.86
C GLU I 884 -23.80 -46.68 90.52
N LEU I 885 -24.90 -47.10 89.89
CA LEU I 885 -25.98 -46.16 89.57
C LEU I 885 -26.59 -45.59 90.85
N PHE I 886 -26.67 -46.40 91.90
CA PHE I 886 -27.21 -45.92 93.17
C PHE I 886 -26.34 -44.80 93.76
N ARG I 887 -25.02 -44.96 93.67
CA ARG I 887 -24.12 -43.95 94.24
C ARG I 887 -24.02 -42.73 93.34
N MET I 888 -24.13 -42.92 92.02
CA MET I 888 -23.96 -41.80 91.10
C MET I 888 -25.04 -40.74 91.31
N ASN I 889 -26.27 -41.18 91.54
CA ASN I 889 -27.36 -40.25 91.83
C ASN I 889 -27.39 -39.83 93.30
N LYS I 890 -26.33 -40.14 94.06
CA LYS I 890 -26.20 -39.73 95.47
C LYS I 890 -27.37 -40.24 96.31
N PHE I 891 -27.82 -41.47 96.03
CA PHE I 891 -28.79 -42.12 96.88
C PHE I 891 -28.10 -42.88 98.01
N SER I 892 -28.79 -42.98 99.15
CA SER I 892 -28.31 -43.78 100.26
C SER I 892 -29.45 -44.63 100.78
N HIS I 893 -29.12 -45.78 101.36
CA HIS I 893 -30.11 -46.67 101.94
C HIS I 893 -29.79 -46.86 103.42
N ASP I 894 -30.78 -46.63 104.27
CA ASP I 894 -30.64 -46.77 105.72
C ASP I 894 -31.48 -47.94 106.19
N LEU I 895 -30.82 -48.94 106.77
CA LEU I 895 -31.52 -50.08 107.36
C LEU I 895 -32.07 -49.77 108.74
N LYS I 896 -31.53 -48.75 109.41
CA LYS I 896 -32.05 -48.35 110.72
C LYS I 896 -33.48 -47.86 110.65
N ARG I 897 -33.92 -47.38 109.47
CA ARG I 897 -35.29 -46.95 109.27
C ARG I 897 -35.95 -47.59 108.07
N LYS I 898 -35.25 -48.48 107.35
CA LYS I 898 -35.75 -49.07 106.11
C LYS I 898 -36.17 -47.98 105.11
N MET I 899 -35.26 -47.03 104.87
CA MET I 899 -35.58 -45.87 104.06
C MET I 899 -34.50 -45.63 103.01
N ILE I 900 -34.85 -44.82 102.02
CA ILE I 900 -33.91 -44.39 100.98
C ILE I 900 -33.88 -42.87 101.02
N LEU I 901 -32.68 -42.30 101.09
CA LEU I 901 -32.47 -40.88 101.29
C LEU I 901 -31.75 -40.29 100.09
N GLN I 902 -32.19 -39.10 99.66
CA GLN I 902 -31.55 -38.33 98.60
C GLN I 902 -31.63 -36.84 98.91
N ALA J 4 -17.52 -1.40 -17.34
CA ALA J 4 -17.03 -2.67 -17.87
C ALA J 4 -17.61 -2.94 -19.25
N GLY J 5 -16.73 -3.11 -20.24
CA GLY J 5 -17.14 -3.38 -21.60
C GLY J 5 -17.33 -4.83 -21.95
N THR J 6 -17.22 -5.73 -20.98
CA THR J 6 -17.37 -7.15 -21.26
C THR J 6 -18.84 -7.49 -21.49
N VAL J 7 -19.10 -8.23 -22.58
CA VAL J 7 -20.44 -8.68 -22.92
C VAL J 7 -20.38 -10.15 -23.31
N VAL J 8 -21.55 -10.80 -23.26
CA VAL J 8 -21.69 -12.20 -23.59
C VAL J 8 -22.48 -12.31 -24.88
N LEU J 9 -22.01 -13.16 -25.79
CA LEU J 9 -22.69 -13.35 -27.07
C LEU J 9 -23.61 -14.55 -27.10
N ASP J 10 -23.17 -15.70 -26.60
CA ASP J 10 -24.01 -16.90 -26.62
C ASP J 10 -23.98 -17.58 -25.26
N ASP J 11 -25.11 -18.18 -24.90
CA ASP J 11 -25.22 -18.99 -23.70
C ASP J 11 -26.39 -19.93 -23.91
N VAL J 12 -26.08 -21.22 -24.12
CA VAL J 12 -27.12 -22.19 -24.48
C VAL J 12 -28.12 -22.35 -23.34
N GLU J 13 -27.61 -22.50 -22.11
CA GLU J 13 -28.49 -22.82 -20.99
C GLU J 13 -29.48 -21.70 -20.71
N LEU J 14 -28.99 -20.47 -20.63
CA LEU J 14 -29.88 -19.35 -20.30
C LEU J 14 -30.92 -19.12 -21.39
N ARG J 15 -30.50 -19.17 -22.65
CA ARG J 15 -31.44 -18.97 -23.74
C ARG J 15 -32.49 -20.08 -23.78
N GLU J 16 -32.07 -21.33 -23.58
CA GLU J 16 -33.02 -22.44 -23.57
C GLU J 16 -33.98 -22.33 -22.41
N ALA J 17 -33.50 -21.94 -21.22
CA ALA J 17 -34.39 -21.78 -20.08
C ALA J 17 -35.41 -20.67 -20.33
N GLN J 18 -34.97 -19.56 -20.92
CA GLN J 18 -35.90 -18.48 -21.24
C GLN J 18 -36.94 -18.96 -22.24
N ARG J 19 -36.53 -19.73 -23.25
CA ARG J 19 -37.48 -20.27 -24.21
C ARG J 19 -38.48 -21.21 -23.52
N ASP J 20 -38.00 -22.02 -22.58
CA ASP J 20 -38.87 -22.94 -21.87
C ASP J 20 -39.91 -22.18 -21.06
N TYR J 21 -39.51 -21.11 -20.38
CA TYR J 21 -40.49 -20.31 -19.65
C TYR J 21 -41.45 -19.59 -20.59
N LEU J 22 -40.96 -19.17 -21.76
CA LEU J 22 -41.84 -18.56 -22.75
C LEU J 22 -42.93 -19.54 -23.17
N ASP J 23 -42.56 -20.79 -23.40
CA ASP J 23 -43.56 -21.80 -23.75
C ASP J 23 -44.44 -22.15 -22.55
N PHE J 24 -43.89 -22.06 -21.33
CA PHE J 24 -44.66 -22.36 -20.13
C PHE J 24 -45.79 -21.36 -19.94
N LEU J 25 -45.52 -20.07 -20.19
CA LEU J 25 -46.52 -19.05 -19.90
C LEU J 25 -47.32 -18.61 -21.12
N ASP J 26 -47.45 -19.45 -22.15
CA ASP J 26 -48.21 -19.05 -23.34
C ASP J 26 -49.71 -19.12 -23.09
N ASP J 27 -50.21 -20.32 -22.74
CA ASP J 27 -51.63 -20.55 -22.46
C ASP J 27 -52.51 -20.16 -23.64
N GLU J 28 -52.21 -20.71 -24.82
CA GLU J 28 -53.05 -20.57 -26.00
C GLU J 28 -53.71 -21.88 -26.40
N GLU J 29 -52.92 -22.94 -26.55
CA GLU J 29 -53.41 -24.27 -26.89
C GLU J 29 -53.69 -25.10 -25.66
N ASP J 30 -53.74 -24.47 -24.49
CA ASP J 30 -53.90 -25.18 -23.23
C ASP J 30 -55.01 -24.51 -22.43
N GLN J 31 -55.39 -25.15 -21.34
CA GLN J 31 -56.39 -24.61 -20.42
C GLN J 31 -55.76 -23.71 -19.36
N GLY J 32 -54.59 -23.15 -19.63
CA GLY J 32 -53.92 -22.35 -18.62
C GLY J 32 -54.67 -21.07 -18.31
N ILE J 33 -54.35 -20.51 -17.15
CA ILE J 33 -55.06 -19.34 -16.64
C ILE J 33 -54.15 -18.12 -16.51
N TYR J 34 -52.84 -18.29 -16.71
CA TYR J 34 -51.88 -17.24 -16.41
C TYR J 34 -52.11 -15.98 -17.23
N GLN J 35 -52.74 -16.10 -18.40
CA GLN J 35 -53.06 -14.92 -19.19
C GLN J 35 -54.03 -14.01 -18.45
N SER J 36 -55.10 -14.59 -17.89
CA SER J 36 -56.03 -13.81 -17.09
C SER J 36 -55.38 -13.29 -15.82
N LYS J 37 -54.42 -14.04 -15.28
CA LYS J 37 -53.67 -13.56 -14.12
C LYS J 37 -52.87 -12.31 -14.46
N VAL J 38 -52.22 -12.31 -15.63
CA VAL J 38 -51.47 -11.14 -16.06
C VAL J 38 -52.41 -9.96 -16.29
N ARG J 39 -53.57 -10.23 -16.90
CA ARG J 39 -54.54 -9.16 -17.10
C ARG J 39 -55.04 -8.60 -15.77
N GLU J 40 -55.24 -9.47 -14.78
CA GLU J 40 -55.61 -9.02 -13.44
C GLU J 40 -54.52 -8.17 -12.81
N LEU J 41 -53.26 -8.57 -13.00
CA LEU J 41 -52.15 -7.78 -12.47
C LEU J 41 -52.10 -6.40 -13.10
N ILE J 42 -52.32 -6.34 -14.42
CA ILE J 42 -52.36 -5.05 -15.11
C ILE J 42 -53.52 -4.21 -14.58
N SER J 43 -54.67 -4.85 -14.33
CA SER J 43 -55.82 -4.13 -13.81
C SER J 43 -55.57 -3.58 -12.41
N ASP J 44 -54.86 -4.36 -11.58
CA ASP J 44 -54.65 -4.00 -10.17
C ASP J 44 -53.36 -3.23 -9.93
N ASN J 45 -52.59 -2.94 -10.98
CA ASN J 45 -51.35 -2.18 -10.90
C ASN J 45 -50.28 -2.87 -10.05
N GLN J 46 -50.42 -4.16 -9.79
CA GLN J 46 -49.41 -4.93 -9.07
C GLN J 46 -48.37 -5.44 -10.06
N TYR J 47 -47.20 -5.84 -9.53
CA TYR J 47 -46.08 -6.14 -10.40
C TYR J 47 -45.35 -7.42 -10.02
N ARG J 48 -46.07 -8.45 -9.61
CA ARG J 48 -45.46 -9.75 -9.37
C ARG J 48 -46.49 -10.85 -9.58
N LEU J 49 -46.02 -12.06 -9.85
CA LEU J 49 -46.88 -13.21 -10.13
C LEU J 49 -46.52 -14.37 -9.22
N ILE J 50 -47.52 -15.21 -8.94
CA ILE J 50 -47.35 -16.43 -8.17
C ILE J 50 -47.66 -17.62 -9.08
N VAL J 51 -46.74 -18.56 -9.16
CA VAL J 51 -46.85 -19.72 -10.05
C VAL J 51 -46.70 -20.99 -9.23
N ASN J 52 -47.58 -21.95 -9.48
CA ASN J 52 -47.58 -23.21 -8.76
C ASN J 52 -46.36 -24.03 -9.18
N VAL J 53 -45.61 -24.52 -8.20
CA VAL J 53 -44.45 -25.37 -8.49
C VAL J 53 -44.90 -26.72 -9.02
N ASN J 54 -45.96 -27.29 -8.46
CA ASN J 54 -46.46 -28.57 -8.95
C ASN J 54 -46.92 -28.48 -10.39
N ASP J 55 -47.55 -27.36 -10.76
CA ASP J 55 -47.95 -27.16 -12.15
C ASP J 55 -46.75 -27.16 -13.08
N LEU J 56 -45.69 -26.47 -12.69
CA LEU J 56 -44.47 -26.44 -13.50
C LEU J 56 -43.87 -27.83 -13.62
N ARG J 57 -43.83 -28.58 -12.51
CA ARG J 57 -43.29 -29.92 -12.54
C ARG J 57 -44.11 -30.82 -13.45
N ARG J 58 -45.43 -30.70 -13.41
CA ARG J 58 -46.28 -31.49 -14.31
C ARG J 58 -46.01 -31.14 -15.77
N LYS J 59 -45.91 -29.84 -16.08
CA LYS J 59 -45.69 -29.43 -17.46
C LYS J 59 -44.24 -29.71 -17.88
N ASN J 60 -43.29 -29.37 -17.01
CA ASN J 60 -41.86 -29.52 -17.34
C ASN J 60 -41.12 -29.88 -16.06
N GLU J 61 -40.80 -31.17 -15.89
CA GLU J 61 -40.18 -31.61 -14.65
C GLU J 61 -38.72 -31.15 -14.56
N LYS J 62 -38.01 -31.10 -15.69
CA LYS J 62 -36.60 -30.73 -15.65
C LYS J 62 -36.42 -29.28 -15.21
N ARG J 63 -37.28 -28.39 -15.70
CA ARG J 63 -37.20 -26.99 -15.28
C ARG J 63 -37.48 -26.85 -13.79
N ALA J 64 -38.47 -27.57 -13.29
CA ALA J 64 -38.76 -27.53 -11.87
C ALA J 64 -37.59 -28.03 -11.04
N ASN J 65 -36.97 -29.13 -11.48
CA ASN J 65 -35.81 -29.67 -10.77
C ASN J 65 -34.68 -28.66 -10.74
N ARG J 66 -34.40 -28.02 -11.89
CA ARG J 66 -33.32 -27.04 -11.95
C ARG J 66 -33.63 -25.82 -11.08
N LEU J 67 -34.89 -25.37 -11.11
CA LEU J 67 -35.27 -24.20 -10.33
C LEU J 67 -35.15 -24.46 -8.83
N LEU J 68 -35.60 -25.64 -8.39
CA LEU J 68 -35.47 -25.97 -6.97
C LEU J 68 -34.01 -26.14 -6.57
N ASN J 69 -33.21 -26.78 -7.44
CA ASN J 69 -31.80 -26.98 -7.11
C ASN J 69 -30.97 -25.71 -7.31
N ASN J 70 -31.29 -24.91 -8.32
CA ASN J 70 -30.59 -23.65 -8.57
C ASN J 70 -31.63 -22.55 -8.70
N ALA J 71 -31.49 -21.50 -7.89
CA ALA J 71 -32.55 -20.51 -7.74
C ALA J 71 -32.30 -19.25 -8.56
N PHE J 72 -31.13 -18.61 -8.35
CA PHE J 72 -30.94 -17.24 -8.80
C PHE J 72 -31.06 -17.11 -10.32
N GLU J 73 -30.31 -17.93 -11.07
CA GLU J 73 -30.32 -17.83 -12.52
C GLU J 73 -31.71 -18.13 -13.08
N GLU J 74 -32.35 -19.17 -12.57
CA GLU J 74 -33.69 -19.52 -13.04
C GLU J 74 -34.69 -18.43 -12.72
N LEU J 75 -34.57 -17.82 -11.54
CA LEU J 75 -35.45 -16.70 -11.19
C LEU J 75 -35.23 -15.52 -12.12
N VAL J 76 -33.97 -15.27 -12.48
CA VAL J 76 -33.68 -14.19 -13.43
C VAL J 76 -34.35 -14.48 -14.77
N ALA J 77 -34.28 -15.74 -15.22
CA ALA J 77 -34.94 -16.12 -16.46
C ALA J 77 -36.45 -15.93 -16.37
N PHE J 78 -37.04 -16.31 -15.24
CA PHE J 78 -38.47 -16.06 -15.01
C PHE J 78 -38.80 -14.59 -15.15
N GLN J 79 -38.02 -13.73 -14.50
CA GLN J 79 -38.30 -12.31 -14.53
C GLN J 79 -38.18 -11.75 -15.94
N ARG J 80 -37.18 -12.21 -16.70
CA ARG J 80 -37.04 -11.79 -18.08
C ARG J 80 -38.24 -12.21 -18.91
N ALA J 81 -38.71 -13.45 -18.72
CA ALA J 81 -39.88 -13.92 -19.45
C ALA J 81 -41.13 -13.13 -19.10
N LEU J 82 -41.29 -12.78 -17.82
CA LEU J 82 -42.41 -11.94 -17.42
C LEU J 82 -42.33 -10.59 -18.11
N LYS J 83 -41.14 -9.99 -18.16
CA LYS J 83 -41.01 -8.70 -18.84
C LYS J 83 -41.40 -8.84 -20.31
N ASP J 84 -40.95 -9.93 -20.95
CA ASP J 84 -41.28 -10.12 -22.36
C ASP J 84 -42.78 -10.24 -22.58
N PHE J 85 -43.46 -11.05 -21.76
CA PHE J 85 -44.89 -11.25 -21.99
C PHE J 85 -45.73 -10.04 -21.59
N VAL J 86 -45.31 -9.31 -20.54
CA VAL J 86 -46.00 -8.08 -20.20
C VAL J 86 -45.86 -7.06 -21.33
N ALA J 87 -44.66 -6.98 -21.93
CA ALA J 87 -44.49 -6.12 -23.10
C ALA J 87 -45.36 -6.59 -24.25
N SER J 88 -45.46 -7.91 -24.44
CA SER J 88 -46.24 -8.45 -25.55
C SER J 88 -47.71 -8.11 -25.41
N ILE J 89 -48.30 -8.39 -24.24
CA ILE J 89 -49.73 -8.14 -24.06
C ILE J 89 -50.01 -6.65 -24.06
N ASP J 90 -49.23 -5.88 -23.29
CA ASP J 90 -49.43 -4.44 -23.20
C ASP J 90 -48.08 -3.80 -22.91
N ALA J 91 -47.41 -3.31 -23.97
CA ALA J 91 -46.09 -2.72 -23.79
C ALA J 91 -46.15 -1.42 -23.01
N THR J 92 -47.30 -0.73 -23.01
CA THR J 92 -47.40 0.54 -22.31
C THR J 92 -47.24 0.37 -20.81
N TYR J 93 -47.84 -0.68 -20.24
CA TYR J 93 -47.79 -0.87 -18.79
C TYR J 93 -46.40 -1.27 -18.33
N ALA J 94 -45.63 -1.95 -19.19
CA ALA J 94 -44.31 -2.41 -18.78
C ALA J 94 -43.33 -1.26 -18.62
N LYS J 95 -43.70 -0.06 -19.06
CA LYS J 95 -42.80 1.08 -18.95
C LYS J 95 -42.68 1.57 -17.51
N GLN J 96 -43.73 1.37 -16.71
CA GLN J 96 -43.76 1.94 -15.37
C GLN J 96 -42.69 1.33 -14.48
N TYR J 97 -42.54 0.01 -14.52
CA TYR J 97 -41.67 -0.70 -13.59
C TYR J 97 -40.42 -1.22 -14.29
N GLU J 98 -39.31 -1.23 -13.56
CA GLU J 98 -38.06 -1.73 -14.10
C GLU J 98 -38.16 -3.22 -14.43
N GLU J 99 -38.36 -4.05 -13.41
CA GLU J 99 -38.47 -5.49 -13.60
C GLU J 99 -39.52 -6.05 -12.66
N PHE J 100 -40.22 -7.08 -13.12
CA PHE J 100 -41.24 -7.75 -12.34
C PHE J 100 -40.65 -8.96 -11.62
N TYR J 101 -41.44 -9.55 -10.73
CA TYR J 101 -40.96 -10.61 -9.86
C TYR J 101 -41.89 -11.82 -9.90
N VAL J 102 -41.38 -12.94 -9.39
CA VAL J 102 -42.08 -14.22 -9.42
C VAL J 102 -42.24 -14.74 -7.99
N GLY J 103 -43.45 -15.18 -7.66
CA GLY J 103 -43.68 -15.91 -6.43
C GLY J 103 -43.77 -17.40 -6.69
N LEU J 104 -43.67 -18.22 -5.64
CA LEU J 104 -43.75 -19.66 -5.77
C LEU J 104 -44.81 -20.22 -4.83
N GLU J 105 -45.42 -21.32 -5.25
CA GLU J 105 -46.53 -21.92 -4.51
C GLU J 105 -46.62 -23.39 -4.90
N GLY J 106 -47.25 -24.17 -4.03
CA GLY J 106 -47.40 -25.59 -4.23
C GLY J 106 -46.66 -26.38 -3.16
N SER J 107 -46.79 -27.70 -3.27
CA SER J 107 -46.17 -28.61 -2.31
C SER J 107 -44.73 -28.86 -2.73
N PHE J 108 -43.78 -28.32 -1.96
CA PHE J 108 -42.38 -28.51 -2.28
C PHE J 108 -41.85 -29.89 -1.91
N GLY J 109 -42.56 -30.61 -1.04
CA GLY J 109 -42.17 -31.96 -0.68
C GLY J 109 -41.02 -32.04 0.30
N SER J 110 -39.88 -32.54 -0.17
CA SER J 110 -38.73 -32.71 0.71
C SER J 110 -38.19 -31.38 1.22
N LYS J 111 -38.34 -30.33 0.41
CA LYS J 111 -37.81 -29.03 0.79
C LYS J 111 -38.69 -28.31 1.81
N HIS J 112 -39.85 -28.85 2.15
CA HIS J 112 -40.64 -28.31 3.24
C HIS J 112 -39.89 -28.50 4.54
N VAL J 113 -39.32 -27.41 5.08
CA VAL J 113 -38.31 -27.50 6.12
C VAL J 113 -38.65 -26.55 7.26
N SER J 114 -38.56 -27.08 8.48
CA SER J 114 -38.74 -26.36 9.73
C SER J 114 -37.51 -25.51 10.05
N PRO J 115 -37.66 -24.44 10.82
CA PRO J 115 -36.49 -23.61 11.17
C PRO J 115 -35.41 -24.40 11.89
N ARG J 116 -35.79 -25.48 12.58
CA ARG J 116 -34.82 -26.34 13.22
C ARG J 116 -34.06 -27.22 12.23
N THR J 117 -34.68 -27.58 11.11
CA THR J 117 -34.08 -28.51 10.15
C THR J 117 -33.47 -27.81 8.94
N LEU J 118 -33.40 -26.48 8.93
CA LEU J 118 -32.66 -25.80 7.87
C LEU J 118 -31.16 -26.05 8.06
N THR J 119 -30.51 -26.49 6.99
CA THR J 119 -29.10 -26.83 7.06
C THR J 119 -28.38 -26.22 5.86
N SER J 120 -27.06 -26.39 5.85
CA SER J 120 -26.25 -25.90 4.74
C SER J 120 -26.49 -26.71 3.47
N CYS J 121 -27.15 -27.86 3.59
CA CYS J 121 -27.45 -28.67 2.41
C CYS J 121 -28.44 -27.97 1.48
N PHE J 122 -29.27 -27.08 2.02
CA PHE J 122 -30.27 -26.38 1.23
C PHE J 122 -29.81 -25.00 0.77
N LEU J 123 -28.53 -24.67 0.92
CA LEU J 123 -28.05 -23.36 0.52
C LEU J 123 -28.20 -23.15 -0.98
N SER J 124 -28.52 -21.92 -1.37
CA SER J 124 -28.71 -21.47 -2.74
C SER J 124 -29.95 -22.07 -3.39
N CYS J 125 -30.80 -22.77 -2.64
CA CYS J 125 -32.04 -23.33 -3.16
C CYS J 125 -33.24 -22.56 -2.61
N VAL J 126 -34.41 -22.85 -3.17
CA VAL J 126 -35.66 -22.28 -2.70
C VAL J 126 -36.26 -23.20 -1.66
N VAL J 127 -36.56 -22.66 -0.48
CA VAL J 127 -37.05 -23.45 0.64
C VAL J 127 -38.36 -22.84 1.14
N CYS J 128 -39.13 -23.67 1.84
CA CYS J 128 -40.37 -23.28 2.48
C CYS J 128 -40.26 -23.52 3.98
N VAL J 129 -40.75 -22.56 4.77
CA VAL J 129 -40.60 -22.61 6.22
C VAL J 129 -41.88 -22.11 6.88
N GLU J 130 -42.27 -22.74 7.98
CA GLU J 130 -43.45 -22.35 8.74
C GLU J 130 -42.99 -21.91 10.13
N GLY J 131 -43.46 -20.74 10.56
CA GLY J 131 -43.00 -20.23 11.84
C GLY J 131 -43.87 -19.12 12.36
N ILE J 132 -43.44 -18.51 13.46
CA ILE J 132 -44.10 -17.37 14.07
C ILE J 132 -43.15 -16.18 14.04
N VAL J 133 -43.71 -14.98 13.98
CA VAL J 133 -42.93 -13.75 13.85
C VAL J 133 -42.70 -13.17 15.23
N THR J 134 -41.45 -12.81 15.52
CA THR J 134 -41.10 -12.29 16.83
C THR J 134 -40.52 -10.87 16.81
N LYS J 135 -39.72 -10.51 15.82
CA LYS J 135 -39.13 -9.19 15.75
C LYS J 135 -39.39 -8.57 14.38
N CYS J 136 -39.72 -7.28 14.40
CA CYS J 136 -39.91 -6.50 13.18
C CYS J 136 -39.20 -5.16 13.35
N SER J 137 -38.86 -4.55 12.23
CA SER J 137 -38.13 -3.29 12.23
C SER J 137 -38.88 -2.24 11.41
N LEU J 138 -38.52 -0.98 11.62
CA LEU J 138 -39.17 0.11 10.92
C LEU J 138 -38.85 0.07 9.44
N VAL J 139 -39.76 0.58 8.63
CA VAL J 139 -39.59 0.61 7.17
C VAL J 139 -38.60 1.71 6.82
N ARG J 140 -37.60 1.36 6.01
CA ARG J 140 -36.62 2.38 5.65
C ARG J 140 -36.43 2.45 4.15
N PRO J 141 -36.33 3.65 3.57
CA PRO J 141 -36.07 3.75 2.14
C PRO J 141 -34.59 3.53 1.80
N LYS J 142 -34.37 3.09 0.56
CA LYS J 142 -33.05 2.81 0.02
C LYS J 142 -32.94 3.41 -1.37
N VAL J 143 -31.80 4.02 -1.66
CA VAL J 143 -31.60 4.74 -2.91
C VAL J 143 -31.30 3.77 -4.04
N VAL J 144 -31.89 4.00 -5.21
CA VAL J 144 -31.63 3.17 -6.38
C VAL J 144 -31.07 4.02 -7.51
N ARG J 145 -31.70 5.16 -7.79
CA ARG J 145 -31.26 6.09 -8.82
C ARG J 145 -31.23 7.49 -8.24
N SER J 146 -30.09 8.17 -8.40
CA SER J 146 -29.86 9.48 -7.81
C SER J 146 -29.75 10.53 -8.90
N VAL J 147 -30.28 11.73 -8.63
CA VAL J 147 -30.28 12.82 -9.60
C VAL J 147 -29.77 14.08 -8.92
N HIS J 148 -28.85 14.79 -9.56
CA HIS J 148 -28.23 15.98 -9.02
C HIS J 148 -28.24 17.11 -10.03
N TYR J 149 -28.20 18.35 -9.53
CA TYR J 149 -28.24 19.54 -10.36
C TYR J 149 -27.13 20.50 -9.94
N CYS J 150 -26.55 21.20 -10.92
CA CYS J 150 -25.45 22.13 -10.66
C CYS J 150 -25.88 23.56 -10.97
N PRO J 151 -26.15 24.39 -9.97
CA PRO J 151 -26.53 25.79 -10.26
C PRO J 151 -25.45 26.58 -10.97
N ALA J 152 -24.18 26.21 -10.78
CA ALA J 152 -23.09 26.95 -11.41
C ALA J 152 -23.07 26.77 -12.92
N THR J 153 -23.32 25.55 -13.41
CA THR J 153 -23.25 25.27 -14.83
C THR J 153 -24.59 24.89 -15.43
N LYS J 154 -25.66 24.84 -14.64
CA LYS J 154 -27.01 24.53 -15.13
C LYS J 154 -27.05 23.19 -15.86
N LYS J 155 -26.48 22.17 -15.23
CA LYS J 155 -26.45 20.83 -15.78
C LYS J 155 -26.92 19.84 -14.72
N THR J 156 -27.67 18.83 -15.15
CA THR J 156 -28.19 17.81 -14.27
C THR J 156 -27.61 16.46 -14.67
N ILE J 157 -27.26 15.65 -13.67
CA ILE J 157 -26.68 14.33 -13.89
C ILE J 157 -27.47 13.31 -13.10
N GLU J 158 -27.30 12.04 -13.48
CA GLU J 158 -27.98 10.92 -12.84
C GLU J 158 -27.00 9.76 -12.66
N ARG J 159 -27.06 9.12 -11.50
CA ARG J 159 -26.24 7.97 -11.18
C ARG J 159 -27.11 6.78 -10.82
N ARG J 160 -26.72 5.60 -11.30
CA ARG J 160 -27.46 4.37 -11.05
C ARG J 160 -26.74 3.52 -10.02
N TYR J 161 -27.51 2.90 -9.14
CA TYR J 161 -26.99 2.05 -8.08
C TYR J 161 -27.53 0.64 -8.23
N SER J 162 -26.67 -0.35 -7.99
CA SER J 162 -27.07 -1.75 -8.03
C SER J 162 -26.17 -2.51 -7.05
N ASP J 163 -26.70 -2.77 -5.86
CA ASP J 163 -25.92 -3.38 -4.78
C ASP J 163 -26.20 -4.87 -4.62
N LEU J 164 -27.45 -5.25 -4.36
CA LEU J 164 -27.82 -6.65 -4.23
C LEU J 164 -28.20 -7.28 -5.56
N THR J 165 -28.30 -6.49 -6.64
CA THR J 165 -28.48 -7.07 -7.96
C THR J 165 -27.28 -7.94 -8.34
N THR J 166 -26.08 -7.47 -8.04
CA THR J 166 -24.87 -8.23 -8.23
C THR J 166 -24.47 -8.90 -6.91
N LEU J 167 -23.86 -10.09 -7.02
CA LEU J 167 -23.54 -10.86 -5.82
C LEU J 167 -22.52 -10.14 -4.94
N VAL J 168 -21.48 -9.55 -5.55
CA VAL J 168 -20.41 -8.90 -4.82
C VAL J 168 -20.27 -7.47 -5.31
N ALA J 169 -20.16 -6.53 -4.39
CA ALA J 169 -20.01 -5.12 -4.70
C ALA J 169 -18.60 -4.65 -4.35
N PHE J 170 -18.20 -3.55 -4.96
CA PHE J 170 -16.85 -3.00 -4.85
C PHE J 170 -16.90 -1.54 -4.44
N PRO J 171 -15.80 -1.01 -3.89
CA PRO J 171 -15.80 0.39 -3.44
C PRO J 171 -16.04 1.41 -4.53
N SER J 172 -15.82 1.06 -5.80
CA SER J 172 -16.06 2.02 -6.87
C SER J 172 -17.53 2.41 -6.95
N SER J 173 -18.43 1.45 -6.77
CA SER J 173 -19.85 1.73 -6.71
C SER J 173 -20.24 2.21 -5.32
N SER J 174 -21.52 2.52 -5.15
CA SER J 174 -22.09 2.97 -3.87
C SER J 174 -21.36 4.22 -3.34
N VAL J 175 -21.03 5.15 -4.24
CA VAL J 175 -20.40 6.41 -3.88
C VAL J 175 -21.35 7.53 -4.25
N TYR J 176 -21.67 8.39 -3.28
CA TYR J 176 -22.62 9.47 -3.49
C TYR J 176 -21.90 10.69 -4.06
N PRO J 177 -22.29 11.19 -5.22
CA PRO J 177 -21.60 12.35 -5.80
C PRO J 177 -22.03 13.65 -5.13
N THR J 178 -21.04 14.51 -4.87
CA THR J 178 -21.27 15.80 -4.24
C THR J 178 -20.64 16.99 -4.94
N LYS J 179 -19.67 16.78 -5.82
CA LYS J 179 -18.94 17.87 -6.46
C LYS J 179 -18.87 17.65 -7.97
N ASP J 180 -18.78 18.75 -8.70
CA ASP J 180 -18.66 18.70 -10.15
C ASP J 180 -17.21 18.39 -10.54
N GLU J 181 -16.99 18.24 -11.84
CA GLU J 181 -15.64 18.02 -12.35
C GLU J 181 -14.73 19.21 -12.09
N GLU J 182 -15.29 20.41 -11.97
CA GLU J 182 -14.53 21.61 -11.63
C GLU J 182 -14.83 22.08 -10.21
N ASN J 183 -15.21 21.18 -9.33
CA ASN J 183 -15.47 21.42 -7.91
C ASN J 183 -16.64 22.36 -7.66
N ASN J 184 -17.49 22.58 -8.65
CA ASN J 184 -18.72 23.32 -8.42
C ASN J 184 -19.68 22.47 -7.58
N PRO J 185 -20.27 23.02 -6.52
CA PRO J 185 -21.16 22.21 -5.68
C PRO J 185 -22.38 21.74 -6.45
N LEU J 186 -22.83 20.53 -6.12
CA LEU J 186 -24.05 19.97 -6.68
C LEU J 186 -25.15 19.97 -5.63
N GLU J 187 -26.38 20.19 -6.07
CA GLU J 187 -27.54 20.22 -5.19
C GLU J 187 -28.36 18.96 -5.45
N THR J 188 -28.56 18.16 -4.41
CA THR J 188 -29.39 16.97 -4.54
C THR J 188 -30.85 17.37 -4.73
N GLU J 189 -31.54 16.64 -5.60
CA GLU J 189 -32.93 16.91 -5.93
C GLU J 189 -33.73 15.65 -5.64
N TYR J 190 -34.33 15.59 -4.44
CA TYR J 190 -34.91 14.35 -3.92
C TYR J 190 -36.13 13.93 -4.70
N GLY J 191 -36.80 14.86 -5.38
CA GLY J 191 -37.98 14.51 -6.13
C GLY J 191 -37.67 13.58 -7.29
N LEU J 192 -36.56 13.81 -7.98
CA LEU J 192 -36.24 13.05 -9.18
C LEU J 192 -35.57 11.71 -8.87
N SER J 193 -35.11 11.50 -7.64
CA SER J 193 -34.46 10.26 -7.30
C SER J 193 -35.48 9.13 -7.17
N VAL J 194 -34.97 7.91 -7.04
CA VAL J 194 -35.80 6.71 -6.90
C VAL J 194 -35.40 5.98 -5.62
N TYR J 195 -36.40 5.62 -4.83
CA TYR J 195 -36.17 4.89 -3.59
C TYR J 195 -37.10 3.68 -3.53
N LYS J 196 -36.67 2.67 -2.78
CA LYS J 196 -37.48 1.48 -2.53
C LYS J 196 -37.42 1.14 -1.05
N ASP J 197 -38.52 0.62 -0.52
CA ASP J 197 -38.64 0.35 0.90
C ASP J 197 -37.91 -0.93 1.29
N HIS J 198 -37.58 -1.04 2.57
CA HIS J 198 -36.80 -2.16 3.09
C HIS J 198 -37.21 -2.44 4.52
N GLN J 199 -37.32 -3.72 4.87
CA GLN J 199 -37.69 -4.13 6.23
C GLN J 199 -36.99 -5.45 6.55
N THR J 200 -36.81 -5.72 7.84
CA THR J 200 -36.23 -6.96 8.31
C THR J 200 -37.10 -7.56 9.42
N ILE J 201 -37.34 -8.87 9.34
CA ILE J 201 -38.15 -9.57 10.35
C ILE J 201 -37.41 -10.81 10.81
N THR J 202 -37.87 -11.38 11.92
CA THR J 202 -37.33 -12.60 12.48
C THR J 202 -38.45 -13.61 12.71
N ILE J 203 -38.19 -14.87 12.39
CA ILE J 203 -39.18 -15.94 12.48
C ILE J 203 -38.67 -17.02 13.41
N GLN J 204 -39.53 -17.50 14.30
CA GLN J 204 -39.20 -18.56 15.24
C GLN J 204 -40.09 -19.76 15.02
N GLU J 205 -39.54 -20.95 15.27
CA GLU J 205 -40.32 -22.17 15.21
C GLU J 205 -41.43 -22.14 16.27
N MET J 206 -42.62 -22.53 15.88
CA MET J 206 -43.79 -22.43 16.76
C MET J 206 -43.61 -23.31 17.98
N PRO J 207 -43.95 -22.83 19.18
CA PRO J 207 -43.78 -23.65 20.39
C PRO J 207 -44.56 -24.95 20.36
N GLU J 208 -45.68 -24.99 19.63
CA GLU J 208 -46.47 -26.21 19.53
C GLU J 208 -45.72 -27.30 18.77
N LYS J 209 -44.84 -26.92 17.85
CA LYS J 209 -44.12 -27.89 17.02
C LYS J 209 -42.76 -28.25 17.59
N ALA J 210 -42.16 -27.37 18.39
CA ALA J 210 -40.82 -27.63 18.89
C ALA J 210 -40.85 -28.78 19.89
N PRO J 211 -39.80 -29.59 19.96
CA PRO J 211 -39.75 -30.65 20.96
C PRO J 211 -39.81 -30.09 22.37
N ALA J 212 -40.50 -30.80 23.25
CA ALA J 212 -40.73 -30.31 24.60
C ALA J 212 -39.42 -30.16 25.35
N GLY J 213 -39.28 -29.04 26.06
CA GLY J 213 -38.12 -28.80 26.90
C GLY J 213 -36.88 -28.32 26.19
N GLN J 214 -36.96 -28.03 24.89
CA GLN J 214 -35.80 -27.59 24.14
C GLN J 214 -35.94 -26.13 23.74
N LEU J 215 -34.80 -25.45 23.61
CA LEU J 215 -34.79 -24.05 23.23
C LEU J 215 -35.14 -23.89 21.75
N PRO J 216 -35.76 -22.77 21.39
CA PRO J 216 -36.19 -22.58 20.00
C PRO J 216 -35.05 -22.09 19.11
N ARG J 217 -35.28 -22.20 17.81
CA ARG J 217 -34.33 -21.74 16.80
C ARG J 217 -35.04 -20.86 15.79
N SER J 218 -34.33 -19.87 15.26
CA SER J 218 -34.96 -18.80 14.51
C SER J 218 -34.17 -18.52 13.23
N VAL J 219 -34.84 -17.84 12.30
CA VAL J 219 -34.29 -17.44 11.01
C VAL J 219 -34.56 -15.95 10.81
N ASP J 220 -33.71 -15.29 10.03
CA ASP J 220 -33.83 -13.87 9.75
C ASP J 220 -34.23 -13.68 8.30
N VAL J 221 -35.20 -12.79 8.06
CA VAL J 221 -35.78 -12.61 6.74
C VAL J 221 -35.71 -11.13 6.36
N ILE J 222 -35.44 -10.86 5.08
CA ILE J 222 -35.43 -9.51 4.54
C ILE J 222 -36.63 -9.34 3.65
N LEU J 223 -37.42 -8.29 3.87
CA LEU J 223 -38.59 -7.99 3.08
C LEU J 223 -38.31 -6.79 2.19
N ASP J 224 -38.55 -6.95 0.89
CA ASP J 224 -38.30 -5.95 -0.12
C ASP J 224 -39.47 -4.98 -0.22
N ASP J 225 -39.48 -4.21 -1.31
CA ASP J 225 -40.41 -3.10 -1.44
C ASP J 225 -41.87 -3.54 -1.44
N ASP J 226 -42.18 -4.67 -2.08
CA ASP J 226 -43.58 -5.07 -2.19
C ASP J 226 -44.10 -5.67 -0.89
N LEU J 227 -43.29 -6.49 -0.23
CA LEU J 227 -43.75 -7.25 0.93
C LEU J 227 -43.47 -6.53 2.25
N VAL J 228 -43.44 -5.21 2.26
CA VAL J 228 -43.06 -4.48 3.47
C VAL J 228 -44.06 -4.70 4.60
N ASP J 229 -45.35 -4.49 4.32
CA ASP J 229 -46.36 -4.47 5.37
C ASP J 229 -47.11 -5.79 5.52
N LYS J 230 -46.59 -6.87 4.93
CA LYS J 230 -47.30 -8.14 4.91
C LYS J 230 -47.12 -8.96 6.19
N ALA J 231 -46.27 -8.52 7.12
CA ALA J 231 -46.01 -9.28 8.33
C ALA J 231 -46.06 -8.37 9.54
N LYS J 232 -46.39 -8.96 10.69
CA LYS J 232 -46.43 -8.25 11.95
C LYS J 232 -45.98 -9.20 13.05
N PRO J 233 -45.48 -8.68 14.16
CA PRO J 233 -45.02 -9.56 15.24
C PRO J 233 -46.17 -10.33 15.86
N GLY J 234 -45.84 -11.52 16.38
CA GLY J 234 -46.83 -12.38 16.97
C GLY J 234 -47.74 -13.09 16.00
N ASP J 235 -47.31 -13.24 14.75
CA ASP J 235 -48.14 -13.80 13.69
C ASP J 235 -47.54 -15.11 13.19
N ARG J 236 -48.42 -16.04 12.84
CA ARG J 236 -48.02 -17.33 12.27
C ARG J 236 -48.04 -17.22 10.75
N VAL J 237 -46.88 -17.45 10.14
CA VAL J 237 -46.72 -17.28 8.70
C VAL J 237 -45.94 -18.43 8.09
N GLN J 238 -46.03 -18.53 6.77
CA GLN J 238 -45.26 -19.46 5.97
C GLN J 238 -44.50 -18.67 4.90
N VAL J 239 -43.19 -18.85 4.85
CA VAL J 239 -42.34 -18.08 3.96
C VAL J 239 -41.63 -19.01 3.01
N VAL J 240 -41.69 -18.67 1.72
CA VAL J 240 -40.97 -19.40 0.68
C VAL J 240 -39.95 -18.43 0.08
N GLY J 241 -38.71 -18.86 -0.02
CA GLY J 241 -37.69 -17.97 -0.56
C GLY J 241 -36.34 -18.63 -0.61
N THR J 242 -35.36 -17.87 -1.09
CA THR J 242 -34.01 -18.38 -1.23
C THR J 242 -33.28 -18.36 0.10
N TYR J 243 -32.29 -19.25 0.22
CA TYR J 243 -31.47 -19.36 1.41
C TYR J 243 -30.02 -19.13 0.97
N ARG J 244 -29.44 -18.00 1.39
CA ARG J 244 -28.16 -17.57 0.87
C ARG J 244 -27.23 -17.18 2.01
N CYS J 245 -25.95 -17.04 1.66
CA CYS J 245 -24.94 -16.54 2.57
C CYS J 245 -24.86 -15.03 2.47
N LEU J 246 -24.27 -14.41 3.50
CA LEU J 246 -24.19 -12.96 3.58
C LEU J 246 -22.74 -12.53 3.43
N PRO J 247 -22.42 -11.69 2.45
CA PRO J 247 -21.02 -11.29 2.24
C PRO J 247 -20.57 -10.30 3.33
N GLY J 248 -19.54 -10.69 4.07
CA GLY J 248 -18.99 -9.78 5.05
C GLY J 248 -18.19 -8.67 4.37
N LYS J 249 -18.06 -7.55 5.07
CA LYS J 249 -17.33 -6.42 4.53
C LYS J 249 -15.83 -6.71 4.49
N LYS J 250 -15.10 -5.85 3.78
CA LYS J 250 -13.70 -6.14 3.45
C LYS J 250 -12.84 -6.25 4.70
N GLY J 251 -11.87 -7.17 4.65
CA GLY J 251 -10.93 -7.38 5.73
C GLY J 251 -9.81 -8.27 5.26
N GLY J 252 -8.79 -8.39 6.11
CA GLY J 252 -7.64 -9.20 5.80
C GLY J 252 -7.77 -10.64 6.25
N TYR J 253 -8.09 -10.84 7.54
CA TYR J 253 -8.19 -12.16 8.13
C TYR J 253 -9.65 -12.49 8.39
N THR J 254 -10.08 -13.67 7.95
CA THR J 254 -11.45 -14.12 8.10
C THR J 254 -11.48 -15.43 8.88
N SER J 255 -12.47 -15.56 9.78
CA SER J 255 -12.60 -16.79 10.56
C SER J 255 -13.21 -17.93 9.76
N GLY J 256 -13.87 -17.62 8.65
CA GLY J 256 -14.45 -18.66 7.82
C GLY J 256 -15.90 -18.99 8.12
N THR J 257 -16.60 -18.17 8.89
CA THR J 257 -18.00 -18.40 9.23
C THR J 257 -18.85 -17.29 8.63
N PHE J 258 -19.74 -17.68 7.72
CA PHE J 258 -20.65 -16.73 7.10
C PHE J 258 -21.91 -16.58 7.93
N ARG J 259 -22.72 -15.59 7.58
CA ARG J 259 -24.06 -15.42 8.13
C ARG J 259 -25.08 -15.82 7.07
N THR J 260 -26.05 -16.64 7.48
CA THR J 260 -27.06 -17.14 6.55
C THR J 260 -28.37 -16.39 6.75
N VAL J 261 -28.90 -15.85 5.66
CA VAL J 261 -30.11 -15.04 5.68
C VAL J 261 -31.05 -15.51 4.58
N LEU J 262 -32.31 -15.69 4.94
CA LEU J 262 -33.34 -16.10 3.99
C LEU J 262 -33.97 -14.86 3.35
N ILE J 263 -33.95 -14.82 2.02
CA ILE J 263 -34.50 -13.71 1.25
C ILE J 263 -35.86 -14.15 0.75
N ALA J 264 -36.91 -13.52 1.24
CA ALA J 264 -38.26 -13.97 0.97
C ALA J 264 -38.67 -13.65 -0.46
N CYS J 265 -39.46 -14.54 -1.03
CA CYS J 265 -40.13 -14.29 -2.30
C CYS J 265 -41.65 -14.41 -2.17
N ASN J 266 -42.13 -15.24 -1.25
CA ASN J 266 -43.56 -15.34 -0.98
C ASN J 266 -43.79 -15.43 0.52
N VAL J 267 -44.76 -14.66 1.02
CA VAL J 267 -45.14 -14.68 2.42
C VAL J 267 -46.64 -14.93 2.50
N LYS J 268 -47.04 -15.96 3.24
CA LYS J 268 -48.43 -16.38 3.30
C LYS J 268 -48.90 -16.41 4.75
N GLN J 269 -50.08 -15.84 4.99
CA GLN J 269 -50.75 -15.95 6.28
C GLN J 269 -51.61 -17.20 6.24
N MET J 270 -51.18 -18.24 6.96
CA MET J 270 -51.85 -19.53 6.88
C MET J 270 -53.27 -19.44 7.43
N SER J 271 -54.20 -20.09 6.74
CA SER J 271 -55.60 -20.11 7.14
C SER J 271 -56.23 -21.47 6.83
N ILE J 283 -73.16 -19.28 -5.61
CA ILE J 283 -74.04 -18.13 -5.43
C ILE J 283 -75.49 -18.53 -5.69
N ALA J 284 -75.71 -19.30 -6.77
CA ALA J 284 -77.06 -19.74 -7.09
C ALA J 284 -77.61 -20.65 -6.00
N LYS J 285 -76.78 -21.56 -5.49
CA LYS J 285 -77.23 -22.48 -4.45
C LYS J 285 -77.68 -21.72 -3.21
N ILE J 286 -76.90 -20.73 -2.77
CA ILE J 286 -77.23 -19.98 -1.57
C ILE J 286 -78.53 -19.21 -1.76
N LYS J 287 -78.67 -18.54 -2.91
CA LYS J 287 -79.88 -17.76 -3.18
C LYS J 287 -81.10 -18.65 -3.21
N LYS J 288 -81.03 -19.78 -3.91
CA LYS J 288 -82.16 -20.69 -4.00
C LYS J 288 -82.53 -21.23 -2.64
N PHE J 289 -81.53 -21.70 -1.88
CA PHE J 289 -81.78 -22.28 -0.56
C PHE J 289 -82.44 -21.26 0.36
N SER J 290 -81.90 -20.04 0.40
CA SER J 290 -82.45 -19.02 1.27
C SER J 290 -83.88 -18.66 0.87
N LYS J 291 -84.10 -18.35 -0.41
CA LYS J 291 -85.41 -17.91 -0.85
C LYS J 291 -86.46 -19.00 -0.66
N THR J 292 -86.08 -20.26 -0.82
CA THR J 292 -87.03 -21.35 -0.65
C THR J 292 -87.31 -21.63 0.83
N ARG J 293 -86.31 -21.49 1.69
CA ARG J 293 -86.48 -21.99 3.05
C ARG J 293 -86.97 -20.92 4.02
N SER J 294 -86.40 -19.71 3.97
CA SER J 294 -86.78 -18.63 4.90
C SER J 294 -86.59 -19.05 6.35
N LYS J 295 -87.69 -19.41 7.02
CA LYS J 295 -87.60 -19.84 8.42
C LYS J 295 -86.81 -21.14 8.56
N ASP J 296 -87.01 -22.06 7.61
CA ASP J 296 -86.31 -23.33 7.66
C ASP J 296 -84.80 -23.16 7.59
N ILE J 297 -84.32 -22.02 7.08
CA ILE J 297 -82.88 -21.74 7.10
C ILE J 297 -82.36 -21.84 8.53
N PHE J 298 -82.84 -20.96 9.40
CA PHE J 298 -82.35 -20.97 10.78
C PHE J 298 -82.81 -22.23 11.50
N ASP J 299 -83.96 -22.80 11.10
CA ASP J 299 -84.40 -24.04 11.73
C ASP J 299 -83.37 -25.15 11.55
N GLN J 300 -82.97 -25.40 10.30
CA GLN J 300 -81.99 -26.44 10.02
C GLN J 300 -80.61 -26.07 10.55
N LEU J 301 -80.23 -24.79 10.46
CA LEU J 301 -78.92 -24.39 10.94
C LEU J 301 -78.80 -24.62 12.44
N ALA J 302 -79.86 -24.30 13.20
CA ALA J 302 -79.88 -24.62 14.62
C ALA J 302 -79.87 -26.11 14.85
N LYS J 303 -80.64 -26.86 14.05
CA LYS J 303 -80.70 -28.31 14.25
C LYS J 303 -79.39 -28.98 13.86
N SER J 304 -78.78 -28.54 12.75
CA SER J 304 -77.57 -29.16 12.24
C SER J 304 -76.29 -28.47 12.70
N LEU J 305 -76.32 -27.80 13.85
CA LEU J 305 -75.14 -27.08 14.31
C LEU J 305 -74.00 -28.04 14.61
N ALA J 306 -74.27 -29.08 15.41
CA ALA J 306 -73.23 -30.03 15.78
C ALA J 306 -73.86 -31.38 16.11
N PRO J 307 -73.81 -32.36 15.20
CA PRO J 307 -74.37 -33.68 15.50
C PRO J 307 -73.71 -34.36 16.69
N SER J 308 -72.45 -34.02 16.97
CA SER J 308 -71.73 -34.65 18.08
C SER J 308 -72.29 -34.28 19.43
N ILE J 309 -73.16 -33.28 19.52
CA ILE J 309 -73.73 -32.80 20.77
C ILE J 309 -75.23 -33.04 20.72
N HIS J 310 -75.77 -33.59 21.81
CA HIS J 310 -77.16 -34.04 21.86
C HIS J 310 -78.03 -32.98 22.51
N GLY J 311 -79.11 -32.59 21.82
CA GLY J 311 -80.09 -31.69 22.40
C GLY J 311 -79.60 -30.26 22.56
N HIS J 312 -80.18 -29.57 23.55
CA HIS J 312 -79.84 -28.19 23.87
C HIS J 312 -80.07 -27.26 22.68
N ASP J 313 -81.33 -27.15 22.27
CA ASP J 313 -81.67 -26.33 21.10
C ASP J 313 -81.46 -24.85 21.39
N TYR J 314 -81.75 -24.41 22.61
CA TYR J 314 -81.63 -22.99 22.95
C TYR J 314 -80.17 -22.52 22.87
N VAL J 315 -79.25 -23.33 23.39
CA VAL J 315 -77.84 -22.96 23.34
C VAL J 315 -77.34 -22.93 21.89
N LYS J 316 -77.80 -23.88 21.08
CA LYS J 316 -77.44 -23.86 19.66
C LYS J 316 -77.96 -22.60 18.98
N LYS J 317 -79.20 -22.21 19.30
CA LYS J 317 -79.75 -20.97 18.74
C LYS J 317 -78.92 -19.77 19.16
N ALA J 318 -78.52 -19.71 20.43
CA ALA J 318 -77.74 -18.59 20.92
C ALA J 318 -76.36 -18.54 20.25
N ILE J 319 -75.73 -19.70 20.09
CA ILE J 319 -74.42 -19.73 19.42
C ILE J 319 -74.56 -19.29 17.97
N LEU J 320 -75.64 -19.70 17.31
CA LEU J 320 -75.90 -19.24 15.95
C LEU J 320 -76.09 -17.73 15.91
N CYS J 321 -76.76 -17.18 16.91
CA CYS J 321 -76.92 -15.74 17.00
C CYS J 321 -75.58 -15.03 17.17
N LEU J 322 -74.66 -15.61 17.95
CA LEU J 322 -73.31 -15.07 18.00
C LEU J 322 -72.65 -15.12 16.62
N LEU J 323 -72.78 -16.24 15.92
CA LEU J 323 -72.12 -16.38 14.63
C LEU J 323 -72.62 -15.34 13.64
N LEU J 324 -73.94 -15.09 13.64
CA LEU J 324 -74.49 -14.09 12.73
C LEU J 324 -74.29 -12.68 13.29
N GLY J 325 -74.67 -12.45 14.54
CA GLY J 325 -74.40 -11.20 15.21
C GLY J 325 -75.39 -10.10 14.85
N GLY J 326 -75.19 -8.95 15.49
CA GLY J 326 -76.03 -7.78 15.27
C GLY J 326 -75.45 -6.86 14.21
N VAL J 327 -75.84 -5.59 14.30
CA VAL J 327 -75.40 -4.57 13.35
C VAL J 327 -74.78 -3.41 14.12
N GLU J 328 -73.56 -3.04 13.73
CA GLU J 328 -72.91 -1.87 14.31
C GLU J 328 -73.49 -0.60 13.71
N ARG J 329 -73.78 0.38 14.57
CA ARG J 329 -74.41 1.62 14.15
C ARG J 329 -73.65 2.82 14.68
N ASP J 330 -73.60 3.88 13.88
CA ASP J 330 -72.97 5.14 14.24
C ASP J 330 -73.88 6.29 13.85
N LEU J 331 -73.73 7.42 14.56
CA LEU J 331 -74.60 8.57 14.40
C LEU J 331 -73.76 9.81 14.10
N GLU J 332 -74.42 10.96 14.11
CA GLU J 332 -73.75 12.21 13.76
C GLU J 332 -72.79 12.65 14.86
N ASN J 333 -73.20 12.57 16.11
CA ASN J 333 -72.41 13.10 17.23
C ASN J 333 -71.19 12.24 17.56
N GLY J 334 -70.89 11.22 16.75
CA GLY J 334 -69.82 10.31 17.10
C GLY J 334 -70.19 9.24 18.08
N SER J 335 -71.46 9.14 18.45
CA SER J 335 -71.88 8.11 19.40
C SER J 335 -71.76 6.72 18.78
N HIS J 336 -71.38 5.76 19.61
CA HIS J 336 -71.23 4.37 19.20
C HIS J 336 -72.23 3.50 19.93
N ILE J 337 -72.85 2.57 19.19
CA ILE J 337 -73.83 1.65 19.74
C ILE J 337 -73.32 0.24 19.49
N ARG J 338 -73.26 -0.56 20.56
CA ARG J 338 -72.72 -1.91 20.46
C ARG J 338 -73.62 -2.81 19.63
N GLY J 339 -73.01 -3.78 18.97
CA GLY J 339 -73.74 -4.71 18.15
C GLY J 339 -73.40 -6.17 18.40
N ASP J 340 -72.49 -6.41 19.35
CA ASP J 340 -72.08 -7.77 19.66
C ASP J 340 -72.97 -8.39 20.73
N ILE J 341 -72.95 -9.72 20.79
CA ILE J 341 -73.74 -10.49 21.75
C ILE J 341 -72.78 -11.22 22.68
N ASN J 342 -73.24 -11.48 23.90
CA ASN J 342 -72.43 -12.20 24.89
C ASN J 342 -73.30 -13.17 25.67
N ILE J 343 -72.73 -14.34 25.96
CA ILE J 343 -73.47 -15.46 26.55
C ILE J 343 -72.66 -16.04 27.71
N LEU J 344 -73.36 -16.47 28.75
CA LEU J 344 -72.76 -17.20 29.85
C LEU J 344 -73.56 -18.46 30.14
N LEU J 345 -72.89 -19.61 30.16
CA LEU J 345 -73.50 -20.90 30.44
C LEU J 345 -73.06 -21.40 31.81
N ILE J 346 -74.02 -21.84 32.61
CA ILE J 346 -73.74 -22.45 33.91
C ILE J 346 -74.47 -23.78 33.96
N GLY J 347 -73.76 -24.84 34.34
CA GLY J 347 -74.37 -26.16 34.35
C GLY J 347 -73.59 -27.13 35.20
N ASP J 348 -74.18 -28.31 35.40
CA ASP J 348 -73.58 -29.41 36.13
C ASP J 348 -72.44 -30.00 35.30
N PRO J 349 -71.53 -30.76 35.91
CA PRO J 349 -70.44 -31.37 35.13
C PRO J 349 -70.97 -32.38 34.11
N SER J 350 -70.22 -32.50 33.02
CA SER J 350 -70.53 -33.42 31.92
C SER J 350 -71.88 -33.08 31.26
N VAL J 351 -71.96 -31.85 30.77
CA VAL J 351 -73.12 -31.40 30.01
C VAL J 351 -72.57 -30.85 28.69
N ALA J 352 -71.28 -31.10 28.44
CA ALA J 352 -70.59 -30.79 27.20
C ALA J 352 -70.51 -29.30 26.91
N LYS J 353 -70.23 -28.48 27.92
CA LYS J 353 -70.00 -27.06 27.67
C LYS J 353 -68.69 -26.84 26.93
N SER J 354 -67.63 -27.54 27.36
CA SER J 354 -66.33 -27.39 26.72
C SER J 354 -66.34 -27.92 25.29
N GLN J 355 -67.15 -28.95 25.01
CA GLN J 355 -67.31 -29.40 23.63
C GLN J 355 -67.91 -28.29 22.76
N LEU J 356 -68.91 -27.59 23.29
CA LEU J 356 -69.49 -26.46 22.56
C LEU J 356 -68.45 -25.38 22.33
N LEU J 357 -67.65 -25.06 23.35
CA LEU J 357 -66.62 -24.05 23.18
C LEU J 357 -65.62 -24.44 22.11
N ARG J 358 -65.19 -25.71 22.12
CA ARG J 358 -64.23 -26.17 21.13
C ARG J 358 -64.82 -26.14 19.72
N TYR J 359 -66.09 -26.50 19.58
CA TYR J 359 -66.72 -26.45 18.27
C TYR J 359 -66.79 -25.01 17.75
N VAL J 360 -67.14 -24.06 18.63
CA VAL J 360 -67.17 -22.66 18.21
C VAL J 360 -65.77 -22.19 17.84
N LEU J 361 -64.74 -22.66 18.56
CA LEU J 361 -63.36 -22.34 18.17
C LEU J 361 -63.05 -22.86 16.77
N CYS J 362 -63.46 -24.09 16.48
CA CYS J 362 -63.16 -24.68 15.17
C CYS J 362 -63.90 -23.96 14.04
N THR J 363 -65.16 -23.60 14.26
CA THR J 363 -65.99 -23.07 13.18
C THR J 363 -65.77 -21.58 12.93
N ALA J 364 -65.63 -20.80 13.99
CA ALA J 364 -65.54 -19.35 13.84
C ALA J 364 -64.24 -18.97 13.14
N PRO J 365 -64.24 -17.92 12.31
CA PRO J 365 -63.01 -17.55 11.60
C PRO J 365 -61.90 -17.08 12.53
N ARG J 366 -62.16 -16.09 13.37
CA ARG J 366 -61.18 -15.56 14.31
C ARG J 366 -61.63 -15.95 15.72
N ALA J 367 -61.07 -17.05 16.23
CA ALA J 367 -61.45 -17.57 17.53
C ALA J 367 -60.19 -17.77 18.37
N ILE J 368 -60.24 -17.29 19.61
CA ILE J 368 -59.11 -17.41 20.53
C ILE J 368 -59.60 -17.95 21.87
N PRO J 369 -59.06 -19.07 22.36
CA PRO J 369 -59.43 -19.57 23.68
C PRO J 369 -58.55 -19.03 24.79
N THR J 370 -59.18 -18.52 25.83
CA THR J 370 -58.47 -17.95 26.98
C THR J 370 -59.23 -18.36 28.24
N THR J 371 -58.68 -19.33 28.97
CA THR J 371 -59.36 -19.82 30.16
C THR J 371 -59.24 -18.81 31.29
N GLY J 372 -59.75 -19.21 32.46
CA GLY J 372 -59.81 -18.33 33.61
C GLY J 372 -58.46 -17.82 34.09
N ARG J 373 -57.62 -18.70 34.60
CA ARG J 373 -56.31 -18.29 35.11
C ARG J 373 -55.21 -18.45 34.08
N GLY J 374 -55.53 -18.88 32.86
CA GLY J 374 -54.52 -19.01 31.84
C GLY J 374 -53.96 -17.66 31.41
N SER J 375 -54.81 -16.64 31.35
CA SER J 375 -54.40 -15.31 30.97
C SER J 375 -54.86 -14.32 32.02
N SER J 376 -54.00 -13.36 32.35
CA SER J 376 -54.28 -12.34 33.34
C SER J 376 -54.81 -11.08 32.66
N GLY J 377 -55.07 -10.05 33.45
CA GLY J 377 -55.62 -8.81 32.93
C GLY J 377 -54.70 -8.10 31.95
N VAL J 378 -53.38 -8.19 32.15
CA VAL J 378 -52.44 -7.58 31.22
C VAL J 378 -52.41 -8.31 29.88
N GLY J 379 -52.43 -9.64 29.89
CA GLY J 379 -52.38 -10.41 28.66
C GLY J 379 -53.70 -10.46 27.93
N LEU J 380 -54.76 -9.97 28.55
CA LEU J 380 -56.07 -9.95 27.90
C LEU J 380 -56.19 -8.75 26.95
N THR J 381 -55.97 -7.54 27.46
CA THR J 381 -56.23 -6.36 26.65
C THR J 381 -54.98 -5.87 25.91
N ALA J 382 -53.95 -5.45 26.65
CA ALA J 382 -52.75 -4.88 26.05
C ALA J 382 -51.78 -4.48 27.16
N ALA J 383 -50.62 -4.00 26.74
CA ALA J 383 -49.59 -3.52 27.66
C ALA J 383 -48.71 -2.49 26.96
N VAL J 384 -47.95 -1.73 27.75
CA VAL J 384 -47.00 -0.75 27.24
C VAL J 384 -45.60 -1.14 27.72
N THR J 385 -44.65 -1.18 26.79
CA THR J 385 -43.28 -1.53 27.12
C THR J 385 -42.33 -0.47 26.59
N THR J 386 -41.27 -0.20 27.35
CA THR J 386 -40.24 0.75 26.95
C THR J 386 -39.19 0.02 26.12
N ASP J 387 -39.06 0.42 24.86
CA ASP J 387 -38.09 -0.21 23.97
C ASP J 387 -36.69 0.21 24.35
N GLN J 388 -35.86 -0.76 24.72
CA GLN J 388 -34.48 -0.45 25.14
C GLN J 388 -33.63 0.04 23.97
N GLU J 389 -33.96 -0.39 22.75
CA GLU J 389 -33.15 -0.02 21.61
C GLU J 389 -33.21 1.48 21.33
N THR J 390 -34.40 2.09 21.46
CA THR J 390 -34.57 3.49 21.16
C THR J 390 -35.00 4.35 22.34
N GLY J 391 -35.50 3.75 23.41
CA GLY J 391 -36.01 4.51 24.54
C GLY J 391 -37.45 4.96 24.42
N GLU J 392 -38.11 4.62 23.32
CA GLU J 392 -39.50 5.01 23.10
C GLU J 392 -40.45 4.05 23.82
N ARG J 393 -41.75 4.33 23.72
CA ARG J 393 -42.78 3.50 24.30
C ARG J 393 -43.56 2.81 23.17
N ARG J 394 -43.79 1.51 23.34
CA ARG J 394 -44.48 0.70 22.33
C ARG J 394 -45.64 -0.04 22.98
N LEU J 395 -46.64 -0.35 22.16
CA LEU J 395 -47.85 -1.02 22.61
C LEU J 395 -47.84 -2.47 22.16
N GLU J 396 -48.14 -3.38 23.07
CA GLU J 396 -48.26 -4.79 22.76
C GLU J 396 -49.71 -5.21 22.96
N ALA J 397 -50.32 -5.77 21.92
CA ALA J 397 -51.73 -6.10 21.94
C ALA J 397 -51.97 -7.39 22.71
N GLY J 398 -53.09 -7.43 23.44
CA GLY J 398 -53.48 -8.62 24.17
C GLY J 398 -54.44 -9.49 23.37
N ALA J 399 -55.05 -10.44 24.07
CA ALA J 399 -55.93 -11.41 23.41
C ALA J 399 -57.14 -10.73 22.80
N MET J 400 -57.76 -9.79 23.53
CA MET J 400 -59.00 -9.20 23.05
C MET J 400 -58.77 -8.22 21.92
N VAL J 401 -57.63 -7.52 21.91
CA VAL J 401 -57.34 -6.62 20.79
C VAL J 401 -57.05 -7.41 19.52
N LEU J 402 -56.35 -8.54 19.63
CA LEU J 402 -56.10 -9.37 18.46
C LEU J 402 -57.40 -9.89 17.88
N ALA J 403 -58.37 -10.24 18.74
CA ALA J 403 -59.64 -10.76 18.28
C ALA J 403 -60.62 -9.64 17.94
N ASP J 404 -60.21 -8.72 17.07
CA ASP J 404 -61.13 -7.70 16.57
C ASP J 404 -62.15 -8.34 15.66
N ARG J 405 -63.43 -8.04 15.89
CA ARG J 405 -64.53 -8.60 15.13
C ARG J 405 -64.45 -10.13 15.11
N GLY J 406 -64.12 -10.70 16.26
CA GLY J 406 -63.94 -12.13 16.38
C GLY J 406 -64.58 -12.72 17.62
N VAL J 407 -64.08 -13.87 18.06
CA VAL J 407 -64.64 -14.60 19.19
C VAL J 407 -63.53 -14.92 20.18
N VAL J 408 -63.81 -14.67 21.46
CA VAL J 408 -62.95 -15.08 22.56
C VAL J 408 -63.75 -16.06 23.42
N CYS J 409 -63.18 -17.24 23.65
CA CYS J 409 -63.82 -18.26 24.46
C CYS J 409 -63.11 -18.37 25.80
N ILE J 410 -63.89 -18.30 26.89
CA ILE J 410 -63.36 -18.29 28.23
C ILE J 410 -63.96 -19.47 28.98
N ASP J 411 -63.18 -20.54 29.13
CA ASP J 411 -63.59 -21.70 29.92
C ASP J 411 -63.21 -21.49 31.37
N GLU J 412 -64.03 -22.06 32.26
CA GLU J 412 -63.90 -21.84 33.70
C GLU J 412 -63.92 -20.35 34.04
N PHE J 413 -64.99 -19.68 33.60
CA PHE J 413 -65.09 -18.24 33.75
C PHE J 413 -65.17 -17.83 35.22
N ASP J 414 -65.65 -18.71 36.09
CA ASP J 414 -65.79 -18.35 37.50
C ASP J 414 -64.45 -18.16 38.18
N LYS J 415 -63.42 -18.87 37.75
CA LYS J 415 -62.12 -18.78 38.40
C LYS J 415 -61.40 -17.47 38.10
N MET J 416 -61.90 -16.68 37.16
CA MET J 416 -61.25 -15.42 36.82
C MET J 416 -61.36 -14.43 37.97
N SER J 417 -60.28 -13.67 38.19
CA SER J 417 -60.25 -12.70 39.28
C SER J 417 -61.12 -11.49 38.97
N ASP J 418 -61.42 -10.72 40.02
CA ASP J 418 -62.32 -9.58 39.89
C ASP J 418 -61.74 -8.51 38.98
N MET J 419 -60.45 -8.21 39.16
CA MET J 419 -59.83 -7.13 38.39
C MET J 419 -59.85 -7.43 36.90
N ASP J 420 -59.67 -8.69 36.51
CA ASP J 420 -59.75 -9.04 35.11
C ASP J 420 -61.15 -8.78 34.55
N ARG J 421 -62.19 -9.07 35.33
CA ARG J 421 -63.55 -8.82 34.87
C ARG J 421 -63.83 -7.32 34.76
N THR J 422 -63.31 -6.53 35.71
CA THR J 422 -63.43 -5.08 35.60
C THR J 422 -62.73 -4.57 34.35
N ALA J 423 -61.59 -5.16 34.01
CA ALA J 423 -60.91 -4.82 32.77
C ALA J 423 -61.74 -5.21 31.55
N ILE J 424 -62.39 -6.37 31.59
CA ILE J 424 -63.20 -6.84 30.47
C ILE J 424 -64.44 -5.96 30.30
N HIS J 425 -64.85 -5.27 31.36
CA HIS J 425 -65.98 -4.33 31.26
C HIS J 425 -65.81 -3.35 30.10
N GLU J 426 -64.61 -2.79 29.93
CA GLU J 426 -64.41 -1.79 28.88
C GLU J 426 -64.67 -2.39 27.50
N VAL J 427 -64.22 -3.63 27.29
CA VAL J 427 -64.46 -4.30 26.00
C VAL J 427 -65.93 -4.64 25.84
N MET J 428 -66.59 -5.07 26.91
CA MET J 428 -67.97 -5.54 26.80
C MET J 428 -68.97 -4.39 26.62
N GLU J 429 -68.68 -3.22 27.16
CA GLU J 429 -69.62 -2.11 27.09
C GLU J 429 -69.50 -1.36 25.77
N GLN J 430 -68.31 -0.83 25.48
CA GLN J 430 -68.12 0.04 24.33
C GLN J 430 -67.32 -0.62 23.21
N GLY J 431 -66.50 -1.61 23.52
CA GLY J 431 -65.70 -2.26 22.50
C GLY J 431 -64.37 -1.59 22.22
N ARG J 432 -63.86 -0.79 23.15
CA ARG J 432 -62.59 -0.09 22.97
C ARG J 432 -61.76 -0.21 24.24
N VAL J 433 -60.45 -0.04 24.08
CA VAL J 433 -59.52 -0.11 25.20
C VAL J 433 -58.71 1.17 25.23
N THR J 434 -58.74 1.87 26.37
CA THR J 434 -57.98 3.09 26.55
C THR J 434 -56.72 2.78 27.34
N ILE J 435 -55.57 3.21 26.81
CA ILE J 435 -54.28 2.89 27.38
C ILE J 435 -53.50 4.20 27.53
N ALA J 436 -52.80 4.35 28.66
CA ALA J 436 -52.07 5.58 28.89
C ALA J 436 -50.92 5.33 29.87
N LYS J 437 -49.74 5.82 29.51
CA LYS J 437 -48.61 5.95 30.42
C LYS J 437 -47.82 7.16 29.98
N ALA J 438 -47.25 7.89 30.93
CA ALA J 438 -46.58 9.17 30.63
C ALA J 438 -45.64 9.01 29.45
N GLY J 439 -45.96 9.71 28.36
CA GLY J 439 -45.22 9.62 27.12
C GLY J 439 -46.01 9.06 25.94
N ILE J 440 -47.16 8.43 26.20
CA ILE J 440 -47.97 7.85 25.15
C ILE J 440 -49.36 7.53 25.71
N HIS J 441 -50.36 7.66 24.85
CA HIS J 441 -51.74 7.30 25.18
C HIS J 441 -52.49 7.02 23.90
N ALA J 442 -53.36 6.02 23.93
CA ALA J 442 -54.04 5.56 22.73
C ALA J 442 -55.39 4.95 23.08
N ARG J 443 -56.26 4.90 22.07
CA ARG J 443 -57.53 4.20 22.13
C ARG J 443 -57.53 3.13 21.06
N LEU J 444 -57.43 1.87 21.47
CA LEU J 444 -57.37 0.74 20.57
C LEU J 444 -58.75 0.14 20.40
N ASN J 445 -59.02 -0.40 19.22
CA ASN J 445 -60.29 -1.03 18.92
C ASN J 445 -60.27 -2.48 19.37
N ALA J 446 -61.33 -2.89 20.08
CA ALA J 446 -61.42 -4.27 20.55
C ALA J 446 -62.83 -4.86 20.43
N ARG J 447 -63.60 -4.46 19.41
CA ARG J 447 -64.94 -4.99 19.19
C ARG J 447 -64.90 -6.51 19.09
N CYS J 448 -65.62 -7.20 19.97
CA CYS J 448 -65.48 -8.64 20.09
C CYS J 448 -66.72 -9.22 20.74
N SER J 449 -66.82 -10.55 20.65
CA SER J 449 -67.89 -11.31 21.29
C SER J 449 -67.27 -12.37 22.19
N VAL J 450 -67.95 -12.70 23.28
CA VAL J 450 -67.39 -13.54 24.33
C VAL J 450 -68.32 -14.73 24.60
N LEU J 451 -67.72 -15.92 24.68
CA LEU J 451 -68.35 -17.09 25.28
C LEU J 451 -67.71 -17.37 26.63
N ALA J 452 -68.52 -17.80 27.59
CA ALA J 452 -68.03 -18.10 28.92
C ALA J 452 -68.83 -19.25 29.52
N ALA J 453 -68.11 -20.16 30.20
CA ALA J 453 -68.73 -21.27 30.90
C ALA J 453 -68.17 -21.32 32.32
N ALA J 454 -69.05 -21.34 33.31
CA ALA J 454 -68.66 -21.30 34.70
C ALA J 454 -69.40 -22.35 35.49
N ASN J 455 -68.68 -23.03 36.38
CA ASN J 455 -69.30 -24.03 37.24
C ASN J 455 -70.08 -23.36 38.36
N PRO J 456 -71.12 -24.02 38.88
CA PRO J 456 -71.81 -23.48 40.06
C PRO J 456 -70.92 -23.53 41.29
N VAL J 457 -71.23 -22.65 42.25
CA VAL J 457 -70.38 -22.51 43.43
C VAL J 457 -70.41 -23.78 44.27
N TYR J 458 -71.55 -24.45 44.33
CA TYR J 458 -71.69 -25.65 45.15
C TYR J 458 -71.30 -26.93 44.42
N GLY J 459 -70.55 -26.82 43.33
CA GLY J 459 -70.15 -27.99 42.58
C GLY J 459 -71.26 -28.48 41.66
N ARG J 460 -72.43 -28.72 42.23
CA ARG J 460 -73.61 -29.12 41.47
C ARG J 460 -74.73 -28.12 41.76
N TYR J 461 -75.51 -27.82 40.73
CA TYR J 461 -76.56 -26.80 40.82
C TYR J 461 -77.64 -27.26 41.80
N ASP J 462 -77.91 -26.44 42.81
CA ASP J 462 -78.96 -26.75 43.77
C ASP J 462 -80.30 -26.26 43.23
N GLN J 463 -81.30 -27.15 43.22
CA GLN J 463 -82.59 -26.80 42.62
C GLN J 463 -83.38 -25.86 43.52
N TYR J 464 -83.39 -26.11 44.83
CA TYR J 464 -84.26 -25.36 45.73
C TYR J 464 -83.82 -23.91 45.88
N LYS J 465 -82.51 -23.67 45.97
CA LYS J 465 -82.00 -22.31 46.12
C LYS J 465 -82.21 -21.52 44.84
N THR J 466 -82.41 -20.21 45.01
CA THR J 466 -82.59 -19.33 43.87
C THR J 466 -81.29 -19.24 43.07
N PRO J 467 -81.37 -18.95 41.77
CA PRO J 467 -80.15 -18.91 40.95
C PRO J 467 -79.16 -17.85 41.39
N MET J 468 -79.59 -16.80 42.09
CA MET J 468 -78.66 -15.77 42.53
C MET J 468 -77.62 -16.33 43.48
N GLU J 469 -78.04 -17.19 44.42
CA GLU J 469 -77.09 -17.80 45.34
C GLU J 469 -76.11 -18.71 44.60
N ASN J 470 -76.60 -19.46 43.61
CA ASN J 470 -75.75 -20.40 42.90
C ASN J 470 -74.74 -19.69 42.01
N ILE J 471 -75.17 -18.65 41.28
CA ILE J 471 -74.27 -17.97 40.37
C ILE J 471 -73.18 -17.21 41.14
N GLY J 472 -73.59 -16.44 42.16
CA GLY J 472 -72.64 -15.68 42.94
C GLY J 472 -71.92 -14.59 42.17
N LEU J 473 -72.64 -13.87 41.31
CA LEU J 473 -72.07 -12.78 40.54
C LEU J 473 -72.91 -11.52 40.72
N GLN J 474 -72.25 -10.36 40.65
CA GLN J 474 -72.92 -9.10 40.88
C GLN J 474 -73.84 -8.76 39.72
N ASP J 475 -74.76 -7.83 39.97
CA ASP J 475 -75.77 -7.48 38.97
C ASP J 475 -75.14 -6.76 37.78
N SER J 476 -74.08 -5.99 38.00
CA SER J 476 -73.46 -5.26 36.90
C SER J 476 -72.88 -6.22 35.86
N LEU J 477 -72.15 -7.23 36.32
CA LEU J 477 -71.56 -8.20 35.39
C LEU J 477 -72.64 -8.98 34.67
N LEU J 478 -73.72 -9.34 35.38
CA LEU J 478 -74.83 -10.02 34.73
C LEU J 478 -75.48 -9.15 33.66
N SER J 479 -75.63 -7.84 33.94
CA SER J 479 -76.17 -6.93 32.95
C SER J 479 -75.23 -6.78 31.76
N ARG J 480 -73.93 -6.96 31.99
CA ARG J 480 -72.97 -6.89 30.88
C ARG J 480 -73.21 -8.00 29.86
N PHE J 481 -73.68 -9.16 30.30
CA PHE J 481 -73.92 -10.28 29.40
C PHE J 481 -75.31 -10.19 28.79
N ASP J 482 -75.41 -10.56 27.51
CA ASP J 482 -76.70 -10.56 26.85
C ASP J 482 -77.57 -11.74 27.27
N LEU J 483 -76.98 -12.92 27.45
CA LEU J 483 -77.76 -14.11 27.72
C LEU J 483 -77.15 -14.94 28.84
N LEU J 484 -78.00 -15.50 29.69
CA LEU J 484 -77.62 -16.47 30.70
C LEU J 484 -78.38 -17.76 30.46
N PHE J 485 -77.68 -18.88 30.54
CA PHE J 485 -78.31 -20.18 30.35
C PHE J 485 -77.89 -21.12 31.47
N ILE J 486 -78.82 -21.95 31.92
CA ILE J 486 -78.59 -22.93 32.97
C ILE J 486 -78.90 -24.32 32.41
N MET J 487 -77.95 -25.23 32.58
CA MET J 487 -78.05 -26.58 32.04
C MET J 487 -77.97 -27.59 33.19
N LEU J 488 -78.81 -28.62 33.13
CA LEU J 488 -78.91 -29.59 34.20
C LEU J 488 -78.84 -31.00 33.64
N ASP J 489 -78.34 -31.92 34.45
CA ASP J 489 -78.24 -33.33 34.08
C ASP J 489 -79.35 -34.09 34.80
N GLN J 490 -80.53 -34.09 34.17
CA GLN J 490 -81.67 -34.82 34.73
C GLN J 490 -81.56 -36.30 34.38
N MET J 491 -81.74 -37.15 35.39
CA MET J 491 -81.49 -38.58 35.24
C MET J 491 -82.78 -39.33 34.91
N ASP J 492 -83.42 -38.91 33.82
CA ASP J 492 -84.59 -39.62 33.32
C ASP J 492 -84.17 -40.88 32.59
N PRO J 493 -84.78 -42.04 32.87
CA PRO J 493 -84.34 -43.28 32.23
C PRO J 493 -84.39 -43.24 30.70
N GLU J 494 -85.43 -42.62 30.13
CA GLU J 494 -85.52 -42.56 28.68
C GLU J 494 -84.52 -41.58 28.09
N GLN J 495 -84.31 -40.44 28.77
CA GLN J 495 -83.28 -39.51 28.33
C GLN J 495 -81.91 -40.15 28.42
N ASP J 496 -81.65 -40.90 29.48
CA ASP J 496 -80.38 -41.62 29.61
C ASP J 496 -80.24 -42.66 28.50
N ARG J 497 -81.33 -43.34 28.16
CA ARG J 497 -81.29 -44.30 27.06
C ARG J 497 -80.93 -43.62 25.75
N GLU J 498 -81.55 -42.47 25.48
CA GLU J 498 -81.25 -41.72 24.27
C GLU J 498 -79.78 -41.28 24.24
N ILE J 499 -79.29 -40.79 25.38
CA ILE J 499 -77.90 -40.32 25.45
C ILE J 499 -76.95 -41.48 25.21
N SER J 500 -77.22 -42.64 25.82
CA SER J 500 -76.37 -43.81 25.62
C SER J 500 -76.39 -44.26 24.17
N ASP J 501 -77.58 -44.28 23.55
CA ASP J 501 -77.68 -44.63 22.15
C ASP J 501 -76.81 -43.72 21.29
N HIS J 502 -76.94 -42.41 21.50
CA HIS J 502 -76.18 -41.45 20.70
C HIS J 502 -74.68 -41.62 20.91
N VAL J 503 -74.26 -41.75 22.16
CA VAL J 503 -72.83 -41.84 22.48
C VAL J 503 -72.23 -43.11 21.87
N LEU J 504 -72.93 -44.23 22.01
CA LEU J 504 -72.35 -45.48 21.50
C LEU J 504 -72.43 -45.55 19.99
N ARG J 505 -73.43 -44.91 19.38
CA ARG J 505 -73.47 -44.80 17.93
C ARG J 505 -72.26 -44.02 17.41
N MET J 506 -71.93 -42.91 18.09
CA MET J 506 -70.75 -42.15 17.70
C MET J 506 -69.47 -42.94 17.96
N HIS J 507 -69.43 -43.71 19.05
CA HIS J 507 -68.23 -44.49 19.38
C HIS J 507 -67.98 -45.61 18.37
N ARG J 508 -69.02 -46.32 17.95
CA ARG J 508 -68.83 -47.45 17.06
C ARG J 508 -68.50 -47.00 15.63
N TYR J 509 -68.76 -45.75 15.31
CA TYR J 509 -68.54 -45.27 13.95
C TYR J 509 -67.05 -45.29 13.59
N ARG J 510 -66.77 -45.62 12.33
CA ARG J 510 -65.42 -45.59 11.80
C ARG J 510 -65.40 -44.82 10.49
N ALA J 511 -64.29 -44.16 10.23
CA ALA J 511 -64.17 -43.34 9.02
C ALA J 511 -64.19 -44.24 7.78
N PRO J 512 -64.97 -43.89 6.75
CA PRO J 512 -64.96 -44.69 5.53
C PRO J 512 -63.61 -44.61 4.83
N GLY J 513 -63.22 -45.71 4.20
CA GLY J 513 -61.93 -45.79 3.55
C GLY J 513 -60.80 -46.26 4.45
N GLU J 514 -61.06 -46.47 5.73
CA GLU J 514 -60.07 -46.97 6.68
C GLU J 514 -60.45 -48.39 7.05
N GLN J 515 -59.50 -49.32 6.90
CA GLN J 515 -59.78 -50.71 7.21
C GLN J 515 -60.05 -50.90 8.70
N ASP J 516 -60.98 -51.79 9.02
CA ASP J 516 -61.33 -52.05 10.40
C ASP J 516 -60.15 -52.66 11.15
N GLY J 517 -59.99 -52.27 12.42
CA GLY J 517 -58.90 -52.75 13.23
C GLY J 517 -57.59 -52.03 13.04
N ASP J 518 -57.53 -51.03 12.17
CA ASP J 518 -56.29 -50.29 11.95
C ASP J 518 -56.00 -49.36 13.12
N ALA J 519 -54.72 -49.03 13.29
CA ALA J 519 -54.29 -48.11 14.33
C ALA J 519 -54.42 -46.67 13.83
N MET J 520 -53.86 -45.72 14.57
CA MET J 520 -53.91 -44.32 14.19
C MET J 520 -52.68 -43.56 14.67
N THR J 544 -69.46 -29.57 -3.82
CA THR J 544 -69.95 -29.95 -2.49
C THR J 544 -71.46 -29.81 -2.40
N GLN J 545 -72.14 -30.92 -2.12
CA GLN J 545 -73.59 -30.90 -1.98
C GLN J 545 -74.01 -30.06 -0.80
N ILE J 546 -75.15 -29.38 -0.93
CA ILE J 546 -75.66 -28.55 0.15
C ILE J 546 -75.96 -29.38 1.38
N TYR J 547 -76.62 -30.53 1.18
CA TYR J 547 -77.04 -31.37 2.28
C TYR J 547 -76.15 -32.61 2.37
N GLU J 548 -75.71 -32.93 3.59
CA GLU J 548 -74.80 -34.03 3.81
C GLU J 548 -75.47 -35.36 3.45
N LYS J 549 -74.68 -36.29 2.93
CA LYS J 549 -75.18 -37.62 2.61
C LYS J 549 -75.65 -38.32 3.89
N HIS J 550 -76.77 -39.03 3.77
CA HIS J 550 -77.30 -39.75 4.92
C HIS J 550 -76.36 -40.86 5.36
N ASP J 551 -76.25 -41.05 6.67
CA ASP J 551 -75.41 -42.09 7.26
C ASP J 551 -76.26 -42.98 8.14
N ASN J 552 -75.98 -44.30 8.10
CA ASN J 552 -76.78 -45.25 8.85
C ASN J 552 -76.62 -45.05 10.35
N LEU J 553 -75.41 -44.74 10.82
CA LEU J 553 -75.14 -44.63 12.25
C LEU J 553 -75.14 -43.19 12.72
N LEU J 554 -74.48 -42.29 11.97
CA LEU J 554 -74.38 -40.90 12.41
C LEU J 554 -75.74 -40.20 12.39
N HIS J 555 -76.68 -40.68 11.58
CA HIS J 555 -78.01 -40.10 11.50
C HIS J 555 -79.09 -41.06 11.99
N GLY J 556 -79.14 -42.26 11.43
CA GLY J 556 -80.13 -43.24 11.84
C GLY J 556 -81.19 -43.46 10.77
N THR J 557 -81.87 -44.61 10.90
CA THR J 557 -82.88 -44.99 9.92
C THR J 557 -84.06 -44.04 9.93
N LYS J 558 -84.50 -43.62 11.12
CA LYS J 558 -85.67 -42.75 11.22
C LYS J 558 -85.42 -41.40 10.56
N LYS J 559 -84.20 -40.87 10.64
CA LYS J 559 -83.90 -39.54 10.14
C LYS J 559 -83.76 -39.48 8.62
N LYS J 560 -84.18 -40.52 7.89
CA LYS J 560 -84.08 -40.49 6.44
C LYS J 560 -84.95 -39.41 5.81
N LYS J 561 -86.00 -38.99 6.53
CA LYS J 561 -86.91 -37.97 6.00
C LYS J 561 -86.31 -36.57 6.03
N GLU J 562 -85.18 -36.37 6.70
CA GLU J 562 -84.54 -35.07 6.79
C GLU J 562 -83.05 -35.23 6.57
N LYS J 563 -82.37 -34.10 6.38
CA LYS J 563 -80.94 -34.10 6.11
C LYS J 563 -80.29 -32.96 6.88
N MET J 564 -78.96 -33.05 7.00
CA MET J 564 -78.17 -32.03 7.66
C MET J 564 -77.35 -31.26 6.64
N VAL J 565 -77.04 -30.01 6.96
CA VAL J 565 -76.33 -29.13 6.04
C VAL J 565 -74.83 -29.38 6.17
N SER J 566 -74.14 -29.40 5.03
CA SER J 566 -72.70 -29.59 5.03
C SER J 566 -72.00 -28.41 5.68
N ALA J 567 -70.83 -28.68 6.26
CA ALA J 567 -70.11 -27.65 7.00
C ALA J 567 -69.63 -26.52 6.10
N ALA J 568 -69.13 -26.86 4.92
CA ALA J 568 -68.57 -25.83 4.04
C ALA J 568 -69.65 -24.87 3.57
N PHE J 569 -70.79 -25.39 3.12
CA PHE J 569 -71.89 -24.51 2.74
C PHE J 569 -72.37 -23.70 3.92
N MET J 570 -72.36 -24.30 5.11
CA MET J 570 -72.78 -23.58 6.30
C MET J 570 -71.88 -22.38 6.54
N LYS J 571 -70.56 -22.56 6.40
CA LYS J 571 -69.63 -21.45 6.60
C LYS J 571 -69.83 -20.38 5.53
N LYS J 572 -70.00 -20.79 4.27
CA LYS J 572 -70.23 -19.82 3.20
C LYS J 572 -71.50 -19.02 3.46
N TYR J 573 -72.58 -19.69 3.85
CA TYR J 573 -73.83 -19.00 4.14
C TYR J 573 -73.68 -18.07 5.34
N ILE J 574 -72.94 -18.50 6.35
CA ILE J 574 -72.73 -17.66 7.54
C ILE J 574 -72.00 -16.38 7.14
N HIS J 575 -70.96 -16.51 6.31
CA HIS J 575 -70.22 -15.33 5.85
C HIS J 575 -71.12 -14.40 5.05
N VAL J 576 -71.91 -14.96 4.13
CA VAL J 576 -72.80 -14.13 3.32
C VAL J 576 -73.82 -13.42 4.20
N ALA J 577 -74.39 -14.13 5.17
CA ALA J 577 -75.36 -13.52 6.07
C ALA J 577 -74.72 -12.42 6.92
N LYS J 578 -73.47 -12.64 7.36
CA LYS J 578 -72.77 -11.62 8.12
C LYS J 578 -72.53 -10.37 7.29
N ILE J 579 -72.33 -10.55 5.98
CA ILE J 579 -72.16 -9.39 5.09
C ILE J 579 -73.46 -8.58 5.02
N ILE J 580 -74.60 -9.26 4.95
CA ILE J 580 -75.87 -8.59 4.69
C ILE J 580 -76.24 -7.63 5.82
N LYS J 581 -76.84 -6.50 5.45
CA LYS J 581 -77.17 -5.42 6.39
C LYS J 581 -78.68 -5.21 6.41
N PRO J 582 -79.39 -5.81 7.36
CA PRO J 582 -80.84 -5.61 7.46
C PRO J 582 -81.19 -4.30 8.13
N VAL J 583 -82.47 -3.94 8.04
CA VAL J 583 -83.01 -2.71 8.61
C VAL J 583 -84.26 -3.03 9.41
N LEU J 584 -84.46 -2.28 10.49
CA LEU J 584 -85.61 -2.47 11.38
C LEU J 584 -86.86 -1.79 10.81
N THR J 585 -88.00 -2.46 10.96
CA THR J 585 -89.27 -1.96 10.46
C THR J 585 -90.05 -1.27 11.57
N GLN J 586 -91.01 -0.43 11.15
CA GLN J 586 -91.87 0.27 12.09
C GLN J 586 -92.86 -0.65 12.78
N GLU J 587 -93.20 -1.79 12.15
CA GLU J 587 -94.18 -2.70 12.72
C GLU J 587 -93.69 -3.27 14.04
N SER J 588 -92.40 -3.61 14.12
CA SER J 588 -91.86 -4.35 15.25
C SER J 588 -91.34 -3.46 16.37
N ALA J 589 -91.07 -2.19 16.10
CA ALA J 589 -90.49 -1.33 17.14
C ALA J 589 -91.48 -1.11 18.28
N THR J 590 -92.71 -0.72 17.97
CA THR J 590 -93.72 -0.53 19.00
C THR J 590 -94.02 -1.86 19.71
N TYR J 591 -94.03 -2.95 18.95
CA TYR J 591 -94.30 -4.27 19.54
C TYR J 591 -93.23 -4.63 20.57
N ILE J 592 -91.96 -4.41 20.23
CA ILE J 592 -90.87 -4.73 21.14
C ILE J 592 -90.88 -3.79 22.35
N ALA J 593 -91.16 -2.50 22.13
CA ALA J 593 -91.22 -1.57 23.24
C ALA J 593 -92.34 -1.94 24.21
N GLU J 594 -93.51 -2.30 23.68
CA GLU J 594 -94.61 -2.70 24.53
C GLU J 594 -94.28 -3.97 25.30
N GLU J 595 -93.59 -4.91 24.67
CA GLU J 595 -93.21 -6.12 25.39
C GLU J 595 -92.14 -5.86 26.44
N TYR J 596 -91.22 -4.92 26.20
CA TYR J 596 -90.26 -4.54 27.24
C TYR J 596 -90.98 -3.93 28.43
N SER J 597 -91.94 -3.05 28.17
CA SER J 597 -92.73 -2.49 29.27
C SER J 597 -93.52 -3.59 29.97
N ARG J 598 -94.02 -4.55 29.21
CA ARG J 598 -94.76 -5.66 29.79
C ARG J 598 -93.87 -6.50 30.71
N LEU J 599 -92.63 -6.74 30.31
CA LEU J 599 -91.70 -7.48 31.17
C LEU J 599 -91.39 -6.70 32.44
N ARG J 600 -91.11 -5.39 32.29
CA ARG J 600 -90.79 -4.59 33.47
C ARG J 600 -91.97 -4.42 34.41
N SER J 601 -93.20 -4.60 33.90
CA SER J 601 -94.36 -4.62 34.80
C SER J 601 -94.58 -6.00 35.38
N GLN J 602 -94.36 -7.04 34.58
CA GLN J 602 -94.47 -8.43 35.02
C GLN J 602 -93.48 -8.75 36.12
N ASP J 603 -92.42 -7.94 36.23
CA ASP J 603 -91.49 -8.02 37.35
C ASP J 603 -92.23 -8.21 38.67
N SER J 604 -93.40 -7.56 38.80
CA SER J 604 -94.27 -7.78 39.95
C SER J 604 -95.15 -9.00 39.79
N MET J 605 -95.44 -9.43 38.56
CA MET J 605 -96.34 -10.55 38.31
C MET J 605 -95.67 -11.91 38.47
N SER J 606 -94.36 -11.99 38.24
CA SER J 606 -93.63 -13.26 38.33
C SER J 606 -93.42 -13.58 39.80
N SER J 607 -94.39 -14.26 40.40
CA SER J 607 -94.35 -14.61 41.81
C SER J 607 -93.98 -16.06 42.07
N ASP J 608 -94.28 -16.96 41.12
CA ASP J 608 -94.00 -18.38 41.29
C ASP J 608 -92.55 -18.75 40.96
N THR J 609 -91.82 -17.88 40.27
CA THR J 609 -90.47 -18.20 39.83
C THR J 609 -89.56 -17.01 40.10
N ALA J 610 -88.27 -17.30 40.22
CA ALA J 610 -87.25 -16.27 40.42
C ALA J 610 -86.67 -15.82 39.09
N ARG J 611 -85.90 -14.73 39.13
CA ARG J 611 -85.30 -14.15 37.94
C ARG J 611 -83.80 -14.41 37.96
N THR J 612 -83.26 -14.86 36.81
CA THR J 612 -81.84 -15.13 36.71
C THR J 612 -81.04 -13.84 36.60
N SER J 613 -81.51 -12.89 35.78
CA SER J 613 -80.78 -11.67 35.48
C SER J 613 -81.70 -10.47 35.62
N PRO J 614 -81.17 -9.34 36.08
CA PRO J 614 -82.00 -8.12 36.17
C PRO J 614 -82.34 -7.57 34.80
N VAL J 615 -83.43 -6.82 34.75
CA VAL J 615 -83.91 -6.21 33.53
C VAL J 615 -83.52 -4.74 33.56
N THR J 616 -82.63 -4.34 32.66
CA THR J 616 -82.17 -2.96 32.58
C THR J 616 -82.38 -2.41 31.17
N ALA J 617 -81.78 -1.26 30.87
CA ALA J 617 -81.91 -0.68 29.54
C ALA J 617 -81.23 -1.55 28.48
N ARG J 618 -80.27 -2.38 28.88
CA ARG J 618 -79.55 -3.21 27.92
C ARG J 618 -80.44 -4.30 27.35
N THR J 619 -81.53 -4.64 28.05
CA THR J 619 -82.41 -5.69 27.57
C THR J 619 -83.08 -5.31 26.25
N LEU J 620 -83.46 -4.04 26.11
CA LEU J 620 -84.10 -3.60 24.86
C LEU J 620 -83.12 -3.68 23.69
N GLU J 621 -81.89 -3.23 23.91
CA GLU J 621 -80.87 -3.36 22.88
C GLU J 621 -80.63 -4.82 22.54
N THR J 622 -80.68 -5.69 23.55
CA THR J 622 -80.53 -7.12 23.32
C THR J 622 -81.66 -7.65 22.45
N LEU J 623 -82.88 -7.19 22.72
CA LEU J 623 -84.03 -7.59 21.89
C LEU J 623 -83.81 -7.20 20.44
N ILE J 624 -83.43 -5.94 20.21
CA ILE J 624 -83.21 -5.47 18.84
C ILE J 624 -82.08 -6.25 18.18
N ARG J 625 -81.02 -6.53 18.95
CA ARG J 625 -79.86 -7.25 18.42
C ARG J 625 -80.24 -8.66 18.00
N LEU J 626 -81.01 -9.37 18.83
CA LEU J 626 -81.42 -10.72 18.49
C LEU J 626 -82.37 -10.72 17.30
N ALA J 627 -83.25 -9.71 17.23
CA ALA J 627 -84.13 -9.57 16.08
C ALA J 627 -83.32 -9.41 14.80
N THR J 628 -82.29 -8.56 14.83
CA THR J 628 -81.46 -8.35 13.67
C THR J 628 -80.65 -9.60 13.32
N ALA J 629 -80.21 -10.34 14.33
CA ALA J 629 -79.50 -11.59 14.07
C ALA J 629 -80.40 -12.60 13.36
N HIS J 630 -81.64 -12.72 13.83
CA HIS J 630 -82.58 -13.61 13.14
C HIS J 630 -82.87 -13.12 11.73
N ALA J 631 -82.98 -11.81 11.54
CA ALA J 631 -83.15 -11.27 10.19
C ALA J 631 -81.94 -11.55 9.32
N LYS J 632 -80.75 -11.64 9.92
CA LYS J 632 -79.57 -12.05 9.18
C LYS J 632 -79.64 -13.51 8.79
N ALA J 633 -80.25 -14.34 9.66
CA ALA J 633 -80.29 -15.78 9.40
C ALA J 633 -80.97 -16.08 8.07
N ARG J 634 -82.10 -15.43 7.81
CA ARG J 634 -82.82 -15.57 6.55
C ARG J 634 -82.55 -14.31 5.73
N MET J 635 -81.86 -14.48 4.60
CA MET J 635 -81.43 -13.32 3.81
C MET J 635 -82.63 -12.53 3.32
N SER J 636 -82.71 -11.28 3.73
CA SER J 636 -83.80 -10.38 3.37
C SER J 636 -83.29 -8.95 3.48
N LYS J 637 -84.21 -7.99 3.50
CA LYS J 637 -83.84 -6.59 3.60
C LYS J 637 -84.34 -5.91 4.87
N THR J 638 -85.38 -6.44 5.51
CA THR J 638 -85.96 -5.76 6.66
C THR J 638 -86.23 -6.78 7.77
N VAL J 639 -86.29 -6.26 9.00
CA VAL J 639 -86.58 -7.07 10.18
C VAL J 639 -88.09 -7.18 10.33
N ASP J 640 -88.57 -8.40 10.53
CA ASP J 640 -90.00 -8.70 10.56
C ASP J 640 -90.41 -9.07 11.98
N LEU J 641 -91.70 -9.42 12.13
CA LEU J 641 -92.25 -9.69 13.46
C LEU J 641 -91.80 -11.05 13.98
N GLN J 642 -91.59 -12.02 13.09
CA GLN J 642 -91.23 -13.37 13.52
C GLN J 642 -89.88 -13.37 14.23
N ASP J 643 -88.93 -12.57 13.73
CA ASP J 643 -87.63 -12.47 14.39
C ASP J 643 -87.78 -11.89 15.79
N ALA J 644 -88.64 -10.87 15.94
CA ALA J 644 -88.90 -10.32 17.26
C ALA J 644 -89.51 -11.36 18.19
N GLU J 645 -90.44 -12.17 17.67
CA GLU J 645 -91.05 -13.21 18.48
C GLU J 645 -90.03 -14.26 18.92
N GLU J 646 -89.14 -14.65 18.01
CA GLU J 646 -88.10 -15.62 18.38
C GLU J 646 -87.17 -15.04 19.44
N ALA J 647 -86.77 -13.77 19.27
CA ALA J 647 -85.93 -13.13 20.26
C ALA J 647 -86.61 -13.09 21.61
N VAL J 648 -87.91 -12.79 21.63
CA VAL J 648 -88.64 -12.68 22.88
C VAL J 648 -88.80 -14.06 23.53
N GLU J 649 -89.01 -15.09 22.72
CA GLU J 649 -89.05 -16.45 23.27
C GLU J 649 -87.73 -16.80 23.93
N LEU J 650 -86.61 -16.47 23.27
CA LEU J 650 -85.30 -16.72 23.85
C LEU J 650 -85.13 -15.98 25.17
N VAL J 651 -85.53 -14.71 25.19
CA VAL J 651 -85.39 -13.89 26.40
C VAL J 651 -86.23 -14.46 27.54
N GLN J 652 -87.47 -14.84 27.24
CA GLN J 652 -88.35 -15.39 28.27
C GLN J 652 -87.80 -16.69 28.82
N TYR J 653 -87.28 -17.55 27.94
CA TYR J 653 -86.71 -18.81 28.41
C TYR J 653 -85.49 -18.58 29.29
N ALA J 654 -84.59 -17.67 28.86
CA ALA J 654 -83.32 -17.52 29.56
C ALA J 654 -83.47 -16.76 30.87
N TYR J 655 -84.36 -15.77 30.90
CA TYR J 655 -84.40 -14.84 32.02
C TYR J 655 -85.14 -15.37 33.25
N PHE J 656 -85.93 -16.42 33.11
CA PHE J 656 -86.68 -16.96 34.23
C PHE J 656 -86.53 -18.48 34.29
N LYS J 657 -86.53 -19.02 35.50
CA LYS J 657 -86.45 -20.45 35.70
C LYS J 657 -87.36 -20.85 36.87
N LYS J 658 -87.81 -22.10 36.84
CA LYS J 658 -88.68 -22.62 37.88
C LYS J 658 -87.91 -22.89 39.18
N LYS K 149 -12.46 54.62 17.49
CA LYS K 149 -13.51 54.47 16.48
C LYS K 149 -14.82 55.06 16.98
N LEU K 150 -15.63 55.57 16.04
CA LEU K 150 -16.90 56.19 16.42
C LEU K 150 -17.86 55.15 16.98
N VAL K 151 -17.97 53.99 16.32
CA VAL K 151 -18.83 52.91 16.77
C VAL K 151 -18.08 51.60 16.65
N ILE K 152 -18.55 50.60 17.36
CA ILE K 152 -17.97 49.26 17.32
C ILE K 152 -18.74 48.41 16.32
N TRP K 153 -18.03 47.56 15.59
CA TRP K 153 -18.64 46.71 14.58
C TRP K 153 -19.76 45.87 15.18
N GLY K 154 -20.92 45.89 14.53
CA GLY K 154 -22.07 45.16 15.00
C GLY K 154 -22.86 45.85 16.09
N THR K 155 -22.43 47.02 16.54
CA THR K 155 -23.09 47.75 17.62
C THR K 155 -23.14 49.22 17.26
N ASP K 156 -23.63 50.03 18.20
CA ASP K 156 -23.60 51.48 18.12
C ASP K 156 -22.89 52.11 19.32
N VAL K 157 -22.06 51.35 20.02
CA VAL K 157 -21.51 51.78 21.29
C VAL K 157 -20.24 52.58 21.07
N ASN K 158 -20.14 53.71 21.75
CA ASN K 158 -18.91 54.51 21.81
C ASN K 158 -18.31 54.39 23.20
N VAL K 159 -17.00 54.16 23.26
CA VAL K 159 -16.36 53.89 24.54
C VAL K 159 -16.23 55.14 25.38
N ALA K 160 -15.65 56.21 24.80
CA ALA K 160 -15.42 57.43 25.55
C ALA K 160 -16.73 58.09 25.99
N ALA K 161 -17.73 58.09 25.10
CA ALA K 161 -19.01 58.68 25.45
C ALA K 161 -19.65 57.97 26.63
N CYS K 162 -19.64 56.64 26.61
CA CYS K 162 -20.22 55.88 27.72
C CYS K 162 -19.40 56.06 28.99
N LYS K 163 -18.07 56.16 28.88
CA LYS K 163 -17.25 56.39 30.05
C LYS K 163 -17.59 57.72 30.71
N GLU K 164 -17.67 58.79 29.93
CA GLU K 164 -18.03 60.09 30.47
C GLU K 164 -19.44 60.07 31.04
N ASN K 165 -20.37 59.40 30.35
CA ASN K 165 -21.74 59.32 30.82
C ASN K 165 -21.81 58.65 32.18
N PHE K 166 -21.11 57.53 32.35
CA PHE K 166 -21.14 56.83 33.63
C PHE K 166 -20.47 57.65 34.72
N GLN K 167 -19.35 58.30 34.41
CA GLN K 167 -18.67 59.11 35.42
C GLN K 167 -19.55 60.26 35.88
N ARG K 168 -20.25 60.90 34.95
CA ARG K 168 -21.17 61.97 35.33
C ARG K 168 -22.33 61.43 36.15
N PHE K 169 -22.89 60.29 35.75
CA PHE K 169 -24.04 59.73 36.43
C PHE K 169 -23.70 59.31 37.85
N LEU K 170 -22.47 58.86 38.08
CA LEU K 170 -22.08 58.46 39.42
C LEU K 170 -22.06 59.64 40.38
N GLN K 171 -22.09 60.86 39.84
CA GLN K 171 -22.06 62.04 40.70
C GLN K 171 -23.38 62.79 40.67
N ARG K 172 -24.20 62.55 39.64
CA ARG K 172 -25.38 63.40 39.44
C ARG K 172 -26.66 62.79 39.98
N PHE K 173 -26.76 61.46 40.03
CA PHE K 173 -28.05 60.82 40.24
C PHE K 173 -28.60 61.09 41.64
N ILE K 174 -29.87 61.50 41.69
CA ILE K 174 -30.63 61.66 42.93
C ILE K 174 -32.06 61.22 42.67
N ASP K 175 -32.61 60.44 43.59
CA ASP K 175 -33.99 59.96 43.46
C ASP K 175 -34.76 60.27 44.74
N PRO K 176 -35.91 60.96 44.63
CA PRO K 176 -36.66 61.32 45.83
C PRO K 176 -37.60 60.23 46.32
N LEU K 177 -38.03 59.36 45.41
CA LEU K 177 -38.99 58.32 45.77
C LEU K 177 -38.38 57.30 46.73
N ALA K 178 -37.09 57.02 46.58
CA ALA K 178 -36.41 56.06 47.44
C ALA K 178 -36.20 56.70 48.81
N LYS K 179 -37.10 56.37 49.73
CA LYS K 179 -37.04 56.90 51.09
C LYS K 179 -36.03 56.09 51.90
N GLU K 180 -36.09 56.25 53.23
CA GLU K 180 -35.17 55.53 54.10
C GLU K 180 -35.46 54.04 54.13
N GLU K 181 -36.58 53.60 53.55
CA GLU K 181 -36.91 52.17 53.54
C GLU K 181 -35.86 51.37 52.78
N GLU K 182 -35.34 51.91 51.67
CA GLU K 182 -34.29 51.25 50.91
C GLU K 182 -33.02 52.07 50.76
N ASN K 183 -33.10 53.40 50.77
CA ASN K 183 -31.90 54.23 50.87
C ASN K 183 -31.45 54.19 52.32
N VAL K 184 -30.84 53.07 52.68
CA VAL K 184 -30.58 52.71 54.07
C VAL K 184 -29.16 53.12 54.43
N GLY K 185 -29.03 53.92 55.48
CA GLY K 185 -27.71 54.36 55.93
C GLY K 185 -27.07 55.42 55.08
N ILE K 186 -27.83 56.07 54.21
CA ILE K 186 -27.29 57.05 53.28
C ILE K 186 -28.08 58.34 53.43
N ASP K 187 -27.38 59.46 53.35
CA ASP K 187 -28.01 60.78 53.37
C ASP K 187 -28.70 61.00 52.03
N ILE K 188 -30.04 61.02 52.05
CA ILE K 188 -30.82 61.12 50.83
C ILE K 188 -30.62 62.44 50.11
N THR K 189 -30.43 63.55 50.84
CA THR K 189 -30.25 64.85 50.23
C THR K 189 -28.98 64.93 49.37
N GLU K 190 -28.05 64.00 49.54
CA GLU K 190 -26.82 63.92 48.78
C GLU K 190 -26.97 62.94 47.63
N PRO K 191 -26.10 63.02 46.62
CA PRO K 191 -26.11 61.99 45.56
C PRO K 191 -25.85 60.61 46.15
N LEU K 192 -26.51 59.61 45.57
CA LEU K 192 -26.53 58.28 46.18
C LEU K 192 -25.27 57.47 45.84
N TYR K 193 -24.92 57.39 44.55
CA TYR K 193 -23.84 56.50 44.15
C TYR K 193 -22.48 57.00 44.61
N MET K 194 -22.29 58.32 44.69
CA MET K 194 -21.04 58.83 45.27
C MET K 194 -20.94 58.46 46.74
N GLN K 195 -22.06 58.51 47.46
CA GLN K 195 -22.07 58.05 48.85
C GLN K 195 -21.76 56.57 48.93
N ARG K 196 -22.26 55.78 47.98
CA ARG K 196 -21.94 54.36 47.95
C ARG K 196 -20.44 54.14 47.73
N LEU K 197 -19.83 54.91 46.83
CA LEU K 197 -18.39 54.81 46.62
C LEU K 197 -17.63 55.20 47.87
N GLY K 198 -18.09 56.24 48.57
CA GLY K 198 -17.46 56.61 49.83
C GLY K 198 -17.55 55.50 50.87
N GLU K 199 -18.71 54.85 50.96
CA GLU K 199 -18.85 53.72 51.87
C GLU K 199 -17.94 52.56 51.47
N ILE K 200 -17.77 52.33 50.17
CA ILE K 200 -16.81 51.33 49.71
C ILE K 200 -15.39 51.69 50.16
N ASN K 201 -15.01 52.96 50.01
CA ASN K 201 -13.71 53.38 50.50
C ASN K 201 -13.58 53.17 52.00
N VAL K 202 -14.68 53.39 52.74
CA VAL K 202 -14.65 53.18 54.18
C VAL K 202 -14.42 51.71 54.51
N ILE K 203 -15.13 50.81 53.82
CA ILE K 203 -15.03 49.40 54.14
C ILE K 203 -13.93 48.73 53.34
N GLY K 204 -13.78 49.07 52.06
CA GLY K 204 -12.76 48.46 51.24
C GLY K 204 -13.22 47.28 50.40
N GLU K 205 -14.52 47.04 50.33
CA GLU K 205 -15.04 45.97 49.49
C GLU K 205 -14.80 46.30 48.02
N PRO K 206 -14.18 45.40 47.25
CA PRO K 206 -13.81 45.75 45.87
C PRO K 206 -14.95 45.62 44.88
N PHE K 207 -16.19 45.58 45.34
CA PHE K 207 -17.33 45.33 44.47
C PHE K 207 -18.44 46.35 44.74
N LEU K 208 -19.08 46.81 43.67
CA LEU K 208 -20.16 47.78 43.74
C LEU K 208 -21.38 47.25 42.99
N ASN K 209 -22.56 47.44 43.58
CA ASN K 209 -23.81 46.93 43.02
C ASN K 209 -24.62 48.10 42.47
N VAL K 210 -25.11 47.95 41.24
CA VAL K 210 -25.81 49.03 40.55
C VAL K 210 -27.16 48.53 40.06
N ASN K 211 -28.22 49.26 40.40
CA ASN K 211 -29.57 48.95 39.96
C ASN K 211 -29.77 49.48 38.55
N CYS K 212 -30.35 48.66 37.69
CA CYS K 212 -30.54 49.06 36.29
C CYS K 212 -31.56 50.18 36.17
N GLU K 213 -32.62 50.13 36.98
CA GLU K 213 -33.72 51.07 36.82
C GLU K 213 -33.30 52.49 37.13
N HIS K 214 -32.33 52.67 38.04
CA HIS K 214 -31.79 54.01 38.28
C HIS K 214 -31.12 54.55 37.02
N ILE K 215 -30.34 53.72 36.34
CA ILE K 215 -29.68 54.14 35.11
C ILE K 215 -30.71 54.45 34.04
N LYS K 216 -31.77 53.63 33.96
CA LYS K 216 -32.84 53.91 33.00
C LYS K 216 -33.54 55.23 33.31
N SER K 217 -33.72 55.53 34.60
CA SER K 217 -34.32 56.79 35.01
C SER K 217 -33.46 57.96 34.57
N PHE K 218 -32.13 57.82 34.72
CA PHE K 218 -31.23 58.89 34.29
C PHE K 218 -31.32 59.10 32.78
N ASP K 219 -31.27 58.02 32.01
CA ASP K 219 -31.40 58.09 30.56
C ASP K 219 -31.77 56.71 30.03
N LYS K 220 -32.32 56.68 28.82
CA LYS K 220 -32.74 55.42 28.22
C LYS K 220 -31.68 54.83 27.30
N ASN K 221 -30.87 55.67 26.65
CA ASN K 221 -29.85 55.17 25.74
C ASN K 221 -28.83 54.31 26.49
N LEU K 222 -28.39 54.77 27.65
CA LEU K 222 -27.43 53.99 28.43
C LEU K 222 -28.03 52.67 28.88
N TYR K 223 -29.31 52.67 29.29
CA TYR K 223 -29.96 51.43 29.70
C TYR K 223 -30.03 50.44 28.54
N ARG K 224 -30.46 50.91 27.37
CA ARG K 224 -30.57 50.01 26.22
C ARG K 224 -29.20 49.49 25.79
N GLN K 225 -28.17 50.35 25.83
CA GLN K 225 -26.84 49.91 25.44
C GLN K 225 -26.25 48.93 26.46
N LEU K 226 -26.58 49.09 27.74
CA LEU K 226 -26.10 48.15 28.74
C LEU K 226 -26.79 46.81 28.60
N ILE K 227 -28.09 46.82 28.29
CA ILE K 227 -28.82 45.57 28.13
C ILE K 227 -28.39 44.83 26.86
N SER K 228 -28.22 45.57 25.76
CA SER K 228 -27.96 44.93 24.48
C SER K 228 -26.55 44.35 24.41
N TYR K 229 -25.54 45.10 24.83
CA TYR K 229 -24.14 44.71 24.67
C TYR K 229 -23.41 44.82 25.99
N PRO K 230 -23.66 43.90 26.93
CA PRO K 230 -22.97 43.98 28.22
C PRO K 230 -21.46 43.91 28.11
N GLN K 231 -20.95 43.17 27.13
CA GLN K 231 -19.51 42.96 27.01
C GLN K 231 -18.78 44.26 26.66
N GLU K 232 -19.42 45.12 25.86
CA GLU K 232 -18.76 46.36 25.45
C GLU K 232 -19.02 47.48 26.44
N VAL K 233 -19.87 47.24 27.43
CA VAL K 233 -20.30 48.32 28.32
C VAL K 233 -19.69 48.16 29.71
N ILE K 234 -19.72 46.93 30.26
CA ILE K 234 -19.27 46.74 31.64
C ILE K 234 -17.79 47.07 31.83
N PRO K 235 -16.86 46.63 30.98
CA PRO K 235 -15.45 47.00 31.20
C PRO K 235 -15.20 48.50 31.22
N THR K 236 -15.96 49.26 30.42
CA THR K 236 -15.88 50.72 30.50
C THR K 236 -16.31 51.21 31.87
N PHE K 237 -17.37 50.61 32.41
CA PHE K 237 -17.87 51.00 33.72
C PHE K 237 -16.84 50.74 34.81
N ASP K 238 -16.11 49.63 34.71
CA ASP K 238 -15.09 49.31 35.71
C ASP K 238 -14.06 50.43 35.82
N MET K 239 -13.48 50.83 34.67
CA MET K 239 -12.45 51.87 34.72
C MET K 239 -13.04 53.23 35.07
N ALA K 240 -14.27 53.50 34.63
CA ALA K 240 -14.93 54.76 34.98
C ALA K 240 -15.07 54.88 36.50
N VAL K 241 -15.43 53.79 37.16
CA VAL K 241 -15.53 53.81 38.62
C VAL K 241 -14.16 53.90 39.26
N ASN K 242 -13.18 53.16 38.72
CA ASN K 242 -11.85 53.10 39.35
C ASN K 242 -11.17 54.46 39.34
N GLU K 243 -11.29 55.19 38.23
CA GLU K 243 -10.66 56.51 38.15
C GLU K 243 -11.23 57.44 39.22
N ILE K 244 -12.56 57.44 39.38
CA ILE K 244 -13.19 58.29 40.39
C ILE K 244 -12.75 57.89 41.78
N PHE K 245 -12.71 56.58 42.05
CA PHE K 245 -12.33 56.11 43.39
C PHE K 245 -10.90 56.53 43.72
N PHE K 246 -9.98 56.37 42.77
CA PHE K 246 -8.59 56.70 43.05
C PHE K 246 -8.37 58.20 43.11
N ASP K 247 -9.16 58.99 42.36
CA ASP K 247 -9.02 60.44 42.43
C ASP K 247 -9.53 60.98 43.76
N ARG K 248 -10.71 60.53 44.19
CA ARG K 248 -11.29 61.09 45.40
C ARG K 248 -10.61 60.56 46.67
N TYR K 249 -10.16 59.31 46.65
CA TYR K 249 -9.54 58.68 47.82
C TYR K 249 -8.19 58.09 47.43
N PRO K 250 -7.17 58.93 47.28
CA PRO K 250 -5.86 58.44 46.83
C PRO K 250 -5.22 57.51 47.84
N ASP K 251 -4.40 56.59 47.34
CA ASP K 251 -3.58 55.69 48.14
C ASP K 251 -4.37 54.81 49.09
N SER K 252 -5.64 54.54 48.78
CA SER K 252 -6.41 53.57 49.55
C SER K 252 -6.00 52.16 49.13
N ILE K 253 -5.71 51.30 50.10
CA ILE K 253 -5.12 50.00 49.81
C ILE K 253 -6.22 49.03 49.37
N LEU K 254 -6.05 48.45 48.19
CA LEU K 254 -6.91 47.38 47.70
C LEU K 254 -6.04 46.34 47.01
N GLU K 255 -6.50 45.08 47.04
CA GLU K 255 -5.77 44.02 46.36
C GLU K 255 -6.00 44.04 44.85
N HIS K 256 -7.16 44.50 44.40
CA HIS K 256 -7.43 44.63 42.98
C HIS K 256 -8.47 45.71 42.77
N GLN K 257 -8.60 46.15 41.52
CA GLN K 257 -9.43 47.29 41.19
C GLN K 257 -10.92 46.94 41.25
N ILE K 258 -11.76 47.96 41.08
CA ILE K 258 -13.19 47.82 41.29
C ILE K 258 -13.85 47.17 40.07
N GLN K 259 -14.80 46.27 40.33
CA GLN K 259 -15.62 45.66 39.30
C GLN K 259 -17.09 45.97 39.59
N VAL K 260 -17.83 46.35 38.56
CA VAL K 260 -19.22 46.77 38.70
C VAL K 260 -20.14 45.61 38.36
N ARG K 261 -21.25 45.51 39.09
CA ARG K 261 -22.19 44.41 38.95
C ARG K 261 -23.62 44.91 38.86
N PRO K 262 -24.22 44.92 37.67
CA PRO K 262 -25.61 45.36 37.54
C PRO K 262 -26.57 44.36 38.18
N PHE K 263 -27.78 44.82 38.47
CA PHE K 263 -28.82 43.95 39.01
C PHE K 263 -30.19 44.56 38.76
N ASN K 264 -31.22 43.75 38.97
CA ASN K 264 -32.61 44.17 38.84
C ASN K 264 -32.94 44.68 37.43
N ALA K 265 -32.87 43.79 36.45
CA ALA K 265 -33.35 44.08 35.12
C ALA K 265 -34.83 43.71 35.03
N LEU K 266 -35.66 44.65 34.61
CA LEU K 266 -37.11 44.45 34.63
C LEU K 266 -37.50 43.49 33.53
N LYS K 267 -37.69 42.22 33.89
CA LYS K 267 -38.24 41.21 32.99
C LYS K 267 -39.12 40.29 33.82
N THR K 268 -40.42 40.34 33.57
CA THR K 268 -41.39 39.49 34.26
C THR K 268 -41.93 38.40 33.34
N LYS K 269 -41.10 37.91 32.43
CA LYS K 269 -41.54 36.99 31.38
C LYS K 269 -41.19 35.55 31.74
N ASN K 270 -42.00 34.63 31.23
CA ASN K 270 -41.70 33.21 31.37
C ASN K 270 -40.44 32.88 30.56
N MET K 271 -39.58 32.03 31.14
CA MET K 271 -38.32 31.72 30.47
C MET K 271 -38.53 31.00 29.15
N ARG K 272 -39.62 30.23 29.02
CA ARG K 272 -39.91 29.57 27.75
C ARG K 272 -40.24 30.58 26.66
N ASN K 273 -40.49 31.84 27.02
CA ASN K 273 -40.76 32.88 26.02
C ASN K 273 -39.50 33.47 25.42
N LEU K 274 -38.32 33.04 25.86
CA LEU K 274 -37.08 33.56 25.29
C LEU K 274 -36.94 33.17 23.84
N ASN K 275 -36.25 34.01 23.08
CA ASN K 275 -36.09 33.87 21.63
C ASN K 275 -34.63 34.06 21.27
N PRO K 276 -34.22 33.61 20.08
CA PRO K 276 -32.84 33.84 19.64
C PRO K 276 -32.46 35.30 19.56
N GLU K 277 -33.44 36.20 19.45
CA GLU K 277 -33.14 37.63 19.47
C GLU K 277 -32.49 38.04 20.78
N ASP K 278 -32.70 37.28 21.85
CA ASP K 278 -32.22 37.61 23.18
C ASP K 278 -30.94 36.88 23.56
N ILE K 279 -30.26 36.25 22.61
CA ILE K 279 -28.98 35.61 22.91
C ILE K 279 -27.94 36.67 23.25
N ASP K 280 -27.19 36.44 24.32
CA ASP K 280 -26.18 37.37 24.82
C ASP K 280 -26.81 38.70 25.25
N GLN K 281 -27.78 38.61 26.15
CA GLN K 281 -28.44 39.77 26.73
C GLN K 281 -28.66 39.54 28.21
N LEU K 282 -28.91 40.62 28.94
CA LEU K 282 -28.99 40.58 30.40
C LEU K 282 -30.42 40.29 30.84
N ILE K 283 -30.60 39.24 31.65
CA ILE K 283 -31.92 38.76 32.05
C ILE K 283 -31.91 38.51 33.56
N THR K 284 -33.11 38.44 34.13
CA THR K 284 -33.32 38.14 35.54
C THR K 284 -34.12 36.86 35.72
N ILE K 285 -33.88 36.22 36.87
CA ILE K 285 -34.40 34.92 37.22
C ILE K 285 -34.83 34.95 38.68
N SER K 286 -35.95 34.33 38.99
CA SER K 286 -36.34 34.12 40.37
C SER K 286 -36.57 32.63 40.56
N GLY K 287 -35.88 32.01 41.50
CA GLY K 287 -35.97 30.57 41.59
C GLY K 287 -35.46 30.01 42.90
N MET K 288 -35.31 28.69 42.91
CA MET K 288 -34.85 27.92 44.05
C MET K 288 -33.76 26.95 43.60
N VAL K 289 -32.69 26.87 44.37
CA VAL K 289 -31.53 26.05 44.05
C VAL K 289 -31.77 24.63 44.57
N ILE K 290 -31.52 23.64 43.73
CA ILE K 290 -31.66 22.24 44.13
C ILE K 290 -30.38 21.44 44.02
N ARG K 291 -29.44 21.80 43.13
CA ARG K 291 -28.20 21.04 42.98
C ARG K 291 -27.04 21.99 42.79
N THR K 292 -25.95 21.75 43.53
CA THR K 292 -24.70 22.48 43.35
C THR K 292 -23.55 21.48 43.34
N SER K 293 -22.74 21.52 42.28
CA SER K 293 -21.64 20.58 42.15
C SER K 293 -20.40 21.10 42.88
N GLN K 294 -19.31 20.35 42.76
CA GLN K 294 -18.05 20.78 43.35
C GLN K 294 -17.37 21.82 42.47
N LEU K 295 -16.40 22.51 43.05
CA LEU K 295 -15.65 23.52 42.33
C LEU K 295 -14.79 22.86 41.26
N ILE K 296 -14.63 23.57 40.15
CA ILE K 296 -13.79 23.13 39.03
C ILE K 296 -12.70 24.17 38.82
N PRO K 297 -11.43 23.78 38.75
CA PRO K 297 -10.36 24.74 38.44
C PRO K 297 -10.18 24.87 36.93
N GLU K 298 -10.22 26.10 36.43
CA GLU K 298 -10.02 26.36 35.02
C GLU K 298 -8.86 27.33 34.84
N MET K 299 -7.97 27.00 33.91
CA MET K 299 -6.69 27.68 33.76
C MET K 299 -6.86 29.06 33.15
N GLN K 300 -5.99 29.99 33.56
CA GLN K 300 -5.93 31.31 32.97
C GLN K 300 -4.55 31.69 32.46
N GLU K 301 -3.48 31.10 32.99
CA GLU K 301 -2.13 31.42 32.55
C GLU K 301 -1.24 30.20 32.76
N ALA K 302 -0.63 29.72 31.69
CA ALA K 302 0.13 28.47 31.68
C ALA K 302 1.60 28.75 31.91
N PHE K 303 2.28 27.78 32.51
CA PHE K 303 3.70 27.87 32.84
C PHE K 303 4.45 26.78 32.10
N PHE K 304 5.48 27.16 31.35
CA PHE K 304 6.26 26.22 30.56
C PHE K 304 7.71 26.24 31.00
N GLN K 305 8.34 25.08 30.96
CA GLN K 305 9.74 24.93 31.33
C GLN K 305 10.50 24.24 30.20
N CYS K 306 11.71 24.73 29.93
CA CYS K 306 12.58 24.15 28.91
C CYS K 306 13.24 22.92 29.50
N GLN K 307 13.07 21.77 28.84
CA GLN K 307 13.63 20.52 29.34
C GLN K 307 15.13 20.44 29.16
N VAL K 308 15.72 21.30 28.33
CA VAL K 308 17.16 21.23 28.06
C VAL K 308 17.98 22.22 28.88
N CYS K 309 17.48 23.45 29.07
CA CYS K 309 18.28 24.45 29.78
C CYS K 309 17.53 25.12 30.92
N ALA K 310 16.42 24.56 31.40
CA ALA K 310 15.67 25.05 32.55
C ALA K 310 15.13 26.47 32.36
N HIS K 311 14.96 26.91 31.12
CA HIS K 311 14.36 28.22 30.87
C HIS K 311 12.85 28.13 31.01
N THR K 312 12.25 29.10 31.70
CA THR K 312 10.84 29.07 32.03
C THR K 312 10.13 30.30 31.49
N THR K 313 8.92 30.08 30.98
CA THR K 313 8.10 31.15 30.41
C THR K 313 6.67 31.01 30.90
N ARG K 314 5.91 32.10 30.77
CA ARG K 314 4.49 32.14 31.09
C ARG K 314 3.70 32.61 29.88
N VAL K 315 2.59 31.95 29.60
CA VAL K 315 1.74 32.29 28.47
C VAL K 315 0.33 32.55 28.96
N GLU K 316 -0.23 33.69 28.61
CA GLU K 316 -1.56 34.08 29.04
C GLU K 316 -2.60 33.57 28.05
N MET K 317 -3.70 33.03 28.58
CA MET K 317 -4.78 32.54 27.74
C MET K 317 -5.41 33.69 26.96
N ASP K 318 -5.59 33.48 25.65
CA ASP K 318 -6.23 34.45 24.78
C ASP K 318 -7.30 33.72 23.96
N ARG K 319 -8.51 34.28 23.95
CA ARG K 319 -9.64 33.72 23.21
C ARG K 319 -9.97 32.30 23.65
N GLY K 320 -9.59 31.92 24.87
CA GLY K 320 -9.88 30.60 25.39
C GLY K 320 -8.91 29.52 24.98
N ARG K 321 -7.85 29.86 24.25
CA ARG K 321 -6.89 28.88 23.77
C ARG K 321 -5.48 29.30 24.16
N ILE K 322 -4.64 28.32 24.48
CA ILE K 322 -3.25 28.55 24.86
C ILE K 322 -2.35 28.04 23.75
N ALA K 323 -1.42 28.88 23.31
CA ALA K 323 -0.46 28.53 22.27
C ALA K 323 0.91 28.33 22.91
N GLU K 324 1.34 27.08 23.02
CA GLU K 324 2.64 26.84 23.64
C GLU K 324 3.76 27.04 22.63
N PRO K 325 4.86 27.66 23.04
CA PRO K 325 5.97 27.91 22.11
C PRO K 325 6.56 26.61 21.59
N SER K 326 6.85 26.59 20.30
CA SER K 326 7.47 25.42 19.67
C SER K 326 8.98 25.50 19.64
N VAL K 327 9.57 26.60 20.10
CA VAL K 327 11.01 26.77 20.10
C VAL K 327 11.39 27.53 21.37
N CYS K 328 12.54 27.15 21.95
CA CYS K 328 12.98 27.78 23.18
C CYS K 328 13.49 29.20 22.90
N GLY K 329 13.83 29.90 23.98
CA GLY K 329 14.26 31.28 23.87
C GLY K 329 15.71 31.51 24.23
N ARG K 330 16.40 30.46 24.68
CA ARG K 330 17.81 30.59 25.04
C ARG K 330 18.71 29.53 24.43
N CYS K 331 18.19 28.37 24.07
CA CYS K 331 18.96 27.36 23.36
C CYS K 331 18.38 27.05 21.99
N HIS K 332 17.22 27.62 21.65
CA HIS K 332 16.61 27.51 20.33
C HIS K 332 16.26 26.08 19.96
N THR K 333 16.15 25.18 20.94
CA THR K 333 15.72 23.82 20.67
C THR K 333 14.23 23.81 20.34
N THR K 334 13.85 22.98 19.37
CA THR K 334 12.45 22.87 18.99
C THR K 334 11.75 21.84 19.86
N HIS K 335 10.54 22.18 20.30
CA HIS K 335 9.67 21.30 21.08
C HIS K 335 10.31 20.85 22.40
N SER K 336 11.14 21.70 22.99
CA SER K 336 11.74 21.37 24.28
C SER K 336 10.97 21.94 25.45
N MET K 337 9.85 22.61 25.21
CA MET K 337 9.08 23.28 26.26
C MET K 337 7.96 22.35 26.71
N ALA K 338 7.92 22.09 28.02
CA ALA K 338 6.90 21.24 28.63
C ALA K 338 6.01 22.06 29.53
N LEU K 339 4.75 21.64 29.64
CA LEU K 339 3.75 22.33 30.43
C LEU K 339 3.66 21.73 31.82
N ILE K 340 3.65 22.60 32.83
CA ILE K 340 3.55 22.18 34.23
C ILE K 340 2.28 22.82 34.78
N HIS K 341 1.33 21.99 35.22
CA HIS K 341 0.02 22.47 35.61
C HIS K 341 0.06 23.20 36.95
N ASN K 342 0.77 22.63 37.93
CA ASN K 342 0.73 23.19 39.27
C ASN K 342 1.36 24.57 39.37
N ARG K 343 2.25 24.91 38.43
CA ARG K 343 2.85 26.25 38.45
C ARG K 343 1.94 27.29 37.79
N SER K 344 0.84 26.86 37.17
CA SER K 344 -0.02 27.78 36.44
C SER K 344 -0.98 28.49 37.40
N LEU K 345 -1.85 29.31 36.83
CA LEU K 345 -2.87 30.04 37.57
C LEU K 345 -4.25 29.55 37.17
N PHE K 346 -5.12 29.37 38.16
CA PHE K 346 -6.44 28.78 37.97
C PHE K 346 -7.51 29.67 38.59
N SER K 347 -8.74 29.43 38.19
CA SER K 347 -9.91 30.14 38.71
C SER K 347 -11.03 29.14 39.00
N ASP K 348 -11.90 29.52 39.92
CA ASP K 348 -12.97 28.64 40.39
C ASP K 348 -14.17 28.69 39.46
N LYS K 349 -14.85 27.56 39.34
CA LYS K 349 -16.07 27.45 38.56
C LYS K 349 -17.05 26.55 39.30
N GLN K 350 -18.35 26.83 39.14
CA GLN K 350 -19.38 26.03 39.78
C GLN K 350 -20.60 25.96 38.87
N MET K 351 -21.26 24.81 38.87
CA MET K 351 -22.51 24.62 38.15
C MET K 351 -23.66 24.48 39.14
N ILE K 352 -24.75 25.18 38.86
CA ILE K 352 -25.92 25.22 39.73
C ILE K 352 -27.14 24.87 38.89
N LYS K 353 -28.06 24.11 39.49
CA LYS K 353 -29.34 23.83 38.86
C LYS K 353 -30.44 24.49 39.66
N LEU K 354 -31.33 25.19 38.96
CA LEU K 354 -32.35 26.01 39.59
C LEU K 354 -33.73 25.62 39.07
N GLN K 355 -34.73 25.70 39.94
CA GLN K 355 -36.11 25.41 39.59
C GLN K 355 -36.88 26.71 39.43
N GLU K 356 -37.56 26.85 38.29
CA GLU K 356 -38.23 28.10 37.95
C GLU K 356 -39.46 28.32 38.81
N SER K 357 -39.75 29.59 39.08
CA SER K 357 -41.00 30.01 39.73
C SER K 357 -41.58 31.17 38.95
N PRO K 358 -42.09 30.91 37.74
CA PRO K 358 -42.55 32.01 36.88
C PRO K 358 -43.80 32.68 37.43
N GLU K 359 -43.91 33.98 37.16
CA GLU K 359 -45.12 34.70 37.53
C GLU K 359 -46.27 34.37 36.59
N ASP K 360 -45.99 34.28 35.29
CA ASP K 360 -47.00 33.96 34.29
C ASP K 360 -46.81 32.52 33.85
N MET K 361 -47.90 31.74 33.85
CA MET K 361 -47.84 30.33 33.50
C MET K 361 -48.87 30.04 32.42
N PRO K 362 -48.48 29.47 31.29
CA PRO K 362 -49.46 29.06 30.28
C PRO K 362 -50.23 27.83 30.71
N ALA K 363 -51.03 27.27 29.80
CA ALA K 363 -51.78 26.07 30.12
C ALA K 363 -50.92 24.84 29.89
N GLY K 364 -50.85 23.97 30.90
CA GLY K 364 -50.18 22.70 30.76
C GLY K 364 -48.67 22.76 30.56
N GLN K 365 -47.98 23.58 31.34
CA GLN K 365 -46.52 23.66 31.27
C GLN K 365 -45.90 22.94 32.46
N THR K 366 -44.98 22.02 32.17
CA THR K 366 -44.27 21.30 33.20
C THR K 366 -43.18 22.18 33.80
N PRO K 367 -42.75 21.88 35.03
CA PRO K 367 -41.66 22.66 35.64
C PRO K 367 -40.38 22.61 34.82
N HIS K 368 -39.49 23.55 35.13
CA HIS K 368 -38.30 23.79 34.33
C HIS K 368 -37.06 23.69 35.21
N THR K 369 -35.94 23.32 34.60
CA THR K 369 -34.65 23.28 35.29
C THR K 369 -33.66 24.10 34.49
N VAL K 370 -32.97 25.02 35.16
CA VAL K 370 -32.07 25.96 34.51
C VAL K 370 -30.65 25.72 35.02
N ILE K 371 -29.70 25.77 34.09
CA ILE K 371 -28.30 25.52 34.38
C ILE K 371 -27.57 26.86 34.44
N LEU K 372 -26.87 27.11 35.54
CA LEU K 372 -26.15 28.35 35.76
C LEU K 372 -24.69 28.07 36.06
N PHE K 373 -23.81 28.94 35.59
CA PHE K 373 -22.38 28.82 35.83
C PHE K 373 -21.91 30.03 36.62
N ALA K 374 -21.34 29.79 37.79
CA ALA K 374 -20.89 30.85 38.69
C ALA K 374 -19.39 30.79 38.84
N HIS K 375 -18.74 31.95 38.85
CA HIS K 375 -17.28 32.03 38.86
C HIS K 375 -16.82 32.98 39.96
N ASN K 376 -15.58 32.75 40.41
CA ASN K 376 -14.94 33.57 41.43
C ASN K 376 -15.76 33.68 42.72
N ASP K 377 -15.90 34.90 43.24
CA ASP K 377 -16.49 35.07 44.57
C ASP K 377 -17.95 34.64 44.64
N LEU K 378 -18.63 34.52 43.50
CA LEU K 378 -20.03 34.10 43.54
C LEU K 378 -20.18 32.67 44.00
N VAL K 379 -19.08 31.92 44.08
CA VAL K 379 -19.13 30.52 44.50
C VAL K 379 -19.56 30.43 45.95
N ASP K 380 -20.42 29.45 46.24
CA ASP K 380 -20.87 29.12 47.59
C ASP K 380 -21.68 30.23 48.24
N LYS K 381 -22.34 31.07 47.45
CA LYS K 381 -23.21 32.10 48.00
C LYS K 381 -24.66 31.64 48.13
N VAL K 382 -25.00 30.47 47.61
CA VAL K 382 -26.35 29.92 47.71
C VAL K 382 -26.25 28.47 48.15
N GLN K 383 -27.33 27.99 48.77
CA GLN K 383 -27.43 26.61 49.23
C GLN K 383 -28.75 26.02 48.78
N PRO K 384 -28.83 24.70 48.64
CA PRO K 384 -30.08 24.08 48.19
C PRO K 384 -31.24 24.41 49.13
N GLY K 385 -32.42 24.65 48.53
CA GLY K 385 -33.58 25.08 49.26
C GLY K 385 -33.75 26.59 49.35
N ASP K 386 -32.72 27.36 49.04
CA ASP K 386 -32.81 28.81 49.12
C ASP K 386 -33.57 29.36 47.92
N ARG K 387 -34.38 30.39 48.17
CA ARG K 387 -35.12 31.07 47.12
C ARG K 387 -34.45 32.41 46.86
N VAL K 388 -33.90 32.58 45.65
CA VAL K 388 -33.03 33.70 45.33
C VAL K 388 -33.47 34.34 44.01
N ASN K 389 -32.87 35.50 43.73
CA ASN K 389 -32.97 36.16 42.45
C ASN K 389 -31.59 36.24 41.82
N VAL K 390 -31.52 36.06 40.51
CA VAL K 390 -30.27 35.96 39.77
C VAL K 390 -30.32 36.88 38.56
N THR K 391 -29.22 37.58 38.32
CA THR K 391 -29.09 38.41 37.13
C THR K 391 -27.89 37.94 36.33
N GLY K 392 -28.09 37.67 35.04
CA GLY K 392 -27.00 37.15 34.24
C GLY K 392 -27.31 37.16 32.76
N ILE K 393 -26.30 36.74 31.98
CA ILE K 393 -26.38 36.72 30.52
C ILE K 393 -26.86 35.36 30.05
N TYR K 394 -27.48 35.33 28.87
CA TYR K 394 -28.04 34.12 28.29
C TYR K 394 -27.12 33.66 27.16
N ARG K 395 -26.72 32.38 27.21
CA ARG K 395 -25.69 31.86 26.33
C ARG K 395 -26.21 30.70 25.49
N ALA K 396 -25.33 30.20 24.61
CA ALA K 396 -25.60 29.03 23.79
C ALA K 396 -24.29 28.33 23.46
N VAL K 397 -24.27 27.02 23.62
CA VAL K 397 -23.05 26.22 23.45
C VAL K 397 -23.34 25.01 22.55
N PRO K 398 -22.46 24.68 21.61
CA PRO K 398 -22.64 23.44 20.85
C PRO K 398 -22.26 22.21 21.66
N ILE K 399 -22.77 21.06 21.23
CA ILE K 399 -22.59 19.79 21.93
C ILE K 399 -21.85 18.83 21.01
N ARG K 400 -20.85 18.14 21.57
CA ARG K 400 -20.12 17.14 20.80
C ARG K 400 -21.00 15.93 20.48
N VAL K 401 -20.68 15.26 19.39
CA VAL K 401 -21.38 14.03 19.04
C VAL K 401 -21.11 12.95 20.09
N ASN K 402 -19.84 12.72 20.39
CA ASN K 402 -19.44 11.81 21.46
C ASN K 402 -18.09 12.28 22.00
N PRO K 403 -17.74 11.91 23.23
CA PRO K 403 -16.55 12.51 23.86
C PRO K 403 -15.26 12.26 23.09
N ARG K 404 -15.18 11.21 22.30
CA ARG K 404 -13.95 10.83 21.61
C ARG K 404 -13.77 11.52 20.26
N VAL K 405 -14.73 12.32 19.82
CA VAL K 405 -14.67 12.98 18.52
C VAL K 405 -14.87 14.47 18.71
N SER K 406 -14.43 15.25 17.72
CA SER K 406 -14.56 16.70 17.77
C SER K 406 -15.77 17.23 17.01
N ASN K 407 -16.56 16.36 16.39
CA ASN K 407 -17.75 16.81 15.70
C ASN K 407 -18.77 17.36 16.69
N VAL K 408 -19.56 18.34 16.24
CA VAL K 408 -20.53 19.01 17.09
C VAL K 408 -21.92 18.85 16.49
N LYS K 409 -22.94 18.91 17.35
CA LYS K 409 -24.31 18.81 16.89
C LYS K 409 -24.84 20.17 16.44
N SER K 410 -25.81 20.14 15.53
CA SER K 410 -26.41 21.37 15.01
C SER K 410 -27.32 22.05 16.02
N VAL K 411 -28.07 21.30 16.80
CA VAL K 411 -28.99 21.85 17.79
C VAL K 411 -28.17 22.23 19.01
N TYR K 412 -28.24 23.50 19.39
CA TYR K 412 -27.39 24.04 20.44
C TYR K 412 -28.00 23.79 21.82
N LYS K 413 -27.12 23.79 22.83
CA LYS K 413 -27.52 23.78 24.23
C LYS K 413 -27.65 25.22 24.72
N THR K 414 -28.08 25.37 25.97
CA THR K 414 -28.26 26.71 26.53
C THR K 414 -28.02 26.71 28.03
N HIS K 415 -27.61 27.87 28.53
CA HIS K 415 -27.37 28.08 29.94
C HIS K 415 -27.33 29.59 30.20
N ILE K 416 -27.08 29.96 31.45
CA ILE K 416 -27.13 31.35 31.88
C ILE K 416 -25.94 31.64 32.79
N ASP K 417 -25.21 32.72 32.48
CA ASP K 417 -23.99 33.09 33.17
C ASP K 417 -24.33 34.12 34.24
N VAL K 418 -24.27 33.71 35.51
CA VAL K 418 -24.74 34.52 36.64
C VAL K 418 -23.80 35.69 36.86
N ILE K 419 -24.38 36.86 37.11
CA ILE K 419 -23.58 38.06 37.39
C ILE K 419 -23.92 38.60 38.78
N HIS K 420 -25.15 38.40 39.23
CA HIS K 420 -25.58 39.04 40.46
C HIS K 420 -26.58 38.14 41.20
N TYR K 421 -26.50 38.16 42.54
CA TYR K 421 -27.39 37.44 43.42
C TYR K 421 -28.13 38.42 44.33
N ARG K 422 -29.41 38.11 44.59
CA ARG K 422 -30.24 38.94 45.47
C ARG K 422 -31.10 38.04 46.34
N LYS K 423 -31.31 38.44 47.60
CA LYS K 423 -32.07 37.66 48.56
C LYS K 423 -33.37 38.32 49.00
N THR K 424 -33.50 39.63 48.85
CA THR K 424 -34.67 40.33 49.34
C THR K 424 -35.91 39.97 48.52
N ASP K 425 -37.05 39.90 49.20
CA ASP K 425 -38.32 39.65 48.55
C ASP K 425 -39.42 40.37 49.33
N ALA K 426 -40.40 40.89 48.60
CA ALA K 426 -41.45 41.71 49.21
C ALA K 426 -42.68 40.91 49.63
N LYS K 427 -42.67 39.59 49.46
CA LYS K 427 -43.80 38.74 49.83
C LYS K 427 -43.48 37.73 50.92
N ARG K 428 -42.24 37.27 51.01
CA ARG K 428 -41.85 36.24 51.95
C ARG K 428 -40.95 36.82 53.03
N LEU K 429 -40.82 36.09 54.14
CA LEU K 429 -40.05 36.58 55.27
C LEU K 429 -38.56 36.58 54.94
N HIS K 430 -37.81 37.28 55.79
CA HIS K 430 -36.37 37.40 55.59
C HIS K 430 -35.66 36.08 55.89
N GLY K 431 -34.61 35.79 55.13
CA GLY K 431 -33.84 34.59 55.31
C GLY K 431 -32.83 34.71 56.44
N LEU K 432 -32.09 33.62 56.64
CA LEU K 432 -31.09 33.61 57.70
C LEU K 432 -29.80 34.32 57.29
N ASP K 433 -29.62 34.57 55.99
CA ASP K 433 -28.40 35.25 55.54
C ASP K 433 -28.34 36.68 56.05
N GLU K 434 -29.43 37.42 55.88
CA GLU K 434 -29.42 38.83 56.28
C GLU K 434 -29.51 39.00 57.79
N GLU K 435 -30.08 38.02 58.48
CA GLU K 435 -30.18 38.10 59.94
C GLU K 435 -28.82 38.06 60.61
N ALA K 436 -27.86 37.35 60.02
CA ALA K 436 -26.52 37.21 60.58
C ALA K 436 -25.62 38.42 60.29
N GLU K 437 -26.19 39.54 59.86
CA GLU K 437 -25.42 40.74 59.59
C GLU K 437 -26.13 41.94 60.22
N GLN K 438 -25.34 42.95 60.56
CA GLN K 438 -25.84 44.16 61.22
C GLN K 438 -26.37 45.17 60.21
N LYS K 439 -27.53 44.85 59.62
CA LYS K 439 -28.16 45.71 58.63
C LYS K 439 -29.40 46.42 59.16
N LEU K 440 -29.55 46.52 60.48
CA LEU K 440 -30.70 47.22 61.07
C LEU K 440 -30.38 48.71 61.27
N PHE K 441 -30.04 49.36 60.16
CA PHE K 441 -29.76 50.80 60.21
C PHE K 441 -31.01 51.61 60.48
N SER K 442 -32.18 51.03 60.23
CA SER K 442 -33.44 51.76 60.41
C SER K 442 -33.78 51.91 61.88
N GLU K 443 -33.09 52.84 62.55
CA GLU K 443 -33.32 53.05 63.98
C GLU K 443 -34.74 53.54 64.25
N LYS K 444 -35.33 54.24 63.29
CA LYS K 444 -36.73 54.65 63.41
C LYS K 444 -37.63 53.42 63.54
N ARG K 445 -37.44 52.44 62.67
CA ARG K 445 -38.23 51.22 62.74
C ARG K 445 -37.96 50.44 64.02
N VAL K 446 -36.70 50.43 64.47
CA VAL K 446 -36.35 49.74 65.71
C VAL K 446 -37.10 50.36 66.88
N GLU K 447 -37.09 51.70 66.95
CA GLU K 447 -37.80 52.39 68.03
C GLU K 447 -39.30 52.15 67.94
N LEU K 448 -39.86 52.19 66.73
CA LEU K 448 -41.29 51.97 66.57
C LEU K 448 -41.69 50.58 67.04
N LEU K 449 -40.92 49.56 66.65
CA LEU K 449 -41.25 48.20 67.04
C LEU K 449 -41.06 47.98 68.54
N LYS K 450 -40.00 48.55 69.12
CA LYS K 450 -39.79 48.40 70.56
C LYS K 450 -40.87 49.12 71.36
N GLU K 451 -41.40 50.22 70.85
CA GLU K 451 -42.54 50.87 71.51
C GLU K 451 -43.81 50.05 71.32
N LEU K 452 -43.98 49.44 70.16
CA LEU K 452 -45.16 48.60 69.93
C LEU K 452 -45.16 47.39 70.87
N SER K 453 -43.99 46.81 71.11
CA SER K 453 -43.92 45.60 71.93
C SER K 453 -44.43 45.86 73.34
N ARG K 454 -44.28 47.08 73.84
CA ARG K 454 -44.70 47.37 75.20
C ARG K 454 -46.21 47.49 75.32
N LYS K 455 -46.91 47.68 74.20
CA LYS K 455 -48.37 47.75 74.25
C LYS K 455 -48.92 46.38 74.59
N PRO K 456 -50.03 46.29 75.34
CA PRO K 456 -50.46 44.98 75.86
C PRO K 456 -51.04 44.06 74.80
N ASP K 457 -51.85 44.58 73.88
CA ASP K 457 -52.62 43.75 72.96
C ASP K 457 -51.84 43.33 71.72
N ILE K 458 -50.56 43.71 71.62
CA ILE K 458 -49.80 43.47 70.39
C ILE K 458 -49.83 42.00 70.02
N TYR K 459 -49.70 41.12 71.01
CA TYR K 459 -49.86 39.68 70.79
C TYR K 459 -51.08 39.39 69.93
N GLU K 460 -52.26 39.75 70.43
CA GLU K 460 -53.48 39.53 69.68
C GLU K 460 -53.40 40.22 68.32
N ARG K 461 -52.85 41.44 68.29
CA ARG K 461 -52.71 42.16 67.03
C ARG K 461 -51.90 41.34 66.04
N LEU K 462 -50.80 40.73 66.50
CA LEU K 462 -50.04 39.86 65.61
C LEU K 462 -50.89 38.70 65.12
N ALA K 463 -51.65 38.08 66.03
CA ALA K 463 -52.56 37.02 65.61
C ALA K 463 -53.60 37.55 64.65
N SER K 464 -53.94 38.84 64.74
CA SER K 464 -54.85 39.43 63.78
C SER K 464 -54.14 39.72 62.47
N ALA K 465 -52.85 40.08 62.53
CA ALA K 465 -52.15 40.52 61.33
C ALA K 465 -51.51 39.37 60.58
N LEU K 466 -51.53 38.17 61.15
CA LEU K 466 -50.91 37.03 60.48
C LEU K 466 -51.68 36.63 59.23
N ALA K 467 -53.00 36.79 59.23
CA ALA K 467 -53.81 36.41 58.08
C ALA K 467 -55.09 37.22 58.02
N PRO K 468 -55.17 38.20 57.12
CA PRO K 468 -56.41 39.01 57.05
C PRO K 468 -57.59 38.27 56.47
N SER K 469 -57.38 37.36 55.51
CA SER K 469 -58.45 36.67 54.83
C SER K 469 -58.83 35.35 55.46
N ILE K 470 -58.56 35.17 56.76
CA ILE K 470 -58.85 33.92 57.45
C ILE K 470 -59.74 34.23 58.65
N TYR K 471 -60.51 33.23 59.07
CA TYR K 471 -61.69 33.40 59.89
C TYR K 471 -61.32 33.52 61.37
N GLU K 472 -62.34 33.39 62.23
CA GLU K 472 -62.28 33.74 63.64
C GLU K 472 -61.37 32.84 64.47
N HIS K 473 -60.77 31.82 63.85
CA HIS K 473 -59.95 30.85 64.59
C HIS K 473 -58.63 31.49 65.03
N GLU K 474 -58.70 32.22 66.15
CA GLU K 474 -57.55 32.96 66.63
C GLU K 474 -56.53 32.05 67.31
N ASP K 475 -56.97 30.97 67.94
CA ASP K 475 -56.05 30.06 68.60
C ASP K 475 -55.10 29.41 67.60
N ILE K 476 -55.63 29.01 66.44
CA ILE K 476 -54.79 28.39 65.42
C ILE K 476 -53.73 29.38 64.95
N LYS K 477 -54.14 30.62 64.70
CA LYS K 477 -53.19 31.62 64.22
C LYS K 477 -52.13 31.94 65.28
N LYS K 478 -52.54 31.96 66.55
CA LYS K 478 -51.57 32.15 67.62
C LYS K 478 -50.56 31.01 67.68
N GLY K 479 -51.04 29.78 67.50
CA GLY K 479 -50.12 28.64 67.46
C GLY K 479 -49.15 28.73 66.30
N ILE K 480 -49.65 29.16 65.13
CA ILE K 480 -48.77 29.31 63.97
C ILE K 480 -47.74 30.41 64.21
N LEU K 481 -48.15 31.51 64.85
CA LEU K 481 -47.19 32.57 65.17
C LEU K 481 -46.10 32.08 66.12
N LEU K 482 -46.50 31.35 67.17
CA LEU K 482 -45.52 30.80 68.08
C LEU K 482 -44.60 29.82 67.36
N GLN K 483 -45.13 29.08 66.39
CA GLN K 483 -44.29 28.25 65.54
C GLN K 483 -43.28 29.08 64.78
N LEU K 484 -43.72 30.22 64.23
CA LEU K 484 -42.82 31.08 63.47
C LEU K 484 -41.68 31.59 64.34
N PHE K 485 -41.98 31.98 65.58
CA PHE K 485 -40.92 32.49 66.45
C PHE K 485 -39.95 31.39 66.86
N GLY K 486 -40.47 30.23 67.26
CA GLY K 486 -39.62 29.09 67.57
C GLY K 486 -38.89 29.18 68.89
N GLY K 487 -38.50 28.05 69.45
CA GLY K 487 -37.80 28.03 70.72
C GLY K 487 -36.32 28.33 70.57
N THR K 488 -35.68 28.50 71.72
CA THR K 488 -34.26 28.82 71.74
C THR K 488 -33.43 27.61 71.35
N ARG K 489 -32.43 27.83 70.51
CA ARG K 489 -31.56 26.76 70.03
C ARG K 489 -30.37 26.61 70.98
N LYS K 490 -30.60 25.86 72.06
CA LYS K 490 -29.56 25.63 73.04
C LYS K 490 -28.53 24.63 72.51
N ASP K 491 -27.36 24.61 73.14
CA ASP K 491 -26.28 23.70 72.78
C ASP K 491 -26.08 22.71 73.92
N PHE K 492 -26.22 21.41 73.62
CA PHE K 492 -26.10 20.36 74.62
C PHE K 492 -25.02 19.34 74.26
N SER K 493 -24.08 19.68 73.39
CA SER K 493 -23.06 18.72 72.99
C SER K 493 -22.16 18.32 74.15
N HIS K 494 -21.88 19.25 75.06
CA HIS K 494 -21.05 18.92 76.22
C HIS K 494 -21.75 17.91 77.13
N THR K 495 -23.08 17.89 77.13
CA THR K 495 -23.79 16.96 77.99
C THR K 495 -23.72 15.53 77.49
N GLY K 496 -23.56 15.34 76.18
CA GLY K 496 -23.63 14.02 75.59
C GLY K 496 -25.02 13.53 75.27
N ARG K 497 -26.05 14.31 75.59
CA ARG K 497 -27.42 13.92 75.27
C ARG K 497 -27.66 13.93 73.76
N GLY K 498 -26.99 14.81 73.04
CA GLY K 498 -27.23 14.98 71.63
C GLY K 498 -28.00 16.27 71.36
N LYS K 499 -28.55 16.34 70.14
CA LYS K 499 -29.33 17.51 69.76
C LYS K 499 -30.68 17.51 70.48
N PHE K 500 -31.16 18.71 70.78
CA PHE K 500 -32.46 18.90 71.42
C PHE K 500 -33.34 19.69 70.46
N ARG K 501 -34.50 19.13 70.13
CA ARG K 501 -35.41 19.75 69.18
C ARG K 501 -35.98 21.06 69.73
N ALA K 502 -35.62 22.18 69.11
CA ALA K 502 -36.06 23.49 69.56
C ALA K 502 -37.23 24.04 68.78
N GLU K 503 -37.78 23.28 67.83
CA GLU K 503 -38.84 23.78 66.96
C GLU K 503 -40.19 23.21 67.38
N ILE K 504 -41.23 23.63 66.66
CA ILE K 504 -42.61 23.34 67.02
C ILE K 504 -43.27 22.56 65.87
N ASN K 505 -43.86 21.42 66.21
CA ASN K 505 -44.62 20.60 65.27
C ASN K 505 -46.08 20.63 65.68
N ILE K 506 -46.97 20.92 64.72
CA ILE K 506 -48.38 21.11 65.02
C ILE K 506 -49.21 20.16 64.14
N LEU K 507 -50.33 19.70 64.68
CA LEU K 507 -51.25 18.82 63.98
C LEU K 507 -52.65 19.42 64.01
N LEU K 508 -53.35 19.34 62.88
CA LEU K 508 -54.73 19.80 62.76
C LEU K 508 -55.57 18.65 62.27
N CYS K 509 -56.47 18.14 63.12
CA CYS K 509 -57.30 17.00 62.79
C CYS K 509 -58.74 17.47 62.67
N GLY K 510 -59.35 17.22 61.51
CA GLY K 510 -60.71 17.69 61.29
C GLY K 510 -61.29 17.19 59.99
N ASP K 511 -62.56 17.51 59.79
CA ASP K 511 -63.27 17.10 58.59
C ASP K 511 -62.73 17.84 57.37
N PRO K 512 -62.86 17.27 56.16
CA PRO K 512 -62.35 17.96 54.97
C PRO K 512 -63.03 19.29 54.68
N GLY K 513 -64.22 19.49 55.21
CA GLY K 513 -64.97 20.71 54.95
C GLY K 513 -64.57 21.87 55.83
N THR K 514 -63.27 22.04 56.06
CA THR K 514 -62.76 23.11 56.90
C THR K 514 -61.68 23.87 56.15
N SER K 515 -60.97 24.74 56.87
CA SER K 515 -59.98 25.61 56.26
C SER K 515 -58.55 25.29 56.68
N LYS K 516 -58.26 24.04 57.06
CA LYS K 516 -56.89 23.68 57.39
C LYS K 516 -56.00 23.72 56.15
N SER K 517 -56.53 23.29 55.00
CA SER K 517 -55.76 23.31 53.76
C SER K 517 -55.36 24.73 53.37
N GLN K 518 -56.28 25.69 53.53
CA GLN K 518 -55.94 27.08 53.25
C GLN K 518 -54.85 27.59 54.18
N LEU K 519 -54.89 27.19 55.46
CA LEU K 519 -53.83 27.56 56.39
C LEU K 519 -52.48 27.00 55.96
N LEU K 520 -52.45 25.74 55.53
CA LEU K 520 -51.20 25.16 55.04
C LEU K 520 -50.71 25.89 53.80
N GLN K 521 -51.61 26.23 52.88
CA GLN K 521 -51.21 26.98 51.69
C GLN K 521 -50.62 28.34 52.05
N TYR K 522 -51.28 29.05 52.97
CA TYR K 522 -50.78 30.36 53.37
C TYR K 522 -49.41 30.26 54.04
N VAL K 523 -49.22 29.27 54.91
CA VAL K 523 -47.92 29.12 55.56
C VAL K 523 -46.85 28.76 54.54
N TYR K 524 -47.19 27.91 53.56
CA TYR K 524 -46.24 27.58 52.51
C TYR K 524 -45.84 28.83 51.73
N ASN K 525 -46.81 29.67 51.40
CA ASN K 525 -46.52 30.83 50.56
C ASN K 525 -45.90 31.98 51.35
N LEU K 526 -45.94 31.92 52.68
CA LEU K 526 -45.49 33.06 53.47
C LEU K 526 -44.02 32.96 53.87
N VAL K 527 -43.54 31.75 54.17
CA VAL K 527 -42.24 31.54 54.79
C VAL K 527 -41.27 31.02 53.73
N PRO K 528 -40.05 31.53 53.65
CA PRO K 528 -39.05 30.94 52.75
C PRO K 528 -38.59 29.59 53.25
N ARG K 529 -38.06 28.78 52.32
CA ARG K 529 -37.65 27.41 52.60
C ARG K 529 -38.84 26.56 53.07
N GLY K 530 -39.90 26.56 52.27
CA GLY K 530 -41.11 25.84 52.57
C GLY K 530 -41.33 24.72 51.56
N GLN K 531 -41.84 23.59 52.07
CA GLN K 531 -42.15 22.45 51.22
C GLN K 531 -43.52 21.90 51.57
N TYR K 532 -44.16 21.25 50.60
CA TYR K 532 -45.52 20.78 50.74
C TYR K 532 -45.64 19.37 50.16
N THR K 533 -46.07 18.43 50.98
CA THR K 533 -46.30 17.05 50.55
C THR K 533 -47.73 16.66 50.89
N SER K 534 -48.28 15.71 50.13
CA SER K 534 -49.69 15.36 50.24
C SER K 534 -49.87 13.85 50.08
N GLY K 535 -50.05 13.16 51.20
CA GLY K 535 -50.54 11.78 51.17
C GLY K 535 -49.57 10.82 50.53
N LYS K 536 -50.13 9.88 49.75
CA LYS K 536 -49.33 8.80 49.17
C LYS K 536 -48.47 9.26 48.01
N GLY K 537 -48.58 10.53 47.60
CA GLY K 537 -47.81 11.01 46.47
C GLY K 537 -46.31 10.91 46.66
N SER K 538 -45.85 10.92 47.90
CA SER K 538 -44.42 10.84 48.21
C SER K 538 -44.10 9.46 48.77
N SER K 539 -42.84 9.06 48.59
CA SER K 539 -42.35 7.77 49.05
C SER K 539 -41.26 7.97 50.09
N ALA K 540 -40.83 6.85 50.69
CA ALA K 540 -39.80 6.90 51.72
C ALA K 540 -38.47 7.39 51.16
N VAL K 541 -38.11 6.90 49.97
CA VAL K 541 -36.87 7.33 49.33
C VAL K 541 -36.99 8.74 48.75
N GLY K 542 -38.21 9.16 48.39
CA GLY K 542 -38.40 10.52 47.93
C GLY K 542 -38.00 11.55 48.95
N LEU K 543 -38.27 11.27 50.22
CA LEU K 543 -37.74 12.08 51.31
C LEU K 543 -36.29 11.69 51.58
N THR K 544 -35.66 12.41 52.50
CA THR K 544 -34.27 12.18 52.90
C THR K 544 -33.38 12.38 51.67
N ALA K 545 -32.75 11.33 51.14
CA ALA K 545 -31.90 11.48 49.97
C ALA K 545 -31.88 10.17 49.19
N TYR K 546 -31.54 10.25 47.91
CA TYR K 546 -31.53 9.10 47.03
C TYR K 546 -30.29 9.08 46.15
N VAL K 547 -29.94 7.88 45.69
CA VAL K 547 -28.73 7.68 44.90
C VAL K 547 -29.00 8.05 43.45
N MET K 548 -28.05 8.76 42.85
CA MET K 548 -28.20 9.24 41.47
C MET K 548 -26.87 9.10 40.73
N LYS K 549 -26.93 9.37 39.43
CA LYS K 549 -25.76 9.55 38.60
C LYS K 549 -26.05 10.67 37.61
N ASP K 550 -25.07 11.54 37.39
CA ASP K 550 -25.29 12.73 36.57
C ASP K 550 -25.62 12.33 35.13
N PRO K 551 -26.62 13.00 34.51
CA PRO K 551 -26.80 12.83 33.06
C PRO K 551 -25.82 13.63 32.24
N GLU K 552 -25.14 14.61 32.85
CA GLU K 552 -24.14 15.43 32.18
C GLU K 552 -22.71 15.02 32.50
N THR K 553 -22.43 14.64 33.74
CA THR K 553 -21.10 14.18 34.13
C THR K 553 -21.18 12.72 34.57
N ARG K 554 -20.09 12.20 35.12
CA ARG K 554 -20.03 10.77 35.43
C ARG K 554 -20.95 10.41 36.60
N GLN K 555 -20.77 11.05 37.75
CA GLN K 555 -21.50 10.65 38.94
C GLN K 555 -21.91 11.87 39.76
N LEU K 556 -23.04 11.73 40.45
CA LEU K 556 -23.45 12.59 41.57
C LEU K 556 -24.09 11.64 42.57
N VAL K 557 -23.30 11.22 43.56
CA VAL K 557 -23.62 10.01 44.33
C VAL K 557 -24.96 10.13 45.03
N LEU K 558 -25.21 11.26 45.67
CA LEU K 558 -26.42 11.43 46.46
C LEU K 558 -27.10 12.73 46.11
N GLN K 559 -28.43 12.73 46.16
CA GLN K 559 -29.24 13.91 45.92
C GLN K 559 -30.31 14.04 47.00
N THR K 560 -30.47 15.26 47.50
CA THR K 560 -31.35 15.52 48.63
C THR K 560 -32.81 15.36 48.24
N GLY K 561 -33.63 15.08 49.26
CA GLY K 561 -35.06 14.95 49.08
C GLY K 561 -35.84 16.11 49.66
N ALA K 562 -37.13 15.88 49.88
CA ALA K 562 -38.01 16.95 50.32
C ALA K 562 -37.65 17.45 51.71
N LEU K 563 -37.34 16.53 52.63
CA LEU K 563 -37.11 16.93 54.02
C LEU K 563 -35.83 17.73 54.19
N VAL K 564 -34.75 17.31 53.52
CA VAL K 564 -33.48 18.01 53.67
C VAL K 564 -33.55 19.41 53.06
N LEU K 565 -34.24 19.57 51.93
CA LEU K 565 -34.41 20.89 51.36
C LEU K 565 -35.17 21.80 52.31
N SER K 566 -35.94 21.21 53.23
CA SER K 566 -36.70 21.97 54.21
C SER K 566 -35.89 22.27 55.47
N ASP K 567 -34.58 22.00 55.46
CA ASP K 567 -33.74 22.26 56.62
C ASP K 567 -33.82 23.73 57.00
N ASN K 568 -34.02 23.99 58.29
CA ASN K 568 -34.26 25.32 58.83
C ASN K 568 -35.49 25.97 58.20
N GLY K 569 -36.48 25.17 57.83
CA GLY K 569 -37.68 25.69 57.19
C GLY K 569 -38.95 25.08 57.72
N ILE K 570 -39.97 24.99 56.87
CA ILE K 570 -41.27 24.45 57.26
C ILE K 570 -41.71 23.43 56.22
N CYS K 571 -42.15 22.26 56.70
CA CYS K 571 -42.70 21.22 55.84
C CYS K 571 -44.16 21.00 56.21
N CYS K 572 -45.04 21.10 55.23
CA CYS K 572 -46.48 20.96 55.42
C CYS K 572 -46.93 19.64 54.82
N ILE K 573 -47.42 18.75 55.67
CA ILE K 573 -47.85 17.41 55.26
C ILE K 573 -49.37 17.37 55.32
N ASP K 574 -49.99 16.99 54.21
CA ASP K 574 -51.43 16.89 54.11
C ASP K 574 -51.80 15.44 53.81
N GLU K 575 -53.02 15.07 54.21
CA GLU K 575 -53.48 13.68 54.12
C GLU K 575 -52.52 12.74 54.85
N PHE K 576 -52.22 13.08 56.11
CA PHE K 576 -51.24 12.33 56.89
C PHE K 576 -51.69 10.89 57.14
N ASP K 577 -53.00 10.63 57.05
CA ASP K 577 -53.50 9.29 57.32
C ASP K 577 -53.07 8.29 56.24
N LYS K 578 -53.06 8.73 54.98
CA LYS K 578 -52.83 7.80 53.88
C LYS K 578 -51.38 7.37 53.79
N MET K 579 -50.47 8.06 54.47
CA MET K 579 -49.05 7.72 54.38
C MET K 579 -48.80 6.35 54.99
N ASN K 580 -47.96 5.56 54.32
CA ASN K 580 -47.68 4.20 54.76
C ASN K 580 -46.77 4.19 55.97
N GLU K 581 -46.57 3.01 56.53
CA GLU K 581 -45.72 2.88 57.71
C GLU K 581 -44.25 3.07 57.36
N SER K 582 -43.88 2.81 56.10
CA SER K 582 -42.48 2.96 55.70
C SER K 582 -42.02 4.41 55.84
N THR K 583 -42.86 5.36 55.42
CA THR K 583 -42.49 6.77 55.54
C THR K 583 -42.61 7.25 56.99
N ARG K 584 -43.59 6.73 57.73
CA ARG K 584 -43.70 7.09 59.14
C ARG K 584 -42.48 6.62 59.92
N SER K 585 -41.84 5.54 59.47
CA SER K 585 -40.60 5.10 60.11
C SER K 585 -39.53 6.18 59.98
N VAL K 586 -39.42 6.81 58.82
CA VAL K 586 -38.48 7.92 58.65
C VAL K 586 -38.89 9.10 59.52
N LEU K 587 -40.17 9.43 59.51
CA LEU K 587 -40.66 10.57 60.28
C LEU K 587 -40.36 10.40 61.76
N HIS K 588 -40.36 9.16 62.26
CA HIS K 588 -40.10 8.92 63.68
C HIS K 588 -38.75 9.49 64.10
N GLU K 589 -37.71 9.22 63.31
CA GLU K 589 -36.38 9.74 63.65
C GLU K 589 -36.26 11.22 63.30
N VAL K 590 -36.86 11.64 62.18
CA VAL K 590 -36.74 13.03 61.75
C VAL K 590 -37.33 13.97 62.79
N MET K 591 -38.49 13.60 63.34
CA MET K 591 -39.25 14.51 64.20
C MET K 591 -38.57 14.72 65.55
N GLU K 592 -37.62 13.87 65.92
CA GLU K 592 -36.99 13.96 67.23
C GLU K 592 -35.51 14.24 67.19
N GLN K 593 -34.75 13.47 66.41
CA GLN K 593 -33.29 13.58 66.50
C GLN K 593 -32.74 14.73 65.66
N GLN K 594 -33.57 15.31 64.79
CA GLN K 594 -33.19 16.36 63.84
C GLN K 594 -32.10 15.94 62.88
N THR K 595 -31.81 14.64 62.78
CA THR K 595 -30.75 14.13 61.92
C THR K 595 -31.25 12.89 61.19
N LEU K 596 -30.60 12.60 60.07
CA LEU K 596 -30.88 11.41 59.28
C LEU K 596 -29.59 10.62 59.08
N SER K 597 -29.70 9.30 59.14
CA SER K 597 -28.57 8.42 58.92
C SER K 597 -28.86 7.55 57.70
N ILE K 598 -27.96 7.56 56.73
CA ILE K 598 -28.11 6.78 55.51
C ILE K 598 -26.92 5.85 55.36
N ALA K 599 -27.22 4.56 55.17
CA ALA K 599 -26.19 3.54 55.04
C ALA K 599 -26.58 2.61 53.89
N LYS K 600 -25.96 2.84 52.73
CA LYS K 600 -26.16 1.99 51.56
C LYS K 600 -24.80 1.73 50.95
N ALA K 601 -24.80 1.09 49.78
CA ALA K 601 -23.56 0.64 49.15
C ALA K 601 -22.61 1.81 48.90
N GLY K 602 -21.49 1.83 49.62
CA GLY K 602 -20.52 2.89 49.47
C GLY K 602 -20.99 4.26 49.90
N ILE K 603 -22.07 4.35 50.67
CA ILE K 603 -22.64 5.63 51.09
C ILE K 603 -23.04 5.53 52.55
N ILE K 604 -22.20 6.05 53.44
CA ILE K 604 -22.58 6.13 54.85
C ILE K 604 -22.43 7.57 55.31
N CYS K 605 -23.54 8.18 55.71
CA CYS K 605 -23.52 9.61 56.00
C CYS K 605 -24.62 9.97 57.00
N GLN K 606 -24.44 11.11 57.63
CA GLN K 606 -25.43 11.71 58.51
C GLN K 606 -25.73 13.12 58.02
N LEU K 607 -27.02 13.45 57.95
CA LEU K 607 -27.49 14.71 57.40
C LEU K 607 -28.32 15.45 58.43
N ASN K 608 -28.41 16.76 58.28
CA ASN K 608 -29.20 17.61 59.16
C ASN K 608 -30.56 17.87 58.51
N ALA K 609 -31.62 17.72 59.29
CA ALA K 609 -32.99 17.89 58.81
C ALA K 609 -33.80 18.72 59.81
N ARG K 610 -33.25 19.86 60.21
CA ARG K 610 -33.85 20.67 61.27
C ARG K 610 -35.11 21.37 60.80
N THR K 611 -36.18 20.61 60.57
CA THR K 611 -37.40 21.18 60.02
C THR K 611 -38.49 21.27 61.09
N SER K 612 -39.55 21.99 60.75
CA SER K 612 -40.75 22.09 61.58
C SER K 612 -41.95 21.63 60.76
N VAL K 613 -42.79 20.80 61.38
CA VAL K 613 -43.81 20.04 60.67
C VAL K 613 -45.19 20.61 60.98
N LEU K 614 -45.97 20.86 59.92
CA LEU K 614 -47.38 21.19 60.04
C LEU K 614 -48.18 20.09 59.37
N ALA K 615 -48.85 19.26 60.17
CA ALA K 615 -49.53 18.08 59.65
C ALA K 615 -51.04 18.26 59.71
N ALA K 616 -51.72 17.73 58.70
CA ALA K 616 -53.17 17.76 58.62
C ALA K 616 -53.71 16.34 58.54
N ALA K 617 -54.81 16.09 59.24
CA ALA K 617 -55.36 14.75 59.32
C ALA K 617 -56.89 14.80 59.33
N ASN K 618 -57.50 13.68 58.98
CA ASN K 618 -58.95 13.56 58.88
C ASN K 618 -59.44 12.43 59.79
N PRO K 619 -60.69 12.50 60.24
CA PRO K 619 -61.28 11.36 60.95
C PRO K 619 -61.43 10.16 60.04
N ILE K 620 -61.42 8.97 60.64
CA ILE K 620 -61.43 7.72 59.86
C ILE K 620 -62.69 7.61 59.04
N GLU K 621 -63.84 8.02 59.58
CA GLU K 621 -65.09 8.01 58.83
C GLU K 621 -65.31 9.27 58.01
N SER K 622 -64.33 10.18 57.99
CA SER K 622 -64.47 11.53 57.44
C SER K 622 -65.48 12.36 58.19
N GLN K 623 -65.98 11.86 59.33
CA GLN K 623 -66.84 12.59 60.24
C GLN K 623 -66.33 12.38 61.65
N TRP K 624 -66.50 13.38 62.50
CA TRP K 624 -66.16 13.21 63.92
C TRP K 624 -67.36 12.58 64.60
N ASN K 625 -67.42 11.25 64.56
CA ASN K 625 -68.53 10.53 65.17
C ASN K 625 -68.42 10.68 66.69
N PRO K 626 -69.41 11.27 67.36
CA PRO K 626 -69.29 11.51 68.80
C PRO K 626 -69.35 10.26 69.65
N LYS K 627 -69.90 9.15 69.14
CA LYS K 627 -69.95 7.93 69.93
C LYS K 627 -68.56 7.33 70.12
N LYS K 628 -67.72 7.36 69.10
CA LYS K 628 -66.35 6.91 69.23
C LYS K 628 -65.50 7.94 69.96
N THR K 629 -64.46 7.48 70.62
CA THR K 629 -63.59 8.36 71.39
C THR K 629 -62.62 9.10 70.46
N THR K 630 -61.84 10.00 71.04
CA THR K 630 -60.88 10.78 70.27
C THR K 630 -59.81 9.89 69.65
N ILE K 631 -59.26 8.96 70.44
CA ILE K 631 -58.21 8.08 69.95
C ILE K 631 -58.75 7.19 68.83
N GLU K 632 -59.96 6.65 69.02
CA GLU K 632 -60.57 5.83 67.98
C GLU K 632 -60.86 6.64 66.72
N ASN K 633 -61.22 7.91 66.88
CA ASN K 633 -61.46 8.74 65.71
C ASN K 633 -60.18 9.02 64.94
N ILE K 634 -59.10 9.35 65.66
CA ILE K 634 -57.86 9.72 64.99
C ILE K 634 -57.18 8.50 64.36
N GLN K 635 -57.06 7.41 65.13
CA GLN K 635 -56.42 6.17 64.68
C GLN K 635 -54.98 6.40 64.23
N LEU K 636 -54.17 6.83 65.19
CA LEU K 636 -52.73 6.93 64.98
C LEU K 636 -52.01 6.34 66.19
N PRO K 637 -50.81 5.79 65.99
CA PRO K 637 -50.05 5.27 67.14
C PRO K 637 -49.68 6.38 68.09
N HIS K 638 -49.61 6.03 69.38
CA HIS K 638 -49.34 7.04 70.40
C HIS K 638 -47.92 7.57 70.31
N THR K 639 -46.98 6.77 69.80
CA THR K 639 -45.61 7.24 69.65
C THR K 639 -45.54 8.42 68.67
N LEU K 640 -46.25 8.31 67.55
CA LEU K 640 -46.29 9.40 66.59
C LEU K 640 -47.01 10.62 67.15
N LEU K 641 -48.12 10.39 67.87
CA LEU K 641 -48.92 11.50 68.37
C LEU K 641 -48.20 12.27 69.47
N SER K 642 -47.40 11.58 70.29
CA SER K 642 -46.78 12.23 71.44
C SER K 642 -45.82 13.34 71.02
N ARG K 643 -45.24 13.24 69.83
CA ARG K 643 -44.22 14.19 69.41
C ARG K 643 -44.81 15.51 68.92
N PHE K 644 -46.11 15.56 68.64
CA PHE K 644 -46.73 16.82 68.23
C PHE K 644 -46.86 17.76 69.43
N ASP K 645 -46.45 19.02 69.24
CA ASP K 645 -46.53 19.98 70.34
C ASP K 645 -47.97 20.39 70.59
N LEU K 646 -48.73 20.68 69.54
CA LEU K 646 -50.12 21.11 69.66
C LEU K 646 -50.98 20.31 68.71
N ILE K 647 -52.17 19.93 69.17
CA ILE K 647 -53.14 19.18 68.39
C ILE K 647 -54.45 19.95 68.41
N PHE K 648 -54.96 20.29 67.23
CA PHE K 648 -56.17 21.09 67.11
C PHE K 648 -57.29 20.20 66.55
N LEU K 649 -58.27 19.93 67.41
CA LEU K 649 -59.43 19.10 67.04
C LEU K 649 -60.53 19.99 66.50
N MET K 650 -60.55 20.20 65.18
CA MET K 650 -61.56 21.06 64.57
C MET K 650 -62.92 20.40 64.67
N LEU K 651 -63.88 21.11 65.26
CA LEU K 651 -65.22 20.61 65.48
C LEU K 651 -66.24 21.66 65.06
N ASP K 652 -67.43 21.18 64.66
CA ASP K 652 -68.47 22.06 64.16
C ASP K 652 -69.53 22.26 65.23
N PRO K 653 -69.61 23.43 65.86
CA PRO K 653 -70.62 23.63 66.92
C PRO K 653 -72.00 24.03 66.41
N GLN K 654 -72.10 24.45 65.14
CA GLN K 654 -73.35 24.89 64.55
C GLN K 654 -73.99 26.05 65.34
N ASP K 655 -73.19 27.04 65.71
CA ASP K 655 -73.70 28.23 66.38
C ASP K 655 -74.21 29.22 65.35
N GLU K 656 -75.33 29.87 65.66
CA GLU K 656 -75.92 30.83 64.73
C GLU K 656 -75.02 32.03 64.50
N ALA K 657 -74.38 32.52 65.57
CA ALA K 657 -73.47 33.65 65.42
C ALA K 657 -72.31 33.31 64.52
N TYR K 658 -71.77 32.10 64.65
CA TYR K 658 -70.69 31.66 63.76
C TYR K 658 -71.16 31.66 62.32
N ASP K 659 -72.36 31.13 62.05
CA ASP K 659 -72.87 31.08 60.69
C ASP K 659 -73.02 32.48 60.11
N ARG K 660 -73.61 33.40 60.90
CA ARG K 660 -73.81 34.75 60.40
C ARG K 660 -72.48 35.43 60.12
N ARG K 661 -71.52 35.33 61.04
CA ARG K 661 -70.24 35.99 60.87
C ARG K 661 -69.50 35.43 59.65
N LEU K 662 -69.46 34.10 59.53
CA LEU K 662 -68.74 33.50 58.41
C LEU K 662 -69.40 33.82 57.08
N ALA K 663 -70.74 33.79 57.01
CA ALA K 663 -71.43 34.14 55.77
C ALA K 663 -71.14 35.58 55.38
N HIS K 664 -71.24 36.50 56.35
CA HIS K 664 -70.99 37.91 56.05
C HIS K 664 -69.55 38.12 55.58
N HIS K 665 -68.59 37.51 56.27
CA HIS K 665 -67.19 37.65 55.88
C HIS K 665 -66.95 37.11 54.47
N LEU K 666 -67.42 35.89 54.21
CA LEU K 666 -67.14 35.25 52.93
C LEU K 666 -67.78 36.02 51.78
N VAL K 667 -69.01 36.52 51.97
CA VAL K 667 -69.62 37.30 50.90
C VAL K 667 -68.93 38.65 50.74
N ALA K 668 -68.53 39.28 51.85
CA ALA K 668 -67.86 40.57 51.77
C ALA K 668 -66.48 40.44 51.13
N LEU K 669 -65.93 39.22 51.07
CA LEU K 669 -64.69 39.02 50.34
C LEU K 669 -64.84 39.39 48.86
N TYR K 670 -66.05 39.31 48.33
CA TYR K 670 -66.31 39.73 46.95
C TYR K 670 -66.26 41.25 46.82
N ASP K 683 -49.46 46.56 58.77
CA ASP K 683 -48.44 46.66 57.72
C ASP K 683 -47.68 45.34 57.61
N MET K 684 -47.68 44.76 56.40
CA MET K 684 -46.96 43.52 56.17
C MET K 684 -45.46 43.70 56.38
N ALA K 685 -44.91 44.83 55.91
CA ALA K 685 -43.49 45.09 56.07
C ALA K 685 -43.12 45.24 57.55
N VAL K 686 -43.98 45.93 58.31
CA VAL K 686 -43.72 46.09 59.74
C VAL K 686 -43.73 44.74 60.43
N LEU K 687 -44.69 43.88 60.08
CA LEU K 687 -44.73 42.53 60.65
C LEU K 687 -43.47 41.76 60.30
N LYS K 688 -43.03 41.84 59.04
CA LYS K 688 -41.82 41.14 58.62
C LYS K 688 -40.62 41.61 59.43
N ASP K 689 -40.45 42.92 59.55
CA ASP K 689 -39.30 43.46 60.27
C ASP K 689 -39.34 43.09 61.75
N TYR K 690 -40.53 43.15 62.36
CA TYR K 690 -40.65 42.77 63.77
C TYR K 690 -40.31 41.30 63.96
N ILE K 691 -40.82 40.43 63.10
CA ILE K 691 -40.55 39.00 63.23
C ILE K 691 -39.06 38.73 63.08
N ALA K 692 -38.43 39.34 62.08
CA ALA K 692 -37.00 39.15 61.90
C ALA K 692 -36.20 39.65 63.09
N TYR K 693 -36.54 40.85 63.61
CA TYR K 693 -35.82 41.40 64.73
C TYR K 693 -35.94 40.51 65.97
N ALA K 694 -37.17 40.08 66.29
CA ALA K 694 -37.36 39.22 67.45
C ALA K 694 -36.65 37.89 67.27
N HIS K 695 -36.73 37.31 66.07
CA HIS K 695 -36.12 36.03 65.78
C HIS K 695 -34.59 36.08 65.79
N SER K 696 -34.00 37.26 65.57
CA SER K 696 -32.56 37.34 65.45
C SER K 696 -31.86 38.15 66.54
N THR K 697 -32.58 38.67 67.54
CA THR K 697 -31.94 39.56 68.50
C THR K 697 -32.09 39.21 69.98
N ILE K 698 -32.87 38.18 70.35
CA ILE K 698 -33.18 37.92 71.75
C ILE K 698 -33.08 36.42 72.04
N MET K 699 -32.47 36.08 73.18
CA MET K 699 -32.38 34.71 73.66
C MET K 699 -33.19 34.54 74.94
N PRO K 700 -34.34 33.89 74.91
CA PRO K 700 -35.14 33.74 76.13
C PRO K 700 -34.46 32.87 77.18
N ARG K 701 -34.71 33.22 78.45
CA ARG K 701 -34.28 32.43 79.60
C ARG K 701 -35.33 32.56 80.70
N LEU K 702 -35.40 31.55 81.57
CA LEU K 702 -36.45 31.47 82.56
C LEU K 702 -35.85 31.30 83.96
N SER K 703 -36.60 31.73 84.96
CA SER K 703 -36.18 31.68 86.35
C SER K 703 -36.85 30.52 87.07
N GLU K 704 -36.66 30.46 88.39
CA GLU K 704 -37.20 29.35 89.17
C GLU K 704 -38.72 29.36 89.21
N GLU K 705 -39.34 30.54 89.15
CA GLU K 705 -40.79 30.60 89.16
C GLU K 705 -41.38 29.87 87.95
N ALA K 706 -40.81 30.13 86.77
CA ALA K 706 -41.24 29.41 85.58
C ALA K 706 -40.96 27.92 85.70
N SER K 707 -39.86 27.54 86.34
CA SER K 707 -39.53 26.13 86.53
C SER K 707 -40.61 25.43 87.34
N GLN K 708 -40.96 26.00 88.50
CA GLN K 708 -41.97 25.38 89.35
C GLN K 708 -43.35 25.40 88.70
N ALA K 709 -43.67 26.47 87.97
CA ALA K 709 -44.92 26.48 87.23
C ALA K 709 -44.96 25.37 86.19
N LEU K 710 -43.86 25.14 85.50
CA LEU K 710 -43.80 24.06 84.51
C LEU K 710 -43.97 22.69 85.17
N ILE K 711 -43.33 22.48 86.32
CA ILE K 711 -43.45 21.20 87.02
C ILE K 711 -44.89 20.97 87.47
N GLU K 712 -45.53 22.00 88.02
CA GLU K 712 -46.92 21.88 88.43
C GLU K 712 -47.81 21.59 87.23
N ALA K 713 -47.56 22.26 86.10
CA ALA K 713 -48.34 21.99 84.90
C ALA K 713 -48.15 20.55 84.45
N TYR K 714 -46.93 20.03 84.55
CA TYR K 714 -46.65 18.67 84.12
C TYR K 714 -47.42 17.65 84.97
N VAL K 715 -47.38 17.82 86.30
CA VAL K 715 -48.06 16.84 87.16
C VAL K 715 -49.57 16.95 86.99
N ASP K 716 -50.08 18.17 86.80
CA ASP K 716 -51.51 18.33 86.55
C ASP K 716 -51.92 17.66 85.24
N MET K 717 -51.10 17.82 84.20
CA MET K 717 -51.38 17.19 82.91
C MET K 717 -51.37 15.67 83.05
N ARG K 718 -50.42 15.13 83.81
CA ARG K 718 -50.37 13.69 84.02
C ARG K 718 -51.61 13.21 84.76
N LYS K 719 -52.07 13.98 85.75
CA LYS K 719 -53.29 13.61 86.47
C LYS K 719 -54.49 13.60 85.54
N ILE K 720 -54.60 14.62 84.67
CA ILE K 720 -55.76 14.73 83.80
C ILE K 720 -55.76 13.64 82.73
N GLY K 721 -54.60 13.40 82.12
CA GLY K 721 -54.51 12.47 81.02
C GLY K 721 -54.41 11.00 81.40
N SER K 722 -54.43 10.70 82.70
CA SER K 722 -54.34 9.31 83.14
C SER K 722 -55.54 8.51 82.69
N SER K 723 -56.73 9.11 82.73
CA SER K 723 -57.96 8.39 82.41
C SER K 723 -57.96 7.94 80.95
N ARG K 724 -58.40 6.70 80.73
CA ARG K 724 -58.45 6.16 79.39
C ARG K 724 -59.58 6.81 78.59
N GLY K 725 -59.45 6.77 77.26
CA GLY K 725 -60.33 7.44 76.35
C GLY K 725 -59.78 8.73 75.79
N MET K 726 -59.01 9.46 76.58
CA MET K 726 -58.34 10.67 76.13
C MET K 726 -56.88 10.39 75.84
N VAL K 727 -56.26 11.32 75.11
CA VAL K 727 -54.84 11.18 74.74
C VAL K 727 -53.98 11.31 75.99
N SER K 728 -53.22 10.27 76.29
CA SER K 728 -52.40 10.25 77.49
C SER K 728 -51.21 11.20 77.35
N ALA K 729 -50.64 11.57 78.48
CA ALA K 729 -49.51 12.50 78.53
C ALA K 729 -48.21 11.74 78.72
N TYR K 730 -47.12 12.37 78.26
CA TYR K 730 -45.78 11.80 78.30
C TYR K 730 -44.80 12.90 78.65
N PRO K 731 -43.58 12.54 79.08
CA PRO K 731 -42.61 13.57 79.47
C PRO K 731 -42.26 14.57 78.37
N ARG K 732 -42.44 14.23 77.10
CA ARG K 732 -42.13 15.18 76.04
C ARG K 732 -43.06 16.39 76.06
N GLN K 733 -44.23 16.26 76.68
CA GLN K 733 -45.14 17.39 76.77
C GLN K 733 -44.56 18.49 77.63
N LEU K 734 -43.72 18.13 78.61
CA LEU K 734 -43.03 19.14 79.41
C LEU K 734 -42.11 19.98 78.54
N GLU K 735 -41.36 19.32 77.65
CA GLU K 735 -40.49 20.05 76.74
C GLU K 735 -41.28 20.90 75.76
N SER K 736 -42.45 20.39 75.35
CA SER K 736 -43.32 21.19 74.49
C SER K 736 -43.79 22.46 75.20
N LEU K 737 -44.14 22.34 76.47
CA LEU K 737 -44.50 23.50 77.28
C LEU K 737 -43.34 24.48 77.37
N ILE K 738 -42.13 23.97 77.57
CA ILE K 738 -40.95 24.84 77.63
C ILE K 738 -40.79 25.60 76.33
N ARG K 739 -40.92 24.91 75.20
CA ARG K 739 -40.75 25.57 73.90
C ARG K 739 -41.80 26.63 73.67
N LEU K 740 -43.06 26.34 74.01
CA LEU K 740 -44.11 27.33 73.84
C LEU K 740 -43.89 28.55 74.74
N ALA K 741 -43.44 28.32 75.97
CA ALA K 741 -43.15 29.44 76.87
C ALA K 741 -42.03 30.31 76.31
N GLU K 742 -40.98 29.68 75.78
CA GLU K 742 -39.89 30.45 75.20
C GLU K 742 -40.35 31.24 73.97
N ALA K 743 -41.21 30.65 73.14
CA ALA K 743 -41.73 31.39 71.99
C ALA K 743 -42.56 32.59 72.44
N HIS K 744 -43.40 32.41 73.47
CA HIS K 744 -44.19 33.52 73.97
C HIS K 744 -43.30 34.61 74.56
N ALA K 745 -42.22 34.21 75.22
CA ALA K 745 -41.25 35.19 75.71
C ALA K 745 -40.63 35.96 74.57
N LYS K 746 -40.33 35.28 73.46
CA LYS K 746 -39.83 35.98 72.28
C LYS K 746 -40.84 36.98 71.75
N VAL K 747 -42.14 36.64 71.80
CA VAL K 747 -43.15 37.56 71.28
C VAL K 747 -43.11 38.90 72.00
N ARG K 748 -42.94 38.89 73.31
CA ARG K 748 -42.92 40.11 74.10
C ARG K 748 -41.56 40.82 74.07
N LEU K 749 -40.63 40.34 73.24
CA LEU K 749 -39.27 40.89 73.17
C LEU K 749 -38.61 40.88 74.55
N SER K 750 -38.78 39.79 75.28
CA SER K 750 -38.26 39.66 76.64
C SER K 750 -37.20 38.59 76.69
N ASN K 751 -36.07 38.90 77.32
CA ASN K 751 -35.04 37.90 77.56
C ASN K 751 -35.36 37.02 78.77
N LYS K 752 -36.36 37.40 79.55
CA LYS K 752 -36.73 36.67 80.76
C LYS K 752 -38.15 36.13 80.59
N VAL K 753 -38.30 34.81 80.76
CA VAL K 753 -39.62 34.21 80.70
C VAL K 753 -40.32 34.39 82.05
N GLU K 754 -41.52 34.95 82.00
CA GLU K 754 -42.31 35.18 83.20
C GLU K 754 -43.39 34.11 83.33
N ALA K 755 -44.02 34.09 84.50
CA ALA K 755 -45.09 33.12 84.75
C ALA K 755 -46.26 33.33 83.81
N ILE K 756 -46.40 34.55 83.27
CA ILE K 756 -47.47 34.82 82.31
C ILE K 756 -47.31 33.95 81.07
N ASP K 757 -46.07 33.82 80.59
CA ASP K 757 -45.82 33.00 79.42
C ASP K 757 -46.16 31.53 79.67
N VAL K 758 -45.77 31.02 80.84
CA VAL K 758 -46.06 29.62 81.17
C VAL K 758 -47.56 29.40 81.29
N GLU K 759 -48.27 30.34 81.92
CA GLU K 759 -49.72 30.21 82.05
C GLU K 759 -50.39 30.26 80.68
N GLU K 760 -49.91 31.13 79.79
CA GLU K 760 -50.47 31.20 78.44
C GLU K 760 -50.21 29.90 77.67
N ALA K 761 -49.01 29.34 77.83
CA ALA K 761 -48.69 28.07 77.17
C ALA K 761 -49.59 26.95 77.68
N LYS K 762 -49.81 26.90 78.99
CA LYS K 762 -50.72 25.92 79.56
C LYS K 762 -52.14 26.11 79.04
N ARG K 763 -52.57 27.37 78.93
CA ARG K 763 -53.90 27.66 78.42
C ARG K 763 -54.06 27.17 76.98
N LEU K 764 -53.07 27.45 76.15
CA LEU K 764 -53.11 27.00 74.76
C LEU K 764 -53.11 25.48 74.68
N HIS K 765 -52.28 24.83 75.50
CA HIS K 765 -52.22 23.37 75.48
C HIS K 765 -53.57 22.77 75.89
N ARG K 766 -54.21 23.35 76.91
CA ARG K 766 -55.50 22.84 77.36
C ARG K 766 -56.58 23.07 76.31
N GLU K 767 -56.58 24.25 75.69
CA GLU K 767 -57.66 24.61 74.78
C GLU K 767 -57.55 23.88 73.45
N ALA K 768 -56.31 23.60 73.01
CA ALA K 768 -56.13 22.95 71.72
C ALA K 768 -56.75 21.57 71.70
N LEU K 769 -56.58 20.80 72.77
CA LEU K 769 -57.13 19.45 72.84
C LEU K 769 -58.58 19.41 73.27
N LYS K 770 -59.17 20.55 73.64
CA LYS K 770 -60.56 20.62 74.10
C LYS K 770 -60.80 19.70 75.31
N GLN K 771 -59.83 19.64 76.22
CA GLN K 771 -59.96 18.75 77.37
C GLN K 771 -60.98 19.27 78.38
N SER K 772 -61.30 20.57 78.33
CA SER K 772 -62.28 21.12 79.26
C SER K 772 -63.68 20.58 78.97
N ALA K 773 -64.09 20.62 77.70
CA ALA K 773 -65.43 20.17 77.34
C ALA K 773 -65.50 18.64 77.29
N THR K 774 -64.37 17.98 77.06
CA THR K 774 -64.35 16.54 76.93
C THR K 774 -64.68 15.87 78.27
N ASP K 775 -65.48 14.80 78.21
CA ASP K 775 -65.84 14.02 79.38
C ASP K 775 -64.64 13.20 79.83
N PRO K 776 -64.13 13.43 81.04
CA PRO K 776 -62.87 12.77 81.43
C PRO K 776 -62.94 11.26 81.57
N ARG K 777 -64.12 10.68 81.79
CA ARG K 777 -64.24 9.26 82.07
C ARG K 777 -64.89 8.49 80.93
N THR K 778 -65.27 9.15 79.84
CA THR K 778 -65.79 8.48 78.66
C THR K 778 -65.06 8.83 77.37
N GLY K 779 -64.23 9.87 77.35
CA GLY K 779 -63.51 10.24 76.15
C GLY K 779 -64.38 10.71 75.01
N ILE K 780 -65.47 11.43 75.31
CA ILE K 780 -66.39 11.93 74.31
C ILE K 780 -66.51 13.44 74.48
N VAL K 781 -66.29 14.18 73.38
CA VAL K 781 -66.38 15.63 73.43
C VAL K 781 -67.85 16.04 73.48
N ASP K 782 -68.14 17.03 74.31
CA ASP K 782 -69.49 17.55 74.46
C ASP K 782 -69.47 19.05 74.23
N ILE K 783 -70.65 19.64 74.10
CA ILE K 783 -70.78 21.07 73.88
C ILE K 783 -71.55 21.71 75.04
N SER L 2 2.14 -16.60 -30.52
CA SER L 2 1.52 -15.38 -31.00
C SER L 2 1.31 -14.40 -29.85
N GLY L 3 1.46 -14.89 -28.62
CA GLY L 3 1.44 -14.03 -27.46
C GLY L 3 0.07 -13.70 -26.91
N PHE L 4 -0.99 -14.33 -27.40
CA PHE L 4 -2.33 -14.04 -26.91
C PHE L 4 -2.89 -15.16 -26.03
N ASP L 5 -2.83 -16.40 -26.53
CA ASP L 5 -3.46 -17.54 -25.88
C ASP L 5 -2.61 -18.06 -24.71
N ASP L 6 -3.24 -18.88 -23.89
CA ASP L 6 -2.55 -19.59 -22.80
C ASP L 6 -3.24 -20.94 -22.61
N PRO L 7 -2.67 -22.01 -23.18
CA PRO L 7 -3.34 -23.32 -23.13
C PRO L 7 -3.29 -24.00 -21.77
N GLY L 8 -2.41 -23.59 -20.87
CA GLY L 8 -2.37 -24.20 -19.55
C GLY L 8 -1.34 -25.30 -19.44
N ILE L 9 -1.57 -26.22 -18.51
CA ILE L 9 -0.65 -27.31 -18.20
C ILE L 9 -1.43 -28.60 -18.11
N PHE L 10 -0.84 -29.68 -18.62
CA PHE L 10 -1.43 -31.01 -18.57
C PHE L 10 -0.40 -31.98 -18.00
N TYR L 11 -0.89 -33.11 -17.50
CA TYR L 11 -0.02 -34.17 -17.00
C TYR L 11 -0.66 -35.52 -17.26
N SER L 12 0.11 -36.58 -17.06
CA SER L 12 -0.33 -37.95 -17.29
C SER L 12 -0.27 -38.73 -15.99
N ASP L 13 -1.06 -39.81 -15.93
CA ASP L 13 -1.06 -40.66 -14.75
C ASP L 13 0.28 -41.34 -14.58
N SER L 14 0.68 -41.55 -13.33
CA SER L 14 2.00 -42.09 -13.03
C SER L 14 2.15 -43.51 -13.57
N PHE L 15 3.34 -43.82 -14.06
CA PHE L 15 3.64 -45.15 -14.58
C PHE L 15 4.33 -45.99 -13.52
N ARG L 27 5.03 -42.04 0.95
CA ARG L 27 4.53 -43.29 1.53
C ARG L 27 3.05 -43.14 1.90
N LYS L 28 2.59 -41.89 2.01
CA LYS L 28 1.20 -41.65 2.38
C LYS L 28 0.23 -42.13 1.32
N SER L 29 0.63 -42.07 0.04
CA SER L 29 -0.22 -42.65 -1.02
C SER L 29 -0.36 -44.15 -0.84
N GLN L 30 0.73 -44.81 -0.46
CA GLN L 30 0.63 -46.24 -0.14
C GLN L 30 -0.26 -46.48 1.06
N LEU L 31 -0.24 -45.57 2.04
CA LEU L 31 -1.15 -45.70 3.18
C LEU L 31 -2.59 -45.59 2.74
N GLN L 32 -2.89 -44.65 1.83
CA GLN L 32 -4.25 -44.56 1.30
C GLN L 32 -4.64 -45.82 0.56
N ARG L 33 -3.71 -46.38 -0.21
CA ARG L 33 -3.99 -47.64 -0.90
C ARG L 33 -4.24 -48.78 0.08
N ARG L 34 -3.48 -48.82 1.17
CA ARG L 34 -3.68 -49.85 2.18
C ARG L 34 -5.06 -49.72 2.81
N PHE L 35 -5.47 -48.50 3.13
CA PHE L 35 -6.81 -48.28 3.67
C PHE L 35 -7.88 -48.71 2.67
N LYS L 36 -7.68 -48.38 1.39
CA LYS L 36 -8.65 -48.74 0.37
C LYS L 36 -8.78 -50.26 0.24
N GLU L 37 -7.65 -50.96 0.26
CA GLU L 37 -7.69 -52.43 0.22
C GLU L 37 -8.36 -52.99 1.45
N PHE L 38 -8.12 -52.39 2.62
CA PHE L 38 -8.79 -52.85 3.83
C PHE L 38 -10.30 -52.72 3.69
N LEU L 39 -10.76 -51.58 3.19
CA LEU L 39 -12.20 -51.37 3.02
C LEU L 39 -12.79 -52.35 2.03
N ARG L 40 -12.09 -52.61 0.93
CA ARG L 40 -12.62 -53.51 -0.10
C ARG L 40 -12.51 -54.98 0.27
N GLN L 41 -11.65 -55.33 1.23
CA GLN L 41 -11.33 -56.73 1.48
C GLN L 41 -11.96 -57.25 2.77
N TYR L 42 -12.20 -56.38 3.75
CA TYR L 42 -12.63 -56.82 5.07
C TYR L 42 -13.95 -57.57 4.99
N ARG L 43 -14.01 -58.70 5.71
CA ARG L 43 -15.19 -59.55 5.75
C ARG L 43 -15.29 -60.21 7.11
N VAL L 44 -16.51 -60.53 7.51
CA VAL L 44 -16.79 -61.17 8.79
C VAL L 44 -17.69 -62.37 8.54
N GLY L 45 -17.42 -63.46 9.25
CA GLY L 45 -18.22 -64.66 9.11
C GLY L 45 -17.53 -65.89 9.66
N THR L 46 -17.95 -67.07 9.21
CA THR L 46 -17.39 -68.32 9.67
C THR L 46 -16.91 -69.12 8.47
N ASP L 47 -16.04 -70.10 8.74
CA ASP L 47 -15.60 -70.99 7.66
C ASP L 47 -16.76 -71.84 7.14
N ARG L 48 -17.69 -72.19 8.02
CA ARG L 48 -18.81 -73.04 7.60
C ARG L 48 -19.77 -72.29 6.68
N THR L 49 -20.16 -71.08 7.08
CA THR L 49 -21.19 -70.32 6.38
C THR L 49 -20.62 -69.22 5.50
N GLY L 50 -19.32 -69.22 5.26
CA GLY L 50 -18.72 -68.18 4.46
C GLY L 50 -18.60 -66.86 5.22
N PHE L 51 -18.26 -65.82 4.47
CA PHE L 51 -18.05 -64.49 5.03
C PHE L 51 -18.82 -63.46 4.22
N THR L 52 -19.12 -62.33 4.86
CA THR L 52 -19.80 -61.22 4.22
C THR L 52 -18.91 -59.99 4.26
N PHE L 53 -18.93 -59.21 3.18
CA PHE L 53 -18.15 -57.98 3.07
C PHE L 53 -18.85 -56.88 3.85
N LYS L 54 -18.40 -56.63 5.07
CA LYS L 54 -19.06 -55.68 5.97
C LYS L 54 -19.04 -54.27 5.42
N TYR L 55 -17.84 -53.69 5.28
CA TYR L 55 -17.73 -52.28 4.97
C TYR L 55 -18.13 -51.99 3.53
N ARG L 56 -17.83 -52.91 2.61
CA ARG L 56 -18.22 -52.73 1.22
C ARG L 56 -19.73 -52.59 1.09
N ASP L 57 -20.47 -53.56 1.65
CA ASP L 57 -21.92 -53.53 1.57
C ASP L 57 -22.50 -52.37 2.36
N GLU L 58 -21.90 -52.06 3.52
CA GLU L 58 -22.37 -50.94 4.33
C GLU L 58 -22.27 -49.62 3.56
N LEU L 59 -21.11 -49.38 2.95
CA LEU L 59 -20.90 -48.16 2.17
C LEU L 59 -21.84 -48.12 0.97
N LYS L 60 -22.01 -49.25 0.28
CA LYS L 60 -22.92 -49.29 -0.85
C LYS L 60 -24.33 -48.91 -0.43
N ARG L 61 -24.83 -49.53 0.65
CA ARG L 61 -26.19 -49.26 1.10
C ARG L 61 -26.36 -47.82 1.55
N HIS L 62 -25.39 -47.30 2.31
CA HIS L 62 -25.50 -45.94 2.81
C HIS L 62 -25.47 -44.93 1.67
N TYR L 63 -24.59 -45.12 0.70
CA TYR L 63 -24.56 -44.21 -0.44
C TYR L 63 -25.84 -44.29 -1.25
N ASN L 64 -26.36 -45.50 -1.45
CA ASN L 64 -27.59 -45.66 -2.22
C ASN L 64 -28.77 -44.98 -1.53
N LEU L 65 -28.85 -45.11 -0.20
CA LEU L 65 -29.97 -44.51 0.53
C LEU L 65 -29.80 -43.00 0.65
N GLY L 66 -28.60 -42.48 0.46
CA GLY L 66 -28.35 -41.06 0.56
C GLY L 66 -27.71 -40.59 1.85
N GLU L 67 -27.29 -41.50 2.72
CA GLU L 67 -26.63 -41.15 3.97
C GLU L 67 -25.13 -41.16 3.74
N TYR L 68 -24.52 -39.98 3.67
CA TYR L 68 -23.09 -39.85 3.36
C TYR L 68 -22.23 -39.96 4.62
N TRP L 69 -22.29 -41.13 5.24
CA TRP L 69 -21.49 -41.37 6.45
C TRP L 69 -21.46 -42.85 6.75
N ILE L 70 -20.30 -43.32 7.24
CA ILE L 70 -20.12 -44.68 7.71
C ILE L 70 -19.36 -44.64 9.03
N GLU L 71 -19.47 -45.73 9.78
CA GLU L 71 -18.81 -45.86 11.08
C GLU L 71 -17.84 -47.02 11.05
N VAL L 72 -16.63 -46.80 11.55
CA VAL L 72 -15.56 -47.78 11.53
C VAL L 72 -15.13 -48.08 12.95
N GLU L 73 -14.96 -49.36 13.26
CA GLU L 73 -14.51 -49.82 14.57
C GLU L 73 -13.01 -50.07 14.50
N MET L 74 -12.27 -49.53 15.48
CA MET L 74 -10.81 -49.61 15.42
C MET L 74 -10.30 -51.03 15.64
N GLU L 75 -11.06 -51.87 16.34
CA GLU L 75 -10.64 -53.25 16.55
C GLU L 75 -10.59 -54.01 15.24
N ASP L 76 -11.56 -53.77 14.36
CA ASP L 76 -11.56 -54.43 13.05
C ASP L 76 -10.31 -54.05 12.26
N LEU L 77 -9.97 -52.76 12.25
CA LEU L 77 -8.79 -52.31 11.52
C LEU L 77 -7.53 -52.89 12.13
N ALA L 78 -7.45 -52.95 13.46
CA ALA L 78 -6.28 -53.54 14.11
C ALA L 78 -6.14 -55.01 13.75
N SER L 79 -7.28 -55.72 13.66
CA SER L 79 -7.25 -57.10 13.20
C SER L 79 -6.73 -57.19 11.76
N PHE L 80 -7.19 -56.27 10.90
CA PHE L 80 -6.76 -56.31 9.51
C PHE L 80 -5.28 -55.97 9.38
N ASP L 81 -4.84 -54.88 10.01
CA ASP L 81 -3.44 -54.48 10.00
C ASP L 81 -3.18 -53.55 11.17
N GLU L 82 -2.25 -53.93 12.05
CA GLU L 82 -2.03 -53.19 13.28
C GLU L 82 -1.32 -51.87 13.03
N ASP L 83 -0.56 -51.79 11.94
CA ASP L 83 0.24 -50.59 11.68
C ASP L 83 -0.64 -49.37 11.47
N LEU L 84 -1.67 -49.49 10.63
CA LEU L 84 -2.55 -48.36 10.36
C LEU L 84 -3.36 -47.97 11.59
N ALA L 85 -3.82 -48.96 12.35
CA ALA L 85 -4.57 -48.68 13.57
C ALA L 85 -3.70 -47.93 14.57
N ASP L 86 -2.44 -48.33 14.70
CA ASP L 86 -1.51 -47.62 15.58
C ASP L 86 -1.24 -46.21 15.05
N TYR L 87 -1.16 -46.06 13.73
CA TYR L 87 -0.94 -44.74 13.14
C TYR L 87 -2.08 -43.79 13.44
N LEU L 88 -3.33 -44.28 13.34
CA LEU L 88 -4.48 -43.42 13.56
C LEU L 88 -4.56 -42.90 14.99
N TYR L 89 -4.00 -43.65 15.94
CA TYR L 89 -4.00 -43.24 17.34
C TYR L 89 -3.06 -42.07 17.62
N LYS L 90 -2.16 -41.75 16.71
CA LYS L 90 -1.15 -40.73 16.96
C LYS L 90 -1.28 -39.49 16.08
N GLN L 91 -1.65 -39.65 14.81
CA GLN L 91 -1.79 -38.53 13.89
C GLN L 91 -3.14 -38.59 13.20
N PRO L 92 -4.23 -38.36 13.95
CA PRO L 92 -5.56 -38.49 13.34
C PRO L 92 -5.82 -37.52 12.21
N ALA L 93 -5.17 -36.36 12.22
CA ALA L 93 -5.49 -35.31 11.25
C ALA L 93 -5.21 -35.76 9.81
N GLU L 94 -4.08 -36.42 9.57
CA GLU L 94 -3.71 -36.80 8.22
C GLU L 94 -4.35 -38.13 7.81
N HIS L 95 -4.28 -39.12 8.71
CA HIS L 95 -4.81 -40.43 8.39
C HIS L 95 -6.33 -40.40 8.26
N LEU L 96 -7.00 -39.48 8.94
CA LEU L 96 -8.44 -39.33 8.72
C LEU L 96 -8.72 -38.86 7.29
N GLN L 97 -7.93 -37.91 6.78
CA GLN L 97 -8.09 -37.48 5.40
C GLN L 97 -7.83 -38.63 4.45
N LEU L 98 -6.78 -39.41 4.70
CA LEU L 98 -6.47 -40.54 3.83
C LEU L 98 -7.58 -41.58 3.84
N LEU L 99 -8.13 -41.87 5.02
CA LEU L 99 -9.20 -42.85 5.12
C LEU L 99 -10.48 -42.35 4.45
N GLU L 100 -10.77 -41.05 4.56
CA GLU L 100 -11.93 -40.50 3.88
C GLU L 100 -11.77 -40.58 2.37
N GLU L 101 -10.56 -40.29 1.86
CA GLU L 101 -10.33 -40.43 0.42
C GLU L 101 -10.50 -41.89 -0.02
N ALA L 102 -9.98 -42.83 0.78
CA ALA L 102 -10.14 -44.24 0.44
C ALA L 102 -11.62 -44.64 0.42
N ALA L 103 -12.38 -44.15 1.40
CA ALA L 103 -13.82 -44.45 1.43
C ALA L 103 -14.52 -43.87 0.22
N LYS L 104 -14.17 -42.64 -0.17
CA LYS L 104 -14.77 -42.05 -1.36
C LYS L 104 -14.45 -42.87 -2.61
N GLU L 105 -13.19 -43.33 -2.73
CA GLU L 105 -12.83 -44.12 -3.90
C GLU L 105 -13.56 -45.45 -3.92
N VAL L 106 -13.71 -46.10 -2.76
CA VAL L 106 -14.46 -47.35 -2.71
C VAL L 106 -15.92 -47.12 -3.08
N ALA L 107 -16.52 -46.06 -2.55
CA ALA L 107 -17.91 -45.75 -2.88
C ALA L 107 -18.08 -45.50 -4.37
N ASP L 108 -17.10 -44.83 -4.99
CA ASP L 108 -17.13 -44.66 -6.44
C ASP L 108 -17.03 -46.01 -7.15
N GLU L 109 -16.19 -46.90 -6.63
CA GLU L 109 -16.03 -48.22 -7.25
C GLU L 109 -17.33 -49.01 -7.23
N VAL L 110 -18.03 -49.03 -6.10
CA VAL L 110 -19.20 -49.90 -5.94
C VAL L 110 -20.43 -49.38 -6.64
N THR L 111 -20.55 -48.05 -6.84
CA THR L 111 -21.78 -47.43 -7.31
C THR L 111 -21.51 -46.60 -8.57
N ARG L 112 -20.77 -47.17 -9.52
CA ARG L 112 -20.46 -46.50 -10.77
C ARG L 112 -21.71 -46.20 -11.62
N PRO L 113 -22.63 -47.19 -11.89
CA PRO L 113 -23.79 -46.92 -12.74
C PRO L 113 -24.88 -46.10 -12.07
N ARG L 114 -24.55 -44.88 -11.69
CA ARG L 114 -25.51 -43.99 -11.05
C ARG L 114 -26.50 -43.43 -12.08
N PRO L 115 -27.65 -42.94 -11.63
CA PRO L 115 -28.58 -42.27 -12.55
C PRO L 115 -27.91 -41.07 -13.21
N SER L 116 -28.33 -40.79 -14.44
CA SER L 116 -27.70 -39.74 -15.23
C SER L 116 -27.93 -38.37 -14.60
N GLY L 117 -26.97 -37.48 -14.83
CA GLY L 117 -27.01 -36.12 -14.31
C GLY L 117 -26.27 -35.92 -13.01
N GLU L 118 -26.42 -36.86 -12.08
CA GLU L 118 -25.77 -36.77 -10.77
C GLU L 118 -24.39 -37.42 -10.82
N GLU L 119 -23.52 -36.89 -11.67
CA GLU L 119 -22.17 -37.44 -11.81
C GLU L 119 -21.27 -37.03 -10.66
N VAL L 120 -21.59 -35.92 -9.99
CA VAL L 120 -20.70 -35.36 -8.97
C VAL L 120 -20.60 -36.33 -7.80
N LEU L 121 -19.37 -36.68 -7.43
CA LEU L 121 -19.11 -37.59 -6.33
C LEU L 121 -18.82 -36.78 -5.09
N GLN L 122 -19.67 -36.93 -4.07
CA GLN L 122 -19.57 -36.09 -2.88
C GLN L 122 -18.69 -36.74 -1.81
N ASP L 123 -18.27 -35.92 -0.87
CA ASP L 123 -17.37 -36.39 0.19
C ASP L 123 -18.12 -37.30 1.17
N ILE L 124 -17.34 -38.04 1.94
CA ILE L 124 -17.86 -39.03 2.89
C ILE L 124 -17.25 -38.78 4.26
N GLN L 125 -18.09 -38.68 5.27
CA GLN L 125 -17.63 -38.53 6.65
C GLN L 125 -17.45 -39.89 7.30
N VAL L 126 -16.28 -40.10 7.91
CA VAL L 126 -15.95 -41.35 8.57
C VAL L 126 -15.92 -41.10 10.07
N MET L 127 -16.75 -41.82 10.81
CA MET L 127 -16.79 -41.72 12.27
C MET L 127 -16.04 -42.89 12.89
N LEU L 128 -15.69 -42.75 14.15
CA LEU L 128 -14.91 -43.75 14.86
C LEU L 128 -15.70 -44.30 16.03
N LYS L 129 -15.42 -45.55 16.39
CA LYS L 129 -16.07 -46.23 17.50
C LYS L 129 -15.14 -47.32 18.01
N SER L 130 -15.06 -47.47 19.33
CA SER L 130 -14.14 -48.43 19.92
C SER L 130 -14.72 -48.96 21.22
N ASP L 131 -14.17 -50.09 21.67
CA ASP L 131 -14.57 -50.71 22.93
C ASP L 131 -13.63 -50.40 24.08
N ALA L 132 -12.66 -49.51 23.89
CA ALA L 132 -11.74 -49.17 24.98
C ALA L 132 -12.48 -48.48 26.11
N SER L 133 -12.10 -48.80 27.34
CA SER L 133 -12.72 -48.16 28.49
C SER L 133 -12.34 -46.69 28.55
N PRO L 134 -13.27 -45.81 28.93
CA PRO L 134 -12.97 -44.37 28.94
C PRO L 134 -11.95 -43.97 29.98
N SER L 135 -11.60 -42.70 30.00
CA SER L 135 -10.70 -42.13 31.00
C SER L 135 -11.29 -40.83 31.52
N SER L 136 -10.90 -40.46 32.74
CA SER L 136 -11.47 -39.28 33.37
C SER L 136 -11.10 -38.02 32.61
N ILE L 137 -12.03 -37.05 32.59
CA ILE L 137 -11.76 -35.77 31.95
C ILE L 137 -10.65 -35.02 32.70
N ARG L 138 -10.48 -35.33 33.98
CA ARG L 138 -9.44 -34.67 34.77
C ARG L 138 -8.06 -35.11 34.33
N SER L 139 -7.95 -36.25 33.64
CA SER L 139 -6.66 -36.74 33.17
C SER L 139 -6.15 -35.97 31.95
N LEU L 140 -6.99 -35.13 31.33
CA LEU L 140 -6.54 -34.34 30.20
C LEU L 140 -5.47 -33.33 30.61
N LYS L 141 -4.26 -33.50 30.11
CA LYS L 141 -3.16 -32.58 30.40
C LYS L 141 -2.36 -32.35 29.12
N SER L 142 -1.20 -31.72 29.27
CA SER L 142 -0.44 -31.28 28.10
C SER L 142 0.01 -32.45 27.24
N ASP L 143 0.21 -33.62 27.84
CA ASP L 143 0.77 -34.74 27.10
C ASP L 143 -0.19 -35.28 26.06
N MET L 144 -1.49 -35.02 26.20
CA MET L 144 -2.48 -35.59 25.29
C MET L 144 -2.82 -34.70 24.11
N MET L 145 -2.06 -33.63 23.89
CA MET L 145 -2.36 -32.72 22.79
C MET L 145 -2.19 -33.44 21.45
N SER L 146 -3.10 -33.17 20.52
CA SER L 146 -3.10 -33.71 19.16
C SER L 146 -3.19 -35.24 19.11
N HIS L 147 -3.65 -35.87 20.18
CA HIS L 147 -3.87 -37.31 20.20
C HIS L 147 -5.38 -37.60 20.26
N LEU L 148 -5.72 -38.88 20.31
CA LEU L 148 -7.11 -39.32 20.32
C LEU L 148 -7.49 -39.75 21.74
N VAL L 149 -8.57 -39.17 22.25
CA VAL L 149 -8.98 -39.38 23.64
C VAL L 149 -10.45 -39.77 23.68
N LYS L 150 -10.83 -40.48 24.74
CA LYS L 150 -12.19 -40.94 24.97
C LYS L 150 -12.62 -40.47 26.36
N ILE L 151 -13.76 -39.79 26.42
CA ILE L 151 -14.15 -39.10 27.65
C ILE L 151 -15.66 -39.11 27.85
N PRO L 152 -16.15 -39.42 29.06
CA PRO L 152 -17.58 -39.33 29.35
C PRO L 152 -17.95 -37.95 29.89
N GLY L 153 -19.24 -37.64 29.79
CA GLY L 153 -19.70 -36.37 30.31
C GLY L 153 -21.20 -36.24 30.18
N ILE L 154 -21.69 -35.08 30.62
CA ILE L 154 -23.09 -34.69 30.51
C ILE L 154 -23.17 -33.34 29.81
N ILE L 155 -24.05 -33.24 28.82
CA ILE L 155 -24.17 -32.05 27.99
C ILE L 155 -25.13 -31.07 28.66
N ILE L 156 -24.72 -29.82 28.78
CA ILE L 156 -25.54 -28.80 29.42
C ILE L 156 -25.90 -27.64 28.50
N ALA L 157 -25.21 -27.46 27.37
CA ALA L 157 -25.53 -26.36 26.48
C ALA L 157 -25.13 -26.73 25.05
N ALA L 158 -25.97 -26.32 24.11
CA ALA L 158 -25.73 -26.61 22.69
C ALA L 158 -26.15 -25.41 21.88
N SER L 159 -25.21 -24.81 21.16
CA SER L 159 -25.51 -23.63 20.37
C SER L 159 -26.23 -24.01 19.09
N ALA L 160 -26.68 -22.99 18.36
CA ALA L 160 -27.39 -23.22 17.11
C ALA L 160 -26.44 -23.72 16.02
N VAL L 161 -27.02 -24.43 15.05
CA VAL L 161 -26.24 -24.90 13.92
C VAL L 161 -25.96 -23.74 12.97
N ARG L 162 -24.68 -23.57 12.60
CA ARG L 162 -24.25 -22.49 11.74
C ARG L 162 -23.52 -23.05 10.53
N ALA L 163 -23.05 -22.16 9.67
CA ALA L 163 -22.40 -22.53 8.43
C ALA L 163 -20.92 -22.17 8.47
N LYS L 164 -20.07 -23.09 8.02
CA LYS L 164 -18.64 -22.85 7.94
C LYS L 164 -18.13 -23.30 6.58
N ALA L 165 -17.23 -22.51 6.01
CA ALA L 165 -16.75 -22.72 4.65
C ALA L 165 -15.57 -23.69 4.64
N THR L 166 -15.55 -24.56 3.63
CA THR L 166 -14.42 -25.46 3.41
C THR L 166 -13.66 -25.17 2.13
N ARG L 167 -14.32 -24.60 1.12
CA ARG L 167 -13.68 -24.17 -0.12
C ARG L 167 -14.13 -22.76 -0.44
N ILE L 168 -13.19 -21.86 -0.73
CA ILE L 168 -13.51 -20.46 -0.98
C ILE L 168 -12.89 -20.03 -2.30
N SER L 169 -13.41 -18.93 -2.83
CA SER L 169 -12.89 -18.32 -4.05
C SER L 169 -12.93 -16.80 -3.89
N ILE L 170 -11.88 -16.13 -4.35
CA ILE L 170 -11.74 -14.69 -4.18
C ILE L 170 -11.50 -14.03 -5.53
N GLN L 171 -11.80 -12.74 -5.61
CA GLN L 171 -11.72 -11.97 -6.85
C GLN L 171 -10.87 -10.73 -6.65
N CYS L 172 -10.23 -10.28 -7.73
CA CYS L 172 -9.39 -9.09 -7.71
C CYS L 172 -10.20 -7.86 -8.09
N ARG L 173 -9.81 -6.71 -7.53
CA ARG L 173 -10.56 -5.48 -7.75
C ARG L 173 -10.49 -5.02 -9.20
N SER L 174 -9.26 -4.93 -9.74
CA SER L 174 -9.04 -4.23 -11.00
C SER L 174 -9.22 -5.14 -12.22
N CYS L 175 -8.44 -6.21 -12.31
CA CYS L 175 -8.49 -7.08 -13.48
C CYS L 175 -9.55 -8.18 -13.36
N ARG L 176 -10.22 -8.28 -12.22
CA ARG L 176 -11.31 -9.23 -12.00
C ARG L 176 -10.85 -10.68 -12.16
N ASN L 177 -9.58 -10.96 -11.97
CA ASN L 177 -9.11 -12.34 -11.97
C ASN L 177 -9.52 -13.04 -10.68
N THR L 178 -9.47 -14.37 -10.70
CA THR L 178 -10.03 -15.19 -9.64
C THR L 178 -9.06 -16.28 -9.21
N LEU L 179 -9.02 -16.54 -7.91
CA LEU L 179 -8.36 -17.72 -7.36
C LEU L 179 -9.44 -18.63 -6.79
N THR L 180 -9.47 -19.88 -7.23
CA THR L 180 -10.58 -20.77 -6.95
C THR L 180 -10.11 -22.03 -6.23
N ASN L 181 -11.06 -22.66 -5.53
CA ASN L 181 -10.86 -23.99 -4.94
C ASN L 181 -9.77 -24.00 -3.89
N ILE L 182 -9.72 -22.95 -3.07
CA ILE L 182 -8.77 -22.91 -1.97
C ILE L 182 -9.35 -23.70 -0.80
N ALA L 183 -8.58 -24.67 -0.31
CA ALA L 183 -9.05 -25.57 0.74
C ALA L 183 -8.86 -24.94 2.11
N MET L 184 -9.92 -24.91 2.90
CA MET L 184 -9.86 -24.41 4.26
C MET L 184 -9.49 -25.52 5.23
N ARG L 185 -9.01 -25.12 6.41
CA ARG L 185 -8.61 -26.16 7.35
C ARG L 185 -9.76 -26.52 8.28
N PRO L 186 -9.85 -27.78 8.70
CA PRO L 186 -10.91 -28.16 9.64
C PRO L 186 -10.63 -27.63 11.04
N GLY L 187 -11.68 -27.59 11.84
CA GLY L 187 -11.56 -27.07 13.19
C GLY L 187 -11.73 -25.56 13.24
N LEU L 188 -11.35 -25.00 14.39
CA LEU L 188 -11.45 -23.57 14.62
C LEU L 188 -10.16 -22.88 14.17
N GLU L 189 -10.01 -22.76 12.85
CA GLU L 189 -8.85 -22.14 12.24
C GLU L 189 -9.29 -21.21 11.11
N GLY L 190 -8.63 -20.07 11.00
CA GLY L 190 -8.97 -19.06 10.01
C GLY L 190 -8.14 -19.14 8.75
N TYR L 191 -8.17 -18.06 7.98
CA TYR L 191 -7.45 -17.97 6.72
C TYR L 191 -7.14 -16.50 6.43
N ALA L 192 -5.95 -16.24 5.90
CA ALA L 192 -5.50 -14.88 5.60
C ALA L 192 -5.41 -14.70 4.10
N LEU L 193 -6.05 -13.66 3.59
CA LEU L 193 -6.07 -13.42 2.15
C LEU L 193 -4.69 -12.95 1.68
N PRO L 194 -4.28 -13.28 0.47
CA PRO L 194 -3.03 -12.73 -0.08
C PRO L 194 -3.18 -11.26 -0.43
N ARG L 195 -2.03 -10.60 -0.55
CA ARG L 195 -1.99 -9.16 -0.79
C ARG L 195 -1.54 -8.77 -2.19
N LYS L 196 -0.97 -9.70 -2.96
CA LYS L 196 -0.42 -9.40 -4.27
C LYS L 196 -1.20 -10.14 -5.34
N CYS L 197 -1.50 -9.43 -6.44
CA CYS L 197 -2.18 -10.00 -7.59
C CYS L 197 -1.14 -10.72 -8.46
N ASN L 198 -1.29 -12.03 -8.61
CA ASN L 198 -0.28 -12.84 -9.31
C ASN L 198 -0.68 -13.00 -10.77
N THR L 199 -0.54 -11.90 -11.52
CA THR L 199 -0.76 -11.94 -12.96
C THR L 199 0.40 -11.26 -13.65
N ASP L 200 0.87 -11.85 -14.74
CA ASP L 200 1.95 -11.26 -15.52
C ASP L 200 1.38 -10.16 -16.41
N GLN L 201 1.77 -8.91 -16.13
CA GLN L 201 1.28 -7.76 -16.87
C GLN L 201 2.47 -6.87 -17.21
N ALA L 202 2.92 -6.94 -18.45
CA ALA L 202 4.00 -6.11 -18.95
C ALA L 202 3.43 -5.12 -19.95
N GLY L 203 3.76 -3.84 -19.78
CA GLY L 203 3.13 -2.79 -20.57
C GLY L 203 1.85 -2.30 -19.94
N ARG L 204 1.06 -3.22 -19.37
CA ARG L 204 -0.12 -2.83 -18.63
C ARG L 204 0.27 -2.23 -17.29
N PRO L 205 -0.52 -1.29 -16.78
CA PRO L 205 -0.32 -0.86 -15.39
C PRO L 205 -0.78 -1.94 -14.42
N LYS L 206 -0.37 -1.86 -13.15
CA LYS L 206 -0.53 -2.97 -12.23
C LYS L 206 -1.61 -2.69 -11.20
N CYS L 207 -2.08 -3.77 -10.57
CA CYS L 207 -3.15 -3.73 -9.59
C CYS L 207 -2.66 -3.09 -8.29
N PRO L 208 -3.56 -2.53 -7.50
CA PRO L 208 -3.16 -1.88 -6.24
C PRO L 208 -2.87 -2.91 -5.16
N LEU L 209 -2.64 -2.41 -3.95
CA LEU L 209 -2.35 -3.25 -2.81
C LEU L 209 -3.64 -3.72 -2.14
N ASP L 210 -3.65 -4.99 -1.71
CA ASP L 210 -4.82 -5.62 -1.10
C ASP L 210 -6.05 -5.53 -1.99
N PRO L 211 -6.05 -6.21 -3.13
CA PRO L 211 -7.17 -6.08 -4.09
C PRO L 211 -8.21 -7.19 -4.03
N TYR L 212 -8.20 -8.06 -3.03
CA TYR L 212 -9.01 -9.28 -3.07
C TYR L 212 -10.26 -9.15 -2.23
N PHE L 213 -11.36 -9.72 -2.76
CA PHE L 213 -12.65 -9.76 -2.10
C PHE L 213 -13.17 -11.19 -2.11
N ILE L 214 -13.85 -11.58 -1.03
CA ILE L 214 -14.37 -12.94 -0.92
C ILE L 214 -15.71 -13.03 -1.64
N MET L 215 -15.84 -14.01 -2.52
CA MET L 215 -17.09 -14.25 -3.24
C MET L 215 -17.93 -15.24 -2.44
N PRO L 216 -19.10 -14.85 -1.95
CA PRO L 216 -19.85 -15.78 -1.06
C PRO L 216 -20.63 -16.84 -1.82
N ASP L 217 -21.07 -16.54 -3.04
CA ASP L 217 -21.93 -17.45 -3.79
C ASP L 217 -21.16 -18.60 -4.43
N LYS L 218 -19.83 -18.59 -4.34
CA LYS L 218 -19.00 -19.62 -4.96
C LYS L 218 -18.16 -20.33 -3.91
N CYS L 219 -18.77 -20.71 -2.80
CA CYS L 219 -18.09 -21.40 -1.72
C CYS L 219 -18.85 -22.65 -1.31
N LYS L 220 -18.12 -23.61 -0.76
CA LYS L 220 -18.69 -24.83 -0.22
C LYS L 220 -18.84 -24.70 1.28
N CYS L 221 -20.03 -25.03 1.80
CA CYS L 221 -20.36 -24.82 3.19
C CYS L 221 -20.79 -26.12 3.84
N VAL L 222 -20.50 -26.24 5.14
CA VAL L 222 -20.89 -27.39 5.95
C VAL L 222 -21.45 -26.89 7.28
N ASP L 223 -22.11 -27.79 7.99
CA ASP L 223 -22.73 -27.49 9.27
C ASP L 223 -21.68 -27.39 10.37
N PHE L 224 -22.00 -26.61 11.41
CA PHE L 224 -21.07 -26.29 12.48
C PHE L 224 -21.84 -26.12 13.78
N GLN L 225 -21.30 -26.69 14.87
CA GLN L 225 -21.95 -26.60 16.17
C GLN L 225 -20.91 -26.65 17.27
N THR L 226 -21.20 -25.97 18.37
CA THR L 226 -20.38 -26.03 19.57
C THR L 226 -21.21 -26.49 20.75
N LEU L 227 -20.61 -27.31 21.59
CA LEU L 227 -21.29 -27.91 22.74
C LEU L 227 -20.51 -27.63 24.01
N LYS L 228 -21.22 -27.63 25.13
CA LYS L 228 -20.61 -27.49 26.46
C LYS L 228 -20.81 -28.77 27.24
N LEU L 229 -19.72 -29.34 27.75
CA LEU L 229 -19.75 -30.60 28.46
C LEU L 229 -19.27 -30.41 29.89
N GLN L 230 -19.95 -31.07 30.82
CA GLN L 230 -19.63 -30.98 32.23
C GLN L 230 -19.21 -32.35 32.76
N GLU L 231 -18.36 -32.33 33.78
CA GLU L 231 -17.92 -33.57 34.42
C GLU L 231 -19.10 -34.30 35.05
N LEU L 232 -19.05 -35.62 35.01
CA LEU L 232 -20.15 -36.42 35.56
C LEU L 232 -20.28 -36.18 37.06
N PRO L 233 -21.49 -35.98 37.57
CA PRO L 233 -21.65 -35.85 39.04
C PRO L 233 -21.25 -37.10 39.78
N ASP L 234 -21.25 -38.26 39.12
CA ASP L 234 -20.87 -39.50 39.77
C ASP L 234 -19.38 -39.55 40.09
N ALA L 235 -18.57 -38.77 39.37
CA ALA L 235 -17.12 -38.84 39.52
C ALA L 235 -16.48 -37.53 39.96
N VAL L 236 -17.25 -36.49 40.23
CA VAL L 236 -16.69 -35.22 40.70
C VAL L 236 -16.13 -35.42 42.11
N PRO L 237 -14.90 -34.99 42.38
CA PRO L 237 -14.33 -35.16 43.72
C PRO L 237 -15.11 -34.38 44.76
N HIS L 238 -15.12 -34.90 45.99
CA HIS L 238 -15.85 -34.27 47.08
C HIS L 238 -15.29 -32.88 47.37
N GLY L 239 -16.18 -31.90 47.49
CA GLY L 239 -15.78 -30.56 47.82
C GLY L 239 -15.05 -29.81 46.74
N GLU L 240 -15.22 -30.18 45.48
CA GLU L 240 -14.54 -29.53 44.35
C GLU L 240 -15.55 -29.12 43.30
N MET L 241 -15.37 -27.92 42.75
CA MET L 241 -16.26 -27.45 41.71
C MET L 241 -16.05 -28.26 40.44
N PRO L 242 -17.12 -28.58 39.70
CA PRO L 242 -16.95 -29.37 38.48
C PRO L 242 -16.24 -28.56 37.40
N ARG L 243 -15.59 -29.28 36.49
CA ARG L 243 -14.89 -28.66 35.37
C ARG L 243 -15.67 -28.84 34.07
N HIS L 244 -15.33 -28.02 33.09
CA HIS L 244 -16.10 -27.91 31.86
C HIS L 244 -15.20 -28.06 30.66
N MET L 245 -15.81 -28.30 29.50
CA MET L 245 -15.06 -28.44 28.26
C MET L 245 -15.95 -28.01 27.10
N GLN L 246 -15.32 -27.53 26.03
CA GLN L 246 -16.02 -27.11 24.82
C GLN L 246 -15.75 -28.11 23.71
N LEU L 247 -16.80 -28.47 22.96
CA LEU L 247 -16.72 -29.49 21.93
C LEU L 247 -17.13 -28.92 20.59
N TYR L 248 -16.46 -29.39 19.53
CA TYR L 248 -16.70 -28.97 18.16
C TYR L 248 -17.37 -30.09 17.40
N CYS L 249 -18.48 -29.79 16.72
CA CYS L 249 -19.23 -30.77 15.97
C CYS L 249 -19.40 -30.30 14.53
N ASP L 250 -19.12 -31.20 13.59
CA ASP L 250 -19.11 -30.88 12.17
C ASP L 250 -19.96 -31.89 11.40
N ARG L 251 -20.60 -31.39 10.34
CA ARG L 251 -21.38 -32.21 9.41
C ARG L 251 -22.44 -33.04 10.11
N TYR L 252 -22.32 -34.37 10.03
CA TYR L 252 -23.39 -35.25 10.46
C TYR L 252 -23.44 -35.46 11.97
N LEU L 253 -22.45 -34.96 12.70
CA LEU L 253 -22.48 -35.12 14.16
C LEU L 253 -23.44 -34.13 14.81
N CYS L 254 -23.91 -33.16 14.05
CA CYS L 254 -24.83 -32.16 14.61
C CYS L 254 -26.18 -32.78 14.92
N ASP L 255 -26.82 -32.25 15.96
CA ASP L 255 -28.17 -32.63 16.39
C ASP L 255 -28.27 -34.08 16.83
N LYS L 256 -27.14 -34.77 17.04
CA LYS L 256 -27.18 -36.12 17.56
C LYS L 256 -27.28 -36.16 19.09
N VAL L 257 -27.08 -35.02 19.75
CA VAL L 257 -27.07 -34.96 21.20
C VAL L 257 -27.96 -33.82 21.67
N VAL L 258 -28.81 -34.11 22.64
CA VAL L 258 -29.69 -33.12 23.26
C VAL L 258 -29.12 -32.76 24.61
N PRO L 259 -29.15 -31.49 25.03
CA PRO L 259 -28.65 -31.14 26.37
C PRO L 259 -29.38 -31.93 27.45
N GLY L 260 -28.63 -32.40 28.43
CA GLY L 260 -29.13 -33.29 29.44
C GLY L 260 -28.77 -34.76 29.24
N ASN L 261 -28.31 -35.12 28.05
CA ASN L 261 -27.92 -36.50 27.80
C ASN L 261 -26.56 -36.80 28.43
N ARG L 262 -26.35 -38.07 28.76
CA ARG L 262 -25.05 -38.55 29.22
C ARG L 262 -24.35 -39.24 28.06
N VAL L 263 -23.21 -38.71 27.65
CA VAL L 263 -22.58 -39.07 26.39
C VAL L 263 -21.14 -39.51 26.65
N THR L 264 -20.65 -40.40 25.78
CA THR L 264 -19.23 -40.71 25.70
C THR L 264 -18.71 -40.28 24.33
N ILE L 265 -17.63 -39.49 24.34
CA ILE L 265 -17.17 -38.81 23.14
C ILE L 265 -15.70 -39.14 22.89
N MET L 266 -15.41 -39.50 21.65
CA MET L 266 -14.05 -39.76 21.18
C MET L 266 -13.63 -38.62 20.27
N GLY L 267 -12.47 -38.03 20.54
CA GLY L 267 -12.07 -36.86 19.79
C GLY L 267 -10.59 -36.54 19.87
N ILE L 268 -10.24 -35.37 19.33
CA ILE L 268 -8.87 -34.87 19.29
C ILE L 268 -8.79 -33.62 20.16
N TYR L 269 -7.75 -33.56 21.00
CA TYR L 269 -7.55 -32.43 21.90
C TYR L 269 -6.70 -31.39 21.19
N SER L 270 -7.22 -30.18 21.07
CA SER L 270 -6.63 -29.17 20.19
C SER L 270 -6.68 -27.80 20.83
N ILE L 271 -6.28 -26.78 20.06
CA ILE L 271 -6.35 -25.39 20.46
C ILE L 271 -6.89 -24.57 19.29
N LYS L 272 -7.52 -23.45 19.59
CA LYS L 272 -8.00 -22.56 18.53
C LYS L 272 -6.83 -21.83 17.89
N LYS L 273 -6.98 -21.49 16.61
CA LYS L 273 -5.93 -20.83 15.84
C LYS L 273 -6.55 -19.69 15.03
N PHE L 274 -6.46 -18.47 15.57
CA PHE L 274 -6.97 -17.26 14.91
C PHE L 274 -5.90 -16.19 14.82
N GLY L 275 -4.64 -16.59 14.65
CA GLY L 275 -3.55 -15.65 14.55
C GLY L 275 -2.99 -15.28 15.92
N LEU L 276 -1.90 -14.51 15.89
CA LEU L 276 -1.20 -14.11 17.10
C LEU L 276 -1.75 -12.79 17.65
N THR L 277 -3.01 -12.84 18.09
CA THR L 277 -3.69 -11.65 18.55
C THR L 277 -3.18 -11.23 19.92
N THR L 278 -3.27 -9.93 20.20
CA THR L 278 -2.87 -9.39 21.49
C THR L 278 -3.92 -9.68 22.56
N SER L 279 -3.46 -9.85 23.79
CA SER L 279 -4.38 -10.08 24.90
C SER L 279 -5.23 -8.85 25.16
N ARG L 280 -6.45 -9.09 25.63
CA ARG L 280 -7.43 -8.03 25.83
C ARG L 280 -7.85 -7.97 27.29
N GLY L 281 -8.62 -6.93 27.62
CA GLY L 281 -9.10 -6.74 28.97
C GLY L 281 -8.10 -6.01 29.85
N ARG L 282 -8.53 -5.78 31.10
CA ARG L 282 -7.68 -5.14 32.08
C ARG L 282 -6.77 -6.12 32.81
N ASP L 283 -6.88 -7.41 32.52
CA ASP L 283 -6.01 -8.43 33.09
C ASP L 283 -5.12 -8.98 31.98
N ARG L 284 -3.81 -8.89 32.17
CA ARG L 284 -2.83 -9.34 31.18
C ARG L 284 -1.73 -10.17 31.82
N VAL L 285 -2.07 -10.93 32.87
CA VAL L 285 -1.08 -11.76 33.53
C VAL L 285 -0.67 -12.94 32.66
N GLY L 286 -1.65 -13.61 32.05
CA GLY L 286 -1.35 -14.81 31.29
C GLY L 286 -0.60 -14.51 30.01
N VAL L 287 0.46 -15.28 29.75
CA VAL L 287 1.31 -15.09 28.58
C VAL L 287 1.37 -16.40 27.82
N GLY L 288 1.08 -16.35 26.52
CA GLY L 288 1.16 -17.53 25.68
C GLY L 288 0.15 -18.61 26.00
N ILE L 289 -1.11 -18.24 26.20
CA ILE L 289 -2.17 -19.18 26.50
C ILE L 289 -3.18 -19.16 25.36
N ARG L 290 -3.39 -20.31 24.73
CA ARG L 290 -4.37 -20.47 23.67
C ARG L 290 -5.54 -21.30 24.21
N SER L 291 -6.76 -20.84 23.95
CA SER L 291 -7.94 -21.54 24.41
C SER L 291 -8.02 -22.93 23.79
N SER L 292 -8.31 -23.93 24.62
CA SER L 292 -8.32 -25.32 24.19
C SER L 292 -9.75 -25.83 24.00
N TYR L 293 -9.86 -26.91 23.24
CA TYR L 293 -11.15 -27.53 22.96
C TYR L 293 -10.90 -28.94 22.45
N ILE L 294 -11.98 -29.67 22.20
CA ILE L 294 -11.92 -31.04 21.71
C ILE L 294 -12.70 -31.15 20.41
N ARG L 295 -12.05 -31.69 19.39
CA ARG L 295 -12.68 -31.90 18.09
C ARG L 295 -13.27 -33.30 18.03
N VAL L 296 -14.59 -33.38 18.02
CA VAL L 296 -15.33 -34.62 18.22
C VAL L 296 -15.26 -35.46 16.95
N LEU L 297 -14.87 -36.72 17.10
CA LEU L 297 -14.89 -37.67 16.00
C LEU L 297 -15.93 -38.77 16.17
N GLY L 298 -16.38 -39.03 17.39
CA GLY L 298 -17.37 -40.06 17.63
C GLY L 298 -18.22 -39.82 18.86
N ILE L 299 -19.50 -40.18 18.78
CA ILE L 299 -20.47 -39.90 19.83
C ILE L 299 -21.22 -41.20 20.16
N GLN L 300 -21.40 -41.47 21.45
CA GLN L 300 -22.28 -42.54 21.89
C GLN L 300 -23.15 -42.06 23.04
N VAL L 301 -24.45 -42.34 22.92
CA VAL L 301 -25.43 -41.91 23.92
C VAL L 301 -25.72 -43.09 24.85
N ASP L 302 -25.68 -42.83 26.15
CA ASP L 302 -25.93 -43.87 27.14
C ASP L 302 -27.39 -44.33 27.11
N PRO L 316 -37.00 -59.74 13.13
CA PRO L 316 -38.40 -59.68 13.56
C PRO L 316 -38.82 -60.92 14.34
N GLN L 317 -37.84 -61.62 14.90
CA GLN L 317 -38.14 -62.81 15.69
C GLN L 317 -38.80 -62.47 17.02
N GLU L 318 -38.45 -61.32 17.60
CA GLU L 318 -39.18 -60.85 18.78
C GLU L 318 -40.64 -60.56 18.45
N GLU L 319 -40.89 -59.99 17.27
CA GLU L 319 -42.26 -59.80 16.80
C GLU L 319 -42.97 -61.15 16.65
N GLU L 320 -42.25 -62.16 16.13
CA GLU L 320 -42.82 -63.49 16.04
C GLU L 320 -43.19 -64.03 17.41
N GLU L 321 -42.31 -63.84 18.40
CA GLU L 321 -42.61 -64.29 19.75
C GLU L 321 -43.84 -63.58 20.31
N PHE L 322 -43.93 -62.27 20.11
CA PHE L 322 -45.08 -61.54 20.62
C PHE L 322 -46.38 -62.00 19.95
N ARG L 323 -46.35 -62.22 18.64
CA ARG L 323 -47.55 -62.70 17.95
C ARG L 323 -47.93 -64.09 18.43
N ARG L 324 -46.95 -64.96 18.66
CA ARG L 324 -47.24 -66.29 19.19
C ARG L 324 -47.85 -66.20 20.59
N LEU L 325 -47.34 -65.29 21.42
CA LEU L 325 -47.86 -65.15 22.78
C LEU L 325 -49.29 -64.64 22.77
N ALA L 326 -49.55 -63.55 22.04
CA ALA L 326 -50.82 -62.85 22.15
C ALA L 326 -52.01 -63.70 21.70
N ALA L 327 -51.76 -64.72 20.88
CA ALA L 327 -52.85 -65.56 20.39
C ALA L 327 -53.46 -66.46 21.46
N LEU L 328 -52.78 -66.66 22.58
CA LEU L 328 -53.28 -67.55 23.61
C LEU L 328 -54.50 -66.95 24.31
N PRO L 329 -55.41 -67.79 24.82
CA PRO L 329 -56.51 -67.28 25.63
C PRO L 329 -56.12 -66.99 27.07
N ASN L 330 -54.96 -67.47 27.52
CA ASN L 330 -54.53 -67.30 28.90
C ASN L 330 -53.62 -66.10 29.10
N VAL L 331 -53.49 -65.24 28.09
CA VAL L 331 -52.57 -64.10 28.17
C VAL L 331 -53.02 -63.12 29.24
N TYR L 332 -54.33 -63.01 29.46
CA TYR L 332 -54.85 -62.11 30.49
C TYR L 332 -54.28 -62.44 31.86
N GLU L 333 -54.34 -63.73 32.24
CA GLU L 333 -53.82 -64.14 33.54
C GLU L 333 -52.32 -63.94 33.63
N VAL L 334 -51.59 -64.24 32.54
CA VAL L 334 -50.15 -64.09 32.56
C VAL L 334 -49.77 -62.62 32.76
N ILE L 335 -50.45 -61.72 32.05
CA ILE L 335 -50.17 -60.30 32.18
C ILE L 335 -50.50 -59.82 33.59
N SER L 336 -51.66 -60.24 34.11
CA SER L 336 -52.06 -59.81 35.45
C SER L 336 -51.06 -60.28 36.49
N LYS L 337 -50.56 -61.52 36.35
CA LYS L 337 -49.51 -62.01 37.25
C LYS L 337 -48.23 -61.20 37.08
N SER L 338 -47.89 -60.84 35.85
CA SER L 338 -46.63 -60.14 35.60
C SER L 338 -46.61 -58.75 36.22
N ILE L 339 -47.79 -58.15 36.41
CA ILE L 339 -47.87 -56.79 36.94
C ILE L 339 -47.61 -56.83 38.45
N ALA L 340 -46.39 -56.50 38.85
CA ALA L 340 -45.98 -56.48 40.25
C ALA L 340 -46.31 -57.79 40.98
N PRO L 341 -45.67 -58.90 40.57
CA PRO L 341 -45.90 -60.16 41.29
C PRO L 341 -45.43 -60.12 42.73
N SER L 342 -44.51 -59.22 43.07
CA SER L 342 -44.00 -59.13 44.43
C SER L 342 -45.03 -58.57 45.40
N ILE L 343 -46.11 -57.99 44.90
CA ILE L 343 -47.13 -57.37 45.75
C ILE L 343 -48.23 -58.40 46.02
N PHE L 344 -48.56 -58.59 47.28
CA PHE L 344 -49.60 -59.55 47.66
C PHE L 344 -50.98 -58.95 47.45
N GLY L 345 -51.88 -59.74 46.86
CA GLY L 345 -53.26 -59.32 46.71
C GLY L 345 -53.44 -58.29 45.60
N GLY L 346 -54.67 -57.79 45.53
CA GLY L 346 -55.00 -56.77 44.52
C GLY L 346 -54.95 -57.27 43.10
N THR L 347 -55.48 -58.47 42.84
CA THR L 347 -55.53 -58.98 41.47
C THR L 347 -56.40 -58.09 40.59
N ASP L 348 -57.54 -57.64 41.12
CA ASP L 348 -58.38 -56.70 40.38
C ASP L 348 -57.64 -55.39 40.14
N MET L 349 -56.92 -54.91 41.15
CA MET L 349 -56.14 -53.69 40.99
C MET L 349 -55.05 -53.87 39.94
N LYS L 350 -54.39 -55.03 39.94
CA LYS L 350 -53.35 -55.28 38.93
C LYS L 350 -53.94 -55.34 37.53
N LYS L 351 -55.12 -55.96 37.38
CA LYS L 351 -55.75 -56.00 36.07
C LYS L 351 -56.17 -54.61 35.61
N ALA L 352 -56.65 -53.77 36.54
CA ALA L 352 -56.96 -52.39 36.19
C ALA L 352 -55.71 -51.65 35.75
N ILE L 353 -54.58 -51.86 36.43
CA ILE L 353 -53.33 -51.24 36.02
C ILE L 353 -52.89 -51.75 34.64
N ALA L 354 -53.07 -53.04 34.36
CA ALA L 354 -52.70 -53.56 33.06
C ALA L 354 -53.52 -52.93 31.94
N CYS L 355 -54.84 -52.84 32.13
CA CYS L 355 -55.67 -52.22 31.11
C CYS L 355 -55.42 -50.72 31.03
N LEU L 356 -54.94 -50.11 32.13
CA LEU L 356 -54.44 -48.74 32.07
C LEU L 356 -53.23 -48.64 31.14
N LEU L 357 -52.29 -49.57 31.29
CA LEU L 357 -51.08 -49.52 30.49
C LEU L 357 -51.38 -49.71 29.02
N PHE L 358 -52.30 -50.63 28.69
CA PHE L 358 -52.67 -50.82 27.29
C PHE L 358 -53.43 -49.61 26.75
N GLY L 359 -54.40 -49.11 27.53
CA GLY L 359 -55.11 -47.91 27.16
C GLY L 359 -56.17 -48.11 26.10
N GLY L 360 -57.04 -47.11 25.92
CA GLY L 360 -58.10 -47.18 24.94
C GLY L 360 -57.67 -46.59 23.61
N SER L 361 -58.67 -46.32 22.78
CA SER L 361 -58.45 -45.79 21.44
C SER L 361 -59.10 -44.42 21.31
N ARG L 362 -58.34 -43.45 20.80
CA ARG L 362 -58.83 -42.10 20.60
C ARG L 362 -59.57 -41.99 19.28
N LYS L 363 -60.57 -41.12 19.24
CA LYS L 363 -61.46 -41.00 18.08
C LYS L 363 -61.75 -39.53 17.82
N ARG L 364 -61.19 -39.01 16.72
CA ARG L 364 -61.64 -37.72 16.20
C ARG L 364 -62.91 -37.91 15.39
N LEU L 365 -63.66 -36.82 15.22
CA LEU L 365 -64.98 -36.86 14.62
C LEU L 365 -65.08 -35.85 13.50
N PRO L 366 -66.00 -36.05 12.54
CA PRO L 366 -66.11 -35.13 11.40
C PRO L 366 -66.40 -33.69 11.78
N ASP L 367 -67.06 -33.46 12.92
CA ASP L 367 -67.31 -32.10 13.37
C ASP L 367 -66.06 -31.38 13.84
N GLY L 368 -64.94 -32.10 13.97
CA GLY L 368 -63.74 -31.54 14.57
C GLY L 368 -63.62 -31.79 16.05
N LEU L 369 -64.68 -32.23 16.72
CA LEU L 369 -64.62 -32.56 18.12
C LEU L 369 -63.90 -33.89 18.32
N THR L 370 -63.26 -34.03 19.48
CA THR L 370 -62.52 -35.24 19.81
C THR L 370 -63.07 -35.84 21.07
N ARG L 371 -62.72 -37.11 21.32
CA ARG L 371 -63.10 -37.82 22.52
C ARG L 371 -61.88 -38.55 23.07
N ARG L 372 -61.72 -38.49 24.40
CA ARG L 372 -60.51 -39.00 25.05
C ARG L 372 -60.41 -40.50 24.88
N GLY L 373 -59.19 -40.98 24.63
CA GLY L 373 -58.94 -42.40 24.47
C GLY L 373 -58.08 -43.00 25.56
N ASP L 374 -57.85 -42.26 26.63
CA ASP L 374 -56.99 -42.72 27.72
C ASP L 374 -57.78 -42.87 29.01
N ILE L 375 -57.23 -43.68 29.93
CA ILE L 375 -57.93 -44.08 31.15
C ILE L 375 -57.32 -43.34 32.34
N ASN L 376 -58.18 -42.93 33.27
CA ASN L 376 -57.78 -42.21 34.48
C ASN L 376 -58.25 -43.01 35.69
N LEU L 377 -57.36 -43.25 36.64
CA LEU L 377 -57.66 -44.04 37.82
C LEU L 377 -57.32 -43.25 39.09
N LEU L 378 -58.05 -43.53 40.16
CA LEU L 378 -57.80 -42.92 41.46
C LEU L 378 -57.75 -44.00 42.52
N MET L 379 -56.83 -43.85 43.49
CA MET L 379 -56.66 -44.80 44.58
C MET L 379 -56.61 -44.05 45.89
N LEU L 380 -57.66 -44.18 46.69
CA LEU L 380 -57.72 -43.61 48.03
C LEU L 380 -57.56 -44.73 49.04
N GLY L 381 -56.73 -44.52 50.06
CA GLY L 381 -56.47 -45.57 51.01
C GLY L 381 -55.72 -45.06 52.23
N ASP L 382 -55.65 -45.93 53.24
CA ASP L 382 -54.89 -45.68 54.47
C ASP L 382 -53.40 -45.73 54.18
N PRO L 383 -52.56 -45.12 55.01
CA PRO L 383 -51.11 -45.24 54.83
C PRO L 383 -50.66 -46.69 54.94
N GLY L 384 -49.62 -47.03 54.18
CA GLY L 384 -49.05 -48.36 54.22
C GLY L 384 -49.84 -49.42 53.50
N THR L 385 -50.58 -49.04 52.46
CA THR L 385 -51.37 -49.99 51.67
C THR L 385 -50.73 -50.33 50.35
N ALA L 386 -49.43 -50.05 50.17
CA ALA L 386 -48.69 -50.38 48.95
C ALA L 386 -49.30 -49.70 47.73
N LYS L 387 -49.35 -48.38 47.76
CA LYS L 387 -49.85 -47.60 46.63
C LYS L 387 -48.70 -46.99 45.82
N SER L 388 -47.72 -46.42 46.52
CA SER L 388 -46.60 -45.79 45.82
C SER L 388 -45.80 -46.78 45.01
N GLN L 389 -45.66 -48.01 45.51
CA GLN L 389 -44.87 -49.02 44.80
C GLN L 389 -45.51 -49.35 43.46
N LEU L 390 -46.84 -49.44 43.42
CA LEU L 390 -47.51 -49.68 42.15
C LEU L 390 -47.28 -48.54 41.17
N LEU L 391 -47.27 -47.30 41.67
CA LEU L 391 -47.02 -46.17 40.78
C LEU L 391 -45.61 -46.21 40.22
N LYS L 392 -44.62 -46.54 41.06
CA LYS L 392 -43.25 -46.65 40.55
C LYS L 392 -43.12 -47.80 39.56
N PHE L 393 -43.77 -48.94 39.82
CA PHE L 393 -43.73 -50.04 38.86
C PHE L 393 -44.38 -49.64 37.54
N VAL L 394 -45.47 -48.88 37.59
CA VAL L 394 -46.09 -48.41 36.36
C VAL L 394 -45.15 -47.46 35.62
N GLU L 395 -44.48 -46.58 36.35
CA GLU L 395 -43.55 -45.65 35.72
C GLU L 395 -42.42 -46.39 35.01
N LYS L 396 -41.91 -47.46 35.63
CA LYS L 396 -40.86 -48.24 34.98
C LYS L 396 -41.39 -49.11 33.83
N CYS L 397 -42.62 -49.63 33.95
CA CYS L 397 -43.12 -50.59 32.98
C CYS L 397 -43.51 -49.92 31.67
N SER L 398 -44.16 -48.77 31.74
CA SER L 398 -44.64 -48.12 30.53
C SER L 398 -43.46 -47.62 29.70
N PRO L 399 -43.56 -47.67 28.37
CA PRO L 399 -42.47 -47.12 27.54
C PRO L 399 -42.18 -45.67 27.82
N ILE L 400 -43.22 -44.86 28.07
CA ILE L 400 -43.07 -43.48 28.49
C ILE L 400 -43.81 -43.32 29.81
N GLY L 401 -43.14 -42.76 30.81
CA GLY L 401 -43.75 -42.62 32.12
C GLY L 401 -43.08 -41.53 32.92
N VAL L 402 -43.90 -40.73 33.60
CA VAL L 402 -43.41 -39.67 34.47
C VAL L 402 -44.05 -39.83 35.84
N TYR L 403 -43.23 -39.81 36.88
CA TYR L 403 -43.69 -39.91 38.25
C TYR L 403 -43.47 -38.57 38.94
N THR L 404 -44.55 -37.99 39.47
CA THR L 404 -44.49 -36.69 40.12
C THR L 404 -45.42 -36.70 41.33
N SER L 405 -45.27 -35.68 42.17
CA SER L 405 -46.20 -35.46 43.27
C SER L 405 -47.02 -34.21 42.98
N GLY L 406 -47.83 -33.82 43.96
CA GLY L 406 -48.45 -32.51 43.90
C GLY L 406 -47.40 -31.42 43.99
N LYS L 407 -47.69 -30.28 43.36
CA LYS L 407 -46.82 -29.12 43.25
C LYS L 407 -45.63 -29.38 42.33
N GLY L 408 -45.64 -30.46 41.55
CA GLY L 408 -44.60 -30.68 40.57
C GLY L 408 -43.48 -31.58 41.05
N SER L 409 -42.25 -31.10 40.95
CA SER L 409 -41.08 -31.87 41.36
C SER L 409 -40.03 -30.91 41.89
N SER L 410 -38.79 -31.37 41.97
CA SER L 410 -37.74 -30.56 42.57
C SER L 410 -37.47 -29.29 41.76
N ALA L 411 -37.31 -29.42 40.45
CA ALA L 411 -37.00 -28.29 39.60
C ALA L 411 -37.81 -28.30 38.31
N ALA L 412 -38.99 -28.93 38.34
CA ALA L 412 -39.84 -29.01 37.16
C ALA L 412 -41.28 -28.87 37.59
N GLY L 413 -42.03 -28.01 36.92
CA GLY L 413 -43.42 -27.80 37.24
C GLY L 413 -44.30 -28.92 36.72
N LEU L 414 -45.58 -28.82 37.06
CA LEU L 414 -46.54 -29.82 36.59
C LEU L 414 -47.18 -29.42 35.27
N THR L 415 -47.31 -28.11 35.01
CA THR L 415 -47.86 -27.61 33.76
C THR L 415 -46.88 -26.64 33.12
N ALA L 416 -47.04 -26.45 31.81
CA ALA L 416 -46.12 -25.62 31.05
C ALA L 416 -46.35 -24.14 31.32
N SER L 417 -45.29 -23.35 31.11
CA SER L 417 -45.33 -21.90 31.26
C SER L 417 -44.60 -21.26 30.09
N VAL L 418 -44.93 -20.00 29.82
CA VAL L 418 -44.38 -19.27 28.67
C VAL L 418 -43.80 -17.94 29.16
N MET L 419 -42.62 -17.60 28.65
CA MET L 419 -41.96 -16.34 28.97
C MET L 419 -41.39 -15.75 27.70
N ARG L 420 -40.96 -14.49 27.79
CA ARG L 420 -40.35 -13.79 26.67
C ARG L 420 -38.95 -13.34 27.07
N ASP L 421 -37.97 -13.64 26.23
CA ASP L 421 -36.59 -13.25 26.49
C ASP L 421 -36.42 -11.77 26.15
N PRO L 422 -36.02 -10.93 27.11
CA PRO L 422 -35.97 -9.48 26.82
C PRO L 422 -34.83 -9.09 25.88
N SER L 423 -33.66 -9.70 26.01
CA SER L 423 -32.53 -9.35 25.15
C SER L 423 -32.84 -9.66 23.69
N SER L 424 -33.02 -10.94 23.38
CA SER L 424 -33.45 -11.38 22.05
C SER L 424 -34.89 -11.84 22.16
N ARG L 425 -35.78 -11.20 21.40
CA ARG L 425 -37.21 -11.43 21.59
C ARG L 425 -37.62 -12.79 21.05
N ASN L 426 -37.63 -13.80 21.92
CA ASN L 426 -38.07 -15.14 21.58
C ASN L 426 -39.06 -15.62 22.63
N PHE L 427 -40.09 -16.33 22.18
CA PHE L 427 -41.12 -16.87 23.07
C PHE L 427 -40.66 -18.24 23.54
N ILE L 428 -40.19 -18.31 24.79
CA ILE L 428 -39.68 -19.55 25.35
C ILE L 428 -40.80 -20.22 26.14
N MET L 429 -40.88 -21.55 26.04
CA MET L 429 -41.82 -22.32 26.83
C MET L 429 -41.03 -23.35 27.63
N GLU L 430 -41.40 -23.51 28.90
CA GLU L 430 -40.75 -24.48 29.77
C GLU L 430 -41.57 -25.74 29.85
N GLY L 431 -40.95 -26.88 29.59
CA GLY L 431 -41.65 -28.14 29.63
C GLY L 431 -42.09 -28.49 31.04
N GLY L 432 -43.37 -28.82 31.18
CA GLY L 432 -43.90 -29.31 32.44
C GLY L 432 -43.95 -30.82 32.47
N ALA L 433 -44.32 -31.36 33.64
CA ALA L 433 -44.43 -32.80 33.77
C ALA L 433 -45.52 -33.38 32.87
N MET L 434 -46.54 -32.60 32.53
CA MET L 434 -47.60 -33.10 31.67
C MET L 434 -47.23 -32.98 30.19
N VAL L 435 -46.56 -31.89 29.81
CA VAL L 435 -46.18 -31.71 28.41
C VAL L 435 -45.09 -32.68 28.02
N LEU L 436 -44.14 -32.96 28.93
CA LEU L 436 -43.03 -33.86 28.63
C LEU L 436 -43.50 -35.27 28.31
N ALA L 437 -44.72 -35.65 28.68
CA ALA L 437 -45.27 -36.96 28.39
C ALA L 437 -46.32 -36.81 27.30
N ASP L 438 -46.22 -37.65 26.27
CA ASP L 438 -47.23 -37.74 25.22
C ASP L 438 -47.43 -39.22 24.90
N GLY L 439 -48.62 -39.74 25.21
CA GLY L 439 -48.86 -41.15 25.09
C GLY L 439 -48.35 -41.97 26.25
N GLY L 440 -47.76 -41.33 27.26
CA GLY L 440 -47.25 -42.03 28.42
C GLY L 440 -48.23 -42.04 29.56
N VAL L 441 -47.72 -42.37 30.75
CA VAL L 441 -48.50 -42.46 31.97
C VAL L 441 -47.89 -41.54 33.01
N VAL L 442 -48.73 -40.72 33.64
CA VAL L 442 -48.31 -39.80 34.68
C VAL L 442 -48.86 -40.31 36.00
N CYS L 443 -47.95 -40.68 36.90
CA CYS L 443 -48.31 -41.08 38.26
C CYS L 443 -48.19 -39.86 39.16
N ILE L 444 -49.22 -39.58 39.94
CA ILE L 444 -49.31 -38.35 40.72
C ILE L 444 -49.57 -38.73 42.18
N ASP L 445 -48.57 -38.52 43.04
CA ASP L 445 -48.77 -38.63 44.47
C ASP L 445 -49.27 -37.31 45.04
N GLU L 446 -49.85 -37.40 46.25
CA GLU L 446 -50.31 -36.23 46.99
C GLU L 446 -51.21 -35.34 46.14
N PHE L 447 -52.37 -35.88 45.77
CA PHE L 447 -53.29 -35.16 44.90
C PHE L 447 -53.90 -33.95 45.59
N ASP L 448 -53.75 -33.83 46.91
CA ASP L 448 -54.47 -32.79 47.65
C ASP L 448 -53.67 -31.49 47.71
N LYS L 449 -52.36 -31.55 47.45
CA LYS L 449 -51.51 -30.40 47.75
C LYS L 449 -51.38 -29.44 46.56
N MET L 450 -52.09 -29.68 45.47
CA MET L 450 -51.90 -28.88 44.26
C MET L 450 -52.28 -27.42 44.49
N ARG L 451 -51.56 -26.54 43.81
CA ARG L 451 -51.85 -25.11 43.84
C ARG L 451 -53.03 -24.78 42.93
N GLU L 452 -53.46 -23.52 42.99
CA GLU L 452 -54.70 -23.13 42.32
C GLU L 452 -54.55 -23.15 40.81
N ASP L 453 -53.48 -22.54 40.29
CA ASP L 453 -53.31 -22.45 38.84
C ASP L 453 -53.21 -23.84 38.21
N ASP L 454 -52.38 -24.69 38.81
CA ASP L 454 -52.26 -26.06 38.31
C ASP L 454 -53.56 -26.81 38.43
N ARG L 455 -54.30 -26.59 39.52
CA ARG L 455 -55.57 -27.27 39.70
C ARG L 455 -56.57 -26.89 38.62
N VAL L 456 -56.57 -25.61 38.22
CA VAL L 456 -57.47 -25.18 37.15
C VAL L 456 -57.02 -25.75 35.81
N ALA L 457 -55.71 -25.74 35.55
CA ALA L 457 -55.20 -26.21 34.26
C ALA L 457 -55.43 -27.72 34.08
N ILE L 458 -55.30 -28.48 35.16
CA ILE L 458 -55.43 -29.93 35.06
C ILE L 458 -56.83 -30.34 34.65
N HIS L 459 -57.84 -29.50 34.90
CA HIS L 459 -59.18 -29.81 34.42
C HIS L 459 -59.18 -29.96 32.90
N GLU L 460 -58.67 -28.95 32.19
CA GLU L 460 -58.58 -29.04 30.74
C GLU L 460 -57.62 -30.14 30.31
N ALA L 461 -56.51 -30.29 31.03
CA ALA L 461 -55.52 -31.30 30.65
C ALA L 461 -56.12 -32.69 30.68
N MET L 462 -56.95 -32.97 31.69
CA MET L 462 -57.58 -34.28 31.79
C MET L 462 -58.73 -34.42 30.81
N GLU L 463 -59.50 -33.34 30.58
CA GLU L 463 -60.69 -33.47 29.76
C GLU L 463 -60.35 -33.48 28.27
N GLN L 464 -59.77 -32.40 27.77
CA GLN L 464 -59.53 -32.23 26.34
C GLN L 464 -58.10 -32.51 25.92
N GLN L 465 -57.24 -32.90 26.86
CA GLN L 465 -55.86 -33.29 26.57
C GLN L 465 -55.05 -32.16 25.94
N THR L 466 -55.47 -30.91 26.15
CA THR L 466 -54.74 -29.76 25.64
C THR L 466 -54.69 -28.68 26.71
N ILE L 467 -53.68 -27.82 26.62
CA ILE L 467 -53.52 -26.66 27.49
C ILE L 467 -53.48 -25.42 26.62
N SER L 468 -54.15 -24.36 27.07
CA SER L 468 -54.20 -23.11 26.31
C SER L 468 -53.59 -22.00 27.13
N ILE L 469 -52.58 -21.33 26.57
CA ILE L 469 -51.89 -20.24 27.26
C ILE L 469 -51.83 -19.03 26.34
N ALA L 470 -52.27 -17.88 26.87
CA ALA L 470 -52.25 -16.63 26.12
C ALA L 470 -51.48 -15.59 26.92
N LYS L 471 -50.54 -14.92 26.27
CA LYS L 471 -49.82 -13.80 26.85
C LYS L 471 -49.73 -12.69 25.81
N ALA L 472 -49.09 -11.59 26.20
CA ALA L 472 -49.03 -10.42 25.34
C ALA L 472 -48.39 -10.75 24.00
N GLY L 473 -49.19 -10.71 22.94
CA GLY L 473 -48.70 -10.98 21.60
C GLY L 473 -48.59 -12.43 21.23
N ILE L 474 -49.12 -13.35 22.02
CA ILE L 474 -48.98 -14.77 21.72
C ILE L 474 -50.17 -15.53 22.29
N THR L 475 -50.64 -16.53 21.54
CA THR L 475 -51.67 -17.45 22.00
C THR L 475 -51.33 -18.83 21.47
N THR L 476 -51.17 -19.79 22.38
CA THR L 476 -50.69 -21.11 22.01
C THR L 476 -51.54 -22.20 22.66
N THR L 477 -51.62 -23.34 21.99
CA THR L 477 -52.32 -24.52 22.48
C THR L 477 -51.39 -25.72 22.40
N LEU L 478 -51.07 -26.31 23.55
CA LEU L 478 -50.13 -27.40 23.66
C LEU L 478 -50.87 -28.72 23.86
N ASN L 479 -50.30 -29.77 23.30
CA ASN L 479 -50.87 -31.12 23.38
C ASN L 479 -50.32 -31.83 24.62
N SER L 480 -51.19 -32.56 25.32
CA SER L 480 -50.79 -33.38 26.46
C SER L 480 -51.72 -34.59 26.51
N ARG L 481 -51.32 -35.66 25.83
CA ARG L 481 -52.11 -36.88 25.76
C ARG L 481 -51.60 -37.92 26.76
N CYS L 482 -51.94 -37.70 28.02
CA CYS L 482 -51.43 -38.51 29.12
C CYS L 482 -52.55 -39.29 29.78
N SER L 483 -52.24 -40.51 30.20
CA SER L 483 -53.07 -41.24 31.14
C SER L 483 -52.68 -40.84 32.55
N VAL L 484 -53.66 -40.77 33.44
CA VAL L 484 -53.47 -40.26 34.80
C VAL L 484 -53.67 -41.40 35.78
N LEU L 485 -52.72 -41.55 36.71
CA LEU L 485 -52.82 -42.55 37.76
C LEU L 485 -52.42 -41.85 39.06
N ALA L 486 -53.41 -41.57 39.92
CA ALA L 486 -53.22 -40.70 41.06
C ALA L 486 -53.45 -41.46 42.36
N ALA L 487 -52.75 -41.02 43.40
CA ALA L 487 -52.92 -41.56 44.75
C ALA L 487 -53.16 -40.41 45.71
N ALA L 488 -53.94 -40.66 46.74
CA ALA L 488 -54.30 -39.63 47.70
C ALA L 488 -54.55 -40.25 49.06
N ASN L 489 -54.52 -39.41 50.09
CA ASN L 489 -54.70 -39.84 51.47
C ASN L 489 -56.08 -39.42 51.97
N SER L 490 -56.47 -40.00 53.11
CA SER L 490 -57.75 -39.69 53.72
C SER L 490 -57.77 -38.28 54.29
N VAL L 491 -58.98 -37.72 54.42
CA VAL L 491 -59.12 -36.36 54.94
C VAL L 491 -58.66 -36.29 56.39
N PHE L 492 -59.07 -37.27 57.20
CA PHE L 492 -58.71 -37.30 58.62
C PHE L 492 -57.38 -38.01 58.86
N GLY L 493 -56.71 -38.50 57.82
CA GLY L 493 -55.52 -39.30 57.97
C GLY L 493 -55.75 -40.79 57.89
N ARG L 494 -56.88 -41.28 58.36
CA ARG L 494 -57.27 -42.67 58.20
C ARG L 494 -58.76 -42.73 57.94
N TRP L 495 -59.19 -43.77 57.24
CA TRP L 495 -60.58 -43.86 56.83
C TRP L 495 -61.50 -44.09 58.03
N ASP L 496 -62.68 -43.49 57.98
CA ASP L 496 -63.72 -43.67 58.99
C ASP L 496 -64.95 -44.23 58.28
N GLU L 497 -65.20 -45.53 58.47
CA GLU L 497 -66.22 -46.23 57.71
C GLU L 497 -67.61 -45.66 58.00
N THR L 498 -67.91 -45.40 59.27
CA THR L 498 -69.26 -44.97 59.64
C THR L 498 -69.59 -43.59 59.09
N LYS L 499 -68.58 -42.72 58.95
CA LYS L 499 -68.86 -41.39 58.43
C LYS L 499 -69.31 -41.42 56.97
N GLY L 500 -68.95 -42.48 56.25
CA GLY L 500 -69.36 -42.61 54.86
C GLY L 500 -68.79 -41.50 53.99
N GLU L 501 -69.64 -40.59 53.56
CA GLU L 501 -69.20 -39.43 52.78
C GLU L 501 -68.40 -38.48 53.66
N ASP L 502 -67.92 -37.39 53.08
CA ASP L 502 -67.06 -36.37 53.70
C ASP L 502 -65.69 -36.91 54.05
N ASN L 503 -65.39 -38.17 53.74
CA ASN L 503 -64.02 -38.67 53.87
C ASN L 503 -63.15 -38.27 52.69
N ILE L 504 -63.74 -37.70 51.64
CA ILE L 504 -63.01 -37.27 50.45
C ILE L 504 -63.20 -35.77 50.29
N ASP L 505 -62.10 -35.05 50.12
CA ASP L 505 -62.13 -33.59 50.04
C ASP L 505 -62.39 -33.08 48.64
N PHE L 506 -62.12 -33.89 47.61
CA PHE L 506 -62.27 -33.42 46.24
C PHE L 506 -63.72 -33.09 45.93
N MET L 507 -63.94 -32.02 45.17
CA MET L 507 -65.26 -31.70 44.68
C MET L 507 -65.66 -32.70 43.61
N PRO L 508 -66.97 -32.89 43.39
CA PRO L 508 -67.40 -33.89 42.40
C PRO L 508 -66.93 -33.59 40.99
N THR L 509 -66.59 -32.34 40.69
CA THR L 509 -66.17 -32.00 39.32
C THR L 509 -64.88 -32.73 38.95
N ILE L 510 -63.86 -32.66 39.81
CA ILE L 510 -62.61 -33.36 39.51
C ILE L 510 -62.78 -34.86 39.63
N LEU L 511 -63.63 -35.32 40.55
CA LEU L 511 -63.85 -36.74 40.71
C LEU L 511 -64.58 -37.34 39.51
N SER L 512 -65.30 -36.52 38.76
CA SER L 512 -66.01 -37.02 37.59
C SER L 512 -65.06 -37.49 36.50
N ARG L 513 -63.88 -36.86 36.38
CA ARG L 513 -62.98 -37.17 35.28
C ARG L 513 -62.34 -38.54 35.42
N PHE L 514 -62.29 -39.09 36.63
CA PHE L 514 -61.69 -40.40 36.82
C PHE L 514 -62.59 -41.50 36.25
N ASP L 515 -61.97 -42.57 35.76
CA ASP L 515 -62.73 -43.70 35.25
C ASP L 515 -63.06 -44.69 36.35
N MET L 516 -62.07 -45.07 37.16
CA MET L 516 -62.28 -46.03 38.24
C MET L 516 -61.67 -45.48 39.52
N ILE L 517 -62.36 -45.71 40.63
CA ILE L 517 -61.96 -45.22 41.94
C ILE L 517 -61.85 -46.43 42.87
N PHE L 518 -60.70 -46.61 43.49
CA PHE L 518 -60.46 -47.71 44.41
C PHE L 518 -60.30 -47.16 45.83
N ILE L 519 -60.86 -47.88 46.79
CA ILE L 519 -60.75 -47.53 48.20
C ILE L 519 -60.11 -48.71 48.93
N VAL L 520 -59.03 -48.45 49.64
CA VAL L 520 -58.26 -49.47 50.35
C VAL L 520 -58.27 -49.12 51.84
N LYS L 521 -58.43 -50.15 52.68
CA LYS L 521 -58.48 -49.96 54.11
C LYS L 521 -57.60 -51.00 54.79
N ASP L 522 -57.11 -50.66 55.97
CA ASP L 522 -56.38 -51.61 56.82
C ASP L 522 -57.40 -52.49 57.52
N GLU L 523 -57.70 -53.64 56.94
CA GLU L 523 -58.74 -54.53 57.44
C GLU L 523 -58.14 -55.52 58.44
N HIS L 524 -58.82 -55.70 59.55
CA HIS L 524 -58.33 -56.57 60.62
C HIS L 524 -58.57 -58.03 60.25
N ASN L 525 -57.48 -58.77 60.06
CA ASN L 525 -57.54 -60.21 59.82
C ASN L 525 -56.33 -60.83 60.52
N GLU L 526 -56.58 -61.55 61.61
CA GLU L 526 -55.47 -62.05 62.43
C GLU L 526 -54.60 -63.03 61.66
N GLU L 527 -55.22 -63.92 60.89
CA GLU L 527 -54.45 -64.93 60.16
C GLU L 527 -53.85 -64.41 58.86
N ARG L 528 -54.34 -63.27 58.34
CA ARG L 528 -53.75 -62.72 57.12
C ARG L 528 -52.43 -62.03 57.41
N ASP L 529 -52.27 -61.47 58.61
CA ASP L 529 -51.04 -60.78 58.95
C ASP L 529 -49.85 -61.73 58.96
N VAL L 530 -50.08 -62.98 59.41
CA VAL L 530 -49.02 -63.98 59.39
C VAL L 530 -48.57 -64.24 57.96
N MET L 531 -49.52 -64.38 57.04
CA MET L 531 -49.18 -64.62 55.65
C MET L 531 -48.44 -63.43 55.05
N LEU L 532 -48.86 -62.21 55.37
CA LEU L 532 -48.17 -61.03 54.85
C LEU L 532 -46.73 -60.97 55.38
N ALA L 533 -46.54 -61.22 56.67
CA ALA L 533 -45.19 -61.17 57.24
C ALA L 533 -44.31 -62.24 56.61
N LYS L 534 -44.85 -63.46 56.44
CA LYS L 534 -44.08 -64.53 55.84
C LYS L 534 -43.74 -64.21 54.39
N HIS L 535 -44.68 -63.63 53.66
CA HIS L 535 -44.43 -63.25 52.27
C HIS L 535 -43.32 -62.19 52.19
N VAL L 536 -43.37 -61.21 53.09
CA VAL L 536 -42.36 -60.14 53.08
C VAL L 536 -40.98 -60.71 53.38
N ILE L 537 -40.89 -61.55 54.42
CA ILE L 537 -39.58 -62.09 54.79
C ILE L 537 -39.06 -63.04 53.72
N THR L 538 -39.95 -63.80 53.09
CA THR L 538 -39.55 -64.67 51.99
C THR L 538 -39.02 -63.85 50.83
N LEU L 539 -39.66 -62.72 50.52
CA LEU L 539 -39.16 -61.84 49.46
C LEU L 539 -37.78 -61.31 49.81
N HIS L 540 -37.60 -60.87 51.06
CA HIS L 540 -36.30 -60.34 51.47
C HIS L 540 -35.21 -61.39 51.36
N VAL L 541 -35.53 -62.64 51.74
CA VAL L 541 -34.54 -63.70 51.66
C VAL L 541 -34.22 -64.03 50.21
N SER L 542 -35.24 -64.16 49.36
CA SER L 542 -35.05 -64.63 48.01
C SER L 542 -34.53 -63.55 47.06
N ALA L 543 -34.59 -62.28 47.46
CA ALA L 543 -34.06 -61.22 46.60
C ALA L 543 -32.55 -61.35 46.37
N LEU L 544 -31.84 -62.01 47.28
CA LEU L 544 -30.39 -62.09 47.17
C LEU L 544 -29.93 -63.10 46.14
N THR L 545 -30.73 -64.12 45.85
CA THR L 545 -30.28 -65.26 45.05
C THR L 545 -30.94 -65.33 43.68
N GLN L 546 -32.27 -65.43 43.62
CA GLN L 546 -32.96 -65.72 42.37
C GLN L 546 -34.15 -64.79 42.19
N THR L 547 -34.25 -64.17 41.02
CA THR L 547 -35.37 -63.32 40.67
C THR L 547 -36.40 -64.10 39.85
N GLN L 548 -36.90 -65.17 40.46
CA GLN L 548 -37.79 -66.13 39.80
C GLN L 548 -38.99 -66.44 40.68
N ALA L 549 -39.65 -65.38 41.17
CA ALA L 549 -40.71 -65.54 42.15
C ALA L 549 -41.86 -66.38 41.61
N VAL L 550 -42.30 -66.10 40.38
CA VAL L 550 -43.41 -66.82 39.78
C VAL L 550 -42.91 -67.54 38.52
N GLU L 551 -43.52 -68.69 38.24
CA GLU L 551 -43.06 -69.53 37.14
C GLU L 551 -43.17 -68.84 35.79
N GLY L 552 -44.29 -68.16 35.55
CA GLY L 552 -44.56 -67.63 34.22
C GLY L 552 -44.57 -66.12 34.12
N GLU L 553 -43.66 -65.45 34.84
CA GLU L 553 -43.54 -64.00 34.71
C GLU L 553 -43.02 -63.63 33.34
N ILE L 554 -43.60 -62.59 32.75
CA ILE L 554 -43.05 -61.98 31.56
C ILE L 554 -41.89 -61.08 31.96
N ASP L 555 -40.76 -61.22 31.28
CA ASP L 555 -39.61 -60.39 31.58
C ASP L 555 -39.95 -58.92 31.33
N LEU L 556 -39.34 -58.03 32.11
CA LEU L 556 -39.72 -56.62 32.06
C LEU L 556 -39.47 -56.03 30.67
N ALA L 557 -38.33 -56.36 30.07
CA ALA L 557 -38.06 -55.91 28.71
C ALA L 557 -39.09 -56.48 27.73
N LYS L 558 -39.38 -57.78 27.85
CA LYS L 558 -40.38 -58.39 26.98
C LYS L 558 -41.75 -57.77 27.18
N LEU L 559 -42.14 -57.56 28.44
CA LEU L 559 -43.45 -56.96 28.72
C LEU L 559 -43.53 -55.55 28.14
N LYS L 560 -42.47 -54.76 28.30
CA LYS L 560 -42.42 -53.40 27.78
C LYS L 560 -42.58 -53.40 26.26
N LYS L 561 -41.78 -54.23 25.58
CA LYS L 561 -41.83 -54.28 24.13
C LYS L 561 -43.19 -54.78 23.64
N PHE L 562 -43.76 -55.77 24.34
CA PHE L 562 -45.05 -56.31 23.95
C PHE L 562 -46.16 -55.27 24.10
N ILE L 563 -46.12 -54.50 25.19
CA ILE L 563 -47.11 -53.45 25.39
C ILE L 563 -47.00 -52.40 24.29
N ALA L 564 -45.76 -51.98 23.98
CA ALA L 564 -45.57 -51.01 22.90
C ALA L 564 -46.08 -51.56 21.58
N TYR L 565 -45.78 -52.84 21.30
CA TYR L 565 -46.20 -53.48 20.06
C TYR L 565 -47.72 -53.47 19.94
N CYS L 566 -48.42 -53.90 20.99
CA CYS L 566 -49.88 -53.94 20.94
C CYS L 566 -50.47 -52.55 20.82
N ARG L 567 -49.89 -51.57 21.52
CA ARG L 567 -50.40 -50.21 21.42
C ARG L 567 -50.25 -49.65 20.01
N VAL L 568 -49.13 -49.95 19.35
CA VAL L 568 -48.87 -49.37 18.05
C VAL L 568 -49.60 -50.12 16.93
N LYS L 569 -49.86 -51.42 17.11
CA LYS L 569 -50.28 -52.26 15.99
C LYS L 569 -51.72 -51.97 15.54
N CYS L 570 -52.68 -52.20 16.43
CA CYS L 570 -54.09 -52.18 16.03
C CYS L 570 -54.93 -51.48 17.08
N GLY L 571 -56.18 -51.19 16.72
CA GLY L 571 -57.13 -50.56 17.61
C GLY L 571 -58.53 -51.07 17.42
N PRO L 572 -59.15 -51.57 18.49
CA PRO L 572 -60.45 -52.21 18.39
C PRO L 572 -61.62 -51.26 18.67
N ARG L 573 -62.81 -51.73 18.31
CA ARG L 573 -64.05 -51.01 18.58
C ARG L 573 -65.12 -52.01 18.99
N LEU L 574 -66.18 -51.49 19.61
CA LEU L 574 -67.18 -52.34 20.25
C LEU L 574 -68.01 -53.09 19.23
N SER L 575 -68.95 -53.88 19.74
CA SER L 575 -69.95 -54.59 18.95
C SER L 575 -71.35 -54.22 19.42
N ALA L 576 -72.30 -54.25 18.48
CA ALA L 576 -73.65 -53.76 18.78
C ALA L 576 -74.34 -54.62 19.83
N GLU L 577 -74.17 -55.94 19.76
CA GLU L 577 -74.80 -56.82 20.74
C GLU L 577 -74.30 -56.52 22.15
N ALA L 578 -72.99 -56.32 22.30
CA ALA L 578 -72.46 -55.93 23.60
C ALA L 578 -72.87 -54.50 23.94
N ALA L 579 -73.01 -53.65 22.92
CA ALA L 579 -73.35 -52.25 23.15
C ALA L 579 -74.72 -52.12 23.79
N GLU L 580 -75.69 -52.90 23.32
CA GLU L 580 -77.04 -52.82 23.88
C GLU L 580 -77.07 -53.29 25.34
N LYS L 581 -76.33 -54.35 25.65
CA LYS L 581 -76.25 -54.81 27.03
C LYS L 581 -75.60 -53.77 27.92
N LEU L 582 -74.56 -53.11 27.41
CA LEU L 582 -73.91 -52.04 28.17
C LEU L 582 -74.88 -50.89 28.41
N LYS L 583 -75.68 -50.53 27.40
CA LYS L 583 -76.68 -49.48 27.57
C LYS L 583 -77.67 -49.84 28.66
N ASN L 584 -78.18 -51.07 28.61
CA ASN L 584 -79.17 -51.50 29.60
C ASN L 584 -78.58 -51.44 31.01
N ARG L 585 -77.36 -51.95 31.17
CA ARG L 585 -76.74 -51.95 32.49
C ARG L 585 -76.48 -50.53 32.97
N TYR L 586 -76.07 -49.64 32.07
CA TYR L 586 -75.81 -48.25 32.45
C TYR L 586 -77.09 -47.54 32.88
N ILE L 587 -78.20 -47.78 32.17
CA ILE L 587 -79.48 -47.20 32.57
C ILE L 587 -79.89 -47.72 33.95
N ILE L 588 -79.73 -49.03 34.16
CA ILE L 588 -80.09 -49.59 35.46
C ILE L 588 -79.24 -48.99 36.57
N MET L 589 -77.94 -48.82 36.32
CA MET L 589 -77.05 -48.25 37.32
C MET L 589 -77.41 -46.80 37.63
N ARG L 590 -77.73 -46.02 36.61
CA ARG L 590 -78.17 -44.64 36.85
C ARG L 590 -79.46 -44.59 37.65
N SER L 591 -80.41 -45.48 37.33
CA SER L 591 -81.65 -45.52 38.08
C SER L 591 -81.41 -45.87 39.54
N GLY L 592 -80.54 -46.86 39.78
CA GLY L 592 -80.21 -47.21 41.15
C GLY L 592 -79.54 -46.08 41.90
N ALA L 593 -78.64 -45.35 41.22
CA ALA L 593 -77.97 -44.22 41.85
C ALA L 593 -78.97 -43.13 42.23
N ARG L 594 -79.91 -42.83 41.32
CA ARG L 594 -80.91 -41.82 41.63
C ARG L 594 -81.80 -42.26 42.78
N GLN L 595 -82.18 -43.54 42.80
CA GLN L 595 -82.99 -44.06 43.90
C GLN L 595 -82.25 -43.96 45.22
N HIS L 596 -80.97 -44.29 45.22
CA HIS L 596 -80.18 -44.19 46.45
C HIS L 596 -80.08 -42.75 46.92
N GLU L 597 -79.86 -41.82 45.99
CA GLU L 597 -79.80 -40.41 46.36
C GLU L 597 -81.12 -39.93 46.95
N ARG L 598 -82.23 -40.33 46.34
CA ARG L 598 -83.53 -39.86 46.82
C ARG L 598 -83.88 -40.48 48.17
N ASP L 599 -83.55 -41.75 48.38
CA ASP L 599 -83.87 -42.40 49.64
C ASP L 599 -82.98 -41.90 50.77
N SER L 600 -81.67 -41.78 50.51
CA SER L 600 -80.76 -41.36 51.57
C SER L 600 -80.89 -39.87 51.87
N ASP L 601 -81.50 -39.11 50.97
CA ASP L 601 -81.69 -37.67 51.13
C ASP L 601 -80.35 -36.96 51.34
N ARG L 602 -79.41 -37.22 50.43
CA ARG L 602 -78.11 -36.58 50.47
C ARG L 602 -77.48 -36.66 49.09
N ARG L 603 -76.81 -35.58 48.68
CA ARG L 603 -76.17 -35.55 47.37
C ARG L 603 -74.96 -36.48 47.36
N SER L 604 -74.85 -37.30 46.32
CA SER L 604 -73.75 -38.24 46.22
C SER L 604 -72.47 -37.49 45.82
N SER L 605 -71.39 -37.76 46.56
CA SER L 605 -70.11 -37.11 46.26
C SER L 605 -69.40 -37.74 45.07
N ILE L 606 -69.80 -38.95 44.67
CA ILE L 606 -69.20 -39.64 43.53
C ILE L 606 -70.30 -39.96 42.53
N PRO L 607 -70.62 -39.05 41.61
CA PRO L 607 -71.76 -39.26 40.72
C PRO L 607 -71.45 -40.22 39.59
N ILE L 608 -72.52 -40.69 38.96
CA ILE L 608 -72.44 -41.53 37.76
C ILE L 608 -72.97 -40.71 36.59
N THR L 609 -72.11 -40.48 35.61
CA THR L 609 -72.41 -39.59 34.50
C THR L 609 -72.18 -40.33 33.18
N VAL L 610 -72.25 -39.56 32.09
CA VAL L 610 -71.93 -40.09 30.77
C VAL L 610 -70.46 -40.48 30.69
N ARG L 611 -69.61 -39.75 31.41
CA ARG L 611 -68.18 -40.01 31.37
C ARG L 611 -67.87 -41.41 31.90
N GLN L 612 -68.62 -41.87 32.89
CA GLN L 612 -68.40 -43.24 33.40
C GLN L 612 -68.83 -44.29 32.37
N LEU L 613 -69.90 -44.03 31.62
CA LEU L 613 -70.28 -44.92 30.53
C LEU L 613 -69.17 -45.01 29.50
N GLU L 614 -68.62 -43.86 29.12
CA GLU L 614 -67.50 -43.86 28.19
C GLU L 614 -66.27 -44.53 28.79
N ALA L 615 -66.13 -44.48 30.12
CA ALA L 615 -65.02 -45.15 30.79
C ALA L 615 -65.16 -46.67 30.67
N ILE L 616 -66.36 -47.19 30.88
CA ILE L 616 -66.59 -48.62 30.68
C ILE L 616 -66.32 -49.00 29.24
N VAL L 617 -66.76 -48.15 28.30
CA VAL L 617 -66.50 -48.39 26.88
C VAL L 617 -65.00 -48.48 26.63
N ARG L 618 -64.24 -47.55 27.20
CA ARG L 618 -62.80 -47.51 27.00
C ARG L 618 -62.11 -48.73 27.61
N ILE L 619 -62.56 -49.16 28.79
CA ILE L 619 -61.97 -50.34 29.42
C ILE L 619 -62.23 -51.58 28.58
N ALA L 620 -63.45 -51.73 28.07
CA ALA L 620 -63.74 -52.86 27.19
C ALA L 620 -62.88 -52.81 25.93
N GLU L 621 -62.71 -51.63 25.36
CA GLU L 621 -61.87 -51.48 24.16
C GLU L 621 -60.42 -51.84 24.47
N ALA L 622 -59.93 -51.46 25.65
CA ALA L 622 -58.56 -51.81 26.02
C ALA L 622 -58.40 -53.31 26.19
N LEU L 623 -59.39 -53.96 26.81
CA LEU L 623 -59.34 -55.42 26.94
C LEU L 623 -59.33 -56.09 25.58
N SER L 624 -60.13 -55.57 24.65
CA SER L 624 -60.13 -56.10 23.28
C SER L 624 -58.77 -55.89 22.62
N LYS L 625 -58.19 -54.71 22.82
CA LYS L 625 -56.89 -54.41 22.22
C LYS L 625 -55.80 -55.32 22.74
N MET L 626 -55.92 -55.74 24.01
CA MET L 626 -54.89 -56.61 24.59
C MET L 626 -54.76 -57.93 23.85
N LYS L 627 -55.78 -58.33 23.10
CA LYS L 627 -55.78 -59.57 22.34
C LYS L 627 -55.66 -59.36 20.83
N LEU L 628 -55.37 -58.13 20.40
CA LEU L 628 -55.18 -57.73 19.00
C LEU L 628 -56.45 -57.80 18.16
N GLN L 629 -57.59 -58.15 18.75
CA GLN L 629 -58.81 -58.32 17.98
C GLN L 629 -59.35 -56.98 17.48
N PRO L 630 -59.96 -56.97 16.29
CA PRO L 630 -60.56 -55.71 15.80
C PRO L 630 -61.91 -55.40 16.41
N PHE L 631 -62.59 -56.38 16.99
CA PHE L 631 -63.88 -56.17 17.62
C PHE L 631 -63.92 -56.93 18.94
N ALA L 632 -64.59 -56.33 19.94
CA ALA L 632 -64.70 -56.94 21.25
C ALA L 632 -65.86 -57.95 21.26
N THR L 633 -65.96 -58.70 22.36
CA THR L 633 -67.02 -59.67 22.55
C THR L 633 -67.80 -59.34 23.82
N GLU L 634 -68.80 -60.17 24.11
CA GLU L 634 -69.61 -59.96 25.30
C GLU L 634 -68.79 -60.14 26.57
N ALA L 635 -67.85 -61.10 26.56
CA ALA L 635 -67.07 -61.40 27.76
C ALA L 635 -66.23 -60.21 28.18
N ASP L 636 -65.66 -59.49 27.20
CA ASP L 636 -64.86 -58.31 27.53
C ASP L 636 -65.71 -57.25 28.22
N VAL L 637 -66.92 -57.01 27.72
CA VAL L 637 -67.80 -56.02 28.33
C VAL L 637 -68.24 -56.49 29.72
N GLU L 638 -68.48 -57.79 29.87
CA GLU L 638 -68.86 -58.32 31.18
C GLU L 638 -67.74 -58.11 32.20
N GLU L 639 -66.51 -58.40 31.81
CA GLU L 639 -65.38 -58.18 32.72
C GLU L 639 -65.21 -56.69 33.02
N ALA L 640 -65.39 -55.84 32.01
CA ALA L 640 -65.28 -54.41 32.22
C ALA L 640 -66.34 -53.92 33.21
N LEU L 641 -67.57 -54.41 33.07
CA LEU L 641 -68.64 -54.02 33.98
C LEU L 641 -68.38 -54.55 35.38
N ARG L 642 -67.82 -55.76 35.49
CA ARG L 642 -67.49 -56.30 36.80
C ARG L 642 -66.46 -55.41 37.51
N LEU L 643 -65.40 -55.03 36.78
CA LEU L 643 -64.39 -54.15 37.36
C LEU L 643 -64.99 -52.80 37.72
N PHE L 644 -65.82 -52.25 36.83
CA PHE L 644 -66.42 -50.95 37.08
C PHE L 644 -67.31 -50.97 38.31
N GLN L 645 -68.13 -52.01 38.44
CA GLN L 645 -68.94 -52.16 39.65
C GLN L 645 -68.04 -52.21 40.87
N VAL L 646 -67.08 -53.14 40.88
CA VAL L 646 -66.27 -53.41 42.06
C VAL L 646 -65.58 -52.13 42.53
N SER L 647 -65.08 -51.34 41.59
CA SER L 647 -64.40 -50.11 42.00
C SER L 647 -65.39 -48.98 42.28
N THR L 648 -66.08 -48.51 41.24
CA THR L 648 -66.83 -47.26 41.35
C THR L 648 -68.05 -47.41 42.25
N LEU L 649 -68.82 -48.49 42.09
CA LEU L 649 -70.05 -48.59 42.86
C LEU L 649 -69.75 -48.83 44.33
N ASP L 650 -68.73 -49.62 44.64
CA ASP L 650 -68.31 -49.78 46.03
C ASP L 650 -67.80 -48.47 46.61
N ALA L 651 -67.17 -47.63 45.78
CA ALA L 651 -66.76 -46.31 46.27
C ALA L 651 -67.97 -45.42 46.54
N ALA L 652 -68.95 -45.43 45.64
CA ALA L 652 -70.06 -44.48 45.74
C ALA L 652 -71.08 -44.91 46.78
N LEU L 653 -71.31 -46.21 46.93
CA LEU L 653 -72.30 -46.71 47.87
C LEU L 653 -71.75 -46.85 49.29
N SER L 654 -70.53 -46.42 49.54
CA SER L 654 -69.94 -46.46 50.86
C SER L 654 -70.61 -45.46 51.80
N GLU L 667 -75.06 -53.37 53.13
CA GLU L 667 -75.91 -53.20 54.30
C GLU L 667 -75.08 -53.06 55.57
N ASP L 668 -73.80 -53.42 55.48
CA ASP L 668 -72.94 -53.42 56.66
C ASP L 668 -72.75 -52.00 57.21
N GLN L 669 -72.45 -51.04 56.33
CA GLN L 669 -72.22 -49.68 56.79
C GLN L 669 -73.49 -49.05 57.35
N GLU L 670 -74.63 -49.27 56.71
CA GLU L 670 -75.90 -48.76 57.22
C GLU L 670 -76.23 -49.38 58.57
N MET L 671 -75.97 -50.68 58.72
CA MET L 671 -76.21 -51.35 59.99
C MET L 671 -75.29 -50.84 61.09
N LEU L 672 -74.03 -50.55 60.74
CA LEU L 672 -73.13 -49.91 61.71
C LEU L 672 -73.64 -48.52 62.10
N SER L 673 -74.18 -47.78 61.13
CA SER L 673 -74.77 -46.48 61.43
C SER L 673 -75.95 -46.63 62.38
N ARG L 674 -76.77 -47.66 62.17
CA ARG L 674 -77.88 -47.94 63.08
C ARG L 674 -77.37 -48.21 64.50
N ILE L 675 -76.30 -49.00 64.61
CA ILE L 675 -75.75 -49.31 65.92
C ILE L 675 -75.23 -48.03 66.58
N GLU L 676 -74.56 -47.17 65.82
CA GLU L 676 -74.05 -45.92 66.38
C GLU L 676 -75.19 -45.03 66.86
N LYS L 677 -76.26 -44.94 66.07
CA LYS L 677 -77.41 -44.13 66.46
C LYS L 677 -78.06 -44.67 67.72
N GLN L 678 -78.18 -46.00 67.82
CA GLN L 678 -78.74 -46.61 69.02
C GLN L 678 -77.86 -46.32 70.24
N LEU L 679 -76.55 -46.47 70.09
CA LEU L 679 -75.64 -46.29 71.22
C LEU L 679 -75.61 -44.84 71.69
N LYS L 680 -75.68 -43.89 70.76
CA LYS L 680 -75.65 -42.48 71.15
C LYS L 680 -76.82 -42.14 72.06
N ARG L 681 -78.00 -42.71 71.80
CA ARG L 681 -79.14 -42.51 72.68
C ARG L 681 -79.00 -43.31 73.97
N ARG L 682 -78.56 -44.57 73.85
CA ARG L 682 -78.48 -45.43 75.03
C ARG L 682 -77.39 -44.96 75.99
N PHE L 683 -76.24 -44.57 75.48
CA PHE L 683 -75.15 -44.11 76.33
C PHE L 683 -75.55 -42.84 77.08
N ALA L 684 -75.41 -42.89 78.41
CA ALA L 684 -75.69 -41.74 79.25
C ALA L 684 -74.38 -41.00 79.49
N ILE L 685 -74.34 -39.71 79.15
CA ILE L 685 -73.13 -38.93 79.33
C ILE L 685 -72.84 -38.78 80.81
N GLY L 686 -71.62 -39.08 81.20
CA GLY L 686 -71.28 -39.08 82.62
C GLY L 686 -71.72 -40.32 83.36
N SER L 687 -71.83 -41.45 82.67
CA SER L 687 -72.24 -42.69 83.30
C SER L 687 -71.48 -43.85 82.65
N GLN L 688 -71.44 -44.97 83.36
CA GLN L 688 -70.70 -46.14 82.93
C GLN L 688 -71.63 -47.25 82.45
N VAL L 689 -71.16 -47.98 81.44
CA VAL L 689 -71.87 -49.14 80.91
C VAL L 689 -70.87 -50.27 80.73
N SER L 690 -71.27 -51.47 81.11
CA SER L 690 -70.43 -52.65 80.91
C SER L 690 -70.53 -53.13 79.47
N GLU L 691 -69.39 -53.51 78.89
CA GLU L 691 -69.38 -53.98 77.51
C GLU L 691 -70.22 -55.24 77.36
N HIS L 692 -70.25 -56.08 78.39
CA HIS L 692 -71.06 -57.28 78.34
C HIS L 692 -72.54 -56.94 78.20
N SER L 693 -72.99 -55.88 78.89
CA SER L 693 -74.38 -55.46 78.77
C SER L 693 -74.71 -55.03 77.35
N ILE L 694 -73.82 -54.26 76.73
CA ILE L 694 -74.05 -53.82 75.35
C ILE L 694 -74.08 -55.02 74.41
N ILE L 695 -73.14 -55.95 74.60
CA ILE L 695 -73.08 -57.13 73.74
C ILE L 695 -74.37 -57.94 73.87
N LYS L 696 -74.84 -58.14 75.10
CA LYS L 696 -76.09 -58.88 75.30
C LYS L 696 -77.26 -58.15 74.66
N ASP L 697 -77.34 -56.84 74.86
CA ASP L 697 -78.46 -56.07 74.34
C ASP L 697 -78.52 -56.14 72.82
N PHE L 698 -77.36 -56.04 72.16
CA PHE L 698 -77.37 -56.03 70.71
C PHE L 698 -77.45 -57.42 70.10
N THR L 699 -76.97 -58.45 70.80
CA THR L 699 -77.14 -59.80 70.31
C THR L 699 -78.57 -60.30 70.49
N LYS L 700 -79.27 -59.80 71.52
CA LYS L 700 -80.70 -60.09 71.62
C LYS L 700 -81.46 -59.42 70.48
N GLN L 701 -80.95 -58.29 69.99
CA GLN L 701 -81.45 -57.71 68.75
C GLN L 701 -80.90 -58.42 67.52
N LYS L 702 -80.01 -59.40 67.71
CA LYS L 702 -79.47 -60.24 66.65
C LYS L 702 -78.59 -59.45 65.67
N TYR L 703 -77.85 -58.48 66.18
CA TYR L 703 -76.83 -57.83 65.39
C TYR L 703 -75.48 -58.51 65.61
N PRO L 704 -74.61 -58.53 64.59
CA PRO L 704 -73.32 -59.22 64.73
C PRO L 704 -72.42 -58.53 65.75
N GLU L 705 -71.58 -59.34 66.40
CA GLU L 705 -70.69 -58.83 67.43
C GLU L 705 -69.53 -58.04 66.83
N HIS L 706 -69.11 -58.41 65.62
CA HIS L 706 -67.99 -57.71 64.99
C HIS L 706 -68.33 -56.26 64.71
N ALA L 707 -69.57 -55.99 64.30
CA ALA L 707 -69.99 -54.61 64.06
C ALA L 707 -69.94 -53.80 65.35
N ILE L 708 -70.39 -54.39 66.46
CA ILE L 708 -70.34 -53.69 67.74
C ILE L 708 -68.90 -53.41 68.14
N HIS L 709 -68.01 -54.39 67.94
CA HIS L 709 -66.61 -54.20 68.27
C HIS L 709 -66.00 -53.08 67.44
N LYS L 710 -66.30 -53.05 66.14
CA LYS L 710 -65.76 -52.02 65.27
C LYS L 710 -66.29 -50.64 65.67
N VAL L 711 -67.58 -50.56 66.02
CA VAL L 711 -68.15 -49.29 66.45
C VAL L 711 -67.47 -48.81 67.73
N LEU L 712 -67.24 -49.72 68.67
CA LEU L 712 -66.54 -49.35 69.90
C LEU L 712 -65.12 -48.88 69.60
N GLN L 713 -64.43 -49.56 68.68
CA GLN L 713 -63.08 -49.15 68.32
C GLN L 713 -63.07 -47.76 67.69
N LEU L 714 -64.04 -47.49 66.82
CA LEU L 714 -64.11 -46.16 66.20
C LEU L 714 -64.43 -45.08 67.23
N MET L 715 -65.31 -45.39 68.19
CA MET L 715 -65.60 -44.43 69.25
C MET L 715 -64.36 -44.18 70.11
N LEU L 716 -63.59 -45.25 70.37
CA LEU L 716 -62.32 -45.08 71.08
C LEU L 716 -61.37 -44.18 70.32
N ARG L 717 -61.29 -44.36 68.99
CA ARG L 717 -60.45 -43.50 68.17
C ARG L 717 -60.91 -42.05 68.24
N ARG L 718 -62.22 -41.82 68.18
CA ARG L 718 -62.74 -40.47 68.30
C ARG L 718 -62.58 -39.92 69.71
N GLY L 719 -62.61 -40.80 70.71
CA GLY L 719 -62.38 -40.42 72.09
C GLY L 719 -63.61 -40.30 72.95
N GLU L 720 -64.80 -40.63 72.43
CA GLU L 720 -66.01 -40.53 73.24
C GLU L 720 -66.06 -41.61 74.32
N ILE L 721 -65.48 -42.78 74.05
CA ILE L 721 -65.52 -43.90 74.98
C ILE L 721 -64.14 -44.07 75.60
N GLN L 722 -64.12 -44.30 76.92
CA GLN L 722 -62.88 -44.54 77.63
C GLN L 722 -63.04 -45.76 78.53
N HIS L 723 -61.92 -46.43 78.80
CA HIS L 723 -61.89 -47.60 79.66
C HIS L 723 -61.68 -47.17 81.11
N ARG L 724 -62.29 -47.92 82.02
CA ARG L 724 -62.06 -47.72 83.44
C ARG L 724 -60.75 -48.42 83.83
N MET L 725 -60.52 -48.56 85.14
CA MET L 725 -59.33 -49.26 85.60
C MET L 725 -59.33 -50.72 85.13
N GLN L 726 -60.50 -51.35 85.07
CA GLN L 726 -60.68 -52.64 84.45
C GLN L 726 -61.45 -52.45 83.16
N ARG L 727 -60.97 -53.09 82.08
CA ARG L 727 -61.56 -52.91 80.76
C ARG L 727 -62.95 -53.51 80.62
N LYS L 728 -63.51 -54.08 81.69
CA LYS L 728 -64.84 -54.67 81.61
C LYS L 728 -65.93 -53.62 81.41
N VAL L 729 -65.74 -52.44 81.99
CA VAL L 729 -66.76 -51.38 81.98
C VAL L 729 -66.16 -50.14 81.34
N LEU L 730 -66.90 -49.55 80.40
CA LEU L 730 -66.50 -48.32 79.73
C LEU L 730 -67.34 -47.16 80.25
N TYR L 731 -66.86 -45.94 79.99
CA TYR L 731 -67.61 -44.74 80.31
C TYR L 731 -67.52 -43.77 79.16
N ARG L 732 -68.44 -42.81 79.16
CA ARG L 732 -68.62 -41.90 78.03
C ARG L 732 -68.04 -40.53 78.34
N LEU L 733 -67.23 -40.02 77.43
CA LEU L 733 -66.72 -38.65 77.47
C LEU L 733 -67.11 -37.95 76.18
N LYS L 734 -66.63 -36.72 76.02
CA LYS L 734 -66.91 -35.94 74.82
C LYS L 734 -65.63 -35.33 74.27
N GLU M 17 23.44 26.94 32.42
CA GLU M 17 22.06 26.61 32.76
C GLU M 17 21.41 27.73 33.58
N VAL M 18 20.11 27.59 33.82
CA VAL M 18 19.39 28.59 34.61
C VAL M 18 19.08 28.02 35.99
N ARG M 19 19.32 28.84 37.01
CA ARG M 19 19.13 28.44 38.40
C ARG M 19 18.02 29.28 39.01
N ASP M 20 17.51 28.80 40.15
CA ASP M 20 16.44 29.48 40.88
C ASP M 20 17.00 30.05 42.17
N GLU M 21 16.80 31.35 42.39
CA GLU M 21 17.33 31.99 43.58
C GLU M 21 16.61 31.52 44.84
N VAL M 22 15.28 31.49 44.78
CA VAL M 22 14.50 31.13 45.96
C VAL M 22 14.79 29.70 46.38
N ALA M 23 14.91 28.80 45.41
CA ALA M 23 15.23 27.41 45.74
C ALA M 23 16.58 27.30 46.43
N GLU M 24 17.58 28.02 45.93
CA GLU M 24 18.91 27.98 46.54
C GLU M 24 18.87 28.52 47.97
N LYS M 25 18.20 29.65 48.17
CA LYS M 25 18.12 30.22 49.51
C LYS M 25 17.36 29.30 50.47
N CYS M 26 16.29 28.68 49.99
CA CYS M 26 15.55 27.74 50.82
C CYS M 26 16.40 26.53 51.17
N GLN M 27 17.17 26.02 50.21
CA GLN M 27 18.08 24.92 50.50
C GLN M 27 19.07 25.31 51.58
N LYS M 28 19.69 26.48 51.44
CA LYS M 28 20.70 26.90 52.40
C LYS M 28 20.10 27.08 53.79
N LEU M 29 18.93 27.73 53.86
CA LEU M 29 18.32 27.99 55.16
C LEU M 29 17.78 26.71 55.80
N PHE M 30 17.28 25.77 55.01
CA PHE M 30 16.81 24.52 55.57
C PHE M 30 17.97 23.65 56.04
N LEU M 31 19.09 23.68 55.33
CA LEU M 31 20.29 23.00 55.83
C LEU M 31 20.76 23.63 57.13
N ASP M 32 20.70 24.97 57.22
CA ASP M 32 21.03 25.65 58.47
C ASP M 32 20.08 25.22 59.59
N PHE M 33 18.79 25.11 59.28
CA PHE M 33 17.80 24.69 60.27
C PHE M 33 18.08 23.27 60.76
N LEU M 34 18.38 22.37 59.83
CA LEU M 34 18.64 20.98 60.20
C LEU M 34 19.95 20.85 60.97
N GLU M 35 20.91 21.75 60.73
CA GLU M 35 22.21 21.66 61.39
C GLU M 35 22.28 22.43 62.71
N GLU M 36 21.37 23.37 62.95
CA GLU M 36 21.52 24.28 64.07
C GLU M 36 20.46 24.13 65.15
N PHE M 37 19.19 24.06 64.80
CA PHE M 37 18.13 24.01 65.80
C PHE M 37 18.02 22.62 66.42
N ILE M 44 20.05 18.29 69.00
CA ILE M 44 19.46 18.27 67.67
C ILE M 44 18.67 16.97 67.48
N LYS M 45 17.34 17.10 67.42
CA LYS M 45 16.49 15.92 67.26
C LYS M 45 16.65 15.31 65.88
N TYR M 46 16.83 16.16 64.87
CA TYR M 46 16.81 15.69 63.49
C TYR M 46 18.04 14.87 63.13
N LEU M 47 19.18 15.14 63.78
CA LEU M 47 20.32 14.23 63.63
C LEU M 47 20.01 12.86 64.20
N GLN M 48 19.32 12.82 65.34
CA GLN M 48 18.93 11.54 65.93
C GLN M 48 17.95 10.79 65.03
N LEU M 49 17.05 11.51 64.36
CA LEU M 49 16.13 10.85 63.44
C LEU M 49 16.83 10.39 62.16
N ALA M 50 17.77 11.18 61.65
CA ALA M 50 18.58 10.73 60.51
C ALA M 50 19.39 9.50 60.89
N GLU M 51 19.75 9.35 62.16
CA GLU M 51 20.40 8.13 62.61
C GLU M 51 19.47 6.93 62.45
N GLU M 52 18.18 7.09 62.73
CA GLU M 52 17.23 6.02 62.48
C GLU M 52 16.99 5.80 60.99
N LEU M 53 17.17 6.85 60.19
CA LEU M 53 16.88 6.78 58.75
C LEU M 53 17.74 5.77 58.01
N ILE M 54 18.68 5.11 58.68
CA ILE M 54 19.54 4.15 57.99
C ILE M 54 18.77 2.91 57.57
N ARG M 55 17.79 2.50 58.37
CA ARG M 55 17.09 1.24 58.12
C ARG M 55 16.35 1.28 56.78
N PRO M 56 16.29 0.15 56.07
CA PRO M 56 15.67 0.14 54.73
C PRO M 56 14.18 0.44 54.74
N GLU M 57 13.50 0.30 55.87
CA GLU M 57 12.07 0.54 55.93
C GLU M 57 11.72 1.99 56.22
N ARG M 58 12.70 2.87 56.35
CA ARG M 58 12.46 4.28 56.66
C ARG M 58 12.96 5.15 55.51
N ASN M 59 12.11 6.08 55.08
CA ASN M 59 12.44 7.01 54.01
C ASN M 59 12.16 8.47 54.36
N THR M 60 11.29 8.76 55.32
CA THR M 60 10.78 10.09 55.56
C THR M 60 11.34 10.65 56.87
N LEU M 61 11.71 11.92 56.84
CA LEU M 61 12.09 12.65 58.05
C LEU M 61 10.92 13.52 58.48
N VAL M 62 10.59 13.48 59.76
CA VAL M 62 9.49 14.23 60.33
C VAL M 62 10.06 15.45 61.05
N VAL M 63 9.63 16.64 60.65
CA VAL M 63 10.13 17.90 61.19
C VAL M 63 8.95 18.70 61.72
N SER M 64 9.11 19.25 62.92
CA SER M 64 8.05 20.04 63.54
C SER M 64 8.06 21.44 62.94
N PHE M 65 6.88 21.96 62.61
CA PHE M 65 6.80 23.27 61.97
C PHE M 65 7.01 24.41 62.95
N VAL M 66 6.70 24.20 64.23
CA VAL M 66 6.94 25.25 65.21
C VAL M 66 8.43 25.53 65.33
N ASP M 67 9.27 24.52 65.12
CA ASP M 67 10.71 24.76 65.07
C ASP M 67 11.08 25.65 63.89
N LEU M 68 10.43 25.46 62.73
CA LEU M 68 10.65 26.37 61.62
C LEU M 68 10.21 27.78 61.96
N GLU M 69 9.07 27.92 62.62
CA GLU M 69 8.59 29.25 62.98
C GLU M 69 9.56 29.95 63.92
N GLN M 70 10.08 29.22 64.90
CA GLN M 70 11.02 29.82 65.84
C GLN M 70 12.36 30.13 65.18
N PHE M 71 12.83 29.22 64.32
CA PHE M 71 14.15 29.37 63.70
C PHE M 71 14.21 30.58 62.78
N ASN M 72 13.23 30.68 61.86
CA ASN M 72 13.20 31.78 60.90
C ASN M 72 11.75 31.94 60.44
N GLN M 73 11.13 33.07 60.81
CA GLN M 73 9.80 33.37 60.31
C GLN M 73 9.82 33.58 58.80
N GLN M 74 10.89 34.19 58.28
CA GLN M 74 11.01 34.40 56.84
C GLN M 74 11.03 33.08 56.09
N LEU M 75 11.83 32.12 56.56
CA LEU M 75 11.91 30.82 55.90
C LEU M 75 10.57 30.09 55.98
N SER M 76 9.91 30.15 57.14
CA SER M 76 8.61 29.50 57.29
C SER M 76 7.60 30.09 56.33
N THR M 77 7.55 31.42 56.24
CA THR M 77 6.62 32.07 55.31
C THR M 77 6.93 31.69 53.87
N THR M 78 8.22 31.66 53.51
CA THR M 78 8.58 31.30 52.14
C THR M 78 8.16 29.88 51.82
N ILE M 79 8.39 28.94 52.73
CA ILE M 79 8.02 27.55 52.49
C ILE M 79 6.51 27.41 52.40
N GLN M 80 5.76 28.09 53.28
CA GLN M 80 4.31 28.02 53.20
C GLN M 80 3.80 28.59 51.89
N GLU M 81 4.38 29.70 51.43
CA GLU M 81 3.90 30.32 50.20
C GLU M 81 4.48 29.66 48.96
N GLU M 82 5.50 28.82 49.12
CA GLU M 82 6.16 28.16 48.00
C GLU M 82 6.42 26.68 48.28
N PHE M 83 5.42 25.96 48.80
CA PHE M 83 5.66 24.57 49.22
C PHE M 83 5.99 23.67 48.04
N TYR M 84 5.15 23.73 46.99
CA TYR M 84 5.32 22.83 45.85
C TYR M 84 6.65 23.09 45.14
N ARG M 85 7.04 24.36 45.02
CA ARG M 85 8.23 24.71 44.27
C ARG M 85 9.50 24.36 45.05
N VAL M 86 9.42 24.40 46.39
CA VAL M 86 10.63 24.28 47.20
C VAL M 86 10.86 22.85 47.66
N TYR M 87 9.77 22.11 47.90
CA TYR M 87 9.87 20.80 48.56
C TYR M 87 10.87 19.85 47.91
N PRO M 88 10.91 19.67 46.58
CA PRO M 88 11.93 18.78 46.00
C PRO M 88 13.35 19.17 46.33
N TYR M 89 13.62 20.47 46.50
CA TYR M 89 14.98 20.89 46.85
C TYR M 89 15.29 20.61 48.32
N LEU M 90 14.29 20.74 49.20
CA LEU M 90 14.49 20.30 50.58
C LEU M 90 14.79 18.81 50.64
N CYS M 91 14.16 18.04 49.75
CA CYS M 91 14.48 16.61 49.68
C CYS M 91 15.96 16.39 49.35
N ARG M 92 16.49 17.15 48.39
CA ARG M 92 17.89 17.03 48.03
C ARG M 92 18.79 17.45 49.19
N ALA M 93 18.41 18.51 49.91
CA ALA M 93 19.20 18.94 51.06
C ALA M 93 19.25 17.85 52.13
N LEU M 94 18.11 17.22 52.40
CA LEU M 94 18.06 16.12 53.35
C LEU M 94 18.92 14.96 52.88
N LYS M 95 18.89 14.67 51.58
CA LYS M 95 19.72 13.61 51.03
C LYS M 95 21.20 13.90 51.25
N THR M 96 21.62 15.14 50.99
CA THR M 96 23.01 15.50 51.22
C THR M 96 23.38 15.39 52.68
N PHE M 97 22.47 15.79 53.57
CA PHE M 97 22.73 15.71 55.00
C PHE M 97 22.96 14.26 55.45
N VAL M 98 22.04 13.36 55.06
CA VAL M 98 22.17 11.97 55.48
C VAL M 98 23.37 11.31 54.81
N LYS M 99 23.68 11.71 53.57
CA LYS M 99 24.86 11.18 52.90
C LYS M 99 26.14 11.59 53.62
N ASP M 100 26.20 12.85 54.07
CA ASP M 100 27.37 13.31 54.81
C ASP M 100 27.49 12.59 56.16
N ARG M 101 26.36 12.38 56.85
CA ARG M 101 26.42 11.78 58.17
C ARG M 101 26.64 10.28 58.12
N LYS M 102 26.17 9.60 57.06
CA LYS M 102 26.26 8.16 57.01
C LYS M 102 26.36 7.69 55.56
N GLU M 103 26.81 6.45 55.39
CA GLU M 103 27.00 5.85 54.08
C GLU M 103 25.71 5.13 53.67
N ILE M 104 24.98 5.71 52.73
CA ILE M 104 23.74 5.12 52.24
C ILE M 104 23.80 5.07 50.71
N PRO M 105 23.38 3.98 50.07
CA PRO M 105 23.44 3.92 48.61
C PRO M 105 22.62 5.03 47.96
N LEU M 106 23.12 5.52 46.83
CA LEU M 106 22.49 6.65 46.16
C LEU M 106 21.12 6.31 45.58
N ALA M 107 20.79 5.01 45.48
CA ALA M 107 19.50 4.64 44.91
C ALA M 107 18.34 5.11 45.77
N LYS M 108 18.48 5.03 47.09
CA LYS M 108 17.39 5.39 47.98
C LYS M 108 17.10 6.88 47.93
N ASP M 109 15.83 7.22 48.08
CA ASP M 109 15.37 8.60 48.16
C ASP M 109 14.97 8.93 49.59
N PHE M 110 14.66 10.22 49.82
CA PHE M 110 14.26 10.66 51.14
C PHE M 110 13.26 11.79 51.01
N TYR M 111 12.39 11.94 52.01
CA TYR M 111 11.31 12.90 51.97
C TYR M 111 11.16 13.61 53.30
N VAL M 112 10.52 14.78 53.26
CA VAL M 112 10.35 15.65 54.43
C VAL M 112 8.89 15.72 54.78
N ALA M 113 8.60 15.86 56.08
CA ALA M 113 7.23 15.93 56.56
C ALA M 113 7.12 17.06 57.59
N PHE M 114 5.90 17.60 57.71
CA PHE M 114 5.60 18.67 58.66
C PHE M 114 4.32 18.34 59.39
N GLN M 115 4.28 18.63 60.70
CA GLN M 115 3.16 18.27 61.54
C GLN M 115 2.39 19.46 62.11
N ASP M 116 3.05 20.33 62.85
CA ASP M 116 2.36 21.25 63.75
C ASP M 116 2.02 22.57 63.09
N LEU M 117 1.09 22.53 62.13
CA LEU M 117 0.55 23.76 61.57
C LEU M 117 -0.39 24.40 62.58
N PRO M 118 -0.30 25.72 62.78
CA PRO M 118 -1.17 26.40 63.76
C PRO M 118 -2.54 26.79 63.23
N THR M 119 -2.86 26.49 61.97
CA THR M 119 -4.12 26.89 61.38
C THR M 119 -4.80 25.70 60.72
N ARG M 120 -6.11 25.82 60.55
CA ARG M 120 -6.93 24.81 59.90
C ARG M 120 -7.78 25.47 58.84
N HIS M 121 -8.11 24.69 57.80
CA HIS M 121 -8.98 25.15 56.74
C HIS M 121 -10.05 24.10 56.47
N LYS M 122 -11.29 24.57 56.33
CA LYS M 122 -12.38 23.67 56.02
C LYS M 122 -12.27 23.18 54.58
N ILE M 123 -12.92 22.05 54.30
CA ILE M 123 -12.84 21.44 52.98
C ILE M 123 -13.40 22.38 51.92
N ARG M 124 -14.53 23.03 52.20
CA ARG M 124 -15.12 23.94 51.23
C ARG M 124 -14.31 25.22 51.08
N GLU M 125 -13.46 25.53 52.07
CA GLU M 125 -12.62 26.73 51.97
C GLU M 125 -11.47 26.54 51.00
N LEU M 126 -11.18 25.30 50.61
CA LEU M 126 -10.14 25.04 49.61
C LEU M 126 -10.57 25.62 48.27
N THR M 127 -9.76 26.53 47.72
CA THR M 127 -10.07 27.18 46.46
C THR M 127 -8.87 27.09 45.53
N SER M 128 -9.03 27.64 44.32
CA SER M 128 -7.97 27.58 43.33
C SER M 128 -6.79 28.44 43.72
N SER M 129 -6.98 29.42 44.60
CA SER M 129 -5.88 30.27 45.02
C SER M 129 -4.89 29.51 45.90
N ARG M 130 -5.33 28.42 46.52
CA ARG M 130 -4.45 27.68 47.42
C ARG M 130 -3.69 26.55 46.73
N ILE M 131 -3.81 26.43 45.41
CA ILE M 131 -3.15 25.33 44.71
C ILE M 131 -1.65 25.50 44.82
N GLY M 132 -0.98 24.47 45.34
CA GLY M 132 0.47 24.47 45.45
C GLY M 132 1.02 24.84 46.80
N LEU M 133 0.22 25.41 47.70
CA LEU M 133 0.68 25.79 49.02
C LEU M 133 0.43 24.65 50.01
N LEU M 134 0.84 24.85 51.25
CA LEU M 134 0.71 23.85 52.30
C LEU M 134 -0.54 24.11 53.11
N THR M 135 -1.44 23.13 53.15
CA THR M 135 -2.70 23.26 53.86
C THR M 135 -2.87 22.10 54.81
N ARG M 136 -3.84 22.25 55.73
CA ARG M 136 -4.21 21.22 56.69
C ARG M 136 -5.73 21.21 56.83
N ILE M 137 -6.34 20.05 56.67
CA ILE M 137 -7.79 19.92 56.73
C ILE M 137 -8.15 18.73 57.63
N SER M 138 -9.45 18.56 57.86
CA SER M 138 -9.98 17.46 58.64
C SER M 138 -11.01 16.70 57.82
N GLY M 139 -11.12 15.40 58.07
CA GLY M 139 -12.05 14.59 57.30
C GLY M 139 -12.26 13.22 57.92
N GLN M 140 -13.10 12.43 57.26
CA GLN M 140 -13.43 11.08 57.68
C GLN M 140 -13.17 10.11 56.53
N VAL M 141 -12.40 9.06 56.81
CA VAL M 141 -12.00 8.08 55.79
C VAL M 141 -13.19 7.19 55.45
N VAL M 142 -13.31 6.84 54.18
CA VAL M 142 -14.45 6.04 53.73
C VAL M 142 -13.98 4.78 53.01
N ARG M 143 -12.81 4.84 52.38
CA ARG M 143 -12.33 3.74 51.56
C ARG M 143 -10.82 3.84 51.38
N THR M 144 -10.17 2.67 51.30
CA THR M 144 -8.72 2.61 51.09
C THR M 144 -8.45 1.57 50.00
N HIS M 145 -7.60 1.92 49.04
CA HIS M 145 -7.25 1.03 47.95
C HIS M 145 -5.95 0.31 48.27
N PRO M 146 -5.64 -0.79 47.55
CA PRO M 146 -4.39 -1.51 47.81
C PRO M 146 -3.16 -0.73 47.38
N VAL M 147 -2.00 -1.23 47.80
CA VAL M 147 -0.74 -0.54 47.58
C VAL M 147 -0.12 -1.00 46.27
N HIS M 148 0.50 -0.07 45.54
CA HIS M 148 1.14 -0.41 44.28
C HIS M 148 2.42 0.38 44.11
N PRO M 149 3.38 -0.13 43.35
CA PRO M 149 4.51 0.70 42.92
C PRO M 149 4.11 1.66 41.81
N GLU M 150 4.88 2.73 41.68
CA GLU M 150 4.62 3.78 40.72
C GLU M 150 5.93 4.32 40.18
N LEU M 151 5.87 4.89 38.97
CA LEU M 151 7.02 5.50 38.32
C LEU M 151 7.19 6.93 38.82
N VAL M 152 8.44 7.36 38.95
CA VAL M 152 8.76 8.75 39.21
C VAL M 152 9.52 9.38 38.05
N SER M 153 10.69 8.84 37.73
CA SER M 153 11.47 9.31 36.59
C SER M 153 11.80 8.10 35.72
N GLY M 154 11.42 8.17 34.45
CA GLY M 154 11.57 7.04 33.55
C GLY M 154 12.79 7.14 32.67
N THR M 155 13.10 6.03 32.01
CA THR M 155 14.14 5.96 30.98
C THR M 155 13.55 5.30 29.74
N PHE M 156 13.76 5.92 28.60
CA PHE M 156 13.14 5.48 27.35
C PHE M 156 14.20 5.26 26.28
N LEU M 157 13.88 4.36 25.36
CA LEU M 157 14.71 4.08 24.20
C LEU M 157 13.92 4.37 22.92
N CYS M 158 14.53 5.16 22.04
CA CYS M 158 13.91 5.54 20.77
C CYS M 158 13.94 4.34 19.83
N LEU M 159 12.81 4.07 19.18
CA LEU M 159 12.71 2.89 18.33
C LEU M 159 13.26 3.11 16.93
N ASP M 160 13.56 4.35 16.54
CA ASP M 160 14.10 4.60 15.21
C ASP M 160 15.63 4.68 15.22
N CYS M 161 16.18 5.59 16.01
CA CYS M 161 17.62 5.82 16.02
C CYS M 161 18.33 5.18 17.21
N GLN M 162 17.61 4.41 18.03
CA GLN M 162 18.19 3.65 19.15
C GLN M 162 18.86 4.53 20.19
N THR M 163 18.48 5.80 20.30
CA THR M 163 19.05 6.68 21.31
C THR M 163 18.38 6.45 22.65
N VAL M 164 19.16 6.58 23.72
CA VAL M 164 18.68 6.40 25.08
C VAL M 164 18.39 7.77 25.67
N ILE M 165 17.18 7.95 26.19
CA ILE M 165 16.76 9.17 26.87
C ILE M 165 16.48 8.84 28.32
N ARG M 166 17.17 9.51 29.23
CA ARG M 166 17.07 9.21 30.65
C ARG M 166 16.47 10.37 31.42
N ASP M 167 15.89 10.04 32.57
CA ASP M 167 15.42 11.02 33.54
C ASP M 167 14.31 11.91 32.98
N VAL M 168 13.24 11.28 32.52
CA VAL M 168 12.04 12.01 32.11
C VAL M 168 11.07 12.00 33.27
N GLU M 169 10.63 13.18 33.67
CA GLU M 169 9.76 13.31 34.84
C GLU M 169 8.32 12.95 34.47
N GLN M 170 7.68 12.16 35.32
CA GLN M 170 6.35 11.66 34.99
C GLN M 170 5.24 12.55 35.53
N GLN M 171 5.50 13.30 36.59
CA GLN M 171 4.47 14.10 37.26
C GLN M 171 3.30 13.22 37.68
N PHE M 172 2.14 13.41 37.05
CA PHE M 172 0.93 12.70 37.45
C PHE M 172 0.27 11.97 36.27
N LYS M 173 1.05 11.63 35.25
CA LYS M 173 0.53 10.90 34.09
C LYS M 173 1.69 10.17 33.44
N TYR M 174 1.36 9.17 32.62
CA TYR M 174 2.39 8.46 31.88
C TYR M 174 2.89 9.32 30.73
N THR M 175 3.98 10.06 30.95
CA THR M 175 4.48 11.02 29.98
C THR M 175 5.72 10.46 29.30
N GLN M 176 5.67 10.39 27.97
CA GLN M 176 6.83 10.03 27.15
C GLN M 176 7.74 11.24 26.97
N PRO M 177 8.98 11.03 26.51
CA PRO M 177 9.83 12.17 26.18
C PRO M 177 9.17 13.07 25.13
N ASN M 178 9.36 14.37 25.29
CA ASN M 178 8.72 15.32 24.39
C ASN M 178 9.20 15.14 22.96
N ILE M 179 10.51 14.97 22.77
CA ILE M 179 11.09 14.78 21.45
C ILE M 179 12.42 14.06 21.62
N CYS M 180 12.77 13.26 20.61
CA CYS M 180 14.06 12.57 20.61
C CYS M 180 15.19 13.59 20.64
N ARG M 181 16.17 13.36 21.50
CA ARG M 181 17.23 14.35 21.71
C ARG M 181 18.17 14.44 20.52
N ASN M 182 18.08 13.51 19.57
CA ASN M 182 18.85 13.62 18.34
C ASN M 182 18.21 14.68 17.44
N PRO M 183 18.94 15.73 17.06
CA PRO M 183 18.31 16.79 16.24
C PRO M 183 17.75 16.30 14.92
N VAL M 184 18.39 15.32 14.29
CA VAL M 184 17.93 14.85 12.99
C VAL M 184 16.77 13.87 13.11
N CYS M 185 16.70 13.11 14.20
CA CYS M 185 15.65 12.10 14.34
C CYS M 185 14.28 12.74 14.47
N ALA M 186 14.07 13.53 15.53
CA ALA M 186 12.80 14.19 15.80
C ALA M 186 11.66 13.18 15.87
N ASN M 187 11.79 12.22 16.79
CA ASN M 187 10.77 11.21 17.00
C ASN M 187 9.99 11.52 18.28
N ARG M 188 8.67 11.45 18.20
CA ARG M 188 7.82 11.80 19.33
C ARG M 188 6.69 10.79 19.58
N ARG M 189 6.73 9.62 18.95
CA ARG M 189 5.59 8.70 19.03
C ARG M 189 5.96 7.25 19.29
N ARG M 190 7.22 6.84 19.14
CA ARG M 190 7.62 5.44 19.27
C ARG M 190 8.77 5.35 20.26
N PHE M 191 8.51 4.77 21.44
CA PHE M 191 9.53 4.59 22.46
C PHE M 191 9.29 3.29 23.21
N LEU M 192 10.36 2.74 23.76
CA LEU M 192 10.30 1.60 24.66
C LEU M 192 10.72 2.03 26.06
N LEU M 193 10.17 1.34 27.07
CA LEU M 193 10.46 1.65 28.46
C LEU M 193 11.31 0.54 29.06
N ASP M 194 12.47 0.89 29.59
CA ASP M 194 13.35 -0.06 30.26
C ASP M 194 13.09 0.04 31.76
N THR M 195 12.28 -0.89 32.27
CA THR M 195 11.86 -0.80 33.67
C THR M 195 13.01 -0.98 34.63
N ASN M 196 14.09 -1.63 34.19
CA ASN M 196 15.21 -1.91 35.09
C ASN M 196 15.91 -0.63 35.53
N LYS M 197 16.04 0.35 34.63
CA LYS M 197 16.76 1.57 34.99
C LYS M 197 15.85 2.59 35.67
N SER M 198 14.57 2.30 35.76
CA SER M 198 13.59 3.30 36.19
C SER M 198 13.66 3.53 37.69
N ARG M 199 12.82 4.45 38.15
CA ARG M 199 12.76 4.88 39.55
C ARG M 199 11.32 4.76 40.04
N PHE M 200 11.14 4.12 41.20
CA PHE M 200 9.81 3.80 41.70
C PHE M 200 9.54 4.46 43.06
N VAL M 201 8.26 4.43 43.44
CA VAL M 201 7.81 4.86 44.75
C VAL M 201 6.49 4.17 45.05
N ASP M 202 6.23 3.90 46.33
CA ASP M 202 5.00 3.26 46.74
C ASP M 202 3.83 4.22 46.60
N PHE M 203 2.63 3.67 46.52
CA PHE M 203 1.44 4.45 46.17
C PHE M 203 0.20 3.80 46.75
N GLN M 204 -0.70 4.64 47.28
CA GLN M 204 -1.99 4.18 47.78
C GLN M 204 -3.01 5.31 47.66
N LYS M 205 -4.25 4.94 47.40
CA LYS M 205 -5.34 5.89 47.25
C LYS M 205 -6.36 5.72 48.37
N VAL M 206 -6.91 6.84 48.84
CA VAL M 206 -7.87 6.84 49.94
C VAL M 206 -8.95 7.85 49.60
N ARG M 207 -10.16 7.62 50.10
CA ARG M 207 -11.26 8.57 49.97
C ARG M 207 -11.61 9.15 51.34
N ILE M 208 -11.85 10.45 51.40
CA ILE M 208 -12.24 11.10 52.64
C ILE M 208 -13.53 11.89 52.39
N GLN M 209 -14.21 12.20 53.49
CA GLN M 209 -15.51 12.87 53.45
C GLN M 209 -15.52 14.01 54.46
N GLU M 210 -16.27 15.06 54.14
CA GLU M 210 -16.44 16.18 55.05
C GLU M 210 -17.31 15.78 56.23
N THR M 211 -16.95 16.23 57.42
CA THR M 211 -17.67 15.85 58.63
C THR M 211 -19.00 16.58 58.74
N GLN M 212 -19.85 16.09 59.65
CA GLN M 212 -21.18 16.66 59.80
C GLN M 212 -21.14 18.07 60.37
N ALA M 213 -20.20 18.36 61.28
CA ALA M 213 -20.16 19.67 61.92
C ALA M 213 -19.84 20.78 60.94
N GLU M 214 -19.27 20.44 59.78
CA GLU M 214 -18.92 21.47 58.80
C GLU M 214 -20.00 21.65 57.75
N LEU M 215 -21.11 20.92 57.87
CA LEU M 215 -22.15 21.00 56.84
C LEU M 215 -22.91 22.32 56.96
N PRO M 216 -23.12 23.04 55.85
CA PRO M 216 -24.05 24.17 55.86
C PRO M 216 -25.50 23.70 55.74
N ARG M 217 -26.42 24.64 55.55
CA ARG M 217 -27.83 24.31 55.48
C ARG M 217 -28.13 23.50 54.23
N GLY M 218 -28.81 22.36 54.42
CA GLY M 218 -29.30 21.57 53.31
C GLY M 218 -28.25 21.12 52.32
N SER M 219 -27.09 20.68 52.79
CA SER M 219 -25.99 20.33 51.91
C SER M 219 -25.47 18.94 52.24
N ILE M 220 -25.18 18.17 51.19
CA ILE M 220 -24.59 16.83 51.29
C ILE M 220 -23.08 16.97 51.54
N PRO M 221 -22.48 16.12 52.37
CA PRO M 221 -21.04 16.25 52.63
C PRO M 221 -20.19 16.09 51.38
N ARG M 222 -19.11 16.87 51.33
CA ARG M 222 -18.21 16.85 50.19
C ARG M 222 -17.22 15.69 50.30
N SER M 223 -16.90 15.08 49.17
CA SER M 223 -16.00 13.93 49.10
C SER M 223 -14.74 14.34 48.37
N LEU M 224 -13.60 13.85 48.86
CA LEU M 224 -12.30 14.22 48.30
C LEU M 224 -11.42 12.98 48.23
N GLU M 225 -10.45 13.01 47.32
CA GLU M 225 -9.50 11.92 47.14
C GLU M 225 -8.14 12.32 47.69
N VAL M 226 -7.55 11.44 48.50
CA VAL M 226 -6.26 11.67 49.12
C VAL M 226 -5.30 10.58 48.64
N ILE M 227 -4.04 10.97 48.44
CA ILE M 227 -3.03 10.08 47.87
C ILE M 227 -1.88 9.98 48.86
N LEU M 228 -1.46 8.76 49.17
CA LEU M 228 -0.37 8.51 50.09
C LEU M 228 0.80 7.88 49.34
N ARG M 229 2.00 8.38 49.62
CA ARG M 229 3.22 7.90 48.98
C ARG M 229 4.19 7.39 50.03
N ALA M 230 4.77 6.22 49.77
CA ALA M 230 5.84 5.64 50.57
C ALA M 230 5.36 5.44 52.01
N GLU M 231 6.09 5.91 53.02
CA GLU M 231 5.84 5.48 54.40
C GLU M 231 4.46 5.85 54.90
N ALA M 232 3.90 6.96 54.43
CA ALA M 232 2.59 7.40 54.92
C ALA M 232 1.48 6.51 54.41
N VAL M 233 1.79 5.58 53.51
CA VAL M 233 0.82 4.69 52.90
C VAL M 233 0.15 3.81 53.96
N GLU M 234 0.90 3.43 54.98
CA GLU M 234 0.42 2.44 55.95
C GLU M 234 -0.86 2.90 56.65
N SER M 235 -0.89 4.14 57.10
CA SER M 235 -1.91 4.58 58.05
C SER M 235 -3.21 4.91 57.33
N ALA M 236 -4.14 5.53 58.07
CA ALA M 236 -5.43 6.00 57.55
C ALA M 236 -6.29 4.84 57.05
N GLN M 237 -6.69 3.99 57.99
CA GLN M 237 -7.60 2.90 57.68
C GLN M 237 -9.03 3.41 57.55
N ALA M 238 -9.90 2.55 57.03
CA ALA M 238 -11.28 2.94 56.76
C ALA M 238 -12.05 3.15 58.06
N GLY M 239 -12.95 4.13 58.04
CA GLY M 239 -13.76 4.46 59.19
C GLY M 239 -13.15 5.43 60.16
N ASP M 240 -11.91 5.85 59.94
CA ASP M 240 -11.24 6.76 60.87
C ASP M 240 -11.76 8.19 60.69
N LYS M 241 -11.34 9.06 61.61
CA LYS M 241 -11.71 10.47 61.61
C LYS M 241 -10.42 11.25 61.87
N CYS M 242 -9.77 11.71 60.80
CA CYS M 242 -8.37 12.13 60.88
C CYS M 242 -8.15 13.50 60.25
N ASP M 243 -7.05 14.12 60.65
CA ASP M 243 -6.58 15.36 60.08
C ASP M 243 -5.44 15.08 59.11
N PHE M 244 -5.47 15.76 57.97
CA PHE M 244 -4.46 15.63 56.94
C PHE M 244 -3.72 16.95 56.78
N THR M 245 -2.44 16.86 56.45
CA THR M 245 -1.62 18.03 56.14
C THR M 245 -0.80 17.72 54.90
N GLY M 246 -0.93 18.57 53.87
CA GLY M 246 -0.27 18.33 52.61
C GLY M 246 -0.49 19.45 51.63
N THR M 247 -0.69 19.07 50.37
CA THR M 247 -0.87 20.01 49.28
C THR M 247 -2.16 19.74 48.54
N LEU M 248 -2.60 20.74 47.77
CA LEU M 248 -3.76 20.62 46.89
C LEU M 248 -3.26 20.76 45.45
N ILE M 249 -3.49 19.72 44.65
CA ILE M 249 -2.84 19.59 43.35
C ILE M 249 -3.88 19.26 42.28
N VAL M 250 -3.60 19.72 41.07
CA VAL M 250 -4.51 19.60 39.93
C VAL M 250 -4.06 18.43 39.07
N VAL M 251 -4.99 17.54 38.73
CA VAL M 251 -4.72 16.37 37.90
C VAL M 251 -5.69 16.37 36.72
N PRO M 252 -5.23 16.04 35.51
CA PRO M 252 -6.13 16.06 34.35
C PRO M 252 -7.19 14.97 34.41
N ASP M 253 -8.30 15.24 33.70
CA ASP M 253 -9.41 14.31 33.56
C ASP M 253 -9.77 14.18 32.09
N VAL M 254 -10.58 13.16 31.77
CA VAL M 254 -10.83 12.82 30.38
C VAL M 254 -12.23 13.21 29.95
N SER M 255 -13.25 12.62 30.57
CA SER M 255 -14.63 12.74 30.10
C SER M 255 -15.40 13.86 30.78
N LYS M 256 -14.73 14.93 31.22
CA LYS M 256 -15.42 16.02 31.88
C LYS M 256 -16.20 16.88 30.89
N LEU M 257 -15.64 17.14 29.72
CA LEU M 257 -16.18 18.11 28.77
C LEU M 257 -16.99 17.39 27.70
N SER M 258 -18.32 17.40 27.86
CA SER M 258 -19.20 17.01 26.78
C SER M 258 -19.35 18.11 25.74
N THR M 259 -18.99 19.35 26.10
CA THR M 259 -18.98 20.52 25.23
C THR M 259 -17.55 21.02 25.06
N PRO M 260 -17.21 21.60 23.90
CA PRO M 260 -15.84 22.08 23.71
C PRO M 260 -15.49 23.17 24.71
N GLY M 261 -14.24 23.15 25.15
CA GLY M 261 -13.77 24.14 26.11
C GLY M 261 -12.36 24.63 25.81
N ALA M 262 -11.64 25.04 26.85
CA ALA M 262 -10.28 25.52 26.67
C ALA M 262 -9.39 24.38 26.18
N ARG M 263 -8.46 24.71 25.29
CA ARG M 263 -7.61 23.69 24.69
C ARG M 263 -6.28 24.32 24.30
N ALA M 264 -5.30 23.46 24.04
CA ALA M 264 -3.95 23.87 23.70
C ALA M 264 -3.70 23.73 22.20
N GLU M 265 -2.62 24.37 21.74
CA GLU M 265 -2.23 24.34 20.33
C GLU M 265 -0.78 24.79 20.24
N THR M 266 -0.25 24.78 19.02
CA THR M 266 1.12 25.19 18.79
C THR M 266 1.19 26.60 18.22
N ASN M 267 2.28 27.29 18.53
CA ASN M 267 2.47 28.67 18.08
C ASN M 267 3.00 28.76 16.67
N SER M 268 3.46 27.65 16.08
CA SER M 268 4.02 27.69 14.74
C SER M 268 2.94 28.02 13.72
N ARG M 269 3.26 28.94 12.81
CA ARG M 269 2.31 29.40 11.80
C ARG M 269 2.39 28.50 10.55
N VAL M 270 1.81 27.32 10.69
CA VAL M 270 1.89 26.28 9.68
C VAL M 270 0.53 26.07 9.04
N SER M 271 0.51 26.01 7.71
CA SER M 271 -0.71 25.79 6.95
C SER M 271 -0.58 24.51 6.14
N GLY M 272 -1.71 24.02 5.66
CA GLY M 272 -1.73 22.80 4.88
C GLY M 272 -1.40 23.01 3.42
N VAL M 273 -1.27 21.90 2.71
CA VAL M 273 -0.99 21.89 1.28
C VAL M 273 -2.02 20.99 0.61
N ASP M 274 -2.28 21.27 -0.68
CA ASP M 274 -3.28 20.52 -1.42
C ASP M 274 -3.04 19.02 -1.34
N GLY M 275 -4.09 18.28 -0.99
CA GLY M 275 -4.00 16.88 -0.72
C GLY M 275 -3.69 16.53 0.72
N TYR M 276 -3.17 17.48 1.49
CA TYR M 276 -2.91 17.32 2.92
C TYR M 276 -3.50 18.50 3.69
N GLU M 277 -4.66 18.99 3.26
CA GLU M 277 -5.28 20.13 3.91
C GLU M 277 -5.63 19.81 5.36
N THR M 278 -5.44 20.79 6.24
CA THR M 278 -5.69 20.60 7.66
C THR M 278 -7.20 20.63 7.91
N GLU M 279 -7.84 19.49 7.62
CA GLU M 279 -9.23 19.29 7.93
C GLU M 279 -9.39 18.97 9.41
N GLY M 280 -10.52 18.39 9.78
CA GLY M 280 -10.80 18.12 11.18
C GLY M 280 -9.78 17.25 11.89
N ILE M 281 -9.78 15.95 11.60
CA ILE M 281 -8.96 15.02 12.36
C ILE M 281 -7.48 15.24 12.09
N ARG M 282 -7.11 15.33 10.81
CA ARG M 282 -5.70 15.49 10.46
C ARG M 282 -5.18 16.84 10.91
N GLY M 283 -5.99 17.90 10.78
CA GLY M 283 -5.56 19.20 11.25
C GLY M 283 -5.39 19.26 12.76
N LEU M 284 -6.31 18.62 13.49
CA LEU M 284 -6.19 18.59 14.94
C LEU M 284 -4.96 17.80 15.37
N ARG M 285 -4.67 16.70 14.68
CA ARG M 285 -3.50 15.90 15.04
C ARG M 285 -2.21 16.60 14.66
N ALA M 286 -2.22 17.40 13.60
CA ALA M 286 -0.99 18.07 13.15
C ALA M 286 -0.60 19.20 14.09
N LEU M 287 -1.58 19.94 14.60
CA LEU M 287 -1.31 21.07 15.48
C LEU M 287 -1.20 20.66 16.94
N GLY M 288 -1.33 19.37 17.25
CA GLY M 288 -1.17 18.88 18.60
C GLY M 288 -2.19 19.44 19.58
N VAL M 289 -3.46 19.45 19.19
CA VAL M 289 -4.50 20.03 20.03
C VAL M 289 -4.87 19.06 21.13
N ARG M 290 -4.81 19.53 22.38
CA ARG M 290 -5.22 18.75 23.54
C ARG M 290 -6.25 19.53 24.32
N ASP M 291 -7.23 18.81 24.87
CA ASP M 291 -8.29 19.42 25.66
C ASP M 291 -7.79 19.65 27.08
N LEU M 292 -7.99 20.86 27.59
CA LEU M 292 -7.56 21.22 28.94
C LEU M 292 -8.69 20.92 29.92
N SER M 293 -8.68 19.71 30.49
CA SER M 293 -9.60 19.32 31.53
C SER M 293 -8.81 18.95 32.77
N TYR M 294 -9.38 19.23 33.95
CA TYR M 294 -8.65 19.09 35.20
C TYR M 294 -9.59 18.69 36.32
N ARG M 295 -9.00 18.17 37.40
CA ARG M 295 -9.70 17.85 38.63
C ARG M 295 -8.78 18.10 39.82
N LEU M 296 -9.39 18.27 40.99
CA LEU M 296 -8.66 18.60 42.20
C LEU M 296 -8.37 17.35 43.02
N VAL M 297 -7.11 17.17 43.40
CA VAL M 297 -6.66 16.00 44.15
C VAL M 297 -5.75 16.48 45.27
N PHE M 298 -5.88 15.86 46.43
CA PHE M 298 -5.09 16.20 47.60
C PHE M 298 -3.99 15.16 47.80
N LEU M 299 -2.74 15.62 47.92
CA LEU M 299 -1.63 14.76 48.30
C LEU M 299 -1.30 15.00 49.76
N ALA M 300 -1.23 13.93 50.53
CA ALA M 300 -1.00 14.04 51.97
C ALA M 300 0.43 13.65 52.29
N CYS M 301 1.07 14.46 53.14
CA CYS M 301 2.36 14.13 53.70
C CYS M 301 2.32 13.87 55.19
N CYS M 302 1.29 14.30 55.90
CA CYS M 302 1.13 13.98 57.31
C CYS M 302 -0.33 13.63 57.59
N VAL M 303 -0.54 12.50 58.25
CA VAL M 303 -1.88 12.05 58.66
C VAL M 303 -1.85 11.81 60.16
N ALA M 304 -2.81 12.41 60.86
CA ALA M 304 -2.87 12.27 62.30
C ALA M 304 -4.29 12.00 62.75
N PRO M 305 -4.47 11.32 63.89
CA PRO M 305 -5.82 11.21 64.46
C PRO M 305 -6.29 12.55 65.00
N THR M 306 -7.58 12.84 64.79
CA THR M 306 -8.14 14.09 65.28
C THR M 306 -8.10 14.16 66.79
N ASN M 307 -8.42 13.06 67.47
CA ASN M 307 -8.32 12.98 68.92
C ASN M 307 -7.77 11.62 69.33
N PRO M 308 -6.55 11.58 69.89
CA PRO M 308 -5.87 10.34 70.28
C PRO M 308 -6.30 9.81 71.65
N THR M 321 -1.24 -7.02 73.62
CA THR M 321 -0.45 -5.83 73.37
C THR M 321 -0.69 -4.77 74.45
N ALA M 322 -0.92 -5.22 75.68
CA ALA M 322 -1.16 -4.29 76.78
C ALA M 322 0.09 -3.48 77.09
N GLU M 323 1.27 -4.07 76.88
CA GLU M 323 2.51 -3.35 77.14
C GLU M 323 2.64 -2.13 76.24
N SER M 324 2.24 -2.25 74.98
CA SER M 324 2.29 -1.11 74.06
C SER M 324 1.40 0.02 74.54
N ILE M 325 0.18 -0.31 74.96
CA ILE M 325 -0.75 0.71 75.46
C ILE M 325 -0.19 1.37 76.71
N LYS M 326 0.39 0.57 77.61
CA LYS M 326 1.00 1.12 78.82
C LYS M 326 2.15 2.06 78.48
N ASN M 327 2.97 1.68 77.49
CA ASN M 327 4.10 2.52 77.12
C ASN M 327 3.65 3.82 76.45
N GLN M 328 2.56 3.76 75.68
CA GLN M 328 2.08 4.96 75.00
C GLN M 328 1.66 6.03 76.01
N MET M 329 0.99 5.62 77.08
CA MET M 329 0.48 6.58 78.06
C MET M 329 1.62 7.25 78.81
N THR M 330 1.44 8.52 79.13
CA THR M 330 2.42 9.27 79.89
C THR M 330 2.30 8.94 81.38
N VAL M 331 3.17 9.57 82.17
CA VAL M 331 3.19 9.29 83.61
C VAL M 331 1.91 9.80 84.27
N LYS M 332 1.44 10.98 83.86
CA LYS M 332 0.20 11.51 84.43
C LYS M 332 -1.01 10.69 84.01
N GLU M 333 -1.05 10.26 82.74
CA GLU M 333 -2.14 9.41 82.29
C GLU M 333 -2.14 8.08 83.03
N TRP M 334 -0.96 7.50 83.25
CA TRP M 334 -0.87 6.26 84.00
C TRP M 334 -1.27 6.46 85.45
N GLU M 335 -0.94 7.63 86.03
CA GLU M 335 -1.38 7.95 87.37
C GLU M 335 -2.90 7.99 87.45
N LYS M 336 -3.53 8.65 86.48
CA LYS M 336 -5.00 8.70 86.44
C LYS M 336 -5.59 7.31 86.28
N VAL M 337 -4.99 6.49 85.43
CA VAL M 337 -5.50 5.14 85.19
C VAL M 337 -5.41 4.31 86.48
N PHE M 338 -4.29 4.43 87.19
CA PHE M 338 -4.13 3.68 88.43
C PHE M 338 -5.10 4.18 89.50
N GLU M 339 -5.34 5.50 89.55
CA GLU M 339 -6.31 6.04 90.49
C GLU M 339 -7.71 5.49 90.19
N MET M 340 -8.06 5.39 88.91
CA MET M 340 -9.34 4.80 88.55
C MET M 340 -9.40 3.32 88.91
N SER M 341 -8.26 2.62 88.78
CA SER M 341 -8.27 1.17 88.87
C SER M 341 -8.73 0.66 90.23
N GLN M 342 -8.28 1.30 91.31
CA GLN M 342 -8.49 0.76 92.65
C GLN M 342 -9.66 1.44 93.38
N ASP M 343 -10.72 1.79 92.65
CA ASP M 343 -11.91 2.40 93.25
C ASP M 343 -13.09 1.47 93.03
N LYS M 344 -13.78 1.13 94.12
CA LYS M 344 -15.02 0.36 93.99
C LYS M 344 -16.11 1.20 93.34
N ASN M 345 -16.14 2.50 93.67
CA ASN M 345 -17.10 3.42 93.07
C ASN M 345 -16.97 3.48 91.54
N LEU M 346 -15.93 2.86 90.99
CA LEU M 346 -15.85 2.72 89.53
C LEU M 346 -17.09 2.04 88.98
N TYR M 347 -17.65 1.09 89.72
CA TYR M 347 -18.89 0.47 89.27
C TYR M 347 -20.04 1.47 89.30
N HIS M 348 -20.07 2.32 90.33
CA HIS M 348 -21.15 3.30 90.45
C HIS M 348 -20.90 4.53 89.59
N ASN M 349 -19.71 5.13 89.72
CA ASN M 349 -19.46 6.42 89.07
C ASN M 349 -19.49 6.31 87.55
N LEU M 350 -19.07 5.18 86.98
CA LEU M 350 -19.17 5.02 85.54
C LEU M 350 -20.62 5.00 85.08
N CYS M 351 -21.53 4.51 85.93
CA CYS M 351 -22.94 4.54 85.59
C CYS M 351 -23.44 5.98 85.48
N THR M 352 -23.06 6.83 86.43
CA THR M 352 -23.53 8.21 86.42
C THR M 352 -22.80 9.06 85.40
N SER M 353 -21.52 8.76 85.15
CA SER M 353 -20.74 9.60 84.24
C SER M 353 -21.27 9.52 82.81
N LEU M 354 -21.53 8.32 82.30
CA LEU M 354 -21.95 8.18 80.92
C LEU M 354 -23.39 8.61 80.72
N PHE M 355 -24.22 8.53 81.76
CA PHE M 355 -25.64 8.87 81.67
C PHE M 355 -26.01 9.81 82.81
N PRO M 356 -25.63 11.09 82.69
CA PRO M 356 -25.95 12.02 83.79
C PRO M 356 -27.40 12.45 83.82
N THR M 357 -28.02 12.62 82.64
CA THR M 357 -29.35 13.20 82.57
C THR M 357 -30.47 12.20 82.75
N ILE M 358 -30.28 10.95 82.33
CA ILE M 358 -31.34 9.95 82.41
C ILE M 358 -31.58 9.60 83.87
N HIS M 359 -32.84 9.61 84.28
CA HIS M 359 -33.20 9.30 85.66
C HIS M 359 -33.54 7.82 85.81
N GLY M 360 -33.00 7.22 86.86
CA GLY M 360 -33.26 5.82 87.13
C GLY M 360 -32.66 4.89 86.09
N ASN M 361 -33.26 3.71 85.97
CA ASN M 361 -32.84 2.68 85.01
C ASN M 361 -31.36 2.32 85.17
N ASP M 362 -30.92 2.16 86.42
CA ASP M 362 -29.52 1.82 86.66
C ASP M 362 -29.18 0.42 86.18
N GLU M 363 -30.17 -0.46 86.11
CA GLU M 363 -29.94 -1.81 85.60
C GLU M 363 -29.47 -1.77 84.15
N VAL M 364 -30.13 -0.93 83.34
CA VAL M 364 -29.73 -0.80 81.95
C VAL M 364 -28.33 -0.23 81.82
N LYS M 365 -27.99 0.75 82.66
CA LYS M 365 -26.65 1.31 82.64
C LYS M 365 -25.60 0.26 82.96
N ARG M 366 -25.85 -0.56 83.99
CA ARG M 366 -24.91 -1.62 84.34
C ARG M 366 -24.78 -2.62 83.22
N GLY M 367 -25.90 -2.99 82.60
CA GLY M 367 -25.85 -3.93 81.48
C GLY M 367 -25.06 -3.39 80.31
N VAL M 368 -25.25 -2.11 79.99
CA VAL M 368 -24.53 -1.50 78.87
C VAL M 368 -23.04 -1.43 79.17
N LEU M 369 -22.67 -1.10 80.40
CA LEU M 369 -21.24 -1.09 80.75
C LEU M 369 -20.64 -2.48 80.64
N LEU M 370 -21.35 -3.51 81.12
CA LEU M 370 -20.85 -4.87 81.01
C LEU M 370 -20.68 -5.28 79.56
N MET M 371 -21.65 -4.90 78.71
CA MET M 371 -21.52 -5.20 77.29
C MET M 371 -20.34 -4.48 76.67
N LEU M 372 -20.09 -3.24 77.09
CA LEU M 372 -18.95 -2.49 76.57
C LEU M 372 -17.63 -3.16 76.94
N PHE M 373 -17.49 -3.62 78.18
CA PHE M 373 -16.24 -4.24 78.58
C PHE M 373 -16.07 -5.61 77.92
N GLY M 374 -17.13 -6.41 77.87
CA GLY M 374 -17.12 -7.65 77.12
C GLY M 374 -16.37 -8.77 77.82
N GLY M 375 -16.49 -9.97 77.25
CA GLY M 375 -15.86 -11.16 77.77
C GLY M 375 -14.62 -11.56 76.99
N VAL M 376 -14.24 -12.82 77.15
CA VAL M 376 -13.03 -13.36 76.57
C VAL M 376 -13.42 -14.44 75.56
N PRO M 377 -12.97 -14.36 74.31
CA PRO M 377 -13.25 -15.43 73.34
C PRO M 377 -12.26 -16.58 73.46
N LYS M 378 -12.77 -17.78 73.19
CA LYS M 378 -11.97 -19.00 73.30
C LYS M 378 -12.28 -19.92 72.13
N THR M 379 -11.37 -20.85 71.87
CA THR M 379 -11.54 -21.87 70.85
C THR M 379 -11.24 -23.24 71.45
N THR M 380 -11.92 -24.26 70.94
CA THR M 380 -11.79 -25.62 71.44
C THR M 380 -10.92 -26.45 70.52
N GLY M 381 -10.62 -27.67 70.97
CA GLY M 381 -9.75 -28.55 70.21
C GLY M 381 -10.40 -29.22 69.02
N GLU M 382 -11.74 -29.23 68.97
CA GLU M 382 -12.45 -29.87 67.87
C GLU M 382 -12.62 -28.96 66.66
N GLY M 383 -12.13 -27.73 66.74
CA GLY M 383 -12.32 -26.77 65.67
C GLY M 383 -13.47 -25.81 65.87
N THR M 384 -14.24 -25.96 66.95
CA THR M 384 -15.33 -25.05 67.23
C THR M 384 -14.82 -23.78 67.92
N SER M 385 -15.66 -22.75 67.92
CA SER M 385 -15.35 -21.48 68.55
C SER M 385 -16.49 -21.09 69.49
N LEU M 386 -16.15 -20.33 70.51
CA LEU M 386 -17.09 -19.91 71.54
C LEU M 386 -17.16 -18.39 71.56
N ARG M 387 -18.37 -17.86 71.70
CA ARG M 387 -18.57 -16.41 71.68
C ARG M 387 -17.92 -15.75 72.89
N GLY M 388 -17.41 -14.55 72.67
CA GLY M 388 -16.85 -13.75 73.75
C GLY M 388 -17.52 -12.41 73.89
N ASP M 389 -18.48 -12.13 73.02
CA ASP M 389 -19.18 -10.85 73.01
C ASP M 389 -20.53 -10.98 73.71
N ILE M 390 -21.12 -9.82 74.02
CA ILE M 390 -22.40 -9.74 74.71
C ILE M 390 -23.35 -8.87 73.89
N ASN M 391 -24.60 -9.30 73.79
CA ASN M 391 -25.63 -8.58 73.05
C ASN M 391 -26.77 -8.21 73.99
N VAL M 392 -27.32 -7.00 73.82
CA VAL M 392 -28.30 -6.44 74.74
C VAL M 392 -29.50 -5.94 73.95
N CYS M 393 -30.70 -6.20 74.47
CA CYS M 393 -31.93 -5.70 73.87
C CYS M 393 -32.75 -4.96 74.91
N ILE M 394 -33.40 -3.87 74.49
CA ILE M 394 -34.24 -3.06 75.37
C ILE M 394 -35.63 -2.95 74.73
N VAL M 395 -36.66 -3.32 75.50
CA VAL M 395 -38.05 -3.19 75.08
C VAL M 395 -38.77 -2.39 76.16
N GLY M 396 -39.53 -1.38 75.74
CA GLY M 396 -40.16 -0.51 76.71
C GLY M 396 -41.32 0.26 76.13
N ASP M 397 -42.09 0.87 77.03
CA ASP M 397 -43.20 1.73 76.65
C ASP M 397 -42.67 3.05 76.09
N PRO M 398 -43.51 3.80 75.36
CA PRO M 398 -43.04 5.04 74.74
C PRO M 398 -42.54 6.04 75.78
N SER M 399 -41.54 6.82 75.37
CA SER M 399 -40.92 7.91 76.12
C SER M 399 -40.14 7.44 77.34
N THR M 400 -39.75 6.16 77.41
CA THR M 400 -38.94 5.72 78.53
C THR M 400 -37.46 5.79 78.20
N ALA M 401 -37.01 6.94 77.69
CA ALA M 401 -35.62 7.23 77.37
C ALA M 401 -34.92 6.10 76.63
N LYS M 402 -35.65 5.38 75.77
CA LYS M 402 -35.12 4.16 75.19
C LYS M 402 -34.02 4.44 74.15
N SER M 403 -34.16 5.52 73.40
CA SER M 403 -33.15 5.87 72.41
C SER M 403 -31.99 6.68 72.99
N GLN M 404 -32.15 7.21 74.21
CA GLN M 404 -31.09 7.96 74.85
C GLN M 404 -29.87 7.09 75.13
N PHE M 405 -30.09 5.85 75.56
CA PHE M 405 -28.97 4.94 75.77
C PHE M 405 -28.21 4.70 74.48
N LEU M 406 -28.95 4.47 73.38
CA LEU M 406 -28.30 4.25 72.09
C LEU M 406 -27.47 5.46 71.69
N LYS M 407 -28.05 6.66 71.84
CA LYS M 407 -27.33 7.87 71.47
C LYS M 407 -26.10 8.09 72.34
N HIS M 408 -26.21 7.84 73.65
CA HIS M 408 -25.06 8.02 74.53
C HIS M 408 -23.94 7.04 74.20
N VAL M 409 -24.29 5.78 73.91
CA VAL M 409 -23.25 4.83 73.53
C VAL M 409 -22.62 5.21 72.21
N GLU M 410 -23.42 5.71 71.27
CA GLU M 410 -22.86 6.18 70.00
C GLU M 410 -21.87 7.33 70.22
N GLU M 411 -22.23 8.28 71.09
CA GLU M 411 -21.33 9.40 71.37
C GLU M 411 -20.04 8.93 72.04
N PHE M 412 -20.17 8.05 73.05
CA PHE M 412 -19.01 7.67 73.83
C PHE M 412 -18.04 6.81 73.04
N SER M 413 -18.53 5.80 72.35
CA SER M 413 -17.66 4.84 71.69
C SER M 413 -16.93 5.50 70.52
N PRO M 414 -15.67 5.14 70.29
CA PRO M 414 -14.95 5.71 69.14
C PRO M 414 -15.33 5.04 67.83
N ARG M 415 -15.64 3.75 67.89
CA ARG M 415 -16.02 2.96 66.72
C ARG M 415 -17.41 2.37 66.97
N ALA M 416 -18.44 3.14 66.63
CA ALA M 416 -19.82 2.69 66.79
C ALA M 416 -20.65 3.26 65.66
N VAL M 417 -21.61 2.48 65.19
CA VAL M 417 -22.51 2.87 64.12
C VAL M 417 -23.95 2.72 64.61
N TYR M 418 -24.73 3.78 64.44
CA TYR M 418 -26.12 3.81 64.83
C TYR M 418 -26.99 3.75 63.57
N THR M 419 -27.92 2.80 63.53
CA THR M 419 -28.76 2.60 62.36
C THR M 419 -30.21 2.36 62.78
N SER M 420 -31.13 2.89 61.98
CA SER M 420 -32.55 2.64 62.15
C SER M 420 -32.96 1.43 61.32
N GLY M 421 -34.14 0.89 61.62
CA GLY M 421 -34.53 -0.38 61.02
C GLY M 421 -34.67 -0.32 59.52
N LYS M 422 -35.36 0.70 59.00
CA LYS M 422 -35.68 0.72 57.58
C LYS M 422 -34.67 1.53 56.77
N ALA M 423 -33.84 2.34 57.43
CA ALA M 423 -32.92 3.21 56.72
C ALA M 423 -31.76 2.44 56.09
N SER M 424 -31.30 1.39 56.74
CA SER M 424 -30.12 0.66 56.31
C SER M 424 -30.53 -0.50 55.41
N SER M 425 -29.85 -0.64 54.27
CA SER M 425 -30.13 -1.71 53.33
C SER M 425 -29.23 -2.91 53.61
N ALA M 426 -29.48 -4.00 52.88
CA ALA M 426 -28.69 -5.22 53.05
C ALA M 426 -27.24 -4.98 52.65
N ALA M 427 -27.03 -4.27 51.54
CA ALA M 427 -25.66 -3.93 51.13
C ALA M 427 -25.07 -2.85 52.01
N GLY M 428 -25.91 -2.07 52.69
CA GLY M 428 -25.40 -1.10 53.65
C GLY M 428 -24.68 -1.78 54.80
N LEU M 429 -25.22 -2.89 55.26
CA LEU M 429 -24.51 -3.77 56.19
C LEU M 429 -23.61 -4.70 55.38
N THR M 430 -23.00 -5.67 56.07
CA THR M 430 -22.14 -6.69 55.43
C THR M 430 -21.06 -5.97 54.63
N ALA M 431 -20.97 -6.17 53.32
CA ALA M 431 -19.92 -5.56 52.52
C ALA M 431 -20.33 -5.52 51.06
N ALA M 432 -19.58 -4.75 50.28
CA ALA M 432 -19.74 -4.68 48.83
C ALA M 432 -18.37 -4.82 48.18
N VAL M 433 -18.37 -5.22 46.91
CA VAL M 433 -17.14 -5.44 46.16
C VAL M 433 -17.17 -4.57 44.91
N VAL M 434 -16.10 -3.79 44.69
CA VAL M 434 -15.98 -2.98 43.49
C VAL M 434 -14.59 -3.18 42.90
N ARG M 435 -14.41 -2.71 41.67
CA ARG M 435 -13.18 -2.95 40.91
C ARG M 435 -12.16 -1.84 41.17
N ASP M 436 -10.89 -2.22 41.15
CA ASP M 436 -9.82 -1.24 41.31
C ASP M 436 -9.74 -0.33 40.09
N GLU M 437 -9.35 0.92 40.34
CA GLU M 437 -9.29 1.91 39.26
C GLU M 437 -8.12 1.65 38.32
N GLU M 438 -6.95 1.30 38.88
CA GLU M 438 -5.75 1.13 38.07
C GLU M 438 -5.47 -0.34 37.76
N SER M 439 -5.29 -1.16 38.79
CA SER M 439 -4.83 -2.52 38.61
C SER M 439 -6.02 -3.44 38.30
N HIS M 440 -5.75 -4.74 38.24
CA HIS M 440 -6.79 -5.73 37.93
C HIS M 440 -7.49 -6.26 39.18
N GLU M 441 -7.02 -5.88 40.37
CA GLU M 441 -7.55 -6.44 41.60
C GLU M 441 -8.92 -5.85 41.92
N PHE M 442 -9.44 -6.20 43.09
CA PHE M 442 -10.74 -5.72 43.57
C PHE M 442 -10.59 -5.16 44.97
N VAL M 443 -11.50 -4.26 45.35
CA VAL M 443 -11.48 -3.65 46.66
C VAL M 443 -12.86 -3.80 47.29
N ILE M 444 -12.90 -3.74 48.62
CA ILE M 444 -14.08 -4.04 49.41
C ILE M 444 -14.54 -2.79 50.12
N GLU M 445 -15.82 -2.46 49.97
CA GLU M 445 -16.46 -1.38 50.70
C GLU M 445 -17.11 -1.96 51.95
N ALA M 446 -16.69 -1.47 53.11
CA ALA M 446 -17.10 -2.01 54.40
C ALA M 446 -18.49 -1.50 54.76
N GLY M 447 -19.30 -2.36 55.36
CA GLY M 447 -20.61 -1.99 55.83
C GLY M 447 -20.59 -1.51 57.27
N ALA M 448 -21.79 -1.42 57.85
CA ALA M 448 -21.90 -0.97 59.23
C ALA M 448 -21.27 -1.96 60.20
N LEU M 449 -21.47 -3.25 59.97
CA LEU M 449 -20.91 -4.26 60.86
C LEU M 449 -19.40 -4.31 60.78
N MET M 450 -18.83 -4.10 59.59
CA MET M 450 -17.38 -4.15 59.45
C MET M 450 -16.71 -2.92 60.04
N LEU M 451 -17.33 -1.75 59.89
CA LEU M 451 -16.77 -0.55 60.51
C LEU M 451 -16.85 -0.63 62.03
N ALA M 452 -17.87 -1.29 62.56
CA ALA M 452 -18.02 -1.48 64.00
C ALA M 452 -17.33 -2.75 64.48
N ASP M 453 -16.37 -3.27 63.74
CA ASP M 453 -15.69 -4.50 64.13
C ASP M 453 -14.99 -4.32 65.47
N ASN M 454 -15.19 -5.29 66.37
CA ASN M 454 -14.68 -5.22 67.74
C ASN M 454 -15.16 -3.96 68.46
N GLY M 455 -16.40 -3.56 68.19
CA GLY M 455 -17.01 -2.40 68.79
C GLY M 455 -18.45 -2.69 69.17
N VAL M 456 -19.28 -1.66 69.05
CA VAL M 456 -20.70 -1.74 69.38
C VAL M 456 -21.51 -1.20 68.21
N CYS M 457 -22.52 -1.95 67.81
CA CYS M 457 -23.46 -1.53 66.78
C CYS M 457 -24.82 -1.30 67.40
N CYS M 458 -25.37 -0.11 67.20
CA CYS M 458 -26.64 0.30 67.78
C CYS M 458 -27.72 0.23 66.70
N ILE M 459 -28.79 -0.50 66.98
CA ILE M 459 -29.91 -0.63 66.06
C ILE M 459 -31.17 -0.18 66.78
N ASP M 460 -31.76 0.92 66.31
CA ASP M 460 -33.01 1.43 66.84
C ASP M 460 -34.16 0.99 65.94
N GLU M 461 -35.33 0.80 66.55
CA GLU M 461 -36.49 0.23 65.85
C GLU M 461 -36.13 -1.12 65.23
N PHE M 462 -35.73 -2.05 66.11
CA PHE M 462 -35.25 -3.35 65.64
C PHE M 462 -36.33 -4.16 64.95
N ASP M 463 -37.61 -3.87 65.25
CA ASP M 463 -38.70 -4.63 64.65
C ASP M 463 -38.92 -4.26 63.20
N LYS M 464 -38.50 -3.07 62.79
CA LYS M 464 -38.79 -2.60 61.44
C LYS M 464 -37.90 -3.25 60.39
N MET M 465 -36.81 -3.90 60.82
CA MET M 465 -35.90 -4.52 59.88
C MET M 465 -36.58 -5.66 59.14
N ASP M 466 -36.20 -5.84 57.87
CA ASP M 466 -36.74 -6.93 57.08
C ASP M 466 -36.30 -8.27 57.65
N VAL M 467 -37.15 -9.29 57.47
CA VAL M 467 -36.87 -10.60 58.02
C VAL M 467 -35.58 -11.18 57.44
N ARG M 468 -35.32 -10.91 56.16
CA ARG M 468 -34.09 -11.39 55.55
C ARG M 468 -32.87 -10.61 56.03
N ASP M 469 -33.04 -9.31 56.29
CA ASP M 469 -31.98 -8.57 56.97
C ASP M 469 -31.75 -9.10 58.37
N GLN M 470 -32.81 -9.50 59.07
CA GLN M 470 -32.63 -10.14 60.36
C GLN M 470 -31.91 -11.47 60.22
N VAL M 471 -32.15 -12.20 59.13
CA VAL M 471 -31.43 -13.44 58.87
C VAL M 471 -29.94 -13.17 58.70
N ALA M 472 -29.61 -12.12 57.93
CA ALA M 472 -28.21 -11.75 57.76
C ALA M 472 -27.58 -11.34 59.09
N ILE M 473 -28.33 -10.60 59.90
CA ILE M 473 -27.83 -10.19 61.22
C ILE M 473 -27.58 -11.41 62.10
N HIS M 474 -28.49 -12.39 62.06
CA HIS M 474 -28.29 -13.60 62.85
C HIS M 474 -27.09 -14.39 62.36
N GLU M 475 -26.88 -14.43 61.04
CA GLU M 475 -25.69 -15.08 60.51
C GLU M 475 -24.42 -14.42 61.03
N ALA M 476 -24.40 -13.08 61.03
CA ALA M 476 -23.24 -12.37 61.56
C ALA M 476 -23.09 -12.57 63.07
N MET M 477 -24.20 -12.73 63.78
CA MET M 477 -24.13 -12.96 65.23
C MET M 477 -23.62 -14.34 65.56
N GLU M 478 -24.00 -15.35 64.78
CA GLU M 478 -23.60 -16.73 65.07
C GLU M 478 -22.19 -17.02 64.55
N GLN M 479 -22.01 -16.94 63.23
CA GLN M 479 -20.72 -17.30 62.66
C GLN M 479 -19.65 -16.25 62.89
N GLN M 480 -20.04 -15.00 63.17
CA GLN M 480 -19.11 -13.88 63.31
C GLN M 480 -18.23 -13.73 62.08
N THR M 481 -18.76 -14.07 60.91
CA THR M 481 -18.02 -14.03 59.66
C THR M 481 -18.98 -13.69 58.53
N ILE M 482 -18.53 -12.80 57.63
CA ILE M 482 -19.28 -12.43 56.45
C ILE M 482 -18.58 -13.04 55.24
N SER M 483 -19.35 -13.80 54.45
CA SER M 483 -18.84 -14.46 53.26
C SER M 483 -19.37 -13.76 52.03
N ILE M 484 -18.48 -13.43 51.10
CA ILE M 484 -18.83 -12.72 49.88
C ILE M 484 -18.38 -13.56 48.69
N THR M 485 -19.30 -13.81 47.75
CA THR M 485 -18.97 -14.47 46.49
C THR M 485 -19.64 -13.66 45.38
N LYS M 486 -18.95 -12.64 44.90
CA LYS M 486 -19.53 -11.74 43.91
C LYS M 486 -18.43 -11.16 43.03
N ALA M 487 -18.77 -10.94 41.76
CA ALA M 487 -17.90 -10.26 40.81
C ALA M 487 -16.53 -10.92 40.72
N GLY M 488 -16.51 -12.25 40.73
CA GLY M 488 -15.28 -12.99 40.63
C GLY M 488 -14.43 -12.99 41.88
N VAL M 489 -14.96 -12.51 43.00
CA VAL M 489 -14.23 -12.47 44.26
C VAL M 489 -14.93 -13.33 45.29
N LYS M 490 -14.18 -14.23 45.91
CA LYS M 490 -14.64 -14.99 47.07
C LYS M 490 -13.78 -14.58 48.26
N ALA M 491 -14.43 -14.17 49.34
CA ALA M 491 -13.71 -13.65 50.49
C ALA M 491 -14.49 -13.92 51.76
N THR M 492 -13.77 -13.96 52.88
CA THR M 492 -14.36 -14.11 54.21
C THR M 492 -13.78 -13.03 55.12
N LEU M 493 -14.64 -12.31 55.81
CA LEU M 493 -14.25 -11.18 56.63
C LEU M 493 -14.78 -11.37 58.05
N ASN M 494 -14.06 -10.82 59.02
CA ASN M 494 -14.39 -10.98 60.43
C ASN M 494 -15.27 -9.84 60.92
N ALA M 495 -16.37 -10.20 61.59
CA ALA M 495 -17.29 -9.24 62.17
C ALA M 495 -17.53 -9.65 63.63
N ARG M 496 -16.67 -9.18 64.52
CA ARG M 496 -16.78 -9.47 65.94
C ARG M 496 -17.50 -8.35 66.67
N THR M 497 -18.74 -8.09 66.30
CA THR M 497 -19.46 -6.94 66.85
C THR M 497 -20.30 -7.35 68.06
N SER M 498 -20.57 -6.36 68.91
CA SER M 498 -21.55 -6.48 69.98
C SER M 498 -22.75 -5.60 69.67
N ILE M 499 -23.94 -6.18 69.75
CA ILE M 499 -25.15 -5.54 69.25
C ILE M 499 -25.98 -5.02 70.41
N LEU M 500 -26.34 -3.74 70.35
CA LEU M 500 -27.31 -3.14 71.24
C LEU M 500 -28.53 -2.76 70.41
N ALA M 501 -29.70 -3.29 70.80
CA ALA M 501 -30.89 -3.12 69.98
C ALA M 501 -32.05 -2.62 70.84
N ALA M 502 -32.89 -1.80 70.22
CA ALA M 502 -34.10 -1.28 70.85
C ALA M 502 -35.32 -1.72 70.04
N ALA M 503 -36.33 -2.22 70.74
CA ALA M 503 -37.54 -2.71 70.08
C ALA M 503 -38.77 -2.24 70.84
N ASN M 504 -39.89 -2.15 70.12
CA ASN M 504 -41.16 -1.73 70.70
C ASN M 504 -42.09 -2.92 70.87
N PRO M 505 -43.00 -2.86 71.85
CA PRO M 505 -44.02 -3.90 71.96
C PRO M 505 -44.94 -3.91 70.75
N ILE M 506 -45.59 -5.05 70.51
CA ILE M 506 -46.44 -5.17 69.34
C ILE M 506 -47.59 -4.17 69.38
N SER M 507 -48.22 -4.04 70.54
CA SER M 507 -49.36 -3.14 70.71
C SER M 507 -48.94 -1.72 71.06
N GLY M 508 -47.65 -1.43 71.16
CA GLY M 508 -47.18 -0.15 71.60
C GLY M 508 -47.02 -0.02 73.10
N HIS M 509 -47.48 -1.01 73.86
CA HIS M 509 -47.32 -1.04 75.30
C HIS M 509 -47.07 -2.49 75.72
N TYR M 510 -46.35 -2.66 76.83
CA TYR M 510 -46.04 -4.01 77.31
C TYR M 510 -47.26 -4.59 78.01
N ASP M 511 -47.62 -5.82 77.64
CA ASP M 511 -48.74 -6.53 78.25
C ASP M 511 -48.20 -7.34 79.43
N ARG M 512 -48.64 -6.98 80.64
CA ARG M 512 -48.11 -7.63 81.83
C ARG M 512 -48.60 -9.06 81.98
N SER M 513 -49.65 -9.45 81.27
CA SER M 513 -50.27 -10.76 81.44
C SER M 513 -49.74 -11.81 80.47
N LYS M 514 -48.76 -11.47 79.65
CA LYS M 514 -48.24 -12.38 78.64
C LYS M 514 -46.73 -12.48 78.76
N SER M 515 -46.19 -13.59 78.25
CA SER M 515 -44.75 -13.79 78.27
C SER M 515 -44.06 -12.90 77.23
N LEU M 516 -42.73 -12.86 77.32
CA LEU M 516 -41.96 -12.00 76.42
C LEU M 516 -42.09 -12.45 74.98
N LYS M 517 -42.17 -13.76 74.74
CA LYS M 517 -42.25 -14.27 73.38
C LYS M 517 -43.54 -13.86 72.70
N GLN M 518 -44.59 -13.57 73.47
CA GLN M 518 -45.86 -13.15 72.91
C GLN M 518 -46.01 -11.64 72.80
N ASN M 519 -44.99 -10.88 73.21
CA ASN M 519 -45.03 -9.42 73.16
C ASN M 519 -44.17 -8.82 72.07
N ILE M 520 -43.27 -9.59 71.47
CA ILE M 520 -42.34 -9.09 70.47
C ILE M 520 -42.43 -9.95 69.22
N ASN M 521 -42.36 -9.31 68.05
CA ASN M 521 -42.33 -10.02 66.78
C ASN M 521 -40.88 -10.19 66.32
N LEU M 522 -40.21 -11.15 66.95
CA LEU M 522 -38.84 -11.50 66.61
C LEU M 522 -38.75 -13.01 66.47
N SER M 523 -37.89 -13.46 65.54
CA SER M 523 -37.74 -14.90 65.32
C SER M 523 -37.05 -15.56 66.50
N ALA M 524 -37.36 -16.83 66.72
CA ALA M 524 -36.80 -17.58 67.84
C ALA M 524 -35.27 -17.63 67.87
N PRO M 525 -34.57 -17.88 66.76
CA PRO M 525 -33.10 -17.96 66.86
C PRO M 525 -32.45 -16.67 67.35
N ILE M 526 -32.79 -15.54 66.75
CA ILE M 526 -32.19 -14.28 67.18
C ILE M 526 -32.63 -13.94 68.59
N MET M 527 -33.85 -14.33 68.97
CA MET M 527 -34.29 -14.13 70.35
C MET M 527 -33.40 -14.90 71.32
N SER M 528 -33.05 -16.14 70.97
CA SER M 528 -32.20 -16.93 71.85
C SER M 528 -30.76 -16.43 71.84
N ARG M 529 -30.32 -15.78 70.76
CA ARG M 529 -28.93 -15.33 70.69
C ARG M 529 -28.65 -14.18 71.63
N PHE M 530 -29.66 -13.37 71.97
CA PHE M 530 -29.44 -12.21 72.82
C PHE M 530 -29.11 -12.63 74.24
N ASP M 531 -28.07 -12.02 74.81
CA ASP M 531 -27.67 -12.35 76.18
C ASP M 531 -28.64 -11.79 77.21
N LEU M 532 -29.03 -10.53 77.05
CA LEU M 532 -29.86 -9.85 78.04
C LEU M 532 -31.01 -9.11 77.38
N PHE M 533 -32.19 -9.26 77.97
CA PHE M 533 -33.37 -8.50 77.62
C PHE M 533 -33.78 -7.64 78.80
N PHE M 534 -34.02 -6.35 78.55
CA PHE M 534 -34.47 -5.43 79.57
C PHE M 534 -35.86 -4.92 79.19
N ILE M 535 -36.74 -4.81 80.18
CA ILE M 535 -38.12 -4.40 79.97
C ILE M 535 -38.39 -3.17 80.81
N LEU M 536 -38.91 -2.12 80.18
CA LEU M 536 -39.22 -0.86 80.84
C LEU M 536 -40.71 -0.60 80.78
N VAL M 537 -41.30 -0.32 81.93
CA VAL M 537 -42.73 0.00 82.03
C VAL M 537 -42.88 1.29 82.81
N ASP M 538 -43.74 2.18 82.30
CA ASP M 538 -43.94 3.50 82.88
C ASP M 538 -45.00 3.45 83.97
N GLU M 539 -44.65 3.90 85.17
CA GLU M 539 -45.62 4.05 86.24
C GLU M 539 -46.47 5.29 86.00
N CYS M 540 -47.73 5.24 86.45
CA CYS M 540 -48.69 6.26 86.04
C CYS M 540 -48.50 7.56 86.81
N ASN M 541 -48.70 7.53 88.14
CA ASN M 541 -48.72 8.75 88.93
C ASN M 541 -47.87 8.66 90.18
N GLU M 542 -46.73 7.96 90.12
CA GLU M 542 -45.85 7.89 91.26
C GLU M 542 -45.13 9.23 91.46
N VAL M 543 -44.48 9.36 92.62
CA VAL M 543 -43.75 10.59 92.93
C VAL M 543 -42.60 10.82 91.97
N THR M 544 -42.21 9.78 91.22
CA THR M 544 -41.11 9.92 90.27
C THR M 544 -41.42 10.97 89.21
N ASP M 545 -42.71 11.20 88.93
CA ASP M 545 -43.09 12.25 87.99
C ASP M 545 -42.51 13.59 88.42
N TYR M 546 -42.51 13.85 89.74
CA TYR M 546 -41.80 15.02 90.26
C TYR M 546 -40.31 14.87 90.02
N ALA M 547 -39.74 13.74 90.45
CA ALA M 547 -38.29 13.56 90.39
C ALA M 547 -37.77 13.65 88.97
N ILE M 548 -38.55 13.16 88.00
CA ILE M 548 -38.19 13.33 86.60
C ILE M 548 -38.18 14.81 86.23
N ALA M 549 -39.27 15.51 86.56
CA ALA M 549 -39.43 16.88 86.10
C ALA M 549 -38.30 17.77 86.61
N ARG M 550 -37.95 17.61 87.90
CA ARG M 550 -36.88 18.40 88.49
C ARG M 550 -35.62 18.31 87.66
N ARG M 551 -35.33 17.13 87.10
CA ARG M 551 -34.14 17.00 86.27
C ARG M 551 -34.32 17.70 84.93
N ILE M 552 -35.46 17.52 84.28
CA ILE M 552 -35.62 17.99 82.89
C ILE M 552 -35.47 19.51 82.84
N VAL M 553 -36.19 20.21 83.72
CA VAL M 553 -36.05 21.66 83.77
C VAL M 553 -34.64 22.05 84.16
N ASP M 554 -34.00 21.25 85.03
CA ASP M 554 -32.62 21.51 85.39
C ASP M 554 -31.72 21.52 84.17
N LEU M 555 -32.06 20.73 83.15
CA LEU M 555 -31.30 20.76 81.91
C LEU M 555 -31.56 22.05 81.13
N HIS M 556 -32.82 22.50 81.10
CA HIS M 556 -33.15 23.71 80.35
C HIS M 556 -32.72 24.98 81.09
N SER M 557 -32.90 24.99 82.41
CA SER M 557 -32.49 26.16 83.17
C SER M 557 -30.96 26.26 83.28
N ARG M 558 -30.29 25.12 83.41
CA ARG M 558 -28.84 25.06 83.47
C ARG M 558 -28.35 24.25 82.27
N ILE M 559 -27.84 24.96 81.25
CA ILE M 559 -27.45 24.31 80.00
C ILE M 559 -26.31 23.33 80.23
N GLU M 560 -25.29 23.76 80.97
CA GLU M 560 -24.10 22.94 81.19
C GLU M 560 -23.67 22.81 82.63
N GLU M 561 -24.26 23.57 83.56
CA GLU M 561 -23.82 23.55 84.95
C GLU M 561 -24.54 22.50 85.79
N SER M 562 -25.47 21.74 85.22
CA SER M 562 -26.22 20.74 85.96
C SER M 562 -25.64 19.34 85.81
N ILE M 563 -24.34 19.21 85.60
CA ILE M 563 -23.68 17.93 85.38
C ILE M 563 -22.51 17.80 86.34
N ASP M 564 -22.40 16.64 86.98
CA ASP M 564 -21.39 16.36 88.01
C ASP M 564 -20.61 15.11 87.66
N ARG M 565 -20.13 15.03 86.42
CA ARG M 565 -19.38 13.87 85.97
C ARG M 565 -18.12 13.67 86.81
N VAL M 566 -17.79 12.41 87.07
CA VAL M 566 -16.59 12.08 87.86
C VAL M 566 -15.37 11.96 86.97
N TYR M 567 -15.50 11.28 85.83
CA TYR M 567 -14.40 11.07 84.90
C TYR M 567 -14.77 11.62 83.53
N SER M 568 -13.81 12.26 82.88
CA SER M 568 -14.02 12.70 81.51
C SER M 568 -14.08 11.51 80.57
N LEU M 569 -14.72 11.71 79.41
CA LEU M 569 -14.91 10.61 78.48
C LEU M 569 -13.59 10.08 77.94
N ASP M 570 -12.60 10.95 77.75
CA ASP M 570 -11.31 10.50 77.25
C ASP M 570 -10.62 9.57 78.25
N ASP M 571 -10.69 9.90 79.54
CA ASP M 571 -10.13 9.03 80.57
C ASP M 571 -10.82 7.68 80.56
N ILE M 572 -12.15 7.69 80.41
CA ILE M 572 -12.90 6.43 80.36
C ILE M 572 -12.49 5.60 79.15
N ARG M 573 -12.31 6.25 78.00
CA ARG M 573 -11.89 5.54 76.79
C ARG M 573 -10.51 4.91 76.98
N ARG M 574 -9.58 5.66 77.58
CA ARG M 574 -8.25 5.12 77.84
C ARG M 574 -8.32 3.92 78.78
N TYR M 575 -9.10 4.04 79.84
CA TYR M 575 -9.23 2.93 80.79
C TYR M 575 -9.87 1.72 80.13
N LEU M 576 -10.86 1.94 79.27
CA LEU M 576 -11.51 0.84 78.57
C LEU M 576 -10.54 0.14 77.62
N LEU M 577 -9.73 0.91 76.90
CA LEU M 577 -8.73 0.33 76.01
C LEU M 577 -7.74 -0.52 76.79
N PHE M 578 -7.31 -0.03 77.96
CA PHE M 578 -6.40 -0.82 78.78
C PHE M 578 -7.09 -2.06 79.32
N ALA M 579 -8.37 -1.96 79.69
CA ALA M 579 -9.05 -3.05 80.36
C ALA M 579 -9.40 -4.18 79.40
N ARG M 580 -9.65 -3.85 78.13
CA ARG M 580 -10.07 -4.89 77.18
C ARG M 580 -8.96 -5.87 76.85
N GLN M 581 -7.70 -5.58 77.22
CA GLN M 581 -6.59 -6.47 76.89
C GLN M 581 -6.56 -7.70 77.77
N PHE M 582 -7.11 -7.60 78.98
CA PHE M 582 -6.99 -8.69 79.95
C PHE M 582 -7.83 -9.90 79.53
N LYS M 583 -7.33 -11.09 79.87
CA LYS M 583 -8.03 -12.35 79.61
C LYS M 583 -8.01 -13.18 80.89
N PRO M 584 -8.87 -12.86 81.85
CA PRO M 584 -8.87 -13.59 83.12
C PRO M 584 -9.33 -15.03 82.96
N LYS M 585 -8.82 -15.89 83.83
CA LYS M 585 -9.19 -17.30 83.82
C LYS M 585 -10.31 -17.57 84.83
N ILE M 586 -10.74 -18.82 84.89
CA ILE M 586 -11.81 -19.24 85.77
C ILE M 586 -11.21 -20.04 86.93
N SER M 587 -11.42 -19.58 88.15
CA SER M 587 -10.84 -20.23 89.32
C SER M 587 -11.58 -21.52 89.64
N LYS M 588 -10.97 -22.33 90.52
CA LYS M 588 -11.50 -23.65 90.83
C LYS M 588 -12.81 -23.55 91.61
N GLU M 589 -12.82 -22.72 92.67
CA GLU M 589 -14.04 -22.56 93.45
C GLU M 589 -15.17 -21.97 92.62
N SER M 590 -14.82 -21.14 91.63
CA SER M 590 -15.83 -20.55 90.77
C SER M 590 -16.58 -21.61 89.99
N GLU M 591 -15.92 -22.72 89.64
CA GLU M 591 -16.60 -23.80 88.94
C GLU M 591 -17.78 -24.33 89.75
N ASP M 592 -17.53 -24.71 91.00
CA ASP M 592 -18.59 -25.25 91.83
C ASP M 592 -19.63 -24.19 92.16
N PHE M 593 -19.19 -22.94 92.39
CA PHE M 593 -20.15 -21.87 92.69
C PHE M 593 -21.10 -21.64 91.52
N ILE M 594 -20.55 -21.61 90.30
CA ILE M 594 -21.38 -21.44 89.11
C ILE M 594 -22.31 -22.62 88.92
N VAL M 595 -21.80 -23.83 89.17
CA VAL M 595 -22.64 -25.02 89.03
C VAL M 595 -23.84 -24.94 89.96
N GLU M 596 -23.60 -24.62 91.23
CA GLU M 596 -24.70 -24.57 92.20
C GLU M 596 -25.65 -23.41 91.91
N GLN M 597 -25.11 -22.26 91.46
CA GLN M 597 -25.99 -21.14 91.14
C GLN M 597 -26.86 -21.44 89.93
N TYR M 598 -26.32 -22.10 88.91
CA TYR M 598 -27.13 -22.51 87.78
C TYR M 598 -28.18 -23.53 88.20
N LYS M 599 -27.81 -24.43 89.12
CA LYS M 599 -28.77 -25.39 89.66
C LYS M 599 -29.94 -24.67 90.33
N HIS M 600 -29.63 -23.67 91.15
CA HIS M 600 -30.67 -22.90 91.82
C HIS M 600 -31.53 -22.14 90.81
N LEU M 601 -30.89 -21.56 89.79
CA LEU M 601 -31.63 -20.82 88.78
C LEU M 601 -32.60 -21.73 88.04
N ARG M 602 -32.15 -22.93 87.67
CA ARG M 602 -33.03 -23.87 87.01
C ARG M 602 -34.15 -24.33 87.93
N GLN M 603 -33.84 -24.55 89.21
CA GLN M 603 -34.88 -24.95 90.16
C GLN M 603 -35.92 -23.86 90.35
N ARG M 604 -35.54 -22.59 90.11
CA ARG M 604 -36.51 -21.51 90.16
C ARG M 604 -37.64 -21.71 89.15
N ASP M 605 -37.38 -22.47 88.08
CA ASP M 605 -38.39 -22.66 87.04
C ASP M 605 -39.48 -23.65 87.49
N GLY M 606 -39.37 -24.17 88.70
CA GLY M 606 -40.32 -25.17 89.18
C GLY M 606 -41.75 -24.65 89.24
N SER M 607 -42.67 -25.60 89.32
CA SER M 607 -44.09 -25.29 89.28
C SER M 607 -44.61 -24.65 90.57
N GLY M 608 -43.79 -24.57 91.61
CA GLY M 608 -44.24 -24.00 92.86
C GLY M 608 -44.43 -22.49 92.84
N VAL M 609 -43.99 -21.82 91.77
CA VAL M 609 -44.09 -20.37 91.66
C VAL M 609 -44.69 -20.04 90.30
N THR M 610 -45.15 -18.80 90.16
CA THR M 610 -45.82 -18.36 88.95
C THR M 610 -44.89 -18.43 87.75
N LYS M 611 -45.49 -18.32 86.56
CA LYS M 611 -44.73 -18.42 85.32
C LYS M 611 -43.81 -17.22 85.17
N SER M 612 -42.66 -17.45 84.54
CA SER M 612 -41.72 -16.38 84.24
C SER M 612 -41.72 -16.07 82.75
N SER M 613 -41.20 -14.89 82.41
CA SER M 613 -41.13 -14.49 81.01
C SER M 613 -40.19 -15.39 80.21
N TRP M 614 -39.06 -15.76 80.81
CA TRP M 614 -38.08 -16.62 80.16
C TRP M 614 -38.30 -18.07 80.55
N ARG M 615 -37.51 -18.94 79.93
CA ARG M 615 -37.28 -20.30 80.38
C ARG M 615 -35.79 -20.59 80.28
N ILE M 616 -35.23 -21.17 81.32
CA ILE M 616 -33.79 -21.20 81.52
C ILE M 616 -33.21 -22.47 80.90
N THR M 617 -32.19 -22.29 80.05
CA THR M 617 -31.48 -23.39 79.41
C THR M 617 -29.98 -23.20 79.63
N VAL M 618 -29.18 -23.99 78.91
CA VAL M 618 -27.72 -23.90 79.03
C VAL M 618 -27.22 -22.56 78.51
N ARG M 619 -27.96 -21.95 77.58
CA ARG M 619 -27.58 -20.62 77.10
C ARG M 619 -27.50 -19.62 78.24
N GLN M 620 -28.36 -19.74 79.24
CA GLN M 620 -28.27 -18.88 80.41
C GLN M 620 -26.98 -19.14 81.18
N LEU M 621 -26.54 -20.40 81.25
CA LEU M 621 -25.27 -20.70 81.90
C LEU M 621 -24.10 -20.04 81.17
N GLU M 622 -24.09 -20.14 79.84
CA GLU M 622 -23.03 -19.51 79.07
C GLU M 622 -23.08 -17.99 79.20
N SER M 623 -24.29 -17.41 79.25
CA SER M 623 -24.42 -15.99 79.48
C SER M 623 -23.87 -15.59 80.85
N MET M 624 -24.11 -16.42 81.87
CA MET M 624 -23.58 -16.13 83.19
C MET M 624 -22.05 -16.13 83.17
N ILE M 625 -21.45 -17.10 82.48
CA ILE M 625 -19.99 -17.14 82.37
C ILE M 625 -19.48 -15.89 81.66
N ARG M 626 -20.15 -15.49 80.57
CA ARG M 626 -19.72 -14.30 79.84
C ARG M 626 -19.82 -13.05 80.71
N LEU M 627 -20.90 -12.93 81.48
CA LEU M 627 -21.05 -11.77 82.35
C LEU M 627 -20.01 -11.76 83.45
N SER M 628 -19.65 -12.94 83.97
CA SER M 628 -18.57 -13.02 84.95
C SER M 628 -17.26 -12.56 84.36
N GLU M 629 -16.96 -12.98 83.13
CA GLU M 629 -15.74 -12.52 82.46
C GLU M 629 -15.78 -11.01 82.26
N ALA M 630 -16.95 -10.47 81.90
CA ALA M 630 -17.07 -9.03 81.70
C ALA M 630 -16.83 -8.27 83.00
N MET M 631 -17.36 -8.78 84.11
CA MET M 631 -17.12 -8.14 85.40
C MET M 631 -15.64 -8.17 85.76
N ALA M 632 -14.99 -9.31 85.52
CA ALA M 632 -13.56 -9.39 85.80
C ALA M 632 -12.76 -8.42 84.95
N ARG M 633 -13.14 -8.27 83.67
CA ARG M 633 -12.48 -7.31 82.80
C ARG M 633 -12.70 -5.89 83.30
N MET M 634 -13.91 -5.57 83.75
CA MET M 634 -14.21 -4.25 84.26
C MET M 634 -13.36 -3.93 85.48
N HIS M 635 -13.23 -4.90 86.39
CA HIS M 635 -12.50 -4.63 87.63
C HIS M 635 -11.01 -4.92 87.49
N CYS M 636 -10.57 -5.35 86.32
CA CYS M 636 -9.17 -5.60 85.98
C CYS M 636 -8.52 -6.68 86.83
N CYS M 637 -9.30 -7.49 87.55
CA CYS M 637 -8.75 -8.62 88.27
C CYS M 637 -8.31 -9.71 87.30
N ASP M 638 -7.37 -10.54 87.74
CA ASP M 638 -6.77 -11.54 86.88
C ASP M 638 -7.55 -12.85 86.83
N GLU M 639 -8.53 -13.04 87.69
CA GLU M 639 -9.31 -14.27 87.69
C GLU M 639 -10.77 -13.97 88.04
N VAL M 640 -11.66 -14.87 87.59
CA VAL M 640 -13.06 -14.75 87.96
C VAL M 640 -13.23 -15.24 89.38
N GLN M 641 -13.82 -14.40 90.22
CA GLN M 641 -13.99 -14.66 91.64
C GLN M 641 -15.47 -14.59 91.99
N PRO M 642 -15.88 -15.16 93.12
CA PRO M 642 -17.32 -15.28 93.41
C PRO M 642 -18.10 -13.98 93.41
N LYS M 643 -17.47 -12.83 93.66
CA LYS M 643 -18.20 -11.57 93.63
C LYS M 643 -18.81 -11.31 92.26
N HIS M 644 -18.01 -11.51 91.21
CA HIS M 644 -18.50 -11.31 89.85
C HIS M 644 -19.62 -12.30 89.52
N VAL M 645 -19.47 -13.55 89.98
CA VAL M 645 -20.50 -14.55 89.75
C VAL M 645 -21.81 -14.13 90.41
N LYS M 646 -21.72 -13.65 91.65
CA LYS M 646 -22.91 -13.20 92.37
C LYS M 646 -23.56 -12.02 91.66
N GLU M 647 -22.76 -11.08 91.18
CA GLU M 647 -23.31 -9.92 90.47
C GLU M 647 -24.01 -10.34 89.18
N ALA M 648 -23.40 -11.23 88.40
CA ALA M 648 -24.03 -11.70 87.18
C ALA M 648 -25.33 -12.43 87.47
N PHE M 649 -25.32 -13.26 88.53
CA PHE M 649 -26.51 -13.98 88.94
C PHE M 649 -27.63 -13.01 89.32
N ARG M 650 -27.27 -11.97 90.08
CA ARG M 650 -28.24 -10.96 90.49
C ARG M 650 -28.83 -10.25 89.28
N LEU M 651 -27.99 -9.81 88.35
CA LEU M 651 -28.48 -9.07 87.19
C LEU M 651 -29.36 -9.95 86.31
N LEU M 652 -28.93 -11.18 86.05
CA LEU M 652 -29.75 -12.07 85.23
C LEU M 652 -31.09 -12.36 85.88
N ASN M 653 -31.14 -12.49 87.22
CA ASN M 653 -32.42 -12.69 87.87
C ASN M 653 -33.29 -11.45 87.81
N LYS M 654 -32.69 -10.27 88.00
CA LYS M 654 -33.48 -9.05 87.98
C LYS M 654 -34.03 -8.77 86.58
N SER M 655 -33.34 -9.23 85.54
CA SER M 655 -33.85 -9.04 84.19
C SER M 655 -35.11 -9.87 83.95
N ILE M 656 -35.25 -11.00 84.65
CA ILE M 656 -36.40 -11.86 84.47
C ILE M 656 -37.60 -11.31 85.23
N ILE M 657 -38.73 -11.20 84.53
CA ILE M 657 -39.94 -10.64 85.10
C ILE M 657 -41.04 -11.69 85.08
N ARG M 658 -41.73 -11.83 86.21
CA ARG M 658 -42.78 -12.83 86.39
C ARG M 658 -44.10 -12.30 85.81
N VAL M 659 -44.87 -13.20 85.21
CA VAL M 659 -46.14 -12.83 84.63
C VAL M 659 -47.18 -12.62 85.72
N GLU M 660 -47.95 -11.54 85.59
CA GLU M 660 -48.99 -11.19 86.57
C GLU M 660 -50.34 -11.29 85.90
N THR M 661 -51.28 -11.98 86.56
CA THR M 661 -52.63 -12.15 86.03
C THR M 661 -53.58 -11.11 86.58
N PHE M 717 -54.48 -16.51 92.33
CA PHE M 717 -54.35 -17.43 91.21
C PHE M 717 -53.44 -18.61 91.56
N SER M 718 -52.39 -18.32 92.34
CA SER M 718 -51.45 -19.36 92.72
C SER M 718 -52.12 -20.40 93.62
N GLU M 719 -52.96 -19.94 94.56
CA GLU M 719 -53.62 -20.86 95.48
C GLU M 719 -54.55 -21.81 94.74
N TYR M 720 -55.29 -21.30 93.76
CA TYR M 720 -56.19 -22.14 92.97
C TYR M 720 -55.41 -23.23 92.24
N CYS M 721 -54.30 -22.84 91.61
CA CYS M 721 -53.48 -23.80 90.88
C CYS M 721 -52.90 -24.85 91.83
N ARG M 722 -52.44 -24.43 93.00
CA ARG M 722 -51.87 -25.38 93.96
C ARG M 722 -52.92 -26.37 94.43
N ILE M 723 -54.12 -25.90 94.73
CA ILE M 723 -55.20 -26.79 95.17
C ILE M 723 -55.55 -27.78 94.06
N SER M 724 -55.66 -27.28 92.83
CA SER M 724 -55.99 -28.15 91.71
C SER M 724 -54.91 -29.21 91.50
N ASN M 725 -53.65 -28.82 91.60
CA ASN M 725 -52.56 -29.78 91.43
C ASN M 725 -52.57 -30.83 92.53
N LEU M 726 -52.82 -30.42 93.77
CA LEU M 726 -52.90 -31.38 94.87
C LEU M 726 -54.04 -32.37 94.66
N ILE M 727 -55.20 -31.87 94.22
CA ILE M 727 -56.34 -32.75 93.97
C ILE M 727 -56.02 -33.73 92.84
N VAL M 728 -55.40 -33.25 91.77
CA VAL M 728 -55.04 -34.11 90.65
C VAL M 728 -54.05 -35.18 91.10
N LEU M 729 -53.06 -34.79 91.90
CA LEU M 729 -52.08 -35.74 92.41
C LEU M 729 -52.76 -36.83 93.23
N HIS M 730 -53.67 -36.43 94.13
CA HIS M 730 -54.35 -37.41 94.97
C HIS M 730 -55.19 -38.36 94.13
N LEU M 731 -55.98 -37.82 93.20
CA LEU M 731 -56.86 -38.67 92.39
C LEU M 731 -56.06 -39.63 91.52
N ARG M 732 -54.98 -39.14 90.92
CA ARG M 732 -54.18 -40.01 90.06
C ARG M 732 -53.41 -41.05 90.86
N LYS M 733 -52.96 -40.70 92.07
CA LYS M 733 -52.35 -41.70 92.94
C LYS M 733 -53.36 -42.78 93.31
N VAL M 734 -54.61 -42.38 93.59
CA VAL M 734 -55.65 -43.35 93.89
C VAL M 734 -55.88 -44.27 92.69
N GLU M 735 -55.95 -43.67 91.49
CA GLU M 735 -56.18 -44.46 90.28
C GLU M 735 -55.05 -45.44 90.03
N GLU M 736 -53.79 -44.99 90.16
CA GLU M 736 -52.65 -45.82 89.80
C GLU M 736 -52.36 -46.89 90.86
N GLU M 737 -52.57 -46.57 92.13
CA GLU M 737 -52.17 -47.51 93.18
C GLU M 737 -53.09 -48.71 93.27
N GLU M 738 -54.34 -48.57 92.85
CA GLU M 738 -55.33 -49.62 93.06
C GLU M 738 -56.06 -49.94 91.76
N ASP M 739 -56.27 -51.23 91.53
CA ASP M 739 -57.25 -51.71 90.56
C ASP M 739 -58.65 -51.81 91.16
N GLU M 740 -58.79 -51.49 92.44
CA GLU M 740 -60.06 -51.56 93.14
C GLU M 740 -60.88 -50.29 92.85
N SER M 741 -62.02 -50.15 93.54
CA SER M 741 -62.87 -49.00 93.34
C SER M 741 -62.20 -47.73 93.87
N ALA M 742 -62.69 -46.59 93.40
CA ALA M 742 -62.14 -45.29 93.74
C ALA M 742 -63.09 -44.53 94.65
N LEU M 743 -62.74 -43.28 94.95
CA LEU M 743 -63.49 -42.45 95.87
C LEU M 743 -64.42 -41.50 95.11
N LYS M 744 -65.17 -40.71 95.86
CA LYS M 744 -66.12 -39.76 95.32
C LYS M 744 -65.72 -38.33 95.72
N ARG M 745 -66.56 -37.38 95.33
CA ARG M 745 -66.28 -35.97 95.62
C ARG M 745 -66.28 -35.71 97.12
N SER M 746 -67.28 -36.24 97.83
CA SER M 746 -67.33 -36.05 99.27
C SER M 746 -66.13 -36.68 99.96
N GLU M 747 -65.69 -37.84 99.48
CA GLU M 747 -64.50 -38.48 100.03
C GLU M 747 -63.27 -37.61 99.81
N LEU M 748 -63.15 -37.00 98.62
CA LEU M 748 -62.03 -36.12 98.33
C LEU M 748 -62.04 -34.90 99.26
N VAL M 749 -63.21 -34.29 99.45
CA VAL M 749 -63.32 -33.13 100.32
C VAL M 749 -62.95 -33.51 101.75
N ASN M 750 -63.46 -34.64 102.23
CA ASN M 750 -63.16 -35.08 103.59
C ASN M 750 -61.67 -35.37 103.75
N TRP M 751 -61.04 -35.97 102.73
CA TRP M 751 -59.62 -36.25 102.80
C TRP M 751 -58.80 -34.97 102.87
N TYR M 752 -59.16 -33.98 102.05
CA TYR M 752 -58.42 -32.72 102.07
C TYR M 752 -58.59 -32.01 103.40
N LEU M 753 -59.82 -32.01 103.94
CA LEU M 753 -60.03 -31.40 105.25
C LEU M 753 -59.29 -32.13 106.35
N LYS M 754 -59.25 -33.47 106.30
CA LYS M 754 -58.50 -34.24 107.28
C LYS M 754 -57.02 -33.93 107.22
N GLU M 755 -56.49 -33.75 106.00
CA GLU M 755 -55.09 -33.36 105.87
C GLU M 755 -54.84 -31.96 106.39
N ILE M 756 -55.78 -31.03 106.18
CA ILE M 756 -55.61 -29.67 106.69
C ILE M 756 -55.78 -29.60 108.21
N GLU M 757 -56.48 -30.56 108.82
CA GLU M 757 -56.87 -30.52 110.23
C GLU M 757 -55.82 -29.91 111.15
N SER M 758 -54.54 -30.16 110.88
CA SER M 758 -53.46 -29.60 111.67
C SER M 758 -53.13 -28.16 111.30
N GLU M 759 -53.81 -27.57 110.32
CA GLU M 759 -53.50 -26.23 109.85
C GLU M 759 -54.59 -25.20 110.13
N ILE M 760 -55.80 -25.63 110.46
CA ILE M 760 -56.90 -24.73 110.81
C ILE M 760 -57.20 -24.89 112.29
N ASP M 761 -57.30 -23.75 113.00
CA ASP M 761 -57.46 -23.75 114.45
C ASP M 761 -58.89 -23.55 114.93
N SER M 762 -59.77 -23.03 114.07
CA SER M 762 -61.13 -22.68 114.50
C SER M 762 -62.13 -23.20 113.47
N GLU M 763 -63.40 -23.21 113.88
CA GLU M 763 -64.45 -23.72 113.01
C GLU M 763 -64.79 -22.75 111.89
N GLU M 764 -64.66 -21.45 112.13
CA GLU M 764 -65.00 -20.46 111.11
C GLU M 764 -64.08 -20.58 109.90
N GLU M 765 -62.76 -20.64 110.14
CA GLU M 765 -61.81 -20.81 109.06
C GLU M 765 -62.04 -22.14 108.35
N LEU M 766 -62.36 -23.19 109.12
CA LEU M 766 -62.60 -24.50 108.52
C LEU M 766 -63.79 -24.47 107.57
N ILE M 767 -64.90 -23.87 107.99
CA ILE M 767 -66.09 -23.84 107.15
C ILE M 767 -65.85 -22.94 105.93
N ASN M 768 -65.14 -21.83 106.12
CA ASN M 768 -64.84 -20.96 104.98
C ASN M 768 -63.98 -21.69 103.96
N LYS M 769 -62.96 -22.41 104.41
CA LYS M 769 -62.12 -23.16 103.50
C LYS M 769 -62.89 -24.30 102.84
N LYS M 770 -63.82 -24.91 103.57
CA LYS M 770 -64.65 -25.96 102.97
C LYS M 770 -65.51 -25.40 101.84
N ARG M 771 -66.13 -24.25 102.07
CA ARG M 771 -66.89 -23.62 101.00
C ARG M 771 -66.00 -23.27 99.81
N ILE M 772 -64.81 -22.74 100.09
CA ILE M 772 -63.91 -22.34 99.02
C ILE M 772 -63.49 -23.55 98.19
N ILE M 773 -63.13 -24.65 98.86
CA ILE M 773 -62.69 -25.83 98.13
C ILE M 773 -63.85 -26.45 97.35
N GLU M 774 -65.06 -26.42 97.91
CA GLU M 774 -66.20 -26.95 97.17
C GLU M 774 -66.46 -26.14 95.91
N LYS M 775 -66.39 -24.81 96.00
CA LYS M 775 -66.56 -23.98 94.80
C LYS M 775 -65.44 -24.22 93.80
N VAL M 776 -64.20 -24.39 94.28
CA VAL M 776 -63.08 -24.64 93.39
C VAL M 776 -63.24 -25.97 92.67
N ILE M 777 -63.68 -27.00 93.39
CA ILE M 777 -63.89 -28.31 92.79
C ILE M 777 -65.01 -28.25 91.77
N HIS M 778 -66.09 -27.52 92.07
CA HIS M 778 -67.16 -27.35 91.10
C HIS M 778 -66.64 -26.66 89.83
N ARG M 779 -65.81 -25.63 89.99
CA ARG M 779 -65.24 -24.95 88.84
C ARG M 779 -64.35 -25.89 88.03
N LEU M 780 -63.54 -26.69 88.71
CA LEU M 780 -62.66 -27.62 88.01
C LEU M 780 -63.46 -28.66 87.23
N THR M 781 -64.52 -29.19 87.84
CA THR M 781 -65.27 -30.26 87.19
C THR M 781 -66.12 -29.74 86.04
N HIS M 782 -66.71 -28.55 86.19
CA HIS M 782 -67.64 -28.06 85.19
C HIS M 782 -67.01 -27.09 84.21
N TYR M 783 -66.24 -26.12 84.71
CA TYR M 783 -65.68 -25.07 83.85
C TYR M 783 -64.39 -25.53 83.18
N ASP M 784 -63.41 -25.96 83.97
CA ASP M 784 -62.12 -26.31 83.41
C ASP M 784 -62.12 -27.68 82.72
N HIS M 785 -63.09 -28.53 83.05
CA HIS M 785 -63.20 -29.89 82.54
C HIS M 785 -61.99 -30.75 82.89
N VAL M 786 -61.18 -30.35 83.87
CA VAL M 786 -60.01 -31.13 84.23
C VAL M 786 -60.42 -32.45 84.89
N LEU M 787 -61.38 -32.38 85.80
CA LEU M 787 -61.85 -33.55 86.54
C LEU M 787 -63.21 -33.98 86.00
N ILE M 788 -63.44 -35.28 85.99
CA ILE M 788 -64.66 -35.87 85.44
C ILE M 788 -65.60 -36.25 86.57
N GLU M 789 -66.90 -36.06 86.34
CA GLU M 789 -67.94 -36.40 87.30
C GLU M 789 -68.83 -37.49 86.72
N LEU M 790 -69.18 -38.47 87.55
CA LEU M 790 -70.03 -39.57 87.14
C LEU M 790 -71.14 -39.78 88.15
N THR M 791 -72.26 -40.29 87.67
CA THR M 791 -73.41 -40.54 88.55
C THR M 791 -73.17 -41.79 89.39
N GLN M 792 -74.16 -42.12 90.22
CA GLN M 792 -74.08 -43.29 91.09
C GLN M 792 -74.09 -44.58 90.29
N LEU N 3 -37.58 18.81 -18.60
CA LEU N 3 -37.08 19.77 -17.63
C LEU N 3 -37.15 21.19 -18.19
N LYS N 4 -37.43 22.15 -17.31
CA LYS N 4 -37.57 23.55 -17.70
C LYS N 4 -36.52 24.39 -16.99
N ASP N 5 -36.08 25.46 -17.65
CA ASP N 5 -35.09 26.35 -17.06
C ASP N 5 -35.70 27.07 -15.86
N TYR N 6 -34.88 27.29 -14.82
CA TYR N 6 -35.38 27.90 -13.59
C TYR N 6 -35.60 29.41 -13.74
N ALA N 7 -34.94 30.04 -14.71
CA ALA N 7 -35.07 31.49 -14.87
C ALA N 7 -36.48 31.88 -15.28
N LEU N 8 -37.06 31.14 -16.23
CA LEU N 8 -38.41 31.45 -16.69
C LEU N 8 -39.42 31.30 -15.56
N GLU N 9 -39.32 30.22 -14.80
CA GLU N 9 -40.25 30.00 -13.70
C GLU N 9 -40.03 31.00 -12.58
N LYS N 10 -38.78 31.44 -12.38
CA LYS N 10 -38.53 32.50 -11.40
C LYS N 10 -39.21 33.80 -11.81
N GLU N 11 -39.13 34.14 -13.10
CA GLU N 11 -39.82 35.32 -13.60
C GLU N 11 -41.34 35.18 -13.43
N LYS N 12 -41.86 33.98 -13.70
CA LYS N 12 -43.29 33.73 -13.50
C LYS N 12 -43.69 33.91 -12.05
N VAL N 13 -42.84 33.43 -11.13
CA VAL N 13 -43.10 33.60 -9.70
C VAL N 13 -43.14 35.08 -9.34
N LYS N 14 -42.17 35.85 -9.87
CA LYS N 14 -42.12 37.28 -9.59
C LYS N 14 -43.39 37.98 -10.07
N LYS N 15 -43.84 37.65 -11.29
CA LYS N 15 -45.02 38.31 -11.82
C LYS N 15 -46.27 37.88 -11.05
N PHE N 16 -46.33 36.63 -10.60
CA PHE N 16 -47.45 36.18 -9.78
C PHE N 16 -47.50 36.96 -8.47
N LEU N 17 -46.35 37.15 -7.83
CA LEU N 17 -46.31 37.95 -6.61
C LEU N 17 -46.70 39.40 -6.87
N GLN N 18 -46.38 39.92 -8.06
CA GLN N 18 -46.69 41.31 -8.36
C GLN N 18 -48.13 41.50 -8.86
N GLU N 19 -48.83 40.41 -9.18
CA GLU N 19 -50.06 40.54 -9.96
C GLU N 19 -51.29 40.73 -9.09
N PHE N 20 -51.57 39.78 -8.20
CA PHE N 20 -52.92 39.59 -7.67
C PHE N 20 -53.44 40.81 -6.92
N TYR N 21 -54.69 41.19 -7.24
CA TYR N 21 -55.39 42.27 -6.58
C TYR N 21 -56.71 41.83 -5.95
N GLN N 22 -57.13 40.59 -6.19
CA GLN N 22 -58.53 40.19 -6.08
C GLN N 22 -59.14 40.32 -4.68
N ASP N 23 -58.66 39.54 -3.72
CA ASP N 23 -59.42 39.28 -2.51
C ASP N 23 -59.21 40.38 -1.47
N ASP N 24 -60.32 40.75 -0.82
CA ASP N 24 -60.32 41.66 0.32
C ASP N 24 -61.43 41.26 1.28
N GLU N 25 -61.15 41.35 2.58
CA GLU N 25 -62.14 40.91 3.58
C GLU N 25 -63.26 41.92 3.72
N LEU N 26 -62.97 43.21 3.62
CA LEU N 26 -63.96 44.26 3.85
C LEU N 26 -64.85 44.51 2.64
N GLY N 27 -64.73 43.71 1.58
CA GLY N 27 -65.59 43.85 0.42
C GLY N 27 -65.09 44.84 -0.61
N LYS N 28 -63.83 44.70 -1.02
CA LYS N 28 -63.23 45.58 -2.00
C LYS N 28 -62.22 44.78 -2.82
N LYS N 29 -61.38 45.49 -3.55
CA LYS N 29 -60.27 44.91 -4.29
C LYS N 29 -58.97 45.49 -3.74
N GLN N 30 -58.17 44.63 -3.10
CA GLN N 30 -57.01 45.08 -2.35
C GLN N 30 -55.76 44.35 -2.80
N PHE N 31 -54.67 45.10 -2.94
CA PHE N 31 -53.37 44.56 -3.32
C PHE N 31 -52.76 43.87 -2.12
N LYS N 32 -53.04 42.57 -1.98
CA LYS N 32 -52.66 41.85 -0.78
C LYS N 32 -51.16 41.59 -0.75
N TYR N 33 -50.61 41.02 -1.81
CA TYR N 33 -49.20 40.64 -1.79
C TYR N 33 -48.29 41.86 -1.79
N GLY N 34 -48.73 42.97 -2.40
CA GLY N 34 -47.97 44.19 -2.29
C GLY N 34 -47.87 44.70 -0.86
N ASN N 35 -48.99 44.68 -0.13
CA ASN N 35 -48.98 45.08 1.27
C ASN N 35 -48.11 44.14 2.11
N GLN N 36 -48.22 42.84 1.85
CA GLN N 36 -47.39 41.88 2.57
C GLN N 36 -45.90 42.16 2.34
N LEU N 37 -45.54 42.46 1.09
CA LEU N 37 -44.15 42.74 0.78
C LEU N 37 -43.68 44.04 1.41
N VAL N 38 -44.54 45.06 1.43
CA VAL N 38 -44.18 46.33 2.06
C VAL N 38 -43.93 46.13 3.55
N ARG N 39 -44.79 45.35 4.21
CA ARG N 39 -44.56 45.02 5.60
C ARG N 39 -43.27 44.21 5.76
N LEU N 40 -42.99 43.34 4.80
CA LEU N 40 -41.77 42.54 4.86
C LEU N 40 -40.52 43.39 4.68
N ALA N 41 -40.65 44.56 4.06
CA ALA N 41 -39.47 45.40 3.81
C ALA N 41 -38.79 45.79 5.11
N HIS N 42 -39.58 46.17 6.12
CA HIS N 42 -39.06 46.41 7.45
C HIS N 42 -39.37 45.21 8.35
N ARG N 43 -39.06 45.34 9.63
CA ARG N 43 -39.30 44.24 10.56
C ARG N 43 -40.72 44.29 11.12
N GLU N 44 -41.72 44.39 10.25
CA GLU N 44 -43.11 44.29 10.67
C GLU N 44 -43.74 42.95 10.32
N GLN N 45 -42.97 42.03 9.73
CA GLN N 45 -43.43 40.68 9.45
C GLN N 45 -42.20 39.84 9.14
N VAL N 46 -42.06 38.71 9.83
CA VAL N 46 -40.82 37.93 9.75
C VAL N 46 -41.05 36.56 9.13
N ALA N 47 -42.20 36.33 8.51
CA ALA N 47 -42.46 35.10 7.78
C ALA N 47 -43.66 35.30 6.87
N LEU N 48 -43.68 34.59 5.75
CA LEU N 48 -44.71 34.76 4.73
C LEU N 48 -45.26 33.40 4.33
N TYR N 49 -46.57 33.29 4.25
CA TYR N 49 -47.25 32.05 3.87
C TYR N 49 -47.91 32.26 2.51
N VAL N 50 -47.68 31.31 1.61
CA VAL N 50 -48.19 31.38 0.24
C VAL N 50 -49.20 30.27 0.03
N ASP N 51 -50.39 30.63 -0.44
CA ASP N 51 -51.46 29.68 -0.71
C ASP N 51 -51.28 29.11 -2.10
N LEU N 52 -51.37 27.78 -2.22
CA LEU N 52 -51.32 27.14 -3.52
C LEU N 52 -52.69 27.02 -4.17
N ASP N 53 -53.75 27.49 -3.51
CA ASP N 53 -55.05 27.57 -4.18
C ASP N 53 -55.18 28.82 -5.04
N ASP N 54 -54.59 29.94 -4.58
CA ASP N 54 -54.64 31.17 -5.37
C ASP N 54 -53.81 31.07 -6.64
N VAL N 55 -52.67 30.38 -6.57
CA VAL N 55 -51.83 30.21 -7.76
C VAL N 55 -52.54 29.37 -8.80
N ALA N 56 -53.45 28.49 -8.38
CA ALA N 56 -54.06 27.53 -9.30
C ALA N 56 -54.93 28.22 -10.35
N GLU N 57 -55.28 29.49 -10.14
CA GLU N 57 -56.14 30.18 -11.10
C GLU N 57 -55.47 30.30 -12.46
N ASP N 58 -54.19 30.67 -12.48
CA ASP N 58 -53.52 30.97 -13.74
C ASP N 58 -52.67 29.82 -14.27
N ASP N 59 -52.03 29.05 -13.41
CA ASP N 59 -51.17 27.99 -13.90
C ASP N 59 -51.18 26.78 -12.98
N PRO N 60 -51.74 25.66 -13.43
CA PRO N 60 -51.72 24.46 -12.58
C PRO N 60 -50.44 23.66 -12.68
N GLU N 61 -49.72 23.75 -13.80
CA GLU N 61 -48.46 23.03 -13.93
C GLU N 61 -47.43 23.53 -12.93
N LEU N 62 -47.42 24.82 -12.64
CA LEU N 62 -46.59 25.33 -11.56
C LEU N 62 -46.93 24.64 -10.25
N VAL N 63 -48.23 24.48 -9.98
CA VAL N 63 -48.65 23.84 -8.74
C VAL N 63 -48.19 22.39 -8.69
N ASP N 64 -48.30 21.66 -9.80
CA ASP N 64 -47.85 20.27 -9.82
C ASP N 64 -46.35 20.17 -9.61
N SER N 65 -45.58 21.02 -10.28
CA SER N 65 -44.13 20.99 -10.11
C SER N 65 -43.74 21.37 -8.70
N ILE N 66 -44.48 22.29 -8.08
CA ILE N 66 -44.25 22.62 -6.67
C ILE N 66 -44.56 21.41 -5.80
N CYS N 67 -45.62 20.68 -6.12
CA CYS N 67 -45.99 19.53 -5.31
C CYS N 67 -44.91 18.44 -5.37
N GLU N 68 -44.34 18.19 -6.56
CA GLU N 68 -43.41 17.07 -6.67
C GLU N 68 -41.99 17.45 -6.30
N ASN N 69 -41.64 18.73 -6.34
CA ASN N 69 -40.26 19.18 -6.16
C ASN N 69 -40.22 20.37 -5.20
N ALA N 70 -40.85 20.19 -4.03
CA ALA N 70 -41.24 21.31 -3.18
C ALA N 70 -40.04 22.14 -2.72
N ARG N 71 -38.94 21.49 -2.34
CA ARG N 71 -37.82 22.21 -1.73
C ARG N 71 -37.18 23.20 -2.70
N ARG N 72 -36.94 22.77 -3.94
CA ARG N 72 -36.36 23.65 -4.94
C ARG N 72 -37.24 24.87 -5.17
N TYR N 73 -38.55 24.65 -5.24
CA TYR N 73 -39.46 25.77 -5.45
C TYR N 73 -39.52 26.67 -4.23
N ALA N 74 -39.37 26.12 -3.03
CA ALA N 74 -39.29 26.97 -1.85
C ALA N 74 -38.08 27.90 -1.93
N LYS N 75 -36.93 27.35 -2.31
CA LYS N 75 -35.73 28.18 -2.45
C LYS N 75 -35.90 29.24 -3.52
N LEU N 76 -36.49 28.86 -4.66
CA LEU N 76 -36.72 29.83 -5.74
C LEU N 76 -37.64 30.95 -5.27
N PHE N 77 -38.71 30.60 -4.55
CA PHE N 77 -39.61 31.62 -4.03
C PHE N 77 -38.89 32.56 -3.08
N ALA N 78 -38.03 32.02 -2.22
CA ALA N 78 -37.29 32.86 -1.29
C ALA N 78 -36.42 33.85 -2.04
N ASP N 79 -35.69 33.37 -3.06
CA ASP N 79 -34.82 34.26 -3.81
C ASP N 79 -35.62 35.32 -4.57
N ALA N 80 -36.76 34.94 -5.15
CA ALA N 80 -37.58 35.90 -5.87
C ALA N 80 -38.08 37.00 -4.94
N VAL N 81 -38.55 36.62 -3.74
CA VAL N 81 -39.04 37.62 -2.81
C VAL N 81 -37.91 38.53 -2.33
N GLN N 82 -36.72 37.94 -2.11
CA GLN N 82 -35.58 38.75 -1.70
C GLN N 82 -35.20 39.76 -2.76
N GLU N 83 -35.25 39.36 -4.03
CA GLU N 83 -34.99 40.30 -5.12
C GLU N 83 -36.07 41.38 -5.19
N LEU N 84 -37.32 41.02 -4.88
CA LEU N 84 -38.40 41.99 -4.97
C LEU N 84 -38.35 43.00 -3.82
N LEU N 85 -37.81 42.60 -2.67
CA LEU N 85 -37.85 43.46 -1.48
C LEU N 85 -37.31 44.87 -1.68
N PRO N 86 -36.15 45.10 -2.34
CA PRO N 86 -35.67 46.48 -2.49
C PRO N 86 -36.63 47.39 -3.23
N GLN N 87 -37.37 46.85 -4.20
CA GLN N 87 -38.29 47.69 -4.98
C GLN N 87 -39.38 48.28 -4.10
N TYR N 88 -39.95 47.47 -3.20
CA TYR N 88 -41.08 47.91 -2.40
C TYR N 88 -40.65 48.73 -1.20
N LYS N 89 -39.37 48.76 -0.87
CA LYS N 89 -38.90 49.50 0.29
C LYS N 89 -39.10 50.99 0.09
N GLU N 90 -39.57 51.66 1.14
CA GLU N 90 -39.90 53.08 1.09
C GLU N 90 -39.24 53.91 2.18
N ARG N 91 -38.82 53.30 3.29
CA ARG N 91 -38.19 54.05 4.37
C ARG N 91 -37.22 53.13 5.11
N GLU N 92 -36.33 53.74 5.88
CA GLU N 92 -35.42 52.98 6.72
C GLU N 92 -36.10 52.52 8.00
N VAL N 93 -35.44 51.60 8.70
CA VAL N 93 -36.05 50.99 9.87
C VAL N 93 -36.17 52.02 10.99
N VAL N 94 -37.35 52.10 11.59
CA VAL N 94 -37.56 53.02 12.70
C VAL N 94 -36.81 52.54 13.93
N ASN N 95 -36.92 51.25 14.24
CA ASN N 95 -36.21 50.62 15.35
C ASN N 95 -35.70 49.27 14.89
N LYS N 96 -34.43 48.99 15.18
CA LYS N 96 -33.80 47.77 14.72
C LYS N 96 -32.98 47.15 15.84
N ASP N 97 -32.78 45.85 15.74
CA ASP N 97 -32.10 45.07 16.76
C ASP N 97 -30.70 44.67 16.26
N VAL N 98 -30.05 43.82 17.05
CA VAL N 98 -28.64 43.49 16.81
C VAL N 98 -28.43 42.91 15.40
N LEU N 99 -29.27 41.96 15.01
CA LEU N 99 -29.07 41.29 13.72
C LEU N 99 -29.17 42.27 12.56
N ASP N 100 -30.14 43.20 12.64
CA ASP N 100 -30.25 44.23 11.63
C ASP N 100 -29.01 45.11 11.60
N VAL N 101 -28.39 45.32 12.77
CA VAL N 101 -27.20 46.15 12.85
C VAL N 101 -26.06 45.51 12.08
N TYR N 102 -25.82 44.21 12.30
CA TYR N 102 -24.88 43.49 11.44
C TYR N 102 -25.23 43.57 9.96
N ILE N 103 -26.50 43.35 9.59
CA ILE N 103 -26.82 43.34 8.16
C ILE N 103 -26.54 44.70 7.53
N GLU N 104 -26.96 45.78 8.21
CA GLU N 104 -26.72 47.12 7.69
C GLU N 104 -25.24 47.43 7.60
N HIS N 105 -24.47 47.06 8.63
CA HIS N 105 -23.04 47.34 8.61
C HIS N 105 -22.35 46.60 7.47
N ARG N 106 -22.71 45.33 7.28
CA ARG N 106 -22.08 44.54 6.23
C ARG N 106 -22.41 45.09 4.85
N LEU N 107 -23.68 45.48 4.63
CA LEU N 107 -24.03 46.07 3.34
C LEU N 107 -23.31 47.39 3.10
N MET N 108 -23.19 48.20 4.17
CA MET N 108 -22.50 49.48 4.04
C MET N 108 -21.05 49.30 3.65
N MET N 109 -20.35 48.37 4.30
CA MET N 109 -18.94 48.18 3.94
C MET N 109 -18.78 47.47 2.60
N GLU N 110 -19.76 46.64 2.21
CA GLU N 110 -19.74 46.09 0.87
C GLU N 110 -19.82 47.20 -0.18
N GLN N 111 -20.70 48.17 0.04
CA GLN N 111 -20.74 49.31 -0.87
C GLN N 111 -19.45 50.13 -0.80
N ARG N 112 -18.87 50.26 0.38
CA ARG N 112 -17.64 51.04 0.54
C ARG N 112 -16.50 50.44 -0.26
N SER N 113 -16.34 49.11 -0.21
CA SER N 113 -15.12 48.50 -0.72
C SER N 113 -15.22 48.11 -2.18
N ARG N 114 -16.28 47.38 -2.55
CA ARG N 114 -16.33 46.69 -3.83
C ARG N 114 -16.63 47.68 -4.96
N ASP N 115 -15.68 47.82 -5.88
CA ASP N 115 -15.92 48.57 -7.10
C ASP N 115 -16.71 47.69 -8.08
N PRO N 116 -17.52 48.30 -8.96
CA PRO N 116 -18.36 47.50 -9.85
C PRO N 116 -17.59 46.68 -10.87
N GLY N 117 -16.33 47.02 -11.15
CA GLY N 117 -15.61 46.35 -12.22
C GLY N 117 -14.65 45.26 -11.78
N MET N 118 -14.25 45.28 -10.51
CA MET N 118 -13.26 44.32 -10.04
C MET N 118 -13.83 42.90 -10.04
N VAL N 119 -12.96 41.93 -10.28
CA VAL N 119 -13.37 40.53 -10.32
C VAL N 119 -13.58 40.02 -8.91
N ARG N 120 -14.70 39.35 -8.68
CA ARG N 120 -15.05 38.81 -7.37
C ARG N 120 -15.17 37.29 -7.47
N SER N 121 -14.45 36.58 -6.61
CA SER N 121 -14.50 35.13 -6.62
C SER N 121 -15.87 34.64 -6.18
N PRO N 122 -16.32 33.49 -6.67
CA PRO N 122 -17.63 32.96 -6.23
C PRO N 122 -17.69 32.70 -4.74
N GLN N 123 -16.56 32.46 -4.08
CA GLN N 123 -16.54 32.31 -2.64
C GLN N 123 -16.56 33.64 -1.90
N ASN N 124 -16.40 34.76 -2.60
CA ASN N 124 -16.28 36.05 -1.94
C ASN N 124 -17.62 36.68 -1.63
N GLN N 125 -18.72 36.08 -2.07
CA GLN N 125 -20.03 36.66 -1.85
C GLN N 125 -20.58 36.29 -0.47
N TYR N 126 -21.57 37.04 -0.03
CA TYR N 126 -22.28 36.69 1.20
C TYR N 126 -23.23 35.53 0.95
N PRO N 127 -23.39 34.61 1.90
CA PRO N 127 -24.43 33.59 1.77
C PRO N 127 -25.80 34.24 1.70
N ALA N 128 -26.68 33.64 0.89
CA ALA N 128 -27.99 34.24 0.64
C ALA N 128 -28.82 34.31 1.92
N GLU N 129 -28.80 33.24 2.71
CA GLU N 129 -29.70 33.16 3.86
C GLU N 129 -29.19 33.97 5.04
N LEU N 130 -27.91 34.34 5.05
CA LEU N 130 -27.38 35.14 6.15
C LEU N 130 -28.01 36.53 6.16
N MET N 131 -28.05 37.20 5.00
CA MET N 131 -28.63 38.53 4.92
C MET N 131 -30.15 38.48 4.97
N ARG N 132 -30.74 37.39 4.49
CA ARG N 132 -32.18 37.24 4.51
C ARG N 132 -32.70 37.08 5.93
N ARG N 133 -33.89 37.62 6.19
CA ARG N 133 -34.51 37.52 7.49
C ARG N 133 -35.99 37.15 7.43
N PHE N 134 -36.48 36.71 6.28
CA PHE N 134 -37.88 36.31 6.12
C PHE N 134 -37.95 34.86 5.69
N GLU N 135 -38.98 34.16 6.15
CA GLU N 135 -39.18 32.75 5.84
C GLU N 135 -40.43 32.59 4.98
N LEU N 136 -40.40 31.64 4.06
CA LEU N 136 -41.52 31.34 3.18
C LEU N 136 -42.04 29.94 3.47
N TYR N 137 -43.36 29.81 3.56
CA TYR N 137 -43.99 28.53 3.79
C TYR N 137 -45.16 28.39 2.82
N PHE N 138 -45.58 27.15 2.60
CA PHE N 138 -46.65 26.87 1.66
C PHE N 138 -47.89 26.33 2.38
N GLN N 139 -49.05 26.62 1.79
CA GLN N 139 -50.32 26.10 2.24
C GLN N 139 -50.77 25.02 1.27
N GLY N 140 -51.18 23.87 1.81
CA GLY N 140 -51.58 22.75 1.01
C GLY N 140 -52.75 23.07 0.11
N PRO N 141 -52.75 22.50 -1.10
CA PRO N 141 -53.89 22.69 -2.00
C PRO N 141 -55.18 22.14 -1.40
N SER N 142 -56.28 22.85 -1.65
CA SER N 142 -57.58 22.37 -1.18
C SER N 142 -58.03 21.15 -1.97
N SER N 143 -57.66 21.05 -3.24
CA SER N 143 -58.00 19.87 -4.03
C SER N 143 -57.24 18.65 -3.53
N ASN N 144 -56.03 18.84 -3.02
CA ASN N 144 -55.23 17.72 -2.54
C ASN N 144 -55.86 17.11 -1.30
N LYS N 145 -55.98 15.79 -1.30
CA LYS N 145 -56.61 15.07 -0.19
C LYS N 145 -55.57 14.71 0.87
N PRO N 146 -55.86 14.92 2.15
CA PRO N 146 -54.91 14.53 3.19
C PRO N 146 -54.67 13.02 3.18
N ARG N 147 -53.44 12.63 3.47
CA ARG N 147 -53.05 11.24 3.43
C ARG N 147 -53.03 10.63 4.83
N VAL N 148 -52.71 9.34 4.88
CA VAL N 148 -52.68 8.56 6.12
C VAL N 148 -51.24 8.22 6.43
N ILE N 149 -50.90 8.24 7.73
CA ILE N 149 -49.52 7.99 8.15
C ILE N 149 -49.04 6.63 7.69
N ARG N 150 -49.94 5.65 7.62
CA ARG N 150 -49.54 4.28 7.28
C ARG N 150 -49.10 4.17 5.82
N GLU N 151 -49.68 4.97 4.93
CA GLU N 151 -49.48 4.78 3.49
C GLU N 151 -48.45 5.70 2.86
N VAL N 152 -47.80 6.58 3.63
CA VAL N 152 -46.72 7.38 3.06
C VAL N 152 -45.46 6.52 3.02
N ARG N 153 -44.88 6.37 1.84
CA ARG N 153 -43.77 5.46 1.64
C ARG N 153 -42.77 6.11 0.68
N ALA N 154 -41.85 5.29 0.14
CA ALA N 154 -40.76 5.80 -0.68
C ALA N 154 -41.27 6.59 -1.88
N ASP N 155 -42.46 6.26 -2.37
CA ASP N 155 -43.05 7.03 -3.47
C ASP N 155 -43.34 8.45 -3.06
N SER N 156 -43.51 8.72 -1.76
CA SER N 156 -43.84 10.05 -1.28
C SER N 156 -42.64 10.83 -0.79
N VAL N 157 -41.43 10.28 -0.89
CA VAL N 157 -40.24 11.03 -0.47
C VAL N 157 -40.01 12.19 -1.43
N GLY N 158 -39.88 13.40 -0.88
CA GLY N 158 -39.67 14.59 -1.67
C GLY N 158 -40.93 15.29 -2.11
N LYS N 159 -42.11 14.72 -1.86
CA LYS N 159 -43.35 15.33 -2.28
C LYS N 159 -43.85 16.32 -1.23
N LEU N 160 -44.95 17.00 -1.57
CA LEU N 160 -45.66 17.86 -0.63
C LEU N 160 -46.93 17.13 -0.19
N VAL N 161 -47.11 16.98 1.12
CA VAL N 161 -48.20 16.19 1.66
C VAL N 161 -48.93 16.98 2.73
N THR N 162 -50.16 16.55 3.02
CA THR N 162 -50.96 17.06 4.11
C THR N 162 -51.45 15.90 4.95
N VAL N 163 -51.28 16.00 6.26
CA VAL N 163 -51.56 14.89 7.18
C VAL N 163 -52.45 15.41 8.29
N ARG N 164 -53.23 14.50 8.88
CA ARG N 164 -54.01 14.78 10.08
C ARG N 164 -53.71 13.71 11.13
N GLY N 165 -53.45 14.12 12.36
CA GLY N 165 -53.05 13.18 13.38
C GLY N 165 -53.24 13.71 14.77
N ILE N 166 -52.79 12.93 15.75
CA ILE N 166 -52.85 13.27 17.17
C ILE N 166 -51.44 13.47 17.69
N VAL N 167 -51.26 14.52 18.50
CA VAL N 167 -49.95 14.87 19.05
C VAL N 167 -49.73 14.11 20.35
N THR N 168 -48.53 13.55 20.51
CA THR N 168 -48.16 12.83 21.72
C THR N 168 -46.89 13.34 22.38
N ARG N 169 -45.95 13.90 21.63
CA ARG N 169 -44.67 14.35 22.18
C ARG N 169 -44.28 15.66 21.51
N VAL N 170 -43.85 16.61 22.34
CA VAL N 170 -43.41 17.93 21.88
C VAL N 170 -42.07 18.23 22.55
N SER N 171 -41.14 18.81 21.79
CA SER N 171 -39.83 19.16 22.33
C SER N 171 -39.77 20.64 22.71
N GLU N 172 -39.00 20.93 23.76
CA GLU N 172 -38.83 22.30 24.20
C GLU N 172 -38.04 23.09 23.16
N VAL N 173 -38.28 24.41 23.12
CA VAL N 173 -37.67 25.23 22.09
C VAL N 173 -36.19 25.40 22.36
N LYS N 174 -35.37 25.15 21.34
CA LYS N 174 -33.94 25.35 21.41
C LYS N 174 -33.45 25.93 20.09
N PRO N 175 -32.39 26.75 20.13
CA PRO N 175 -31.92 27.39 18.89
C PRO N 175 -31.19 26.39 18.01
N LYS N 176 -31.36 26.54 16.71
CA LYS N 176 -30.70 25.71 15.71
C LYS N 176 -29.84 26.57 14.80
N MET N 177 -28.64 26.09 14.52
CA MET N 177 -27.67 26.83 13.72
C MET N 177 -28.06 26.81 12.25
N VAL N 178 -27.84 27.94 11.58
CA VAL N 178 -28.14 28.06 10.16
C VAL N 178 -26.85 28.32 9.40
N VAL N 179 -26.15 29.39 9.77
CA VAL N 179 -24.84 29.72 9.21
C VAL N 179 -23.91 30.13 10.34
N ALA N 180 -22.71 29.55 10.37
CA ALA N 180 -21.73 29.84 11.39
C ALA N 180 -20.78 30.92 10.88
N THR N 181 -20.36 31.82 11.78
CA THR N 181 -19.46 32.90 11.43
C THR N 181 -18.12 32.73 12.14
N TYR N 182 -17.04 32.94 11.39
CA TYR N 182 -15.67 32.77 11.84
C TYR N 182 -14.92 34.07 11.67
N THR N 183 -14.03 34.37 12.60
CA THR N 183 -13.10 35.48 12.49
C THR N 183 -11.67 34.96 12.53
N CYS N 184 -10.84 35.46 11.61
CA CYS N 184 -9.44 35.04 11.56
C CYS N 184 -8.66 35.62 12.73
N ASP N 185 -7.55 34.97 13.04
CA ASP N 185 -6.68 35.41 14.13
C ASP N 185 -5.86 36.65 13.77
N GLN N 186 -5.59 36.88 12.49
CA GLN N 186 -4.70 37.96 12.09
C GLN N 186 -5.27 38.82 10.96
N CYS N 187 -6.58 38.93 10.84
CA CYS N 187 -7.17 39.73 9.77
C CYS N 187 -8.56 40.17 10.19
N GLY N 188 -9.07 41.17 9.47
CA GLY N 188 -10.42 41.69 9.70
C GLY N 188 -11.50 41.04 8.87
N ALA N 189 -11.18 40.00 8.10
CA ALA N 189 -12.18 39.36 7.25
C ALA N 189 -13.07 38.43 8.07
N GLU N 190 -14.22 38.09 7.49
CA GLU N 190 -15.21 37.24 8.12
C GLU N 190 -15.49 36.05 7.21
N THR N 191 -15.58 34.86 7.80
CA THR N 191 -15.82 33.64 7.05
C THR N 191 -17.17 33.05 7.42
N TYR N 192 -17.90 32.55 6.43
CA TYR N 192 -19.24 32.02 6.65
C TYR N 192 -19.29 30.56 6.25
N GLN N 193 -19.89 29.74 7.10
CA GLN N 193 -20.03 28.30 6.85
C GLN N 193 -21.50 27.92 6.92
N PRO N 194 -22.14 27.60 5.79
CA PRO N 194 -23.52 27.13 5.83
C PRO N 194 -23.61 25.73 6.40
N ILE N 195 -24.77 25.42 6.98
CA ILE N 195 -25.01 24.13 7.62
C ILE N 195 -26.25 23.50 7.00
N GLN N 196 -26.10 22.26 6.53
CA GLN N 196 -27.22 21.48 6.01
C GLN N 196 -27.15 20.03 6.43
N SER N 197 -26.55 19.75 7.59
CA SER N 197 -26.33 18.40 8.08
C SER N 197 -26.68 18.36 9.55
N PRO N 198 -27.07 17.20 10.08
CA PRO N 198 -27.30 17.09 11.53
C PRO N 198 -26.07 17.41 12.36
N THR N 199 -24.87 17.09 11.86
CA THR N 199 -23.63 17.43 12.54
C THR N 199 -22.66 18.04 11.53
N PHE N 200 -21.74 18.85 12.03
CA PHE N 200 -20.74 19.49 11.18
C PHE N 200 -19.42 19.62 11.91
N MET N 201 -18.35 19.80 11.14
CA MET N 201 -17.00 19.90 11.67
C MET N 201 -16.50 21.34 11.56
N PRO N 202 -16.22 22.02 12.66
CA PRO N 202 -15.76 23.41 12.57
C PRO N 202 -14.40 23.52 11.89
N LEU N 203 -14.21 24.64 11.19
CA LEU N 203 -13.03 24.89 10.39
C LEU N 203 -11.85 25.32 11.27
N ILE N 204 -10.68 25.44 10.65
CA ILE N 204 -9.47 25.84 11.36
C ILE N 204 -8.80 27.03 10.69
N MET N 205 -8.37 26.87 9.44
CA MET N 205 -7.56 27.89 8.77
C MET N 205 -8.44 28.91 8.05
N CYS N 206 -7.85 30.06 7.74
CA CYS N 206 -8.59 31.19 7.19
C CYS N 206 -8.50 31.19 5.67
N PRO N 207 -9.62 31.13 4.94
CA PRO N 207 -9.59 31.24 3.48
C PRO N 207 -9.51 32.67 2.96
N SER N 208 -9.30 33.66 3.82
CA SER N 208 -9.30 35.04 3.39
C SER N 208 -8.10 35.34 2.50
N GLN N 209 -8.27 36.30 1.58
CA GLN N 209 -7.26 36.57 0.58
C GLN N 209 -5.98 37.11 1.20
N GLU N 210 -6.09 37.97 2.21
CA GLU N 210 -4.90 38.54 2.83
C GLU N 210 -4.07 37.47 3.52
N CYS N 211 -4.72 36.57 4.26
CA CYS N 211 -4.01 35.48 4.90
C CYS N 211 -3.36 34.56 3.87
N GLN N 212 -4.01 34.38 2.72
CA GLN N 212 -3.43 33.56 1.66
C GLN N 212 -2.20 34.23 1.07
N THR N 213 -2.28 35.52 0.78
CA THR N 213 -1.16 36.23 0.17
C THR N 213 0.02 36.30 1.11
N ASN N 214 -0.22 36.60 2.39
CA ASN N 214 0.86 36.63 3.36
C ASN N 214 1.29 35.23 3.80
N ARG N 215 0.46 34.22 3.57
CA ARG N 215 0.68 32.87 4.09
C ARG N 215 0.94 32.90 5.60
N SER N 216 0.13 33.70 6.29
CA SER N 216 0.33 33.90 7.72
C SER N 216 -0.08 32.68 8.53
N GLY N 217 -1.04 31.90 8.04
CA GLY N 217 -1.53 30.77 8.79
C GLY N 217 -2.44 31.13 9.94
N GLY N 218 -3.24 32.18 9.79
CA GLY N 218 -4.17 32.54 10.84
C GLY N 218 -5.23 31.48 11.03
N ARG N 219 -5.76 31.40 12.25
CA ARG N 219 -6.71 30.37 12.63
C ARG N 219 -8.06 31.01 12.97
N LEU N 220 -9.13 30.32 12.57
CA LEU N 220 -10.47 30.85 12.73
C LEU N 220 -11.01 30.61 14.14
N TYR N 221 -11.90 31.49 14.57
CA TYR N 221 -12.67 31.32 15.80
C TYR N 221 -14.15 31.54 15.49
N LEU N 222 -15.01 30.71 16.07
CA LEU N 222 -16.46 30.87 16.00
C LEU N 222 -16.87 32.14 16.72
N GLN N 223 -18.00 32.72 16.29
CA GLN N 223 -18.72 33.74 17.04
C GLN N 223 -20.19 33.38 17.09
N THR N 224 -20.85 33.72 18.19
CA THR N 224 -22.28 33.46 18.35
C THR N 224 -23.15 34.65 17.96
N ARG N 225 -22.67 35.87 18.15
CA ARG N 225 -23.46 37.04 17.78
C ARG N 225 -23.67 37.11 16.27
N GLY N 226 -22.61 36.86 15.49
CA GLY N 226 -22.73 36.93 14.05
C GLY N 226 -23.49 35.77 13.44
N SER N 227 -23.60 34.66 14.17
CA SER N 227 -24.25 33.47 13.65
C SER N 227 -25.74 33.73 13.45
N ARG N 228 -26.36 32.90 12.62
CA ARG N 228 -27.80 32.92 12.45
C ARG N 228 -28.41 31.68 13.10
N PHE N 229 -29.43 31.91 13.92
CA PHE N 229 -30.12 30.84 14.63
C PHE N 229 -31.60 30.90 14.30
N ILE N 230 -32.24 29.74 14.36
CA ILE N 230 -33.66 29.59 14.06
C ILE N 230 -34.32 28.81 15.18
N LYS N 231 -35.62 28.94 15.29
CA LYS N 231 -36.40 28.21 16.29
C LYS N 231 -36.77 26.83 15.75
N PHE N 232 -36.54 25.81 16.56
CA PHE N 232 -36.64 24.42 16.12
C PHE N 232 -37.42 23.61 17.14
N GLN N 233 -38.37 22.80 16.67
CA GLN N 233 -39.11 21.92 17.57
C GLN N 233 -39.33 20.57 16.90
N GLU N 234 -39.52 19.53 17.72
CA GLU N 234 -39.71 18.16 17.27
C GLU N 234 -41.04 17.63 17.79
N MET N 235 -41.83 17.03 16.90
CA MET N 235 -43.20 16.64 17.17
C MET N 235 -43.39 15.17 16.85
N LYS N 236 -44.21 14.49 17.64
CA LYS N 236 -44.57 13.10 17.38
C LYS N 236 -46.07 13.00 17.16
N MET N 237 -46.47 12.35 16.07
CA MET N 237 -47.88 12.22 15.72
C MET N 237 -48.25 10.75 15.54
N GLN N 238 -49.53 10.45 15.76
CA GLN N 238 -50.06 9.10 15.64
C GLN N 238 -51.37 9.13 14.85
N GLU N 239 -51.77 7.95 14.37
CA GLU N 239 -53.01 7.84 13.61
C GLU N 239 -54.21 7.99 14.53
N HIS N 240 -55.33 8.42 13.94
CA HIS N 240 -56.62 8.31 14.61
C HIS N 240 -57.01 6.85 14.76
N SER N 241 -57.78 6.56 15.81
CA SER N 241 -58.26 5.19 16.01
C SER N 241 -59.18 4.74 14.88
N ASP N 242 -59.75 5.68 14.13
CA ASP N 242 -60.67 5.32 13.06
C ASP N 242 -59.97 4.65 11.90
N GLN N 243 -58.77 5.09 11.56
CA GLN N 243 -58.10 4.63 10.34
C GLN N 243 -57.27 3.37 10.55
N VAL N 244 -57.13 2.89 11.77
CA VAL N 244 -56.34 1.68 12.02
C VAL N 244 -57.06 0.48 11.41
N PRO N 245 -56.35 -0.41 10.72
CA PRO N 245 -57.00 -1.63 10.20
C PRO N 245 -57.39 -2.58 11.31
N VAL N 246 -57.90 -3.76 10.95
CA VAL N 246 -58.40 -4.71 11.94
C VAL N 246 -57.22 -5.40 12.63
N GLY N 247 -57.16 -5.28 13.95
CA GLY N 247 -56.20 -6.01 14.76
C GLY N 247 -54.82 -5.41 14.84
N ASN N 248 -54.59 -4.24 14.25
CA ASN N 248 -53.28 -3.63 14.24
C ASN N 248 -53.18 -2.54 15.29
N ILE N 249 -52.08 -1.79 15.25
CA ILE N 249 -51.78 -0.76 16.23
C ILE N 249 -51.46 0.54 15.50
N PRO N 250 -51.85 1.70 16.02
CA PRO N 250 -51.57 2.96 15.33
C PRO N 250 -50.08 3.18 15.09
N ARG N 251 -49.77 3.74 13.93
CA ARG N 251 -48.39 4.07 13.56
C ARG N 251 -48.09 5.53 13.88
N SER N 252 -46.80 5.83 13.98
CA SER N 252 -46.33 7.14 14.39
C SER N 252 -45.43 7.76 13.33
N ILE N 253 -45.37 9.08 13.32
CA ILE N 253 -44.49 9.84 12.43
C ILE N 253 -43.86 10.99 13.22
N THR N 254 -42.75 11.50 12.68
CA THR N 254 -41.97 12.55 13.33
C THR N 254 -42.01 13.81 12.45
N VAL N 255 -42.22 14.96 13.08
CA VAL N 255 -42.34 16.24 12.39
C VAL N 255 -41.32 17.21 12.96
N LEU N 256 -40.76 18.06 12.11
CA LEU N 256 -39.89 19.14 12.54
C LEU N 256 -40.55 20.48 12.26
N VAL N 257 -40.38 21.42 13.18
CA VAL N 257 -41.13 22.68 13.17
C VAL N 257 -40.16 23.84 13.25
N GLU N 258 -40.43 24.87 12.44
CA GLU N 258 -39.56 26.00 12.20
C GLU N 258 -40.02 27.22 13.00
N GLY N 259 -39.43 28.37 12.65
CA GLY N 259 -39.47 29.54 13.53
C GLY N 259 -40.85 29.92 14.01
N GLU N 260 -41.70 30.45 13.12
CA GLU N 260 -43.00 30.93 13.57
C GLU N 260 -43.97 29.79 13.86
N ASN N 261 -43.81 28.65 13.19
CA ASN N 261 -44.66 27.51 13.47
C ASN N 261 -44.39 26.92 14.85
N THR N 262 -43.27 27.29 15.47
CA THR N 262 -42.96 26.83 16.82
C THR N 262 -43.95 27.41 17.81
N ARG N 263 -44.21 26.66 18.88
CA ARG N 263 -45.12 27.01 19.96
C ARG N 263 -46.58 27.03 19.53
N ILE N 264 -46.97 26.25 18.52
CA ILE N 264 -48.36 26.23 18.10
C ILE N 264 -49.10 25.05 18.72
N ALA N 265 -48.50 23.86 18.69
CA ALA N 265 -49.18 22.64 19.11
C ALA N 265 -48.73 22.22 20.50
N GLN N 266 -49.63 21.56 21.23
CA GLN N 266 -49.42 21.03 22.57
C GLN N 266 -49.76 19.55 22.59
N PRO N 267 -49.18 18.79 23.51
CA PRO N 267 -49.45 17.34 23.55
C PRO N 267 -50.93 17.06 23.75
N GLY N 268 -51.42 16.04 23.04
CA GLY N 268 -52.81 15.66 23.09
C GLY N 268 -53.71 16.33 22.09
N ASP N 269 -53.20 17.28 21.31
CA ASP N 269 -54.03 17.99 20.35
C ASP N 269 -54.15 17.22 19.04
N HIS N 270 -55.25 17.45 18.34
CA HIS N 270 -55.47 16.91 17.00
C HIS N 270 -55.09 18.00 15.99
N VAL N 271 -54.15 17.68 15.10
CA VAL N 271 -53.57 18.70 14.24
C VAL N 271 -53.63 18.25 12.78
N SER N 272 -53.61 19.25 11.89
CA SER N 272 -53.42 19.07 10.46
C SER N 272 -52.17 19.81 10.04
N VAL N 273 -51.27 19.09 9.37
CA VAL N 273 -49.93 19.56 9.08
C VAL N 273 -49.69 19.50 7.58
N THR N 274 -49.21 20.61 7.03
CA THR N 274 -48.76 20.68 5.65
C THR N 274 -47.24 20.59 5.63
N GLY N 275 -46.70 19.55 5.00
CA GLY N 275 -45.29 19.28 5.16
C GLY N 275 -44.65 18.72 3.92
N ILE N 276 -43.32 18.59 3.97
CA ILE N 276 -42.52 17.97 2.93
C ILE N 276 -41.88 16.72 3.51
N PHE N 277 -41.94 15.63 2.75
CA PHE N 277 -41.48 14.32 3.18
C PHE N 277 -40.06 14.11 2.70
N LEU N 278 -39.09 14.14 3.61
CA LEU N 278 -37.68 14.11 3.25
C LEU N 278 -36.95 13.08 4.09
N PRO N 279 -35.88 12.49 3.56
CA PRO N 279 -35.11 11.50 4.30
C PRO N 279 -33.91 12.11 5.01
N ILE N 280 -33.27 11.30 5.84
CA ILE N 280 -32.02 11.64 6.50
C ILE N 280 -31.05 10.49 6.29
N LEU N 281 -29.88 10.78 5.73
CA LEU N 281 -28.88 9.75 5.52
C LEU N 281 -28.33 9.30 6.86
N ARG N 282 -28.36 7.99 7.10
CA ARG N 282 -27.99 7.43 8.39
C ARG N 282 -26.63 6.76 8.30
N THR N 283 -25.72 7.15 9.20
CA THR N 283 -24.42 6.51 9.35
C THR N 283 -24.30 6.05 10.79
N GLY N 284 -24.02 4.76 10.98
CA GLY N 284 -23.97 4.21 12.31
C GLY N 284 -23.63 2.72 12.34
N PHE N 285 -24.39 1.96 13.12
CA PHE N 285 -24.12 0.54 13.26
C PHE N 285 -24.33 -0.17 11.93
N ARG N 286 -23.48 -1.18 11.68
CA ARG N 286 -23.54 -1.93 10.43
C ARG N 286 -24.84 -2.72 10.33
N GLN N 287 -25.28 -2.95 9.10
CA GLN N 287 -26.55 -3.63 8.88
C GLN N 287 -26.35 -4.80 7.92
N VAL N 288 -27.43 -5.57 7.76
CA VAL N 288 -27.39 -6.77 6.94
C VAL N 288 -27.20 -6.43 5.47
N VAL N 289 -27.97 -5.45 4.97
CA VAL N 289 -28.06 -5.18 3.55
C VAL N 289 -27.19 -3.98 3.21
N GLN N 290 -26.36 -4.14 2.17
CA GLN N 290 -25.52 -3.05 1.69
C GLN N 290 -26.36 -2.00 0.97
N GLY N 291 -25.75 -0.86 0.72
CA GLY N 291 -26.43 0.23 0.05
C GLY N 291 -26.64 1.43 0.94
N LEU N 292 -27.40 2.38 0.42
CA LEU N 292 -27.68 3.64 1.11
C LEU N 292 -29.09 3.59 1.67
N LEU N 293 -29.21 3.40 2.98
CA LEU N 293 -30.49 3.47 3.66
C LEU N 293 -30.67 4.85 4.27
N SER N 294 -31.90 5.15 4.68
CA SER N 294 -32.22 6.45 5.23
C SER N 294 -33.42 6.35 6.16
N GLU N 295 -33.59 7.39 6.97
CA GLU N 295 -34.75 7.54 7.84
C GLU N 295 -35.58 8.73 7.38
N THR N 296 -36.90 8.55 7.40
CA THR N 296 -37.82 9.56 6.90
C THR N 296 -38.30 10.44 8.04
N TYR N 297 -38.61 11.69 7.71
CA TYR N 297 -39.16 12.65 8.64
C TYR N 297 -39.91 13.71 7.85
N LEU N 298 -40.72 14.48 8.55
CA LEU N 298 -41.60 15.47 7.92
C LEU N 298 -41.22 16.87 8.35
N GLU N 299 -41.09 17.77 7.37
CA GLU N 299 -40.80 19.18 7.61
C GLU N 299 -42.08 19.97 7.44
N ALA N 300 -42.56 20.57 8.52
CA ALA N 300 -43.83 21.28 8.51
C ALA N 300 -43.66 22.70 7.99
N HIS N 301 -44.74 23.23 7.40
CA HIS N 301 -44.80 24.62 7.00
C HIS N 301 -46.09 25.29 7.47
N ARG N 302 -47.07 24.50 7.90
CA ARG N 302 -48.24 25.08 8.53
C ARG N 302 -48.97 24.03 9.35
N ILE N 303 -49.37 24.43 10.55
CA ILE N 303 -50.08 23.58 11.49
C ILE N 303 -51.38 24.27 11.86
N VAL N 304 -52.50 23.56 11.69
CA VAL N 304 -53.81 24.08 12.10
C VAL N 304 -54.44 23.08 13.06
N LYS N 305 -54.93 23.58 14.18
CA LYS N 305 -55.44 22.73 15.25
C LYS N 305 -56.89 22.35 15.01
N ALA N 337 -82.14 26.96 27.46
CA ALA N 337 -80.76 26.46 27.49
C ALA N 337 -80.49 25.58 26.29
N ALA N 338 -79.21 25.44 25.93
CA ALA N 338 -78.83 24.62 24.80
C ALA N 338 -78.95 23.13 25.15
N SER N 339 -78.94 22.30 24.12
CA SER N 339 -79.10 20.85 24.30
C SER N 339 -77.74 20.20 24.51
N ILE N 340 -77.62 19.44 25.59
CA ILE N 340 -76.40 18.71 25.91
C ILE N 340 -76.73 17.22 25.85
N ALA N 341 -76.02 16.51 24.97
CA ALA N 341 -76.27 15.10 24.71
C ALA N 341 -77.76 14.85 24.43
N PRO N 342 -78.30 15.36 23.32
CA PRO N 342 -79.73 15.21 23.05
C PRO N 342 -80.15 13.77 22.83
N GLU N 343 -79.20 12.87 22.55
CA GLU N 343 -79.53 11.46 22.35
C GLU N 343 -80.03 10.80 23.63
N ILE N 344 -79.54 11.22 24.79
CA ILE N 344 -79.92 10.63 26.07
C ILE N 344 -81.20 11.30 26.56
N TYR N 345 -82.20 10.48 26.87
CA TYR N 345 -83.50 10.98 27.33
C TYR N 345 -83.47 11.23 28.84
N GLY N 346 -84.08 12.34 29.26
CA GLY N 346 -84.17 12.66 30.67
C GLY N 346 -82.95 13.37 31.20
N HIS N 347 -82.87 13.42 32.53
CA HIS N 347 -81.76 14.03 33.27
C HIS N 347 -81.58 15.50 32.93
N GLU N 348 -82.69 16.25 32.82
CA GLU N 348 -82.59 17.64 32.38
C GLU N 348 -81.81 18.48 33.39
N ASP N 349 -82.09 18.30 34.68
CA ASP N 349 -81.40 19.08 35.71
C ASP N 349 -79.91 18.75 35.73
N VAL N 350 -79.58 17.46 35.56
CA VAL N 350 -78.17 17.08 35.48
C VAL N 350 -77.51 17.75 34.28
N LYS N 351 -78.24 17.88 33.18
CA LYS N 351 -77.70 18.56 32.00
C LYS N 351 -77.48 20.04 32.27
N LYS N 352 -78.38 20.68 33.03
CA LYS N 352 -78.17 22.07 33.42
C LYS N 352 -76.93 22.21 34.29
N ALA N 353 -76.76 21.29 35.24
CA ALA N 353 -75.57 21.31 36.10
C ALA N 353 -74.29 21.11 35.27
N LEU N 354 -74.36 20.23 34.28
CA LEU N 354 -73.22 20.02 33.38
C LEU N 354 -72.90 21.29 32.60
N LEU N 355 -73.94 21.98 32.13
CA LEU N 355 -73.72 23.24 31.43
C LEU N 355 -73.02 24.24 32.33
N LEU N 356 -73.47 24.35 33.58
CA LEU N 356 -72.84 25.28 34.50
C LEU N 356 -71.39 24.90 34.77
N LEU N 357 -71.11 23.60 34.90
CA LEU N 357 -69.74 23.15 35.12
C LEU N 357 -68.86 23.49 33.91
N LEU N 358 -69.40 23.34 32.70
CA LEU N 358 -68.63 23.71 31.51
C LEU N 358 -68.37 25.21 31.47
N VAL N 359 -69.37 26.02 31.80
CA VAL N 359 -69.19 27.47 31.78
C VAL N 359 -68.23 27.91 32.87
N GLY N 360 -68.41 27.38 34.08
CA GLY N 360 -67.53 27.68 35.18
C GLY N 360 -67.92 28.97 35.90
N GLY N 361 -67.32 29.16 37.06
CA GLY N 361 -67.61 30.31 37.90
C GLY N 361 -66.69 31.49 37.67
N ASN N 376 -66.60 20.56 40.06
CA ASN N 376 -66.44 19.17 40.46
C ASN N 376 -67.80 18.53 40.69
N ILE N 377 -68.18 17.59 39.82
CA ILE N 377 -69.48 16.94 39.89
C ILE N 377 -69.30 15.43 39.87
N CYS N 378 -70.01 14.74 40.75
CA CYS N 378 -69.97 13.29 40.83
C CYS N 378 -71.35 12.71 40.60
N LEU N 379 -71.42 11.63 39.83
CA LEU N 379 -72.66 10.93 39.56
C LEU N 379 -72.53 9.50 40.08
N MET N 380 -73.51 9.06 40.85
CA MET N 380 -73.59 7.68 41.30
C MET N 380 -74.90 7.09 40.78
N GLY N 381 -74.80 5.95 40.10
CA GLY N 381 -75.99 5.41 39.46
C GLY N 381 -75.98 3.90 39.39
N ASP N 382 -77.17 3.34 39.29
CA ASP N 382 -77.32 1.90 39.10
C ASP N 382 -76.88 1.52 37.69
N PRO N 383 -76.39 0.29 37.50
CA PRO N 383 -75.95 -0.12 36.17
C PRO N 383 -77.13 -0.16 35.20
N GLY N 384 -76.83 0.14 33.94
CA GLY N 384 -77.85 0.23 32.91
C GLY N 384 -78.28 1.64 32.58
N VAL N 385 -77.98 2.62 33.44
CA VAL N 385 -78.25 4.01 33.15
C VAL N 385 -76.99 4.59 32.52
N ALA N 386 -77.15 5.28 31.40
CA ALA N 386 -76.00 5.73 30.63
C ALA N 386 -75.27 6.87 31.31
N LYS N 387 -74.35 6.55 32.21
CA LYS N 387 -73.49 7.57 32.81
C LYS N 387 -72.22 7.76 32.01
N SER N 388 -71.72 6.68 31.39
CA SER N 388 -70.50 6.76 30.61
C SER N 388 -70.68 7.63 29.38
N GLN N 389 -71.85 7.58 28.75
CA GLN N 389 -72.07 8.34 27.52
C GLN N 389 -72.11 9.83 27.79
N LEU N 390 -72.63 10.25 28.95
CA LEU N 390 -72.57 11.67 29.31
C LEU N 390 -71.12 12.13 29.45
N LEU N 391 -70.28 11.32 30.09
CA LEU N 391 -68.87 11.67 30.21
C LEU N 391 -68.18 11.71 28.85
N SER N 392 -68.54 10.79 27.95
CA SER N 392 -68.00 10.82 26.59
C SER N 392 -68.40 12.08 25.86
N TYR N 393 -69.67 12.50 25.99
CA TYR N 393 -70.10 13.73 25.37
C TYR N 393 -69.36 14.92 25.95
N ILE N 394 -69.16 14.93 27.27
CA ILE N 394 -68.43 16.03 27.89
C ILE N 394 -67.00 16.10 27.36
N ASP N 395 -66.35 14.93 27.22
CA ASP N 395 -64.99 14.91 26.68
C ASP N 395 -64.96 15.44 25.25
N ARG N 396 -65.93 15.05 24.42
CA ARG N 396 -65.93 15.52 23.04
C ARG N 396 -66.22 17.00 22.93
N LEU N 397 -67.08 17.53 23.82
CA LEU N 397 -67.47 18.93 23.71
C LEU N 397 -66.35 19.87 24.17
N ALA N 398 -65.67 19.53 25.24
CA ALA N 398 -64.72 20.46 25.84
C ALA N 398 -63.53 20.68 24.90
N PRO N 399 -62.97 21.90 24.85
CA PRO N 399 -61.75 22.12 24.07
C PRO N 399 -60.57 21.33 24.61
N ARG N 400 -60.26 21.54 25.90
CA ARG N 400 -59.27 20.72 26.60
C ARG N 400 -60.01 19.74 27.49
N SER N 401 -59.79 18.45 27.25
CA SER N 401 -60.50 17.42 27.97
C SER N 401 -59.67 16.14 27.98
N GLN N 402 -59.93 15.29 28.97
CA GLN N 402 -59.37 13.95 29.03
C GLN N 402 -60.43 13.01 29.56
N TYR N 403 -60.37 11.75 29.15
CA TYR N 403 -61.32 10.74 29.56
C TYR N 403 -60.58 9.48 29.97
N THR N 404 -60.79 9.03 31.21
CA THR N 404 -60.13 7.84 31.73
C THR N 404 -61.17 6.78 32.09
N THR N 405 -60.81 5.52 31.87
CA THR N 405 -61.74 4.40 32.04
C THR N 405 -61.47 3.54 33.26
N GLY N 406 -60.31 3.65 33.89
CA GLY N 406 -60.00 2.86 35.06
C GLY N 406 -58.53 2.50 35.13
N ARG N 407 -58.27 1.23 35.42
CA ARG N 407 -56.90 0.78 35.71
C ARG N 407 -56.01 0.83 34.47
N GLY N 408 -56.60 1.00 33.30
CA GLY N 408 -55.79 1.16 32.10
C GLY N 408 -54.92 2.41 32.14
N SER N 409 -55.43 3.49 32.75
CA SER N 409 -54.66 4.72 32.85
C SER N 409 -54.17 4.95 34.28
N SER N 410 -54.20 3.93 35.13
CA SER N 410 -53.82 4.09 36.52
C SER N 410 -52.32 4.31 36.66
N GLY N 411 -51.94 4.96 37.77
CA GLY N 411 -50.55 5.18 38.10
C GLY N 411 -49.86 6.22 37.26
N VAL N 412 -48.84 5.81 36.50
CA VAL N 412 -48.07 6.73 35.69
C VAL N 412 -48.93 7.43 34.64
N GLY N 413 -50.05 6.80 34.25
CA GLY N 413 -50.99 7.48 33.38
C GLY N 413 -51.52 8.76 33.99
N LEU N 414 -51.59 8.83 35.31
CA LEU N 414 -51.82 10.08 36.01
C LEU N 414 -50.48 10.62 36.50
N THR N 415 -50.50 11.82 37.06
CA THR N 415 -49.29 12.50 37.56
C THR N 415 -48.31 12.64 36.38
N ALA N 416 -47.03 12.37 36.58
CA ALA N 416 -46.04 12.57 35.53
C ALA N 416 -44.84 11.68 35.78
N ALA N 417 -44.02 11.52 34.74
CA ALA N 417 -42.85 10.66 34.81
C ALA N 417 -41.73 11.22 33.97
N VAL N 418 -40.50 10.79 34.26
CA VAL N 418 -39.30 11.29 33.60
C VAL N 418 -38.89 10.32 32.51
N LEU N 419 -38.64 10.85 31.31
CA LEU N 419 -38.24 10.03 30.18
C LEU N 419 -37.08 10.71 29.46
N ARG N 420 -36.27 9.91 28.78
CA ARG N 420 -35.11 10.45 28.06
C ARG N 420 -35.57 11.26 26.86
N LEU N 427 -32.98 14.61 29.92
CA LEU N 427 -34.21 14.09 30.51
C LEU N 427 -35.32 15.14 30.50
N THR N 428 -36.54 14.70 30.20
CA THR N 428 -37.71 15.56 30.18
C THR N 428 -38.84 14.92 30.95
N LEU N 429 -39.64 15.76 31.60
CA LEU N 429 -40.77 15.33 32.40
C LEU N 429 -42.05 15.41 31.57
N GLU N 430 -42.74 14.29 31.43
CA GLU N 430 -43.98 14.21 30.67
C GLU N 430 -45.14 13.93 31.61
N GLY N 431 -46.23 14.66 31.41
CA GLY N 431 -47.39 14.58 32.31
C GLY N 431 -48.43 13.57 31.87
N GLY N 432 -49.35 13.28 32.78
CA GLY N 432 -50.46 12.38 32.52
C GLY N 432 -51.72 13.12 32.13
N ALA N 433 -52.86 12.42 32.31
CA ALA N 433 -54.14 12.98 31.89
C ALA N 433 -54.49 14.23 32.68
N LEU N 434 -54.22 14.23 33.98
CA LEU N 434 -54.51 15.41 34.80
C LEU N 434 -53.70 16.61 34.34
N VAL N 435 -52.44 16.39 33.97
CA VAL N 435 -51.59 17.48 33.49
C VAL N 435 -52.08 17.99 32.13
N LEU N 436 -52.47 17.08 31.24
CA LEU N 436 -52.92 17.50 29.91
C LEU N 436 -54.19 18.32 29.99
N ALA N 437 -55.10 17.97 30.89
CA ALA N 437 -56.38 18.64 31.01
C ALA N 437 -56.30 19.94 31.81
N ASP N 438 -55.12 20.52 31.96
CA ASP N 438 -54.99 21.78 32.68
C ASP N 438 -55.84 22.87 32.03
N GLN N 439 -56.57 23.60 32.85
CA GLN N 439 -57.51 24.64 32.43
C GLN N 439 -58.63 24.10 31.53
N GLY N 440 -58.88 22.80 31.58
CA GLY N 440 -59.97 22.16 30.89
C GLY N 440 -60.90 21.43 31.85
N VAL N 441 -61.48 20.34 31.36
CA VAL N 441 -62.36 19.50 32.16
C VAL N 441 -61.92 18.05 32.02
N CYS N 442 -61.83 17.35 33.14
CA CYS N 442 -61.41 15.96 33.15
C CYS N 442 -62.60 15.06 33.47
N CYS N 443 -62.60 13.85 32.90
CA CYS N 443 -63.70 12.90 33.04
C CYS N 443 -63.16 11.55 33.47
N ILE N 444 -63.73 10.99 34.54
CA ILE N 444 -63.28 9.72 35.09
C ILE N 444 -64.46 8.79 35.25
N ASP N 445 -64.32 7.57 34.74
CA ASP N 445 -65.36 6.55 34.76
C ASP N 445 -64.99 5.43 35.72
N GLU N 446 -66.01 4.86 36.36
CA GLU N 446 -65.83 3.82 37.37
C GLU N 446 -64.87 4.29 38.46
N PHE N 447 -65.28 5.35 39.17
CA PHE N 447 -64.40 6.00 40.12
C PHE N 447 -64.08 5.10 41.30
N ASP N 448 -65.06 4.33 41.78
CA ASP N 448 -64.87 3.53 42.99
C ASP N 448 -63.86 2.41 42.77
N LYS N 449 -63.67 1.98 41.52
CA LYS N 449 -62.76 0.86 41.26
C LYS N 449 -61.30 1.29 41.22
N MET N 450 -61.04 2.60 41.27
CA MET N 450 -59.67 3.08 41.19
C MET N 450 -58.88 2.69 42.43
N ALA N 451 -57.56 2.62 42.27
CA ALA N 451 -56.69 2.36 43.42
C ALA N 451 -56.70 3.56 44.36
N GLU N 452 -56.28 3.32 45.61
CA GLU N 452 -56.34 4.37 46.62
C GLU N 452 -55.43 5.54 46.28
N ALA N 453 -54.26 5.26 45.72
CA ALA N 453 -53.32 6.34 45.39
C ALA N 453 -53.92 7.29 44.35
N ASP N 454 -54.59 6.73 43.34
CA ASP N 454 -55.23 7.56 42.33
C ASP N 454 -56.32 8.42 42.94
N ARG N 455 -57.10 7.84 43.87
CA ARG N 455 -58.15 8.61 44.52
C ARG N 455 -57.59 9.74 45.37
N THR N 456 -56.47 9.47 46.07
CA THR N 456 -55.84 10.53 46.85
C THR N 456 -55.35 11.65 45.95
N ALA N 457 -54.75 11.29 44.81
CA ALA N 457 -54.29 12.31 43.87
C ALA N 457 -55.47 13.12 43.34
N ILE N 458 -56.60 12.46 43.06
CA ILE N 458 -57.78 13.16 42.55
C ILE N 458 -58.32 14.12 43.60
N HIS N 459 -58.35 13.69 44.86
CA HIS N 459 -58.79 14.57 45.94
C HIS N 459 -57.88 15.79 46.05
N GLU N 460 -56.57 15.57 45.93
CA GLU N 460 -55.63 16.69 45.99
C GLU N 460 -55.87 17.65 44.84
N VAL N 461 -56.13 17.13 43.64
CA VAL N 461 -56.40 18.01 42.50
C VAL N 461 -57.67 18.81 42.73
N MET N 462 -58.72 18.16 43.25
CA MET N 462 -60.00 18.85 43.44
C MET N 462 -59.87 19.96 44.48
N GLU N 463 -59.20 19.67 45.60
CA GLU N 463 -59.20 20.63 46.70
C GLU N 463 -58.08 21.66 46.55
N GLN N 464 -56.84 21.20 46.37
CA GLN N 464 -55.68 22.07 46.37
C GLN N 464 -55.34 22.60 44.98
N GLN N 465 -55.71 21.86 43.92
CA GLN N 465 -55.53 22.27 42.52
C GLN N 465 -54.07 22.21 42.08
N THR N 466 -53.22 21.56 42.86
CA THR N 466 -51.85 21.26 42.43
C THR N 466 -51.49 19.85 42.87
N ILE N 467 -50.58 19.22 42.14
CA ILE N 467 -50.07 17.89 42.46
C ILE N 467 -48.65 18.04 42.98
N SER N 468 -48.30 17.23 43.97
CA SER N 468 -46.94 17.20 44.50
C SER N 468 -46.40 15.78 44.38
N ILE N 469 -45.24 15.63 43.75
CA ILE N 469 -44.60 14.34 43.61
C ILE N 469 -43.21 14.42 44.21
N ALA N 470 -42.89 13.49 45.11
CA ALA N 470 -41.58 13.39 45.74
C ALA N 470 -41.20 11.92 45.81
N LYS N 471 -40.54 11.43 44.76
CA LYS N 471 -40.06 10.06 44.70
C LYS N 471 -38.65 10.07 44.15
N ALA N 472 -38.03 8.90 44.14
CA ALA N 472 -36.66 8.78 43.64
C ALA N 472 -36.58 9.24 42.20
N GLY N 473 -35.90 10.37 41.97
CA GLY N 473 -35.75 10.92 40.65
C GLY N 473 -36.72 12.02 40.29
N ILE N 474 -37.81 12.19 41.03
CA ILE N 474 -38.82 13.20 40.75
C ILE N 474 -39.07 14.01 42.01
N LEU N 475 -39.00 15.33 41.90
CA LEU N 475 -39.35 16.20 43.02
C LEU N 475 -39.94 17.47 42.41
N THR N 476 -41.26 17.49 42.28
CA THR N 476 -41.92 18.55 41.51
C THR N 476 -43.29 18.85 42.09
N THR N 477 -43.78 20.03 41.72
CA THR N 477 -45.17 20.41 41.90
C THR N 477 -45.75 20.79 40.54
N LEU N 478 -46.87 20.16 40.19
CA LEU N 478 -47.52 20.33 38.90
C LEU N 478 -48.80 21.13 39.07
N ASN N 479 -49.06 22.02 38.11
CA ASN N 479 -50.25 22.85 38.12
C ASN N 479 -51.37 22.17 37.35
N ALA N 480 -52.50 21.93 38.03
CA ALA N 480 -53.66 21.32 37.43
C ALA N 480 -54.90 22.13 37.84
N ARG N 481 -55.24 23.13 37.01
CA ARG N 481 -56.42 23.94 37.24
C ARG N 481 -57.59 23.40 36.44
N CYS N 482 -58.02 22.17 36.73
CA CYS N 482 -59.05 21.50 35.96
C CYS N 482 -60.18 21.07 36.88
N SER N 483 -61.40 21.06 36.35
CA SER N 483 -62.59 20.61 37.06
C SER N 483 -62.91 19.18 36.67
N ILE N 484 -63.37 18.40 37.64
CA ILE N 484 -63.44 16.94 37.52
C ILE N 484 -64.91 16.51 37.51
N LEU N 485 -65.24 15.65 36.55
CA LEU N 485 -66.52 14.96 36.50
C LEU N 485 -66.26 13.47 36.67
N ALA N 486 -66.97 12.85 37.62
CA ALA N 486 -66.72 11.46 37.98
C ALA N 486 -68.00 10.65 37.92
N ALA N 487 -67.86 9.37 37.56
CA ALA N 487 -68.97 8.44 37.49
C ALA N 487 -68.69 7.22 38.37
N ALA N 488 -69.73 6.72 39.04
CA ALA N 488 -69.53 5.59 39.95
C ALA N 488 -70.85 4.87 40.17
N ASN N 489 -70.76 3.66 40.78
CA ASN N 489 -71.79 2.74 41.20
C ASN N 489 -71.89 2.69 42.73
N PRO N 490 -73.08 2.46 43.27
CA PRO N 490 -73.27 2.49 44.73
C PRO N 490 -72.60 1.33 45.45
N PRO N 508 -70.88 6.74 51.12
CA PRO N 508 -69.55 7.13 51.60
C PRO N 508 -69.50 8.61 51.93
N ALA N 509 -68.70 8.97 52.95
CA ALA N 509 -68.66 10.36 53.40
C ALA N 509 -67.67 11.19 52.59
N ALA N 510 -66.68 10.55 51.97
CA ALA N 510 -65.65 11.28 51.24
C ALA N 510 -66.25 12.05 50.06
N LEU N 511 -67.15 11.41 49.31
CA LEU N 511 -67.76 12.08 48.15
C LEU N 511 -68.60 13.27 48.60
N LEU N 512 -69.37 13.11 49.67
CA LEU N 512 -70.20 14.20 50.15
C LEU N 512 -69.35 15.36 50.66
N SER N 513 -68.28 15.04 51.39
CA SER N 513 -67.49 16.10 52.02
C SER N 513 -66.64 16.84 51.00
N ARG N 514 -66.08 16.13 50.02
CA ARG N 514 -65.09 16.74 49.14
C ARG N 514 -65.75 17.36 47.91
N PHE N 515 -66.65 16.63 47.27
CA PHE N 515 -67.25 17.10 46.04
C PHE N 515 -68.23 18.24 46.32
N ASP N 516 -68.57 18.97 45.25
CA ASP N 516 -69.53 20.05 45.38
C ASP N 516 -70.96 19.57 45.12
N LEU N 517 -71.17 18.84 44.02
CA LEU N 517 -72.49 18.37 43.66
C LEU N 517 -72.46 16.87 43.37
N LEU N 518 -73.39 16.15 43.98
CA LEU N 518 -73.58 14.72 43.76
C LEU N 518 -74.96 14.49 43.17
N TRP N 519 -75.02 13.66 42.15
CA TRP N 519 -76.29 13.30 41.52
C TRP N 519 -76.47 11.79 41.65
N LEU N 520 -77.50 11.38 42.36
CA LEU N 520 -77.83 9.97 42.53
C LEU N 520 -78.94 9.61 41.54
N ILE N 521 -78.64 8.66 40.66
CA ILE N 521 -79.58 8.23 39.62
C ILE N 521 -80.07 6.84 40.02
N GLN N 522 -81.32 6.76 40.47
CA GLN N 522 -81.93 5.50 40.87
C GLN N 522 -82.94 5.08 39.82
N ASP N 523 -82.87 3.82 39.41
CA ASP N 523 -83.72 3.30 38.35
C ASP N 523 -85.01 2.77 38.97
N ARG N 524 -85.98 3.65 39.13
CA ARG N 524 -87.30 3.24 39.59
C ARG N 524 -88.13 2.77 38.40
N PRO N 525 -88.62 1.54 38.39
CA PRO N 525 -89.31 0.99 37.21
C PRO N 525 -90.74 1.50 37.04
N ASP N 526 -90.86 2.79 36.73
CA ASP N 526 -92.15 3.36 36.38
C ASP N 526 -92.50 3.00 34.95
N ARG N 527 -93.74 2.59 34.72
CA ARG N 527 -94.13 2.09 33.40
C ARG N 527 -94.06 3.18 32.34
N ASP N 528 -94.54 4.38 32.66
CA ASP N 528 -94.58 5.45 31.66
C ASP N 528 -93.17 5.89 31.27
N ASN N 529 -92.30 6.11 32.25
CA ASN N 529 -90.94 6.52 31.97
C ASN N 529 -90.20 5.45 31.17
N ASP N 530 -90.37 4.18 31.54
CA ASP N 530 -89.71 3.10 30.82
C ASP N 530 -90.22 3.00 29.39
N LEU N 531 -91.53 3.17 29.19
CA LEU N 531 -92.09 3.11 27.84
C LEU N 531 -91.57 4.25 26.98
N ARG N 532 -91.49 5.45 27.56
CA ARG N 532 -90.95 6.58 26.80
C ARG N 532 -89.47 6.38 26.47
N LEU N 533 -88.70 5.82 27.41
CA LEU N 533 -87.31 5.51 27.14
C LEU N 533 -87.17 4.49 26.03
N ALA N 534 -88.04 3.47 26.04
CA ALA N 534 -88.03 2.47 24.98
C ALA N 534 -88.36 3.10 23.63
N GLN N 535 -89.35 3.98 23.59
CA GLN N 535 -89.70 4.65 22.35
C GLN N 535 -88.53 5.50 21.83
N HIS N 536 -87.88 6.23 22.74
CA HIS N 536 -86.73 7.05 22.33
C HIS N 536 -85.60 6.19 21.80
N ILE N 537 -85.31 5.06 22.46
CA ILE N 537 -84.22 4.20 22.02
C ILE N 537 -84.54 3.58 20.67
N THR N 538 -85.80 3.16 20.46
CA THR N 538 -86.18 2.63 19.16
C THR N 538 -86.05 3.69 18.07
N TYR N 539 -86.46 4.92 18.37
CA TYR N 539 -86.29 6.01 17.42
C TYR N 539 -84.81 6.22 17.08
N VAL N 540 -83.95 6.20 18.10
CA VAL N 540 -82.52 6.42 17.89
C VAL N 540 -81.94 5.30 17.02
N HIS N 541 -82.31 4.06 17.33
CA HIS N 541 -81.75 2.92 16.60
C HIS N 541 -82.26 2.86 15.17
N GLN N 542 -83.50 3.31 14.93
CA GLN N 542 -84.08 3.19 13.61
C GLN N 542 -83.74 4.38 12.71
N HIS N 543 -84.09 5.59 13.12
CA HIS N 543 -83.88 6.76 12.29
C HIS N 543 -82.50 7.38 12.44
N SER N 544 -81.69 6.88 13.37
CA SER N 544 -80.32 7.35 13.58
C SER N 544 -80.26 8.85 13.84
N ARG N 545 -81.24 9.39 14.56
CA ARG N 545 -81.26 10.80 14.91
C ARG N 545 -82.29 10.99 16.01
N GLN N 546 -82.02 11.94 16.91
CA GLN N 546 -82.91 12.17 18.03
C GLN N 546 -84.23 12.78 17.55
N PRO N 547 -85.31 12.51 18.28
CA PRO N 547 -86.63 13.04 17.88
C PRO N 547 -86.64 14.55 17.89
N PRO N 548 -87.37 15.18 16.95
CA PRO N 548 -87.51 16.64 16.87
C PRO N 548 -88.68 17.16 17.69
N MET N 556 -72.23 21.74 17.84
CA MET N 556 -71.25 21.92 18.90
C MET N 556 -70.46 23.21 18.72
N LYS N 557 -70.24 23.61 17.46
CA LYS N 557 -69.45 24.81 17.19
C LYS N 557 -70.11 26.05 17.78
N LEU N 558 -71.43 26.16 17.60
CA LEU N 558 -72.15 27.26 18.22
C LEU N 558 -72.06 27.21 19.73
N MET N 559 -72.15 26.01 20.31
CA MET N 559 -72.02 25.86 21.75
C MET N 559 -70.64 26.28 22.23
N ARG N 560 -69.59 25.86 21.52
CA ARG N 560 -68.23 26.23 21.89
C ARG N 560 -68.04 27.74 21.82
N ARG N 561 -68.54 28.37 20.75
CA ARG N 561 -68.41 29.81 20.62
C ARG N 561 -69.19 30.54 21.71
N TYR N 562 -70.37 30.05 22.05
CA TYR N 562 -71.17 30.66 23.11
C TYR N 562 -70.45 30.57 24.45
N ILE N 563 -69.87 29.41 24.76
CA ILE N 563 -69.15 29.25 26.03
C ILE N 563 -67.92 30.16 26.05
N ALA N 564 -67.22 30.25 24.92
CA ALA N 564 -66.03 31.10 24.85
C ALA N 564 -66.40 32.56 25.06
N MET N 565 -67.48 33.02 24.44
CA MET N 565 -67.92 34.40 24.65
C MET N 565 -68.38 34.62 26.09
N CYS N 566 -69.06 33.62 26.67
CA CYS N 566 -69.57 33.76 28.03
C CYS N 566 -68.43 33.90 29.03
N ARG N 567 -67.39 33.09 28.89
CA ARG N 567 -66.32 33.08 29.89
C ARG N 567 -65.52 34.37 29.91
N GLU N 568 -65.70 35.25 28.92
CA GLU N 568 -64.93 36.48 28.86
C GLU N 568 -65.30 37.44 29.99
N LYS N 569 -66.53 37.39 30.48
CA LYS N 569 -67.02 38.34 31.46
C LYS N 569 -66.88 37.77 32.88
N GLN N 570 -66.96 38.69 33.86
CA GLN N 570 -66.84 38.35 35.28
C GLN N 570 -67.80 39.21 36.09
N PRO N 571 -68.97 38.69 36.42
CA PRO N 571 -69.91 39.45 37.28
C PRO N 571 -69.37 39.61 38.69
N MET N 572 -70.03 40.49 39.45
CA MET N 572 -69.62 40.80 40.81
C MET N 572 -70.85 40.81 41.71
N VAL N 573 -70.60 40.55 43.00
CA VAL N 573 -71.67 40.42 43.99
C VAL N 573 -71.83 41.78 44.69
N PRO N 574 -73.03 42.37 44.69
CA PRO N 574 -73.24 43.62 45.40
C PRO N 574 -73.34 43.40 46.91
N GLU N 575 -73.33 44.51 47.64
CA GLU N 575 -73.28 44.44 49.10
C GLU N 575 -74.63 44.09 49.70
N SER N 576 -75.71 44.60 49.12
CA SER N 576 -77.03 44.41 49.72
C SER N 576 -77.45 42.94 49.71
N LEU N 577 -77.35 42.29 48.55
CA LEU N 577 -77.80 40.91 48.39
C LEU N 577 -77.17 39.98 49.41
N ALA N 578 -75.95 40.28 49.86
CA ALA N 578 -75.32 39.51 50.92
C ALA N 578 -76.29 39.17 52.04
N ASP N 579 -76.97 40.20 52.56
CA ASP N 579 -77.90 39.97 53.67
C ASP N 579 -78.89 38.87 53.30
N TYR N 580 -79.56 39.03 52.14
CA TYR N 580 -80.48 38.00 51.69
C TYR N 580 -79.80 36.64 51.65
N ILE N 581 -78.65 36.57 50.97
CA ILE N 581 -77.93 35.31 50.89
C ILE N 581 -77.66 34.78 52.28
N THR N 582 -77.14 35.65 53.15
CA THR N 582 -76.84 35.23 54.52
C THR N 582 -78.07 34.59 55.15
N ALA N 583 -79.21 35.29 55.08
CA ALA N 583 -80.43 34.77 55.66
C ALA N 583 -80.71 33.38 55.14
N ALA N 584 -80.70 33.22 53.81
CA ALA N 584 -80.99 31.92 53.22
C ALA N 584 -80.07 30.86 53.82
N TYR N 585 -78.76 31.12 53.80
CA TYR N 585 -77.81 30.15 54.32
C TYR N 585 -78.20 29.75 55.73
N VAL N 586 -78.41 30.73 56.61
CA VAL N 586 -78.72 30.43 57.99
C VAL N 586 -79.94 29.52 58.05
N GLU N 587 -81.01 29.93 57.36
CA GLU N 587 -82.23 29.14 57.41
C GLU N 587 -81.98 27.73 56.91
N MET N 588 -81.24 27.61 55.81
CA MET N 588 -80.93 26.28 55.29
C MET N 588 -80.26 25.43 56.37
N ARG N 589 -79.23 25.98 57.01
CA ARG N 589 -78.54 25.22 58.04
C ARG N 589 -79.49 24.87 59.17
N ARG N 590 -80.36 25.82 59.54
CA ARG N 590 -81.32 25.53 60.60
C ARG N 590 -82.18 24.34 60.23
N GLU N 591 -82.66 24.31 58.98
CA GLU N 591 -83.44 23.16 58.55
C GLU N 591 -82.60 21.90 58.61
N ALA N 592 -81.34 21.98 58.21
CA ALA N 592 -80.45 20.83 58.29
C ALA N 592 -80.24 20.41 59.74
N TRP N 593 -80.30 21.38 60.66
CA TRP N 593 -80.17 21.02 62.07
C TRP N 593 -81.49 20.44 62.59
N ALA N 594 -82.61 20.84 61.98
CA ALA N 594 -83.89 20.27 62.36
C ALA N 594 -84.01 18.82 61.91
N SER N 595 -83.59 18.54 60.67
CA SER N 595 -83.61 17.18 60.14
C SER N 595 -82.34 16.47 60.56
N LYS N 596 -82.46 15.66 61.61
CA LYS N 596 -81.29 14.95 62.14
C LYS N 596 -80.77 13.91 61.17
N ASP N 597 -81.57 13.51 60.18
CA ASP N 597 -81.10 12.57 59.17
C ASP N 597 -80.21 13.23 58.12
N ALA N 598 -80.13 14.56 58.11
CA ALA N 598 -79.25 15.26 57.19
C ALA N 598 -77.79 14.96 57.53
N THR N 599 -76.92 15.12 56.54
CA THR N 599 -75.54 14.67 56.68
C THR N 599 -74.53 15.81 56.67
N TYR N 600 -74.53 16.67 55.66
CA TYR N 600 -73.52 17.72 55.57
C TYR N 600 -74.11 19.07 55.18
N THR N 601 -73.78 20.07 55.98
CA THR N 601 -73.88 21.47 55.57
C THR N 601 -72.66 22.18 56.14
N SER N 602 -72.01 23.00 55.31
CA SER N 602 -70.86 23.77 55.75
C SER N 602 -70.68 24.94 54.81
N ALA N 603 -69.65 25.75 55.08
CA ALA N 603 -69.39 26.93 54.26
C ALA N 603 -69.06 26.55 52.83
N ARG N 604 -68.63 25.30 52.60
CA ARG N 604 -68.37 24.85 51.24
C ARG N 604 -69.64 24.86 50.40
N THR N 605 -70.78 24.52 51.01
CA THR N 605 -72.05 24.59 50.28
C THR N 605 -72.38 26.04 49.89
N LEU N 606 -72.14 26.98 50.80
CA LEU N 606 -72.36 28.38 50.48
C LEU N 606 -71.43 28.84 49.35
N LEU N 607 -70.18 28.39 49.38
CA LEU N 607 -69.25 28.73 48.32
C LEU N 607 -69.71 28.16 46.98
N ALA N 608 -70.21 26.92 46.99
CA ALA N 608 -70.72 26.31 45.76
C ALA N 608 -71.92 27.09 45.24
N ILE N 609 -72.81 27.52 46.14
CA ILE N 609 -73.97 28.31 45.71
C ILE N 609 -73.53 29.65 45.11
N LEU N 610 -72.56 30.31 45.74
CA LEU N 610 -72.07 31.56 45.19
C LEU N 610 -71.44 31.36 43.82
N ARG N 611 -70.67 30.29 43.66
CA ARG N 611 -70.04 30.01 42.38
C ARG N 611 -71.08 29.72 41.30
N LEU N 612 -72.12 28.95 41.64
CA LEU N 612 -73.17 28.67 40.67
C LEU N 612 -73.92 29.94 40.28
N SER N 613 -74.21 30.80 41.25
CA SER N 613 -74.90 32.05 40.95
C SER N 613 -74.04 32.94 40.07
N THR N 614 -72.74 33.00 40.33
CA THR N 614 -71.85 33.78 39.48
C THR N 614 -71.80 33.20 38.07
N ALA N 615 -71.80 31.87 37.95
CA ALA N 615 -71.80 31.26 36.62
C ALA N 615 -73.08 31.60 35.86
N LEU N 616 -74.23 31.56 36.55
CA LEU N 616 -75.49 31.91 35.89
C LEU N 616 -75.52 33.38 35.49
N ALA N 617 -75.01 34.26 36.34
CA ALA N 617 -74.92 35.68 36.00
C ALA N 617 -74.01 35.88 34.79
N ARG N 618 -72.91 35.13 34.73
CA ARG N 618 -72.05 35.16 33.55
C ARG N 618 -72.80 34.71 32.31
N LEU N 619 -73.65 33.70 32.45
CA LEU N 619 -74.49 33.26 31.34
C LEU N 619 -75.42 34.37 30.88
N ARG N 620 -75.94 35.17 31.82
CA ARG N 620 -76.78 36.30 31.44
C ARG N 620 -75.96 37.52 31.01
N MET N 621 -74.63 37.45 31.13
CA MET N 621 -73.73 38.54 30.77
C MET N 621 -73.98 39.79 31.60
N VAL N 622 -74.54 39.64 32.79
CA VAL N 622 -74.84 40.78 33.65
C VAL N 622 -73.63 41.10 34.51
N ASP N 623 -73.41 42.40 34.76
CA ASP N 623 -72.28 42.81 35.59
C ASP N 623 -72.53 42.58 37.07
N VAL N 624 -73.80 42.57 37.50
CA VAL N 624 -74.17 42.46 38.89
C VAL N 624 -75.02 41.20 39.09
N VAL N 625 -74.68 40.43 40.12
CA VAL N 625 -75.42 39.20 40.40
C VAL N 625 -76.86 39.54 40.75
N GLU N 626 -77.79 38.71 40.26
CA GLU N 626 -79.21 38.96 40.41
C GLU N 626 -79.86 37.86 41.25
N LYS N 627 -81.16 38.03 41.49
CA LYS N 627 -81.88 37.14 42.39
C LYS N 627 -82.19 35.79 41.73
N GLU N 628 -82.52 35.80 40.44
CA GLU N 628 -82.91 34.57 39.77
C GLU N 628 -81.79 33.55 39.77
N ASP N 629 -80.55 34.00 39.61
CA ASP N 629 -79.41 33.09 39.63
C ASP N 629 -79.28 32.40 40.99
N VAL N 630 -79.45 33.16 42.07
CA VAL N 630 -79.36 32.58 43.40
C VAL N 630 -80.49 31.57 43.61
N ASN N 631 -81.71 31.92 43.17
CA ASN N 631 -82.82 30.99 43.32
C ASN N 631 -82.58 29.71 42.54
N GLU N 632 -82.05 29.82 41.31
CA GLU N 632 -81.83 28.62 40.52
C GLU N 632 -80.72 27.75 41.11
N ALA N 633 -79.66 28.38 41.66
CA ALA N 633 -78.62 27.60 42.33
C ALA N 633 -79.18 26.88 43.55
N ILE N 634 -80.01 27.57 44.33
CA ILE N 634 -80.62 26.94 45.51
C ILE N 634 -81.49 25.76 45.10
N ARG N 635 -82.29 25.95 44.04
CA ARG N 635 -83.14 24.87 43.56
C ARG N 635 -82.32 23.69 43.07
N LEU N 636 -81.22 23.95 42.35
CA LEU N 636 -80.38 22.87 41.87
C LEU N 636 -79.75 22.09 43.01
N MET N 637 -79.24 22.80 44.03
CA MET N 637 -78.67 22.09 45.17
C MET N 637 -79.72 21.28 45.89
N GLU N 638 -80.92 21.83 46.05
CA GLU N 638 -82.01 21.10 46.70
C GLU N 638 -82.37 19.84 45.91
N MET N 639 -82.45 19.95 44.58
CA MET N 639 -82.78 18.80 43.76
C MET N 639 -81.69 17.74 43.86
N SER N 640 -80.42 18.16 43.88
CA SER N 640 -79.33 17.19 43.99
C SER N 640 -79.37 16.47 45.33
N LYS N 641 -79.61 17.23 46.41
CA LYS N 641 -79.62 16.63 47.74
C LYS N 641 -80.79 15.68 47.92
N ASP N 642 -81.95 16.03 47.37
CA ASP N 642 -83.12 15.16 47.46
C ASP N 642 -82.96 13.93 46.57
#